data_9EUJ
#
_entry.id   9EUJ
#
loop_
_entity.id
_entity.type
_entity.pdbx_description
1 polymer 'Baseplate protein'
2 polymer 'Major tail sheath protein'
3 polymer 'Baseplate wedge subunit'
4 polymer 'Baseplate component'
5 polymer TmpF
6 polymer 'DUF4815 domain-containing protein'
#
loop_
_entity_poly.entity_id
_entity_poly.type
_entity_poly.pdbx_seq_one_letter_code
_entity_poly.pdbx_strand_id
1 'polypeptide(L)'
;MAIATYNSHVELAKYLVSKADSVYLTIGKSTPWSNETNPPQPDENATVLQEVIGYKKATKVTLVRPSKSPEDDNKNLISY
GNKSWVEVTPENAKAEGAKWVYLESSIVGDELPLGTYRQVGFVMDLVAKSGISKFNLVPSEVESTGTLLFFDNKQFQNRS
EQTTAKERFIVEVDPNSSSVDKLAAALEHHHHHH
;
H
2 'polypeptide(L)'
;MAVEPFPRRPITRPHASIEVDTSGIGGSAGSSEKVFCLIGQAEGGEPNTVYELRNYSQAKRLFRSGELLDAIELAWGSNP
NYTAGRILAMRIEDAKPASAEIGGLKITSKIYGNVANNIQVGLEKNTLSDSLRLRVIFQDDRFNEVYDNIGNIFTIKYKG
EEANATFSVEHDEETQKASRLVLKVGDQEVKSYDLTGGAYDYTNAIITDINQLPDFEAKLSPFGDKNLESSKLDKIENAN
IKDKAVYVKAVFGDLEKQTAYNGIVSFEQLNAEGEVPSNVEVEAGEESATVTATSPIKTIEPFELTKLKGGTNGEPPATW
ADKLDKFAHEGGYYIVPLSSKQSVHAEVASFVKERSDAGEPMRAIVGGGFNESKEQLFGRQASLSNPRVSLVANSGTFVM
DDGRKNHVPAYMVAVALGGLASGLEIGESITFKPLRVSSLDQIYESIDLDELNENGIISIEFVRNRTNTFFRIVDDVTTF
NDKSDPVKAEMAVGEANDFLVSELKVQLEDQFIGTRTINTSASIIKDFIQSYLGRKKRDNEIQDFPAEDVQVIVEGNEAR
ISMTVYPIRSFKKISVSLVYKQQTLQA
;
I,J,K,L,M,N
3 'polypeptide(L)'
;MRFKKHVVQHEETMQAIAQRYYGDVSYWIDLVEHNNLKYPYLVETDEEKMKDPERLASTGDTLIIPIESDLTDVSAKEIN
SRDKDVLVELALGRDLNITADEKYFNEHGTSDNILAFSTNGNGDLDTVKGIDNMKQQLQARLLTPRGSLMLHPNYGSDLH
NLFGLNIPEQATLIEMEVLRTLTSDNRVKSANLIDWKIQGNVYSGQFSVEIKSVEESINFVLGQDEEGIFALFE
;
A
4 'polypeptide(L)'
;MKTRKLTNILSKLIDKTMAGTSKITDFTPGSASRSLLEAVSLEIEQFYILTKENIDWGIQEGIIEAFDFQKRQSKRAYGD
VTIQFYQPLDMRMYIPAGTTFTSTRQEYPQQFETLVDYYAEPDSTEIVVEVYCKETGVAGNVPEGTINTIASGSSLIRSV
NNEYSFNTGTKEESQEDFKRRFHSFVESRGRATNKSVRYGALQIPDVEGVYVYEETGHITVFAHDRNGNLSDTLKEDIID
ALQDYRPSGIMLDVTGVEKEEVNVSATVTISNKSRIGDTLQKHIESVIRSYLNNLKTSDDLIITDLIQAIMNIDDVLIYD
VSFDNLDENIIVPPQGIIRAGEIKVELK
;
B,C
5 'polypeptide(L)'
;MANFLKNLHPLLRRDRNKKDNQDPNFALIDALNEEMNQVEKDAIESKLQSSLKTSTSEYLDKFGDWFGVYRKTDEKDDVY
RARIIKYLLLKRGTNNAIIDAIKDYLGRDDIDVSVYEPFTNIFYTNKSHLNGEDHLMGYYYRFAVINVSIGDYFPVEIID
VINEFKPAGVTLYVTYDGASTIRGGAIIKWLDGLPKIETYQEFDRFTGYDDTFYGHINMNQSKDTDNSSSDIFKTNHSLI
NSLDVLTGSSSVGRQYINYGYVTSYVYNPGMTSSVNQISASTEGRGQEVPTDYYMYTSTKNNNTVELSMQTTSGVSYLYN
NFNFRDYMSKYRPQVDLQSDEARRIVSDYIKELSIDYYLSAVIPPDESIEIKLQVYDFSINRWLTVSINNLSFYEKNIGS
NIGYIKDYLNSELNMFTRLEINAGKRDSVDIKVNYLDLMFYYYERGIYTIKPYKALIENYLDISRETYVEAFKIASLSNG
DIITKTGFQPIGYLKLVGNYENTIPSTINIVAKDTDNNPIESNELDVYNTVENRNLLQSYKGVNTIAREITSTKEFTVSG
WAKEIYSTNYLSKVLKPGKVYTLSFDMEITGNDPTLKSYSDNHGIYLYSNTKGIVVNGVKSMERTIGNKVSVTQTFTAPT
ITDHRLLIYTGRYTSDGKASTPPVFFNTVKITELKLTEGSSKLEYSPAPEDKPNVIEKGIKFNNILTNIQTLSINSDTIL
KNVTLYYSYYGDSWVELKTLGNISTGETTETNNLIDLYGLQTVDYSNINPMSKVSLRSIWNVKLGELNNQEGSLSNMPND
YFNAVWQDIDKLSDIELGSMRMVKDTEGGVFDGATGEIIKATLFNVGAYTDLDMLAYTLTNYTEPLTLGSSRLISELKEE
LLTSESFNVDNRIKVIDSIYEELPNTSIIKNGFVEREVTGSKYLDYGLYEPIEDGTRYKLIVEGEFKDNIEFISLYNSNP
NFNETFIYPSEIINGVAEKEFIAKPSTEDKPRLNTDVRIYIRPYDSTISKVRRVELRKV
;
D
6 'polypeptide(L)'
;MAINFKGSPYLDRFDPSKDRTKVLFNPDRPLQQAELNEMQSIDQYYLKNLGDAIFKDGDKQSGLGFTLSEDNVLTVNPGY
VYINGKIRYYDNDDSVKITGVGKETIGIKLTERIVTPDEDASLLDQTSGVPSYFSKGADRLEEKMSLTVNDPTSATIYTF
MDGDLYIQSTNAEMDKINKVLAERTYDESGSYKVNGFELFSEGNAEDDDHVSVVVDAGKAYVKGFKVDKPVSTRISVPKS
YDLGTAENESTIFNKSNNSISLANSPVKEIRRVTGQVLIEKERVTRGAQGDGQDFLSNNTAFEIVKVWTETSPGVTTKEY
KQGEDFRLTDGQTIDWSPQGQEPSGGTSYYVSYKYNKRMEAGKDYEVTTQGEGLSKKWYINFTPSNGAKPIDQTVVLVDY
TYYLARKDSVFINKYGDIAILPGEPNIMRLVTPPLNTDPENLQLGTVTVLPDSDEAVCISFAITRLSMEDLQKVKTRVDN
LEYNQAVNALDDGAMEGQNPLTLRSVFSEGFISLDKADITHPDFGIVFSFEDAEATLAYTEAVNQPKIIPGDTTAHIWGR
LISAPFTEERTIYQGQASETLNVNPYNIPNKQGVLKLTPSEDNWIDTENVTITEQKTKKVTMKRFWRHNESYYGETEHYL
YSNLQLDAGQKWKGETYAYDREHGRTGTLLESGGQRTLEEMIEFIRIRDVSFEVKGLNPNDNNLYLLFDGVRCAITPATG
YRKGSEDGTIMTDAKGTAKGKFTIPAGIRCGNREVTLKNANSTSATTYTAQGRKKTAQDIIIRTRVTVNLVDPLAQSFQY
DENRTISSLGLYFASKGDKQSNVVIQIRGMGDQGYPNKTIYAETVMNADDIKVSNNASAETRVYFDDPMMAEGGKEYAIV
IITENSDYTMWVGTRTKPKIDKPNEVISGNPYLQGVLFSSSNASTWTPHQNSDLKFGIYTSKFNETATIEFEPIKDVSAD
RIVLMSTYLTPERTGCTWEMKLILDDMASSTTFDQLKWEPIGNYQDLDVLGLARQVKLRATFESNRYISPLMSSSDLTFT
TFLTELTGSYVGRAIDMTEAPYNTVRFSYEAFLPKGTKVVPKYSADDGKTWKTFTKSPTTTRANNEFTRYVIDEKVKSSG
TNTKLQVRLDLSTENSFLRPRVRRLMVTTRDE
;
E,F,G
#
# COMPACT_ATOMS: atom_id res chain seq x y z
N ALA A 2 86.85 -23.03 38.64
CA ALA A 2 86.49 -21.92 37.70
C ALA A 2 85.06 -22.09 37.19
N ILE A 3 84.48 -20.98 36.72
CA ILE A 3 83.10 -20.94 36.25
C ILE A 3 83.05 -20.14 34.96
N ALA A 4 81.91 -20.23 34.26
CA ALA A 4 81.72 -19.48 33.03
C ALA A 4 80.98 -18.18 33.32
N THR A 5 81.47 -17.09 32.73
CA THR A 5 80.97 -15.75 33.01
C THR A 5 79.92 -15.35 31.99
N TYR A 6 79.14 -14.33 32.33
CA TYR A 6 78.17 -13.78 31.38
C TYR A 6 78.89 -13.26 30.15
N ASN A 7 80.01 -12.58 30.35
CA ASN A 7 80.76 -12.04 29.21
C ASN A 7 81.39 -13.15 28.39
N SER A 8 81.69 -14.30 28.99
CA SER A 8 82.17 -15.41 28.18
C SER A 8 81.05 -15.92 27.27
N HIS A 9 79.80 -15.92 27.74
CA HIS A 9 78.74 -16.34 26.83
C HIS A 9 78.53 -15.31 25.73
N VAL A 10 78.64 -14.02 26.05
CA VAL A 10 78.55 -12.99 25.02
C VAL A 10 79.69 -13.15 24.01
N GLU A 11 80.90 -13.48 24.50
CA GLU A 11 82.03 -13.72 23.61
C GLU A 11 81.76 -14.90 22.69
N LEU A 12 81.10 -15.94 23.20
CA LEU A 12 80.77 -17.07 22.34
C LEU A 12 79.73 -16.67 21.29
N ALA A 13 78.74 -15.87 21.72
CA ALA A 13 77.77 -15.34 20.77
C ALA A 13 78.44 -14.53 19.67
N LYS A 14 79.40 -13.68 20.04
CA LYS A 14 80.08 -12.87 19.04
C LYS A 14 80.97 -13.72 18.13
N TYR A 15 81.57 -14.77 18.69
CA TYR A 15 82.28 -15.75 17.86
C TYR A 15 81.34 -16.34 16.82
N LEU A 16 80.13 -16.70 17.24
CA LEU A 16 79.14 -17.21 16.28
C LEU A 16 78.78 -16.13 15.26
N VAL A 17 78.71 -14.86 15.69
CA VAL A 17 78.50 -13.78 14.74
C VAL A 17 79.64 -13.74 13.73
N SER A 18 80.88 -13.81 14.21
CA SER A 18 82.03 -13.72 13.30
C SER A 18 82.05 -14.89 12.32
N LYS A 19 81.56 -16.06 12.73
CA LYS A 19 81.43 -17.19 11.83
C LYS A 19 80.18 -17.12 10.95
N ALA A 20 79.44 -16.01 10.95
CA ALA A 20 78.12 -16.00 10.31
C ALA A 20 78.21 -16.11 8.79
N ASP A 21 79.35 -15.75 8.20
CA ASP A 21 79.44 -15.68 6.74
C ASP A 21 79.38 -17.07 6.13
N SER A 22 79.95 -18.07 6.81
CA SER A 22 79.95 -19.43 6.30
C SER A 22 78.67 -20.20 6.59
N VAL A 23 77.71 -19.62 7.32
CA VAL A 23 76.58 -20.40 7.79
C VAL A 23 75.64 -20.66 6.62
N TYR A 24 75.12 -21.89 6.56
CA TYR A 24 74.21 -22.33 5.51
C TYR A 24 73.07 -23.12 6.10
N LEU A 25 71.83 -22.82 5.68
CA LEU A 25 70.69 -23.67 6.01
C LEU A 25 70.72 -24.92 5.14
N THR A 26 70.26 -26.03 5.71
CA THR A 26 70.18 -27.28 4.97
C THR A 26 68.99 -28.08 5.47
N ILE A 27 68.46 -28.92 4.57
CA ILE A 27 67.33 -29.80 4.90
C ILE A 27 67.58 -31.15 4.24
N GLY A 28 66.86 -32.15 4.73
CA GLY A 28 67.04 -33.50 4.24
C GLY A 28 65.94 -34.42 4.72
N LYS A 29 66.22 -35.73 4.63
CA LYS A 29 65.28 -36.77 5.03
C LYS A 29 64.02 -36.72 4.16
N SER A 30 64.21 -36.87 2.85
CA SER A 30 63.07 -36.82 1.94
C SER A 30 62.20 -38.07 1.98
N THR A 31 62.71 -39.16 2.53
CA THR A 31 61.97 -40.42 2.63
C THR A 31 61.19 -40.46 3.94
N PRO A 32 60.26 -41.41 4.10
CA PRO A 32 59.49 -41.46 5.36
C PRO A 32 60.33 -41.96 6.53
N TRP A 33 59.92 -41.56 7.74
CA TRP A 33 60.43 -42.18 8.96
C TRP A 33 59.87 -43.60 9.10
N SER A 34 60.30 -44.30 10.14
CA SER A 34 59.61 -45.50 10.59
C SER A 34 58.29 -45.19 11.30
N ASN A 35 58.14 -43.98 11.82
CA ASN A 35 56.93 -43.53 12.51
C ASN A 35 56.67 -42.10 12.04
N GLU A 36 55.90 -41.98 10.97
CA GLU A 36 55.62 -40.67 10.39
C GLU A 36 54.80 -39.81 11.33
N THR A 37 53.85 -40.42 12.06
CA THR A 37 52.99 -39.66 12.95
C THR A 37 53.72 -39.17 14.20
N ASN A 38 54.88 -39.76 14.52
CA ASN A 38 55.69 -39.35 15.66
C ASN A 38 57.16 -39.51 15.27
N PRO A 39 57.81 -38.44 14.79
CA PRO A 39 59.21 -38.58 14.36
C PRO A 39 60.12 -38.99 15.51
N PRO A 40 61.28 -39.60 15.24
CA PRO A 40 62.19 -40.02 16.30
C PRO A 40 63.04 -38.88 16.84
N GLN A 41 63.61 -39.12 18.02
CA GLN A 41 64.49 -38.15 18.65
C GLN A 41 65.81 -38.04 17.87
N PRO A 42 66.41 -36.84 17.81
CA PRO A 42 67.66 -36.71 17.06
C PRO A 42 68.80 -37.42 17.79
N ASP A 43 69.88 -37.68 17.04
CA ASP A 43 71.12 -38.22 17.60
C ASP A 43 72.14 -37.10 17.58
N GLU A 44 72.73 -36.80 18.74
CA GLU A 44 73.71 -35.72 18.82
C GLU A 44 75.03 -36.07 18.14
N ASN A 45 75.35 -37.36 18.01
CA ASN A 45 76.61 -37.78 17.39
C ASN A 45 76.54 -37.77 15.87
N ALA A 46 75.41 -37.41 15.28
CA ALA A 46 75.28 -37.44 13.83
C ALA A 46 76.23 -36.43 13.21
N THR A 47 76.71 -36.75 11.99
CA THR A 47 77.67 -35.91 11.27
C THR A 47 77.07 -35.16 10.09
N VAL A 48 75.95 -35.62 9.55
CA VAL A 48 75.27 -34.93 8.45
C VAL A 48 73.84 -35.44 8.39
N LEU A 49 72.92 -34.56 7.98
CA LEU A 49 71.52 -34.92 7.83
C LEU A 49 71.35 -36.09 6.87
N GLN A 50 70.33 -36.91 7.11
CA GLN A 50 70.10 -38.07 6.27
C GLN A 50 69.34 -37.63 5.02
N GLU A 51 69.84 -38.06 3.86
CA GLU A 51 69.21 -37.79 2.56
C GLU A 51 69.11 -36.28 2.31
N VAL A 52 70.29 -35.67 2.17
CA VAL A 52 70.36 -34.22 2.04
C VAL A 52 69.74 -33.80 0.72
N ILE A 53 68.92 -32.75 0.78
CA ILE A 53 68.30 -32.19 -0.42
C ILE A 53 69.16 -31.09 -1.03
N GLY A 54 69.62 -30.16 -0.20
CA GLY A 54 70.36 -29.02 -0.71
C GLY A 54 70.77 -28.12 0.43
N TYR A 55 71.55 -27.08 0.09
CA TYR A 55 72.04 -26.12 1.07
C TYR A 55 71.63 -24.72 0.65
N LYS A 56 71.36 -23.86 1.63
CA LYS A 56 71.04 -22.47 1.34
C LYS A 56 71.78 -21.57 2.32
N LYS A 57 72.34 -20.49 1.81
CA LYS A 57 73.07 -19.54 2.64
C LYS A 57 72.11 -18.91 3.65
N ALA A 58 72.66 -18.57 4.83
CA ALA A 58 71.84 -18.02 5.90
C ALA A 58 71.52 -16.55 5.62
N THR A 59 70.24 -16.24 5.50
CA THR A 59 69.83 -14.86 5.24
C THR A 59 70.28 -13.92 6.35
N LYS A 60 70.13 -14.32 7.62
CA LYS A 60 70.30 -13.40 8.73
C LYS A 60 70.87 -14.14 9.95
N VAL A 61 71.95 -13.60 10.50
CA VAL A 61 72.48 -14.01 11.80
C VAL A 61 72.75 -12.73 12.60
N THR A 62 72.24 -12.68 13.82
CA THR A 62 72.33 -11.46 14.62
C THR A 62 72.11 -11.81 16.08
N LEU A 63 72.60 -10.94 16.97
CA LEU A 63 72.33 -11.07 18.40
C LEU A 63 71.03 -10.36 18.76
N VAL A 64 70.30 -10.93 19.73
CA VAL A 64 69.01 -10.41 20.17
C VAL A 64 68.92 -10.52 21.69
N ARG A 65 67.82 -10.00 22.22
CA ARG A 65 67.43 -10.20 23.62
C ARG A 65 65.91 -10.09 23.70
N PRO A 66 65.29 -10.61 24.75
CA PRO A 66 63.85 -10.39 24.93
C PRO A 66 63.55 -8.93 25.18
N SER A 67 62.46 -8.45 24.59
CA SER A 67 62.16 -7.02 24.58
C SER A 67 61.41 -6.62 25.85
N LYS A 68 61.57 -5.34 26.23
CA LYS A 68 60.95 -4.81 27.44
C LYS A 68 60.56 -3.36 27.23
N SER A 69 59.36 -2.98 27.76
CA SER A 69 58.82 -1.64 27.57
C SER A 69 59.40 -0.64 28.59
N PRO A 70 59.48 0.66 28.23
CA PRO A 70 59.21 1.31 26.94
C PRO A 70 60.40 1.36 25.99
N GLU A 71 61.58 0.95 26.46
CA GLU A 71 62.80 1.21 25.70
C GLU A 71 62.89 0.38 24.44
N ASP A 72 62.00 -0.61 24.25
CA ASP A 72 61.97 -1.42 23.03
C ASP A 72 60.69 -1.26 22.23
N ASP A 73 59.75 -0.41 22.69
CA ASP A 73 58.43 -0.38 22.06
C ASP A 73 58.50 0.14 20.64
N ASN A 74 59.32 1.16 20.41
CA ASN A 74 59.38 1.86 19.14
C ASN A 74 60.60 1.47 18.30
N LYS A 75 61.01 0.21 18.38
CA LYS A 75 62.22 -0.28 17.71
C LYS A 75 61.89 -1.58 16.99
N ASN A 76 62.79 -2.00 16.08
CA ASN A 76 62.50 -3.19 15.31
C ASN A 76 62.42 -4.39 16.25
N LEU A 77 61.61 -5.38 15.88
CA LEU A 77 61.25 -6.45 16.78
C LEU A 77 61.10 -7.76 16.02
N ILE A 78 61.26 -8.87 16.74
CA ILE A 78 61.08 -10.21 16.19
C ILE A 78 60.13 -10.98 17.10
N SER A 79 59.26 -11.80 16.52
CA SER A 79 58.41 -12.69 17.30
C SER A 79 58.88 -14.13 17.13
N TYR A 80 59.03 -14.85 18.24
CA TYR A 80 59.55 -16.21 18.19
C TYR A 80 59.31 -16.87 19.54
N GLY A 81 58.83 -18.12 19.52
CA GLY A 81 58.62 -18.83 20.76
C GLY A 81 57.51 -18.26 21.60
N ASN A 82 56.50 -17.64 20.98
CA ASN A 82 55.45 -16.91 21.68
C ASN A 82 56.03 -15.85 22.61
N LYS A 83 57.07 -15.16 22.15
CA LYS A 83 57.72 -14.13 22.95
C LYS A 83 58.34 -13.09 22.01
N SER A 84 58.40 -11.86 22.48
CA SER A 84 58.92 -10.76 21.68
C SER A 84 60.43 -10.63 21.85
N TRP A 85 61.13 -10.29 20.77
CA TRP A 85 62.58 -10.16 20.78
C TRP A 85 62.99 -8.88 20.04
N VAL A 86 64.07 -8.25 20.51
CA VAL A 86 64.60 -7.00 19.97
C VAL A 86 66.03 -7.25 19.50
N GLU A 87 66.39 -6.66 18.36
CA GLU A 87 67.73 -6.83 17.84
C GLU A 87 68.72 -5.94 18.60
N VAL A 88 69.93 -6.45 18.76
CA VAL A 88 71.05 -5.71 19.34
C VAL A 88 72.28 -5.95 18.46
N THR A 89 73.05 -4.89 18.23
CA THR A 89 74.21 -4.98 17.37
C THR A 89 75.34 -5.75 18.07
N PRO A 90 76.32 -6.26 17.32
CA PRO A 90 77.46 -6.92 17.98
C PRO A 90 78.24 -6.01 18.92
N GLU A 91 78.43 -4.74 18.56
CA GLU A 91 79.30 -3.88 19.36
C GLU A 91 78.57 -3.27 20.56
N ASN A 92 77.27 -3.53 20.71
CA ASN A 92 76.48 -3.11 21.85
C ASN A 92 75.90 -4.28 22.64
N ALA A 93 76.29 -5.51 22.30
CA ALA A 93 75.73 -6.68 22.97
C ALA A 93 76.14 -6.74 24.43
N LYS A 94 77.42 -6.48 24.71
CA LYS A 94 77.94 -6.66 26.06
C LYS A 94 77.24 -5.75 27.05
N ALA A 95 77.06 -4.48 26.68
CA ALA A 95 76.38 -3.55 27.58
C ALA A 95 74.90 -3.86 27.70
N GLU A 96 74.29 -4.40 26.65
CA GLU A 96 72.89 -4.84 26.71
C GLU A 96 72.74 -6.21 27.36
N GLY A 97 73.82 -6.97 27.49
CA GLY A 97 73.70 -8.34 27.96
C GLY A 97 72.91 -9.22 27.02
N ALA A 98 73.15 -9.09 25.71
CA ALA A 98 72.38 -9.86 24.72
C ALA A 98 73.18 -11.09 24.34
N LYS A 99 73.08 -12.13 25.18
CA LYS A 99 73.73 -13.41 24.90
C LYS A 99 72.79 -14.41 24.22
N TRP A 100 71.80 -13.92 23.45
CA TRP A 100 70.97 -14.78 22.61
C TRP A 100 71.37 -14.53 21.16
N VAL A 101 71.29 -15.58 20.34
CA VAL A 101 71.62 -15.51 18.92
C VAL A 101 70.41 -15.96 18.12
N TYR A 102 70.11 -15.21 17.06
CA TYR A 102 68.95 -15.42 16.21
C TYR A 102 69.47 -15.84 14.82
N LEU A 103 68.90 -16.92 14.28
CA LEU A 103 69.28 -17.47 12.99
C LEU A 103 68.05 -17.57 12.12
N GLU A 104 68.20 -17.27 10.84
CA GLU A 104 67.08 -17.38 9.91
C GLU A 104 67.59 -17.63 8.50
N SER A 105 66.78 -18.38 7.75
CA SER A 105 67.00 -18.52 6.32
C SER A 105 65.71 -19.04 5.67
N SER A 106 65.49 -18.61 4.43
CA SER A 106 64.27 -18.88 3.67
C SER A 106 64.60 -19.62 2.38
N ILE A 107 63.91 -20.74 2.15
CA ILE A 107 64.05 -21.53 0.94
C ILE A 107 62.89 -21.13 0.02
N VAL A 108 63.15 -20.25 -0.93
CA VAL A 108 62.08 -19.63 -1.71
C VAL A 108 61.85 -20.51 -2.95
N GLY A 109 60.70 -21.18 -3.00
CA GLY A 109 60.34 -21.77 -4.25
C GLY A 109 61.23 -22.96 -4.57
N ASP A 110 61.38 -23.23 -5.87
CA ASP A 110 62.16 -24.37 -6.34
C ASP A 110 63.63 -24.02 -6.55
N GLU A 111 64.20 -23.11 -5.76
CA GLU A 111 65.63 -22.84 -5.84
C GLU A 111 66.47 -24.03 -5.39
N LEU A 112 65.88 -24.98 -4.67
CA LEU A 112 66.47 -26.27 -4.36
C LEU A 112 65.46 -27.31 -4.81
N PRO A 113 65.86 -28.59 -4.91
CA PRO A 113 64.94 -29.59 -5.47
C PRO A 113 63.65 -29.73 -4.68
N LEU A 114 62.53 -29.85 -5.40
CA LEU A 114 61.22 -29.88 -4.77
C LEU A 114 60.93 -31.27 -4.24
N GLY A 115 60.42 -31.34 -3.02
CA GLY A 115 59.97 -32.62 -2.49
C GLY A 115 59.73 -32.50 -1.01
N THR A 116 59.40 -33.63 -0.41
CA THR A 116 59.17 -33.67 1.02
C THR A 116 60.52 -33.59 1.76
N TYR A 117 60.46 -33.15 3.01
CA TYR A 117 61.64 -33.06 3.84
C TYR A 117 61.21 -33.09 5.30
N ARG A 118 62.02 -33.72 6.13
CA ARG A 118 61.70 -33.95 7.54
C ARG A 118 62.81 -33.53 8.50
N GLN A 119 63.95 -33.05 8.01
CA GLN A 119 65.06 -32.65 8.85
C GLN A 119 65.52 -31.25 8.46
N VAL A 120 65.95 -30.48 9.47
CA VAL A 120 66.45 -29.12 9.25
C VAL A 120 67.68 -28.90 10.13
N GLY A 121 68.66 -28.18 9.60
CA GLY A 121 69.89 -27.89 10.33
C GLY A 121 70.63 -26.71 9.76
N PHE A 122 71.48 -26.12 10.60
CA PHE A 122 72.26 -24.92 10.28
C PHE A 122 73.75 -25.25 10.29
N VAL A 123 74.31 -25.63 9.14
CA VAL A 123 75.74 -25.92 9.09
C VAL A 123 76.51 -24.63 8.97
N MET A 124 77.79 -24.65 9.37
CA MET A 124 78.73 -23.58 9.11
C MET A 124 79.97 -24.15 8.44
N ASP A 125 80.93 -23.26 8.14
CA ASP A 125 82.18 -23.60 7.48
C ASP A 125 81.94 -24.31 6.15
N LEU A 126 80.87 -23.94 5.45
CA LEU A 126 80.53 -24.57 4.19
C LEU A 126 81.35 -23.95 3.06
N VAL A 127 81.80 -24.79 2.12
CA VAL A 127 82.54 -24.31 0.95
C VAL A 127 82.01 -25.03 -0.28
N ALA A 128 81.60 -24.26 -1.28
CA ALA A 128 81.21 -24.80 -2.58
C ALA A 128 82.41 -24.93 -3.51
N LYS A 129 82.18 -25.56 -4.67
CA LYS A 129 83.24 -25.71 -5.64
C LYS A 129 83.59 -24.37 -6.29
N SER A 130 84.73 -24.35 -6.99
CA SER A 130 85.18 -23.11 -7.63
C SER A 130 84.18 -22.62 -8.65
N GLY A 131 83.90 -21.31 -8.62
CA GLY A 131 82.98 -20.70 -9.55
C GLY A 131 81.51 -20.79 -9.17
N ILE A 132 81.17 -21.51 -8.11
CA ILE A 132 79.79 -21.62 -7.63
C ILE A 132 79.62 -20.51 -6.59
N SER A 133 79.22 -19.34 -7.07
CA SER A 133 78.99 -18.21 -6.17
C SER A 133 77.57 -18.14 -5.63
N LYS A 134 76.59 -18.78 -6.29
CA LYS A 134 75.20 -18.65 -5.90
C LYS A 134 75.00 -19.15 -4.47
N PHE A 135 74.01 -18.56 -3.80
CA PHE A 135 73.73 -18.94 -2.42
C PHE A 135 73.16 -20.35 -2.33
N ASN A 136 72.16 -20.66 -3.17
CA ASN A 136 71.53 -21.98 -3.13
C ASN A 136 72.44 -23.02 -3.78
N LEU A 137 72.56 -24.19 -3.13
CA LEU A 137 73.48 -25.24 -3.53
C LEU A 137 72.82 -26.60 -3.34
N VAL A 138 73.22 -27.57 -4.18
CA VAL A 138 72.84 -28.97 -4.03
C VAL A 138 74.06 -29.73 -3.53
N PRO A 139 73.92 -30.95 -2.95
CA PRO A 139 75.10 -31.59 -2.35
C PRO A 139 76.25 -31.87 -3.31
N SER A 140 75.95 -32.11 -4.59
CA SER A 140 77.03 -32.33 -5.56
C SER A 140 77.88 -31.08 -5.76
N GLU A 141 77.29 -29.89 -5.66
CA GLU A 141 78.07 -28.67 -5.85
C GLU A 141 78.93 -28.31 -4.64
N VAL A 142 78.67 -28.87 -3.48
CA VAL A 142 79.37 -28.51 -2.26
C VAL A 142 80.75 -29.15 -2.25
N GLU A 143 81.76 -28.38 -1.83
CA GLU A 143 83.11 -28.86 -1.54
C GLU A 143 83.27 -29.30 -0.08
N SER A 144 82.96 -28.43 0.89
CA SER A 144 83.04 -28.76 2.31
C SER A 144 81.67 -28.64 2.95
N THR A 145 81.17 -29.75 3.51
CA THR A 145 79.88 -29.71 4.18
C THR A 145 79.96 -29.01 5.53
N GLY A 146 81.10 -29.07 6.21
CA GLY A 146 81.27 -28.40 7.47
C GLY A 146 80.68 -29.16 8.65
N THR A 147 80.44 -28.43 9.73
CA THR A 147 79.93 -28.94 10.99
C THR A 147 78.40 -29.00 10.98
N LEU A 148 77.86 -30.00 11.67
CA LEU A 148 76.41 -30.14 11.86
C LEU A 148 75.98 -29.45 13.15
N LEU A 149 76.06 -28.11 13.14
CA LEU A 149 75.51 -27.34 14.23
C LEU A 149 73.98 -27.33 14.17
N PHE A 150 73.38 -26.86 15.27
CA PHE A 150 72.00 -27.18 15.72
C PHE A 150 71.05 -27.64 14.62
N PHE A 151 70.44 -28.80 14.83
CA PHE A 151 69.54 -29.40 13.87
C PHE A 151 68.41 -30.10 14.63
N ASP A 152 67.31 -30.33 13.91
CA ASP A 152 66.15 -30.95 14.54
C ASP A 152 65.30 -31.64 13.48
N ASN A 153 64.49 -32.58 13.93
CA ASN A 153 63.60 -33.37 13.09
C ASN A 153 62.22 -32.75 13.05
N LYS A 154 61.40 -33.22 12.10
CA LYS A 154 60.03 -32.74 11.96
C LYS A 154 59.16 -33.84 11.35
N GLN A 155 57.85 -33.60 11.38
CA GLN A 155 56.94 -34.31 10.51
C GLN A 155 57.10 -33.79 9.09
N PHE A 156 56.84 -34.65 8.10
CA PHE A 156 57.16 -34.28 6.72
C PHE A 156 56.35 -33.08 6.26
N GLN A 157 57.02 -32.18 5.54
CA GLN A 157 56.42 -31.07 4.83
C GLN A 157 56.33 -31.39 3.33
N ASN A 158 55.83 -30.44 2.55
CA ASN A 158 55.86 -30.56 1.10
C ASN A 158 55.97 -29.16 0.51
N ARG A 159 56.59 -29.06 -0.67
CA ARG A 159 56.98 -27.79 -1.25
C ARG A 159 56.59 -27.74 -2.73
N SER A 160 56.50 -26.51 -3.25
CA SER A 160 56.25 -26.26 -4.66
C SER A 160 56.78 -24.87 -4.99
N GLU A 161 56.61 -24.47 -6.25
CA GLU A 161 57.00 -23.12 -6.66
C GLU A 161 56.18 -22.04 -5.97
N GLN A 162 55.00 -22.38 -5.44
CA GLN A 162 54.21 -21.41 -4.69
C GLN A 162 54.70 -21.25 -3.26
N THR A 163 55.43 -22.23 -2.73
CA THR A 163 55.71 -22.31 -1.30
C THR A 163 57.07 -21.71 -0.97
N THR A 164 57.14 -21.04 0.18
CA THR A 164 58.40 -20.64 0.78
C THR A 164 58.48 -21.28 2.16
N ALA A 165 59.63 -21.89 2.45
CA ALA A 165 59.89 -22.54 3.73
C ALA A 165 60.86 -21.67 4.52
N LYS A 166 60.35 -21.00 5.55
CA LYS A 166 61.16 -20.14 6.41
C LYS A 166 61.52 -20.91 7.68
N GLU A 167 62.83 -21.07 7.91
CA GLU A 167 63.35 -21.81 9.05
C GLU A 167 64.24 -20.90 9.88
N ARG A 168 64.07 -20.95 11.20
CA ARG A 168 64.79 -20.05 12.08
C ARG A 168 64.89 -20.65 13.47
N PHE A 169 65.84 -20.12 14.26
CA PHE A 169 66.12 -20.58 15.60
C PHE A 169 66.51 -19.41 16.48
N ILE A 170 66.36 -19.60 17.78
CA ILE A 170 67.02 -18.77 18.80
C ILE A 170 67.76 -19.74 19.72
N VAL A 171 68.96 -19.35 20.13
CA VAL A 171 69.84 -20.22 20.90
C VAL A 171 70.48 -19.43 22.04
N GLU A 172 70.50 -20.07 23.21
CA GLU A 172 71.14 -19.58 24.43
C GLU A 172 72.59 -20.05 24.45
N VAL A 173 73.51 -19.10 24.42
CA VAL A 173 74.93 -19.44 24.39
C VAL A 173 75.68 -18.70 25.50
N ARG B 13 -38.92 -44.96 27.14
CA ARG B 13 -38.93 -43.64 26.49
C ARG B 13 -39.76 -43.66 25.20
N PRO B 14 -40.17 -42.49 24.70
CA PRO B 14 -40.78 -42.45 23.37
C PRO B 14 -39.75 -42.80 22.31
N HIS B 15 -40.20 -43.52 21.29
CA HIS B 15 -39.31 -43.99 20.23
C HIS B 15 -40.16 -44.47 19.06
N ALA B 16 -39.54 -44.51 17.89
CA ALA B 16 -40.17 -45.05 16.69
C ALA B 16 -39.82 -46.53 16.59
N SER B 17 -40.72 -47.28 15.95
CA SER B 17 -40.52 -48.70 15.70
C SER B 17 -40.86 -49.01 14.26
N ILE B 18 -40.25 -50.09 13.75
CA ILE B 18 -40.39 -50.50 12.36
C ILE B 18 -40.43 -52.02 12.31
N GLU B 19 -41.32 -52.57 11.49
CA GLU B 19 -41.41 -54.01 11.27
C GLU B 19 -41.33 -54.27 9.77
N VAL B 20 -40.88 -55.49 9.43
CA VAL B 20 -40.82 -55.92 8.05
C VAL B 20 -41.34 -57.35 7.99
N ASP B 21 -42.07 -57.67 6.92
CA ASP B 21 -42.60 -59.00 6.67
C ASP B 21 -42.03 -59.55 5.37
N THR B 22 -41.84 -60.87 5.33
CA THR B 22 -41.27 -61.54 4.17
C THR B 22 -41.94 -62.88 3.85
N SER B 23 -42.90 -63.35 4.63
CA SER B 23 -43.50 -64.65 4.40
C SER B 23 -44.20 -64.76 3.05
N GLY B 24 -44.61 -63.64 2.45
CA GLY B 24 -45.31 -63.66 1.18
C GLY B 24 -44.43 -63.86 -0.04
N ILE B 25 -43.11 -63.76 0.11
CA ILE B 25 -42.22 -63.83 -1.04
C ILE B 25 -42.18 -65.26 -1.59
N GLY B 26 -42.33 -66.26 -0.72
CA GLY B 26 -42.22 -67.65 -1.10
C GLY B 26 -43.53 -68.21 -1.66
N SER B 32 -43.47 -76.58 -0.28
CA SER B 32 -42.31 -77.32 0.19
C SER B 32 -41.20 -77.18 -0.84
N GLU B 33 -39.97 -77.54 -0.43
CA GLU B 33 -38.80 -77.42 -1.30
C GLU B 33 -38.37 -78.74 -1.93
N LYS B 34 -38.78 -79.87 -1.36
CA LYS B 34 -38.48 -81.20 -1.88
C LYS B 34 -36.97 -81.43 -1.95
N VAL B 35 -36.36 -81.51 -0.77
CA VAL B 35 -34.91 -81.64 -0.67
C VAL B 35 -34.49 -83.02 -1.16
N PHE B 36 -33.28 -83.08 -1.73
CA PHE B 36 -32.72 -84.29 -2.33
C PHE B 36 -31.49 -84.71 -1.55
N CYS B 37 -31.31 -86.02 -1.39
CA CYS B 37 -30.27 -86.60 -0.55
C CYS B 37 -29.39 -87.55 -1.34
N LEU B 38 -28.18 -87.75 -0.82
CA LEU B 38 -27.20 -88.66 -1.42
C LEU B 38 -26.30 -89.22 -0.33
N ILE B 39 -26.03 -90.52 -0.40
CA ILE B 39 -25.04 -91.17 0.46
C ILE B 39 -24.13 -92.02 -0.43
N GLY B 40 -22.83 -91.95 -0.16
CA GLY B 40 -21.88 -92.68 -0.99
C GLY B 40 -20.46 -92.50 -0.52
N GLN B 41 -19.53 -92.99 -1.33
CA GLN B 41 -18.10 -92.91 -1.04
C GLN B 41 -17.55 -91.53 -1.38
N ALA B 42 -16.68 -91.02 -0.51
CA ALA B 42 -16.06 -89.71 -0.72
C ALA B 42 -14.64 -89.73 -0.19
N GLU B 43 -13.80 -88.88 -0.78
CA GLU B 43 -12.39 -88.77 -0.43
C GLU B 43 -12.11 -87.70 0.63
N GLY B 44 -13.13 -87.06 1.19
CA GLY B 44 -12.87 -85.99 2.14
C GLY B 44 -14.13 -85.57 2.85
N GLY B 45 -13.94 -85.03 4.04
CA GLY B 45 -15.03 -84.69 4.94
C GLY B 45 -15.10 -85.64 6.12
N GLU B 46 -15.85 -85.23 7.15
CA GLU B 46 -15.94 -86.02 8.36
C GLU B 46 -16.93 -87.17 8.20
N PRO B 47 -16.74 -88.26 8.95
CA PRO B 47 -17.67 -89.39 8.86
C PRO B 47 -18.93 -89.14 9.67
N ASN B 48 -20.01 -89.80 9.27
CA ASN B 48 -21.26 -89.84 10.05
C ASN B 48 -21.82 -88.44 10.27
N THR B 49 -21.61 -87.53 9.32
CA THR B 49 -21.95 -86.12 9.47
C THR B 49 -22.67 -85.65 8.21
N VAL B 50 -23.91 -85.20 8.38
CA VAL B 50 -24.68 -84.62 7.29
C VAL B 50 -24.24 -83.17 7.08
N TYR B 51 -24.29 -82.73 5.82
CA TYR B 51 -23.98 -81.36 5.42
C TYR B 51 -25.03 -80.87 4.44
N GLU B 52 -25.24 -79.55 4.42
CA GLU B 52 -26.09 -78.89 3.44
C GLU B 52 -25.23 -78.19 2.40
N LEU B 53 -25.47 -78.53 1.14
CA LEU B 53 -24.73 -78.02 0.00
C LEU B 53 -25.61 -77.19 -0.91
N ARG B 54 -25.05 -76.08 -1.36
CA ARG B 54 -25.68 -75.14 -2.27
C ARG B 54 -24.82 -74.83 -3.48
N ASN B 55 -23.50 -74.72 -3.30
CA ASN B 55 -22.57 -74.41 -4.37
C ASN B 55 -21.61 -75.57 -4.63
N TYR B 56 -21.06 -75.61 -5.84
CA TYR B 56 -20.08 -76.65 -6.16
C TYR B 56 -18.74 -76.39 -5.49
N SER B 57 -18.39 -75.13 -5.27
CA SER B 57 -17.16 -74.85 -4.55
C SER B 57 -17.24 -75.34 -3.11
N GLN B 58 -18.42 -75.26 -2.51
CA GLN B 58 -18.58 -75.70 -1.12
C GLN B 58 -18.42 -77.21 -1.02
N ALA B 59 -18.93 -77.93 -2.02
CA ALA B 59 -18.77 -79.39 -2.01
C ALA B 59 -17.34 -79.79 -2.32
N LYS B 60 -16.66 -79.04 -3.19
CA LYS B 60 -15.27 -79.34 -3.49
C LYS B 60 -14.38 -79.09 -2.28
N ARG B 61 -14.65 -78.02 -1.53
CA ARG B 61 -13.91 -77.81 -0.29
C ARG B 61 -14.17 -78.93 0.69
N LEU B 62 -15.44 -79.29 0.89
CA LEU B 62 -15.79 -80.33 1.84
C LEU B 62 -15.30 -81.68 1.31
N PHE B 63 -15.93 -82.17 0.24
CA PHE B 63 -15.57 -83.46 -0.35
C PHE B 63 -14.45 -83.22 -1.35
N ARG B 64 -13.26 -83.71 -1.01
CA ARG B 64 -12.09 -83.43 -1.85
C ARG B 64 -12.21 -84.09 -3.20
N SER B 65 -12.67 -85.33 -3.24
CA SER B 65 -12.85 -86.06 -4.49
C SER B 65 -13.81 -87.22 -4.21
N GLY B 66 -13.85 -88.16 -5.15
CA GLY B 66 -14.62 -89.39 -5.01
C GLY B 66 -15.83 -89.40 -5.94
N GLU B 67 -16.57 -90.50 -5.85
CA GLU B 67 -17.78 -90.61 -6.66
C GLU B 67 -18.88 -89.68 -6.16
N LEU B 68 -18.93 -89.41 -4.85
CA LEU B 68 -19.99 -88.57 -4.29
C LEU B 68 -19.95 -87.17 -4.90
N LEU B 69 -18.75 -86.60 -5.05
CA LEU B 69 -18.64 -85.29 -5.68
C LEU B 69 -19.11 -85.34 -7.13
N ASP B 70 -18.81 -86.43 -7.84
CA ASP B 70 -19.29 -86.56 -9.21
C ASP B 70 -20.81 -86.65 -9.29
N ALA B 71 -21.42 -87.25 -8.28
CA ALA B 71 -22.86 -87.41 -8.19
C ALA B 71 -23.52 -86.08 -7.88
N ILE B 72 -22.89 -85.27 -7.01
CA ILE B 72 -23.39 -83.93 -6.75
C ILE B 72 -23.33 -83.10 -8.03
N GLU B 73 -22.22 -83.19 -8.76
CA GLU B 73 -22.10 -82.42 -10.00
C GLU B 73 -23.16 -82.85 -11.01
N LEU B 74 -23.27 -84.17 -11.23
CA LEU B 74 -24.33 -84.69 -12.10
C LEU B 74 -25.72 -84.18 -11.68
N ALA B 75 -26.00 -84.18 -10.38
CA ALA B 75 -27.34 -83.81 -9.92
C ALA B 75 -27.64 -82.35 -10.22
N TRP B 76 -26.68 -81.47 -10.00
CA TRP B 76 -26.78 -80.06 -10.38
C TRP B 76 -26.55 -79.81 -11.86
N GLY B 77 -26.35 -80.86 -12.66
CA GLY B 77 -26.22 -80.71 -14.09
C GLY B 77 -26.96 -81.79 -14.85
N SER B 78 -27.90 -82.47 -14.18
CA SER B 78 -28.61 -83.58 -14.80
C SER B 78 -29.51 -83.08 -15.94
N ASN B 79 -30.25 -82.00 -15.71
CA ASN B 79 -31.17 -81.36 -16.63
C ASN B 79 -30.79 -79.90 -16.87
N PRO B 80 -31.08 -79.33 -18.05
CA PRO B 80 -30.85 -77.89 -18.21
C PRO B 80 -31.79 -77.02 -17.39
N ASN B 81 -33.05 -77.44 -17.19
CA ASN B 81 -34.10 -76.59 -16.64
C ASN B 81 -34.60 -77.00 -15.27
N TYR B 82 -34.15 -78.12 -14.69
CA TYR B 82 -34.74 -78.58 -13.44
C TYR B 82 -33.66 -79.18 -12.53
N THR B 83 -32.56 -78.47 -12.36
CA THR B 83 -31.52 -78.93 -11.45
C THR B 83 -31.98 -78.73 -10.01
N ALA B 84 -31.60 -79.67 -9.13
CA ALA B 84 -32.11 -79.68 -7.77
C ALA B 84 -31.30 -78.74 -6.88
N GLY B 85 -31.68 -78.64 -5.61
CA GLY B 85 -31.05 -77.70 -4.70
C GLY B 85 -31.02 -78.23 -3.29
N ARG B 86 -30.10 -77.67 -2.49
CA ARG B 86 -29.93 -78.03 -1.07
C ARG B 86 -29.65 -79.52 -0.92
N ILE B 87 -28.76 -80.04 -1.75
CA ILE B 87 -28.46 -81.47 -1.73
C ILE B 87 -27.76 -81.81 -0.41
N LEU B 88 -28.20 -82.92 0.20
CA LEU B 88 -27.69 -83.39 1.48
C LEU B 88 -26.77 -84.58 1.22
N ALA B 89 -25.51 -84.46 1.64
CA ALA B 89 -24.48 -85.44 1.31
C ALA B 89 -23.88 -86.03 2.58
N MET B 90 -23.31 -87.23 2.42
CA MET B 90 -22.68 -87.93 3.54
C MET B 90 -21.56 -88.81 3.04
N ARG B 91 -20.51 -88.95 3.86
CA ARG B 91 -19.39 -89.83 3.61
C ARG B 91 -19.60 -91.13 4.39
N ILE B 92 -19.50 -92.26 3.69
CA ILE B 92 -19.65 -93.56 4.33
C ILE B 92 -18.35 -94.13 4.88
N GLU B 93 -17.20 -93.60 4.44
CA GLU B 93 -15.91 -94.13 4.87
C GLU B 93 -15.63 -93.77 6.33
N ASP B 94 -15.35 -94.79 7.14
CA ASP B 94 -14.92 -94.62 8.53
C ASP B 94 -13.44 -94.21 8.60
N ALA B 95 -13.13 -93.06 8.02
CA ALA B 95 -11.76 -92.59 7.95
C ALA B 95 -11.32 -91.97 9.27
N LYS B 96 -10.02 -91.71 9.38
CA LYS B 96 -9.38 -91.11 10.53
C LYS B 96 -8.38 -90.08 10.05
N PRO B 97 -8.03 -89.09 10.89
CA PRO B 97 -7.06 -88.08 10.45
C PRO B 97 -5.63 -88.50 10.75
N ALA B 98 -4.70 -87.98 9.95
CA ALA B 98 -3.29 -88.26 10.15
C ALA B 98 -2.80 -87.52 11.38
N SER B 99 -1.83 -88.12 12.08
CA SER B 99 -1.28 -87.50 13.28
C SER B 99 0.18 -87.90 13.43
N ALA B 100 0.87 -87.20 14.32
CA ALA B 100 2.26 -87.48 14.62
C ALA B 100 2.62 -86.84 15.96
N GLU B 101 3.72 -87.31 16.54
CA GLU B 101 4.18 -86.88 17.86
C GLU B 101 5.68 -86.60 17.82
N ILE B 102 6.08 -85.47 18.39
CA ILE B 102 7.48 -85.07 18.46
C ILE B 102 7.71 -84.36 19.78
N GLY B 103 8.69 -84.83 20.55
CA GLY B 103 8.98 -84.24 21.85
C GLY B 103 7.77 -84.36 22.76
N GLY B 104 7.32 -83.22 23.25
CA GLY B 104 6.11 -83.03 24.02
C GLY B 104 4.92 -82.58 23.20
N LEU B 105 5.06 -82.42 21.89
CA LEU B 105 3.94 -82.03 21.05
C LEU B 105 3.09 -83.21 20.58
N LYS B 106 1.82 -82.92 20.28
CA LYS B 106 0.92 -83.80 19.55
C LYS B 106 0.43 -83.06 18.31
N ILE B 107 0.59 -83.69 17.15
CA ILE B 107 0.25 -83.11 15.85
C ILE B 107 -0.94 -83.89 15.32
N THR B 108 -2.00 -83.17 14.94
CA THR B 108 -3.18 -83.80 14.34
C THR B 108 -3.73 -82.90 13.24
N SER B 109 -4.05 -83.52 12.11
CA SER B 109 -4.56 -82.85 10.93
C SER B 109 -6.09 -82.79 10.94
N LYS B 110 -6.64 -81.78 10.27
CA LYS B 110 -8.08 -81.67 10.12
C LYS B 110 -8.63 -82.72 9.15
N ILE B 111 -7.92 -82.96 8.04
CA ILE B 111 -8.47 -83.79 6.97
C ILE B 111 -8.52 -85.24 7.44
N TYR B 112 -9.59 -85.93 7.06
CA TYR B 112 -9.78 -87.34 7.35
C TYR B 112 -9.40 -88.16 6.12
N GLY B 113 -8.53 -89.16 6.30
CA GLY B 113 -8.11 -90.05 5.23
C GLY B 113 -6.62 -90.02 5.01
N ASN B 114 -6.20 -90.70 3.93
CA ASN B 114 -4.79 -90.80 3.60
C ASN B 114 -4.23 -89.52 3.00
N VAL B 115 -5.07 -88.54 2.69
CA VAL B 115 -4.58 -87.30 2.09
C VAL B 115 -3.76 -86.51 3.12
N ALA B 116 -4.11 -86.62 4.40
CA ALA B 116 -3.42 -85.84 5.42
C ALA B 116 -2.01 -86.35 5.69
N ASN B 117 -1.68 -87.56 5.22
CA ASN B 117 -0.36 -88.11 5.46
C ASN B 117 0.74 -87.26 4.81
N ASN B 118 0.45 -86.70 3.64
CA ASN B 118 1.41 -85.90 2.87
C ASN B 118 1.47 -84.45 3.33
N ILE B 119 0.75 -84.07 4.39
CA ILE B 119 0.98 -82.76 5.00
C ILE B 119 2.32 -82.80 5.71
N GLN B 120 3.15 -81.79 5.41
CA GLN B 120 4.52 -81.70 5.91
C GLN B 120 4.55 -80.67 7.03
N VAL B 121 5.15 -81.05 8.16
CA VAL B 121 5.22 -80.21 9.35
C VAL B 121 6.65 -80.31 9.88
N GLY B 122 7.12 -79.22 10.46
CA GLY B 122 8.52 -79.11 10.83
C GLY B 122 8.90 -77.80 11.48
N LEU B 123 9.50 -77.88 12.67
CA LEU B 123 9.87 -76.73 13.47
C LEU B 123 11.36 -76.44 13.29
N GLU B 124 11.70 -75.15 13.28
CA GLU B 124 13.08 -74.71 13.14
C GLU B 124 13.31 -73.57 14.13
N LYS B 125 14.52 -73.02 14.09
CA LYS B 125 14.94 -71.93 14.95
C LYS B 125 15.62 -70.84 14.13
N ASN B 126 15.31 -69.59 14.43
CA ASN B 126 15.90 -68.44 13.76
C ASN B 126 16.91 -67.79 14.70
N THR B 127 18.17 -67.70 14.25
CA THR B 127 19.22 -67.20 15.11
C THR B 127 19.19 -65.68 15.24
N LEU B 128 18.76 -64.98 14.18
CA LEU B 128 18.69 -63.53 14.24
C LEU B 128 17.68 -63.07 15.29
N SER B 129 16.48 -63.66 15.29
CA SER B 129 15.47 -63.34 16.27
C SER B 129 15.56 -64.18 17.54
N ASP B 130 16.40 -65.22 17.54
CA ASP B 130 16.48 -66.14 18.68
C ASP B 130 15.11 -66.74 19.00
N SER B 131 14.39 -67.14 17.95
CA SER B 131 13.01 -67.62 18.05
C SER B 131 12.82 -68.86 17.20
N LEU B 132 12.03 -69.79 17.72
CA LEU B 132 11.57 -70.94 16.95
C LEU B 132 10.81 -70.50 15.70
N ARG B 133 10.72 -71.40 14.70
CA ARG B 133 10.02 -71.13 13.46
C ARG B 133 9.26 -72.39 13.08
N LEU B 134 8.05 -72.24 12.57
CA LEU B 134 7.25 -73.34 12.02
C LEU B 134 7.00 -73.13 10.55
N ARG B 135 7.05 -74.22 9.78
CA ARG B 135 6.78 -74.19 8.34
C ARG B 135 5.97 -75.42 7.98
N VAL B 136 4.80 -75.20 7.38
CA VAL B 136 3.88 -76.26 6.97
C VAL B 136 3.70 -76.14 5.46
N ILE B 137 3.85 -77.25 4.75
CA ILE B 137 3.73 -77.30 3.29
C ILE B 137 2.83 -78.48 2.93
N PHE B 138 1.90 -78.24 2.00
CA PHE B 138 1.00 -79.29 1.51
C PHE B 138 0.85 -79.02 0.01
N GLN B 139 1.67 -79.70 -0.80
CA GLN B 139 1.82 -79.39 -2.21
C GLN B 139 0.60 -79.74 -3.05
N ASP B 140 -0.32 -80.55 -2.52
CA ASP B 140 -1.51 -80.90 -3.29
C ASP B 140 -2.42 -79.69 -3.49
N ASP B 141 -2.51 -78.82 -2.48
CA ASP B 141 -3.31 -77.61 -2.56
C ASP B 141 -2.47 -76.36 -2.81
N ARG B 142 -1.19 -76.53 -3.16
CA ARG B 142 -0.27 -75.40 -3.34
C ARG B 142 -0.20 -74.56 -2.07
N PHE B 143 -0.15 -75.23 -0.91
CA PHE B 143 -0.07 -74.57 0.38
C PHE B 143 1.39 -74.50 0.82
N ASN B 144 1.83 -73.31 1.22
CA ASN B 144 3.21 -73.11 1.69
C ASN B 144 3.22 -71.83 2.51
N GLU B 145 3.41 -71.97 3.82
CA GLU B 145 3.43 -70.84 4.74
C GLU B 145 4.49 -71.05 5.80
N VAL B 146 4.96 -69.94 6.37
CA VAL B 146 5.96 -69.95 7.42
C VAL B 146 5.44 -69.09 8.58
N TYR B 147 5.55 -69.61 9.79
CA TYR B 147 5.15 -68.92 11.02
C TYR B 147 6.44 -68.60 11.78
N ASP B 148 7.08 -67.49 11.39
CA ASP B 148 8.30 -67.07 12.05
C ASP B 148 7.95 -66.43 13.39
N ASN B 149 8.97 -66.32 14.24
CA ASN B 149 8.90 -65.58 15.50
C ASN B 149 7.95 -66.27 16.48
N ILE B 150 8.18 -67.57 16.69
CA ILE B 150 7.37 -68.32 17.65
C ILE B 150 7.81 -67.91 19.04
N GLY B 151 6.85 -67.79 19.95
CA GLY B 151 7.15 -67.21 21.24
C GLY B 151 7.57 -65.78 21.04
N ASN B 152 8.66 -65.41 21.71
CA ASN B 152 9.22 -64.05 21.70
C ASN B 152 8.11 -63.01 21.89
N ILE B 153 7.52 -63.02 23.10
CA ILE B 153 6.34 -62.18 23.30
C ILE B 153 6.72 -60.74 23.62
N PHE B 154 7.74 -60.52 24.46
CA PHE B 154 8.11 -59.16 24.81
C PHE B 154 9.59 -59.14 25.18
N THR B 155 10.16 -57.94 25.09
CA THR B 155 11.56 -57.70 25.42
C THR B 155 11.65 -56.83 26.68
N ILE B 156 12.47 -57.28 27.62
CA ILE B 156 12.71 -56.59 28.88
C ILE B 156 14.02 -55.82 28.74
N LYS B 157 13.98 -54.52 29.02
CA LYS B 157 15.11 -53.63 28.80
C LYS B 157 15.28 -52.73 30.01
N TYR B 158 16.52 -52.34 30.26
CA TYR B 158 16.93 -51.61 31.45
C TYR B 158 17.67 -50.34 31.07
N LYS B 159 17.34 -49.26 31.77
CA LYS B 159 17.87 -47.93 31.47
C LYS B 159 18.60 -47.29 32.64
N GLY B 160 18.82 -48.02 33.73
CA GLY B 160 19.49 -47.49 34.89
C GLY B 160 20.99 -47.71 34.82
N GLU B 161 21.66 -47.29 35.90
CA GLU B 161 23.12 -47.30 35.99
C GLU B 161 23.57 -47.93 37.30
N GLU B 162 22.81 -48.90 37.80
CA GLU B 162 23.12 -49.61 39.03
C GLU B 162 24.06 -50.80 38.73
N ALA B 163 24.39 -51.57 39.76
CA ALA B 163 25.34 -52.65 39.60
C ALA B 163 24.83 -53.76 38.68
N ASN B 164 23.57 -54.17 38.84
CA ASN B 164 23.04 -55.20 37.96
C ASN B 164 21.53 -55.05 37.94
N ALA B 165 20.89 -55.75 37.01
CA ALA B 165 19.44 -55.75 36.87
C ALA B 165 19.04 -57.05 36.18
N THR B 166 18.19 -57.83 36.84
CA THR B 166 17.75 -59.14 36.38
C THR B 166 16.25 -59.30 36.62
N PHE B 167 15.68 -60.34 36.00
CA PHE B 167 14.28 -60.69 36.17
C PHE B 167 14.22 -62.20 36.35
N SER B 168 13.02 -62.72 36.62
CA SER B 168 12.84 -64.14 36.81
C SER B 168 11.36 -64.50 36.72
N VAL B 169 11.05 -65.54 35.94
CA VAL B 169 9.72 -66.10 35.83
C VAL B 169 9.84 -67.61 36.00
N GLU B 170 9.01 -68.18 36.87
CA GLU B 170 9.01 -69.61 37.14
C GLU B 170 7.58 -70.14 37.14
N HIS B 171 7.47 -71.44 36.87
CA HIS B 171 6.17 -72.10 36.80
C HIS B 171 5.76 -72.64 38.15
N ASP B 172 4.45 -72.78 38.33
CA ASP B 172 3.87 -73.49 39.45
C ASP B 172 3.64 -74.93 39.02
N GLU B 173 4.36 -75.87 39.65
CA GLU B 173 4.36 -77.25 39.16
C GLU B 173 3.00 -77.91 39.30
N GLU B 174 2.19 -77.48 40.26
CA GLU B 174 0.86 -78.08 40.42
C GLU B 174 -0.02 -77.81 39.21
N THR B 175 0.17 -76.66 38.54
CA THR B 175 -0.66 -76.28 37.39
C THR B 175 0.12 -75.82 36.18
N GLN B 176 1.46 -75.79 36.23
CA GLN B 176 2.30 -75.31 35.14
C GLN B 176 1.92 -73.89 34.73
N LYS B 177 1.61 -73.05 35.71
CA LYS B 177 1.30 -71.65 35.50
C LYS B 177 2.40 -70.78 36.08
N ALA B 178 2.62 -69.63 35.45
CA ALA B 178 3.71 -68.74 35.84
C ALA B 178 3.42 -68.19 37.24
N SER B 179 4.18 -68.67 38.22
CA SER B 179 3.92 -68.31 39.62
C SER B 179 4.17 -66.83 39.85
N ARG B 180 5.26 -66.28 39.31
CA ARG B 180 5.65 -64.90 39.60
C ARG B 180 6.27 -64.29 38.35
N LEU B 181 6.46 -62.98 38.42
CA LEU B 181 7.16 -62.21 37.39
C LEU B 181 7.79 -61.03 38.11
N VAL B 182 9.12 -61.02 38.19
CA VAL B 182 9.82 -60.17 39.14
C VAL B 182 10.86 -59.37 38.36
N LEU B 183 10.99 -58.09 38.71
CA LEU B 183 12.08 -57.23 38.25
C LEU B 183 12.96 -56.87 39.44
N LYS B 184 14.27 -56.97 39.24
CA LYS B 184 15.24 -56.75 40.31
C LYS B 184 16.30 -55.76 39.87
N VAL B 185 16.75 -54.94 40.82
CA VAL B 185 17.94 -54.12 40.70
C VAL B 185 18.95 -54.70 41.68
N GLY B 186 20.10 -55.13 41.17
CA GLY B 186 21.04 -55.86 41.99
C GLY B 186 20.49 -57.19 42.47
N ASP B 187 20.14 -57.27 43.75
CA ASP B 187 19.59 -58.49 44.36
C ASP B 187 18.14 -58.36 44.79
N GLN B 188 17.70 -57.18 45.23
CA GLN B 188 16.34 -56.98 45.70
C GLN B 188 15.40 -56.71 44.53
N GLU B 189 14.10 -56.67 44.83
CA GLU B 189 13.06 -56.56 43.81
C GLU B 189 12.51 -55.15 43.75
N VAL B 190 12.27 -54.68 42.53
CA VAL B 190 11.56 -53.43 42.33
C VAL B 190 10.06 -53.64 42.53
N LYS B 191 9.44 -54.43 41.65
CA LYS B 191 8.04 -54.78 41.79
C LYS B 191 7.84 -56.16 41.18
N SER B 192 7.08 -57.01 41.86
CA SER B 192 6.80 -58.36 41.44
C SER B 192 5.33 -58.50 41.10
N TYR B 193 5.04 -59.09 39.94
CA TYR B 193 3.68 -59.37 39.50
C TYR B 193 3.40 -60.85 39.68
N ASP B 194 2.65 -61.19 40.72
CA ASP B 194 2.16 -62.56 40.90
C ASP B 194 1.08 -62.83 39.86
N LEU B 195 1.43 -63.60 38.81
CA LEU B 195 0.50 -63.81 37.70
C LEU B 195 -0.57 -64.84 37.99
N THR B 196 -0.36 -65.72 38.98
CA THR B 196 -1.39 -66.68 39.35
C THR B 196 -2.62 -65.99 39.95
N GLY B 197 -2.49 -64.75 40.42
CA GLY B 197 -3.59 -64.02 41.00
C GLY B 197 -3.68 -62.61 40.43
N GLY B 198 -4.68 -61.89 40.91
CA GLY B 198 -4.90 -60.52 40.48
C GLY B 198 -5.65 -60.43 39.18
N ALA B 199 -5.61 -59.24 38.58
CA ALA B 199 -6.25 -58.97 37.30
C ALA B 199 -5.29 -59.04 36.11
N TYR B 200 -4.02 -59.35 36.33
CA TYR B 200 -3.04 -59.46 35.25
C TYR B 200 -3.13 -60.83 34.60
N ASP B 201 -4.27 -61.07 33.95
CA ASP B 201 -4.48 -62.33 33.25
C ASP B 201 -3.72 -62.42 31.94
N TYR B 202 -3.52 -61.30 31.24
CA TYR B 202 -2.83 -61.31 29.96
C TYR B 202 -1.56 -60.49 30.04
N THR B 203 -0.65 -60.77 29.11
CA THR B 203 0.66 -60.11 29.12
C THR B 203 0.53 -58.59 28.98
N ASN B 204 -0.52 -58.11 28.31
CA ASN B 204 -0.62 -56.68 28.06
C ASN B 204 -0.93 -55.91 29.33
N ALA B 205 -1.73 -56.50 30.22
CA ALA B 205 -1.91 -55.90 31.53
C ALA B 205 -0.59 -55.82 32.28
N ILE B 206 0.34 -56.75 32.01
CA ILE B 206 1.62 -56.76 32.73
C ILE B 206 2.54 -55.68 32.16
N ILE B 207 2.64 -55.61 30.83
CA ILE B 207 3.57 -54.68 30.22
C ILE B 207 3.13 -53.24 30.41
N THR B 208 1.82 -53.00 30.44
CA THR B 208 1.32 -51.64 30.59
C THR B 208 1.73 -51.04 31.94
N ASP B 209 1.83 -51.88 32.98
CA ASP B 209 2.27 -51.43 34.29
C ASP B 209 3.80 -51.48 34.44
N ILE B 210 4.46 -52.42 33.77
CA ILE B 210 5.92 -52.50 33.89
C ILE B 210 6.58 -51.29 33.25
N ASN B 211 6.01 -50.81 32.14
CA ASN B 211 6.61 -49.65 31.47
C ASN B 211 6.52 -48.39 32.33
N GLN B 212 5.61 -48.33 33.30
CA GLN B 212 5.48 -47.18 34.17
C GLN B 212 6.58 -47.09 35.21
N LEU B 213 7.45 -48.10 35.31
CA LEU B 213 8.50 -48.02 36.32
C LEU B 213 9.57 -47.02 35.90
N PRO B 214 10.27 -46.39 36.85
CA PRO B 214 11.15 -45.26 36.47
C PRO B 214 12.29 -45.65 35.55
N ASP B 215 12.82 -46.87 35.68
CA ASP B 215 14.04 -47.29 34.99
C ASP B 215 13.91 -48.72 34.49
N PHE B 216 12.73 -49.08 34.00
CA PHE B 216 12.51 -50.42 33.47
C PHE B 216 11.50 -50.37 32.34
N GLU B 217 11.66 -51.26 31.36
CA GLU B 217 10.73 -51.38 30.25
C GLU B 217 10.51 -52.86 29.93
N ALA B 218 9.28 -53.20 29.57
CA ALA B 218 8.93 -54.54 29.10
C ALA B 218 8.23 -54.43 27.75
N LYS B 219 8.95 -53.87 26.77
CA LYS B 219 8.38 -53.60 25.46
C LYS B 219 7.88 -54.88 24.81
N LEU B 220 6.59 -54.89 24.43
CA LEU B 220 6.05 -55.98 23.63
C LEU B 220 6.84 -56.14 22.33
N SER B 221 7.01 -57.39 21.91
CA SER B 221 7.94 -57.72 20.84
C SER B 221 7.53 -57.05 19.52
N PRO B 222 8.48 -56.62 18.68
CA PRO B 222 8.06 -55.97 17.42
C PRO B 222 7.38 -56.93 16.45
N PHE B 223 7.41 -58.23 16.70
CA PHE B 223 6.81 -59.22 15.80
C PHE B 223 5.32 -59.39 16.10
N GLY B 224 4.57 -58.32 15.90
CA GLY B 224 3.14 -58.33 16.11
C GLY B 224 2.78 -58.26 17.58
N ASP B 225 1.52 -57.94 17.84
CA ASP B 225 0.97 -57.91 19.19
C ASP B 225 0.40 -59.29 19.50
N LYS B 226 1.21 -60.12 20.15
CA LYS B 226 0.80 -61.50 20.40
C LYS B 226 -0.28 -61.55 21.47
N ASN B 227 -0.05 -60.87 22.60
CA ASN B 227 -1.01 -60.75 23.70
C ASN B 227 -1.45 -62.14 24.19
N LEU B 228 -0.50 -62.81 24.85
CA LEU B 228 -0.67 -64.15 25.37
C LEU B 228 -1.05 -64.12 26.85
N GLU B 229 -1.63 -65.22 27.32
CA GLU B 229 -1.98 -65.35 28.73
C GLU B 229 -0.76 -65.14 29.62
N SER B 230 -1.01 -64.51 30.78
CA SER B 230 0.05 -64.27 31.75
C SER B 230 0.53 -65.56 32.41
N SER B 231 -0.35 -66.54 32.55
CA SER B 231 0.01 -67.76 33.27
C SER B 231 0.88 -68.70 32.42
N LYS B 232 0.91 -68.54 31.10
CA LYS B 232 1.59 -69.46 30.21
C LYS B 232 3.03 -69.03 29.88
N LEU B 233 3.59 -68.07 30.63
CA LEU B 233 4.95 -67.63 30.35
C LEU B 233 5.96 -68.73 30.69
N ASP B 234 7.03 -68.82 29.89
CA ASP B 234 8.00 -69.90 30.07
C ASP B 234 8.92 -69.58 31.24
N LYS B 235 9.80 -70.53 31.56
CA LYS B 235 10.63 -70.45 32.77
C LYS B 235 12.00 -69.89 32.37
N ILE B 236 12.23 -68.62 32.70
CA ILE B 236 13.50 -67.94 32.49
C ILE B 236 13.86 -67.23 33.79
N GLU B 237 15.11 -67.39 34.23
CA GLU B 237 15.61 -66.73 35.43
C GLU B 237 17.05 -66.30 35.23
N ASN B 238 17.42 -65.21 35.91
CA ASN B 238 18.80 -64.74 35.99
C ASN B 238 19.37 -64.49 34.59
N ALA B 239 18.86 -63.42 33.97
CA ALA B 239 19.32 -62.95 32.68
C ALA B 239 19.59 -61.46 32.73
N ASN B 240 20.68 -61.02 32.11
CA ASN B 240 21.09 -59.63 32.20
C ASN B 240 20.16 -58.74 31.40
N ILE B 241 19.49 -57.80 32.07
CA ILE B 241 18.68 -56.81 31.36
C ILE B 241 19.56 -55.66 30.92
N LYS B 242 20.50 -55.26 31.78
CA LYS B 242 21.33 -54.09 31.51
C LYS B 242 22.22 -54.28 30.28
N ASP B 243 22.53 -55.53 29.92
CA ASP B 243 23.38 -55.84 28.79
C ASP B 243 22.61 -56.30 27.56
N LYS B 244 21.43 -56.90 27.74
CA LYS B 244 20.66 -57.49 26.66
C LYS B 244 19.18 -57.19 26.81
N ALA B 245 18.49 -57.09 25.67
CA ALA B 245 17.04 -56.99 25.63
C ALA B 245 16.51 -58.43 25.66
N VAL B 246 16.44 -58.98 26.87
CA VAL B 246 16.15 -60.40 27.03
C VAL B 246 14.71 -60.68 26.63
N TYR B 247 14.51 -61.85 26.02
CA TYR B 247 13.22 -62.27 25.48
C TYR B 247 12.59 -63.29 26.42
N VAL B 248 11.39 -62.99 26.90
CA VAL B 248 10.51 -64.00 27.46
C VAL B 248 9.68 -64.55 26.31
N LYS B 249 9.61 -65.88 26.21
CA LYS B 249 9.18 -66.53 24.99
C LYS B 249 7.76 -67.09 25.08
N ALA B 250 7.53 -68.14 25.87
CA ALA B 250 6.24 -68.81 25.94
C ALA B 250 5.87 -69.40 24.57
N VAL B 251 6.66 -70.40 24.17
CA VAL B 251 6.53 -70.90 22.80
C VAL B 251 5.18 -71.57 22.58
N PHE B 252 4.74 -72.40 23.54
CA PHE B 252 3.54 -73.20 23.30
C PHE B 252 2.29 -72.32 23.31
N GLY B 253 2.18 -71.41 24.27
CA GLY B 253 1.06 -70.49 24.27
C GLY B 253 1.06 -69.59 23.06
N ASP B 254 2.24 -69.21 22.56
CA ASP B 254 2.30 -68.34 21.40
C ASP B 254 1.95 -69.08 20.12
N LEU B 255 2.15 -70.40 20.08
CA LEU B 255 1.76 -71.17 18.91
C LEU B 255 0.27 -71.08 18.64
N GLU B 256 -0.54 -70.81 19.66
CA GLU B 256 -1.96 -70.55 19.42
C GLU B 256 -2.15 -69.27 18.63
N LYS B 257 -1.33 -68.25 18.91
CA LYS B 257 -1.43 -67.02 18.12
C LYS B 257 -0.90 -67.23 16.71
N GLN B 258 0.13 -68.06 16.57
CA GLN B 258 0.69 -68.32 15.25
C GLN B 258 -0.31 -69.06 14.37
N THR B 259 -0.92 -70.11 14.90
CA THR B 259 -1.94 -70.90 14.21
C THR B 259 -3.35 -70.47 14.59
N ALA B 260 -3.58 -69.17 14.77
CA ALA B 260 -4.88 -68.69 15.21
C ALA B 260 -5.95 -68.94 14.15
N TYR B 261 -5.65 -68.63 12.89
CA TYR B 261 -6.63 -68.62 11.81
C TYR B 261 -6.17 -69.34 10.55
N ASN B 262 -4.89 -69.26 10.20
CA ASN B 262 -4.34 -69.93 9.04
C ASN B 262 -3.61 -71.18 9.52
N GLY B 263 -4.00 -72.34 9.01
CA GLY B 263 -3.28 -73.56 9.29
C GLY B 263 -4.13 -74.80 9.13
N ILE B 264 -3.60 -75.78 8.38
CA ILE B 264 -4.33 -77.02 8.17
C ILE B 264 -4.24 -77.91 9.40
N VAL B 265 -3.12 -77.87 10.12
CA VAL B 265 -2.78 -78.82 11.17
C VAL B 265 -2.94 -78.14 12.52
N SER B 266 -3.58 -78.83 13.46
CA SER B 266 -3.67 -78.38 14.84
C SER B 266 -2.52 -78.94 15.67
N PHE B 267 -2.25 -78.29 16.81
CA PHE B 267 -1.16 -78.68 17.69
C PHE B 267 -1.63 -78.75 19.13
N GLU B 268 -1.00 -79.63 19.90
CA GLU B 268 -1.23 -79.73 21.34
C GLU B 268 0.04 -80.21 22.00
N GLN B 269 0.14 -79.94 23.30
CA GLN B 269 1.27 -80.32 24.13
C GLN B 269 0.79 -81.26 25.22
N LEU B 270 1.47 -82.40 25.35
CA LEU B 270 1.09 -83.46 26.27
C LEU B 270 1.15 -82.95 27.70
N LYS B 298 6.70 -81.12 30.09
CA LYS B 298 7.20 -81.43 28.76
C LYS B 298 7.75 -80.17 28.10
N THR B 299 8.58 -80.37 27.07
CA THR B 299 9.23 -79.28 26.35
C THR B 299 9.10 -79.53 24.85
N ILE B 300 9.03 -78.43 24.09
CA ILE B 300 8.94 -78.49 22.63
C ILE B 300 10.34 -78.29 22.07
N GLU B 301 10.62 -78.96 20.95
CA GLU B 301 11.93 -78.92 20.32
C GLU B 301 11.78 -78.79 18.81
N PRO B 302 12.75 -78.19 18.11
CA PRO B 302 12.69 -78.22 16.65
C PRO B 302 12.89 -79.64 16.13
N PHE B 303 12.47 -79.84 14.88
CA PHE B 303 12.57 -81.16 14.27
C PHE B 303 12.44 -81.02 12.76
N GLU B 304 12.76 -82.12 12.07
CA GLU B 304 12.81 -82.09 10.62
C GLU B 304 11.42 -81.86 10.02
N LEU B 305 11.41 -81.54 8.73
CA LEU B 305 10.18 -81.30 7.98
C LEU B 305 9.57 -82.68 7.70
N THR B 306 8.84 -83.18 8.70
CA THR B 306 8.38 -84.56 8.71
C THR B 306 6.93 -84.61 8.24
N LYS B 307 6.59 -85.65 7.48
CA LYS B 307 5.23 -85.89 7.04
C LYS B 307 4.43 -86.64 8.11
N LEU B 308 3.12 -86.43 8.09
CA LEU B 308 2.23 -87.05 9.06
C LEU B 308 2.03 -88.53 8.75
N LYS B 309 1.44 -89.24 9.72
CA LYS B 309 1.17 -90.66 9.59
C LYS B 309 -0.16 -90.98 10.25
N GLY B 310 -0.61 -92.21 10.06
CA GLY B 310 -1.85 -92.68 10.64
C GLY B 310 -3.10 -92.35 9.86
N GLY B 311 -2.99 -91.55 8.80
CA GLY B 311 -4.16 -91.18 8.02
C GLY B 311 -4.71 -92.40 7.30
N THR B 312 -5.99 -92.72 7.54
CA THR B 312 -6.61 -93.94 7.05
C THR B 312 -7.96 -93.57 6.43
N ASN B 313 -8.22 -94.07 5.21
CA ASN B 313 -9.55 -93.91 4.63
C ASN B 313 -10.54 -94.88 5.27
N GLY B 314 -10.10 -96.08 5.54
CA GLY B 314 -10.94 -97.12 6.13
C GLY B 314 -11.76 -97.86 5.10
N GLU B 315 -12.11 -99.10 5.43
CA GLU B 315 -12.94 -99.90 4.56
C GLU B 315 -14.37 -99.36 4.58
N PRO B 316 -15.19 -99.66 3.58
CA PRO B 316 -16.57 -99.15 3.60
C PRO B 316 -17.45 -100.03 4.48
N PRO B 317 -18.51 -99.50 5.09
CA PRO B 317 -19.33 -100.34 5.96
C PRO B 317 -20.07 -101.39 5.13
N ALA B 318 -20.34 -102.53 5.76
CA ALA B 318 -21.13 -103.54 5.07
C ALA B 318 -22.61 -103.19 5.05
N THR B 319 -23.14 -102.65 6.15
CA THR B 319 -24.54 -102.26 6.25
C THR B 319 -24.63 -100.76 6.54
N TRP B 320 -25.52 -100.06 5.84
CA TRP B 320 -25.64 -98.62 5.97
C TRP B 320 -26.77 -98.23 6.92
N ALA B 321 -27.15 -99.12 7.84
CA ALA B 321 -28.28 -98.79 8.72
C ALA B 321 -27.92 -97.64 9.65
N ASP B 322 -26.75 -97.74 10.31
CA ASP B 322 -26.33 -96.65 11.19
C ASP B 322 -26.09 -95.37 10.40
N LYS B 323 -25.55 -95.50 9.18
CA LYS B 323 -25.36 -94.33 8.34
C LYS B 323 -26.69 -93.72 7.93
N LEU B 324 -27.68 -94.57 7.62
CA LEU B 324 -28.94 -94.05 7.11
C LEU B 324 -29.74 -93.33 8.19
N ASP B 325 -29.58 -93.73 9.46
CA ASP B 325 -30.38 -93.16 10.54
C ASP B 325 -30.17 -91.66 10.68
N LYS B 326 -28.97 -91.17 10.35
CA LYS B 326 -28.68 -89.74 10.45
C LYS B 326 -29.66 -88.90 9.65
N PHE B 327 -30.23 -89.44 8.57
CA PHE B 327 -31.23 -88.76 7.77
C PHE B 327 -32.65 -88.99 8.29
N ALA B 328 -32.81 -89.27 9.59
CA ALA B 328 -34.15 -89.50 10.13
C ALA B 328 -34.99 -88.25 10.07
N HIS B 329 -34.45 -87.11 10.49
CA HIS B 329 -35.18 -85.87 10.67
C HIS B 329 -34.52 -84.73 9.92
N GLU B 330 -33.98 -85.01 8.73
CA GLU B 330 -33.33 -83.98 7.93
C GLU B 330 -34.27 -83.32 6.92
N GLY B 331 -35.50 -83.82 6.79
CA GLY B 331 -36.46 -83.21 5.89
C GLY B 331 -36.34 -83.60 4.43
N GLY B 332 -35.46 -84.54 4.10
CA GLY B 332 -35.29 -84.93 2.71
C GLY B 332 -36.44 -85.81 2.25
N TYR B 333 -36.67 -85.80 0.93
CA TYR B 333 -37.73 -86.60 0.33
C TYR B 333 -37.16 -87.68 -0.60
N TYR B 334 -36.35 -87.30 -1.58
CA TYR B 334 -35.73 -88.24 -2.49
C TYR B 334 -34.32 -88.54 -1.99
N ILE B 335 -34.03 -89.84 -1.81
CA ILE B 335 -32.70 -90.30 -1.44
C ILE B 335 -32.29 -91.41 -2.41
N VAL B 336 -31.00 -91.41 -2.78
CA VAL B 336 -30.46 -92.40 -3.70
C VAL B 336 -29.12 -92.86 -3.12
N PRO B 337 -28.96 -94.15 -2.76
CA PRO B 337 -27.64 -94.60 -2.32
C PRO B 337 -26.71 -94.82 -3.51
N LEU B 338 -25.43 -94.47 -3.33
CA LEU B 338 -24.43 -94.69 -4.38
C LEU B 338 -23.82 -96.07 -4.20
N SER B 339 -24.64 -97.07 -4.50
CA SER B 339 -24.21 -98.46 -4.36
C SER B 339 -25.08 -99.35 -5.22
N SER B 340 -24.49 -100.38 -5.81
CA SER B 340 -25.24 -101.35 -6.61
C SER B 340 -25.70 -102.55 -5.80
N LYS B 341 -25.56 -102.52 -4.47
CA LYS B 341 -25.83 -103.68 -3.63
C LYS B 341 -27.31 -103.81 -3.32
N GLN B 342 -27.85 -105.02 -3.48
CA GLN B 342 -29.25 -105.25 -3.15
C GLN B 342 -29.52 -105.13 -1.66
N SER B 343 -28.53 -105.46 -0.83
CA SER B 343 -28.69 -105.30 0.61
C SER B 343 -28.93 -103.83 0.97
N VAL B 344 -28.12 -102.93 0.39
CA VAL B 344 -28.30 -101.51 0.64
C VAL B 344 -29.69 -101.06 0.17
N HIS B 345 -30.10 -101.54 -1.01
CA HIS B 345 -31.42 -101.21 -1.54
C HIS B 345 -32.52 -101.63 -0.57
N ALA B 346 -32.40 -102.82 0.02
CA ALA B 346 -33.39 -103.26 0.99
C ALA B 346 -33.34 -102.43 2.26
N GLU B 347 -32.15 -102.00 2.65
CA GLU B 347 -32.00 -101.16 3.84
C GLU B 347 -32.64 -99.80 3.63
N VAL B 348 -32.39 -99.19 2.46
CA VAL B 348 -33.00 -97.92 2.14
C VAL B 348 -34.52 -98.07 2.07
N ALA B 349 -35.00 -99.16 1.46
CA ALA B 349 -36.44 -99.38 1.37
C ALA B 349 -37.07 -99.47 2.75
N SER B 350 -36.39 -100.16 3.67
CA SER B 350 -36.89 -100.20 5.05
C SER B 350 -36.84 -98.82 5.69
N PHE B 351 -35.82 -98.04 5.39
CA PHE B 351 -35.65 -96.74 6.00
C PHE B 351 -36.74 -95.77 5.53
N VAL B 352 -36.99 -95.72 4.21
CA VAL B 352 -38.01 -94.81 3.71
C VAL B 352 -39.39 -95.25 4.19
N LYS B 353 -39.62 -96.55 4.36
CA LYS B 353 -40.92 -96.98 4.87
C LYS B 353 -41.10 -96.52 6.31
N GLU B 354 -40.05 -96.70 7.12
CA GLU B 354 -40.13 -96.28 8.52
C GLU B 354 -40.36 -94.78 8.63
N ARG B 355 -39.66 -93.98 7.80
CA ARG B 355 -39.85 -92.54 7.87
C ARG B 355 -41.25 -92.17 7.42
N SER B 356 -41.77 -92.87 6.41
CA SER B 356 -43.15 -92.61 5.98
C SER B 356 -44.15 -93.02 7.06
N ASP B 357 -43.82 -94.03 7.86
CA ASP B 357 -44.66 -94.40 9.00
C ASP B 357 -44.65 -93.32 10.08
N ALA B 358 -43.53 -92.62 10.23
CA ALA B 358 -43.37 -91.61 11.27
C ALA B 358 -43.90 -90.24 10.84
N GLY B 359 -44.57 -90.15 9.69
CA GLY B 359 -45.10 -88.90 9.20
C GLY B 359 -44.16 -88.11 8.32
N GLU B 360 -43.08 -88.73 7.83
CA GLU B 360 -42.09 -88.07 6.98
C GLU B 360 -41.93 -88.92 5.72
N PRO B 361 -42.80 -88.72 4.71
CA PRO B 361 -42.76 -89.59 3.54
C PRO B 361 -41.52 -89.37 2.69
N MET B 362 -40.97 -90.47 2.18
CA MET B 362 -39.70 -90.48 1.45
C MET B 362 -39.81 -91.52 0.35
N ARG B 363 -39.02 -91.30 -0.71
CA ARG B 363 -38.98 -92.21 -1.85
C ARG B 363 -37.53 -92.44 -2.23
N ALA B 364 -37.27 -93.60 -2.83
CA ALA B 364 -35.93 -93.98 -3.23
C ALA B 364 -35.89 -94.46 -4.67
N ILE B 365 -34.77 -94.20 -5.32
CA ILE B 365 -34.48 -94.69 -6.67
C ILE B 365 -33.16 -95.45 -6.58
N VAL B 366 -33.12 -96.65 -7.15
CA VAL B 366 -31.97 -97.54 -7.04
C VAL B 366 -31.52 -98.00 -8.42
N GLY B 367 -30.30 -98.54 -8.48
CA GLY B 367 -29.81 -99.19 -9.67
C GLY B 367 -28.47 -99.84 -9.38
N GLY B 368 -27.94 -100.54 -10.37
CA GLY B 368 -26.58 -100.99 -10.24
C GLY B 368 -26.10 -101.72 -11.47
N GLY B 369 -24.89 -102.26 -11.38
CA GLY B 369 -24.30 -103.07 -12.44
C GLY B 369 -24.10 -102.31 -13.74
N PHE B 370 -23.30 -102.88 -14.64
CA PHE B 370 -23.07 -102.36 -15.99
C PHE B 370 -23.67 -103.33 -16.98
N ASN B 371 -24.67 -102.88 -17.75
CA ASN B 371 -25.28 -103.69 -18.80
C ASN B 371 -25.94 -104.94 -18.20
N GLU B 372 -26.86 -104.68 -17.26
CA GLU B 372 -27.54 -105.75 -16.57
C GLU B 372 -28.66 -106.31 -17.44
N SER B 373 -28.71 -107.62 -17.58
CA SER B 373 -29.70 -108.27 -18.43
C SER B 373 -31.09 -108.03 -17.85
N LYS B 374 -32.11 -108.32 -18.66
CA LYS B 374 -33.47 -108.08 -18.20
C LYS B 374 -33.84 -109.02 -17.05
N GLU B 375 -33.26 -110.21 -17.02
CA GLU B 375 -33.58 -111.17 -15.96
C GLU B 375 -33.18 -110.61 -14.60
N GLN B 376 -32.00 -110.00 -14.50
CA GLN B 376 -31.56 -109.42 -13.24
C GLN B 376 -32.49 -108.30 -12.80
N LEU B 377 -32.95 -107.48 -13.76
CA LEU B 377 -33.86 -106.39 -13.44
C LEU B 377 -35.19 -106.91 -12.93
N PHE B 378 -35.72 -107.96 -13.55
CA PHE B 378 -36.97 -108.55 -13.06
C PHE B 378 -36.77 -109.18 -11.69
N GLY B 379 -35.62 -109.81 -11.46
CA GLY B 379 -35.34 -110.37 -10.14
C GLY B 379 -35.26 -109.30 -9.07
N ARG B 380 -34.64 -108.17 -9.41
CA ARG B 380 -34.52 -107.05 -8.48
C ARG B 380 -35.89 -106.43 -8.21
N GLN B 381 -36.73 -106.33 -9.25
CA GLN B 381 -38.05 -105.75 -9.06
C GLN B 381 -38.93 -106.65 -8.22
N ALA B 382 -38.81 -107.97 -8.43
CA ALA B 382 -39.58 -108.91 -7.63
C ALA B 382 -39.10 -108.93 -6.18
N SER B 383 -37.80 -108.74 -5.96
CA SER B 383 -37.28 -108.75 -4.59
C SER B 383 -37.75 -107.55 -3.80
N LEU B 384 -37.81 -106.39 -4.44
CA LEU B 384 -38.21 -105.13 -3.81
C LEU B 384 -39.73 -105.05 -3.69
N SER B 385 -40.41 -105.00 -4.85
CA SER B 385 -41.87 -104.88 -4.95
C SER B 385 -42.45 -103.84 -4.00
N ASN B 386 -41.80 -102.66 -3.95
CA ASN B 386 -42.18 -101.58 -3.04
C ASN B 386 -42.77 -100.42 -3.84
N PRO B 387 -43.89 -99.81 -3.44
CA PRO B 387 -44.32 -98.59 -4.16
C PRO B 387 -43.29 -97.47 -4.08
N ARG B 388 -42.72 -97.24 -2.89
CA ARG B 388 -41.79 -96.13 -2.67
C ARG B 388 -40.36 -96.44 -3.11
N VAL B 389 -40.17 -97.35 -4.06
CA VAL B 389 -38.86 -97.63 -4.64
C VAL B 389 -39.03 -97.70 -6.15
N SER B 390 -38.06 -97.13 -6.88
CA SER B 390 -38.03 -97.19 -8.34
C SER B 390 -36.71 -97.77 -8.81
N LEU B 391 -36.76 -98.61 -9.84
CA LEU B 391 -35.59 -99.26 -10.38
C LEU B 391 -35.22 -98.64 -11.73
N VAL B 392 -33.92 -98.45 -11.94
CA VAL B 392 -33.39 -97.91 -13.19
C VAL B 392 -32.60 -99.02 -13.88
N ALA B 393 -32.85 -99.18 -15.18
CA ALA B 393 -32.24 -100.24 -15.98
C ALA B 393 -31.02 -99.78 -16.77
N ASN B 394 -31.07 -98.61 -17.40
CA ASN B 394 -30.00 -98.22 -18.32
C ASN B 394 -28.84 -97.59 -17.58
N SER B 395 -27.64 -97.89 -18.06
CA SER B 395 -26.40 -97.25 -17.60
C SER B 395 -25.67 -96.70 -18.81
N GLY B 396 -25.02 -95.56 -18.64
CA GLY B 396 -24.33 -94.92 -19.73
C GLY B 396 -23.21 -94.00 -19.28
N THR B 397 -23.02 -92.95 -20.05
CA THR B 397 -21.91 -92.02 -19.95
C THR B 397 -22.41 -90.59 -19.82
N PHE B 398 -21.64 -89.78 -19.10
CA PHE B 398 -21.95 -88.37 -18.86
C PHE B 398 -20.70 -87.54 -19.07
N VAL B 399 -20.88 -86.35 -19.64
CA VAL B 399 -19.81 -85.40 -19.93
C VAL B 399 -19.76 -84.45 -18.73
N MET B 400 -18.73 -84.60 -17.91
CA MET B 400 -18.59 -83.74 -16.74
C MET B 400 -18.21 -82.34 -17.20
N ASP B 401 -18.35 -81.36 -16.29
CA ASP B 401 -17.86 -80.02 -16.60
C ASP B 401 -16.33 -80.01 -16.66
N ASP B 402 -15.67 -80.89 -15.92
CA ASP B 402 -14.21 -80.97 -15.98
C ASP B 402 -13.71 -81.53 -17.31
N GLY B 403 -14.58 -82.10 -18.14
CA GLY B 403 -14.18 -82.69 -19.41
C GLY B 403 -14.09 -84.20 -19.41
N ARG B 404 -14.38 -84.86 -18.30
CA ARG B 404 -14.25 -86.30 -18.19
C ARG B 404 -15.45 -86.96 -18.85
N LYS B 405 -15.19 -87.92 -19.74
CA LYS B 405 -16.26 -88.72 -20.33
C LYS B 405 -16.54 -89.92 -19.41
N ASN B 406 -17.12 -89.61 -18.26
CA ASN B 406 -17.25 -90.58 -17.17
C ASN B 406 -18.28 -91.64 -17.54
N HIS B 407 -17.83 -92.88 -17.76
CA HIS B 407 -18.71 -94.03 -17.91
C HIS B 407 -19.06 -94.56 -16.52
N VAL B 408 -20.36 -94.58 -16.20
CA VAL B 408 -20.79 -94.79 -14.83
C VAL B 408 -21.80 -95.93 -14.82
N PRO B 409 -22.04 -96.58 -13.65
CA PRO B 409 -23.04 -97.65 -13.59
C PRO B 409 -24.46 -97.12 -13.69
N ALA B 410 -25.47 -97.85 -13.22
CA ALA B 410 -26.85 -97.39 -13.36
C ALA B 410 -27.32 -96.53 -12.18
N TYR B 411 -26.73 -96.66 -10.99
CA TYR B 411 -27.22 -95.87 -9.88
C TYR B 411 -26.88 -94.40 -10.05
N MET B 412 -25.80 -94.09 -10.78
CA MET B 412 -25.50 -92.69 -11.09
C MET B 412 -26.59 -92.09 -11.96
N VAL B 413 -27.16 -92.90 -12.86
CA VAL B 413 -28.32 -92.47 -13.63
C VAL B 413 -29.52 -92.32 -12.71
N ALA B 414 -29.64 -93.18 -11.70
CA ALA B 414 -30.74 -93.02 -10.75
C ALA B 414 -30.57 -91.77 -9.91
N VAL B 415 -29.32 -91.38 -9.62
CA VAL B 415 -29.08 -90.07 -9.03
C VAL B 415 -29.62 -88.98 -9.94
N ALA B 416 -29.24 -89.02 -11.21
CA ALA B 416 -29.66 -87.99 -12.15
C ALA B 416 -31.18 -87.92 -12.25
N LEU B 417 -31.84 -89.08 -12.27
CA LEU B 417 -33.29 -89.08 -12.33
C LEU B 417 -33.88 -88.50 -11.05
N GLY B 418 -33.29 -88.83 -9.89
CA GLY B 418 -33.77 -88.26 -8.65
C GLY B 418 -33.60 -86.75 -8.60
N GLY B 419 -32.45 -86.26 -9.08
CA GLY B 419 -32.23 -84.82 -9.10
C GLY B 419 -33.15 -84.09 -10.06
N LEU B 420 -33.57 -84.77 -11.14
CA LEU B 420 -34.54 -84.18 -12.04
C LEU B 420 -35.94 -84.21 -11.44
N ALA B 421 -36.28 -85.29 -10.73
CA ALA B 421 -37.59 -85.39 -10.11
C ALA B 421 -37.76 -84.33 -9.04
N SER B 422 -36.77 -84.21 -8.16
CA SER B 422 -36.79 -83.17 -7.13
C SER B 422 -36.84 -81.77 -7.74
N GLY B 423 -36.21 -81.59 -8.90
CA GLY B 423 -36.27 -80.29 -9.56
C GLY B 423 -37.66 -79.93 -10.03
N LEU B 424 -38.48 -80.93 -10.36
CA LEU B 424 -39.81 -80.67 -10.87
C LEU B 424 -40.73 -80.14 -9.76
N GLU B 425 -41.83 -79.52 -10.19
CA GLU B 425 -42.84 -79.04 -9.26
C GLU B 425 -43.52 -80.22 -8.57
N ILE B 426 -44.22 -79.92 -7.47
CA ILE B 426 -44.97 -80.96 -6.77
C ILE B 426 -46.05 -81.51 -7.69
N GLY B 427 -46.01 -82.83 -7.90
CA GLY B 427 -46.96 -83.56 -8.72
C GLY B 427 -46.73 -83.52 -10.22
N GLU B 428 -45.69 -82.83 -10.69
CA GLU B 428 -45.31 -82.89 -12.09
C GLU B 428 -44.53 -84.17 -12.35
N SER B 429 -44.65 -84.73 -13.55
CA SER B 429 -44.12 -86.06 -13.85
C SER B 429 -42.78 -85.95 -14.55
N ILE B 430 -41.94 -87.00 -14.40
CA ILE B 430 -40.67 -87.07 -15.13
C ILE B 430 -40.87 -87.75 -16.49
N THR B 431 -42.11 -87.91 -16.93
CA THR B 431 -42.37 -88.53 -18.23
C THR B 431 -41.85 -87.65 -19.37
N PHE B 432 -41.20 -88.29 -20.35
CA PHE B 432 -40.75 -87.66 -21.59
C PHE B 432 -39.89 -86.42 -21.35
N LYS B 433 -39.20 -86.33 -20.16
CA LYS B 433 -38.35 -85.17 -19.92
C LYS B 433 -36.94 -85.44 -20.44
N PRO B 434 -36.22 -84.44 -20.97
CA PRO B 434 -34.86 -84.71 -21.45
C PRO B 434 -33.90 -84.99 -20.31
N LEU B 435 -32.91 -85.85 -20.58
CA LEU B 435 -31.94 -86.28 -19.57
C LEU B 435 -30.52 -85.81 -19.85
N ARG B 436 -30.18 -85.54 -21.11
CA ARG B 436 -28.87 -85.05 -21.51
C ARG B 436 -27.76 -86.07 -21.26
N VAL B 437 -28.11 -87.36 -21.29
CA VAL B 437 -27.09 -88.40 -21.21
C VAL B 437 -26.33 -88.46 -22.53
N SER B 438 -25.00 -88.58 -22.45
CA SER B 438 -24.19 -88.61 -23.68
C SER B 438 -24.51 -89.87 -24.50
N SER B 439 -24.36 -91.05 -23.89
CA SER B 439 -24.62 -92.32 -24.57
C SER B 439 -25.07 -93.33 -23.53
N LEU B 440 -25.53 -94.48 -24.02
CA LEU B 440 -26.03 -95.57 -23.18
C LEU B 440 -25.41 -96.88 -23.63
N ASP B 441 -25.31 -97.82 -22.68
CA ASP B 441 -24.73 -99.12 -22.99
C ASP B 441 -25.66 -100.00 -23.82
N GLN B 442 -26.95 -99.69 -23.87
CA GLN B 442 -27.91 -100.43 -24.67
C GLN B 442 -28.92 -99.48 -25.30
N ILE B 443 -29.52 -99.96 -26.38
CA ILE B 443 -30.61 -99.27 -27.06
C ILE B 443 -31.75 -100.28 -27.14
N TYR B 444 -32.69 -100.18 -26.21
CA TYR B 444 -33.81 -101.12 -26.16
C TYR B 444 -34.85 -100.78 -27.22
N GLU B 445 -35.44 -101.84 -27.79
CA GLU B 445 -36.44 -101.73 -28.83
C GLU B 445 -37.82 -101.48 -28.22
N SER B 446 -38.79 -101.18 -29.11
CA SER B 446 -40.15 -100.86 -28.68
C SER B 446 -40.83 -102.04 -27.97
N ILE B 447 -40.36 -103.27 -28.19
CA ILE B 447 -40.88 -104.41 -27.43
C ILE B 447 -40.17 -104.52 -26.09
N ASP B 448 -38.85 -104.26 -26.06
CA ASP B 448 -38.12 -104.34 -24.81
C ASP B 448 -38.57 -103.26 -23.85
N LEU B 449 -38.85 -102.06 -24.37
CA LEU B 449 -39.36 -100.99 -23.52
C LEU B 449 -40.72 -101.36 -22.95
N ASP B 450 -41.60 -101.91 -23.80
CA ASP B 450 -42.92 -102.34 -23.35
C ASP B 450 -42.83 -103.43 -22.29
N GLU B 451 -41.84 -104.31 -22.39
CA GLU B 451 -41.67 -105.34 -21.37
C GLU B 451 -41.15 -104.74 -20.07
N LEU B 452 -40.18 -103.83 -20.16
CA LEU B 452 -39.67 -103.20 -18.96
C LEU B 452 -40.73 -102.37 -18.24
N ASN B 453 -41.55 -101.64 -18.99
CA ASN B 453 -42.59 -100.83 -18.34
C ASN B 453 -43.68 -101.71 -17.74
N GLU B 454 -44.01 -102.81 -18.42
CA GLU B 454 -45.01 -103.71 -17.87
C GLU B 454 -44.51 -104.40 -16.60
N ASN B 455 -43.19 -104.53 -16.45
CA ASN B 455 -42.58 -105.06 -15.24
C ASN B 455 -42.23 -103.96 -14.23
N GLY B 456 -42.77 -102.76 -14.40
CA GLY B 456 -42.51 -101.68 -13.47
C GLY B 456 -41.05 -101.30 -13.36
N ILE B 457 -40.39 -101.13 -14.50
CA ILE B 457 -38.97 -100.76 -14.57
C ILE B 457 -38.87 -99.49 -15.40
N ILE B 458 -38.12 -98.51 -14.90
CA ILE B 458 -37.86 -97.29 -15.65
C ILE B 458 -36.80 -97.57 -16.70
N SER B 459 -36.96 -96.96 -17.87
CA SER B 459 -36.03 -97.17 -18.97
C SER B 459 -35.95 -95.89 -19.80
N ILE B 460 -34.87 -95.77 -20.56
CA ILE B 460 -34.61 -94.61 -21.41
C ILE B 460 -34.49 -95.12 -22.84
N GLU B 461 -35.13 -94.40 -23.77
CA GLU B 461 -35.19 -94.79 -25.17
C GLU B 461 -34.43 -93.77 -26.00
N PHE B 462 -33.60 -94.27 -26.91
CA PHE B 462 -32.89 -93.40 -27.85
C PHE B 462 -33.89 -92.70 -28.75
N VAL B 463 -33.64 -91.42 -29.01
CA VAL B 463 -34.50 -90.61 -29.87
C VAL B 463 -33.64 -89.64 -30.66
N ARG B 464 -34.02 -89.43 -31.92
CA ARG B 464 -33.21 -88.67 -32.87
C ARG B 464 -33.70 -87.23 -33.04
N ASN B 465 -32.74 -86.30 -33.12
CA ASN B 465 -32.94 -84.97 -33.71
C ASN B 465 -33.97 -84.13 -32.95
N ARG B 466 -34.19 -84.41 -31.67
CA ARG B 466 -35.03 -83.55 -30.85
C ARG B 466 -34.27 -82.30 -30.45
N THR B 467 -35.02 -81.25 -30.09
CA THR B 467 -34.39 -79.94 -29.90
C THR B 467 -33.44 -79.94 -28.72
N ASN B 468 -33.83 -80.58 -27.61
CA ASN B 468 -33.00 -80.56 -26.41
C ASN B 468 -31.91 -81.62 -26.48
N THR B 469 -32.29 -82.89 -26.33
CA THR B 469 -31.33 -83.98 -26.16
C THR B 469 -31.71 -85.14 -27.06
N PHE B 470 -30.82 -86.14 -27.17
CA PHE B 470 -31.12 -87.33 -27.98
C PHE B 470 -31.75 -88.47 -27.16
N PHE B 471 -32.16 -88.20 -25.93
CA PHE B 471 -32.78 -89.20 -25.07
C PHE B 471 -33.94 -88.57 -24.29
N ARG B 472 -34.88 -89.42 -23.88
CA ARG B 472 -35.97 -88.99 -23.02
C ARG B 472 -36.36 -90.14 -22.09
N ILE B 473 -37.05 -89.78 -21.02
CA ILE B 473 -37.59 -90.76 -20.06
C ILE B 473 -38.93 -91.23 -20.58
N VAL B 474 -39.12 -92.55 -20.64
CA VAL B 474 -40.37 -93.08 -21.19
C VAL B 474 -41.50 -92.98 -20.18
N ASP B 475 -41.25 -93.29 -18.90
CA ASP B 475 -42.33 -93.39 -17.93
C ASP B 475 -41.79 -93.15 -16.52
N ASP B 476 -42.71 -92.78 -15.60
CA ASP B 476 -42.34 -92.63 -14.20
C ASP B 476 -42.96 -93.72 -13.33
N VAL B 477 -42.82 -94.96 -13.76
CA VAL B 477 -43.43 -96.10 -13.09
C VAL B 477 -42.61 -96.51 -11.87
N THR B 478 -43.25 -97.13 -10.89
CA THR B 478 -42.62 -97.66 -9.68
C THR B 478 -42.49 -99.18 -9.77
N THR B 479 -41.79 -99.76 -8.78
CA THR B 479 -41.61 -101.21 -8.76
C THR B 479 -42.91 -101.95 -8.50
N PHE B 480 -43.81 -101.36 -7.71
CA PHE B 480 -45.13 -101.94 -7.51
C PHE B 480 -45.85 -102.02 -8.85
N ASN B 481 -46.16 -103.24 -9.31
CA ASN B 481 -46.63 -103.46 -10.67
C ASN B 481 -48.16 -103.47 -10.78
N ASP B 482 -48.88 -102.94 -9.79
CA ASP B 482 -50.34 -102.87 -9.85
C ASP B 482 -50.70 -101.58 -10.58
N LYS B 483 -50.78 -101.68 -11.91
CA LYS B 483 -51.07 -100.49 -12.70
C LYS B 483 -52.49 -99.98 -12.48
N SER B 484 -53.39 -100.84 -11.98
CA SER B 484 -54.74 -100.39 -11.67
C SER B 484 -54.72 -99.34 -10.56
N ASP B 485 -53.82 -99.48 -9.58
CA ASP B 485 -53.71 -98.51 -8.49
C ASP B 485 -52.84 -97.33 -8.95
N PRO B 486 -53.40 -96.13 -9.18
CA PRO B 486 -52.56 -95.04 -9.71
C PRO B 486 -51.65 -94.42 -8.67
N VAL B 487 -52.00 -94.47 -7.38
CA VAL B 487 -51.15 -93.87 -6.36
C VAL B 487 -49.84 -94.66 -6.26
N LYS B 488 -49.95 -95.98 -6.06
CA LYS B 488 -48.75 -96.78 -5.85
C LYS B 488 -47.93 -96.88 -7.13
N ALA B 489 -48.59 -97.00 -8.29
CA ALA B 489 -47.84 -97.29 -9.51
C ALA B 489 -47.07 -96.07 -10.00
N GLU B 490 -47.71 -94.90 -10.06
CA GLU B 490 -47.11 -93.71 -10.65
C GLU B 490 -46.37 -92.92 -9.57
N MET B 491 -45.11 -92.54 -9.86
CA MET B 491 -44.35 -91.74 -8.91
C MET B 491 -45.00 -90.37 -8.69
N ALA B 492 -45.44 -89.72 -9.77
CA ALA B 492 -46.00 -88.38 -9.66
C ALA B 492 -47.25 -88.36 -8.79
N VAL B 493 -48.18 -89.29 -9.04
CA VAL B 493 -49.47 -89.24 -8.34
C VAL B 493 -49.27 -89.39 -6.83
N GLY B 494 -48.44 -90.33 -6.42
CA GLY B 494 -48.21 -90.52 -5.00
C GLY B 494 -47.44 -89.39 -4.36
N GLU B 495 -46.53 -88.76 -5.11
CA GLU B 495 -45.81 -87.61 -4.59
C GLU B 495 -46.77 -86.45 -4.34
N ALA B 496 -47.73 -86.24 -5.23
CA ALA B 496 -48.72 -85.18 -5.04
C ALA B 496 -49.52 -85.42 -3.76
N ASN B 497 -49.99 -86.65 -3.57
CA ASN B 497 -50.72 -87.03 -2.36
C ASN B 497 -49.88 -86.86 -1.11
N ASP B 498 -48.60 -87.26 -1.15
CA ASP B 498 -47.79 -87.16 0.05
C ASP B 498 -47.51 -85.70 0.41
N PHE B 499 -47.20 -84.87 -0.58
CA PHE B 499 -46.91 -83.47 -0.29
C PHE B 499 -48.18 -82.74 0.15
N LEU B 500 -49.33 -83.10 -0.44
CA LEU B 500 -50.58 -82.49 0.00
C LEU B 500 -50.86 -82.82 1.46
N VAL B 501 -50.70 -84.08 1.86
CA VAL B 501 -51.00 -84.46 3.24
C VAL B 501 -50.00 -83.81 4.20
N SER B 502 -48.71 -83.86 3.88
CA SER B 502 -47.70 -83.30 4.77
C SER B 502 -47.90 -81.80 4.97
N GLU B 503 -48.22 -81.07 3.89
CA GLU B 503 -48.40 -79.63 4.03
C GLU B 503 -49.65 -79.31 4.81
N LEU B 504 -50.72 -80.08 4.60
CA LEU B 504 -51.94 -79.88 5.39
C LEU B 504 -51.67 -80.14 6.86
N LYS B 505 -50.93 -81.22 7.16
CA LYS B 505 -50.65 -81.57 8.55
C LYS B 505 -49.81 -80.49 9.23
N VAL B 506 -48.73 -80.06 8.58
CA VAL B 506 -47.85 -79.05 9.16
C VAL B 506 -48.61 -77.75 9.40
N GLN B 507 -49.39 -77.31 8.42
CA GLN B 507 -50.07 -76.04 8.55
C GLN B 507 -51.13 -76.06 9.64
N LEU B 508 -51.88 -77.17 9.74
CA LEU B 508 -52.89 -77.28 10.77
C LEU B 508 -52.24 -77.33 12.16
N GLU B 509 -51.09 -77.99 12.27
CA GLU B 509 -50.43 -78.03 13.57
C GLU B 509 -49.90 -76.66 13.96
N ASP B 510 -49.16 -76.01 13.05
CA ASP B 510 -48.64 -74.68 13.28
C ASP B 510 -49.73 -73.68 13.63
N GLN B 511 -50.86 -73.71 12.91
CA GLN B 511 -51.82 -72.62 13.01
C GLN B 511 -52.67 -72.72 14.28
N PHE B 512 -53.52 -73.75 14.37
CA PHE B 512 -54.63 -73.75 15.31
C PHE B 512 -54.37 -74.52 16.60
N ILE B 513 -53.49 -75.53 16.58
CA ILE B 513 -53.23 -76.27 17.81
C ILE B 513 -52.52 -75.36 18.80
N GLY B 514 -52.98 -75.39 20.06
CA GLY B 514 -52.43 -74.55 21.10
C GLY B 514 -53.04 -73.17 21.19
N THR B 515 -53.97 -72.81 20.33
CA THR B 515 -54.60 -71.50 20.32
C THR B 515 -55.88 -71.56 21.15
N ARG B 516 -56.75 -70.55 21.01
CA ARG B 516 -58.01 -70.46 21.74
C ARG B 516 -59.16 -71.01 20.90
N THR B 517 -60.24 -71.42 21.57
CA THR B 517 -61.47 -71.87 20.91
C THR B 517 -62.57 -70.84 21.15
N ILE B 518 -62.91 -70.08 20.10
CA ILE B 518 -63.93 -69.04 20.19
C ILE B 518 -64.97 -69.27 19.10
N ASN B 519 -65.99 -68.39 19.06
CA ASN B 519 -67.07 -68.55 18.08
C ASN B 519 -66.56 -68.47 16.65
N THR B 520 -65.65 -67.54 16.39
CA THR B 520 -65.11 -67.35 15.05
C THR B 520 -64.12 -68.42 14.64
N SER B 521 -63.73 -69.32 15.54
CA SER B 521 -62.68 -70.29 15.20
C SER B 521 -63.11 -71.18 14.04
N ALA B 522 -64.34 -71.68 14.07
CA ALA B 522 -64.78 -72.61 13.04
C ALA B 522 -64.81 -71.94 11.66
N SER B 523 -65.52 -70.82 11.54
CA SER B 523 -65.46 -70.02 10.32
C SER B 523 -64.02 -69.72 9.89
N ILE B 524 -63.16 -69.35 10.85
CA ILE B 524 -61.77 -69.05 10.49
C ILE B 524 -61.11 -70.30 9.94
N ILE B 525 -61.33 -71.45 10.58
CA ILE B 525 -60.73 -72.70 10.10
C ILE B 525 -61.20 -72.98 8.67
N LYS B 526 -62.49 -72.86 8.42
CA LYS B 526 -63.02 -73.09 7.09
C LYS B 526 -62.42 -72.11 6.08
N ASP B 527 -62.30 -70.83 6.44
CA ASP B 527 -61.71 -69.86 5.53
C ASP B 527 -60.25 -70.20 5.23
N PHE B 528 -59.49 -70.57 6.27
CA PHE B 528 -58.09 -70.89 6.06
C PHE B 528 -57.93 -72.11 5.16
N ILE B 529 -58.80 -73.10 5.31
CA ILE B 529 -58.71 -74.29 4.48
C ILE B 529 -59.05 -73.94 3.03
N GLN B 530 -60.18 -73.27 2.84
CA GLN B 530 -60.58 -72.83 1.50
C GLN B 530 -59.49 -72.00 0.83
N SER B 531 -58.83 -71.12 1.59
CA SER B 531 -57.73 -70.35 1.02
C SER B 531 -56.58 -71.26 0.60
N TYR B 532 -56.26 -72.24 1.44
CA TYR B 532 -55.22 -73.20 1.11
C TYR B 532 -55.59 -73.98 -0.14
N LEU B 533 -56.84 -74.43 -0.22
CA LEU B 533 -57.26 -75.21 -1.38
C LEU B 533 -57.31 -74.35 -2.64
N GLY B 534 -57.66 -73.07 -2.51
CA GLY B 534 -57.59 -72.18 -3.66
C GLY B 534 -56.17 -71.88 -4.08
N ARG B 535 -55.25 -71.80 -3.11
CA ARG B 535 -53.84 -71.65 -3.45
C ARG B 535 -53.33 -72.85 -4.24
N LYS B 536 -53.67 -74.06 -3.77
CA LYS B 536 -53.25 -75.29 -4.43
C LYS B 536 -53.79 -75.36 -5.85
N LYS B 537 -55.06 -74.97 -6.03
CA LYS B 537 -55.64 -74.94 -7.36
C LYS B 537 -54.92 -73.92 -8.24
N ARG B 538 -54.64 -72.73 -7.70
CA ARG B 538 -53.97 -71.69 -8.48
C ARG B 538 -52.60 -72.15 -8.93
N ASP B 539 -51.90 -72.93 -8.12
CA ASP B 539 -50.58 -73.43 -8.49
C ASP B 539 -50.65 -74.66 -9.43
N ASN B 540 -51.84 -75.07 -9.89
CA ASN B 540 -52.07 -76.31 -10.64
C ASN B 540 -51.64 -77.57 -9.89
N GLU B 541 -51.58 -77.54 -8.57
CA GLU B 541 -51.19 -78.72 -7.81
C GLU B 541 -52.36 -79.68 -7.54
N ILE B 542 -53.60 -79.28 -7.83
CA ILE B 542 -54.77 -80.15 -7.83
C ILE B 542 -55.59 -79.78 -9.06
N GLN B 543 -56.58 -80.61 -9.39
CA GLN B 543 -57.47 -80.24 -10.50
C GLN B 543 -58.53 -79.25 -10.03
N ASP B 544 -59.33 -79.62 -9.03
CA ASP B 544 -60.38 -78.74 -8.53
C ASP B 544 -60.88 -79.27 -7.18
N PHE B 545 -61.63 -78.40 -6.47
CA PHE B 545 -62.24 -78.80 -5.20
C PHE B 545 -63.59 -78.09 -5.06
N PRO B 546 -64.65 -78.78 -4.62
CA PRO B 546 -65.91 -78.06 -4.32
C PRO B 546 -65.82 -77.35 -2.97
N ALA B 547 -66.12 -76.04 -2.96
CA ALA B 547 -65.95 -75.28 -1.73
C ALA B 547 -67.02 -75.61 -0.70
N GLU B 548 -68.24 -75.91 -1.13
CA GLU B 548 -69.32 -76.16 -0.19
C GLU B 548 -69.09 -77.43 0.61
N ASP B 549 -68.37 -78.41 0.05
CA ASP B 549 -68.21 -79.68 0.76
C ASP B 549 -67.36 -79.55 2.02
N VAL B 550 -66.54 -78.50 2.12
CA VAL B 550 -65.71 -78.28 3.30
C VAL B 550 -66.65 -78.04 4.49
N GLN B 551 -66.54 -78.90 5.51
CA GLN B 551 -67.28 -78.76 6.75
C GLN B 551 -66.34 -78.77 7.95
N VAL B 552 -66.73 -78.03 8.98
CA VAL B 552 -65.96 -77.90 10.21
C VAL B 552 -66.94 -78.05 11.37
N ILE B 553 -66.52 -78.81 12.38
CA ILE B 553 -67.28 -78.99 13.61
C ILE B 553 -66.28 -78.84 14.76
N VAL B 554 -66.65 -78.08 15.78
CA VAL B 554 -65.80 -77.82 16.94
C VAL B 554 -66.59 -78.24 18.17
N GLU B 555 -65.95 -79.02 19.02
CA GLU B 555 -66.54 -79.50 20.28
C GLU B 555 -65.41 -79.73 21.28
N GLY B 556 -65.25 -78.80 22.22
CA GLY B 556 -64.22 -78.96 23.23
C GLY B 556 -62.82 -78.94 22.65
N ASN B 557 -62.05 -80.01 22.85
CA ASN B 557 -60.69 -80.05 22.31
C ASN B 557 -60.71 -80.33 20.81
N GLU B 558 -61.54 -81.26 20.38
CA GLU B 558 -61.49 -81.76 19.03
C GLU B 558 -61.95 -80.71 18.03
N ALA B 559 -61.54 -80.92 16.77
CA ALA B 559 -62.03 -80.13 15.64
C ALA B 559 -62.18 -81.08 14.46
N ARG B 560 -63.41 -81.52 14.20
CA ARG B 560 -63.68 -82.50 13.15
C ARG B 560 -63.90 -81.78 11.83
N ILE B 561 -63.17 -82.23 10.80
CA ILE B 561 -63.15 -81.57 9.49
C ILE B 561 -63.35 -82.61 8.40
N SER B 562 -63.90 -82.19 7.27
CA SER B 562 -64.09 -83.07 6.11
C SER B 562 -64.12 -82.23 4.84
N MET B 563 -63.63 -82.81 3.75
CA MET B 563 -63.49 -82.11 2.48
C MET B 563 -63.35 -83.10 1.33
N THR B 564 -63.52 -82.59 0.11
CA THR B 564 -63.41 -83.36 -1.14
C THR B 564 -62.48 -82.63 -2.10
N VAL B 565 -61.72 -83.39 -2.90
CA VAL B 565 -60.73 -82.88 -3.84
C VAL B 565 -60.75 -83.75 -5.10
N TYR B 566 -60.50 -83.12 -6.26
CA TYR B 566 -60.23 -83.84 -7.51
C TYR B 566 -58.72 -83.77 -7.71
N PRO B 567 -57.98 -84.89 -7.70
CA PRO B 567 -56.52 -84.82 -7.65
C PRO B 567 -55.87 -84.61 -9.02
N ILE B 568 -54.59 -84.22 -8.96
CA ILE B 568 -53.82 -83.85 -10.15
C ILE B 568 -53.40 -85.09 -10.93
N ARG B 569 -53.29 -84.95 -12.25
CA ARG B 569 -52.78 -85.98 -13.14
C ARG B 569 -52.03 -85.30 -14.29
N SER B 570 -51.12 -86.04 -14.91
CA SER B 570 -50.46 -85.61 -16.14
C SER B 570 -50.79 -86.60 -17.26
N PHE B 571 -51.02 -86.07 -18.47
CA PHE B 571 -51.53 -86.89 -19.57
C PHE B 571 -50.57 -88.02 -19.90
N LYS B 572 -51.14 -89.19 -20.21
CA LYS B 572 -50.37 -90.33 -20.70
C LYS B 572 -50.91 -90.94 -21.99
N LYS B 573 -52.06 -90.50 -22.49
CA LYS B 573 -52.45 -90.76 -23.86
C LYS B 573 -53.16 -89.54 -24.42
N ILE B 574 -52.82 -89.20 -25.66
CA ILE B 574 -53.38 -88.04 -26.36
C ILE B 574 -53.88 -88.57 -27.71
N SER B 575 -55.19 -88.45 -27.95
CA SER B 575 -55.84 -88.94 -29.15
C SER B 575 -56.40 -87.77 -29.96
N VAL B 576 -56.33 -87.90 -31.28
CA VAL B 576 -56.74 -86.87 -32.23
C VAL B 576 -57.35 -87.56 -33.44
N SER B 577 -58.64 -87.28 -33.73
CA SER B 577 -59.29 -87.79 -34.93
C SER B 577 -59.63 -86.66 -35.90
N LEU B 578 -59.55 -86.95 -37.20
CA LEU B 578 -59.75 -85.96 -38.24
C LEU B 578 -60.93 -86.38 -39.11
N VAL B 579 -61.62 -85.41 -39.69
CA VAL B 579 -62.74 -85.64 -40.59
C VAL B 579 -62.52 -84.82 -41.86
N TYR B 580 -62.62 -85.46 -43.01
CA TYR B 580 -62.41 -84.79 -44.29
C TYR B 580 -63.75 -84.51 -44.96
N LYS B 581 -63.86 -83.34 -45.59
CA LYS B 581 -65.09 -82.92 -46.23
C LYS B 581 -64.74 -82.11 -47.45
N GLN B 582 -65.66 -82.06 -48.42
CA GLN B 582 -65.45 -81.29 -49.64
C GLN B 582 -66.75 -80.62 -50.05
N GLN B 583 -66.62 -79.63 -50.92
CA GLN B 583 -67.73 -78.95 -51.58
C GLN B 583 -67.61 -79.19 -53.08
N THR B 584 -68.74 -79.39 -53.74
CA THR B 584 -68.76 -79.56 -55.20
C THR B 584 -69.07 -78.24 -55.90
N VAL C 3 -61.98 -37.40 41.10
CA VAL C 3 -63.38 -36.91 41.37
C VAL C 3 -63.35 -35.69 42.29
N GLU C 4 -62.36 -34.81 42.09
CA GLU C 4 -62.19 -33.63 42.91
C GLU C 4 -62.99 -32.47 42.31
N PRO C 5 -63.89 -31.82 43.05
CA PRO C 5 -64.40 -30.54 42.57
C PRO C 5 -63.25 -29.56 42.36
N PHE C 6 -63.38 -28.69 41.36
CA PHE C 6 -62.26 -27.85 40.97
C PHE C 6 -61.87 -26.87 42.07
N PRO C 7 -62.79 -26.12 42.68
CA PRO C 7 -62.52 -25.62 44.04
C PRO C 7 -62.66 -26.79 45.01
N ARG C 8 -61.56 -27.14 45.67
CA ARG C 8 -61.53 -28.33 46.53
C ARG C 8 -62.51 -28.17 47.69
N ARG C 9 -62.56 -26.98 48.30
CA ARG C 9 -63.54 -26.69 49.35
C ARG C 9 -64.75 -26.00 48.74
N PRO C 10 -65.99 -26.49 48.90
CA PRO C 10 -67.13 -25.79 48.29
C PRO C 10 -67.44 -24.49 49.00
N ILE C 11 -67.88 -23.51 48.22
CA ILE C 11 -68.14 -22.15 48.71
C ILE C 11 -69.63 -21.87 48.58
N THR C 12 -70.12 -20.96 49.41
CA THR C 12 -71.53 -20.60 49.41
C THR C 12 -71.89 -19.55 48.36
N ARG C 13 -70.90 -18.85 47.81
CA ARG C 13 -71.18 -17.73 46.93
C ARG C 13 -71.68 -18.22 45.57
N PRO C 14 -72.22 -17.34 44.72
CA PRO C 14 -72.57 -17.77 43.37
C PRO C 14 -71.30 -18.10 42.59
N HIS C 15 -71.20 -19.35 42.14
CA HIS C 15 -69.98 -19.84 41.52
C HIS C 15 -70.32 -21.03 40.63
N ALA C 16 -69.36 -21.39 39.77
CA ALA C 16 -69.44 -22.59 38.96
C ALA C 16 -68.54 -23.65 39.54
N SER C 17 -69.06 -24.87 39.69
CA SER C 17 -68.36 -25.96 40.36
C SER C 17 -68.24 -27.11 39.38
N ILE C 18 -67.03 -27.63 39.22
CA ILE C 18 -66.71 -28.60 38.18
C ILE C 18 -66.05 -29.81 38.84
N GLU C 19 -66.68 -30.97 38.70
CA GLU C 19 -66.13 -32.26 39.14
C GLU C 19 -65.91 -33.13 37.91
N VAL C 20 -64.72 -33.72 37.83
CA VAL C 20 -64.25 -34.38 36.61
C VAL C 20 -63.81 -35.80 36.95
N ASP C 21 -64.24 -36.76 36.13
CA ASP C 21 -63.80 -38.15 36.28
C ASP C 21 -62.38 -38.24 35.75
N THR C 22 -61.42 -37.98 36.65
CA THR C 22 -60.01 -37.97 36.24
C THR C 22 -59.56 -39.35 35.76
N SER C 23 -60.13 -40.41 36.32
CA SER C 23 -59.71 -41.77 36.00
C SER C 23 -60.43 -42.36 34.80
N GLY C 24 -61.23 -41.56 34.08
CA GLY C 24 -61.86 -42.05 32.87
C GLY C 24 -61.00 -41.96 31.63
N ILE C 25 -59.96 -41.11 31.67
CA ILE C 25 -59.03 -41.04 30.55
C ILE C 25 -58.27 -42.36 30.41
N GLY C 26 -57.81 -42.94 31.51
CA GLY C 26 -57.16 -44.23 31.49
C GLY C 26 -58.13 -45.36 31.17
N SER C 32 -56.33 -59.61 34.82
CA SER C 32 -55.37 -58.76 35.53
C SER C 32 -53.95 -58.95 35.01
N GLU C 33 -52.98 -58.34 35.71
CA GLU C 33 -51.59 -58.38 35.28
C GLU C 33 -51.01 -59.79 35.33
N LYS C 34 -51.50 -60.63 36.25
CA LYS C 34 -51.02 -61.99 36.42
C LYS C 34 -49.53 -61.99 36.79
N VAL C 35 -49.28 -61.49 38.00
CA VAL C 35 -47.91 -61.27 38.45
C VAL C 35 -47.21 -62.61 38.65
N PHE C 36 -45.90 -62.62 38.42
CA PHE C 36 -45.04 -63.79 38.54
C PHE C 36 -44.11 -63.59 39.73
N CYS C 37 -43.73 -64.69 40.38
CA CYS C 37 -42.94 -64.66 41.59
C CYS C 37 -41.74 -65.60 41.44
N LEU C 38 -40.69 -65.30 42.21
CA LEU C 38 -39.48 -66.11 42.23
C LEU C 38 -38.84 -66.04 43.61
N ILE C 39 -38.38 -67.20 44.09
CA ILE C 39 -37.67 -67.29 45.36
C ILE C 39 -36.41 -68.11 45.12
N GLY C 40 -35.30 -67.67 45.71
CA GLY C 40 -34.06 -68.42 45.54
C GLY C 40 -32.90 -67.69 46.19
N GLN C 41 -31.74 -68.32 46.06
CA GLN C 41 -30.49 -67.76 46.58
C GLN C 41 -30.13 -66.49 45.82
N ALA C 42 -29.56 -65.53 46.54
CA ALA C 42 -29.10 -64.28 45.95
C ALA C 42 -27.97 -63.74 46.78
N GLU C 43 -27.20 -62.82 46.19
CA GLU C 43 -26.03 -62.22 46.82
C GLU C 43 -26.28 -60.77 47.23
N GLY C 44 -27.52 -60.44 47.56
CA GLY C 44 -27.90 -59.04 47.65
C GLY C 44 -29.35 -58.88 48.03
N GLY C 45 -29.66 -57.93 48.90
CA GLY C 45 -31.02 -57.67 49.33
C GLY C 45 -31.23 -58.09 50.78
N GLU C 46 -32.40 -57.70 51.30
CA GLU C 46 -32.74 -58.06 52.67
C GLU C 46 -33.07 -59.55 52.72
N PRO C 47 -32.95 -60.17 53.91
CA PRO C 47 -33.16 -61.63 53.98
C PRO C 47 -34.62 -62.06 54.00
N ASN C 48 -35.56 -61.14 54.23
CA ASN C 48 -36.98 -61.46 54.35
C ASN C 48 -37.88 -60.58 53.50
N THR C 49 -37.46 -59.37 53.15
CA THR C 49 -38.30 -58.46 52.39
C THR C 49 -38.49 -58.95 50.97
N VAL C 50 -39.74 -58.92 50.52
CA VAL C 50 -40.11 -59.21 49.14
C VAL C 50 -40.04 -57.89 48.39
N TYR C 51 -39.37 -57.90 47.24
CA TYR C 51 -39.15 -56.70 46.46
C TYR C 51 -39.82 -56.82 45.10
N GLU C 52 -40.59 -55.81 44.72
CA GLU C 52 -41.14 -55.75 43.37
C GLU C 52 -40.02 -55.42 42.38
N LEU C 53 -40.08 -56.01 41.18
CA LEU C 53 -39.12 -55.74 40.13
C LEU C 53 -39.80 -55.30 38.85
N ARG C 54 -39.21 -54.31 38.20
CA ARG C 54 -39.69 -53.77 36.93
C ARG C 54 -38.65 -53.77 35.83
N ASN C 55 -37.39 -53.47 36.16
CA ASN C 55 -36.31 -53.35 35.20
C ASN C 55 -35.12 -54.19 35.65
N TYR C 56 -34.30 -54.59 34.67
CA TYR C 56 -33.10 -55.36 34.99
C TYR C 56 -32.08 -54.54 35.76
N SER C 57 -32.03 -53.22 35.54
CA SER C 57 -31.10 -52.40 36.31
C SER C 57 -31.49 -52.38 37.78
N GLN C 58 -32.79 -52.32 38.06
CA GLN C 58 -33.25 -52.38 39.45
C GLN C 58 -32.85 -53.70 40.10
N ALA C 59 -33.09 -54.81 39.41
CA ALA C 59 -32.72 -56.12 39.94
C ALA C 59 -31.23 -56.22 40.21
N LYS C 60 -30.40 -55.71 39.30
CA LYS C 60 -28.95 -55.85 39.47
C LYS C 60 -28.47 -54.96 40.61
N ARG C 61 -29.00 -53.75 40.73
CA ARG C 61 -28.61 -52.88 41.85
C ARG C 61 -29.14 -53.41 43.17
N LEU C 62 -30.28 -54.09 43.14
CA LEU C 62 -30.85 -54.70 44.34
C LEU C 62 -30.30 -56.10 44.56
N PHE C 63 -30.64 -57.02 43.65
CA PHE C 63 -30.11 -58.38 43.69
C PHE C 63 -28.77 -58.36 42.98
N ARG C 64 -27.69 -58.32 43.76
CA ARG C 64 -26.37 -58.03 43.20
C ARG C 64 -25.90 -59.15 42.29
N SER C 65 -26.05 -60.40 42.71
CA SER C 65 -25.60 -61.54 41.92
C SER C 65 -26.30 -62.79 42.43
N GLY C 66 -25.93 -63.92 41.85
CA GLY C 66 -26.44 -65.22 42.24
C GLY C 66 -27.35 -65.81 41.19
N GLU C 67 -27.97 -66.94 41.55
CA GLU C 67 -28.83 -67.63 40.60
C GLU C 67 -30.14 -66.88 40.40
N LEU C 68 -30.61 -66.17 41.43
CA LEU C 68 -31.86 -65.43 41.30
C LEU C 68 -31.79 -64.36 40.22
N LEU C 69 -30.66 -63.64 40.12
CA LEU C 69 -30.53 -62.63 39.08
C LEU C 69 -30.62 -63.25 37.69
N ASP C 70 -29.96 -64.39 37.49
CA ASP C 70 -30.05 -65.07 36.20
C ASP C 70 -31.47 -65.55 35.94
N ALA C 71 -32.11 -66.13 36.97
CA ALA C 71 -33.50 -66.55 36.85
C ALA C 71 -34.39 -65.40 36.38
N ILE C 72 -34.24 -64.22 37.00
CA ILE C 72 -35.05 -63.07 36.61
C ILE C 72 -34.80 -62.74 35.15
N GLU C 73 -33.53 -62.62 34.76
CA GLU C 73 -33.18 -62.31 33.38
C GLU C 73 -33.76 -63.35 32.42
N LEU C 74 -33.67 -64.63 32.78
CA LEU C 74 -34.26 -65.67 31.94
C LEU C 74 -35.77 -65.51 31.86
N ALA C 75 -36.41 -65.09 32.95
CA ALA C 75 -37.86 -64.97 32.95
C ALA C 75 -38.31 -63.81 32.07
N TRP C 76 -37.58 -62.68 32.11
CA TRP C 76 -37.91 -61.58 31.20
C TRP C 76 -37.56 -61.93 29.77
N GLY C 77 -36.49 -62.69 29.55
CA GLY C 77 -36.13 -63.05 28.18
C GLY C 77 -37.14 -63.97 27.53
N SER C 78 -37.65 -64.95 28.29
CA SER C 78 -38.68 -65.85 27.79
C SER C 78 -40.07 -65.21 27.77
N ASN C 79 -40.22 -63.99 28.31
CA ASN C 79 -41.48 -63.27 28.20
C ASN C 79 -41.81 -63.02 26.71
N PRO C 80 -43.08 -62.89 26.34
CA PRO C 80 -43.40 -62.54 24.94
C PRO C 80 -42.74 -61.24 24.52
N ASN C 81 -42.88 -60.95 23.22
CA ASN C 81 -42.01 -59.97 22.57
C ASN C 81 -42.18 -58.56 23.12
N TYR C 82 -43.33 -58.22 23.69
CA TYR C 82 -43.48 -56.87 24.23
C TYR C 82 -42.58 -56.66 25.46
N THR C 83 -42.39 -57.71 26.25
CA THR C 83 -41.44 -57.71 27.36
C THR C 83 -41.83 -56.67 28.42
N ALA C 84 -43.00 -56.86 28.99
CA ALA C 84 -43.49 -56.02 30.08
C ALA C 84 -44.13 -56.91 31.12
N GLY C 85 -44.05 -56.49 32.37
CA GLY C 85 -44.60 -57.25 33.47
C GLY C 85 -43.93 -56.90 34.77
N ARG C 86 -44.48 -57.46 35.85
CA ARG C 86 -43.97 -57.25 37.20
C ARG C 86 -43.53 -58.58 37.77
N ILE C 87 -42.42 -58.56 38.50
CA ILE C 87 -41.86 -59.76 39.13
C ILE C 87 -41.58 -59.41 40.59
N LEU C 88 -41.96 -60.32 41.49
CA LEU C 88 -41.68 -60.22 42.91
C LEU C 88 -40.62 -61.23 43.28
N ALA C 89 -39.58 -60.78 44.00
CA ALA C 89 -38.42 -61.59 44.28
C ALA C 89 -38.02 -61.43 45.74
N MET C 90 -37.40 -62.48 46.30
CA MET C 90 -36.98 -62.47 47.69
C MET C 90 -35.78 -63.39 47.83
N ARG C 91 -35.09 -63.24 48.96
CA ARG C 91 -33.85 -63.97 49.25
C ARG C 91 -34.09 -64.96 50.38
N ILE C 92 -33.73 -66.22 50.14
CA ILE C 92 -33.97 -67.25 51.15
C ILE C 92 -32.96 -67.16 52.29
N GLU C 93 -31.72 -66.79 52.00
CA GLU C 93 -30.68 -66.84 53.01
C GLU C 93 -30.86 -65.72 54.03
N ASP C 94 -30.54 -66.04 55.28
CA ASP C 94 -30.63 -65.09 56.39
C ASP C 94 -29.36 -64.24 56.47
N ALA C 95 -29.08 -63.53 55.38
CA ALA C 95 -27.87 -62.72 55.33
C ALA C 95 -27.96 -61.58 56.35
N LYS C 96 -26.78 -61.11 56.75
CA LYS C 96 -26.64 -60.01 57.69
C LYS C 96 -25.68 -58.98 57.12
N PRO C 97 -25.81 -57.71 57.49
CA PRO C 97 -24.95 -56.67 56.92
C PRO C 97 -23.59 -56.60 57.63
N ALA C 98 -22.66 -55.89 56.97
CA ALA C 98 -21.32 -55.69 57.49
C ALA C 98 -21.28 -54.39 58.28
N SER C 99 -20.69 -54.44 59.48
CA SER C 99 -20.67 -53.27 60.35
C SER C 99 -19.36 -53.26 61.13
N ALA C 100 -19.06 -52.12 61.73
CA ALA C 100 -17.90 -52.00 62.61
C ALA C 100 -18.17 -50.84 63.55
N GLU C 101 -17.26 -50.67 64.51
CA GLU C 101 -17.31 -49.59 65.49
C GLU C 101 -15.93 -48.97 65.68
N ILE C 102 -15.87 -47.65 65.57
CA ILE C 102 -14.63 -46.91 65.84
C ILE C 102 -15.01 -45.48 66.16
N GLY C 103 -14.29 -44.88 67.12
CA GLY C 103 -14.61 -43.52 67.49
C GLY C 103 -15.98 -43.44 68.12
N GLY C 104 -16.65 -42.31 67.87
CA GLY C 104 -17.97 -42.06 68.40
C GLY C 104 -19.06 -42.33 67.39
N LEU C 105 -18.80 -43.26 66.46
CA LEU C 105 -19.74 -43.61 65.41
C LEU C 105 -19.75 -45.12 65.22
N LYS C 106 -20.92 -45.64 64.84
CA LYS C 106 -21.10 -47.02 64.43
C LYS C 106 -21.40 -47.04 62.94
N ILE C 107 -20.57 -47.74 62.19
CA ILE C 107 -20.66 -47.82 60.73
C ILE C 107 -21.38 -49.11 60.38
N THR C 108 -22.38 -49.00 59.50
CA THR C 108 -23.18 -50.14 59.06
C THR C 108 -23.48 -49.99 57.58
N SER C 109 -23.39 -51.12 56.87
CA SER C 109 -23.62 -51.19 55.43
C SER C 109 -25.02 -51.73 55.14
N LYS C 110 -25.62 -51.28 54.05
CA LYS C 110 -26.97 -51.67 53.70
C LYS C 110 -27.03 -52.91 52.81
N ILE C 111 -25.88 -53.46 52.42
CA ILE C 111 -25.81 -54.70 51.66
C ILE C 111 -25.63 -55.83 52.66
N TYR C 112 -26.35 -56.92 52.44
CA TYR C 112 -26.32 -58.09 53.32
C TYR C 112 -25.59 -59.24 52.62
N GLY C 113 -24.60 -59.81 53.30
CA GLY C 113 -23.87 -60.97 52.84
C GLY C 113 -22.38 -60.78 53.04
N ASN C 114 -21.59 -61.68 52.43
CA ASN C 114 -20.13 -61.56 52.52
C ASN C 114 -19.59 -60.42 51.66
N VAL C 115 -20.33 -59.98 50.65
CA VAL C 115 -19.84 -58.93 49.76
C VAL C 115 -19.64 -57.63 50.52
N ALA C 116 -20.43 -57.39 51.57
CA ALA C 116 -20.38 -56.11 52.25
C ALA C 116 -19.05 -55.87 52.95
N ASN C 117 -18.25 -56.91 53.19
CA ASN C 117 -16.99 -56.73 53.91
C ASN C 117 -15.95 -55.91 53.16
N ASN C 118 -16.15 -55.61 51.87
CA ASN C 118 -15.19 -54.83 51.09
C ASN C 118 -15.42 -53.33 51.15
N ILE C 119 -16.07 -52.83 52.20
CA ILE C 119 -16.32 -51.39 52.36
C ILE C 119 -15.25 -50.84 53.28
N GLN C 120 -14.69 -49.68 52.91
CA GLN C 120 -13.74 -48.96 53.74
C GLN C 120 -14.24 -47.53 53.96
N VAL C 121 -14.06 -47.04 55.19
CA VAL C 121 -14.57 -45.74 55.62
C VAL C 121 -13.49 -45.09 56.46
N GLY C 122 -13.34 -43.77 56.32
CA GLY C 122 -12.41 -43.01 57.12
C GLY C 122 -12.82 -41.56 57.28
N LEU C 123 -12.53 -40.98 58.44
CA LEU C 123 -12.92 -39.62 58.78
C LEU C 123 -11.71 -38.73 59.04
N GLU C 124 -11.76 -37.50 58.52
CA GLU C 124 -10.71 -36.52 58.76
C GLU C 124 -11.34 -35.16 59.03
N LYS C 125 -10.66 -34.35 59.83
CA LYS C 125 -11.11 -33.01 60.19
C LYS C 125 -10.18 -32.02 59.50
N ASN C 126 -10.68 -31.36 58.47
CA ASN C 126 -9.94 -30.30 57.80
C ASN C 126 -10.00 -29.04 58.67
N THR C 127 -8.94 -28.86 59.48
CA THR C 127 -8.84 -27.70 60.35
C THR C 127 -8.71 -26.41 59.55
N LEU C 128 -8.20 -26.48 58.31
CA LEU C 128 -8.22 -25.31 57.44
C LEU C 128 -9.64 -24.78 57.26
N SER C 129 -10.57 -25.65 56.85
CA SER C 129 -11.96 -25.22 56.73
C SER C 129 -12.71 -25.22 58.05
N ASP C 130 -12.14 -25.83 59.10
CA ASP C 130 -12.80 -25.98 60.39
C ASP C 130 -14.09 -26.80 60.24
N SER C 131 -13.93 -28.01 59.72
CA SER C 131 -15.08 -28.89 59.52
C SER C 131 -14.60 -30.32 59.35
N LEU C 132 -15.53 -31.27 59.53
CA LEU C 132 -15.22 -32.68 59.34
C LEU C 132 -15.19 -33.03 57.85
N ARG C 133 -14.60 -34.19 57.55
CA ARG C 133 -14.48 -34.67 56.19
C ARG C 133 -14.58 -36.18 56.18
N LEU C 134 -15.46 -36.72 55.35
CA LEU C 134 -15.79 -38.14 55.32
C LEU C 134 -15.59 -38.70 53.93
N ARG C 135 -15.06 -39.91 53.85
CA ARG C 135 -14.82 -40.63 52.59
C ARG C 135 -15.29 -42.07 52.71
N VAL C 136 -16.00 -42.53 51.68
CA VAL C 136 -16.47 -43.90 51.57
C VAL C 136 -15.86 -44.47 50.30
N ILE C 137 -15.37 -45.71 50.39
CA ILE C 137 -14.73 -46.42 49.28
C ILE C 137 -15.29 -47.83 49.23
N PHE C 138 -15.77 -48.23 48.04
CA PHE C 138 -16.26 -49.57 47.78
C PHE C 138 -15.87 -49.91 46.34
N GLN C 139 -14.74 -50.61 46.18
CA GLN C 139 -14.12 -50.75 44.87
C GLN C 139 -14.82 -51.78 43.98
N ASP C 140 -15.80 -52.53 44.50
CA ASP C 140 -16.45 -53.54 43.67
C ASP C 140 -17.32 -52.91 42.58
N ASP C 141 -17.96 -51.78 42.89
CA ASP C 141 -18.71 -50.98 41.92
C ASP C 141 -17.92 -49.76 41.46
N ARG C 142 -16.61 -49.71 41.72
CA ARG C 142 -15.78 -48.55 41.45
C ARG C 142 -16.30 -47.32 42.20
N PHE C 143 -16.90 -47.53 43.38
CA PHE C 143 -17.51 -46.45 44.12
C PHE C 143 -16.45 -45.78 45.00
N ASN C 144 -16.40 -44.45 44.91
CA ASN C 144 -15.50 -43.66 45.74
C ASN C 144 -16.06 -42.25 45.77
N GLU C 145 -16.39 -41.74 46.96
CA GLU C 145 -16.93 -40.40 47.09
C GLU C 145 -16.37 -39.73 48.35
N VAL C 146 -16.32 -38.39 48.32
CA VAL C 146 -15.82 -37.59 49.44
C VAL C 146 -16.87 -36.55 49.81
N TYR C 147 -17.09 -36.40 51.11
CA TYR C 147 -17.99 -35.40 51.68
C TYR C 147 -17.16 -34.35 52.40
N ASP C 148 -17.33 -33.09 52.02
CA ASP C 148 -16.51 -31.98 52.49
C ASP C 148 -17.39 -30.90 53.10
N ASN C 149 -16.79 -30.10 53.99
CA ASN C 149 -17.51 -29.05 54.71
C ASN C 149 -18.66 -29.64 55.52
N ILE C 150 -18.37 -30.74 56.22
CA ILE C 150 -19.36 -31.38 57.06
C ILE C 150 -19.59 -30.49 58.26
N GLY C 151 -20.85 -30.13 58.51
CA GLY C 151 -21.16 -29.17 59.55
C GLY C 151 -21.10 -27.75 59.02
N ASN C 152 -20.85 -26.81 59.94
CA ASN C 152 -20.78 -25.39 59.62
C ASN C 152 -22.08 -24.93 58.92
N ILE C 153 -23.17 -24.99 59.68
CA ILE C 153 -24.49 -24.74 59.09
C ILE C 153 -24.64 -23.28 58.66
N PHE C 154 -24.18 -22.32 59.47
CA PHE C 154 -24.36 -20.91 59.13
C PHE C 154 -23.47 -20.05 60.01
N THR C 155 -23.08 -18.89 59.47
CA THR C 155 -22.21 -17.98 60.19
C THR C 155 -23.03 -17.00 61.03
N ILE C 156 -22.33 -16.31 61.94
CA ILE C 156 -22.92 -15.23 62.72
C ILE C 156 -21.83 -14.19 62.93
N LYS C 157 -22.09 -12.97 62.48
CA LYS C 157 -21.17 -11.85 62.65
C LYS C 157 -21.94 -10.65 63.19
N TYR C 158 -21.23 -9.80 63.95
CA TYR C 158 -21.80 -8.63 64.61
C TYR C 158 -20.96 -7.41 64.26
N LYS C 159 -21.65 -6.27 64.05
CA LYS C 159 -20.98 -5.02 63.68
C LYS C 159 -21.53 -3.81 64.41
N GLY C 160 -22.18 -3.99 65.57
CA GLY C 160 -22.75 -2.89 66.30
C GLY C 160 -21.73 -2.11 67.11
N GLU C 161 -22.22 -1.09 67.82
CA GLU C 161 -21.37 -0.19 68.58
C GLU C 161 -20.91 -0.75 69.91
N GLU C 162 -21.44 -1.89 70.36
CA GLU C 162 -21.03 -2.39 71.67
C GLU C 162 -19.58 -2.88 71.64
N ALA C 163 -19.00 -3.03 72.83
CA ALA C 163 -17.61 -3.44 72.91
C ALA C 163 -17.45 -4.90 72.50
N ASN C 164 -18.39 -5.76 72.90
CA ASN C 164 -18.33 -7.17 72.56
C ASN C 164 -19.75 -7.71 72.48
N ALA C 165 -19.93 -8.72 71.63
CA ALA C 165 -21.18 -9.45 71.47
C ALA C 165 -20.94 -10.94 71.54
N THR C 166 -21.85 -11.66 72.19
CA THR C 166 -21.72 -13.09 72.43
C THR C 166 -23.07 -13.77 72.27
N PHE C 167 -23.04 -15.11 72.30
CA PHE C 167 -24.26 -15.90 72.25
C PHE C 167 -23.94 -17.28 72.82
N SER C 168 -25.01 -18.05 73.07
CA SER C 168 -24.89 -19.41 73.58
C SER C 168 -26.04 -20.25 73.07
N VAL C 169 -25.83 -21.56 73.01
CA VAL C 169 -26.84 -22.52 72.59
C VAL C 169 -27.06 -23.45 73.78
N GLU C 170 -28.22 -23.38 74.39
CA GLU C 170 -28.56 -24.21 75.54
C GLU C 170 -29.17 -25.53 75.07
N HIS C 171 -28.89 -26.61 75.81
CA HIS C 171 -29.33 -27.95 75.46
C HIS C 171 -30.20 -28.51 76.56
N ASP C 172 -31.11 -29.41 76.19
CA ASP C 172 -31.88 -30.16 77.18
C ASP C 172 -31.01 -31.29 77.72
N GLU C 173 -30.77 -31.28 79.04
CA GLU C 173 -29.82 -32.21 79.62
C GLU C 173 -30.25 -33.66 79.48
N GLU C 174 -31.56 -33.92 79.40
CA GLU C 174 -32.04 -35.30 79.30
C GLU C 174 -31.64 -35.94 77.98
N THR C 175 -31.59 -35.16 76.90
CA THR C 175 -31.26 -35.70 75.58
C THR C 175 -30.20 -34.87 74.84
N GLN C 176 -29.66 -33.81 75.45
CA GLN C 176 -28.70 -32.94 74.79
C GLN C 176 -29.27 -32.32 73.52
N LYS C 177 -30.56 -31.99 73.54
CA LYS C 177 -31.24 -31.41 72.38
C LYS C 177 -31.28 -29.90 72.55
N ALA C 178 -30.70 -29.17 71.59
CA ALA C 178 -30.71 -27.71 71.59
C ALA C 178 -32.13 -27.19 71.77
N SER C 179 -32.30 -26.30 72.75
CA SER C 179 -33.61 -25.76 73.10
C SER C 179 -33.69 -24.24 73.01
N ARG C 180 -32.60 -23.53 73.29
CA ARG C 180 -32.60 -22.06 73.29
C ARG C 180 -31.29 -21.56 72.73
N LEU C 181 -31.36 -20.88 71.58
CA LEU C 181 -30.21 -20.17 71.02
C LEU C 181 -30.32 -18.72 71.46
N VAL C 182 -29.45 -18.28 72.36
CA VAL C 182 -29.63 -17.02 73.08
C VAL C 182 -28.54 -16.06 72.64
N LEU C 183 -28.97 -14.89 72.16
CA LEU C 183 -28.06 -13.81 71.81
C LEU C 183 -27.73 -13.02 73.07
N LYS C 184 -26.44 -12.86 73.36
CA LYS C 184 -25.95 -12.14 74.54
C LYS C 184 -25.02 -11.03 74.08
N VAL C 185 -25.57 -9.85 73.80
CA VAL C 185 -24.77 -8.72 73.37
C VAL C 185 -24.18 -8.07 74.62
N GLY C 186 -22.88 -7.82 74.59
CA GLY C 186 -22.18 -7.33 75.76
C GLY C 186 -21.98 -8.43 76.78
N ASP C 187 -22.77 -8.40 77.87
CA ASP C 187 -22.72 -9.45 78.88
C ASP C 187 -24.12 -9.73 79.43
N GLN C 188 -25.16 -9.48 78.65
CA GLN C 188 -26.54 -9.71 79.06
C GLN C 188 -27.32 -10.28 77.89
N GLU C 189 -28.32 -11.10 78.20
CA GLU C 189 -29.20 -11.65 77.18
C GLU C 189 -30.03 -10.56 76.52
N VAL C 190 -30.21 -10.68 75.21
CA VAL C 190 -31.03 -9.73 74.43
C VAL C 190 -32.23 -10.44 73.82
N LYS C 191 -32.06 -11.72 73.46
CA LYS C 191 -33.13 -12.44 72.79
C LYS C 191 -32.77 -13.92 72.74
N SER C 192 -33.80 -14.77 72.74
CA SER C 192 -33.60 -16.21 72.66
C SER C 192 -34.67 -16.81 71.75
N TYR C 193 -34.27 -17.80 70.96
CA TYR C 193 -35.16 -18.49 70.03
C TYR C 193 -35.52 -19.84 70.64
N ASP C 194 -36.82 -20.10 70.80
CA ASP C 194 -37.28 -21.35 71.41
C ASP C 194 -37.27 -22.45 70.36
N LEU C 195 -36.44 -23.47 70.58
CA LEU C 195 -36.20 -24.52 69.60
C LEU C 195 -37.03 -25.77 69.86
N THR C 196 -38.18 -25.63 70.52
CA THR C 196 -39.01 -26.76 70.91
C THR C 196 -40.31 -26.86 70.12
N GLY C 197 -40.63 -25.89 69.27
CA GLY C 197 -41.86 -25.93 68.52
C GLY C 197 -42.24 -24.59 67.92
N GLY C 198 -43.00 -24.62 66.82
CA GLY C 198 -43.48 -23.41 66.18
C GLY C 198 -42.69 -23.03 64.95
N ALA C 199 -42.47 -21.73 64.75
CA ALA C 199 -41.76 -21.26 63.56
C ALA C 199 -40.27 -21.55 63.61
N TYR C 200 -39.70 -21.79 64.80
CA TYR C 200 -38.26 -21.93 64.96
C TYR C 200 -37.80 -23.39 64.95
N ASP C 201 -38.63 -24.29 64.43
CA ASP C 201 -38.23 -25.70 64.39
C ASP C 201 -36.96 -25.92 63.57
N TYR C 202 -36.74 -25.10 62.55
CA TYR C 202 -35.60 -25.23 61.65
C TYR C 202 -34.66 -24.05 61.83
N THR C 203 -33.44 -24.20 61.33
CA THR C 203 -32.48 -23.11 61.45
C THR C 203 -32.84 -21.93 60.56
N ASN C 204 -33.70 -22.12 59.56
CA ASN C 204 -34.01 -21.04 58.61
C ASN C 204 -34.61 -19.84 59.33
N ALA C 205 -35.56 -20.08 60.23
CA ALA C 205 -36.19 -18.99 60.96
C ALA C 205 -35.20 -18.29 61.86
N ILE C 206 -34.23 -19.05 62.41
CA ILE C 206 -33.20 -18.45 63.23
C ILE C 206 -32.32 -17.55 62.39
N ILE C 207 -32.03 -17.96 61.15
CA ILE C 207 -31.14 -17.16 60.32
C ILE C 207 -31.84 -15.86 59.93
N THR C 208 -33.10 -15.98 59.51
CA THR C 208 -33.86 -14.80 59.08
C THR C 208 -34.01 -13.79 60.22
N ASP C 209 -34.26 -14.27 61.44
CA ASP C 209 -34.46 -13.35 62.56
C ASP C 209 -33.14 -12.67 62.95
N ILE C 210 -32.04 -13.42 62.95
CA ILE C 210 -30.75 -12.80 63.20
C ILE C 210 -30.46 -11.73 62.15
N ASN C 211 -30.56 -12.09 60.87
CA ASN C 211 -30.31 -11.14 59.80
C ASN C 211 -31.30 -9.98 59.79
N GLN C 212 -32.47 -10.14 60.40
CA GLN C 212 -33.40 -9.02 60.50
C GLN C 212 -32.83 -7.88 61.34
N LEU C 213 -31.98 -8.21 62.29
CA LEU C 213 -31.34 -7.20 63.13
C LEU C 213 -30.34 -6.42 62.28
N PRO C 214 -30.37 -5.08 62.27
CA PRO C 214 -29.39 -4.34 61.46
C PRO C 214 -27.94 -4.54 61.89
N ASP C 215 -27.69 -4.96 63.12
CA ASP C 215 -26.33 -5.06 63.64
C ASP C 215 -25.69 -6.42 63.40
N PHE C 216 -26.37 -7.32 62.69
CA PHE C 216 -25.93 -8.70 62.52
C PHE C 216 -25.87 -9.06 61.05
N GLU C 217 -25.01 -10.03 60.73
CA GLU C 217 -24.93 -10.61 59.40
C GLU C 217 -24.68 -12.09 59.53
N ALA C 218 -25.68 -12.91 59.18
CA ALA C 218 -25.64 -14.35 59.36
C ALA C 218 -26.00 -15.06 58.04
N LYS C 219 -25.13 -14.90 57.03
CA LYS C 219 -25.34 -15.61 55.77
C LYS C 219 -25.26 -17.12 55.98
N LEU C 220 -26.22 -17.82 55.38
CA LEU C 220 -26.23 -19.29 55.38
C LEU C 220 -25.02 -19.84 54.64
N SER C 221 -24.63 -21.07 54.99
CA SER C 221 -23.50 -21.70 54.36
C SER C 221 -23.80 -21.98 52.89
N PRO C 222 -22.84 -21.74 51.97
CA PRO C 222 -23.13 -21.93 50.53
C PRO C 222 -22.98 -23.37 50.05
N PHE C 223 -22.40 -24.27 50.84
CA PHE C 223 -22.07 -25.62 50.36
C PHE C 223 -23.31 -26.50 50.44
N GLY C 224 -24.15 -26.41 49.40
CA GLY C 224 -25.30 -27.30 49.36
C GLY C 224 -26.31 -26.99 50.44
N ASP C 225 -27.32 -27.86 50.51
CA ASP C 225 -28.52 -27.62 51.32
C ASP C 225 -28.38 -28.33 52.65
N LYS C 226 -28.02 -27.56 53.69
CA LYS C 226 -27.91 -28.09 55.05
C LYS C 226 -29.26 -28.00 55.73
N ASN C 227 -29.67 -26.77 56.07
CA ASN C 227 -31.03 -26.46 56.53
C ASN C 227 -31.46 -27.36 57.69
N LEU C 228 -30.52 -27.63 58.59
CA LEU C 228 -30.76 -28.60 59.65
C LEU C 228 -31.83 -28.10 60.61
N GLU C 229 -32.56 -29.04 61.20
CA GLU C 229 -33.46 -28.70 62.29
C GLU C 229 -32.70 -28.03 63.41
N SER C 230 -33.38 -27.13 64.12
CA SER C 230 -32.73 -26.39 65.19
C SER C 230 -32.61 -27.19 66.48
N SER C 231 -33.15 -28.41 66.53
CA SER C 231 -32.99 -29.21 67.75
C SER C 231 -31.61 -29.83 67.82
N LYS C 232 -31.02 -30.14 66.66
CA LYS C 232 -29.73 -30.84 66.60
C LYS C 232 -28.52 -29.91 66.67
N LEU C 233 -28.67 -28.64 67.01
CA LEU C 233 -27.51 -27.76 67.04
C LEU C 233 -26.62 -28.09 68.24
N ASP C 234 -25.31 -27.93 68.04
CA ASP C 234 -24.37 -28.24 69.10
C ASP C 234 -24.24 -27.07 70.07
N LYS C 235 -23.78 -27.39 71.27
CA LYS C 235 -23.77 -26.42 72.36
C LYS C 235 -22.70 -25.36 72.12
N ILE C 236 -23.01 -24.12 72.52
CA ILE C 236 -22.08 -22.99 72.44
C ILE C 236 -22.23 -22.19 73.72
N GLU C 237 -21.11 -21.65 74.19
CA GLU C 237 -21.03 -20.91 75.46
C GLU C 237 -20.23 -19.62 75.25
N ASN C 238 -20.95 -18.53 74.97
CA ASN C 238 -20.38 -17.18 74.88
C ASN C 238 -19.21 -17.12 73.90
N ALA C 239 -19.55 -17.29 72.63
CA ALA C 239 -18.61 -17.16 71.53
C ALA C 239 -18.69 -15.75 70.97
N ASN C 240 -17.53 -15.09 70.87
CA ASN C 240 -17.48 -13.68 70.47
C ASN C 240 -17.94 -13.52 69.02
N ILE C 241 -18.89 -12.61 68.81
CA ILE C 241 -19.51 -12.41 67.49
C ILE C 241 -18.93 -11.18 66.80
N LYS C 242 -18.46 -10.20 67.59
CA LYS C 242 -18.03 -8.93 67.02
C LYS C 242 -16.81 -9.13 66.12
N ASP C 243 -15.75 -9.74 66.65
CA ASP C 243 -14.50 -9.84 65.91
C ASP C 243 -14.44 -11.03 64.96
N LYS C 244 -15.36 -11.99 65.08
CA LYS C 244 -15.28 -13.28 64.38
C LYS C 244 -16.61 -13.59 63.71
N ALA C 245 -16.55 -14.40 62.66
CA ALA C 245 -17.75 -14.97 62.02
C ALA C 245 -17.95 -16.36 62.59
N VAL C 246 -18.71 -16.45 63.67
CA VAL C 246 -18.87 -17.71 64.38
C VAL C 246 -19.76 -18.63 63.56
N TYR C 247 -19.26 -19.85 63.33
CA TYR C 247 -19.96 -20.89 62.59
C TYR C 247 -20.58 -21.87 63.59
N VAL C 248 -21.90 -22.02 63.53
CA VAL C 248 -22.57 -23.11 64.24
C VAL C 248 -22.29 -24.40 63.48
N LYS C 249 -21.89 -25.45 64.20
CA LYS C 249 -21.40 -26.67 63.55
C LYS C 249 -22.54 -27.66 63.33
N ALA C 250 -23.01 -28.30 64.40
CA ALA C 250 -24.01 -29.38 64.30
C ALA C 250 -23.47 -30.49 63.41
N VAL C 251 -22.48 -31.21 63.93
CA VAL C 251 -21.71 -32.12 63.09
C VAL C 251 -22.57 -33.30 62.66
N PHE C 252 -23.25 -33.95 63.61
CA PHE C 252 -23.92 -35.20 63.31
C PHE C 252 -25.19 -34.99 62.48
N GLY C 253 -25.88 -33.87 62.66
CA GLY C 253 -27.00 -33.57 61.77
C GLY C 253 -26.57 -33.42 60.34
N ASP C 254 -25.46 -32.71 60.10
CA ASP C 254 -24.98 -32.56 58.73
C ASP C 254 -24.41 -33.86 58.20
N LEU C 255 -23.82 -34.68 59.05
CA LEU C 255 -23.38 -36.00 58.64
C LEU C 255 -24.55 -36.83 58.15
N GLU C 256 -25.68 -36.76 58.86
CA GLU C 256 -26.85 -37.50 58.42
C GLU C 256 -27.39 -36.92 57.13
N LYS C 257 -27.42 -35.59 57.02
CA LYS C 257 -28.03 -34.96 55.85
C LYS C 257 -27.24 -35.27 54.58
N GLN C 258 -25.91 -35.10 54.62
CA GLN C 258 -25.11 -35.31 53.42
C GLN C 258 -25.12 -36.78 52.99
N THR C 259 -25.00 -37.70 53.95
CA THR C 259 -24.95 -39.13 53.67
C THR C 259 -26.33 -39.77 53.61
N ALA C 260 -27.37 -39.01 53.24
CA ALA C 260 -28.72 -39.55 53.20
C ALA C 260 -29.05 -40.11 51.82
N TYR C 261 -28.91 -39.28 50.77
CA TYR C 261 -29.24 -39.66 49.42
C TYR C 261 -28.05 -40.24 48.64
N ASN C 262 -26.93 -40.52 49.31
CA ASN C 262 -25.70 -40.90 48.64
C ASN C 262 -25.03 -42.02 49.41
N GLY C 263 -24.65 -43.07 48.70
CA GLY C 263 -23.78 -44.09 49.23
C GLY C 263 -24.55 -45.22 49.87
N ILE C 264 -23.85 -46.34 50.09
CA ILE C 264 -24.49 -47.50 50.71
C ILE C 264 -24.43 -47.40 52.24
N VAL C 265 -23.39 -46.77 52.76
CA VAL C 265 -23.07 -46.86 54.18
C VAL C 265 -24.00 -45.95 54.98
N SER C 266 -24.29 -46.37 56.22
CA SER C 266 -25.09 -45.58 57.17
C SER C 266 -24.30 -45.43 58.47
N PHE C 267 -24.66 -44.39 59.23
CA PHE C 267 -23.92 -44.01 60.42
C PHE C 267 -24.89 -43.75 61.57
N GLU C 268 -24.41 -44.03 62.79
CA GLU C 268 -25.15 -43.80 64.01
C GLU C 268 -24.21 -43.33 65.11
N GLN C 269 -24.65 -42.34 65.87
CA GLN C 269 -23.83 -41.77 66.94
C GLN C 269 -23.95 -42.62 68.20
N LEU C 270 -22.80 -42.88 68.82
CA LEU C 270 -22.78 -43.65 70.08
C LEU C 270 -23.18 -42.68 71.18
N LYS C 298 -21.52 -40.29 72.99
CA LYS C 298 -20.08 -40.12 73.01
C LYS C 298 -19.67 -39.19 71.88
N THR C 299 -18.63 -38.38 72.10
CA THR C 299 -18.26 -37.40 71.09
C THR C 299 -17.59 -38.09 69.90
N ILE C 300 -17.82 -37.55 68.71
CA ILE C 300 -17.23 -38.10 67.50
C ILE C 300 -15.80 -37.58 67.36
N GLU C 301 -14.90 -38.41 66.85
CA GLU C 301 -13.52 -38.02 66.58
C GLU C 301 -13.06 -38.68 65.29
N PRO C 302 -12.04 -38.10 64.62
CA PRO C 302 -11.56 -38.72 63.38
C PRO C 302 -10.89 -40.07 63.64
N PHE C 303 -10.91 -40.91 62.61
CA PHE C 303 -10.31 -42.24 62.69
C PHE C 303 -9.72 -42.61 61.33
N GLU C 304 -8.75 -43.51 61.37
CA GLU C 304 -8.11 -43.98 60.15
C GLU C 304 -9.08 -44.81 59.31
N LEU C 305 -8.65 -45.11 58.08
CA LEU C 305 -9.47 -45.84 57.12
C LEU C 305 -9.80 -47.23 57.65
N THR C 306 -11.05 -47.45 58.03
CA THR C 306 -11.46 -48.66 58.74
C THR C 306 -12.28 -49.51 57.79
N LYS C 307 -12.09 -50.83 57.87
CA LYS C 307 -12.78 -51.79 57.03
C LYS C 307 -13.80 -52.56 57.87
N LEU C 308 -14.97 -52.79 57.28
CA LEU C 308 -16.09 -53.33 58.03
C LEU C 308 -15.93 -54.83 58.24
N LYS C 309 -16.76 -55.37 59.13
CA LYS C 309 -16.76 -56.79 59.44
C LYS C 309 -18.18 -57.27 59.70
N GLY C 310 -18.33 -58.59 59.76
CA GLY C 310 -19.59 -59.22 60.07
C GLY C 310 -20.55 -59.34 58.92
N GLY C 311 -20.08 -59.16 57.69
CA GLY C 311 -20.89 -59.52 56.54
C GLY C 311 -20.85 -61.02 56.32
N THR C 312 -21.96 -61.70 56.57
CA THR C 312 -22.06 -63.15 56.47
C THR C 312 -23.34 -63.53 55.73
N ASN C 313 -23.23 -64.54 54.85
CA ASN C 313 -24.41 -65.03 54.13
C ASN C 313 -25.25 -65.95 55.03
N GLY C 314 -24.59 -66.77 55.85
CA GLY C 314 -25.25 -67.74 56.69
C GLY C 314 -25.32 -69.09 56.03
N GLU C 315 -26.44 -69.79 56.19
CA GLU C 315 -26.72 -71.05 55.54
C GLU C 315 -28.16 -71.04 55.08
N PRO C 316 -28.50 -71.86 54.07
CA PRO C 316 -29.90 -71.90 53.62
C PRO C 316 -30.78 -72.54 54.68
N PRO C 317 -32.05 -72.14 54.78
CA PRO C 317 -32.92 -72.72 55.83
C PRO C 317 -33.35 -74.12 55.46
N ALA C 318 -33.78 -74.87 56.47
CA ALA C 318 -34.32 -76.20 56.27
C ALA C 318 -35.82 -76.21 55.98
N THR C 319 -36.47 -75.05 55.96
CA THR C 319 -37.91 -74.95 55.72
C THR C 319 -38.23 -73.61 55.10
N TRP C 320 -38.79 -73.61 53.89
CA TRP C 320 -39.10 -72.37 53.20
C TRP C 320 -40.48 -71.82 53.57
N ALA C 321 -41.23 -72.53 54.41
CA ALA C 321 -42.62 -72.15 54.68
C ALA C 321 -42.69 -70.82 55.43
N ASP C 322 -41.71 -70.54 56.29
CA ASP C 322 -41.72 -69.24 56.93
C ASP C 322 -41.38 -68.14 55.93
N LYS C 323 -40.48 -68.41 55.01
CA LYS C 323 -40.17 -67.42 53.98
C LYS C 323 -41.33 -67.27 53.00
N LEU C 324 -42.00 -68.39 52.65
CA LEU C 324 -43.07 -68.32 51.66
C LEU C 324 -44.24 -67.48 52.14
N ASP C 325 -44.58 -67.56 53.43
CA ASP C 325 -45.60 -66.71 54.06
C ASP C 325 -45.56 -65.24 53.64
N LYS C 326 -44.38 -64.72 53.32
CA LYS C 326 -44.28 -63.31 52.93
C LYS C 326 -44.98 -63.04 51.60
N PHE C 327 -45.19 -64.06 50.77
CA PHE C 327 -45.98 -63.95 49.54
C PHE C 327 -47.45 -64.26 49.77
N ALA C 328 -47.95 -64.09 51.00
CA ALA C 328 -49.34 -64.48 51.26
C ALA C 328 -50.32 -63.46 50.70
N HIS C 329 -49.99 -62.18 50.80
CA HIS C 329 -50.85 -61.08 50.39
C HIS C 329 -50.09 -60.09 49.54
N GLU C 330 -49.29 -60.59 48.60
CA GLU C 330 -48.57 -59.75 47.66
C GLU C 330 -49.22 -59.67 46.28
N GLY C 331 -50.30 -60.42 46.03
CA GLY C 331 -50.98 -60.40 44.76
C GLY C 331 -50.44 -61.35 43.72
N GLY C 332 -49.44 -62.17 44.06
CA GLY C 332 -48.87 -63.07 43.10
C GLY C 332 -49.85 -64.16 42.67
N TYR C 333 -49.65 -64.67 41.45
CA TYR C 333 -50.38 -65.84 40.97
C TYR C 333 -49.47 -67.02 40.69
N TYR C 334 -48.40 -66.82 39.91
CA TYR C 334 -47.42 -67.88 39.64
C TYR C 334 -46.23 -67.71 40.56
N ILE C 335 -45.78 -68.82 41.14
CA ILE C 335 -44.62 -68.85 42.01
C ILE C 335 -43.78 -70.07 41.63
N VAL C 336 -42.45 -69.91 41.66
CA VAL C 336 -41.52 -70.98 41.34
C VAL C 336 -40.38 -70.96 42.35
N PRO C 337 -40.05 -72.08 43.02
CA PRO C 337 -38.80 -72.10 43.81
C PRO C 337 -37.62 -72.54 42.98
N LEU C 338 -36.45 -71.95 43.26
CA LEU C 338 -35.20 -72.30 42.58
C LEU C 338 -34.49 -73.41 43.35
N SER C 339 -35.13 -74.59 43.34
CA SER C 339 -34.58 -75.76 44.02
C SER C 339 -35.33 -77.03 43.64
N SER C 340 -34.59 -78.09 43.32
CA SER C 340 -35.16 -79.36 42.88
C SER C 340 -35.52 -80.29 44.04
N LYS C 341 -35.41 -79.83 45.28
CA LYS C 341 -35.71 -80.68 46.44
C LYS C 341 -37.21 -80.93 46.53
N GLN C 342 -37.61 -82.16 46.91
CA GLN C 342 -39.04 -82.41 46.97
C GLN C 342 -39.65 -81.82 48.23
N SER C 343 -38.87 -81.66 49.29
CA SER C 343 -39.38 -81.02 50.50
C SER C 343 -39.81 -79.58 50.22
N VAL C 344 -39.00 -78.84 49.45
CA VAL C 344 -39.37 -77.48 49.07
C VAL C 344 -40.59 -77.51 48.16
N HIS C 345 -40.69 -78.51 47.29
CA HIS C 345 -41.86 -78.61 46.44
C HIS C 345 -43.11 -78.89 47.28
N ALA C 346 -42.99 -79.75 48.30
CA ALA C 346 -44.13 -80.03 49.16
C ALA C 346 -44.53 -78.79 49.95
N GLU C 347 -43.56 -78.00 50.39
CA GLU C 347 -43.85 -76.79 51.15
C GLU C 347 -44.49 -75.73 50.27
N VAL C 348 -44.08 -75.65 49.01
CA VAL C 348 -44.72 -74.69 48.12
C VAL C 348 -46.12 -75.16 47.77
N ALA C 349 -46.33 -76.47 47.63
CA ALA C 349 -47.66 -76.97 47.35
C ALA C 349 -48.61 -76.72 48.51
N SER C 350 -48.12 -76.86 49.75
CA SER C 350 -48.97 -76.57 50.89
C SER C 350 -49.28 -75.09 50.99
N PHE C 351 -48.32 -74.23 50.61
CA PHE C 351 -48.55 -72.80 50.66
C PHE C 351 -49.59 -72.37 49.61
N VAL C 352 -49.41 -72.81 48.36
CA VAL C 352 -50.34 -72.38 47.32
C VAL C 352 -51.72 -72.97 47.55
N LYS C 353 -51.80 -74.16 48.14
CA LYS C 353 -53.10 -74.74 48.45
C LYS C 353 -53.80 -73.92 49.52
N GLU C 354 -53.06 -73.57 50.58
CA GLU C 354 -53.65 -72.81 51.68
C GLU C 354 -54.14 -71.45 51.20
N ARG C 355 -53.32 -70.73 50.42
CA ARG C 355 -53.73 -69.43 49.92
C ARG C 355 -54.87 -69.56 48.91
N SER C 356 -54.93 -70.68 48.18
CA SER C 356 -56.03 -70.87 47.25
C SER C 356 -57.35 -71.07 47.98
N ASP C 357 -57.32 -71.71 49.15
CA ASP C 357 -58.52 -71.82 49.97
C ASP C 357 -58.88 -70.51 50.65
N ALA C 358 -57.97 -69.53 50.69
CA ALA C 358 -58.19 -68.26 51.36
C ALA C 358 -58.65 -67.16 50.40
N GLY C 359 -59.14 -67.51 49.22
CA GLY C 359 -59.58 -66.52 48.27
C GLY C 359 -58.48 -65.85 47.47
N GLU C 360 -57.26 -66.40 47.46
CA GLU C 360 -56.14 -65.87 46.70
C GLU C 360 -55.53 -67.02 45.90
N PRO C 361 -56.11 -67.36 44.75
CA PRO C 361 -55.60 -68.53 44.01
C PRO C 361 -54.17 -68.34 43.52
N MET C 362 -53.44 -69.46 43.52
CA MET C 362 -52.04 -69.47 43.09
C MET C 362 -51.73 -70.81 42.46
N ARG C 363 -50.64 -70.85 41.68
CA ARG C 363 -50.19 -72.06 41.03
C ARG C 363 -48.67 -72.11 41.05
N ALA C 364 -48.12 -73.32 41.11
CA ALA C 364 -46.68 -73.53 41.16
C ALA C 364 -46.21 -74.28 39.92
N ILE C 365 -44.91 -74.11 39.62
CA ILE C 365 -44.22 -74.87 38.58
C ILE C 365 -42.88 -75.29 39.16
N VAL C 366 -42.46 -76.52 38.85
CA VAL C 366 -41.23 -77.11 39.38
C VAL C 366 -40.54 -77.91 38.28
N GLY C 367 -39.30 -78.29 38.55
CA GLY C 367 -38.51 -79.06 37.61
C GLY C 367 -37.76 -80.16 38.34
N GLY C 368 -37.44 -81.21 37.58
CA GLY C 368 -36.75 -82.38 38.13
C GLY C 368 -35.25 -82.36 37.98
N GLY C 369 -34.57 -81.41 38.63
CA GLY C 369 -33.13 -81.46 38.81
C GLY C 369 -32.34 -81.49 37.51
N PHE C 370 -31.22 -82.23 37.53
CA PHE C 370 -30.31 -82.34 36.39
C PHE C 370 -30.56 -83.64 35.66
N ASN C 371 -31.36 -83.57 34.58
CA ASN C 371 -31.59 -84.68 33.66
C ASN C 371 -32.01 -85.96 34.40
N GLU C 372 -32.99 -85.82 35.29
CA GLU C 372 -33.47 -86.98 36.05
C GLU C 372 -34.20 -87.96 35.13
N SER C 373 -34.12 -89.24 35.48
CA SER C 373 -34.73 -90.27 34.65
C SER C 373 -36.25 -90.21 34.75
N LYS C 374 -36.91 -90.94 33.84
CA LYS C 374 -38.38 -90.97 33.82
C LYS C 374 -38.95 -91.58 35.09
N GLU C 375 -38.28 -92.59 35.66
CA GLU C 375 -38.76 -93.20 36.89
C GLU C 375 -38.84 -92.18 38.02
N GLN C 376 -37.78 -91.37 38.16
CA GLN C 376 -37.78 -90.34 39.18
C GLN C 376 -38.86 -89.31 38.92
N LEU C 377 -39.10 -88.98 37.64
CA LEU C 377 -40.13 -88.01 37.30
C LEU C 377 -41.52 -88.54 37.60
N PHE C 378 -41.73 -89.84 37.41
CA PHE C 378 -43.02 -90.43 37.79
C PHE C 378 -43.16 -90.46 39.30
N GLY C 379 -42.08 -90.78 40.02
CA GLY C 379 -42.12 -90.71 41.48
C GLY C 379 -42.48 -89.34 41.99
N ARG C 380 -41.88 -88.30 41.41
CA ARG C 380 -42.17 -86.94 41.82
C ARG C 380 -43.62 -86.58 41.52
N GLN C 381 -44.12 -86.99 40.36
CA GLN C 381 -45.49 -86.67 39.99
C GLN C 381 -46.48 -87.40 40.87
N ALA C 382 -46.15 -88.63 41.28
CA ALA C 382 -46.98 -89.35 42.23
C ALA C 382 -46.91 -88.74 43.62
N SER C 383 -45.77 -88.15 44.00
CA SER C 383 -45.66 -87.54 45.30
C SER C 383 -46.49 -86.27 45.38
N LEU C 384 -46.48 -85.48 44.30
CA LEU C 384 -47.24 -84.24 44.28
C LEU C 384 -48.72 -84.55 44.10
N SER C 385 -49.12 -84.89 42.88
CA SER C 385 -50.51 -85.21 42.56
C SER C 385 -51.42 -84.04 42.95
N ASN C 386 -51.01 -82.83 42.55
CA ASN C 386 -51.71 -81.58 42.87
C ASN C 386 -52.23 -80.93 41.60
N PRO C 387 -53.50 -80.50 41.51
CA PRO C 387 -53.89 -79.77 40.30
C PRO C 387 -53.21 -78.42 40.14
N ARG C 388 -52.89 -77.73 41.24
CA ARG C 388 -52.20 -76.43 41.19
C ARG C 388 -50.69 -76.58 41.23
N VAL C 389 -50.16 -77.62 40.62
CA VAL C 389 -48.71 -77.78 40.45
C VAL C 389 -48.48 -78.42 39.09
N SER C 390 -47.40 -78.01 38.46
CA SER C 390 -46.92 -78.49 37.17
C SER C 390 -45.47 -78.93 37.28
N LEU C 391 -45.14 -80.05 36.62
CA LEU C 391 -43.79 -80.60 36.66
C LEU C 391 -43.15 -80.51 35.28
N VAL C 392 -41.87 -80.13 35.26
CA VAL C 392 -41.08 -80.02 34.04
C VAL C 392 -40.02 -81.12 34.05
N ALA C 393 -39.97 -81.88 32.95
CA ALA C 393 -38.99 -82.95 32.84
C ALA C 393 -37.69 -82.46 32.21
N ASN C 394 -37.77 -81.65 31.16
CA ASN C 394 -36.59 -81.29 30.40
C ASN C 394 -35.69 -80.33 31.17
N SER C 395 -34.38 -80.49 30.99
CA SER C 395 -33.39 -79.51 31.42
C SER C 395 -32.47 -79.23 30.23
N GLY C 396 -31.96 -78.00 30.15
CA GLY C 396 -31.12 -77.66 29.03
C GLY C 396 -30.31 -76.41 29.27
N THR C 397 -29.56 -76.03 28.24
CA THR C 397 -28.67 -74.88 28.27
C THR C 397 -29.35 -73.65 27.68
N PHE C 398 -29.31 -72.54 28.40
CA PHE C 398 -29.79 -71.25 27.94
C PHE C 398 -28.58 -70.34 27.71
N VAL C 399 -28.43 -69.86 26.48
CA VAL C 399 -27.32 -69.00 26.09
C VAL C 399 -27.72 -67.59 26.55
N MET C 400 -27.07 -67.09 27.58
CA MET C 400 -27.37 -65.76 28.06
C MET C 400 -26.89 -64.71 27.07
N ASP C 401 -27.63 -63.61 26.97
CA ASP C 401 -27.18 -62.45 26.20
C ASP C 401 -25.81 -61.96 26.63
N ASP C 402 -25.42 -62.21 27.89
CA ASP C 402 -24.10 -61.82 28.34
C ASP C 402 -23.00 -62.67 27.75
N GLY C 403 -23.33 -63.81 27.13
CA GLY C 403 -22.36 -64.70 26.54
C GLY C 403 -22.09 -65.95 27.35
N ARG C 404 -22.55 -66.02 28.61
CA ARG C 404 -22.38 -67.21 29.42
C ARG C 404 -23.39 -68.27 29.03
N LYS C 405 -22.90 -69.48 28.80
CA LYS C 405 -23.73 -70.64 28.48
C LYS C 405 -24.23 -71.22 29.79
N ASN C 406 -25.46 -70.89 30.14
CA ASN C 406 -26.06 -71.32 31.41
C ASN C 406 -26.62 -72.73 31.27
N HIS C 407 -25.77 -73.74 31.50
CA HIS C 407 -26.23 -75.13 31.57
C HIS C 407 -26.87 -75.33 32.93
N VAL C 408 -28.19 -75.32 32.97
CA VAL C 408 -28.95 -75.14 34.21
C VAL C 408 -29.88 -76.33 34.40
N PRO C 409 -30.30 -76.61 35.66
CA PRO C 409 -31.23 -77.73 35.88
C PRO C 409 -32.63 -77.42 35.40
N ALA C 410 -33.58 -78.31 35.71
CA ALA C 410 -34.93 -78.23 35.13
C ALA C 410 -35.79 -77.16 35.78
N TYR C 411 -35.49 -76.71 37.00
CA TYR C 411 -36.35 -75.71 37.61
C TYR C 411 -36.15 -74.34 36.97
N MET C 412 -34.98 -74.08 36.38
CA MET C 412 -34.83 -72.85 35.62
C MET C 412 -35.68 -72.90 34.36
N VAL C 413 -35.82 -74.09 33.78
CA VAL C 413 -36.73 -74.26 32.65
C VAL C 413 -38.16 -73.98 33.09
N ALA C 414 -38.52 -74.43 34.29
CA ALA C 414 -39.83 -74.12 34.83
C ALA C 414 -40.00 -72.63 35.06
N VAL C 415 -38.91 -71.94 35.42
CA VAL C 415 -38.98 -70.49 35.53
C VAL C 415 -39.25 -69.89 34.16
N ALA C 416 -38.69 -70.47 33.10
CA ALA C 416 -38.90 -69.92 31.77
C ALA C 416 -40.33 -70.16 31.32
N LEU C 417 -40.90 -71.31 31.65
CA LEU C 417 -42.31 -71.54 31.35
C LEU C 417 -43.20 -70.60 32.15
N GLY C 418 -42.87 -70.35 33.41
CA GLY C 418 -43.68 -69.43 34.18
C GLY C 418 -43.60 -67.99 33.69
N GLY C 419 -42.43 -67.59 33.21
CA GLY C 419 -42.29 -66.26 32.63
C GLY C 419 -42.95 -66.14 31.27
N LEU C 420 -43.05 -67.25 30.54
CA LEU C 420 -43.81 -67.26 29.30
C LEU C 420 -45.30 -67.17 29.57
N ALA C 421 -45.79 -67.99 30.51
CA ALA C 421 -47.22 -68.02 30.79
C ALA C 421 -47.71 -66.73 31.41
N SER C 422 -46.87 -66.06 32.22
CA SER C 422 -47.30 -64.82 32.85
C SER C 422 -47.63 -63.74 31.81
N GLY C 423 -46.94 -63.73 30.67
CA GLY C 423 -47.21 -62.74 29.65
C GLY C 423 -48.36 -63.07 28.72
N LEU C 424 -48.90 -64.28 28.80
CA LEU C 424 -49.99 -64.71 27.93
C LEU C 424 -51.33 -64.30 28.53
N GLU C 425 -52.28 -64.00 27.66
CA GLU C 425 -53.57 -63.54 28.14
C GLU C 425 -54.31 -64.64 28.91
N ILE C 426 -55.29 -64.22 29.69
CA ILE C 426 -56.10 -65.15 30.47
C ILE C 426 -56.83 -66.10 29.53
N GLY C 427 -56.75 -67.39 29.84
CA GLY C 427 -57.40 -68.43 29.08
C GLY C 427 -56.50 -69.11 28.05
N GLU C 428 -55.41 -68.47 27.67
CA GLU C 428 -54.47 -69.04 26.72
C GLU C 428 -53.68 -70.18 27.36
N SER C 429 -52.81 -70.81 26.56
CA SER C 429 -52.08 -71.97 27.03
C SER C 429 -50.67 -71.92 26.46
N ILE C 430 -49.72 -72.48 27.21
CA ILE C 430 -48.35 -72.53 26.72
C ILE C 430 -48.12 -73.67 25.73
N THR C 431 -49.17 -74.42 25.35
CA THR C 431 -48.98 -75.55 24.45
C THR C 431 -48.48 -75.06 23.09
N PHE C 432 -47.54 -75.82 22.52
CA PHE C 432 -46.99 -75.58 21.18
C PHE C 432 -46.28 -74.23 21.05
N LYS C 433 -46.04 -73.51 22.17
CA LYS C 433 -45.37 -72.23 22.07
C LYS C 433 -43.85 -72.43 22.06
N PRO C 434 -43.09 -71.52 21.45
CA PRO C 434 -41.63 -71.67 21.50
C PRO C 434 -41.11 -71.36 22.90
N LEU C 435 -39.98 -71.98 23.24
CA LEU C 435 -39.35 -71.83 24.54
C LEU C 435 -38.07 -71.00 24.49
N ARG C 436 -37.49 -70.78 23.31
CA ARG C 436 -36.31 -69.92 23.15
C ARG C 436 -35.12 -70.49 23.90
N VAL C 437 -34.97 -71.81 23.87
CA VAL C 437 -33.86 -72.51 24.53
C VAL C 437 -32.86 -72.89 23.45
N SER C 438 -31.57 -72.89 23.81
CA SER C 438 -30.55 -73.24 22.83
C SER C 438 -30.45 -74.76 22.65
N SER C 439 -30.42 -75.51 23.74
CA SER C 439 -30.23 -76.95 23.65
C SER C 439 -30.84 -77.61 24.89
N LEU C 440 -31.06 -78.92 24.79
CA LEU C 440 -31.66 -79.70 25.86
C LEU C 440 -30.81 -80.94 26.11
N ASP C 441 -30.83 -81.42 27.36
CA ASP C 441 -29.97 -82.54 27.72
C ASP C 441 -30.43 -83.83 27.06
N GLN C 442 -31.75 -83.99 26.87
CA GLN C 442 -32.35 -85.17 26.30
C GLN C 442 -33.27 -84.77 25.16
N ILE C 443 -33.26 -85.56 24.09
CA ILE C 443 -34.22 -85.45 23.00
C ILE C 443 -35.18 -86.62 23.19
N TYR C 444 -36.33 -86.37 23.79
CA TYR C 444 -37.28 -87.44 24.05
C TYR C 444 -37.92 -87.91 22.74
N GLU C 445 -38.10 -89.22 22.63
CA GLU C 445 -38.72 -89.84 21.48
C GLU C 445 -40.24 -89.72 21.58
N SER C 446 -40.93 -90.17 20.52
CA SER C 446 -42.39 -90.12 20.52
C SER C 446 -42.95 -90.96 21.66
N ILE C 447 -42.39 -92.14 21.89
CA ILE C 447 -42.85 -92.98 22.99
C ILE C 447 -42.60 -92.28 24.33
N ASP C 448 -41.47 -91.58 24.46
CA ASP C 448 -41.16 -90.95 25.75
C ASP C 448 -42.10 -89.77 26.02
N LEU C 449 -42.24 -88.88 25.03
CA LEU C 449 -43.17 -87.77 25.13
C LEU C 449 -44.58 -88.23 25.44
N ASP C 450 -45.05 -89.27 24.76
CA ASP C 450 -46.38 -89.79 25.02
C ASP C 450 -46.50 -90.29 26.46
N GLU C 451 -45.45 -90.96 26.95
CA GLU C 451 -45.49 -91.43 28.33
C GLU C 451 -45.48 -90.27 29.31
N LEU C 452 -44.64 -89.26 29.07
CA LEU C 452 -44.61 -88.10 29.96
C LEU C 452 -45.94 -87.36 29.97
N ASN C 453 -46.56 -87.21 28.79
CA ASN C 453 -47.82 -86.49 28.72
C ASN C 453 -48.92 -87.26 29.47
N GLU C 454 -48.99 -88.57 29.27
CA GLU C 454 -50.02 -89.36 29.95
C GLU C 454 -49.83 -89.34 31.45
N ASN C 455 -48.59 -89.28 31.93
CA ASN C 455 -48.33 -89.20 33.37
C ASN C 455 -48.51 -87.79 33.92
N GLY C 456 -48.95 -86.82 33.12
CA GLY C 456 -49.09 -85.47 33.59
C GLY C 456 -47.78 -84.78 33.93
N ILE C 457 -46.85 -84.78 32.97
CA ILE C 457 -45.54 -84.14 33.13
C ILE C 457 -45.25 -83.38 31.85
N ILE C 458 -44.84 -82.12 31.97
CA ILE C 458 -44.58 -81.31 30.79
C ILE C 458 -43.22 -81.68 30.23
N SER C 459 -43.14 -81.74 28.90
CA SER C 459 -41.88 -82.02 28.21
C SER C 459 -41.81 -81.15 26.96
N ILE C 460 -40.60 -81.02 26.43
CA ILE C 460 -40.29 -80.18 25.27
C ILE C 460 -39.65 -81.07 24.21
N GLU C 461 -40.05 -80.86 22.96
CA GLU C 461 -39.51 -81.57 21.81
C GLU C 461 -38.75 -80.62 20.89
N PHE C 462 -37.84 -81.21 20.12
CA PHE C 462 -36.96 -80.49 19.19
C PHE C 462 -37.44 -80.79 17.78
N VAL C 463 -37.96 -79.77 17.10
CA VAL C 463 -38.53 -79.92 15.76
C VAL C 463 -37.40 -79.78 14.75
N ARG C 464 -37.09 -80.86 14.03
CA ARG C 464 -36.10 -80.83 12.95
C ARG C 464 -36.71 -80.96 11.57
N ASN C 465 -38.02 -81.23 11.46
CA ASN C 465 -38.62 -81.39 10.14
C ASN C 465 -38.63 -80.06 9.38
N ARG C 466 -38.76 -78.95 10.08
CA ARG C 466 -38.85 -77.64 9.45
C ARG C 466 -37.50 -77.21 8.88
N THR C 467 -37.52 -76.13 8.07
CA THR C 467 -36.29 -75.55 7.55
C THR C 467 -35.44 -74.92 8.64
N ASN C 468 -36.06 -74.49 9.74
CA ASN C 468 -35.37 -73.88 10.86
C ASN C 468 -35.91 -74.53 12.11
N THR C 469 -35.01 -75.05 12.93
CA THR C 469 -35.36 -75.85 14.08
C THR C 469 -35.58 -74.97 15.29
N PHE C 470 -36.57 -75.32 16.10
CA PHE C 470 -36.79 -74.65 17.37
C PHE C 470 -37.46 -75.61 18.34
N PHE C 471 -37.36 -75.28 19.62
CA PHE C 471 -37.97 -76.09 20.66
C PHE C 471 -39.34 -75.54 21.00
N ARG C 472 -40.33 -76.43 21.13
CA ARG C 472 -41.70 -76.04 21.44
C ARG C 472 -42.24 -76.93 22.56
N ILE C 473 -43.17 -76.37 23.34
CA ILE C 473 -43.77 -77.11 24.45
C ILE C 473 -44.87 -78.01 23.88
N VAL C 474 -45.00 -79.20 24.46
CA VAL C 474 -45.98 -80.18 23.99
C VAL C 474 -47.33 -79.99 24.66
N ASP C 475 -47.37 -79.66 25.95
CA ASP C 475 -48.63 -79.51 26.65
C ASP C 475 -48.41 -78.68 27.90
N ASP C 476 -49.53 -78.34 28.55
CA ASP C 476 -49.56 -77.61 29.83
C ASP C 476 -50.25 -78.44 30.90
N VAL C 477 -50.13 -79.76 30.82
CA VAL C 477 -50.86 -80.66 31.71
C VAL C 477 -50.32 -80.50 33.13
N THR C 478 -51.23 -80.49 34.10
CA THR C 478 -50.88 -80.37 35.50
C THR C 478 -50.56 -81.76 36.07
N THR C 479 -50.14 -81.79 37.33
CA THR C 479 -49.82 -83.06 37.98
C THR C 479 -51.05 -83.88 38.34
N PHE C 480 -52.26 -83.30 38.26
CA PHE C 480 -53.47 -84.05 38.57
C PHE C 480 -53.63 -85.20 37.57
N ASN C 481 -54.04 -86.37 38.07
CA ASN C 481 -54.00 -87.56 37.24
C ASN C 481 -55.26 -87.70 36.38
N ASP C 482 -56.44 -87.64 37.01
CA ASP C 482 -57.67 -88.01 36.29
C ASP C 482 -57.93 -87.00 35.18
N LYS C 483 -57.95 -87.48 33.94
CA LYS C 483 -58.21 -86.62 32.80
C LYS C 483 -59.69 -86.28 32.63
N SER C 484 -60.58 -87.01 33.30
CA SER C 484 -62.01 -86.74 33.17
C SER C 484 -62.39 -85.35 33.65
N ASP C 485 -61.57 -84.72 34.48
CA ASP C 485 -61.78 -83.36 34.97
C ASP C 485 -60.95 -82.39 34.15
N PRO C 486 -61.46 -81.82 33.04
CA PRO C 486 -60.60 -80.95 32.22
C PRO C 486 -60.19 -79.68 32.94
N VAL C 487 -61.00 -79.17 33.87
CA VAL C 487 -60.62 -77.97 34.61
C VAL C 487 -59.33 -78.22 35.39
N LYS C 488 -59.30 -79.28 36.21
CA LYS C 488 -58.12 -79.53 37.02
C LYS C 488 -56.94 -80.02 36.21
N ALA C 489 -57.19 -80.70 35.09
CA ALA C 489 -56.14 -81.33 34.31
C ALA C 489 -55.42 -80.37 33.36
N GLU C 490 -55.86 -79.11 33.27
CA GLU C 490 -55.29 -78.16 32.33
C GLU C 490 -55.14 -76.80 32.99
N MET C 491 -53.92 -76.25 32.90
CA MET C 491 -53.63 -74.94 33.48
C MET C 491 -54.54 -73.85 32.94
N ALA C 492 -54.77 -73.85 31.62
CA ALA C 492 -55.48 -72.73 31.00
C ALA C 492 -56.91 -72.62 31.51
N VAL C 493 -57.66 -73.72 31.49
CA VAL C 493 -59.06 -73.66 31.94
C VAL C 493 -59.12 -73.28 33.41
N GLY C 494 -58.28 -73.89 34.24
CA GLY C 494 -58.29 -73.54 35.66
C GLY C 494 -57.90 -72.08 35.89
N GLU C 495 -56.95 -71.58 35.10
CA GLU C 495 -56.56 -70.18 35.24
C GLU C 495 -57.70 -69.25 34.85
N ALA C 496 -58.40 -69.57 33.76
CA ALA C 496 -59.51 -68.72 33.36
C ALA C 496 -60.59 -68.70 34.42
N ASN C 497 -60.89 -69.86 35.00
CA ASN C 497 -61.91 -69.97 36.04
C ASN C 497 -61.53 -69.16 37.27
N ASP C 498 -60.26 -69.25 37.69
CA ASP C 498 -59.86 -68.55 38.90
C ASP C 498 -59.85 -67.04 38.71
N PHE C 499 -59.40 -66.59 37.54
CA PHE C 499 -59.40 -65.15 37.28
C PHE C 499 -60.83 -64.63 37.16
N LEU C 500 -61.71 -65.37 36.47
CA LEU C 500 -63.11 -64.96 36.38
C LEU C 500 -63.74 -64.84 37.76
N VAL C 501 -63.55 -65.87 38.59
CA VAL C 501 -64.13 -65.86 39.93
C VAL C 501 -63.59 -64.68 40.73
N SER C 502 -62.26 -64.47 40.70
CA SER C 502 -61.69 -63.44 41.57
C SER C 502 -62.15 -62.04 41.13
N GLU C 503 -62.09 -61.74 39.83
CA GLU C 503 -62.51 -60.44 39.35
C GLU C 503 -63.98 -60.20 39.66
N LEU C 504 -64.84 -61.19 39.37
CA LEU C 504 -66.27 -61.02 39.63
C LEU C 504 -66.55 -60.85 41.11
N LYS C 505 -65.83 -61.61 41.96
CA LYS C 505 -66.01 -61.46 43.40
C LYS C 505 -65.57 -60.09 43.88
N VAL C 506 -64.40 -59.63 43.41
CA VAL C 506 -63.92 -58.31 43.81
C VAL C 506 -64.86 -57.22 43.31
N GLN C 507 -65.22 -57.27 42.02
CA GLN C 507 -66.00 -56.18 41.45
C GLN C 507 -67.39 -56.10 42.07
N LEU C 508 -67.97 -57.26 42.40
CA LEU C 508 -69.26 -57.25 43.07
C LEU C 508 -69.14 -56.61 44.45
N GLU C 509 -68.05 -56.87 45.16
CA GLU C 509 -67.83 -56.21 46.45
C GLU C 509 -67.71 -54.70 46.29
N ASP C 510 -66.84 -54.26 45.38
CA ASP C 510 -66.60 -52.83 45.19
C ASP C 510 -67.88 -52.10 44.82
N GLN C 511 -68.74 -52.73 44.02
CA GLN C 511 -69.89 -52.03 43.47
C GLN C 511 -71.06 -51.98 44.45
N PHE C 512 -71.65 -53.15 44.74
CA PHE C 512 -73.01 -53.18 45.29
C PHE C 512 -73.08 -53.32 46.81
N ILE C 513 -72.03 -53.79 47.47
CA ILE C 513 -72.05 -53.84 48.92
C ILE C 513 -71.99 -52.41 49.45
N GLY C 514 -72.84 -52.10 50.42
CA GLY C 514 -72.98 -50.76 50.95
C GLY C 514 -74.03 -49.89 50.30
N THR C 515 -74.51 -50.26 49.11
CA THR C 515 -75.45 -49.44 48.37
C THR C 515 -76.88 -49.75 48.81
N ARG C 516 -77.71 -48.72 48.84
CA ARG C 516 -79.11 -48.90 49.20
C ARG C 516 -79.87 -49.65 48.11
N THR C 517 -80.86 -50.44 48.55
CA THR C 517 -81.64 -51.32 47.69
C THR C 517 -82.82 -50.53 47.13
N ILE C 518 -82.54 -49.73 46.10
CA ILE C 518 -83.58 -49.02 45.38
C ILE C 518 -84.43 -50.03 44.61
N ASN C 519 -85.54 -49.55 44.03
CA ASN C 519 -86.44 -50.45 43.30
C ASN C 519 -85.77 -51.08 42.08
N THR C 520 -84.82 -50.36 41.47
CA THR C 520 -84.13 -50.81 40.26
C THR C 520 -82.80 -51.49 40.56
N SER C 521 -82.58 -51.92 41.81
CA SER C 521 -81.30 -52.50 42.19
C SER C 521 -81.07 -53.81 41.45
N ALA C 522 -82.09 -54.66 41.38
CA ALA C 522 -81.91 -55.94 40.71
C ALA C 522 -81.71 -55.75 39.22
N SER C 523 -82.44 -54.83 38.60
CA SER C 523 -82.21 -54.58 37.17
C SER C 523 -80.81 -54.03 36.94
N ILE C 524 -80.35 -53.14 37.81
CA ILE C 524 -79.01 -52.58 37.65
C ILE C 524 -77.97 -53.67 37.78
N ILE C 525 -78.12 -54.55 38.77
CA ILE C 525 -77.18 -55.65 38.94
C ILE C 525 -77.17 -56.53 37.70
N LYS C 526 -78.35 -56.83 37.16
CA LYS C 526 -78.43 -57.67 35.98
C LYS C 526 -77.73 -57.00 34.80
N ASP C 527 -77.92 -55.69 34.64
CA ASP C 527 -77.27 -54.97 33.55
C ASP C 527 -75.76 -54.90 33.74
N PHE C 528 -75.32 -54.68 34.96
CA PHE C 528 -73.88 -54.67 35.25
C PHE C 528 -73.26 -56.00 34.92
N ILE C 529 -73.88 -57.09 35.37
CA ILE C 529 -73.31 -58.42 35.15
C ILE C 529 -73.32 -58.74 33.67
N GLN C 530 -74.39 -58.39 32.96
CA GLN C 530 -74.42 -58.65 31.53
C GLN C 530 -73.34 -57.86 30.80
N SER C 531 -73.05 -56.64 31.28
CA SER C 531 -72.00 -55.84 30.64
C SER C 531 -70.64 -56.47 30.87
N TYR C 532 -70.40 -56.92 32.11
CA TYR C 532 -69.14 -57.57 32.45
C TYR C 532 -68.93 -58.85 31.64
N LEU C 533 -69.98 -59.65 31.49
CA LEU C 533 -69.86 -60.87 30.71
C LEU C 533 -69.68 -60.55 29.22
N GLY C 534 -70.31 -59.49 28.75
CA GLY C 534 -70.05 -59.05 27.39
C GLY C 534 -68.59 -58.67 27.18
N ARG C 535 -68.08 -57.81 28.05
CA ARG C 535 -66.68 -57.39 28.02
C ARG C 535 -65.73 -58.60 28.05
N LYS C 536 -65.99 -59.56 28.94
CA LYS C 536 -65.14 -60.74 29.00
C LYS C 536 -65.22 -61.54 27.71
N LYS C 537 -66.41 -61.57 27.08
CA LYS C 537 -66.51 -62.23 25.79
C LYS C 537 -65.75 -61.45 24.72
N ARG C 538 -65.59 -60.14 24.90
CA ARG C 538 -64.88 -59.31 23.94
C ARG C 538 -63.40 -59.63 23.93
N ASP C 539 -62.83 -59.92 25.10
CA ASP C 539 -61.42 -60.30 25.22
C ASP C 539 -61.16 -61.78 24.95
N ASN C 540 -62.18 -62.55 24.57
CA ASN C 540 -62.06 -64.01 24.40
C ASN C 540 -61.47 -64.68 25.64
N GLU C 541 -61.86 -64.20 26.83
CA GLU C 541 -61.60 -64.97 28.04
C GLU C 541 -62.66 -66.03 28.30
N ILE C 542 -63.89 -65.80 27.85
CA ILE C 542 -64.94 -66.80 27.86
C ILE C 542 -65.42 -67.02 26.42
N GLN C 543 -66.04 -68.18 26.20
CA GLN C 543 -66.57 -68.50 24.86
C GLN C 543 -67.86 -67.75 24.57
N ASP C 544 -68.92 -68.05 25.31
CA ASP C 544 -70.22 -67.45 25.09
C ASP C 544 -71.03 -67.58 26.37
N PHE C 545 -72.10 -66.77 26.46
CA PHE C 545 -72.98 -66.80 27.62
C PHE C 545 -74.36 -66.33 27.17
N PRO C 546 -75.47 -66.98 27.63
CA PRO C 546 -76.79 -66.44 27.30
C PRO C 546 -77.21 -65.36 28.28
N ALA C 547 -77.52 -64.16 27.78
CA ALA C 547 -77.91 -63.07 28.67
C ALA C 547 -79.17 -63.38 29.46
N GLU C 548 -80.07 -64.22 28.92
CA GLU C 548 -81.37 -64.42 29.56
C GLU C 548 -81.21 -65.05 30.94
N ASP C 549 -80.35 -66.07 31.05
CA ASP C 549 -80.08 -66.75 32.32
C ASP C 549 -79.63 -65.84 33.45
N VAL C 550 -79.22 -64.60 33.18
CA VAL C 550 -78.79 -63.71 34.26
C VAL C 550 -80.03 -63.27 35.01
N GLN C 551 -80.33 -63.94 36.11
CA GLN C 551 -81.48 -63.61 36.96
C GLN C 551 -81.02 -63.19 38.35
N VAL C 552 -81.70 -62.20 38.92
CA VAL C 552 -81.32 -61.54 40.16
C VAL C 552 -82.49 -61.58 41.12
N ILE C 553 -82.25 -62.09 42.33
CA ILE C 553 -83.23 -62.09 43.40
C ILE C 553 -82.64 -61.20 44.48
N VAL C 554 -83.46 -60.27 44.99
CA VAL C 554 -83.06 -59.39 46.08
C VAL C 554 -84.10 -59.52 47.18
N GLU C 555 -83.63 -59.71 48.41
CA GLU C 555 -84.51 -59.84 49.56
C GLU C 555 -83.72 -59.49 50.81
N GLY C 556 -84.06 -58.36 51.42
CA GLY C 556 -83.39 -57.98 52.66
C GLY C 556 -81.95 -57.57 52.37
N ASN C 557 -81.01 -58.14 53.12
CA ASN C 557 -79.60 -57.90 52.93
C ASN C 557 -78.93 -58.90 52.00
N GLU C 558 -79.70 -59.82 51.42
CA GLU C 558 -79.17 -60.90 50.60
C GLU C 558 -79.50 -60.66 49.12
N ALA C 559 -78.52 -60.93 48.25
CA ALA C 559 -78.70 -60.87 46.81
C ALA C 559 -78.25 -62.18 46.19
N ARG C 560 -79.17 -62.89 45.53
CA ARG C 560 -78.90 -64.19 44.93
C ARG C 560 -78.92 -64.02 43.42
N ILE C 561 -77.91 -64.59 42.74
CA ILE C 561 -77.73 -64.43 41.30
C ILE C 561 -77.42 -65.80 40.70
N SER C 562 -78.05 -66.11 39.58
CA SER C 562 -77.76 -67.30 38.79
C SER C 562 -77.28 -66.89 37.40
N MET C 563 -76.42 -67.72 36.83
CA MET C 563 -75.87 -67.45 35.51
C MET C 563 -75.37 -68.75 34.90
N THR C 564 -75.12 -68.70 33.59
CA THR C 564 -74.50 -69.79 32.85
C THR C 564 -73.44 -69.20 31.93
N VAL C 565 -72.29 -69.88 31.86
CA VAL C 565 -71.16 -69.45 31.04
C VAL C 565 -70.61 -70.67 30.34
N TYR C 566 -70.25 -70.51 29.06
CA TYR C 566 -69.55 -71.54 28.32
C TYR C 566 -68.04 -71.31 28.43
N PRO C 567 -67.27 -72.21 29.05
CA PRO C 567 -65.88 -71.88 29.38
C PRO C 567 -65.05 -71.79 28.11
N ILE C 568 -63.99 -70.97 28.18
CA ILE C 568 -63.06 -70.90 27.07
C ILE C 568 -62.37 -72.26 26.92
N ARG C 569 -61.98 -72.59 25.70
CA ARG C 569 -61.31 -73.86 25.42
C ARG C 569 -60.21 -73.65 24.40
N SER C 570 -59.26 -74.59 24.37
CA SER C 570 -58.10 -74.54 23.48
C SER C 570 -58.01 -75.86 22.70
N PHE C 571 -57.75 -75.76 21.39
CA PHE C 571 -57.68 -76.94 20.53
C PHE C 571 -56.50 -77.81 20.92
N LYS C 572 -56.76 -79.09 21.20
CA LYS C 572 -55.70 -80.08 21.38
C LYS C 572 -55.95 -81.37 20.60
N LYS C 573 -56.69 -81.29 19.49
CA LYS C 573 -56.82 -82.42 18.58
C LYS C 573 -57.56 -81.98 17.32
N ILE C 574 -57.06 -82.37 16.16
CA ILE C 574 -57.69 -82.08 14.88
C ILE C 574 -57.77 -83.40 14.11
N SER C 575 -58.97 -83.76 13.67
CA SER C 575 -59.21 -84.93 12.83
C SER C 575 -59.84 -84.43 11.54
N VAL C 576 -59.21 -84.76 10.41
CA VAL C 576 -59.67 -84.32 9.10
C VAL C 576 -59.65 -85.51 8.15
N SER C 577 -60.71 -85.62 7.36
CA SER C 577 -60.92 -86.70 6.40
C SER C 577 -60.88 -86.12 4.99
N LEU C 578 -60.16 -86.78 4.09
CA LEU C 578 -60.03 -86.37 2.69
C LEU C 578 -60.55 -87.49 1.80
N VAL C 579 -61.25 -87.10 0.72
CA VAL C 579 -61.83 -88.02 -0.24
C VAL C 579 -61.47 -87.53 -1.64
N TYR C 580 -60.95 -88.43 -2.47
CA TYR C 580 -60.66 -88.13 -3.88
C TYR C 580 -61.81 -88.58 -4.77
N LYS C 581 -62.04 -87.79 -5.83
CA LYS C 581 -63.08 -88.11 -6.80
C LYS C 581 -62.61 -87.81 -8.22
N GLN C 582 -63.05 -88.64 -9.16
CA GLN C 582 -62.82 -88.42 -10.57
C GLN C 582 -63.63 -87.22 -11.06
N GLN C 583 -63.12 -86.57 -12.11
CA GLN C 583 -63.85 -85.53 -12.83
C GLN C 583 -63.54 -85.63 -14.31
N THR C 584 -64.55 -85.33 -15.13
CA THR C 584 -64.43 -85.27 -16.59
C THR C 584 -64.88 -83.89 -17.06
N LEU C 585 -64.07 -83.27 -17.92
CA LEU C 585 -64.34 -81.96 -18.49
C LEU C 585 -64.61 -82.08 -19.98
N GLN C 586 -65.54 -81.27 -20.49
CA GLN C 586 -65.89 -81.27 -21.90
C GLN C 586 -66.08 -79.85 -22.40
N ALA C 587 -65.53 -79.56 -23.58
CA ALA C 587 -65.65 -78.26 -24.24
C ALA C 587 -65.03 -77.13 -23.43
N VAL D 3 -99.21 -14.30 52.23
CA VAL D 3 -100.69 -14.49 52.21
C VAL D 3 -101.30 -13.30 52.94
N GLU D 4 -101.12 -12.11 52.39
CA GLU D 4 -101.71 -10.88 52.90
C GLU D 4 -102.20 -10.03 51.73
N PRO D 5 -103.12 -9.09 52.01
CA PRO D 5 -103.65 -8.25 50.92
C PRO D 5 -102.73 -7.08 50.63
N PHE D 6 -102.75 -6.62 49.38
CA PHE D 6 -102.04 -5.41 48.95
C PHE D 6 -103.05 -4.29 48.65
N PRO D 7 -103.03 -3.12 49.35
CA PRO D 7 -102.20 -2.79 50.52
C PRO D 7 -102.62 -3.61 51.73
N ARG D 8 -101.85 -3.51 52.82
CA ARG D 8 -102.20 -4.19 54.07
C ARG D 8 -103.03 -3.28 54.96
N ARG D 9 -104.12 -2.76 54.40
CA ARG D 9 -104.99 -1.80 55.06
C ARG D 9 -106.34 -1.84 54.34
N PRO D 10 -107.30 -2.65 54.80
CA PRO D 10 -108.59 -2.74 54.09
C PRO D 10 -109.31 -1.41 54.02
N ILE D 11 -109.92 -1.14 52.86
CA ILE D 11 -110.63 0.09 52.57
C ILE D 11 -111.98 -0.24 51.95
N THR D 12 -112.97 0.60 52.21
CA THR D 12 -114.34 0.36 51.76
C THR D 12 -114.66 0.99 50.41
N ARG D 13 -114.05 2.13 50.10
CA ARG D 13 -114.29 2.80 48.83
C ARG D 13 -113.85 1.90 47.66
N PRO D 14 -114.36 2.14 46.44
CA PRO D 14 -114.04 1.23 45.33
C PRO D 14 -112.55 1.22 45.03
N HIS D 15 -112.03 0.05 44.71
CA HIS D 15 -110.60 -0.17 44.51
C HIS D 15 -110.43 -1.56 43.89
N ALA D 16 -109.18 -2.05 43.86
CA ALA D 16 -108.86 -3.38 43.34
C ALA D 16 -107.72 -3.97 44.16
N SER D 17 -107.99 -4.95 45.03
CA SER D 17 -106.94 -5.47 45.90
C SER D 17 -106.41 -6.82 45.40
N ILE D 18 -105.18 -7.13 45.80
CA ILE D 18 -104.48 -8.37 45.43
C ILE D 18 -104.07 -9.09 46.70
N GLU D 19 -104.21 -10.41 46.69
CA GLU D 19 -103.90 -11.26 47.85
C GLU D 19 -102.89 -12.33 47.45
N VAL D 20 -101.68 -11.88 47.08
CA VAL D 20 -100.69 -12.80 46.53
C VAL D 20 -100.31 -13.82 47.58
N ASP D 21 -100.09 -15.06 47.13
CA ASP D 21 -99.56 -16.14 47.95
C ASP D 21 -98.14 -16.39 47.46
N THR D 22 -97.17 -16.06 48.29
CA THR D 22 -95.76 -16.20 47.93
C THR D 22 -95.19 -17.57 48.25
N SER D 23 -95.93 -18.42 48.96
CA SER D 23 -95.43 -19.75 49.28
C SER D 23 -95.42 -20.61 48.02
N GLY D 24 -94.90 -21.82 48.17
CA GLY D 24 -94.85 -22.84 47.14
C GLY D 24 -93.63 -22.80 46.24
N ILE D 25 -92.68 -21.91 46.50
CA ILE D 25 -91.51 -21.73 45.66
C ILE D 25 -90.25 -21.80 46.52
N GLY D 26 -90.32 -22.51 47.64
CA GLY D 26 -89.18 -22.64 48.53
C GLY D 26 -88.04 -23.48 48.00
N SER D 32 -84.08 -32.55 56.57
CA SER D 32 -83.21 -32.40 57.73
C SER D 32 -81.74 -32.24 57.33
N GLU D 33 -80.99 -31.53 58.17
CA GLU D 33 -79.58 -31.23 57.92
C GLU D 33 -78.62 -32.21 58.58
N LYS D 34 -79.10 -33.06 59.50
CA LYS D 34 -78.27 -34.03 60.23
C LYS D 34 -77.01 -33.38 60.81
N VAL D 35 -77.22 -32.45 61.74
CA VAL D 35 -76.08 -31.77 62.34
C VAL D 35 -75.30 -32.76 63.19
N PHE D 36 -73.98 -32.61 63.20
CA PHE D 36 -73.06 -33.42 64.00
C PHE D 36 -72.57 -32.59 65.18
N CYS D 37 -72.61 -33.17 66.37
CA CYS D 37 -72.19 -32.52 67.60
C CYS D 37 -70.83 -33.05 68.03
N LEU D 38 -70.12 -32.23 68.80
CA LEU D 38 -68.82 -32.59 69.36
C LEU D 38 -68.66 -31.99 70.75
N ILE D 39 -68.01 -32.74 71.64
CA ILE D 39 -67.64 -32.26 72.97
C ILE D 39 -66.19 -32.61 73.19
N GLY D 40 -65.40 -31.63 73.61
CA GLY D 40 -63.98 -31.86 73.76
C GLY D 40 -63.27 -30.67 74.38
N GLN D 41 -61.94 -30.74 74.32
CA GLN D 41 -61.05 -29.89 75.09
C GLN D 41 -60.43 -28.82 74.20
N ALA D 42 -60.41 -27.57 74.68
CA ALA D 42 -59.81 -26.49 73.91
C ALA D 42 -59.44 -25.35 74.82
N GLU D 43 -58.49 -24.53 74.34
CA GLU D 43 -57.97 -23.39 75.08
C GLU D 43 -58.72 -22.11 74.70
N GLY D 44 -60.02 -22.11 74.95
CA GLY D 44 -60.84 -20.99 74.55
C GLY D 44 -62.30 -21.37 74.46
N GLY D 45 -63.14 -20.35 74.56
CA GLY D 45 -64.59 -20.52 74.57
C GLY D 45 -65.15 -20.68 75.98
N GLU D 46 -66.39 -20.21 76.13
CA GLU D 46 -67.02 -20.13 77.44
C GLU D 46 -67.39 -21.52 77.95
N PRO D 47 -67.58 -21.69 79.26
CA PRO D 47 -68.00 -23.01 79.77
C PRO D 47 -69.51 -23.21 79.68
N ASN D 48 -69.90 -24.46 79.43
CA ASN D 48 -71.30 -24.86 79.41
C ASN D 48 -72.06 -24.18 78.28
N THR D 49 -71.37 -23.95 77.16
CA THR D 49 -71.92 -23.23 76.02
C THR D 49 -71.65 -24.04 74.76
N VAL D 50 -72.56 -23.92 73.79
CA VAL D 50 -72.47 -24.59 72.51
C VAL D 50 -72.32 -23.53 71.43
N TYR D 51 -71.41 -23.77 70.49
CA TYR D 51 -71.15 -22.86 69.38
C TYR D 51 -71.24 -23.61 68.05
N GLU D 52 -71.77 -22.93 67.05
CA GLU D 52 -71.86 -23.48 65.70
C GLU D 52 -70.58 -23.22 64.93
N LEU D 53 -70.14 -24.22 64.18
CA LEU D 53 -68.92 -24.16 63.40
C LEU D 53 -69.20 -24.50 61.95
N ARG D 54 -68.58 -23.75 61.04
CA ARG D 54 -68.68 -24.00 59.62
C ARG D 54 -67.35 -23.89 58.88
N ASN D 55 -66.31 -23.31 59.46
CA ASN D 55 -65.03 -23.12 58.81
C ASN D 55 -63.91 -23.36 59.81
N TYR D 56 -62.77 -23.82 59.30
CA TYR D 56 -61.62 -24.10 60.16
C TYR D 56 -61.15 -22.84 60.88
N SER D 57 -60.92 -21.76 60.12
CA SER D 57 -60.59 -20.47 60.72
C SER D 57 -61.62 -20.06 61.78
N GLN D 58 -62.91 -20.26 61.51
CA GLN D 58 -63.92 -19.87 62.49
C GLN D 58 -63.75 -20.66 63.78
N ALA D 59 -63.51 -21.97 63.68
CA ALA D 59 -63.25 -22.78 64.88
C ALA D 59 -61.98 -22.33 65.59
N LYS D 60 -60.93 -22.06 64.81
CA LYS D 60 -59.65 -21.66 65.38
C LYS D 60 -59.72 -20.31 66.07
N ARG D 61 -60.65 -19.43 65.66
CA ARG D 61 -60.79 -18.15 66.35
C ARG D 61 -61.19 -18.36 67.79
N LEU D 62 -62.24 -19.14 68.03
CA LEU D 62 -62.77 -19.36 69.36
C LEU D 62 -61.99 -20.46 70.07
N PHE D 63 -62.07 -21.69 69.55
CA PHE D 63 -61.27 -22.81 70.05
C PHE D 63 -59.84 -22.62 69.58
N ARG D 64 -59.03 -21.99 70.43
CA ARG D 64 -57.69 -21.60 70.01
C ARG D 64 -56.82 -22.81 69.71
N SER D 65 -56.70 -23.73 70.67
CA SER D 65 -55.87 -24.91 70.49
C SER D 65 -56.37 -26.00 71.43
N GLY D 66 -56.10 -27.24 71.06
CA GLY D 66 -56.48 -28.38 71.88
C GLY D 66 -56.85 -29.57 71.02
N GLU D 67 -57.30 -30.63 71.70
CA GLU D 67 -57.75 -31.82 71.00
C GLU D 67 -59.07 -31.61 70.28
N LEU D 68 -59.90 -30.67 70.74
CA LEU D 68 -61.17 -30.44 70.08
C LEU D 68 -60.98 -29.87 68.69
N LEU D 69 -60.03 -28.95 68.51
CA LEU D 69 -59.73 -28.44 67.17
C LEU D 69 -59.33 -29.58 66.25
N ASP D 70 -58.40 -30.44 66.71
CA ASP D 70 -58.00 -31.60 65.91
C ASP D 70 -59.18 -32.50 65.56
N ALA D 71 -60.13 -32.62 66.49
CA ALA D 71 -61.29 -33.46 66.21
C ALA D 71 -62.19 -32.83 65.15
N ILE D 72 -62.36 -31.50 65.21
CA ILE D 72 -63.12 -30.79 64.18
C ILE D 72 -62.44 -30.98 62.82
N GLU D 73 -61.12 -30.85 62.77
CA GLU D 73 -60.39 -30.99 61.51
C GLU D 73 -60.52 -32.40 60.97
N LEU D 74 -60.47 -33.39 61.85
CA LEU D 74 -60.64 -34.76 61.41
C LEU D 74 -62.07 -35.01 60.92
N ALA D 75 -63.06 -34.40 61.59
CA ALA D 75 -64.44 -34.63 61.19
C ALA D 75 -64.75 -33.99 59.85
N TRP D 76 -64.22 -32.79 59.59
CA TRP D 76 -64.41 -32.18 58.28
C TRP D 76 -63.58 -32.87 57.22
N GLY D 77 -62.40 -33.35 57.58
CA GLY D 77 -61.59 -34.10 56.66
C GLY D 77 -61.96 -35.55 56.46
N SER D 78 -62.95 -36.06 57.20
CA SER D 78 -63.30 -37.46 57.10
C SER D 78 -64.08 -37.79 55.83
N ASN D 79 -64.57 -36.77 55.13
CA ASN D 79 -65.35 -36.96 53.90
C ASN D 79 -64.93 -35.89 52.90
N PRO D 80 -63.74 -36.04 52.29
CA PRO D 80 -63.31 -35.02 51.32
C PRO D 80 -64.23 -34.89 50.11
N ASN D 81 -64.83 -35.99 49.64
CA ASN D 81 -65.76 -35.92 48.51
C ASN D 81 -67.04 -35.16 48.84
N TYR D 82 -67.38 -34.95 50.11
CA TYR D 82 -68.62 -34.29 50.51
C TYR D 82 -68.36 -32.92 51.14
N THR D 83 -69.44 -32.14 51.23
CA THR D 83 -69.39 -30.79 51.77
C THR D 83 -68.94 -30.80 53.24
N ALA D 84 -68.49 -29.64 53.69
CA ALA D 84 -68.19 -29.40 55.11
C ALA D 84 -69.48 -28.94 55.78
N GLY D 85 -70.14 -29.85 56.51
CA GLY D 85 -71.42 -29.55 57.11
C GLY D 85 -71.33 -28.82 58.44
N ARG D 86 -72.50 -28.39 58.92
CA ARG D 86 -72.60 -27.73 60.22
C ARG D 86 -72.11 -28.65 61.33
N ILE D 87 -71.41 -28.09 62.31
CA ILE D 87 -70.92 -28.84 63.46
C ILE D 87 -71.12 -27.97 64.69
N LEU D 88 -71.59 -28.58 65.78
CA LEU D 88 -71.70 -27.93 67.07
C LEU D 88 -70.63 -28.45 68.02
N ALA D 89 -70.00 -27.52 68.75
CA ALA D 89 -68.86 -27.80 69.60
C ALA D 89 -69.12 -27.22 70.98
N MET D 90 -68.54 -27.86 71.99
CA MET D 90 -68.68 -27.42 73.38
C MET D 90 -67.34 -27.63 74.09
N ARG D 91 -67.08 -26.77 75.06
CA ARG D 91 -65.95 -26.90 75.98
C ARG D 91 -66.42 -27.54 77.27
N ILE D 92 -65.53 -28.34 77.88
CA ILE D 92 -65.89 -29.10 79.07
C ILE D 92 -65.39 -28.41 80.34
N GLU D 93 -64.24 -27.75 80.25
CA GLU D 93 -63.62 -27.20 81.45
C GLU D 93 -64.44 -26.04 81.99
N ASP D 94 -64.54 -25.95 83.32
CA ASP D 94 -65.24 -24.87 83.99
C ASP D 94 -64.28 -23.68 84.12
N ALA D 95 -64.05 -23.02 82.99
CA ALA D 95 -63.08 -21.94 82.90
C ALA D 95 -63.70 -20.60 83.31
N LYS D 96 -62.84 -19.67 83.72
CA LYS D 96 -63.22 -18.32 84.11
C LYS D 96 -62.32 -17.32 83.40
N PRO D 97 -62.79 -16.08 83.22
CA PRO D 97 -62.01 -15.09 82.49
C PRO D 97 -61.03 -14.34 83.37
N ALA D 98 -59.94 -13.88 82.75
CA ALA D 98 -59.03 -12.99 83.44
C ALA D 98 -59.67 -11.63 83.64
N SER D 99 -59.44 -11.05 84.82
CA SER D 99 -59.92 -9.71 85.16
C SER D 99 -58.96 -9.05 86.15
N ALA D 100 -58.92 -7.72 86.13
CA ALA D 100 -58.15 -6.96 87.10
C ALA D 100 -58.91 -5.68 87.42
N GLU D 101 -58.65 -5.14 88.61
CA GLU D 101 -59.20 -3.87 89.07
C GLU D 101 -58.03 -2.91 89.29
N ILE D 102 -57.92 -1.88 88.45
CA ILE D 102 -56.89 -0.86 88.57
C ILE D 102 -57.55 0.49 88.35
N GLY D 103 -57.21 1.46 89.20
CA GLY D 103 -57.89 2.74 89.11
C GLY D 103 -59.35 2.62 89.52
N GLY D 104 -60.19 3.45 88.91
CA GLY D 104 -61.63 3.43 89.16
C GLY D 104 -62.43 2.44 88.35
N LEU D 105 -61.79 1.70 87.44
CA LEU D 105 -62.49 0.87 86.47
C LEU D 105 -62.32 -0.61 86.80
N LYS D 106 -63.37 -1.37 86.51
CA LYS D 106 -63.32 -2.83 86.54
C LYS D 106 -63.04 -3.33 85.13
N ILE D 107 -61.96 -4.10 84.99
CA ILE D 107 -61.47 -4.56 83.69
C ILE D 107 -61.60 -6.08 83.67
N THR D 108 -62.27 -6.61 82.66
CA THR D 108 -62.46 -8.04 82.49
C THR D 108 -62.31 -8.39 81.02
N SER D 109 -61.64 -9.52 80.75
CA SER D 109 -61.45 -9.98 79.38
C SER D 109 -62.59 -10.89 78.93
N LYS D 110 -62.78 -10.98 77.61
CA LYS D 110 -63.80 -11.85 77.05
C LYS D 110 -63.33 -13.30 76.95
N ILE D 111 -62.03 -13.51 76.73
CA ILE D 111 -61.48 -14.85 76.60
C ILE D 111 -61.55 -15.55 77.95
N TYR D 112 -61.87 -16.84 77.92
CA TYR D 112 -61.98 -17.68 79.11
C TYR D 112 -60.82 -18.66 79.12
N GLY D 113 -60.04 -18.66 80.21
CA GLY D 113 -58.94 -19.59 80.41
C GLY D 113 -57.70 -18.89 80.88
N ASN D 114 -56.58 -19.63 80.91
CA ASN D 114 -55.32 -19.03 81.35
C ASN D 114 -54.67 -18.20 80.27
N VAL D 115 -55.08 -18.34 79.01
CA VAL D 115 -54.52 -17.51 77.95
C VAL D 115 -54.91 -16.05 78.16
N ALA D 116 -56.10 -15.81 78.71
CA ALA D 116 -56.63 -14.46 78.87
C ALA D 116 -55.73 -13.57 79.74
N ASN D 117 -54.91 -14.18 80.60
CA ASN D 117 -54.01 -13.46 81.51
C ASN D 117 -52.96 -12.67 80.74
N ASN D 118 -52.63 -13.08 79.52
CA ASN D 118 -51.64 -12.32 78.74
C ASN D 118 -52.16 -10.98 78.26
N ILE D 119 -53.46 -10.74 78.33
CA ILE D 119 -54.03 -9.47 77.87
C ILE D 119 -53.52 -8.35 78.76
N GLN D 120 -53.18 -7.22 78.15
CA GLN D 120 -52.63 -6.05 78.83
C GLN D 120 -53.41 -4.81 78.41
N VAL D 121 -53.78 -4.00 79.39
CA VAL D 121 -54.57 -2.79 79.17
C VAL D 121 -53.97 -1.66 79.99
N GLY D 122 -53.92 -0.47 79.39
CA GLY D 122 -53.48 0.71 80.10
C GLY D 122 -54.07 1.99 79.55
N LEU D 123 -54.37 2.94 80.43
CA LEU D 123 -54.92 4.24 80.05
C LEU D 123 -53.82 5.29 80.04
N GLU D 124 -53.96 6.25 79.12
CA GLU D 124 -52.98 7.33 78.96
C GLU D 124 -53.74 8.65 78.78
N LYS D 125 -52.99 9.72 78.51
CA LYS D 125 -53.57 11.03 78.28
C LYS D 125 -52.79 11.77 77.20
N ASN D 126 -53.50 12.60 76.43
CA ASN D 126 -52.90 13.39 75.37
C ASN D 126 -52.95 14.88 75.75
N THR D 127 -51.78 15.53 75.72
CA THR D 127 -51.68 16.88 76.25
C THR D 127 -52.44 17.90 75.40
N LEU D 128 -52.31 17.79 74.08
CA LEU D 128 -52.95 18.75 73.19
C LEU D 128 -54.47 18.73 73.34
N SER D 129 -55.09 17.56 73.21
CA SER D 129 -56.54 17.49 73.26
C SER D 129 -57.09 17.48 74.67
N ASP D 130 -56.24 17.45 75.71
CA ASP D 130 -56.69 17.37 77.10
C ASP D 130 -57.65 16.20 77.29
N SER D 131 -57.29 15.06 76.69
CA SER D 131 -58.16 13.91 76.59
C SER D 131 -57.39 12.65 76.96
N LEU D 132 -58.11 11.71 77.57
CA LEU D 132 -57.61 10.41 77.95
C LEU D 132 -57.46 9.53 76.71
N ARG D 133 -56.64 8.48 76.84
CA ARG D 133 -56.42 7.53 75.76
C ARG D 133 -56.37 6.12 76.34
N LEU D 134 -56.83 5.15 75.55
CA LEU D 134 -56.85 3.74 75.93
C LEU D 134 -56.08 2.91 74.91
N ARG D 135 -55.36 1.90 75.40
CA ARG D 135 -54.64 0.98 74.53
C ARG D 135 -54.70 -0.43 75.11
N VAL D 136 -54.94 -1.40 74.24
CA VAL D 136 -55.02 -2.81 74.60
C VAL D 136 -54.00 -3.55 73.74
N ILE D 137 -53.23 -4.43 74.38
CA ILE D 137 -52.23 -5.26 73.73
C ILE D 137 -52.45 -6.72 74.13
N PHE D 138 -52.32 -7.61 73.15
CA PHE D 138 -52.38 -9.06 73.36
C PHE D 138 -51.27 -9.67 72.51
N GLN D 139 -50.16 -10.05 73.16
CA GLN D 139 -48.92 -10.39 72.47
C GLN D 139 -48.95 -11.77 71.84
N ASP D 140 -49.99 -12.58 72.10
CA ASP D 140 -50.00 -13.92 71.55
C ASP D 140 -50.37 -13.94 70.07
N ASP D 141 -51.09 -12.91 69.59
CA ASP D 141 -51.49 -12.77 68.20
C ASP D 141 -51.08 -11.42 67.63
N ARG D 142 -50.13 -10.72 68.28
CA ARG D 142 -49.67 -9.40 67.83
C ARG D 142 -50.82 -8.41 67.70
N PHE D 143 -51.86 -8.58 68.51
CA PHE D 143 -53.03 -7.72 68.45
C PHE D 143 -52.78 -6.42 69.20
N ASN D 144 -53.26 -5.32 68.62
CA ASN D 144 -53.07 -4.00 69.24
C ASN D 144 -54.16 -3.06 68.76
N GLU D 145 -54.78 -2.36 69.71
CA GLU D 145 -55.86 -1.41 69.42
C GLU D 145 -55.68 -0.18 70.30
N VAL D 146 -56.14 0.96 69.78
CA VAL D 146 -56.07 2.24 70.49
C VAL D 146 -57.41 2.93 70.33
N TYR D 147 -58.01 3.34 71.45
CA TYR D 147 -59.20 4.18 71.49
C TYR D 147 -58.76 5.56 71.97
N ASP D 148 -58.58 6.47 71.03
CA ASP D 148 -58.08 7.81 71.29
C ASP D 148 -59.23 8.78 71.54
N ASN D 149 -58.90 9.92 72.16
CA ASN D 149 -59.82 11.05 72.34
C ASN D 149 -60.96 10.69 73.29
N ILE D 150 -60.62 10.10 74.43
CA ILE D 150 -61.63 9.83 75.45
C ILE D 150 -61.99 11.15 76.10
N GLY D 151 -63.27 11.46 76.14
CA GLY D 151 -63.74 12.77 76.54
C GLY D 151 -63.97 13.65 75.34
N ASN D 152 -64.17 14.93 75.63
CA ASN D 152 -64.45 15.96 74.64
C ASN D 152 -65.75 15.64 73.88
N ILE D 153 -66.83 15.44 74.64
CA ILE D 153 -68.10 15.08 74.00
C ILE D 153 -68.69 16.28 73.26
N PHE D 154 -68.54 17.47 73.82
CA PHE D 154 -68.98 18.70 73.17
C PHE D 154 -68.41 19.88 73.97
N THR D 155 -68.08 20.95 73.26
CA THR D 155 -67.59 22.16 73.90
C THR D 155 -68.74 23.08 74.26
N ILE D 156 -68.42 24.10 75.07
CA ILE D 156 -69.34 25.21 75.30
C ILE D 156 -68.52 26.49 75.23
N LYS D 157 -69.07 27.51 74.58
CA LYS D 157 -68.37 28.77 74.39
C LYS D 157 -69.34 29.91 74.68
N TYR D 158 -68.82 30.96 75.32
CA TYR D 158 -69.62 32.08 75.81
C TYR D 158 -69.08 33.36 75.18
N LYS D 159 -69.93 34.02 74.40
CA LYS D 159 -69.53 35.20 73.64
C LYS D 159 -70.09 36.50 74.22
N GLY D 160 -70.63 36.48 75.45
CA GLY D 160 -71.13 37.69 76.05
C GLY D 160 -70.04 38.50 76.75
N GLU D 161 -70.33 39.77 76.97
CA GLU D 161 -69.35 40.71 77.49
C GLU D 161 -69.29 40.76 79.02
N GLU D 162 -70.14 40.00 79.71
CA GLU D 162 -70.15 40.02 81.17
C GLU D 162 -68.92 39.32 81.74
N ALA D 163 -68.54 39.71 82.95
CA ALA D 163 -67.31 39.20 83.54
C ALA D 163 -67.46 37.75 84.01
N ASN D 164 -68.64 37.37 84.52
CA ASN D 164 -68.88 36.03 85.05
C ASN D 164 -69.76 35.24 84.09
N ALA D 165 -69.25 34.10 83.64
CA ALA D 165 -70.01 33.17 82.81
C ALA D 165 -69.40 31.79 82.99
N THR D 166 -70.14 30.90 83.65
CA THR D 166 -69.70 29.53 83.88
C THR D 166 -70.89 28.58 83.69
N PHE D 167 -70.66 27.30 83.99
CA PHE D 167 -71.68 26.27 83.89
C PHE D 167 -71.36 25.19 84.92
N SER D 168 -72.41 24.57 85.45
CA SER D 168 -72.31 23.48 86.40
C SER D 168 -73.24 22.34 86.00
N VAL D 169 -72.78 21.11 86.22
CA VAL D 169 -73.59 19.90 86.06
C VAL D 169 -73.88 19.35 87.46
N GLU D 170 -75.17 19.26 87.80
CA GLU D 170 -75.59 18.78 89.11
C GLU D 170 -76.10 17.36 89.00
N HIS D 171 -75.79 16.56 90.00
CA HIS D 171 -76.12 15.13 90.03
C HIS D 171 -77.26 14.86 91.00
N ASP D 172 -78.05 13.84 90.68
CA ASP D 172 -79.06 13.35 91.61
C ASP D 172 -78.37 12.64 92.78
N GLU D 173 -78.58 13.15 94.00
CA GLU D 173 -77.75 12.72 95.13
C GLU D 173 -78.00 11.26 95.49
N GLU D 174 -79.21 10.77 95.28
CA GLU D 174 -79.55 9.41 95.67
C GLU D 174 -78.84 8.38 94.79
N THR D 175 -78.80 8.64 93.49
CA THR D 175 -78.25 7.71 92.50
C THR D 175 -76.98 8.23 91.82
N GLN D 176 -76.58 9.47 92.11
CA GLN D 176 -75.39 10.09 91.50
C GLN D 176 -75.48 10.16 89.98
N LYS D 177 -76.70 10.16 89.43
CA LYS D 177 -76.90 10.41 88.02
C LYS D 177 -76.91 11.91 87.72
N ALA D 178 -76.34 12.30 86.58
CA ALA D 178 -76.41 13.69 86.16
C ALA D 178 -77.86 14.11 85.96
N SER D 179 -78.28 15.12 86.72
CA SER D 179 -79.68 15.56 86.78
C SER D 179 -79.93 16.93 86.16
N ARG D 180 -78.94 17.82 86.17
CA ARG D 180 -79.10 19.18 85.65
C ARG D 180 -77.80 19.65 85.01
N LEU D 181 -77.94 20.42 83.93
CA LEU D 181 -76.84 21.09 83.25
C LEU D 181 -77.15 22.58 83.32
N VAL D 182 -76.56 23.28 84.29
CA VAL D 182 -76.87 24.67 84.58
C VAL D 182 -75.84 25.58 83.94
N LEU D 183 -76.30 26.69 83.36
CA LEU D 183 -75.47 27.70 82.72
C LEU D 183 -75.78 29.05 83.37
N LYS D 184 -74.82 29.56 84.15
CA LYS D 184 -75.01 30.73 84.98
C LYS D 184 -74.21 31.92 84.47
N VAL D 185 -74.83 33.10 84.54
CA VAL D 185 -74.16 34.37 84.27
C VAL D 185 -74.35 35.27 85.49
N GLY D 186 -73.25 35.88 85.94
CA GLY D 186 -73.29 36.76 87.10
C GLY D 186 -73.42 35.98 88.39
N ASP D 187 -74.64 35.96 88.95
CA ASP D 187 -74.95 35.15 90.13
C ASP D 187 -76.36 34.55 90.03
N GLN D 188 -76.82 34.27 88.81
CA GLN D 188 -78.15 33.72 88.58
C GLN D 188 -78.07 32.69 87.47
N GLU D 189 -79.06 31.81 87.42
CA GLU D 189 -79.14 30.78 86.40
C GLU D 189 -79.87 31.34 85.20
N VAL D 190 -79.12 31.64 84.13
CA VAL D 190 -79.74 32.06 82.88
C VAL D 190 -80.64 30.95 82.35
N LYS D 191 -80.14 29.71 82.35
CA LYS D 191 -80.88 28.56 81.87
C LYS D 191 -80.40 27.34 82.64
N SER D 192 -81.31 26.38 82.84
CA SER D 192 -80.99 25.14 83.56
C SER D 192 -81.74 23.99 82.91
N TYR D 193 -81.00 23.06 82.30
CA TYR D 193 -81.57 21.92 81.59
C TYR D 193 -81.93 20.83 82.60
N ASP D 194 -83.11 20.99 83.22
CA ASP D 194 -83.51 20.10 84.30
C ASP D 194 -83.93 18.77 83.68
N LEU D 195 -83.13 17.72 83.89
CA LEU D 195 -83.27 16.47 83.14
C LEU D 195 -84.42 15.62 83.70
N THR D 196 -85.62 16.18 83.60
CA THR D 196 -86.85 15.56 84.07
C THR D 196 -87.62 14.84 82.98
N GLY D 197 -87.44 15.24 81.73
CA GLY D 197 -88.14 14.63 80.63
C GLY D 197 -87.87 15.39 79.34
N GLY D 198 -88.60 15.00 78.30
CA GLY D 198 -88.49 15.67 77.03
C GLY D 198 -87.34 15.11 76.20
N ALA D 199 -87.03 15.85 75.14
CA ALA D 199 -85.92 15.49 74.24
C ALA D 199 -84.56 15.79 74.84
N TYR D 200 -84.50 16.39 76.03
CA TYR D 200 -83.22 16.71 76.65
C TYR D 200 -82.52 15.53 77.29
N ASP D 201 -83.14 14.34 77.26
CA ASP D 201 -82.45 13.16 77.79
C ASP D 201 -81.19 12.84 76.99
N TYR D 202 -81.17 13.19 75.71
CA TYR D 202 -80.02 13.03 74.85
C TYR D 202 -79.26 14.35 74.73
N THR D 203 -77.92 14.27 74.73
CA THR D 203 -77.15 15.51 74.81
C THR D 203 -77.31 16.37 73.54
N ASN D 204 -77.56 15.76 72.39
CA ASN D 204 -77.78 16.51 71.15
C ASN D 204 -78.81 17.63 71.32
N ALA D 205 -79.97 17.32 71.90
CA ALA D 205 -80.98 18.35 72.11
C ALA D 205 -80.45 19.48 72.99
N ILE D 206 -79.70 19.12 74.05
CA ILE D 206 -79.07 20.13 74.90
C ILE D 206 -78.11 20.98 74.08
N ILE D 207 -77.29 20.34 73.23
CA ILE D 207 -76.32 21.08 72.42
C ILE D 207 -77.04 22.08 71.53
N THR D 208 -78.14 21.65 70.89
CA THR D 208 -78.86 22.52 69.99
C THR D 208 -79.46 23.70 70.75
N ASP D 209 -80.04 23.44 71.92
CA ASP D 209 -80.69 24.50 72.67
C ASP D 209 -79.67 25.46 73.27
N ILE D 210 -78.46 24.99 73.57
CA ILE D 210 -77.40 25.90 73.99
C ILE D 210 -76.99 26.77 72.81
N ASN D 211 -76.91 26.20 71.60
CA ASN D 211 -76.66 27.01 70.42
C ASN D 211 -77.77 28.03 70.24
N GLN D 212 -79.01 27.68 70.60
CA GLN D 212 -80.12 28.62 70.49
C GLN D 212 -79.99 29.79 71.46
N LEU D 213 -79.18 29.67 72.51
CA LEU D 213 -79.07 30.76 73.46
C LEU D 213 -78.43 31.98 72.79
N PRO D 214 -78.81 33.20 73.18
CA PRO D 214 -78.11 34.36 72.61
C PRO D 214 -76.62 34.39 72.95
N ASP D 215 -76.26 34.20 74.22
CA ASP D 215 -74.84 34.21 74.58
C ASP D 215 -74.19 32.84 74.34
N PHE D 216 -74.59 31.84 75.12
CA PHE D 216 -73.89 30.56 75.12
C PHE D 216 -74.05 29.85 73.77
N GLU D 217 -73.06 29.04 73.43
CA GLU D 217 -73.10 28.24 72.22
C GLU D 217 -72.32 26.96 72.43
N ALA D 218 -72.88 25.84 71.95
CA ALA D 218 -72.31 24.51 72.12
C ALA D 218 -72.11 23.87 70.76
N LYS D 219 -70.89 23.42 70.49
CA LYS D 219 -70.54 22.75 69.24
C LYS D 219 -70.37 21.26 69.48
N LEU D 220 -71.02 20.45 68.65
CA LEU D 220 -70.87 19.01 68.74
C LEU D 220 -69.44 18.61 68.36
N SER D 221 -68.90 17.61 69.06
CA SER D 221 -67.46 17.35 68.99
C SER D 221 -67.05 16.84 67.61
N PRO D 222 -66.11 17.48 66.90
CA PRO D 222 -65.64 16.88 65.65
C PRO D 222 -64.78 15.66 65.83
N PHE D 223 -64.37 15.34 67.06
CA PHE D 223 -63.53 14.17 67.32
C PHE D 223 -64.39 12.92 67.51
N GLY D 224 -65.27 12.65 66.53
CA GLY D 224 -66.17 11.52 66.58
C GLY D 224 -67.45 11.83 67.33
N ASP D 225 -68.59 11.71 66.64
CA ASP D 225 -69.88 12.12 67.20
C ASP D 225 -70.33 11.11 68.25
N LYS D 226 -70.48 11.57 69.49
CA LYS D 226 -70.72 10.68 70.62
C LYS D 226 -72.19 10.54 70.98
N ASN D 227 -72.89 11.67 71.15
CA ASN D 227 -74.35 11.66 71.30
C ASN D 227 -74.77 10.86 72.53
N LEU D 228 -74.23 11.24 73.69
CA LEU D 228 -74.46 10.51 74.91
C LEU D 228 -75.76 10.97 75.56
N GLU D 229 -76.37 10.09 76.35
CA GLU D 229 -77.48 10.50 77.18
C GLU D 229 -77.01 11.50 78.22
N SER D 230 -77.88 12.47 78.53
CA SER D 230 -77.51 13.54 79.45
C SER D 230 -77.24 13.03 80.86
N SER D 231 -77.77 11.87 81.23
CA SER D 231 -77.63 11.40 82.61
C SER D 231 -76.23 10.89 82.91
N LYS D 232 -75.39 10.68 81.89
CA LYS D 232 -74.04 10.12 82.08
C LYS D 232 -72.94 11.16 81.90
N LEU D 233 -73.29 12.45 81.95
CA LEU D 233 -72.27 13.47 81.75
C LEU D 233 -71.43 13.66 83.01
N ASP D 234 -70.26 14.26 82.83
CA ASP D 234 -69.33 14.50 83.93
C ASP D 234 -69.74 15.80 84.63
N LYS D 235 -68.86 16.31 85.50
CA LYS D 235 -69.18 17.47 86.34
C LYS D 235 -68.00 18.42 86.34
N ILE D 236 -68.21 19.63 85.82
CA ILE D 236 -67.21 20.69 85.77
C ILE D 236 -67.86 21.95 86.33
N GLU D 237 -67.10 22.70 87.14
CA GLU D 237 -67.60 23.92 87.75
C GLU D 237 -66.50 24.97 87.86
N ASN D 238 -66.92 26.24 87.88
CA ASN D 238 -66.01 27.40 87.98
C ASN D 238 -65.00 27.42 86.83
N ALA D 239 -65.43 26.99 85.64
CA ALA D 239 -64.58 26.96 84.47
C ALA D 239 -64.86 28.18 83.60
N ASN D 240 -63.80 28.92 83.25
CA ASN D 240 -63.96 30.20 82.57
C ASN D 240 -64.31 29.89 81.11
N ILE D 241 -65.61 29.79 80.83
CA ILE D 241 -66.05 29.50 79.48
C ILE D 241 -65.75 30.68 78.56
N LYS D 242 -66.00 31.91 79.05
CA LYS D 242 -65.76 33.10 78.24
C LYS D 242 -64.33 33.18 77.76
N ASP D 243 -63.37 33.02 78.67
CA ASP D 243 -61.97 33.19 78.32
C ASP D 243 -61.47 32.05 77.42
N LYS D 244 -61.92 30.82 77.70
CA LYS D 244 -61.46 29.66 76.94
C LYS D 244 -62.59 28.65 76.82
N ALA D 245 -62.65 27.99 75.66
CA ALA D 245 -63.60 26.90 75.46
C ALA D 245 -63.40 25.83 76.53
N VAL D 246 -64.51 25.38 77.11
CA VAL D 246 -64.50 24.38 78.17
C VAL D 246 -65.02 23.07 77.58
N TYR D 247 -64.31 21.98 77.87
CA TYR D 247 -64.61 20.66 77.30
C TYR D 247 -65.46 19.87 78.29
N VAL D 248 -66.73 19.64 77.93
CA VAL D 248 -67.50 18.60 78.59
C VAL D 248 -67.00 17.25 78.08
N LYS D 249 -66.71 16.34 79.02
CA LYS D 249 -66.01 15.10 78.69
C LYS D 249 -66.92 13.88 78.73
N ALA D 250 -67.47 13.54 79.89
CA ALA D 250 -68.33 12.37 80.06
C ALA D 250 -67.57 11.11 79.64
N VAL D 251 -66.46 10.84 80.33
CA VAL D 251 -65.66 9.67 80.00
C VAL D 251 -66.42 8.39 80.24
N PHE D 252 -67.31 8.38 81.24
CA PHE D 252 -68.15 7.20 81.50
C PHE D 252 -69.03 6.88 80.31
N GLY D 253 -69.44 7.88 79.55
CA GLY D 253 -70.13 7.62 78.31
C GLY D 253 -69.20 7.09 77.24
N ASP D 254 -67.96 7.62 77.20
CA ASP D 254 -67.00 7.15 76.21
C ASP D 254 -66.66 5.68 76.39
N LEU D 255 -66.79 5.17 77.63
CA LEU D 255 -66.64 3.75 77.86
C LEU D 255 -67.59 2.96 76.97
N GLU D 256 -68.88 3.27 77.06
CA GLU D 256 -69.88 2.56 76.27
C GLU D 256 -69.72 2.85 74.78
N LYS D 257 -69.36 4.08 74.42
CA LYS D 257 -69.30 4.45 73.02
C LYS D 257 -68.19 3.69 72.31
N GLN D 258 -66.97 3.72 72.87
CA GLN D 258 -65.82 3.10 72.20
C GLN D 258 -65.50 1.72 72.76
N THR D 259 -65.25 1.63 74.06
CA THR D 259 -64.56 0.45 74.61
C THR D 259 -65.49 -0.75 74.73
N ALA D 260 -66.78 -0.53 75.01
CA ALA D 260 -67.68 -1.65 75.25
C ALA D 260 -68.12 -2.35 73.97
N TYR D 261 -68.36 -1.59 72.89
CA TYR D 261 -68.83 -2.18 71.65
C TYR D 261 -67.74 -2.83 70.81
N ASN D 262 -66.47 -2.70 71.21
CA ASN D 262 -65.37 -3.15 70.38
C ASN D 262 -64.27 -3.72 71.26
N GLY D 263 -63.36 -4.48 70.64
CA GLY D 263 -62.16 -4.90 71.34
C GLY D 263 -62.38 -6.18 72.11
N ILE D 264 -61.27 -6.72 72.62
CA ILE D 264 -61.35 -7.98 73.36
C ILE D 264 -61.83 -7.74 74.78
N VAL D 265 -61.50 -6.58 75.37
CA VAL D 265 -61.69 -6.33 76.80
C VAL D 265 -62.95 -5.52 77.02
N SER D 266 -63.76 -5.95 77.97
CA SER D 266 -64.89 -5.17 78.46
C SER D 266 -64.48 -4.33 79.66
N PHE D 267 -65.21 -3.24 79.89
CA PHE D 267 -64.88 -2.26 80.92
C PHE D 267 -66.12 -1.85 81.70
N GLU D 268 -65.94 -1.65 83.00
CA GLU D 268 -67.00 -1.15 83.87
C GLU D 268 -66.38 -0.28 84.95
N GLN D 269 -67.23 0.29 85.82
CA GLN D 269 -66.81 1.09 86.97
C GLN D 269 -67.42 0.51 88.24
N LEU D 270 -66.64 0.50 89.32
CA LEU D 270 -67.06 -0.06 90.59
C LEU D 270 -67.88 0.95 91.36
N LYS D 298 -65.19 6.14 92.90
CA LYS D 298 -64.18 5.79 91.92
C LYS D 298 -64.27 6.71 90.70
N THR D 299 -63.11 7.00 90.09
CA THR D 299 -63.02 7.84 88.91
C THR D 299 -62.06 7.20 87.92
N ILE D 300 -62.35 7.38 86.63
CA ILE D 300 -61.46 6.88 85.58
C ILE D 300 -60.24 7.78 85.55
N GLU D 301 -59.06 7.18 85.61
CA GLU D 301 -57.79 7.91 85.59
C GLU D 301 -56.79 7.10 84.80
N PRO D 302 -55.68 7.72 84.37
CA PRO D 302 -54.67 6.95 83.62
C PRO D 302 -53.96 5.94 84.50
N PHE D 303 -53.55 4.83 83.88
CA PHE D 303 -52.68 3.87 84.54
C PHE D 303 -51.83 3.14 83.50
N GLU D 304 -50.72 2.57 83.94
CA GLU D 304 -49.80 1.91 83.04
C GLU D 304 -50.38 0.61 82.50
N LEU D 305 -49.85 0.18 81.34
CA LEU D 305 -50.23 -1.10 80.74
C LEU D 305 -49.97 -2.23 81.71
N THR D 306 -51.04 -2.86 82.20
CA THR D 306 -50.96 -3.91 83.20
C THR D 306 -51.64 -5.18 82.68
N LYS D 307 -51.02 -6.32 82.94
CA LYS D 307 -51.59 -7.61 82.59
C LYS D 307 -52.83 -7.91 83.43
N LEU D 308 -53.80 -8.58 82.82
CA LEU D 308 -54.95 -9.10 83.53
C LEU D 308 -54.60 -10.42 84.19
N LYS D 309 -55.30 -10.72 85.29
CA LYS D 309 -55.06 -11.93 86.05
C LYS D 309 -56.39 -12.62 86.34
N GLY D 310 -56.32 -13.79 87.00
CA GLY D 310 -57.52 -14.51 87.37
C GLY D 310 -58.02 -15.48 86.33
N GLY D 311 -57.39 -15.53 85.15
CA GLY D 311 -57.82 -16.46 84.12
C GLY D 311 -57.51 -17.88 84.52
N THR D 312 -58.53 -18.74 84.54
CA THR D 312 -58.40 -20.13 84.98
C THR D 312 -59.10 -21.03 83.98
N ASN D 313 -58.44 -22.14 83.62
CA ASN D 313 -59.07 -23.14 82.76
C ASN D 313 -60.06 -24.00 83.52
N GLY D 314 -59.73 -24.39 84.75
CA GLY D 314 -60.60 -25.23 85.54
C GLY D 314 -60.35 -26.70 85.28
N GLU D 315 -61.26 -27.52 85.80
CA GLU D 315 -61.22 -28.97 85.65
C GLU D 315 -62.61 -29.48 85.29
N PRO D 316 -62.71 -30.64 84.60
CA PRO D 316 -64.03 -31.12 84.22
C PRO D 316 -64.80 -31.61 85.43
N PRO D 317 -66.13 -31.53 85.42
CA PRO D 317 -66.89 -31.93 86.59
C PRO D 317 -67.04 -33.44 86.67
N ALA D 318 -67.43 -33.92 87.85
CA ALA D 318 -67.64 -35.37 87.98
C ALA D 318 -68.86 -35.81 87.17
N THR D 319 -69.92 -35.00 87.18
CA THR D 319 -71.16 -35.31 86.48
C THR D 319 -71.17 -34.63 85.12
N TRP D 320 -71.36 -35.41 84.07
CA TRP D 320 -71.43 -34.89 82.71
C TRP D 320 -72.84 -34.63 82.22
N ALA D 321 -73.85 -34.79 83.08
CA ALA D 321 -75.23 -34.68 82.60
C ALA D 321 -75.58 -33.24 82.26
N ASP D 322 -75.07 -32.29 83.06
CA ASP D 322 -75.30 -30.88 82.75
C ASP D 322 -74.66 -30.49 81.43
N LYS D 323 -73.50 -31.06 81.10
CA LYS D 323 -72.83 -30.71 79.85
C LYS D 323 -73.61 -31.18 78.64
N LEU D 324 -74.27 -32.33 78.74
CA LEU D 324 -75.03 -32.85 77.61
C LEU D 324 -76.37 -32.15 77.45
N ASP D 325 -76.95 -31.63 78.54
CA ASP D 325 -78.29 -31.06 78.48
C ASP D 325 -78.37 -29.81 77.63
N LYS D 326 -77.24 -29.13 77.37
CA LYS D 326 -77.27 -27.95 76.53
C LYS D 326 -77.60 -28.31 75.08
N PHE D 327 -77.34 -29.55 74.68
CA PHE D 327 -77.72 -30.05 73.36
C PHE D 327 -79.14 -30.59 73.37
N ALA D 328 -80.05 -29.98 74.14
CA ALA D 328 -81.41 -30.49 74.20
C ALA D 328 -82.22 -30.11 72.96
N HIS D 329 -82.13 -28.85 72.54
CA HIS D 329 -82.94 -28.33 71.46
C HIS D 329 -82.14 -27.89 70.23
N GLU D 330 -80.92 -28.37 70.06
CA GLU D 330 -80.01 -27.85 69.04
C GLU D 330 -80.15 -28.56 67.70
N GLY D 331 -81.03 -29.54 67.57
CA GLY D 331 -81.22 -30.22 66.30
C GLY D 331 -80.12 -31.18 65.90
N GLY D 332 -79.17 -31.49 66.79
CA GLY D 332 -78.11 -32.41 66.43
C GLY D 332 -78.53 -33.86 66.62
N TYR D 333 -77.99 -34.74 65.77
CA TYR D 333 -78.31 -36.16 65.79
C TYR D 333 -77.15 -37.04 66.22
N TYR D 334 -75.95 -36.73 65.76
CA TYR D 334 -74.74 -37.49 66.09
C TYR D 334 -73.92 -36.66 67.08
N ILE D 335 -73.49 -37.31 68.18
CA ILE D 335 -72.67 -36.65 69.19
C ILE D 335 -71.62 -37.61 69.67
N VAL D 336 -70.39 -37.12 69.82
CA VAL D 336 -69.23 -37.95 70.21
C VAL D 336 -68.36 -37.19 71.22
N PRO D 337 -68.20 -37.68 72.46
CA PRO D 337 -67.24 -37.05 73.38
C PRO D 337 -65.81 -37.52 73.17
N LEU D 338 -64.87 -36.63 73.47
CA LEU D 338 -63.44 -36.94 73.41
C LEU D 338 -62.96 -37.49 74.76
N SER D 339 -63.45 -38.68 75.09
CA SER D 339 -63.12 -39.35 76.33
C SER D 339 -63.33 -40.85 76.18
N SER D 340 -62.31 -41.65 76.54
CA SER D 340 -62.42 -43.11 76.56
C SER D 340 -63.05 -43.65 77.83
N LYS D 341 -63.43 -42.79 78.79
CA LYS D 341 -63.94 -43.28 80.07
C LYS D 341 -65.32 -43.90 79.91
N GLN D 342 -65.52 -45.05 80.57
CA GLN D 342 -66.82 -45.72 80.48
C GLN D 342 -67.92 -44.92 81.18
N SER D 343 -67.56 -44.11 82.19
CA SER D 343 -68.58 -43.31 82.88
C SER D 343 -69.22 -42.31 81.94
N VAL D 344 -68.39 -41.57 81.19
CA VAL D 344 -68.91 -40.63 80.20
C VAL D 344 -69.75 -41.37 79.15
N HIS D 345 -69.28 -42.54 78.72
CA HIS D 345 -70.02 -43.31 77.72
C HIS D 345 -71.42 -43.67 78.23
N ALA D 346 -71.51 -44.13 79.48
CA ALA D 346 -72.80 -44.48 80.04
C ALA D 346 -73.70 -43.26 80.20
N GLU D 347 -73.14 -42.13 80.63
CA GLU D 347 -73.94 -40.90 80.76
C GLU D 347 -74.44 -40.44 79.42
N VAL D 348 -73.61 -40.54 78.38
CA VAL D 348 -74.04 -40.16 77.04
C VAL D 348 -75.13 -41.11 76.55
N ALA D 349 -74.97 -42.40 76.85
CA ALA D 349 -75.98 -43.36 76.43
C ALA D 349 -77.32 -43.09 77.09
N SER D 350 -77.29 -42.76 78.38
CA SER D 350 -78.52 -42.40 79.09
C SER D 350 -79.09 -41.10 78.56
N PHE D 351 -78.23 -40.14 78.18
CA PHE D 351 -78.69 -38.87 77.65
C PHE D 351 -79.43 -39.06 76.33
N VAL D 352 -78.79 -39.74 75.36
CA VAL D 352 -79.36 -39.88 74.03
C VAL D 352 -80.64 -40.69 74.09
N LYS D 353 -80.68 -41.71 74.95
CA LYS D 353 -81.93 -42.44 75.15
C LYS D 353 -83.01 -41.50 75.66
N GLU D 354 -82.68 -40.65 76.64
CA GLU D 354 -83.67 -39.73 77.18
C GLU D 354 -84.13 -38.72 76.12
N ARG D 355 -83.21 -38.26 75.26
CA ARG D 355 -83.64 -37.39 74.17
C ARG D 355 -84.57 -38.12 73.21
N SER D 356 -84.27 -39.38 72.92
CA SER D 356 -85.11 -40.14 72.01
C SER D 356 -86.50 -40.37 72.61
N ASP D 357 -86.57 -40.66 73.90
CA ASP D 357 -87.86 -40.75 74.57
C ASP D 357 -88.59 -39.42 74.53
N ALA D 358 -87.86 -38.30 74.61
CA ALA D 358 -88.47 -36.98 74.63
C ALA D 358 -88.95 -36.49 73.27
N GLY D 359 -88.67 -37.22 72.19
CA GLY D 359 -89.09 -36.85 70.85
C GLY D 359 -87.98 -36.28 69.99
N GLU D 360 -86.73 -36.37 70.42
CA GLU D 360 -85.56 -35.88 69.68
C GLU D 360 -84.55 -37.01 69.59
N PRO D 361 -84.70 -37.93 68.62
CA PRO D 361 -83.78 -39.08 68.57
C PRO D 361 -82.35 -38.65 68.28
N MET D 362 -81.40 -39.27 68.99
CA MET D 362 -79.98 -39.01 68.79
C MET D 362 -79.19 -40.30 69.01
N ARG D 363 -77.97 -40.32 68.47
CA ARG D 363 -77.10 -41.49 68.49
C ARG D 363 -75.67 -41.03 68.76
N ALA D 364 -74.85 -41.92 69.32
CA ALA D 364 -73.50 -41.61 69.74
C ALA D 364 -72.55 -42.74 69.35
N ILE D 365 -71.30 -42.36 69.07
CA ILE D 365 -70.23 -43.29 68.70
C ILE D 365 -69.02 -42.98 69.58
N VAL D 366 -68.42 -44.02 70.16
CA VAL D 366 -67.30 -43.86 71.07
C VAL D 366 -66.18 -44.81 70.68
N GLY D 367 -64.99 -44.54 71.21
CA GLY D 367 -63.83 -45.39 70.97
C GLY D 367 -62.95 -45.54 72.17
N GLY D 368 -62.48 -46.75 72.44
CA GLY D 368 -61.77 -47.04 73.67
C GLY D 368 -60.25 -46.97 73.54
N GLY D 369 -59.64 -45.99 74.21
CA GLY D 369 -58.22 -45.92 74.52
C GLY D 369 -57.29 -46.13 73.32
N PHE D 370 -56.05 -46.49 73.65
CA PHE D 370 -54.99 -46.74 72.67
C PHE D 370 -54.67 -48.23 72.65
N ASN D 371 -54.91 -48.87 71.50
CA ASN D 371 -54.45 -50.23 71.24
C ASN D 371 -55.04 -51.21 72.25
N GLU D 372 -56.34 -51.05 72.54
CA GLU D 372 -57.04 -51.91 73.48
C GLU D 372 -57.30 -53.27 72.86
N SER D 373 -57.26 -54.30 73.71
CA SER D 373 -57.41 -55.67 73.29
C SER D 373 -58.89 -55.97 73.02
N LYS D 374 -59.14 -57.16 72.49
CA LYS D 374 -60.51 -57.54 72.18
C LYS D 374 -61.35 -57.73 73.45
N GLU D 375 -60.74 -58.28 74.51
CA GLU D 375 -61.43 -58.41 75.79
C GLU D 375 -62.02 -57.08 76.26
N GLN D 376 -61.28 -55.99 76.12
CA GLN D 376 -61.78 -54.72 76.60
C GLN D 376 -62.97 -54.25 75.75
N LEU D 377 -62.91 -54.51 74.44
CA LEU D 377 -64.01 -54.15 73.56
C LEU D 377 -65.26 -54.95 73.90
N PHE D 378 -65.10 -56.23 74.23
CA PHE D 378 -66.24 -57.03 74.65
C PHE D 378 -66.83 -56.53 75.96
N GLY D 379 -65.97 -56.15 76.90
CA GLY D 379 -66.46 -55.65 78.18
C GLY D 379 -67.16 -54.32 78.07
N ARG D 380 -66.71 -53.47 77.14
CA ARG D 380 -67.41 -52.20 76.91
C ARG D 380 -68.74 -52.44 76.21
N GLN D 381 -68.78 -53.36 75.24
CA GLN D 381 -70.02 -53.62 74.53
C GLN D 381 -71.05 -54.27 75.44
N ALA D 382 -70.63 -55.21 76.30
CA ALA D 382 -71.54 -55.78 77.28
C ALA D 382 -71.99 -54.72 78.28
N SER D 383 -71.16 -53.72 78.56
CA SER D 383 -71.53 -52.68 79.50
C SER D 383 -72.64 -51.79 78.95
N LEU D 384 -72.51 -51.39 77.69
CA LEU D 384 -73.47 -50.47 77.08
C LEU D 384 -74.75 -51.19 76.65
N SER D 385 -74.62 -52.11 75.70
CA SER D 385 -75.73 -52.91 75.17
C SER D 385 -76.89 -52.03 74.70
N ASN D 386 -76.57 -50.86 74.11
CA ASN D 386 -77.57 -49.86 73.71
C ASN D 386 -77.73 -49.83 72.19
N PRO D 387 -78.96 -49.87 71.64
CA PRO D 387 -79.09 -49.69 70.18
C PRO D 387 -78.58 -48.36 69.68
N ARG D 388 -78.81 -47.28 70.42
CA ARG D 388 -78.40 -45.94 70.00
C ARG D 388 -76.96 -45.60 70.39
N VAL D 389 -76.09 -46.61 70.50
CA VAL D 389 -74.67 -46.38 70.75
C VAL D 389 -73.87 -47.39 69.92
N SER D 390 -72.78 -46.92 69.31
CA SER D 390 -71.84 -47.75 68.57
C SER D 390 -70.44 -47.63 69.17
N LEU D 391 -69.68 -48.73 69.07
CA LEU D 391 -68.33 -48.81 69.59
C LEU D 391 -67.33 -48.92 68.45
N VAL D 392 -66.18 -48.27 68.59
CA VAL D 392 -65.12 -48.28 67.60
C VAL D 392 -63.87 -48.87 68.24
N ALA D 393 -63.24 -49.81 67.54
CA ALA D 393 -62.08 -50.58 67.98
C ALA D 393 -60.77 -50.00 67.46
N ASN D 394 -60.67 -49.75 66.16
CA ASN D 394 -59.38 -49.41 65.57
C ASN D 394 -58.92 -48.03 66.02
N SER D 395 -57.61 -47.91 66.22
CA SER D 395 -56.94 -46.65 66.50
C SER D 395 -55.70 -46.56 65.63
N GLY D 396 -55.39 -45.37 65.16
CA GLY D 396 -54.29 -45.17 64.25
C GLY D 396 -53.82 -43.74 64.16
N THR D 397 -53.27 -43.39 63.00
CA THR D 397 -52.63 -42.10 62.73
C THR D 397 -53.30 -41.41 61.56
N PHE D 398 -53.50 -40.09 61.70
CA PHE D 398 -54.09 -39.25 60.67
C PHE D 398 -53.08 -38.18 60.29
N VAL D 399 -52.87 -38.00 58.98
CA VAL D 399 -52.00 -36.94 58.45
C VAL D 399 -52.83 -35.66 58.44
N MET D 400 -52.58 -34.78 59.40
CA MET D 400 -53.29 -33.50 59.45
C MET D 400 -52.79 -32.56 58.35
N ASP D 401 -53.62 -31.55 58.05
CA ASP D 401 -53.27 -30.54 57.05
C ASP D 401 -52.00 -29.77 57.41
N ASP D 402 -51.63 -29.73 58.68
CA ASP D 402 -50.41 -29.09 59.12
C ASP D 402 -49.20 -30.00 59.03
N GLY D 403 -49.30 -31.13 58.34
CA GLY D 403 -48.15 -32.00 58.18
C GLY D 403 -47.88 -32.91 59.35
N ARG D 404 -48.77 -32.95 60.34
CA ARG D 404 -48.55 -33.73 61.56
C ARG D 404 -49.13 -35.13 61.40
N LYS D 405 -48.31 -36.14 61.66
CA LYS D 405 -48.76 -37.54 61.71
C LYS D 405 -49.33 -37.80 63.11
N ASN D 406 -50.50 -37.21 63.37
CA ASN D 406 -51.06 -37.16 64.71
C ASN D 406 -51.60 -38.53 65.09
N HIS D 407 -50.81 -39.32 65.81
CA HIS D 407 -51.30 -40.57 66.37
C HIS D 407 -52.38 -40.25 67.40
N VAL D 408 -53.46 -41.02 67.38
CA VAL D 408 -54.68 -40.65 68.11
C VAL D 408 -55.37 -41.90 68.66
N PRO D 409 -56.21 -41.74 69.68
CA PRO D 409 -56.93 -42.89 70.23
C PRO D 409 -58.20 -43.18 69.45
N ALA D 410 -58.81 -44.32 69.79
CA ALA D 410 -59.97 -44.83 69.05
C ALA D 410 -61.12 -43.83 68.96
N TYR D 411 -61.32 -42.98 69.98
CA TYR D 411 -62.49 -42.11 69.94
C TYR D 411 -62.33 -41.02 68.88
N MET D 412 -61.10 -40.62 68.55
CA MET D 412 -60.89 -39.73 67.42
C MET D 412 -61.32 -40.40 66.12
N VAL D 413 -61.09 -41.71 66.02
CA VAL D 413 -61.61 -42.47 64.88
C VAL D 413 -63.12 -42.50 64.92
N ALA D 414 -63.70 -42.56 66.12
CA ALA D 414 -65.16 -42.51 66.20
C ALA D 414 -65.68 -41.16 65.76
N VAL D 415 -64.92 -40.09 66.00
CA VAL D 415 -65.30 -38.79 65.46
C VAL D 415 -65.19 -38.80 63.94
N ALA D 416 -64.20 -39.49 63.40
CA ALA D 416 -64.07 -39.56 61.94
C ALA D 416 -65.26 -40.32 61.34
N LEU D 417 -65.72 -41.36 62.02
CA LEU D 417 -66.89 -42.09 61.54
C LEU D 417 -68.16 -41.27 61.68
N GLY D 418 -68.31 -40.52 62.78
CA GLY D 418 -69.45 -39.64 62.88
C GLY D 418 -69.44 -38.57 61.80
N GLY D 419 -68.27 -38.00 61.54
CA GLY D 419 -68.16 -37.02 60.48
C GLY D 419 -68.51 -37.59 59.11
N LEU D 420 -68.12 -38.85 58.87
CA LEU D 420 -68.50 -39.49 57.61
C LEU D 420 -69.99 -39.77 57.55
N ALA D 421 -70.57 -40.25 58.65
CA ALA D 421 -72.00 -40.56 58.66
C ALA D 421 -72.83 -39.30 58.45
N SER D 422 -72.40 -38.18 59.04
CA SER D 422 -73.11 -36.93 58.84
C SER D 422 -73.00 -36.47 57.40
N GLY D 423 -71.88 -36.78 56.74
CA GLY D 423 -71.71 -36.36 55.37
C GLY D 423 -72.59 -37.09 54.38
N LEU D 424 -72.97 -38.33 54.68
CA LEU D 424 -73.87 -39.08 53.82
C LEU D 424 -75.30 -38.58 53.95
N GLU D 425 -76.12 -38.96 52.97
CA GLU D 425 -77.52 -38.60 52.96
C GLU D 425 -78.27 -39.37 54.05
N ILE D 426 -79.58 -39.08 54.18
CA ILE D 426 -80.38 -39.76 55.18
C ILE D 426 -80.57 -41.21 54.80
N GLY D 427 -80.40 -42.10 55.78
CA GLY D 427 -80.62 -43.52 55.59
C GLY D 427 -79.43 -44.29 55.05
N GLU D 428 -78.32 -43.62 54.76
CA GLU D 428 -77.19 -44.28 54.13
C GLU D 428 -76.41 -45.11 55.16
N SER D 429 -75.57 -46.00 54.66
CA SER D 429 -74.77 -46.89 55.49
C SER D 429 -73.29 -46.67 55.24
N ILE D 430 -72.50 -46.66 56.33
CA ILE D 430 -71.05 -46.46 56.24
C ILE D 430 -70.32 -47.79 56.05
N THR D 431 -71.06 -48.85 55.71
CA THR D 431 -70.44 -50.13 55.39
C THR D 431 -69.53 -50.00 54.17
N PHE D 432 -68.34 -50.61 54.25
CA PHE D 432 -67.35 -50.71 53.17
C PHE D 432 -66.90 -49.35 52.64
N LYS D 433 -67.20 -48.22 53.34
CA LYS D 433 -66.72 -46.92 52.88
C LYS D 433 -65.25 -46.74 53.24
N PRO D 434 -64.49 -45.91 52.52
CA PRO D 434 -63.08 -45.69 52.91
C PRO D 434 -62.97 -44.80 54.14
N LEU D 435 -62.08 -45.19 55.05
CA LEU D 435 -61.86 -44.37 56.24
C LEU D 435 -61.01 -43.14 55.94
N ARG D 436 -60.02 -43.28 55.05
CA ARG D 436 -59.05 -42.22 54.73
C ARG D 436 -58.14 -41.92 55.94
N VAL D 437 -57.70 -42.97 56.64
CA VAL D 437 -56.69 -42.86 57.70
C VAL D 437 -55.31 -43.02 57.06
N SER D 438 -54.24 -42.74 57.82
CA SER D 438 -52.88 -42.97 57.33
C SER D 438 -52.36 -44.36 57.69
N SER D 439 -52.43 -44.76 58.96
CA SER D 439 -51.97 -46.08 59.37
C SER D 439 -52.71 -46.48 60.64
N LEU D 440 -52.86 -47.80 60.85
CA LEU D 440 -53.62 -48.33 61.97
C LEU D 440 -52.73 -49.17 62.88
N ASP D 441 -52.96 -49.10 64.19
CA ASP D 441 -52.15 -49.83 65.14
C ASP D 441 -52.34 -51.34 65.01
N GLN D 442 -53.58 -51.79 64.82
CA GLN D 442 -53.91 -53.21 64.79
C GLN D 442 -54.56 -53.54 63.45
N ILE D 443 -53.80 -54.11 62.52
CA ILE D 443 -54.34 -54.48 61.22
C ILE D 443 -54.85 -55.92 61.38
N TYR D 444 -56.17 -56.05 61.52
CA TYR D 444 -56.81 -57.31 61.91
C TYR D 444 -56.90 -58.26 60.72
N GLU D 445 -57.17 -59.53 61.02
CA GLU D 445 -57.38 -60.56 60.02
C GLU D 445 -58.87 -60.90 59.94
N SER D 446 -59.21 -61.98 59.25
CA SER D 446 -60.62 -62.31 59.04
C SER D 446 -61.27 -62.77 60.34
N ILE D 447 -60.51 -63.51 61.16
CA ILE D 447 -61.06 -64.05 62.40
C ILE D 447 -61.50 -62.92 63.32
N ASP D 448 -60.59 -61.98 63.59
CA ASP D 448 -60.89 -60.89 64.50
C ASP D 448 -62.04 -60.04 63.98
N LEU D 449 -62.06 -59.77 62.69
CA LEU D 449 -63.14 -58.97 62.11
C LEU D 449 -64.48 -59.69 62.20
N ASP D 450 -64.48 -61.00 62.02
CA ASP D 450 -65.72 -61.77 62.19
C ASP D 450 -66.18 -61.74 63.63
N GLU D 451 -65.26 -61.99 64.57
CA GLU D 451 -65.61 -61.93 65.99
C GLU D 451 -66.17 -60.57 66.36
N LEU D 452 -65.46 -59.49 65.99
CA LEU D 452 -65.95 -58.16 66.34
C LEU D 452 -67.30 -57.86 65.71
N ASN D 453 -67.50 -58.27 64.46
CA ASN D 453 -68.79 -58.04 63.81
C ASN D 453 -69.90 -58.77 64.53
N GLU D 454 -69.67 -60.02 64.93
CA GLU D 454 -70.71 -60.78 65.61
C GLU D 454 -71.02 -60.17 66.97
N ASN D 455 -70.01 -59.75 67.70
CA ASN D 455 -70.19 -59.19 69.04
C ASN D 455 -70.66 -57.73 69.02
N GLY D 456 -70.85 -57.15 67.84
CA GLY D 456 -71.37 -55.79 67.74
C GLY D 456 -70.38 -54.68 67.99
N ILE D 457 -69.17 -54.80 67.44
CA ILE D 457 -68.13 -53.78 67.54
C ILE D 457 -67.69 -53.42 66.12
N ILE D 458 -67.67 -52.12 65.81
CA ILE D 458 -67.27 -51.66 64.49
C ILE D 458 -65.76 -51.82 64.34
N SER D 459 -65.33 -52.30 63.16
CA SER D 459 -63.91 -52.55 62.90
C SER D 459 -63.56 -52.23 61.46
N ILE D 460 -62.26 -51.97 61.25
CA ILE D 460 -61.74 -51.34 60.04
C ILE D 460 -60.48 -52.09 59.61
N GLU D 461 -60.34 -52.33 58.30
CA GLU D 461 -59.26 -53.16 57.74
C GLU D 461 -58.49 -52.45 56.64
N PHE D 462 -57.18 -52.72 56.60
CA PHE D 462 -56.29 -52.34 55.50
C PHE D 462 -56.37 -53.43 54.43
N VAL D 463 -57.00 -53.12 53.29
CA VAL D 463 -57.25 -54.12 52.26
C VAL D 463 -55.92 -54.36 51.52
N ARG D 464 -55.38 -55.58 51.63
CA ARG D 464 -54.11 -55.93 51.05
C ARG D 464 -54.22 -56.49 49.63
N ASN D 465 -55.41 -56.92 49.21
CA ASN D 465 -55.54 -57.77 48.02
C ASN D 465 -55.37 -57.09 46.67
N ARG D 466 -54.71 -55.92 46.58
CA ARG D 466 -54.97 -55.02 45.45
C ARG D 466 -53.71 -54.42 44.84
N THR D 467 -53.88 -53.87 43.63
CA THR D 467 -52.84 -53.06 42.99
C THR D 467 -52.52 -51.80 43.78
N ASN D 468 -53.49 -51.28 44.53
CA ASN D 468 -53.33 -50.05 45.29
C ASN D 468 -54.21 -50.16 46.52
N THR D 469 -53.71 -49.70 47.68
CA THR D 469 -54.21 -50.12 48.98
C THR D 469 -54.88 -48.96 49.73
N PHE D 470 -55.83 -49.32 50.60
CA PHE D 470 -56.64 -48.35 51.34
C PHE D 470 -57.27 -49.04 52.55
N PHE D 471 -57.89 -48.24 53.42
CA PHE D 471 -58.55 -48.75 54.62
C PHE D 471 -60.06 -48.60 54.44
N ARG D 472 -60.83 -49.64 54.77
CA ARG D 472 -62.30 -49.59 54.70
C ARG D 472 -62.95 -50.06 56.00
N ILE D 473 -64.16 -49.55 56.25
CA ILE D 473 -64.97 -49.91 57.42
C ILE D 473 -65.78 -51.17 57.07
N VAL D 474 -65.63 -52.24 57.87
CA VAL D 474 -66.24 -53.50 57.45
C VAL D 474 -67.76 -53.54 57.70
N ASP D 475 -68.26 -52.89 58.76
CA ASP D 475 -69.68 -52.94 59.07
C ASP D 475 -70.05 -51.73 59.94
N ASP D 476 -71.36 -51.50 60.10
CA ASP D 476 -71.89 -50.41 60.93
C ASP D 476 -72.91 -50.97 61.92
N VAL D 477 -72.57 -52.09 62.57
CA VAL D 477 -73.44 -52.70 63.57
C VAL D 477 -73.38 -51.91 64.88
N THR D 478 -74.55 -51.73 65.50
CA THR D 478 -74.66 -51.06 66.80
C THR D 478 -74.21 -52.01 67.91
N THR D 479 -74.15 -51.46 69.13
CA THR D 479 -73.80 -52.24 70.32
C THR D 479 -74.84 -53.31 70.64
N PHE D 480 -76.09 -53.14 70.23
CA PHE D 480 -77.10 -54.16 70.48
C PHE D 480 -76.70 -55.44 69.74
N ASN D 481 -76.52 -56.53 70.49
CA ASN D 481 -75.90 -57.71 69.89
C ASN D 481 -76.88 -58.46 69.00
N ASP D 482 -78.08 -58.73 69.51
CA ASP D 482 -79.07 -59.49 68.77
C ASP D 482 -79.48 -58.76 67.50
N LYS D 483 -79.43 -59.48 66.37
CA LYS D 483 -79.71 -58.90 65.07
C LYS D 483 -81.09 -59.29 64.55
N SER D 484 -81.98 -59.78 65.42
CA SER D 484 -83.32 -60.16 64.97
C SER D 484 -84.06 -58.94 64.40
N ASP D 485 -83.98 -57.80 65.09
CA ASP D 485 -84.57 -56.55 64.62
C ASP D 485 -83.48 -55.70 63.95
N PRO D 486 -83.42 -55.62 62.61
CA PRO D 486 -82.39 -54.78 61.98
C PRO D 486 -82.60 -53.29 62.20
N VAL D 487 -83.80 -52.85 62.61
CA VAL D 487 -84.01 -51.44 62.90
C VAL D 487 -83.11 -51.03 64.07
N LYS D 488 -83.10 -51.82 65.14
CA LYS D 488 -82.24 -51.50 66.27
C LYS D 488 -80.79 -51.85 66.00
N ALA D 489 -80.54 -52.94 65.25
CA ALA D 489 -79.17 -53.41 65.10
C ALA D 489 -78.38 -52.56 64.11
N GLU D 490 -79.00 -52.14 63.02
CA GLU D 490 -78.33 -51.41 61.95
C GLU D 490 -78.49 -49.92 62.15
N MET D 491 -77.39 -49.17 62.00
CA MET D 491 -77.43 -47.73 62.20
C MET D 491 -78.22 -47.04 61.10
N ALA D 492 -78.06 -47.51 59.85
CA ALA D 492 -78.71 -46.85 58.73
C ALA D 492 -80.22 -46.99 58.81
N VAL D 493 -80.71 -48.18 59.15
CA VAL D 493 -82.15 -48.39 59.22
C VAL D 493 -82.75 -47.54 60.33
N GLY D 494 -82.14 -47.60 61.52
CA GLY D 494 -82.64 -46.80 62.63
C GLY D 494 -82.54 -45.31 62.38
N GLU D 495 -81.58 -44.89 61.57
CA GLU D 495 -81.50 -43.47 61.21
C GLU D 495 -82.62 -43.09 60.25
N ALA D 496 -82.90 -43.96 59.27
CA ALA D 496 -83.98 -43.68 58.33
C ALA D 496 -85.33 -43.64 59.04
N ASN D 497 -85.56 -44.58 59.96
CA ASN D 497 -86.81 -44.62 60.71
C ASN D 497 -86.97 -43.38 61.57
N ASP D 498 -85.91 -42.98 62.28
CA ASP D 498 -86.00 -41.80 63.15
C ASP D 498 -86.22 -40.53 62.34
N PHE D 499 -85.52 -40.38 61.21
CA PHE D 499 -85.72 -39.19 60.40
C PHE D 499 -87.11 -39.17 59.78
N LEU D 500 -87.58 -40.32 59.28
CA LEU D 500 -88.93 -40.40 58.70
C LEU D 500 -89.99 -40.03 59.72
N VAL D 501 -89.93 -40.63 60.91
CA VAL D 501 -90.94 -40.39 61.93
C VAL D 501 -90.93 -38.92 62.34
N SER D 502 -89.74 -38.36 62.58
CA SER D 502 -89.66 -36.99 63.07
C SER D 502 -90.19 -36.00 62.04
N GLU D 503 -89.84 -36.17 60.77
CA GLU D 503 -90.30 -35.25 59.74
C GLU D 503 -91.81 -35.36 59.56
N LEU D 504 -92.31 -36.60 59.51
CA LEU D 504 -93.75 -36.80 59.35
C LEU D 504 -94.52 -36.19 60.53
N LYS D 505 -94.04 -36.41 61.75
CA LYS D 505 -94.72 -35.87 62.92
C LYS D 505 -94.72 -34.35 62.90
N VAL D 506 -93.56 -33.73 62.66
CA VAL D 506 -93.47 -32.27 62.70
C VAL D 506 -94.35 -31.67 61.60
N GLN D 507 -94.27 -32.22 60.39
CA GLN D 507 -95.05 -31.66 59.29
C GLN D 507 -96.55 -31.81 59.54
N LEU D 508 -96.97 -32.94 60.13
CA LEU D 508 -98.40 -33.13 60.40
C LEU D 508 -98.90 -32.16 61.47
N GLU D 509 -98.10 -31.90 62.50
CA GLU D 509 -98.43 -30.83 63.44
C GLU D 509 -98.53 -29.51 62.73
N ASP D 510 -97.47 -29.13 62.00
CA ASP D 510 -97.42 -27.83 61.35
C ASP D 510 -98.56 -27.61 60.37
N GLN D 511 -99.08 -28.68 59.77
CA GLN D 511 -100.05 -28.55 58.69
C GLN D 511 -101.50 -28.57 59.18
N PHE D 512 -101.93 -29.67 59.78
CA PHE D 512 -103.37 -29.95 59.90
C PHE D 512 -103.97 -29.69 61.27
N ILE D 513 -103.17 -29.57 62.33
CA ILE D 513 -103.76 -29.28 63.64
C ILE D 513 -104.26 -27.84 63.63
N GLY D 514 -105.46 -27.64 64.16
CA GLY D 514 -106.05 -26.32 64.20
C GLY D 514 -106.75 -25.89 62.94
N THR D 515 -106.86 -26.75 61.93
CA THR D 515 -107.56 -26.47 60.69
C THR D 515 -108.96 -27.09 60.73
N ARG D 516 -109.84 -26.52 59.90
CA ARG D 516 -111.23 -26.92 59.87
C ARG D 516 -111.38 -28.39 59.45
N THR D 517 -112.40 -29.05 59.99
CA THR D 517 -112.70 -30.45 59.62
C THR D 517 -113.78 -30.47 58.55
N ILE D 518 -113.41 -29.92 57.39
CA ILE D 518 -114.32 -29.84 56.25
C ILE D 518 -114.53 -31.25 55.68
N ASN D 519 -115.34 -31.36 54.62
CA ASN D 519 -115.65 -32.65 54.05
C ASN D 519 -114.48 -33.22 53.27
N THR D 520 -113.66 -32.35 52.68
CA THR D 520 -112.52 -32.74 51.89
C THR D 520 -111.25 -32.91 52.72
N SER D 521 -111.32 -32.79 54.05
CA SER D 521 -110.12 -32.83 54.86
C SER D 521 -109.40 -34.16 54.74
N ALA D 522 -110.12 -35.25 55.03
CA ALA D 522 -109.60 -36.61 54.84
C ALA D 522 -108.90 -36.81 53.51
N SER D 523 -109.52 -36.39 52.40
CA SER D 523 -108.88 -36.57 51.11
C SER D 523 -107.63 -35.71 50.97
N ILE D 524 -107.69 -34.48 51.49
CA ILE D 524 -106.51 -33.61 51.47
C ILE D 524 -105.37 -34.25 52.26
N ILE D 525 -105.68 -34.79 53.44
CA ILE D 525 -104.67 -35.43 54.26
C ILE D 525 -104.05 -36.60 53.51
N LYS D 526 -104.89 -37.42 52.88
CA LYS D 526 -104.40 -38.53 52.09
C LYS D 526 -103.47 -38.06 50.98
N ASP D 527 -103.89 -37.03 50.23
CA ASP D 527 -103.06 -36.54 49.14
C ASP D 527 -101.74 -35.95 49.65
N PHE D 528 -101.76 -35.32 50.83
CA PHE D 528 -100.54 -34.78 51.40
C PHE D 528 -99.59 -35.89 51.81
N ILE D 529 -100.12 -36.93 52.45
CA ILE D 529 -99.26 -38.02 52.89
C ILE D 529 -98.71 -38.78 51.69
N GLN D 530 -99.53 -38.97 50.66
CA GLN D 530 -99.04 -39.61 49.44
C GLN D 530 -97.94 -38.77 48.81
N SER D 531 -98.10 -37.46 48.81
CA SER D 531 -97.08 -36.57 48.26
C SER D 531 -95.80 -36.63 49.08
N TYR D 532 -95.93 -36.71 50.41
CA TYR D 532 -94.75 -36.82 51.26
C TYR D 532 -94.02 -38.14 51.02
N LEU D 533 -94.76 -39.24 50.97
CA LEU D 533 -94.14 -40.54 50.70
C LEU D 533 -93.52 -40.60 49.32
N GLY D 534 -94.19 -40.03 48.31
CA GLY D 534 -93.61 -40.02 46.97
C GLY D 534 -92.33 -39.21 46.90
N ARG D 535 -92.26 -38.11 47.66
CA ARG D 535 -91.04 -37.31 47.70
C ARG D 535 -89.93 -38.04 48.44
N LYS D 536 -90.28 -38.80 49.48
CA LYS D 536 -89.30 -39.66 50.12
C LYS D 536 -88.78 -40.72 49.16
N LYS D 537 -89.69 -41.38 48.44
CA LYS D 537 -89.28 -42.38 47.47
C LYS D 537 -88.39 -41.77 46.39
N ARG D 538 -88.72 -40.56 45.95
CA ARG D 538 -87.92 -39.90 44.91
C ARG D 538 -86.49 -39.70 45.38
N ASP D 539 -86.30 -39.24 46.62
CA ASP D 539 -84.96 -39.06 47.16
C ASP D 539 -84.26 -40.36 47.49
N ASN D 540 -84.95 -41.50 47.40
CA ASN D 540 -84.40 -42.83 47.70
C ASN D 540 -84.13 -43.01 49.19
N GLU D 541 -84.85 -42.31 50.05
CA GLU D 541 -84.77 -42.57 51.48
C GLU D 541 -85.64 -43.75 51.89
N ILE D 542 -86.57 -44.19 51.04
CA ILE D 542 -87.39 -45.36 51.30
C ILE D 542 -87.49 -46.16 50.01
N GLN D 543 -87.79 -47.45 50.14
CA GLN D 543 -87.83 -48.28 48.95
C GLN D 543 -89.07 -48.04 48.09
N ASP D 544 -90.23 -48.34 48.65
CA ASP D 544 -91.52 -48.21 47.99
C ASP D 544 -92.62 -48.41 49.02
N PHE D 545 -93.82 -47.93 48.68
CA PHE D 545 -95.01 -48.07 49.51
C PHE D 545 -96.20 -48.43 48.63
N PRO D 546 -97.20 -49.14 49.16
CA PRO D 546 -98.47 -49.26 48.43
C PRO D 546 -99.32 -48.01 48.63
N ALA D 547 -99.65 -47.33 47.52
CA ALA D 547 -100.38 -46.06 47.61
C ALA D 547 -101.79 -46.28 48.17
N GLU D 548 -102.43 -47.38 47.78
CA GLU D 548 -103.83 -47.63 48.16
C GLU D 548 -103.97 -47.82 49.66
N ASP D 549 -102.95 -48.36 50.32
CA ASP D 549 -103.01 -48.61 51.76
C ASP D 549 -102.97 -47.34 52.60
N VAL D 550 -102.77 -46.17 52.00
CA VAL D 550 -102.76 -44.93 52.76
C VAL D 550 -104.20 -44.48 52.94
N GLN D 551 -104.82 -44.90 54.05
CA GLN D 551 -106.22 -44.67 54.33
C GLN D 551 -106.37 -43.68 55.48
N VAL D 552 -107.30 -42.74 55.33
CA VAL D 552 -107.50 -41.68 56.31
C VAL D 552 -108.94 -41.77 56.80
N ILE D 553 -109.11 -41.79 58.12
CA ILE D 553 -110.41 -41.80 58.78
C ILE D 553 -110.49 -40.55 59.63
N VAL D 554 -111.58 -39.79 59.48
CA VAL D 554 -111.82 -38.60 60.27
C VAL D 554 -113.10 -38.83 61.06
N GLU D 555 -113.05 -38.56 62.36
CA GLU D 555 -114.21 -38.71 63.23
C GLU D 555 -114.04 -37.78 64.42
N GLY D 556 -114.84 -36.72 64.50
CA GLY D 556 -114.71 -35.81 65.61
C GLY D 556 -113.36 -35.11 65.57
N ASN D 557 -112.80 -34.86 66.75
CA ASN D 557 -111.52 -34.16 66.82
C ASN D 557 -110.35 -35.03 66.38
N GLU D 558 -110.50 -36.36 66.41
CA GLU D 558 -109.41 -37.26 66.09
C GLU D 558 -109.37 -37.57 64.59
N ALA D 559 -108.15 -37.78 64.09
CA ALA D 559 -107.93 -38.23 62.72
C ALA D 559 -107.03 -39.46 62.77
N ARG D 560 -107.55 -40.59 62.29
CA ARG D 560 -106.85 -41.86 62.31
C ARG D 560 -106.30 -42.18 60.92
N ILE D 561 -105.04 -42.59 60.87
CA ILE D 561 -104.32 -42.82 59.62
C ILE D 561 -103.60 -44.15 59.72
N SER D 562 -103.67 -44.95 58.65
CA SER D 562 -102.98 -46.22 58.54
C SER D 562 -102.27 -46.27 57.20
N MET D 563 -101.00 -46.70 57.22
CA MET D 563 -100.19 -46.74 56.01
C MET D 563 -99.14 -47.82 56.15
N THR D 564 -98.51 -48.14 55.03
CA THR D 564 -97.43 -49.12 54.98
C THR D 564 -96.32 -48.57 54.09
N VAL D 565 -95.09 -48.81 54.51
CA VAL D 565 -93.90 -48.41 53.78
C VAL D 565 -92.89 -49.55 53.87
N TYR D 566 -92.25 -49.85 52.75
CA TYR D 566 -91.15 -50.83 52.73
C TYR D 566 -89.84 -50.12 53.08
N PRO D 567 -89.10 -50.57 54.09
CA PRO D 567 -87.92 -49.80 54.50
C PRO D 567 -86.77 -50.01 53.53
N ILE D 568 -85.96 -48.96 53.35
CA ILE D 568 -84.77 -49.10 52.51
C ILE D 568 -83.78 -50.03 53.21
N ARG D 569 -83.13 -50.90 52.43
CA ARG D 569 -82.12 -51.81 52.95
C ARG D 569 -80.84 -51.67 52.12
N SER D 570 -79.72 -51.98 52.75
CA SER D 570 -78.40 -51.94 52.12
C SER D 570 -77.87 -53.36 51.96
N PHE D 571 -77.31 -53.65 50.78
CA PHE D 571 -76.75 -54.97 50.52
C PHE D 571 -75.61 -55.29 51.48
N LYS D 572 -75.63 -56.51 52.03
CA LYS D 572 -74.51 -56.98 52.84
C LYS D 572 -74.24 -58.48 52.64
N LYS D 573 -74.70 -59.05 51.54
CA LYS D 573 -74.38 -60.44 51.18
C LYS D 573 -74.81 -60.72 49.75
N ILE D 574 -73.86 -61.16 48.91
CA ILE D 574 -74.13 -61.43 47.51
C ILE D 574 -73.65 -62.84 47.21
N SER D 575 -74.56 -63.66 46.66
CA SER D 575 -74.24 -65.03 46.24
C SER D 575 -74.43 -65.14 44.74
N VAL D 576 -73.50 -65.86 44.10
CA VAL D 576 -73.55 -66.13 42.66
C VAL D 576 -73.43 -67.63 42.48
N SER D 577 -74.39 -68.21 41.76
CA SER D 577 -74.44 -69.65 41.50
C SER D 577 -74.10 -69.89 40.02
N LEU D 578 -72.80 -69.81 39.71
CA LEU D 578 -72.34 -69.98 38.35
C LEU D 578 -72.40 -71.46 37.98
N VAL D 579 -72.75 -71.75 36.72
CA VAL D 579 -72.81 -73.13 36.23
C VAL D 579 -72.23 -73.17 34.82
N TYR D 580 -71.26 -74.05 34.61
CA TYR D 580 -70.62 -74.20 33.32
C TYR D 580 -71.41 -75.15 32.42
N LYS D 581 -71.24 -74.97 31.11
CA LYS D 581 -71.87 -75.84 30.13
C LYS D 581 -71.01 -75.86 28.88
N GLN D 582 -71.23 -76.86 28.03
CA GLN D 582 -70.51 -77.02 26.78
C GLN D 582 -71.48 -76.86 25.61
N GLN D 583 -70.97 -76.31 24.50
CA GLN D 583 -71.81 -76.06 23.34
C GLN D 583 -70.96 -76.29 22.08
N THR D 584 -71.58 -76.85 21.05
CA THR D 584 -70.89 -77.28 19.85
C THR D 584 -71.12 -76.26 18.73
N LEU D 585 -70.16 -76.21 17.79
CA LEU D 585 -70.23 -75.23 16.71
C LEU D 585 -70.05 -75.94 15.37
N GLN D 586 -70.64 -75.35 14.32
CA GLN D 586 -70.56 -75.92 12.97
C GLN D 586 -70.31 -74.79 12.00
N ALA D 587 -69.17 -74.83 11.33
CA ALA D 587 -68.81 -73.80 10.35
C ALA D 587 -68.77 -72.39 10.96
N VAL E 3 -142.92 -4.39 46.70
CA VAL E 3 -143.26 -3.92 45.34
C VAL E 3 -143.32 -2.40 45.37
N GLU E 4 -142.87 -1.78 44.27
CA GLU E 4 -142.87 -0.32 44.12
C GLU E 4 -143.71 0.05 42.89
N PRO E 5 -144.98 0.45 43.06
CA PRO E 5 -145.78 0.82 41.89
C PRO E 5 -145.33 2.14 41.29
N PHE E 6 -145.69 2.34 40.01
CA PHE E 6 -145.33 3.54 39.26
C PHE E 6 -146.50 3.96 38.37
N PRO E 7 -147.13 5.13 38.58
CA PRO E 7 -146.92 6.16 39.63
C PRO E 7 -147.50 5.76 40.98
N ARG E 8 -147.03 6.38 42.06
CA ARG E 8 -147.53 6.12 43.39
C ARG E 8 -148.97 6.59 43.61
N ARG E 9 -149.50 7.40 42.69
CA ARG E 9 -150.89 7.86 42.74
C ARG E 9 -151.66 7.12 41.65
N PRO E 10 -152.56 6.17 41.96
CA PRO E 10 -153.34 5.52 40.90
C PRO E 10 -154.18 6.55 40.14
N ILE E 11 -154.54 6.20 38.91
CA ILE E 11 -155.43 7.00 38.07
C ILE E 11 -156.45 6.07 37.43
N THR E 12 -157.70 6.53 37.34
CA THR E 12 -158.77 5.66 36.89
C THR E 12 -158.92 5.63 35.37
N ARG E 13 -158.45 6.66 34.67
CA ARG E 13 -158.60 6.74 33.24
C ARG E 13 -157.72 5.66 32.59
N PRO E 14 -157.94 5.34 31.31
CA PRO E 14 -157.09 4.32 30.67
C PRO E 14 -155.64 4.75 30.63
N HIS E 15 -154.76 3.83 31.01
CA HIS E 15 -153.33 4.08 31.17
C HIS E 15 -152.62 2.73 31.21
N ALA E 16 -151.30 2.77 31.39
CA ALA E 16 -150.49 1.57 31.61
C ALA E 16 -149.71 1.71 32.91
N SER E 17 -149.81 0.68 33.77
CA SER E 17 -149.21 0.69 35.10
C SER E 17 -148.06 -0.30 35.18
N ILE E 18 -146.92 0.14 35.73
CA ILE E 18 -145.72 -0.65 35.87
C ILE E 18 -145.46 -0.83 37.37
N GLU E 19 -145.17 -2.06 37.77
CA GLU E 19 -144.80 -2.41 39.13
C GLU E 19 -143.38 -2.98 39.12
N VAL E 20 -142.58 -2.59 40.10
CA VAL E 20 -141.18 -3.01 40.17
C VAL E 20 -140.97 -3.66 41.52
N ASP E 21 -140.24 -4.78 41.53
CA ASP E 21 -139.82 -5.45 42.77
C ASP E 21 -138.30 -5.57 42.75
N THR E 22 -137.64 -4.87 43.67
CA THR E 22 -136.18 -4.85 43.75
C THR E 22 -135.60 -5.94 44.64
N SER E 23 -136.41 -6.89 45.09
CA SER E 23 -135.88 -7.96 45.93
C SER E 23 -135.08 -8.95 45.08
N GLY E 24 -134.05 -9.53 45.69
CA GLY E 24 -133.18 -10.45 44.99
C GLY E 24 -132.03 -9.80 44.26
N ILE E 25 -132.01 -8.47 44.15
CA ILE E 25 -130.85 -7.81 43.55
C ILE E 25 -129.65 -7.98 44.48
N GLY E 26 -129.80 -7.56 45.73
CA GLY E 26 -128.72 -7.64 46.69
C GLY E 26 -128.43 -9.07 47.12
N SER E 32 -122.33 -11.31 59.34
CA SER E 32 -121.56 -11.28 60.57
C SER E 32 -120.22 -10.59 60.37
N GLU E 33 -119.79 -9.85 61.40
CA GLU E 33 -118.49 -9.21 61.45
C GLU E 33 -117.67 -9.61 62.67
N LYS E 34 -118.32 -9.98 63.76
CA LYS E 34 -117.66 -10.39 65.00
C LYS E 34 -116.76 -9.28 65.53
N VAL E 35 -117.41 -8.24 66.02
CA VAL E 35 -116.71 -7.04 66.48
C VAL E 35 -116.08 -7.31 67.84
N PHE E 36 -114.96 -6.66 68.10
CA PHE E 36 -114.17 -6.82 69.31
C PHE E 36 -114.37 -5.60 70.21
N CYS E 37 -114.47 -5.83 71.52
CA CYS E 37 -114.74 -4.78 72.49
C CYS E 37 -113.60 -4.69 73.50
N LEU E 38 -113.45 -3.50 74.09
CA LEU E 38 -112.42 -3.25 75.10
C LEU E 38 -112.90 -2.24 76.11
N ILE E 39 -112.49 -2.41 77.37
CA ILE E 39 -112.69 -1.43 78.42
C ILE E 39 -111.36 -1.26 79.15
N GLY E 40 -110.98 -0.01 79.40
CA GLY E 40 -109.70 0.21 80.05
C GLY E 40 -109.46 1.68 80.36
N GLN E 41 -108.20 1.98 80.71
CA GLN E 41 -107.82 3.33 81.12
C GLN E 41 -107.35 4.14 79.91
N ALA E 42 -107.71 5.43 79.92
CA ALA E 42 -107.28 6.35 78.87
C ALA E 42 -107.15 7.76 79.45
N GLU E 43 -106.31 8.57 78.82
CA GLU E 43 -106.09 9.97 79.19
C GLU E 43 -106.99 10.95 78.45
N GLY E 44 -108.01 10.47 77.76
CA GLY E 44 -108.86 11.35 76.98
C GLY E 44 -110.08 10.61 76.48
N GLY E 45 -111.11 11.38 76.18
CA GLY E 45 -112.39 10.84 75.76
C GLY E 45 -113.44 10.97 76.86
N GLU E 46 -114.70 10.93 76.43
CA GLU E 46 -115.80 11.14 77.34
C GLU E 46 -116.00 9.91 78.23
N PRO E 47 -116.61 10.08 79.40
CA PRO E 47 -116.93 8.90 80.23
C PRO E 47 -118.26 8.28 79.84
N ASN E 48 -118.33 6.98 80.07
CA ASN E 48 -119.56 6.18 79.85
C ASN E 48 -120.03 6.27 78.40
N THR E 49 -119.08 6.34 77.46
CA THR E 49 -119.39 6.54 76.05
C THR E 49 -118.61 5.53 75.22
N VAL E 50 -119.31 4.87 74.31
CA VAL E 50 -118.72 3.89 73.41
C VAL E 50 -118.38 4.60 72.11
N TYR E 51 -117.23 4.24 71.53
CA TYR E 51 -116.79 4.79 70.25
C TYR E 51 -116.34 3.66 69.34
N GLU E 52 -116.82 3.70 68.10
CA GLU E 52 -116.32 2.83 67.05
C GLU E 52 -114.95 3.33 66.62
N LEU E 53 -114.04 2.39 66.35
CA LEU E 53 -112.67 2.74 66.00
C LEU E 53 -112.15 1.76 64.95
N ARG E 54 -111.82 2.29 63.78
CA ARG E 54 -111.12 1.57 62.72
C ARG E 54 -109.84 2.26 62.29
N ASN E 55 -109.85 3.59 62.24
CA ASN E 55 -108.69 4.38 61.87
C ASN E 55 -107.82 4.68 63.08
N TYR E 56 -106.51 4.50 62.93
CA TYR E 56 -105.58 4.73 64.02
C TYR E 56 -105.51 6.21 64.40
N SER E 57 -105.65 7.11 63.41
CA SER E 57 -105.67 8.54 63.73
C SER E 57 -106.87 8.91 64.61
N GLN E 58 -108.03 8.31 64.35
CA GLN E 58 -109.20 8.58 65.18
C GLN E 58 -108.98 8.09 66.60
N ALA E 59 -108.48 6.85 66.74
CA ALA E 59 -108.23 6.29 68.06
C ALA E 59 -107.22 7.12 68.84
N LYS E 60 -106.17 7.60 68.18
CA LYS E 60 -105.20 8.43 68.88
C LYS E 60 -105.81 9.76 69.33
N ARG E 61 -106.58 10.39 68.46
CA ARG E 61 -107.19 11.68 68.80
C ARG E 61 -108.20 11.52 69.93
N LEU E 62 -109.08 10.51 69.82
CA LEU E 62 -110.05 10.23 70.87
C LEU E 62 -109.35 9.92 72.19
N PHE E 63 -108.65 8.79 72.25
CA PHE E 63 -107.85 8.40 73.42
C PHE E 63 -106.45 8.95 73.23
N ARG E 64 -106.16 10.05 73.92
CA ARG E 64 -104.88 10.74 73.73
C ARG E 64 -103.71 9.83 74.08
N SER E 65 -103.84 9.07 75.16
CA SER E 65 -102.81 8.14 75.60
C SER E 65 -103.35 7.33 76.77
N GLY E 66 -102.80 6.14 76.95
CA GLY E 66 -103.05 5.37 78.16
C GLY E 66 -102.76 3.90 77.90
N GLU E 67 -103.44 3.05 78.66
CA GLU E 67 -103.36 1.61 78.46
C GLU E 67 -104.41 1.11 77.48
N LEU E 68 -105.53 1.83 77.34
CA LEU E 68 -106.56 1.40 76.41
C LEU E 68 -106.15 1.68 74.97
N LEU E 69 -105.38 2.75 74.73
CA LEU E 69 -104.86 2.98 73.39
C LEU E 69 -103.80 1.95 73.04
N ASP E 70 -102.96 1.58 74.02
CA ASP E 70 -101.98 0.52 73.77
C ASP E 70 -102.66 -0.82 73.52
N ALA E 71 -103.72 -1.12 74.27
CA ALA E 71 -104.46 -2.36 74.03
C ALA E 71 -105.05 -2.37 72.62
N ILE E 72 -105.57 -1.24 72.16
CA ILE E 72 -106.15 -1.19 70.83
C ILE E 72 -105.07 -1.40 69.78
N GLU E 73 -103.92 -0.75 69.96
CA GLU E 73 -102.82 -0.87 69.01
C GLU E 73 -102.28 -2.30 68.97
N LEU E 74 -102.25 -2.96 70.13
CA LEU E 74 -101.83 -4.37 70.15
C LEU E 74 -102.82 -5.24 69.41
N ALA E 75 -104.12 -5.04 69.67
CA ALA E 75 -105.14 -5.82 68.98
C ALA E 75 -105.05 -5.69 67.47
N TRP E 76 -104.93 -4.45 66.96
CA TRP E 76 -104.78 -4.27 65.53
C TRP E 76 -103.48 -4.90 65.04
N GLY E 77 -102.43 -4.87 65.86
CA GLY E 77 -101.13 -5.41 65.52
C GLY E 77 -100.87 -6.82 66.02
N SER E 78 -101.83 -7.43 66.71
CA SER E 78 -101.69 -8.81 67.16
C SER E 78 -101.99 -9.83 66.06
N ASN E 79 -102.56 -9.39 64.94
CA ASN E 79 -102.93 -10.28 63.83
C ASN E 79 -102.42 -9.65 62.53
N PRO E 80 -101.12 -9.82 62.22
CA PRO E 80 -100.60 -9.20 60.99
C PRO E 80 -101.24 -9.75 59.73
N ASN E 81 -101.56 -11.04 59.69
CA ASN E 81 -102.11 -11.70 58.52
C ASN E 81 -103.64 -11.69 58.50
N TYR E 82 -104.27 -10.68 59.09
CA TYR E 82 -105.72 -10.57 59.09
C TYR E 82 -106.09 -9.10 58.92
N THR E 83 -107.38 -8.86 58.68
CA THR E 83 -107.87 -7.51 58.49
C THR E 83 -108.00 -6.78 59.82
N ALA E 84 -107.61 -5.51 59.83
CA ALA E 84 -107.76 -4.64 60.99
C ALA E 84 -109.19 -4.10 61.00
N GLY E 85 -110.08 -4.75 61.73
CA GLY E 85 -111.50 -4.47 61.68
C GLY E 85 -111.97 -3.53 62.77
N ARG E 86 -113.29 -3.47 62.95
CA ARG E 86 -113.86 -2.51 63.89
C ARG E 86 -113.59 -2.96 65.32
N ILE E 87 -113.31 -2.00 66.19
CA ILE E 87 -113.15 -2.23 67.62
C ILE E 87 -113.94 -1.17 68.36
N LEU E 88 -114.58 -1.59 69.46
CA LEU E 88 -115.32 -0.70 70.35
C LEU E 88 -114.53 -0.52 71.64
N ALA E 89 -114.66 0.65 72.25
CA ALA E 89 -113.79 1.05 73.34
C ALA E 89 -114.55 1.99 74.27
N MET E 90 -114.23 1.93 75.56
CA MET E 90 -114.85 2.81 76.56
C MET E 90 -113.82 3.19 77.61
N ARG E 91 -114.00 4.40 78.17
CA ARG E 91 -113.09 4.93 79.18
C ARG E 91 -113.74 4.85 80.56
N ILE E 92 -113.13 4.06 81.45
CA ILE E 92 -113.63 3.87 82.81
C ILE E 92 -113.60 5.19 83.60
N GLU E 93 -112.59 6.02 83.38
CA GLU E 93 -112.40 7.20 84.22
C GLU E 93 -113.57 8.18 84.06
N ASP E 94 -114.04 8.70 85.19
CA ASP E 94 -115.08 9.73 85.18
C ASP E 94 -114.47 11.13 85.11
N ALA E 95 -113.73 11.35 84.03
CA ALA E 95 -113.12 12.65 83.77
C ALA E 95 -114.19 13.70 83.49
N LYS E 96 -113.82 14.96 83.66
CA LYS E 96 -114.66 16.10 83.36
C LYS E 96 -113.80 17.18 82.72
N PRO E 97 -114.39 18.08 81.91
CA PRO E 97 -113.54 19.03 81.19
C PRO E 97 -113.32 20.32 81.97
N ALA E 98 -112.33 21.08 81.51
CA ALA E 98 -111.98 22.35 82.12
C ALA E 98 -112.90 23.45 81.59
N SER E 99 -113.29 24.36 82.47
CA SER E 99 -114.19 25.45 82.10
C SER E 99 -113.84 26.68 82.91
N ALA E 100 -114.23 27.84 82.38
CA ALA E 100 -114.01 29.11 83.06
C ALA E 100 -115.01 30.12 82.55
N GLU E 101 -115.26 31.13 83.40
CA GLU E 101 -116.17 32.24 83.09
C GLU E 101 -115.37 33.53 83.21
N ILE E 102 -115.10 34.15 82.07
CA ILE E 102 -114.27 35.37 82.04
C ILE E 102 -114.65 36.15 80.79
N GLY E 103 -114.71 37.48 80.95
CA GLY E 103 -115.01 38.35 79.84
C GLY E 103 -116.48 38.48 79.53
N GLY E 104 -117.35 37.95 80.39
CA GLY E 104 -118.75 37.85 80.11
C GLY E 104 -119.13 36.69 79.21
N LEU E 105 -118.36 35.60 79.23
CA LEU E 105 -118.58 34.47 78.36
C LEU E 105 -118.30 33.17 79.12
N LYS E 106 -119.12 32.15 78.86
CA LYS E 106 -118.88 30.84 79.44
C LYS E 106 -117.95 30.08 78.51
N ILE E 107 -116.88 29.53 79.07
CA ILE E 107 -115.84 28.84 78.30
C ILE E 107 -115.85 27.38 78.73
N THR E 108 -115.90 26.48 77.75
CA THR E 108 -115.88 25.04 78.03
C THR E 108 -115.01 24.33 77.01
N SER E 109 -114.22 23.39 77.50
CA SER E 109 -113.28 22.64 76.69
C SER E 109 -113.88 21.30 76.28
N LYS E 110 -113.46 20.81 75.12
CA LYS E 110 -113.92 19.54 74.58
C LYS E 110 -113.11 18.35 75.07
N ILE E 111 -111.99 18.58 75.76
CA ILE E 111 -111.13 17.51 76.26
C ILE E 111 -111.53 17.23 77.70
N TYR E 112 -111.63 15.95 78.05
CA TYR E 112 -112.09 15.53 79.37
C TYR E 112 -110.91 14.93 80.13
N GLY E 113 -110.56 15.55 81.27
CA GLY E 113 -109.51 15.08 82.15
C GLY E 113 -108.60 16.22 82.57
N ASN E 114 -107.47 15.87 83.17
CA ASN E 114 -106.53 16.87 83.65
C ASN E 114 -105.84 17.61 82.51
N VAL E 115 -105.86 17.05 81.29
CA VAL E 115 -105.16 17.69 80.19
C VAL E 115 -105.82 19.01 79.81
N ALA E 116 -107.12 19.17 80.09
CA ALA E 116 -107.82 20.38 79.65
C ALA E 116 -107.30 21.63 80.35
N ASN E 117 -106.61 21.48 81.48
CA ASN E 117 -106.13 22.65 82.22
C ASN E 117 -105.11 23.47 81.43
N ASN E 118 -104.44 22.88 80.45
CA ASN E 118 -103.41 23.61 79.70
C ASN E 118 -103.98 24.53 78.62
N ILE E 119 -105.29 24.50 78.38
CA ILE E 119 -105.88 25.34 77.35
C ILE E 119 -105.78 26.79 77.78
N GLN E 120 -105.54 27.67 76.81
CA GLN E 120 -105.42 29.11 77.04
C GLN E 120 -106.30 29.82 76.01
N VAL E 121 -107.02 30.85 76.47
CA VAL E 121 -107.89 31.64 75.60
C VAL E 121 -107.81 33.09 76.05
N GLY E 122 -107.87 33.99 75.09
CA GLY E 122 -107.81 35.43 75.29
C GLY E 122 -108.45 36.23 74.18
N LEU E 123 -108.90 37.43 74.55
CA LEU E 123 -109.64 38.34 73.68
C LEU E 123 -109.02 39.72 73.75
N GLU E 124 -108.90 40.37 72.58
CA GLU E 124 -108.34 41.70 72.45
C GLU E 124 -109.15 42.49 71.43
N LYS E 125 -108.73 43.74 71.21
CA LYS E 125 -109.32 44.66 70.25
C LYS E 125 -108.25 45.18 69.32
N ASN E 126 -108.61 45.38 68.05
CA ASN E 126 -107.70 45.87 67.01
C ASN E 126 -108.02 47.33 66.74
N THR E 127 -107.05 48.22 67.01
CA THR E 127 -107.27 49.64 66.81
C THR E 127 -107.22 50.04 65.34
N LEU E 128 -106.61 49.22 64.48
CA LEU E 128 -106.45 49.57 63.08
C LEU E 128 -107.72 49.38 62.26
N SER E 129 -108.72 48.67 62.79
CA SER E 129 -109.96 48.46 62.07
C SER E 129 -111.21 48.60 62.93
N ASP E 130 -111.08 48.94 64.22
CA ASP E 130 -112.22 49.02 65.12
C ASP E 130 -112.97 47.70 65.18
N SER E 131 -112.23 46.61 65.34
CA SER E 131 -112.81 45.26 65.38
C SER E 131 -112.15 44.46 66.49
N LEU E 132 -112.86 43.43 66.95
CA LEU E 132 -112.37 42.63 68.07
C LEU E 132 -111.45 41.53 67.56
N ARG E 133 -110.70 40.92 68.49
CA ARG E 133 -109.70 39.92 68.19
C ARG E 133 -109.75 38.81 69.22
N LEU E 134 -109.43 37.58 68.77
CA LEU E 134 -109.49 36.39 69.60
C LEU E 134 -108.26 35.53 69.32
N ARG E 135 -107.82 34.81 70.35
CA ARG E 135 -106.76 33.82 70.20
C ARG E 135 -107.05 32.62 71.09
N VAL E 136 -106.93 31.43 70.52
CA VAL E 136 -107.12 30.16 71.22
C VAL E 136 -105.84 29.35 71.04
N ILE E 137 -105.33 28.83 72.15
CA ILE E 137 -104.07 28.11 72.19
C ILE E 137 -104.24 26.85 73.05
N PHE E 138 -103.72 25.73 72.56
CA PHE E 138 -103.63 24.47 73.30
C PHE E 138 -102.21 23.94 73.05
N GLN E 139 -101.31 24.19 74.00
CA GLN E 139 -99.89 23.94 73.79
C GLN E 139 -99.57 22.46 73.66
N ASP E 140 -100.42 21.58 74.18
CA ASP E 140 -100.10 20.15 74.11
C ASP E 140 -100.18 19.65 72.67
N ASP E 141 -101.20 20.07 71.93
CA ASP E 141 -101.31 19.79 70.50
C ASP E 141 -100.54 20.79 69.65
N ARG E 142 -99.86 21.76 70.26
CA ARG E 142 -99.23 22.86 69.53
C ARG E 142 -100.24 23.63 68.67
N PHE E 143 -101.50 23.65 69.12
CA PHE E 143 -102.55 24.36 68.39
C PHE E 143 -102.51 25.84 68.75
N ASN E 144 -102.58 26.68 67.72
CA ASN E 144 -102.56 28.13 67.92
C ASN E 144 -103.20 28.78 66.71
N GLU E 145 -104.22 29.60 66.95
CA GLU E 145 -104.94 30.28 65.88
C GLU E 145 -105.43 31.64 66.40
N VAL E 146 -105.39 32.64 65.53
CA VAL E 146 -105.85 33.99 65.84
C VAL E 146 -106.97 34.33 64.87
N TYR E 147 -108.18 34.54 65.41
CA TYR E 147 -109.33 34.99 64.62
C TYR E 147 -109.31 36.51 64.69
N ASP E 148 -108.59 37.10 63.74
CA ASP E 148 -108.43 38.55 63.71
C ASP E 148 -109.65 39.24 63.11
N ASN E 149 -109.98 40.41 63.64
CA ASN E 149 -111.06 41.27 63.16
C ASN E 149 -112.42 40.56 63.25
N ILE E 150 -112.74 40.11 64.46
CA ILE E 150 -114.06 39.55 64.69
C ILE E 150 -115.10 40.68 64.66
N GLY E 151 -116.28 40.37 64.13
CA GLY E 151 -117.33 41.35 64.00
C GLY E 151 -117.11 42.24 62.78
N ASN E 152 -117.83 43.36 62.79
CA ASN E 152 -117.82 44.34 61.69
C ASN E 152 -118.23 43.66 60.39
N ILE E 153 -119.46 43.13 60.37
CA ILE E 153 -119.85 42.23 59.28
C ILE E 153 -119.93 42.99 57.96
N PHE E 154 -120.54 44.17 57.96
CA PHE E 154 -120.71 44.93 56.73
C PHE E 154 -120.93 46.40 57.06
N THR E 155 -120.59 47.25 56.10
CA THR E 155 -120.75 48.68 56.26
C THR E 155 -122.12 49.13 55.77
N ILE E 156 -122.55 50.29 56.24
CA ILE E 156 -123.71 50.99 55.72
C ILE E 156 -123.25 52.42 55.46
N LYS E 157 -123.43 52.88 54.23
CA LYS E 157 -123.03 54.20 53.79
C LYS E 157 -124.21 54.97 53.21
N TYR E 158 -124.11 56.30 53.26
CA TYR E 158 -125.12 57.22 52.75
C TYR E 158 -124.42 58.26 51.88
N LYS E 159 -125.07 58.62 50.78
CA LYS E 159 -124.48 59.46 49.74
C LYS E 159 -125.28 60.72 49.43
N GLY E 160 -126.51 60.84 49.92
CA GLY E 160 -127.33 62.01 49.63
C GLY E 160 -126.84 63.27 50.31
N GLU E 161 -127.53 64.37 50.03
CA GLU E 161 -127.20 65.69 50.57
C GLU E 161 -128.12 66.15 51.69
N GLU E 162 -129.08 65.34 52.11
CA GLU E 162 -129.96 65.72 53.21
C GLU E 162 -129.17 65.95 54.49
N ALA E 163 -129.74 66.76 55.37
CA ALA E 163 -129.04 67.13 56.61
C ALA E 163 -128.87 65.92 57.50
N ASN E 164 -129.90 65.08 57.60
CA ASN E 164 -129.93 63.96 58.54
C ASN E 164 -129.99 62.63 57.78
N ALA E 165 -129.20 61.65 58.23
CA ALA E 165 -129.24 60.31 57.67
C ALA E 165 -128.79 59.35 58.76
N THR E 166 -129.72 58.54 59.27
CA THR E 166 -129.46 57.66 60.40
C THR E 166 -130.04 56.28 60.12
N PHE E 167 -129.44 55.27 60.76
CA PHE E 167 -129.94 53.90 60.70
C PHE E 167 -130.01 53.33 62.11
N SER E 168 -130.84 52.30 62.27
CA SER E 168 -131.03 51.63 63.55
C SER E 168 -131.26 50.15 63.34
N VAL E 169 -130.93 49.37 64.37
CA VAL E 169 -131.25 47.95 64.44
C VAL E 169 -132.13 47.76 65.68
N GLU E 170 -133.34 47.25 65.49
CA GLU E 170 -134.27 46.99 66.57
C GLU E 170 -134.31 45.51 66.91
N HIS E 171 -134.74 45.22 68.13
CA HIS E 171 -134.82 43.87 68.66
C HIS E 171 -136.27 43.45 68.86
N ASP E 172 -136.48 42.13 68.80
CA ASP E 172 -137.74 41.54 69.24
C ASP E 172 -137.77 41.55 70.76
N GLU E 173 -138.84 42.10 71.34
CA GLU E 173 -138.88 42.31 72.78
C GLU E 173 -138.88 40.98 73.54
N GLU E 174 -139.67 40.02 73.07
CA GLU E 174 -139.84 38.78 73.82
C GLU E 174 -138.56 37.95 73.88
N THR E 175 -137.61 38.19 72.97
CA THR E 175 -136.36 37.44 72.92
C THR E 175 -135.10 38.29 72.79
N GLN E 176 -135.22 39.60 72.54
CA GLN E 176 -134.06 40.47 72.37
C GLN E 176 -133.18 40.02 71.21
N LYS E 177 -133.79 39.50 70.16
CA LYS E 177 -133.09 39.12 68.93
C LYS E 177 -133.31 40.17 67.86
N ALA E 178 -132.29 40.37 67.04
CA ALA E 178 -132.36 41.37 65.97
C ALA E 178 -133.49 41.02 65.01
N SER E 179 -134.50 41.89 64.94
CA SER E 179 -135.67 41.67 64.08
C SER E 179 -135.76 42.63 62.90
N ARG E 180 -135.10 43.79 62.95
CA ARG E 180 -135.25 44.81 61.92
C ARG E 180 -133.91 45.51 61.70
N LEU E 181 -133.78 46.14 60.52
CA LEU E 181 -132.69 47.07 60.24
C LEU E 181 -133.29 48.21 59.44
N VAL E 182 -133.44 49.36 60.10
CA VAL E 182 -134.17 50.51 59.56
C VAL E 182 -133.18 51.53 59.03
N LEU E 183 -133.50 52.11 57.87
CA LEU E 183 -132.74 53.21 57.30
C LEU E 183 -133.63 54.44 57.24
N LYS E 184 -133.16 55.53 57.83
CA LYS E 184 -133.89 56.79 57.88
C LYS E 184 -133.03 57.91 57.32
N VAL E 185 -133.67 58.78 56.53
CA VAL E 185 -133.04 59.93 55.90
C VAL E 185 -133.98 61.12 56.12
N GLY E 186 -133.48 62.15 56.77
CA GLY E 186 -134.24 63.33 57.14
C GLY E 186 -134.92 63.09 58.47
N ASP E 187 -136.20 62.66 58.43
CA ASP E 187 -136.95 62.36 59.64
C ASP E 187 -137.69 61.03 59.59
N GLN E 188 -137.93 60.45 58.41
CA GLN E 188 -138.72 59.23 58.26
C GLN E 188 -137.96 58.21 57.43
N GLU E 189 -138.44 56.96 57.51
CA GLU E 189 -137.75 55.83 56.91
C GLU E 189 -137.70 55.94 55.39
N VAL E 190 -136.61 55.44 54.82
CA VAL E 190 -136.51 55.18 53.38
C VAL E 190 -136.83 53.73 53.06
N LYS E 191 -136.18 52.79 53.75
CA LYS E 191 -136.46 51.37 53.63
C LYS E 191 -136.01 50.67 54.91
N SER E 192 -136.75 49.64 55.30
CA SER E 192 -136.45 48.84 56.48
C SER E 192 -136.38 47.36 56.11
N TYR E 193 -135.37 46.67 56.63
CA TYR E 193 -135.09 45.28 56.31
C TYR E 193 -135.59 44.41 57.46
N ASP E 194 -136.81 43.88 57.30
CA ASP E 194 -137.35 42.98 58.31
C ASP E 194 -136.52 41.69 58.34
N LEU E 195 -136.19 41.24 59.55
CA LEU E 195 -135.29 40.12 59.75
C LEU E 195 -135.95 38.84 60.22
N THR E 196 -137.11 38.93 60.88
CA THR E 196 -137.77 37.72 61.37
C THR E 196 -138.23 36.83 60.22
N GLY E 197 -138.76 37.45 59.17
CA GLY E 197 -139.28 36.70 58.03
C GLY E 197 -139.35 37.57 56.79
N GLY E 198 -139.03 36.96 55.64
CA GLY E 198 -139.06 37.66 54.37
C GLY E 198 -137.92 37.25 53.46
N ALA E 199 -137.44 38.21 52.67
CA ALA E 199 -136.34 38.01 51.74
C ALA E 199 -134.98 38.34 52.34
N TYR E 200 -134.95 38.86 53.57
CA TYR E 200 -133.71 39.28 54.22
C TYR E 200 -133.38 38.39 55.41
N ASP E 201 -133.40 37.07 55.20
CA ASP E 201 -132.96 36.17 56.26
C ASP E 201 -131.45 36.21 56.44
N TYR E 202 -130.71 36.49 55.36
CA TYR E 202 -129.27 36.56 55.39
C TYR E 202 -128.83 38.02 55.29
N THR E 203 -127.65 38.32 55.84
CA THR E 203 -127.18 39.70 55.81
C THR E 203 -126.65 40.10 54.43
N ASN E 204 -126.15 39.15 53.65
CA ASN E 204 -125.65 39.52 52.32
C ASN E 204 -126.78 40.08 51.46
N ALA E 205 -128.00 39.56 51.62
CA ALA E 205 -129.16 40.12 50.92
C ALA E 205 -129.39 41.57 51.32
N ILE E 206 -129.14 41.91 52.59
CA ILE E 206 -129.23 43.31 53.00
C ILE E 206 -128.13 44.12 52.35
N ILE E 207 -126.91 43.60 52.34
CA ILE E 207 -125.78 44.30 51.72
C ILE E 207 -126.10 44.59 50.26
N THR E 208 -126.56 43.57 49.53
CA THR E 208 -126.83 43.78 48.11
C THR E 208 -127.90 44.84 47.88
N ASP E 209 -128.99 44.81 48.67
CA ASP E 209 -130.09 45.74 48.43
C ASP E 209 -129.68 47.17 48.79
N ILE E 210 -128.94 47.34 49.89
CA ILE E 210 -128.37 48.65 50.21
C ILE E 210 -127.52 49.14 49.05
N ASN E 211 -126.69 48.26 48.49
CA ASN E 211 -125.89 48.64 47.32
C ASN E 211 -126.77 49.06 46.16
N GLN E 212 -127.90 48.37 45.95
CA GLN E 212 -128.78 48.72 44.85
C GLN E 212 -129.49 50.05 45.05
N LEU E 213 -129.56 50.55 46.29
CA LEU E 213 -130.23 51.82 46.53
C LEU E 213 -129.45 52.97 45.89
N PRO E 214 -130.14 54.07 45.51
CA PRO E 214 -129.44 55.15 44.79
C PRO E 214 -128.34 55.82 45.60
N ASP E 215 -128.67 56.30 46.80
CA ASP E 215 -127.75 57.09 47.63
C ASP E 215 -127.24 56.30 48.83
N PHE E 216 -126.89 55.03 48.62
CA PHE E 216 -126.38 54.18 49.68
C PHE E 216 -125.35 53.22 49.11
N GLU E 217 -124.42 52.79 49.97
CA GLU E 217 -123.42 51.81 49.58
C GLU E 217 -123.16 50.87 50.76
N ALA E 218 -122.68 49.67 50.45
CA ALA E 218 -122.46 48.68 51.51
C ALA E 218 -121.56 47.57 51.01
N LYS E 219 -120.70 47.07 51.89
CA LYS E 219 -119.75 46.02 51.52
C LYS E 219 -119.39 45.18 52.73
N LEU E 220 -119.16 43.88 52.49
CA LEU E 220 -118.83 42.96 53.56
C LEU E 220 -117.33 42.98 53.87
N SER E 221 -117.01 42.89 55.16
CA SER E 221 -115.61 42.85 55.58
C SER E 221 -114.96 41.56 55.07
N PRO E 222 -113.82 41.62 54.37
CA PRO E 222 -113.32 40.41 53.70
C PRO E 222 -112.74 39.36 54.64
N PHE E 223 -112.49 39.70 55.90
CA PHE E 223 -111.79 38.79 56.81
C PHE E 223 -112.73 37.63 57.14
N GLY E 224 -112.57 36.53 56.40
CA GLY E 224 -113.40 35.35 56.60
C GLY E 224 -114.78 35.52 56.02
N ASP E 225 -115.32 34.44 55.44
CA ASP E 225 -116.68 34.43 54.93
C ASP E 225 -117.64 34.39 56.11
N LYS E 226 -117.99 35.57 56.63
CA LYS E 226 -118.84 35.64 57.81
C LYS E 226 -120.23 35.12 57.48
N ASN E 227 -120.96 35.86 56.66
CA ASN E 227 -122.30 35.49 56.20
C ASN E 227 -123.23 35.12 57.36
N LEU E 228 -123.08 35.84 58.49
CA LEU E 228 -123.93 35.61 59.64
C LEU E 228 -125.39 35.87 59.28
N GLU E 229 -126.28 35.03 59.79
CA GLU E 229 -127.70 35.30 59.64
C GLU E 229 -128.09 36.51 60.49
N SER E 230 -129.04 37.29 59.97
CA SER E 230 -129.39 38.58 60.54
C SER E 230 -130.05 38.50 61.92
N SER E 231 -130.31 37.30 62.45
CA SER E 231 -130.97 37.23 63.75
C SER E 231 -130.06 37.72 64.87
N LYS E 232 -128.75 37.49 64.76
CA LYS E 232 -127.80 37.76 65.83
C LYS E 232 -127.06 39.09 65.64
N LEU E 233 -127.72 40.15 65.19
CA LEU E 233 -127.07 41.44 65.00
C LEU E 233 -127.22 42.29 66.25
N ASP E 234 -126.25 43.17 66.46
CA ASP E 234 -126.25 44.06 67.62
C ASP E 234 -127.26 45.20 67.43
N LYS E 235 -127.62 45.82 68.55
CA LYS E 235 -128.60 46.89 68.52
C LYS E 235 -127.93 48.23 68.22
N ILE E 236 -128.55 48.99 67.31
CA ILE E 236 -128.08 50.31 66.91
C ILE E 236 -129.29 51.24 66.91
N GLU E 237 -129.08 52.50 67.33
CA GLU E 237 -130.17 53.45 67.48
C GLU E 237 -129.71 54.84 67.02
N ASN E 238 -130.27 55.30 65.90
CA ASN E 238 -130.04 56.66 65.38
C ASN E 238 -128.55 56.94 65.19
N ALA E 239 -127.84 55.98 64.59
CA ALA E 239 -126.43 56.15 64.29
C ALA E 239 -126.29 56.77 62.90
N ASN E 240 -125.65 57.93 62.85
CA ASN E 240 -125.49 58.69 61.60
C ASN E 240 -124.83 57.84 60.52
N ILE E 241 -125.38 57.92 59.31
CA ILE E 241 -124.82 57.25 58.14
C ILE E 241 -123.92 58.19 57.35
N LYS E 242 -124.37 59.44 57.17
CA LYS E 242 -123.69 60.41 56.34
C LYS E 242 -122.26 60.69 56.80
N ASP E 243 -121.96 60.44 58.07
CA ASP E 243 -120.61 60.67 58.57
C ASP E 243 -119.63 59.69 57.93
N LYS E 244 -119.81 58.39 58.17
CA LYS E 244 -118.94 57.36 57.60
C LYS E 244 -119.76 56.15 57.20
N ALA E 245 -119.13 55.27 56.42
CA ALA E 245 -119.72 53.97 56.13
C ALA E 245 -119.75 53.12 57.39
N VAL E 246 -120.81 53.24 58.19
CA VAL E 246 -120.83 52.69 59.54
C VAL E 246 -121.00 51.17 59.47
N TYR E 247 -120.27 50.47 60.34
CA TYR E 247 -120.31 49.02 60.43
C TYR E 247 -121.41 48.56 61.38
N VAL E 248 -122.09 47.48 61.00
CA VAL E 248 -122.91 46.70 61.93
C VAL E 248 -121.94 45.67 62.53
N LYS E 249 -121.63 45.82 63.82
CA LYS E 249 -120.59 45.02 64.43
C LYS E 249 -121.01 43.57 64.60
N ALA E 250 -121.90 43.31 65.55
CA ALA E 250 -122.38 41.96 65.85
C ALA E 250 -121.20 41.04 66.16
N VAL E 251 -120.43 41.43 67.18
CA VAL E 251 -119.13 40.78 67.41
C VAL E 251 -119.32 39.34 67.86
N PHE E 252 -120.28 39.09 68.74
CA PHE E 252 -120.38 37.77 69.36
C PHE E 252 -120.99 36.75 68.41
N GLY E 253 -121.99 37.17 67.62
CA GLY E 253 -122.54 36.29 66.61
C GLY E 253 -121.50 35.89 65.58
N ASP E 254 -120.69 36.85 65.13
CA ASP E 254 -119.61 36.52 64.21
C ASP E 254 -118.59 35.60 64.85
N LEU E 255 -118.31 35.82 66.15
CA LEU E 255 -117.42 34.92 66.86
C LEU E 255 -117.96 33.50 66.88
N GLU E 256 -119.26 33.36 67.18
CA GLU E 256 -119.87 32.03 67.19
C GLU E 256 -119.77 31.37 65.83
N LYS E 257 -120.14 32.10 64.77
CA LYS E 257 -120.12 31.53 63.42
C LYS E 257 -118.70 31.15 62.99
N GLN E 258 -117.68 31.80 63.53
CA GLN E 258 -116.31 31.50 63.14
C GLN E 258 -115.73 30.32 63.91
N THR E 259 -116.14 30.16 65.17
CA THR E 259 -115.53 29.20 66.08
C THR E 259 -116.55 28.17 66.60
N ALA E 260 -117.66 27.99 65.91
CA ALA E 260 -118.67 27.05 66.38
C ALA E 260 -118.16 25.62 66.33
N TYR E 261 -117.52 25.25 65.20
CA TYR E 261 -117.08 23.89 64.95
C TYR E 261 -115.57 23.80 64.71
N ASN E 262 -114.81 24.83 65.11
CA ASN E 262 -113.36 24.87 64.91
C ASN E 262 -112.67 24.96 66.26
N GLY E 263 -111.51 24.30 66.38
CA GLY E 263 -110.73 24.39 67.60
C GLY E 263 -111.29 23.52 68.70
N ILE E 264 -110.59 23.56 69.85
CA ILE E 264 -110.94 22.72 70.98
C ILE E 264 -111.99 23.37 71.88
N VAL E 265 -112.09 24.71 71.88
CA VAL E 265 -112.86 25.47 72.86
C VAL E 265 -114.20 25.87 72.27
N SER E 266 -115.23 25.92 73.13
CA SER E 266 -116.54 26.47 72.80
C SER E 266 -116.82 27.69 73.66
N PHE E 267 -117.65 28.61 73.14
CA PHE E 267 -118.06 29.80 73.88
C PHE E 267 -119.57 29.95 73.91
N GLU E 268 -120.05 30.61 74.96
CA GLU E 268 -121.46 30.87 75.18
C GLU E 268 -121.58 32.11 76.06
N GLN E 269 -122.74 32.75 76.00
CA GLN E 269 -123.01 33.93 76.82
C GLN E 269 -123.03 33.55 78.30
N LEU E 270 -122.62 34.51 79.15
CA LEU E 270 -122.62 34.34 80.61
C LEU E 270 -123.98 33.89 81.13
N LYS E 298 -126.18 39.47 79.10
CA LYS E 298 -125.07 40.14 79.76
C LYS E 298 -124.04 40.61 78.75
N THR E 299 -123.29 41.64 79.14
CA THR E 299 -122.32 42.26 78.26
C THR E 299 -121.09 41.38 78.13
N ILE E 300 -120.48 41.42 76.95
CA ILE E 300 -119.28 40.67 76.64
C ILE E 300 -118.17 41.67 76.34
N GLU E 301 -117.01 41.47 76.95
CA GLU E 301 -115.85 42.34 76.78
C GLU E 301 -114.58 41.51 76.72
N PRO E 302 -113.48 42.07 76.21
CA PRO E 302 -112.26 41.27 76.08
C PRO E 302 -111.66 40.94 77.43
N PHE E 303 -110.71 40.01 77.41
CA PHE E 303 -110.04 39.56 78.61
C PHE E 303 -108.66 39.03 78.27
N GLU E 304 -107.81 38.97 79.29
CA GLU E 304 -106.42 38.60 79.10
C GLU E 304 -106.27 37.12 78.75
N LEU E 305 -105.21 36.81 78.01
CA LEU E 305 -104.89 35.42 77.67
C LEU E 305 -104.58 34.62 78.94
N THR E 306 -105.51 33.78 79.36
CA THR E 306 -105.43 33.09 80.65
C THR E 306 -105.76 31.62 80.46
N LYS E 307 -105.25 30.78 81.36
CA LYS E 307 -105.49 29.35 81.33
C LYS E 307 -106.92 29.06 81.76
N LEU E 308 -107.37 27.84 81.46
CA LEU E 308 -108.67 27.38 81.94
C LEU E 308 -108.53 26.72 83.31
N LYS E 309 -109.65 26.24 83.85
CA LYS E 309 -109.70 25.66 85.18
C LYS E 309 -110.74 24.55 85.21
N GLY E 310 -110.63 23.69 86.21
CA GLY E 310 -111.61 22.65 86.46
C GLY E 310 -111.31 21.30 85.86
N GLY E 311 -110.21 21.16 85.12
CA GLY E 311 -109.87 19.88 84.53
C GLY E 311 -109.59 18.82 85.59
N THR E 312 -110.38 17.75 85.59
CA THR E 312 -110.26 16.71 86.61
C THR E 312 -110.53 15.34 85.98
N ASN E 313 -109.80 14.31 86.44
CA ASN E 313 -110.06 12.96 85.95
C ASN E 313 -111.04 12.19 86.82
N GLY E 314 -111.11 12.52 88.11
CA GLY E 314 -111.94 11.79 89.05
C GLY E 314 -111.23 10.54 89.56
N GLU E 315 -112.04 9.55 89.93
CA GLU E 315 -111.55 8.26 90.42
C GLU E 315 -112.45 7.15 89.88
N PRO E 316 -111.92 5.94 89.69
CA PRO E 316 -112.74 4.88 89.08
C PRO E 316 -113.77 4.37 90.07
N PRO E 317 -114.82 3.71 89.61
CA PRO E 317 -115.84 3.19 90.54
C PRO E 317 -115.39 1.87 91.15
N ALA E 318 -116.16 1.41 92.15
CA ALA E 318 -115.90 0.10 92.72
C ALA E 318 -116.30 -1.01 91.74
N THR E 319 -117.48 -0.90 91.15
CA THR E 319 -118.05 -1.92 90.28
C THR E 319 -118.13 -1.39 88.85
N TRP E 320 -117.62 -2.19 87.89
CA TRP E 320 -117.69 -1.85 86.49
C TRP E 320 -118.97 -2.32 85.81
N ALA E 321 -119.90 -2.92 86.55
CA ALA E 321 -121.10 -3.46 85.92
C ALA E 321 -121.98 -2.36 85.37
N ASP E 322 -121.98 -1.19 86.01
CA ASP E 322 -122.78 -0.08 85.54
C ASP E 322 -122.29 0.41 84.18
N LYS E 323 -121.01 0.22 83.88
CA LYS E 323 -120.44 0.63 82.60
C LYS E 323 -120.94 -0.30 81.49
N LEU E 324 -120.97 -1.60 81.77
CA LEU E 324 -121.34 -2.61 80.78
C LEU E 324 -122.75 -2.44 80.24
N ASP E 325 -123.64 -1.72 80.94
CA ASP E 325 -124.99 -1.53 80.41
C ASP E 325 -124.97 -0.84 79.05
N LYS E 326 -124.01 0.07 78.85
CA LYS E 326 -123.91 0.76 77.56
C LYS E 326 -123.49 -0.18 76.43
N PHE E 327 -122.90 -1.34 76.75
CA PHE E 327 -122.51 -2.33 75.75
C PHE E 327 -123.64 -3.30 75.43
N ALA E 328 -124.86 -3.05 75.93
CA ALA E 328 -125.90 -4.08 75.86
C ALA E 328 -126.41 -4.28 74.44
N HIS E 329 -126.48 -3.20 73.66
CA HIS E 329 -127.05 -3.23 72.32
C HIS E 329 -126.17 -2.43 71.36
N GLU E 330 -124.86 -2.66 71.42
CA GLU E 330 -123.90 -2.01 70.52
C GLU E 330 -123.49 -2.89 69.36
N GLY E 331 -123.48 -4.21 69.55
CA GLY E 331 -123.04 -5.15 68.54
C GLY E 331 -121.59 -5.56 68.72
N GLY E 332 -121.38 -6.79 69.20
CA GLY E 332 -120.04 -7.29 69.43
C GLY E 332 -120.11 -8.65 70.10
N TYR E 333 -119.03 -9.41 69.94
CA TYR E 333 -118.96 -10.77 70.47
C TYR E 333 -117.90 -10.91 71.55
N TYR E 334 -116.68 -10.47 71.27
CA TYR E 334 -115.55 -10.61 72.19
C TYR E 334 -115.34 -9.32 72.95
N ILE E 335 -115.10 -9.43 74.25
CA ILE E 335 -114.82 -8.25 75.09
C ILE E 335 -113.76 -8.64 76.11
N VAL E 336 -112.82 -7.73 76.37
CA VAL E 336 -111.72 -7.98 77.31
C VAL E 336 -111.53 -6.75 78.20
N PRO E 337 -111.86 -6.79 79.50
CA PRO E 337 -111.52 -5.65 80.35
C PRO E 337 -110.03 -5.60 80.66
N LEU E 338 -109.51 -4.38 80.80
CA LEU E 338 -108.13 -4.19 81.23
C LEU E 338 -108.08 -4.04 82.75
N SER E 339 -108.26 -5.18 83.41
CA SER E 339 -108.14 -5.23 84.86
C SER E 339 -107.97 -6.68 85.28
N SER E 340 -107.00 -6.93 86.15
CA SER E 340 -106.70 -8.27 86.66
C SER E 340 -107.44 -8.59 87.95
N LYS E 341 -108.27 -7.67 88.45
CA LYS E 341 -109.04 -7.95 89.66
C LYS E 341 -110.17 -8.93 89.37
N GLN E 342 -110.42 -9.83 90.32
CA GLN E 342 -111.44 -10.84 90.11
C GLN E 342 -112.85 -10.27 90.14
N SER E 343 -113.05 -9.10 90.75
CA SER E 343 -114.39 -8.55 90.78
C SER E 343 -114.84 -8.11 89.40
N VAL E 344 -113.96 -7.41 88.67
CA VAL E 344 -114.26 -7.04 87.30
C VAL E 344 -114.58 -8.27 86.46
N HIS E 345 -113.77 -9.33 86.59
CA HIS E 345 -113.99 -10.54 85.80
C HIS E 345 -115.35 -11.14 86.11
N ALA E 346 -115.71 -11.22 87.39
CA ALA E 346 -117.01 -11.78 87.75
C ALA E 346 -118.16 -10.91 87.25
N GLU E 347 -117.97 -9.60 87.24
CA GLU E 347 -118.99 -8.69 86.73
C GLU E 347 -119.19 -8.87 85.24
N VAL E 348 -118.09 -8.93 84.48
CA VAL E 348 -118.20 -9.13 83.04
C VAL E 348 -118.81 -10.50 82.74
N ALA E 349 -118.41 -11.53 83.49
CA ALA E 349 -118.96 -12.87 83.29
C ALA E 349 -120.47 -12.88 83.43
N SER E 350 -120.97 -12.38 84.57
CA SER E 350 -122.40 -12.12 84.76
C SER E 350 -123.01 -11.35 83.59
N PHE E 351 -122.37 -10.25 83.17
CA PHE E 351 -122.91 -9.43 82.09
C PHE E 351 -123.07 -10.24 80.81
N VAL E 352 -122.02 -10.95 80.40
CA VAL E 352 -122.11 -11.70 79.15
C VAL E 352 -123.08 -12.86 79.29
N LYS E 353 -123.25 -13.41 80.51
CA LYS E 353 -124.26 -14.43 80.72
C LYS E 353 -125.65 -13.83 80.54
N GLU E 354 -125.86 -12.61 81.05
CA GLU E 354 -127.17 -11.98 80.93
C GLU E 354 -127.50 -11.68 79.47
N ARG E 355 -126.51 -11.20 78.71
CA ARG E 355 -126.75 -10.93 77.30
C ARG E 355 -127.01 -12.22 76.54
N SER E 356 -126.30 -13.29 76.88
CA SER E 356 -126.54 -14.57 76.22
C SER E 356 -127.96 -15.05 76.49
N ASP E 357 -128.40 -14.99 77.74
CA ASP E 357 -129.78 -15.33 78.07
C ASP E 357 -130.78 -14.38 77.42
N ALA E 358 -130.36 -13.15 77.11
CA ALA E 358 -131.25 -12.20 76.44
C ALA E 358 -131.41 -12.51 74.96
N GLY E 359 -130.31 -12.81 74.28
CA GLY E 359 -130.32 -13.10 72.86
C GLY E 359 -129.13 -12.56 72.08
N GLU E 360 -128.16 -11.97 72.79
CA GLU E 360 -126.98 -11.35 72.18
C GLU E 360 -125.74 -11.89 72.87
N PRO E 361 -125.41 -13.16 72.64
CA PRO E 361 -124.32 -13.79 73.41
C PRO E 361 -122.96 -13.16 73.13
N MET E 362 -122.11 -13.23 74.16
CA MET E 362 -120.75 -12.71 74.10
C MET E 362 -119.84 -13.65 74.87
N ARG E 363 -118.53 -13.48 74.67
CA ARG E 363 -117.51 -14.27 75.36
C ARG E 363 -116.41 -13.32 75.82
N ALA E 364 -115.83 -13.64 76.97
CA ALA E 364 -114.90 -12.77 77.67
C ALA E 364 -113.58 -13.51 77.85
N ILE E 365 -112.47 -12.81 77.62
CA ILE E 365 -111.13 -13.35 77.79
C ILE E 365 -110.44 -12.53 78.86
N VAL E 366 -109.77 -13.21 79.80
CA VAL E 366 -109.11 -12.55 80.93
C VAL E 366 -107.72 -13.14 81.14
N GLY E 367 -106.86 -12.34 81.78
CA GLY E 367 -105.52 -12.78 82.13
C GLY E 367 -105.19 -12.60 83.61
N GLY E 368 -104.51 -13.60 84.17
CA GLY E 368 -104.16 -13.62 85.59
C GLY E 368 -102.93 -12.81 85.94
N GLY E 369 -103.08 -11.49 86.00
CA GLY E 369 -102.09 -10.56 86.53
C GLY E 369 -100.70 -10.74 85.94
N PHE E 370 -99.68 -10.48 86.77
CA PHE E 370 -98.26 -10.50 86.39
C PHE E 370 -97.61 -11.77 86.93
N ASN E 371 -97.25 -12.70 86.03
CA ASN E 371 -96.37 -13.83 86.35
C ASN E 371 -96.92 -14.68 87.50
N GLU E 372 -98.25 -14.86 87.54
CA GLU E 372 -98.87 -15.60 88.61
C GLU E 372 -98.55 -17.09 88.51
N SER E 373 -98.48 -17.76 89.67
CA SER E 373 -98.14 -19.17 89.73
C SER E 373 -99.37 -20.02 89.40
N LYS E 374 -99.13 -21.33 89.26
CA LYS E 374 -100.21 -22.25 88.90
C LYS E 374 -101.33 -22.26 89.94
N GLU E 375 -101.00 -22.10 91.22
CA GLU E 375 -102.03 -22.11 92.25
C GLU E 375 -102.99 -20.94 92.07
N GLN E 376 -102.46 -19.76 91.74
CA GLN E 376 -103.33 -18.61 91.52
C GLN E 376 -104.17 -18.80 90.26
N LEU E 377 -103.60 -19.39 89.22
CA LEU E 377 -104.38 -19.65 88.01
C LEU E 377 -105.52 -20.61 88.30
N PHE E 378 -105.22 -21.70 89.03
CA PHE E 378 -106.26 -22.66 89.41
C PHE E 378 -107.36 -21.99 90.23
N GLY E 379 -106.98 -21.14 91.19
CA GLY E 379 -107.98 -20.50 92.02
C GLY E 379 -108.84 -19.51 91.27
N ARG E 380 -108.28 -18.91 90.21
CA ARG E 380 -109.07 -18.02 89.35
C ARG E 380 -110.00 -18.82 88.44
N GLN E 381 -109.50 -19.94 87.91
CA GLN E 381 -110.32 -20.83 87.09
C GLN E 381 -111.48 -21.39 87.91
N ALA E 382 -111.20 -21.80 89.14
CA ALA E 382 -112.25 -22.34 90.01
C ALA E 382 -113.23 -21.27 90.47
N SER E 383 -112.83 -20.00 90.42
CA SER E 383 -113.72 -18.90 90.79
C SER E 383 -114.63 -18.51 89.65
N LEU E 384 -114.12 -18.58 88.41
CA LEU E 384 -114.92 -18.23 87.25
C LEU E 384 -115.82 -19.39 86.85
N SER E 385 -115.21 -20.49 86.40
CA SER E 385 -115.91 -21.73 86.08
C SER E 385 -117.10 -21.49 85.16
N ASN E 386 -116.88 -20.70 84.11
CA ASN E 386 -117.92 -20.31 83.17
C ASN E 386 -117.54 -20.75 81.75
N PRO E 387 -118.45 -21.37 80.98
CA PRO E 387 -118.09 -21.67 79.58
C PRO E 387 -117.75 -20.45 78.75
N ARG E 388 -118.45 -19.34 78.96
CA ARG E 388 -118.25 -18.12 78.18
C ARG E 388 -117.11 -17.25 78.70
N VAL E 389 -116.21 -17.79 79.53
CA VAL E 389 -115.04 -17.08 80.02
C VAL E 389 -113.82 -17.94 79.72
N SER E 390 -112.75 -17.31 79.23
CA SER E 390 -111.49 -17.98 78.95
C SER E 390 -110.36 -17.29 79.70
N LEU E 391 -109.50 -18.09 80.31
CA LEU E 391 -108.37 -17.59 81.10
C LEU E 391 -107.07 -17.72 80.32
N VAL E 392 -106.19 -16.73 80.47
CA VAL E 392 -104.87 -16.73 79.83
C VAL E 392 -103.81 -16.71 80.93
N ALA E 393 -102.84 -17.61 80.84
CA ALA E 393 -101.84 -17.73 81.88
C ALA E 393 -100.60 -16.89 81.60
N ASN E 394 -99.99 -17.08 80.42
CA ASN E 394 -98.70 -16.47 80.14
C ASN E 394 -98.80 -14.96 80.01
N SER E 395 -97.82 -14.26 80.60
CA SER E 395 -97.57 -12.84 80.35
C SER E 395 -96.21 -12.66 79.70
N GLY E 396 -96.09 -11.65 78.85
CA GLY E 396 -94.80 -11.41 78.24
C GLY E 396 -94.71 -10.04 77.60
N THR E 397 -93.63 -9.87 76.83
CA THR E 397 -93.25 -8.61 76.22
C THR E 397 -93.70 -8.57 74.75
N PHE E 398 -94.06 -7.38 74.29
CA PHE E 398 -94.40 -7.12 72.89
C PHE E 398 -93.63 -5.91 72.38
N VAL E 399 -93.10 -6.03 71.16
CA VAL E 399 -92.34 -4.94 70.53
C VAL E 399 -93.38 -3.96 69.98
N MET E 400 -93.57 -2.85 70.68
CA MET E 400 -94.55 -1.86 70.23
C MET E 400 -94.04 -1.16 68.97
N ASP E 401 -94.92 -0.38 68.34
CA ASP E 401 -94.51 0.40 67.18
C ASP E 401 -93.51 1.48 67.54
N ASP E 402 -93.59 2.02 68.76
CA ASP E 402 -92.65 3.00 69.25
C ASP E 402 -91.26 2.41 69.52
N GLY E 403 -91.13 1.09 69.52
CA GLY E 403 -89.88 0.42 69.80
C GLY E 403 -89.68 0.03 71.25
N ARG E 404 -90.56 0.47 72.14
CA ARG E 404 -90.44 0.13 73.55
C ARG E 404 -90.69 -1.35 73.78
N LYS E 405 -89.85 -1.97 74.63
CA LYS E 405 -90.05 -3.35 75.04
C LYS E 405 -91.11 -3.39 76.13
N ASN E 406 -92.36 -3.20 75.71
CA ASN E 406 -93.51 -3.07 76.61
C ASN E 406 -93.74 -4.39 77.32
N HIS E 407 -93.34 -4.46 78.59
CA HIS E 407 -93.64 -5.61 79.45
C HIS E 407 -95.03 -5.40 80.05
N VAL E 408 -95.95 -6.32 79.77
CA VAL E 408 -97.37 -6.12 80.06
C VAL E 408 -97.91 -7.33 80.83
N PRO E 409 -99.06 -7.16 81.50
CA PRO E 409 -99.65 -8.30 82.22
C PRO E 409 -100.43 -9.22 81.29
N ALA E 410 -100.81 -10.38 81.85
CA ALA E 410 -101.58 -11.40 81.12
C ALA E 410 -102.77 -10.85 80.34
N TYR E 411 -103.56 -9.96 80.94
CA TYR E 411 -104.77 -9.54 80.24
C TYR E 411 -104.47 -8.76 78.96
N MET E 412 -103.27 -8.19 78.80
CA MET E 412 -102.94 -7.61 77.51
C MET E 412 -102.69 -8.69 76.47
N VAL E 413 -102.19 -9.85 76.92
CA VAL E 413 -102.11 -10.99 76.03
C VAL E 413 -103.52 -11.47 75.67
N ALA E 414 -104.44 -11.48 76.66
CA ALA E 414 -105.81 -11.87 76.39
C ALA E 414 -106.46 -10.95 75.36
N VAL E 415 -106.11 -9.65 75.38
CA VAL E 415 -106.57 -8.76 74.32
C VAL E 415 -106.01 -9.22 72.98
N ALA E 416 -104.71 -9.51 72.93
CA ALA E 416 -104.10 -9.94 71.68
C ALA E 416 -104.74 -11.22 71.16
N LEU E 417 -105.09 -12.16 72.05
CA LEU E 417 -105.83 -13.33 71.62
C LEU E 417 -107.21 -12.96 71.13
N GLY E 418 -107.85 -11.99 71.78
CA GLY E 418 -109.17 -11.56 71.34
C GLY E 418 -109.14 -10.86 70.00
N GLY E 419 -108.01 -10.24 69.66
CA GLY E 419 -107.86 -9.58 68.37
C GLY E 419 -107.49 -10.57 67.29
N LEU E 420 -106.88 -11.69 67.68
CA LEU E 420 -106.65 -12.78 66.73
C LEU E 420 -107.94 -13.55 66.48
N ALA E 421 -108.77 -13.74 67.52
CA ALA E 421 -110.04 -14.43 67.32
C ALA E 421 -111.00 -13.63 66.47
N SER E 422 -110.86 -12.30 66.47
CA SER E 422 -111.71 -11.44 65.66
C SER E 422 -111.21 -11.33 64.23
N GLY E 423 -109.91 -11.57 64.01
CA GLY E 423 -109.43 -11.77 62.67
C GLY E 423 -109.81 -13.12 62.11
N LEU E 424 -109.94 -14.12 62.97
CA LEU E 424 -110.30 -15.46 62.53
C LEU E 424 -111.74 -15.51 62.05
N GLU E 425 -111.99 -16.36 61.05
CA GLU E 425 -113.33 -16.51 60.50
C GLU E 425 -114.21 -17.33 61.47
N ILE E 426 -115.50 -17.38 61.15
CA ILE E 426 -116.45 -18.11 61.97
C ILE E 426 -116.08 -19.58 61.95
N GLY E 427 -116.09 -20.21 63.12
CA GLY E 427 -115.78 -21.61 63.24
C GLY E 427 -114.32 -21.94 63.39
N GLU E 428 -113.42 -20.99 63.14
CA GLU E 428 -112.00 -21.25 63.26
C GLU E 428 -111.58 -21.20 64.73
N SER E 429 -110.38 -21.69 65.01
CA SER E 429 -109.83 -21.78 66.36
C SER E 429 -108.46 -21.15 66.42
N ILE E 430 -108.13 -20.60 67.59
CA ILE E 430 -106.82 -20.00 67.84
C ILE E 430 -105.77 -21.06 68.20
N THR E 431 -106.10 -22.34 68.03
CA THR E 431 -105.16 -23.40 68.40
C THR E 431 -104.01 -23.46 67.40
N PHE E 432 -102.79 -23.52 67.93
CA PHE E 432 -101.55 -23.61 67.14
C PHE E 432 -101.30 -22.38 66.26
N LYS E 433 -102.02 -21.25 66.51
CA LYS E 433 -101.84 -20.05 65.70
C LYS E 433 -100.66 -19.24 66.22
N PRO E 434 -99.85 -18.62 65.35
CA PRO E 434 -98.70 -17.86 65.84
C PRO E 434 -99.16 -16.60 66.57
N LEU E 435 -98.41 -16.26 67.63
CA LEU E 435 -98.73 -15.08 68.44
C LEU E 435 -97.89 -13.86 68.11
N ARG E 436 -96.69 -14.06 67.55
CA ARG E 436 -95.78 -12.99 67.18
C ARG E 436 -95.32 -12.20 68.40
N VAL E 437 -95.26 -12.86 69.58
CA VAL E 437 -94.85 -12.21 70.81
C VAL E 437 -93.32 -12.12 70.81
N SER E 438 -92.79 -11.15 71.56
CA SER E 438 -91.34 -11.02 71.67
C SER E 438 -90.74 -12.03 72.63
N SER E 439 -91.19 -12.02 73.89
CA SER E 439 -90.70 -12.95 74.90
C SER E 439 -91.83 -13.20 75.90
N LEU E 440 -91.64 -14.23 76.74
CA LEU E 440 -92.60 -14.61 77.76
C LEU E 440 -91.92 -14.66 79.12
N ASP E 441 -92.66 -14.30 80.17
CA ASP E 441 -92.10 -14.35 81.51
C ASP E 441 -91.86 -15.79 81.95
N GLN E 442 -92.83 -16.67 81.67
CA GLN E 442 -92.82 -18.04 82.14
C GLN E 442 -92.82 -18.98 80.93
N ILE E 443 -91.81 -19.83 80.84
CA ILE E 443 -91.69 -20.84 79.79
C ILE E 443 -91.78 -22.20 80.48
N TYR E 444 -92.80 -22.98 80.10
CA TYR E 444 -93.28 -24.14 80.84
C TYR E 444 -92.69 -25.46 80.35
N GLU E 445 -92.74 -26.46 81.23
CA GLU E 445 -92.41 -27.84 80.89
C GLU E 445 -93.58 -28.52 80.18
N SER E 446 -93.30 -29.69 79.59
CA SER E 446 -94.36 -30.50 79.00
C SER E 446 -95.41 -30.87 80.02
N ILE E 447 -95.00 -31.18 81.24
CA ILE E 447 -95.95 -31.56 82.27
C ILE E 447 -96.76 -30.35 82.73
N ASP E 448 -96.12 -29.18 82.80
CA ASP E 448 -96.84 -27.97 83.18
C ASP E 448 -97.84 -27.58 82.10
N LEU E 449 -97.44 -27.68 80.84
CA LEU E 449 -98.35 -27.34 79.74
C LEU E 449 -99.55 -28.27 79.73
N ASP E 450 -99.32 -29.56 80.01
CA ASP E 450 -100.41 -30.52 80.03
C ASP E 450 -101.38 -30.23 81.17
N GLU E 451 -100.87 -29.84 82.33
CA GLU E 451 -101.76 -29.51 83.44
C GLU E 451 -102.52 -28.22 83.16
N LEU E 452 -101.89 -27.25 82.49
CA LEU E 452 -102.60 -26.03 82.15
C LEU E 452 -103.70 -26.30 81.14
N ASN E 453 -103.45 -27.18 80.17
CA ASN E 453 -104.49 -27.53 79.21
C ASN E 453 -105.63 -28.25 79.92
N GLU E 454 -105.30 -29.26 80.73
CA GLU E 454 -106.32 -30.12 81.31
C GLU E 454 -107.24 -29.38 82.27
N ASN E 455 -106.76 -28.29 82.88
CA ASN E 455 -107.55 -27.53 83.84
C ASN E 455 -108.17 -26.27 83.21
N GLY E 456 -108.39 -26.28 81.90
CA GLY E 456 -109.10 -25.18 81.27
C GLY E 456 -108.45 -23.82 81.32
N ILE E 457 -107.13 -23.75 81.14
CA ILE E 457 -106.38 -22.50 81.03
C ILE E 457 -105.66 -22.48 79.70
N ILE E 458 -105.82 -21.40 78.95
CA ILE E 458 -105.07 -21.23 77.71
C ILE E 458 -103.63 -20.90 78.06
N SER E 459 -102.69 -21.63 77.46
CA SER E 459 -101.26 -21.45 77.70
C SER E 459 -100.50 -21.45 76.37
N ILE E 460 -99.24 -21.02 76.43
CA ILE E 460 -98.38 -20.85 75.26
C ILE E 460 -97.09 -21.62 75.51
N GLU E 461 -96.55 -22.24 74.46
CA GLU E 461 -95.25 -22.90 74.50
C GLU E 461 -94.25 -22.20 73.56
N PHE E 462 -92.98 -22.21 73.97
CA PHE E 462 -91.89 -21.65 73.17
C PHE E 462 -91.32 -22.76 72.27
N VAL E 463 -91.62 -22.69 70.98
CA VAL E 463 -91.27 -23.74 70.04
C VAL E 463 -89.79 -23.59 69.72
N ARG E 464 -88.97 -24.53 70.21
CA ARG E 464 -87.52 -24.40 70.15
C ARG E 464 -86.84 -25.31 69.13
N ASN E 465 -87.51 -26.37 68.67
CA ASN E 465 -86.86 -27.38 67.84
C ASN E 465 -86.54 -26.89 66.43
N ARG E 466 -87.23 -25.86 65.93
CA ARG E 466 -87.05 -25.38 64.57
C ARG E 466 -85.76 -24.56 64.45
N THR E 467 -85.34 -24.30 63.19
CA THR E 467 -84.35 -23.25 62.99
C THR E 467 -84.97 -21.89 63.27
N ASN E 468 -86.24 -21.72 62.89
CA ASN E 468 -87.05 -20.54 63.15
C ASN E 468 -87.87 -20.79 64.42
N THR E 469 -87.31 -20.44 65.58
CA THR E 469 -88.00 -20.61 66.85
C THR E 469 -89.11 -19.56 66.99
N PHE E 470 -90.22 -19.94 67.62
CA PHE E 470 -91.34 -19.02 67.76
C PHE E 470 -92.25 -19.52 68.88
N PHE E 471 -93.43 -18.89 69.04
CA PHE E 471 -94.39 -19.20 70.10
C PHE E 471 -95.74 -19.48 69.47
N ARG E 472 -96.43 -20.54 69.94
CA ARG E 472 -97.74 -20.94 69.43
C ARG E 472 -98.71 -21.22 70.57
N ILE E 473 -100.00 -20.96 70.32
CA ILE E 473 -101.08 -21.25 71.27
C ILE E 473 -101.35 -22.74 71.26
N VAL E 474 -101.54 -23.33 72.43
CA VAL E 474 -101.64 -24.79 72.50
C VAL E 474 -103.09 -25.24 72.36
N ASP E 475 -104.06 -24.48 72.87
CA ASP E 475 -105.45 -24.88 72.84
C ASP E 475 -106.30 -23.67 73.15
N ASP E 476 -107.59 -23.75 72.79
CA ASP E 476 -108.54 -22.68 73.05
C ASP E 476 -109.61 -23.10 74.05
N VAL E 477 -109.21 -23.87 75.07
CA VAL E 477 -110.16 -24.43 76.03
C VAL E 477 -110.67 -23.30 76.91
N THR E 478 -111.94 -23.41 77.31
CA THR E 478 -112.56 -22.39 78.14
C THR E 478 -112.33 -22.72 79.62
N THR E 479 -112.79 -21.82 80.49
CA THR E 479 -112.69 -22.06 81.93
C THR E 479 -113.48 -23.29 82.32
N PHE E 480 -114.64 -23.51 81.69
CA PHE E 480 -115.45 -24.68 82.00
C PHE E 480 -114.71 -25.94 81.55
N ASN E 481 -114.47 -26.84 82.49
CA ASN E 481 -113.52 -27.92 82.31
C ASN E 481 -114.20 -29.30 82.32
N ASP E 482 -115.12 -29.52 81.39
CA ASP E 482 -115.70 -30.84 81.14
C ASP E 482 -115.74 -31.09 79.64
N LYS E 483 -115.24 -32.26 79.23
CA LYS E 483 -115.17 -32.56 77.81
C LYS E 483 -116.44 -33.22 77.29
N SER E 484 -117.48 -33.35 78.12
CA SER E 484 -118.70 -34.01 77.67
C SER E 484 -119.38 -33.20 76.56
N ASP E 485 -119.40 -31.88 76.71
CA ASP E 485 -120.00 -30.96 75.74
C ASP E 485 -118.89 -30.16 75.06
N PRO E 486 -118.45 -30.51 73.85
CA PRO E 486 -117.46 -29.67 73.18
C PRO E 486 -117.95 -28.27 72.85
N VAL E 487 -119.26 -28.04 72.80
CA VAL E 487 -119.76 -26.69 72.56
C VAL E 487 -119.36 -25.76 73.70
N LYS E 488 -119.53 -26.22 74.95
CA LYS E 488 -119.17 -25.38 76.08
C LYS E 488 -117.66 -25.34 76.29
N ALA E 489 -116.96 -26.44 76.00
CA ALA E 489 -115.55 -26.55 76.36
C ALA E 489 -114.61 -25.91 75.35
N GLU E 490 -115.03 -25.77 74.09
CA GLU E 490 -114.20 -25.19 73.03
C GLU E 490 -114.76 -23.84 72.60
N MET E 491 -113.87 -22.88 72.39
CA MET E 491 -114.29 -21.55 71.97
C MET E 491 -114.87 -21.58 70.55
N ALA E 492 -114.17 -22.23 69.63
CA ALA E 492 -114.56 -22.20 68.21
C ALA E 492 -115.95 -22.79 68.00
N VAL E 493 -116.15 -24.03 68.48
CA VAL E 493 -117.45 -24.68 68.38
C VAL E 493 -118.54 -23.80 68.97
N GLY E 494 -118.32 -23.31 70.19
CA GLY E 494 -119.32 -22.46 70.84
C GLY E 494 -119.59 -21.19 70.06
N GLU E 495 -118.55 -20.62 69.46
CA GLU E 495 -118.73 -19.43 68.62
C GLU E 495 -119.54 -19.78 67.38
N ALA E 496 -119.24 -20.91 66.74
CA ALA E 496 -119.99 -21.31 65.56
C ALA E 496 -121.45 -21.58 65.89
N ASN E 497 -121.71 -22.25 67.02
CA ASN E 497 -123.08 -22.50 67.43
C ASN E 497 -123.82 -21.21 67.73
N ASP E 498 -123.16 -20.25 68.39
CA ASP E 498 -123.84 -19.02 68.75
C ASP E 498 -124.14 -18.16 67.53
N PHE E 499 -123.18 -18.03 66.62
CA PHE E 499 -123.44 -17.25 65.40
C PHE E 499 -124.51 -17.90 64.56
N LEU E 500 -124.49 -19.24 64.46
CA LEU E 500 -125.49 -19.95 63.66
C LEU E 500 -126.89 -19.71 64.21
N VAL E 501 -127.07 -19.90 65.52
CA VAL E 501 -128.38 -19.74 66.13
C VAL E 501 -128.86 -18.29 65.99
N SER E 502 -127.98 -17.33 66.25
CA SER E 502 -128.40 -15.93 66.21
C SER E 502 -128.80 -15.52 64.79
N GLU E 503 -128.01 -15.92 63.79
CA GLU E 503 -128.32 -15.57 62.42
C GLU E 503 -129.61 -16.24 61.95
N LEU E 504 -129.80 -17.51 62.32
CA LEU E 504 -131.04 -18.18 61.94
C LEU E 504 -132.24 -17.56 62.64
N LYS E 505 -132.09 -17.22 63.92
CA LYS E 505 -133.18 -16.58 64.65
C LYS E 505 -133.57 -15.25 64.02
N VAL E 506 -132.58 -14.41 63.74
CA VAL E 506 -132.84 -13.09 63.17
C VAL E 506 -133.49 -13.23 61.79
N GLN E 507 -132.93 -14.06 60.91
CA GLN E 507 -133.44 -14.14 59.55
C GLN E 507 -134.83 -14.74 59.52
N LEU E 508 -135.09 -15.77 60.33
CA LEU E 508 -136.42 -16.35 60.36
C LEU E 508 -137.44 -15.35 60.89
N GLU E 509 -137.06 -14.57 61.90
CA GLU E 509 -137.99 -13.60 62.45
C GLU E 509 -138.24 -12.46 61.48
N ASP E 510 -137.20 -12.00 60.78
CA ASP E 510 -137.40 -10.96 59.79
C ASP E 510 -138.24 -11.46 58.62
N GLN E 511 -137.96 -12.66 58.14
CA GLN E 511 -138.56 -13.12 56.88
C GLN E 511 -140.03 -13.51 57.06
N PHE E 512 -140.31 -14.49 57.91
CA PHE E 512 -141.57 -15.22 57.88
C PHE E 512 -142.57 -14.83 58.96
N ILE E 513 -142.21 -13.96 59.91
CA ILE E 513 -143.18 -13.48 60.88
C ILE E 513 -143.89 -12.28 60.27
N GLY E 514 -145.23 -12.30 60.32
CA GLY E 514 -146.04 -11.29 59.68
C GLY E 514 -146.39 -11.59 58.24
N THR E 515 -145.87 -12.67 57.67
CA THR E 515 -146.26 -13.09 56.33
C THR E 515 -147.56 -13.89 56.38
N ARG E 516 -148.10 -14.18 55.19
CA ARG E 516 -149.34 -14.93 55.07
C ARG E 516 -149.09 -16.43 55.07
N THR E 517 -150.02 -17.15 55.70
CA THR E 517 -149.95 -18.62 55.83
C THR E 517 -150.56 -19.27 54.59
N ILE E 518 -149.89 -19.06 53.46
CA ILE E 518 -150.34 -19.61 52.19
C ILE E 518 -149.98 -21.09 52.08
N ASN E 519 -150.58 -21.75 51.07
CA ASN E 519 -150.38 -23.19 50.91
C ASN E 519 -148.91 -23.55 50.70
N THR E 520 -148.18 -22.74 49.95
CA THR E 520 -146.76 -22.97 49.69
C THR E 520 -145.87 -22.41 50.78
N SER E 521 -146.41 -22.08 51.95
CA SER E 521 -145.58 -21.53 53.02
C SER E 521 -144.53 -22.53 53.48
N ALA E 522 -144.93 -23.80 53.64
CA ALA E 522 -143.98 -24.78 54.16
C ALA E 522 -142.87 -25.07 53.16
N SER E 523 -143.21 -25.14 51.87
CA SER E 523 -142.18 -25.36 50.87
C SER E 523 -141.23 -24.17 50.80
N ILE E 524 -141.77 -22.95 50.87
CA ILE E 524 -140.92 -21.77 50.78
C ILE E 524 -139.93 -21.75 51.94
N ILE E 525 -140.44 -21.91 53.17
CA ILE E 525 -139.60 -22.03 54.36
C ILE E 525 -138.51 -23.08 54.15
N LYS E 526 -138.89 -24.26 53.64
CA LYS E 526 -137.91 -25.31 53.42
C LYS E 526 -136.84 -24.87 52.43
N ASP E 527 -137.26 -24.21 51.34
CA ASP E 527 -136.29 -23.73 50.36
C ASP E 527 -135.39 -22.66 50.95
N PHE E 528 -135.91 -21.83 51.85
CA PHE E 528 -135.10 -20.76 52.43
C PHE E 528 -134.12 -21.30 53.44
N ILE E 529 -134.48 -22.38 54.15
CA ILE E 529 -133.56 -23.00 55.08
C ILE E 529 -132.45 -23.72 54.32
N GLN E 530 -132.81 -24.47 53.27
CA GLN E 530 -131.81 -25.15 52.46
C GLN E 530 -130.81 -24.18 51.85
N SER E 531 -131.31 -23.10 51.23
CA SER E 531 -130.43 -22.04 50.76
C SER E 531 -129.51 -21.53 51.87
N TYR E 532 -130.07 -21.26 53.05
CA TYR E 532 -129.26 -20.72 54.14
C TYR E 532 -128.21 -21.72 54.59
N LEU E 533 -128.58 -22.99 54.73
CA LEU E 533 -127.60 -24.00 55.11
C LEU E 533 -126.57 -24.23 54.03
N GLY E 534 -126.97 -24.13 52.76
CA GLY E 534 -126.01 -24.29 51.69
C GLY E 534 -125.05 -23.12 51.59
N ARG E 535 -125.49 -21.93 52.01
CA ARG E 535 -124.58 -20.80 52.06
C ARG E 535 -123.60 -20.94 53.22
N LYS E 536 -124.09 -21.36 54.39
CA LYS E 536 -123.21 -21.70 55.50
C LYS E 536 -122.18 -22.75 55.11
N LYS E 537 -122.62 -23.84 54.49
CA LYS E 537 -121.69 -24.90 54.09
C LYS E 537 -120.67 -24.38 53.08
N ARG E 538 -121.10 -23.48 52.20
CA ARG E 538 -120.17 -22.89 51.24
C ARG E 538 -119.10 -22.09 51.95
N ASP E 539 -119.46 -21.31 52.97
CA ASP E 539 -118.47 -20.51 53.69
C ASP E 539 -117.67 -21.33 54.71
N ASN E 540 -117.84 -22.66 54.77
CA ASN E 540 -117.13 -23.52 55.70
C ASN E 540 -117.47 -23.23 57.16
N GLU E 541 -118.62 -22.61 57.42
CA GLU E 541 -119.07 -22.41 58.79
C GLU E 541 -119.71 -23.66 59.38
N ILE E 542 -120.12 -24.61 58.53
CA ILE E 542 -120.66 -25.89 58.97
C ILE E 542 -120.02 -27.00 58.14
N GLN E 543 -120.05 -28.22 58.69
CA GLN E 543 -119.48 -29.35 57.99
C GLN E 543 -120.43 -29.85 56.89
N ASP E 544 -121.64 -30.27 57.27
CA ASP E 544 -122.61 -30.76 56.29
C ASP E 544 -123.98 -30.76 56.95
N PHE E 545 -125.02 -30.95 56.13
CA PHE E 545 -126.36 -31.16 56.67
C PHE E 545 -127.14 -32.11 55.77
N PRO E 546 -128.06 -32.93 56.35
CA PRO E 546 -128.88 -33.82 55.52
C PRO E 546 -130.15 -33.16 55.02
N ALA E 547 -130.34 -33.10 53.69
CA ALA E 547 -131.53 -32.46 53.14
C ALA E 547 -132.82 -33.11 53.65
N GLU E 548 -132.84 -34.42 53.88
CA GLU E 548 -134.10 -35.09 54.21
C GLU E 548 -134.62 -34.68 55.58
N ASP E 549 -133.73 -34.43 56.55
CA ASP E 549 -134.19 -34.04 57.89
C ASP E 549 -134.91 -32.70 57.92
N VAL E 550 -134.69 -31.83 56.95
CA VAL E 550 -135.33 -30.53 56.97
C VAL E 550 -136.80 -30.73 56.65
N GLN E 551 -137.66 -30.41 57.62
CA GLN E 551 -139.09 -30.63 57.53
C GLN E 551 -139.81 -29.44 58.15
N VAL E 552 -140.92 -29.03 57.53
CA VAL E 552 -141.68 -27.87 57.97
C VAL E 552 -143.10 -28.33 58.26
N ILE E 553 -143.57 -28.03 59.46
CA ILE E 553 -144.94 -28.32 59.90
C ILE E 553 -145.61 -26.98 60.14
N VAL E 554 -146.80 -26.81 59.56
CA VAL E 554 -147.62 -25.62 59.75
C VAL E 554 -148.86 -26.02 60.53
N GLU E 555 -149.20 -25.23 61.55
CA GLU E 555 -150.40 -25.48 62.35
C GLU E 555 -150.79 -24.17 63.04
N GLY E 556 -151.93 -23.60 62.64
CA GLY E 556 -152.40 -22.38 63.26
C GLY E 556 -151.46 -21.22 63.00
N ASN E 557 -151.16 -20.44 64.05
CA ASN E 557 -150.27 -19.30 63.91
C ASN E 557 -148.80 -19.67 64.07
N GLU E 558 -148.47 -20.94 64.26
CA GLU E 558 -147.12 -21.39 64.55
C GLU E 558 -146.54 -22.14 63.36
N ALA E 559 -145.24 -22.45 63.46
CA ALA E 559 -144.57 -23.28 62.46
C ALA E 559 -143.41 -24.00 63.12
N ARG E 560 -143.60 -25.30 63.35
CA ARG E 560 -142.56 -26.13 63.94
C ARG E 560 -141.67 -26.68 62.82
N ILE E 561 -140.36 -26.60 63.03
CA ILE E 561 -139.36 -26.98 62.03
C ILE E 561 -138.37 -27.92 62.68
N SER E 562 -138.03 -29.01 62.01
CA SER E 562 -137.02 -29.96 62.46
C SER E 562 -135.88 -29.96 61.45
N MET E 563 -134.67 -29.81 61.96
CA MET E 563 -133.48 -29.72 61.11
C MET E 563 -132.32 -30.43 61.80
N THR E 564 -131.34 -30.82 60.98
CA THR E 564 -130.11 -31.42 61.44
C THR E 564 -128.94 -30.69 60.79
N VAL E 565 -127.86 -30.53 61.55
CA VAL E 565 -126.59 -30.01 61.04
C VAL E 565 -125.48 -30.85 61.66
N TYR E 566 -124.45 -31.14 60.87
CA TYR E 566 -123.24 -31.76 61.39
C TYR E 566 -122.31 -30.64 61.86
N PRO E 567 -121.84 -30.60 63.11
CA PRO E 567 -121.03 -29.45 63.54
C PRO E 567 -119.71 -29.37 62.79
N ILE E 568 -119.25 -28.13 62.55
CA ILE E 568 -117.87 -27.92 62.14
C ILE E 568 -116.97 -28.22 63.33
N ARG E 569 -115.77 -28.73 63.05
CA ARG E 569 -114.82 -29.07 64.10
C ARG E 569 -113.40 -28.77 63.64
N SER E 570 -112.50 -28.58 64.62
CA SER E 570 -111.08 -28.32 64.37
C SER E 570 -110.26 -29.53 64.77
N PHE E 571 -109.23 -29.84 63.97
CA PHE E 571 -108.39 -31.00 64.25
C PHE E 571 -107.54 -30.73 65.48
N LYS E 572 -107.58 -31.65 66.46
CA LYS E 572 -106.77 -31.52 67.66
C LYS E 572 -106.06 -32.81 68.06
N LYS E 573 -106.11 -33.86 67.23
CA LYS E 573 -105.43 -35.12 67.53
C LYS E 573 -105.31 -35.90 66.23
N ILE E 574 -104.11 -36.39 65.97
CA ILE E 574 -103.79 -37.12 64.76
C ILE E 574 -103.12 -38.41 65.21
N SER E 575 -103.78 -39.53 64.96
CA SER E 575 -103.21 -40.85 65.21
C SER E 575 -102.71 -41.42 63.89
N VAL E 576 -101.45 -41.87 63.88
CA VAL E 576 -100.84 -42.51 62.72
C VAL E 576 -100.29 -43.85 63.15
N SER E 577 -100.42 -44.84 62.27
CA SER E 577 -99.90 -46.18 62.47
C SER E 577 -99.07 -46.57 61.24
N LEU E 578 -97.79 -46.84 61.46
CA LEU E 578 -96.83 -47.13 60.39
C LEU E 578 -96.26 -48.52 60.62
N VAL E 579 -96.67 -49.47 59.76
CA VAL E 579 -96.23 -50.86 59.85
C VAL E 579 -95.36 -51.13 58.63
N TYR E 580 -94.13 -51.58 58.87
CA TYR E 580 -93.25 -51.94 57.77
C TYR E 580 -93.55 -53.36 57.30
N LYS E 581 -93.10 -53.64 56.07
CA LYS E 581 -93.31 -54.93 55.44
C LYS E 581 -92.11 -55.25 54.56
N GLN E 582 -91.98 -56.52 54.22
CA GLN E 582 -90.92 -56.98 53.33
C GLN E 582 -91.36 -56.88 51.87
N GLN E 583 -90.39 -56.73 50.97
CA GLN E 583 -90.62 -56.76 49.54
C GLN E 583 -89.48 -57.52 48.87
N THR E 584 -89.82 -58.36 47.89
CA THR E 584 -88.85 -59.16 47.15
C THR E 584 -88.88 -58.75 45.68
N LEU E 585 -87.70 -58.58 45.11
CA LEU E 585 -87.53 -58.07 43.75
C LEU E 585 -87.01 -59.18 42.84
N GLN E 586 -87.63 -59.32 41.67
CA GLN E 586 -87.22 -60.30 40.65
C GLN E 586 -86.70 -59.55 39.44
N ALA E 587 -85.38 -59.64 39.20
CA ALA E 587 -84.75 -59.02 38.04
C ALA E 587 -84.97 -57.51 38.03
N VAL F 3 -180.65 -10.68 29.14
CA VAL F 3 -181.47 -10.93 27.93
C VAL F 3 -181.83 -9.57 27.35
N GLU F 4 -181.84 -9.48 26.01
CA GLU F 4 -182.14 -8.23 25.31
C GLU F 4 -182.68 -8.57 23.92
N PRO F 5 -183.97 -8.87 23.80
CA PRO F 5 -184.52 -9.20 22.48
C PRO F 5 -184.52 -7.97 21.59
N PHE F 6 -184.31 -8.22 20.29
CA PHE F 6 -184.25 -7.16 19.28
C PHE F 6 -185.07 -7.64 18.07
N PRO F 7 -185.98 -6.80 17.52
CA PRO F 7 -186.41 -5.46 17.92
C PRO F 7 -187.29 -5.47 19.17
N ARG F 8 -187.31 -4.36 19.93
CA ARG F 8 -188.08 -4.34 21.16
C ARG F 8 -189.58 -4.34 20.89
N ARG F 9 -189.99 -3.74 19.78
CA ARG F 9 -191.40 -3.78 19.40
C ARG F 9 -191.76 -5.14 18.82
N PRO F 10 -192.80 -5.82 19.30
CA PRO F 10 -193.17 -7.09 18.67
C PRO F 10 -193.58 -6.89 17.21
N ILE F 11 -193.28 -7.91 16.40
CA ILE F 11 -193.66 -7.94 14.99
C ILE F 11 -194.42 -9.24 14.74
N THR F 12 -195.50 -9.15 13.96
CA THR F 12 -196.32 -10.31 13.60
C THR F 12 -196.10 -10.77 12.16
N ARG F 13 -195.80 -9.84 11.24
CA ARG F 13 -195.52 -10.22 9.87
C ARG F 13 -194.21 -11.00 9.84
N PRO F 14 -193.89 -11.67 8.71
CA PRO F 14 -192.62 -12.41 8.64
C PRO F 14 -191.43 -11.50 8.85
N HIS F 15 -190.47 -11.96 9.64
CA HIS F 15 -189.34 -11.16 10.07
C HIS F 15 -188.29 -12.09 10.68
N ALA F 16 -187.25 -11.50 11.28
CA ALA F 16 -186.25 -12.25 12.05
C ALA F 16 -186.10 -11.61 13.43
N SER F 17 -185.78 -12.45 14.42
CA SER F 17 -185.66 -12.05 15.81
C SER F 17 -184.28 -12.44 16.37
N ILE F 18 -183.71 -11.55 17.17
CA ILE F 18 -182.40 -11.74 17.77
C ILE F 18 -182.52 -11.52 19.27
N GLU F 19 -181.87 -12.38 20.06
CA GLU F 19 -181.84 -12.30 21.52
C GLU F 19 -180.40 -12.04 21.95
N VAL F 20 -180.06 -10.76 22.11
CA VAL F 20 -178.72 -10.39 22.58
C VAL F 20 -178.66 -10.66 24.08
N ASP F 21 -177.54 -11.23 24.53
CA ASP F 21 -177.33 -11.56 25.94
C ASP F 21 -175.91 -11.18 26.34
N THR F 22 -175.79 -10.31 27.34
CA THR F 22 -174.51 -9.83 27.85
C THR F 22 -174.23 -10.31 29.28
N SER F 23 -175.08 -11.17 29.84
CA SER F 23 -174.81 -11.73 31.16
C SER F 23 -173.48 -12.49 31.19
N GLY F 24 -172.64 -12.18 32.17
CA GLY F 24 -171.48 -12.97 32.50
C GLY F 24 -170.17 -12.42 31.97
N ILE F 25 -170.23 -11.61 30.91
CA ILE F 25 -169.00 -11.10 30.32
C ILE F 25 -168.41 -10.00 31.20
N GLY F 26 -169.26 -9.17 31.81
CA GLY F 26 -168.82 -8.08 32.64
C GLY F 26 -168.01 -8.45 33.87
N SER F 32 -163.49 -4.87 47.16
CA SER F 32 -163.61 -3.75 48.08
C SER F 32 -162.24 -3.10 48.34
N GLU F 33 -162.20 -1.77 48.40
CA GLU F 33 -160.95 -1.05 48.57
C GLU F 33 -160.52 -0.89 50.03
N LYS F 34 -161.40 -1.21 50.99
CA LYS F 34 -161.10 -1.07 52.42
C LYS F 34 -160.74 0.38 52.72
N VAL F 35 -161.73 1.26 52.55
CA VAL F 35 -161.53 2.69 52.67
C VAL F 35 -161.21 3.05 54.13
N PHE F 36 -160.53 4.19 54.30
CA PHE F 36 -160.08 4.66 55.61
C PHE F 36 -160.75 6.00 55.90
N CYS F 37 -161.03 6.25 57.18
CA CYS F 37 -161.72 7.47 57.60
C CYS F 37 -160.94 8.20 58.68
N LEU F 38 -161.17 9.51 58.76
CA LEU F 38 -160.63 10.37 59.80
C LEU F 38 -161.68 11.39 60.22
N ILE F 39 -161.70 11.72 61.50
CA ILE F 39 -162.52 12.79 62.04
C ILE F 39 -161.64 13.64 62.95
N GLY F 40 -161.80 14.97 62.86
CA GLY F 40 -161.10 15.91 63.71
C GLY F 40 -161.52 17.34 63.46
N GLN F 41 -160.56 18.26 63.53
CA GLN F 41 -160.78 19.68 63.35
C GLN F 41 -159.91 20.21 62.22
N ALA F 42 -160.40 21.27 61.57
CA ALA F 42 -159.63 21.94 60.52
C ALA F 42 -160.11 23.39 60.40
N GLU F 43 -159.32 24.18 59.68
CA GLU F 43 -159.61 25.60 59.46
C GLU F 43 -160.30 25.82 58.11
N GLY F 44 -161.32 25.06 57.79
CA GLY F 44 -161.83 25.08 56.43
C GLY F 44 -162.71 23.90 56.13
N GLY F 45 -163.52 24.06 55.09
CA GLY F 45 -164.52 23.08 54.73
C GLY F 45 -165.77 23.19 55.59
N GLU F 46 -166.89 22.67 55.04
CA GLU F 46 -168.18 22.86 55.66
C GLU F 46 -168.37 21.87 56.81
N PRO F 47 -169.30 22.12 57.73
CA PRO F 47 -169.55 21.15 58.81
C PRO F 47 -170.58 20.10 58.44
N ASN F 48 -170.44 18.93 59.07
CA ASN F 48 -171.38 17.82 58.91
C ASN F 48 -171.48 17.38 57.45
N THR F 49 -170.35 17.42 56.74
CA THR F 49 -170.30 17.10 55.30
C THR F 49 -169.06 16.24 55.06
N VAL F 50 -169.26 15.04 54.53
CA VAL F 50 -168.15 14.14 54.27
C VAL F 50 -167.71 14.34 52.82
N TYR F 51 -166.40 14.22 52.60
CA TYR F 51 -165.79 14.41 51.28
C TYR F 51 -164.91 13.21 50.92
N GLU F 52 -164.62 13.11 49.63
CA GLU F 52 -163.69 12.14 49.09
C GLU F 52 -162.34 12.80 48.82
N LEU F 53 -161.28 12.20 49.34
CA LEU F 53 -159.91 12.70 49.24
C LEU F 53 -159.11 11.77 48.35
N ARG F 54 -158.60 12.30 47.25
CA ARG F 54 -157.75 11.58 46.32
C ARG F 54 -156.39 12.24 46.16
N ASN F 55 -156.34 13.55 45.94
CA ASN F 55 -155.08 14.26 45.78
C ASN F 55 -154.77 15.08 47.03
N TYR F 56 -153.48 15.30 47.28
CA TYR F 56 -153.11 16.15 48.40
C TYR F 56 -153.49 17.61 48.14
N SER F 57 -153.36 18.07 46.90
CA SER F 57 -153.73 19.47 46.61
C SER F 57 -155.22 19.71 46.81
N GLN F 58 -156.06 18.75 46.41
CA GLN F 58 -157.50 18.90 46.59
C GLN F 58 -157.84 19.03 48.08
N ALA F 59 -157.30 18.13 48.91
CA ALA F 59 -157.60 18.17 50.34
C ALA F 59 -157.09 19.46 50.98
N LYS F 60 -155.92 19.91 50.56
CA LYS F 60 -155.31 21.10 51.14
C LYS F 60 -156.09 22.34 50.74
N ARG F 61 -156.68 22.35 49.54
CA ARG F 61 -157.53 23.46 49.15
C ARG F 61 -158.82 23.45 49.96
N LEU F 62 -159.44 22.29 50.12
CA LEU F 62 -160.67 22.20 50.90
C LEU F 62 -160.34 22.33 52.39
N PHE F 63 -159.67 21.32 52.95
CA PHE F 63 -159.20 21.39 54.32
C PHE F 63 -158.01 22.35 54.36
N ARG F 64 -158.22 23.54 54.89
CA ARG F 64 -157.19 24.57 54.81
C ARG F 64 -155.98 24.21 55.66
N SER F 65 -156.20 23.87 56.93
CA SER F 65 -155.10 23.67 57.85
C SER F 65 -155.65 23.07 59.14
N GLY F 66 -154.75 22.57 59.99
CA GLY F 66 -155.07 22.10 61.32
C GLY F 66 -154.45 20.75 61.57
N GLU F 67 -155.01 20.00 62.53
CA GLU F 67 -154.52 18.66 62.81
C GLU F 67 -154.99 17.66 61.76
N LEU F 68 -156.15 17.89 61.15
CA LEU F 68 -156.69 16.93 60.20
C LEU F 68 -155.81 16.83 58.96
N LEU F 69 -155.34 17.98 58.46
CA LEU F 69 -154.46 17.97 57.29
C LEU F 69 -153.16 17.25 57.60
N ASP F 70 -152.63 17.43 58.81
CA ASP F 70 -151.46 16.67 59.22
C ASP F 70 -151.77 15.18 59.29
N ALA F 71 -152.98 14.84 59.72
CA ALA F 71 -153.35 13.43 59.85
C ALA F 71 -153.55 12.80 58.49
N ILE F 72 -154.00 13.58 57.50
CA ILE F 72 -154.08 13.07 56.15
C ILE F 72 -152.68 12.87 55.59
N GLU F 73 -151.76 13.80 55.90
CA GLU F 73 -150.41 13.71 55.34
C GLU F 73 -149.65 12.54 55.96
N LEU F 74 -149.90 12.28 57.24
CA LEU F 74 -149.27 11.12 57.88
C LEU F 74 -149.84 9.82 57.36
N ALA F 75 -151.14 9.79 57.10
CA ALA F 75 -151.76 8.56 56.59
C ALA F 75 -151.22 8.20 55.21
N TRP F 76 -151.15 9.17 54.31
CA TRP F 76 -150.61 8.94 52.97
C TRP F 76 -149.08 8.84 52.95
N GLY F 77 -148.41 9.22 54.04
CA GLY F 77 -146.96 9.13 54.18
C GLY F 77 -146.46 8.01 55.07
N SER F 78 -147.36 7.42 55.86
CA SER F 78 -147.00 6.34 56.78
C SER F 78 -146.70 5.02 56.07
N ASN F 79 -146.90 4.91 54.76
CA ASN F 79 -146.67 3.68 54.01
C ASN F 79 -145.84 4.01 52.76
N PRO F 80 -144.51 4.09 52.89
CA PRO F 80 -143.69 4.35 51.69
C PRO F 80 -143.87 3.30 50.59
N ASN F 81 -143.87 2.02 50.96
CA ASN F 81 -143.90 0.93 50.00
C ASN F 81 -145.30 0.61 49.47
N TYR F 82 -146.32 1.43 49.77
CA TYR F 82 -147.67 1.18 49.28
C TYR F 82 -148.22 2.46 48.65
N THR F 83 -149.38 2.33 48.00
CA THR F 83 -150.03 3.47 47.38
C THR F 83 -150.80 4.30 48.40
N ALA F 84 -151.23 5.48 47.96
CA ALA F 84 -152.01 6.39 48.78
C ALA F 84 -153.49 6.04 48.58
N GLY F 85 -154.12 5.50 49.62
CA GLY F 85 -155.48 5.03 49.53
C GLY F 85 -156.49 6.14 49.75
N ARG F 86 -157.69 5.96 49.23
CA ARG F 86 -158.71 7.00 49.38
C ARG F 86 -159.13 7.13 50.83
N ILE F 87 -159.31 8.37 51.27
CA ILE F 87 -159.63 8.67 52.67
C ILE F 87 -160.83 9.60 52.69
N LEU F 88 -161.68 9.43 53.70
CA LEU F 88 -162.85 10.27 53.91
C LEU F 88 -162.63 11.12 55.16
N ALA F 89 -163.06 12.38 55.10
CA ALA F 89 -162.82 13.31 56.19
C ALA F 89 -164.03 14.22 56.39
N MET F 90 -164.12 14.79 57.60
CA MET F 90 -165.24 15.64 57.96
C MET F 90 -164.83 16.47 59.18
N ARG F 91 -165.54 17.57 59.38
CA ARG F 91 -165.21 18.56 60.42
C ARG F 91 -166.31 18.52 61.47
N ILE F 92 -165.91 18.42 62.74
CA ILE F 92 -166.87 18.28 63.84
C ILE F 92 -167.41 19.64 64.28
N GLU F 93 -166.63 20.71 64.07
CA GLU F 93 -167.01 22.01 64.60
C GLU F 93 -168.30 22.49 63.95
N ASP F 94 -169.15 23.14 64.75
CA ASP F 94 -170.41 23.67 64.25
C ASP F 94 -170.24 25.07 63.65
N ALA F 95 -169.31 25.22 62.71
CA ALA F 95 -168.99 26.54 62.20
C ALA F 95 -170.12 27.07 61.32
N LYS F 96 -170.10 28.39 61.12
CA LYS F 96 -171.09 29.09 60.31
C LYS F 96 -170.36 30.11 59.44
N PRO F 97 -170.96 30.53 58.33
CA PRO F 97 -170.26 31.44 57.41
C PRO F 97 -170.50 32.91 57.74
N ALA F 98 -169.70 33.76 57.09
CA ALA F 98 -169.90 35.20 57.18
C ALA F 98 -171.00 35.63 56.21
N SER F 99 -171.78 36.62 56.63
CA SER F 99 -172.87 37.15 55.80
C SER F 99 -173.12 38.60 56.16
N ALA F 100 -173.55 39.37 55.16
CA ALA F 100 -173.77 40.80 55.33
C ALA F 100 -174.89 41.27 54.40
N GLU F 101 -175.52 42.39 54.76
CA GLU F 101 -176.55 43.02 53.94
C GLU F 101 -176.01 44.36 53.46
N ILE F 102 -175.96 44.53 52.14
CA ILE F 102 -175.43 45.74 51.53
C ILE F 102 -176.11 45.92 50.18
N GLY F 103 -176.19 47.17 49.73
CA GLY F 103 -176.83 47.47 48.46
C GLY F 103 -178.27 46.99 48.43
N GLY F 104 -178.63 46.31 47.34
CA GLY F 104 -179.93 45.70 47.18
C GLY F 104 -179.86 44.20 47.13
N LEU F 105 -178.93 43.62 47.88
CA LEU F 105 -178.71 42.18 47.89
C LEU F 105 -178.31 41.73 49.28
N LYS F 106 -178.43 40.43 49.52
CA LYS F 106 -177.94 39.79 50.73
C LYS F 106 -176.83 38.83 50.32
N ILE F 107 -175.66 39.00 50.93
CA ILE F 107 -174.45 38.29 50.55
C ILE F 107 -174.09 37.31 51.67
N THR F 108 -173.64 36.12 51.29
CA THR F 108 -173.18 35.12 52.24
C THR F 108 -172.01 34.35 51.65
N SER F 109 -171.04 34.00 52.51
CA SER F 109 -169.87 33.26 52.08
C SER F 109 -170.10 31.76 52.20
N LYS F 110 -169.30 30.99 51.45
CA LYS F 110 -169.42 29.53 51.43
C LYS F 110 -168.50 28.84 52.42
N ILE F 111 -167.34 29.42 52.73
CA ILE F 111 -166.42 28.84 53.71
C ILE F 111 -166.97 29.10 55.11
N TYR F 112 -166.87 28.09 55.97
CA TYR F 112 -167.39 28.18 57.33
C TYR F 112 -166.24 28.40 58.30
N GLY F 113 -166.32 29.45 59.11
CA GLY F 113 -165.30 29.70 60.12
C GLY F 113 -164.97 31.16 60.33
N ASN F 114 -164.17 31.46 61.36
CA ASN F 114 -163.81 32.84 61.65
C ASN F 114 -162.99 33.47 60.53
N VAL F 115 -162.31 32.66 59.72
CA VAL F 115 -161.50 33.23 58.64
C VAL F 115 -162.38 33.86 57.57
N ALA F 116 -163.63 33.40 57.42
CA ALA F 116 -164.46 33.92 56.35
C ALA F 116 -164.84 35.38 56.53
N ASN F 117 -164.62 35.96 57.71
CA ASN F 117 -164.97 37.36 57.94
C ASN F 117 -164.19 38.29 57.01
N ASN F 118 -162.93 37.95 56.71
CA ASN F 118 -162.12 38.80 55.83
C ASN F 118 -162.61 38.92 54.38
N ILE F 119 -163.68 38.23 54.00
CA ILE F 119 -164.18 38.35 52.62
C ILE F 119 -164.76 39.75 52.43
N GLN F 120 -164.58 40.29 51.21
CA GLN F 120 -164.99 41.65 50.88
C GLN F 120 -165.70 41.63 49.53
N VAL F 121 -166.77 42.42 49.42
CA VAL F 121 -167.56 42.51 48.19
C VAL F 121 -167.93 43.97 47.95
N GLY F 122 -167.76 44.42 46.72
CA GLY F 122 -168.06 45.79 46.35
C GLY F 122 -168.48 45.89 44.90
N LEU F 123 -169.22 46.96 44.61
CA LEU F 123 -169.70 47.27 43.26
C LEU F 123 -169.50 48.76 43.00
N GLU F 124 -168.24 49.19 43.04
CA GLU F 124 -167.87 50.52 42.59
C GLU F 124 -168.04 50.61 41.09
N LYS F 125 -168.70 51.65 40.61
CA LYS F 125 -169.09 51.73 39.21
C LYS F 125 -167.98 52.39 38.41
N ASN F 126 -167.61 51.77 37.30
CA ASN F 126 -166.72 52.36 36.30
C ASN F 126 -167.63 52.98 35.25
N THR F 127 -167.83 54.30 35.36
CA THR F 127 -168.76 55.02 34.50
C THR F 127 -168.31 55.10 33.04
N LEU F 128 -167.03 54.82 32.75
CA LEU F 128 -166.61 54.86 31.35
C LEU F 128 -167.27 53.75 30.55
N SER F 129 -167.23 52.52 31.08
CA SER F 129 -167.92 51.39 30.48
C SER F 129 -169.39 51.29 30.90
N ASP F 130 -169.87 52.17 31.79
CA ASP F 130 -171.26 52.16 32.23
C ASP F 130 -171.66 50.81 32.82
N SER F 131 -170.73 50.16 33.51
CA SER F 131 -170.95 48.90 34.17
C SER F 131 -170.39 48.96 35.60
N LEU F 132 -170.82 48.01 36.41
CA LEU F 132 -170.39 47.93 37.81
C LEU F 132 -169.18 47.01 37.92
N ARG F 133 -168.07 47.57 38.42
CA ARG F 133 -166.80 46.84 38.55
C ARG F 133 -166.84 46.05 39.85
N LEU F 134 -167.08 44.74 39.75
CA LEU F 134 -167.20 43.87 40.91
C LEU F 134 -165.79 43.42 41.31
N ARG F 135 -165.28 43.98 42.40
CA ARG F 135 -164.03 43.54 43.02
C ARG F 135 -164.33 42.74 44.28
N VAL F 136 -163.77 41.55 44.35
CA VAL F 136 -163.90 40.62 45.47
C VAL F 136 -162.49 40.30 45.97
N ILE F 137 -162.33 40.26 47.29
CA ILE F 137 -161.02 40.09 47.91
C ILE F 137 -161.15 39.08 49.04
N PHE F 138 -160.14 38.21 49.16
CA PHE F 138 -159.99 37.32 50.32
C PHE F 138 -158.49 37.29 50.61
N GLN F 139 -158.08 38.06 51.62
CA GLN F 139 -156.66 38.28 51.85
C GLN F 139 -155.95 37.00 52.30
N ASP F 140 -156.65 36.11 53.01
CA ASP F 140 -156.03 34.88 53.48
C ASP F 140 -155.57 34.02 52.31
N ASP F 141 -156.40 33.90 51.27
CA ASP F 141 -156.12 33.03 50.14
C ASP F 141 -155.32 33.71 49.04
N ARG F 142 -154.89 34.96 49.25
CA ARG F 142 -154.24 35.78 48.25
C ARG F 142 -155.14 36.01 47.04
N PHE F 143 -156.45 35.94 47.26
CA PHE F 143 -157.44 36.07 46.20
C PHE F 143 -157.83 37.55 46.14
N ASN F 144 -157.36 38.23 45.11
CA ASN F 144 -157.62 39.66 44.90
C ASN F 144 -157.79 39.83 43.38
N GLU F 145 -159.03 39.70 42.92
CA GLU F 145 -159.37 39.75 41.51
C GLU F 145 -160.42 40.83 41.28
N VAL F 146 -160.43 41.36 40.05
CA VAL F 146 -161.33 42.42 39.64
C VAL F 146 -162.20 41.89 38.50
N TYR F 147 -163.51 42.04 38.66
CA TYR F 147 -164.49 41.71 37.62
C TYR F 147 -165.25 42.96 37.22
N ASP F 148 -165.54 43.04 35.92
CA ASP F 148 -166.14 44.20 35.31
C ASP F 148 -167.07 43.70 34.20
N ASN F 149 -167.70 44.64 33.49
CA ASN F 149 -168.65 44.33 32.43
C ASN F 149 -169.84 43.54 32.97
N ILE F 150 -170.31 43.93 34.15
CA ILE F 150 -171.58 43.44 34.68
C ILE F 150 -172.66 44.41 34.20
N GLY F 151 -173.67 43.88 33.52
CA GLY F 151 -174.59 44.72 32.78
C GLY F 151 -174.09 45.02 31.39
N ASN F 152 -174.89 45.77 30.64
CA ASN F 152 -174.65 46.03 29.22
C ASN F 152 -174.42 44.72 28.46
N ILE F 153 -175.48 43.91 28.39
CA ILE F 153 -175.31 42.60 27.75
C ILE F 153 -175.17 42.74 26.23
N PHE F 154 -175.99 43.61 25.63
CA PHE F 154 -176.00 43.80 24.18
C PHE F 154 -176.78 45.07 23.86
N THR F 155 -176.68 45.50 22.61
CA THR F 155 -177.25 46.77 22.15
C THR F 155 -178.40 46.54 21.18
N ILE F 156 -179.31 47.52 21.16
CA ILE F 156 -180.38 47.62 20.17
C ILE F 156 -180.43 49.07 19.73
N LYS F 157 -180.67 49.28 18.44
CA LYS F 157 -180.74 50.61 17.85
C LYS F 157 -181.85 50.66 16.80
N TYR F 158 -182.47 51.83 16.69
CA TYR F 158 -183.60 52.08 15.81
C TYR F 158 -183.19 53.04 14.71
N LYS F 159 -183.58 52.72 13.46
CA LYS F 159 -183.25 53.55 12.29
C LYS F 159 -184.43 53.62 11.33
N GLY F 160 -185.66 53.59 11.86
CA GLY F 160 -186.85 53.70 11.04
C GLY F 160 -187.22 55.13 10.73
N GLU F 161 -188.16 55.30 9.79
CA GLU F 161 -188.51 56.62 9.28
C GLU F 161 -189.54 57.35 10.12
N GLU F 162 -190.12 56.73 11.14
CA GLU F 162 -191.15 57.36 11.94
C GLU F 162 -190.54 58.50 12.78
N ALA F 163 -191.40 59.24 13.47
CA ALA F 163 -190.93 60.42 14.18
C ALA F 163 -190.16 60.02 15.45
N ASN F 164 -190.72 59.08 16.22
CA ASN F 164 -190.10 58.59 17.44
C ASN F 164 -190.46 57.12 17.62
N ALA F 165 -189.61 56.41 18.36
CA ALA F 165 -189.88 55.02 18.69
C ALA F 165 -189.48 54.76 20.14
N THR F 166 -190.14 53.77 20.74
CA THR F 166 -189.90 53.40 22.13
C THR F 166 -190.11 51.90 22.28
N PHE F 167 -189.48 51.32 23.30
CA PHE F 167 -189.60 49.90 23.56
C PHE F 167 -189.58 49.64 25.06
N SER F 168 -190.17 48.51 25.45
CA SER F 168 -190.34 48.15 26.85
C SER F 168 -190.18 46.64 27.01
N VAL F 169 -189.78 46.24 28.21
CA VAL F 169 -189.73 44.84 28.62
C VAL F 169 -190.74 44.69 29.75
N GLU F 170 -191.79 43.91 29.49
CA GLU F 170 -192.90 43.77 30.44
C GLU F 170 -192.67 42.53 31.29
N HIS F 171 -192.73 42.70 32.60
CA HIS F 171 -192.51 41.64 33.57
C HIS F 171 -193.83 41.24 34.19
N ASP F 172 -193.81 40.07 34.84
CA ASP F 172 -194.92 39.68 35.69
C ASP F 172 -194.74 40.40 37.02
N GLU F 173 -195.68 41.30 37.35
CA GLU F 173 -195.45 42.22 38.45
C GLU F 173 -195.33 41.50 39.78
N GLU F 174 -196.02 40.37 39.94
CA GLU F 174 -196.00 39.68 41.21
C GLU F 174 -194.68 38.96 41.46
N THR F 175 -193.96 38.60 40.40
CA THR F 175 -192.67 37.92 40.50
C THR F 175 -191.52 38.58 39.74
N GLN F 176 -191.77 39.66 39.01
CA GLN F 176 -190.74 40.40 38.27
C GLN F 176 -190.03 39.49 37.26
N LYS F 177 -190.80 38.61 36.61
CA LYS F 177 -190.28 37.69 35.61
C LYS F 177 -190.57 38.26 34.22
N ALA F 178 -189.53 38.48 33.41
CA ALA F 178 -189.73 39.07 32.09
C ALA F 178 -190.54 38.12 31.22
N SER F 179 -191.59 38.66 30.58
CA SER F 179 -192.48 37.88 29.74
C SER F 179 -192.62 38.40 28.31
N ARG F 180 -192.23 39.65 28.02
CA ARG F 180 -192.43 40.23 26.70
C ARG F 180 -191.30 41.22 26.41
N LEU F 181 -191.04 41.45 25.12
CA LEU F 181 -190.21 42.56 24.64
C LEU F 181 -190.97 43.21 23.49
N VAL F 182 -191.40 44.45 23.71
CA VAL F 182 -192.35 45.15 22.85
C VAL F 182 -191.66 46.37 22.25
N LEU F 183 -191.60 46.42 20.92
CA LEU F 183 -191.15 47.60 20.19
C LEU F 183 -192.36 48.40 19.75
N LYS F 184 -192.33 49.71 19.98
CA LYS F 184 -193.46 50.59 19.75
C LYS F 184 -193.01 51.85 19.02
N VAL F 185 -193.92 52.39 18.21
CA VAL F 185 -193.85 53.76 17.74
C VAL F 185 -195.03 54.48 18.39
N GLY F 186 -194.71 55.48 19.21
CA GLY F 186 -195.72 56.19 19.97
C GLY F 186 -196.35 55.28 21.01
N ASP F 187 -197.59 54.85 20.76
CA ASP F 187 -198.28 53.83 21.54
C ASP F 187 -198.66 52.60 20.73
N GLN F 188 -198.30 52.54 19.44
CA GLN F 188 -198.64 51.41 18.58
C GLN F 188 -197.41 50.55 18.39
N GLU F 189 -197.59 49.24 18.50
CA GLU F 189 -196.49 48.28 18.47
C GLU F 189 -196.05 48.07 17.03
N VAL F 190 -194.76 48.32 16.75
CA VAL F 190 -194.22 47.88 15.48
C VAL F 190 -194.18 46.36 15.44
N LYS F 191 -193.54 45.75 16.43
CA LYS F 191 -193.56 44.29 16.57
C LYS F 191 -193.10 43.94 17.97
N SER F 192 -193.57 42.80 18.47
CA SER F 192 -193.29 42.34 19.82
C SER F 192 -192.92 40.87 19.81
N TYR F 193 -192.16 40.47 20.84
CA TYR F 193 -191.65 39.11 21.00
C TYR F 193 -191.94 38.59 22.40
N ASP F 194 -193.13 38.00 22.60
CA ASP F 194 -193.46 37.26 23.82
C ASP F 194 -192.32 36.33 24.21
N LEU F 195 -191.85 36.49 25.45
CA LEU F 195 -190.68 35.78 25.96
C LEU F 195 -191.07 34.58 26.80
N THR F 196 -192.10 33.84 26.38
CA THR F 196 -192.60 32.70 27.12
C THR F 196 -192.87 31.53 26.18
N GLY F 197 -192.36 30.36 26.53
CA GLY F 197 -192.69 29.13 25.83
C GLY F 197 -192.24 29.15 24.39
N GLY F 198 -190.95 28.96 24.15
CA GLY F 198 -190.46 28.79 22.80
C GLY F 198 -189.00 29.20 22.71
N ALA F 199 -188.55 29.40 21.46
CA ALA F 199 -187.21 29.92 21.22
C ALA F 199 -186.98 31.29 21.84
N TYR F 200 -188.02 32.01 22.25
CA TYR F 200 -187.86 33.35 22.78
C TYR F 200 -187.28 33.36 24.18
N ASP F 201 -187.11 32.19 24.81
CA ASP F 201 -186.59 32.08 26.17
C ASP F 201 -185.14 32.54 26.30
N TYR F 202 -184.42 32.72 25.19
CA TYR F 202 -183.01 33.10 25.21
C TYR F 202 -182.82 34.36 24.38
N THR F 203 -181.72 35.07 24.66
CA THR F 203 -181.45 36.31 23.95
C THR F 203 -181.06 36.07 22.49
N ASN F 204 -180.63 34.85 22.15
CA ASN F 204 -180.21 34.59 20.76
C ASN F 204 -181.37 34.76 19.79
N ALA F 205 -182.53 34.19 20.13
CA ALA F 205 -183.70 34.33 19.25
C ALA F 205 -184.09 35.78 19.08
N ILE F 206 -184.04 36.57 20.16
CA ILE F 206 -184.34 37.99 20.06
C ILE F 206 -183.36 38.66 19.10
N ILE F 207 -182.07 38.35 19.22
CA ILE F 207 -181.07 38.98 18.36
C ILE F 207 -181.35 38.65 16.90
N THR F 208 -181.51 37.34 16.60
CA THR F 208 -181.76 36.92 15.23
C THR F 208 -183.03 37.57 14.66
N ASP F 209 -184.13 37.57 15.42
CA ASP F 209 -185.39 38.07 14.88
C ASP F 209 -185.33 39.57 14.66
N ILE F 210 -184.66 40.28 15.56
CA ILE F 210 -184.53 41.73 15.41
C ILE F 210 -183.64 42.05 14.22
N ASN F 211 -182.54 41.29 14.06
CA ASN F 211 -181.65 41.49 12.92
C ASN F 211 -182.38 41.30 11.59
N GLN F 212 -183.36 40.39 11.55
CA GLN F 212 -184.13 40.17 10.34
C GLN F 212 -184.87 41.43 9.90
N LEU F 213 -185.35 42.23 10.85
CA LEU F 213 -186.08 43.45 10.49
C LEU F 213 -185.10 44.50 9.95
N PRO F 214 -185.37 45.12 8.80
CA PRO F 214 -184.47 46.20 8.34
C PRO F 214 -184.47 47.42 9.23
N ASP F 215 -185.52 47.64 10.03
CA ASP F 215 -185.69 48.85 10.83
C ASP F 215 -185.02 48.77 12.20
N PHE F 216 -184.38 47.66 12.54
CA PHE F 216 -183.78 47.49 13.85
C PHE F 216 -182.47 46.74 13.72
N GLU F 217 -181.55 47.00 14.65
CA GLU F 217 -180.28 46.31 14.75
C GLU F 217 -180.16 45.66 16.13
N ALA F 218 -179.50 44.50 16.16
CA ALA F 218 -179.26 43.78 17.41
C ALA F 218 -177.97 42.98 17.23
N LYS F 219 -176.94 43.33 18.00
CA LYS F 219 -175.64 42.67 17.92
C LYS F 219 -175.09 42.45 19.32
N LEU F 220 -174.54 41.26 19.57
CA LEU F 220 -173.99 40.96 20.88
C LEU F 220 -172.72 41.79 21.12
N SER F 221 -172.59 42.34 22.33
CA SER F 221 -171.46 43.20 22.66
C SER F 221 -170.25 42.35 23.08
N PRO F 222 -169.02 42.86 22.91
CA PRO F 222 -167.86 42.15 23.46
C PRO F 222 -167.72 42.26 24.97
N PHE F 223 -168.65 42.94 25.67
CA PHE F 223 -168.64 43.00 27.12
C PHE F 223 -169.37 41.77 27.67
N GLY F 224 -168.73 40.63 27.49
CA GLY F 224 -169.20 39.40 28.07
C GLY F 224 -170.28 38.72 27.24
N ASP F 225 -169.95 37.59 26.62
CA ASP F 225 -170.92 36.87 25.79
C ASP F 225 -171.76 36.01 26.73
N LYS F 226 -172.73 36.66 27.36
CA LYS F 226 -173.55 35.99 28.37
C LYS F 226 -174.60 35.10 27.74
N ASN F 227 -175.32 35.63 26.74
CA ASN F 227 -176.47 34.95 26.17
C ASN F 227 -177.48 34.61 27.26
N LEU F 228 -177.80 35.61 28.07
CA LEU F 228 -178.67 35.42 29.21
C LEU F 228 -180.08 35.05 28.75
N GLU F 229 -180.76 34.27 29.58
CA GLU F 229 -182.14 33.91 29.29
C GLU F 229 -183.00 35.16 29.21
N SER F 230 -184.09 35.08 28.45
CA SER F 230 -184.93 36.25 28.25
C SER F 230 -185.84 36.53 29.44
N SER F 231 -186.07 35.54 30.30
CA SER F 231 -186.92 35.76 31.47
C SER F 231 -186.27 36.64 32.53
N LYS F 232 -184.93 36.73 32.54
CA LYS F 232 -184.21 37.44 33.57
C LYS F 232 -183.75 38.84 33.11
N LEU F 233 -184.29 39.34 32.02
CA LEU F 233 -183.91 40.66 31.52
C LEU F 233 -184.47 41.75 32.41
N ASP F 234 -183.85 42.93 32.34
CA ASP F 234 -184.30 44.06 33.12
C ASP F 234 -185.59 44.66 32.56
N LYS F 235 -186.25 45.47 33.38
CA LYS F 235 -187.53 46.09 33.00
C LYS F 235 -187.26 47.47 32.40
N ILE F 236 -187.50 47.59 31.09
CA ILE F 236 -187.43 48.86 30.37
C ILE F 236 -188.86 49.34 30.18
N GLU F 237 -189.07 50.65 30.27
CA GLU F 237 -190.41 51.27 30.22
C GLU F 237 -190.41 52.43 29.22
N ASN F 238 -190.58 52.11 27.94
CA ASN F 238 -190.77 53.11 26.89
C ASN F 238 -189.52 54.00 26.78
N ALA F 239 -188.36 53.36 26.71
CA ALA F 239 -187.12 54.09 26.51
C ALA F 239 -186.94 54.40 25.03
N ASN F 240 -186.64 55.65 24.73
CA ASN F 240 -186.48 56.10 23.36
C ASN F 240 -185.28 55.42 22.72
N ILE F 241 -185.42 55.11 21.43
CA ILE F 241 -184.45 54.30 20.70
C ILE F 241 -183.86 55.03 19.49
N LYS F 242 -184.44 56.15 19.07
CA LYS F 242 -184.07 56.74 17.79
C LYS F 242 -182.64 57.25 17.79
N ASP F 243 -182.22 57.89 18.88
CA ASP F 243 -180.90 58.51 18.97
C ASP F 243 -179.84 57.62 19.61
N LYS F 244 -180.23 56.60 20.38
CA LYS F 244 -179.29 55.79 21.14
C LYS F 244 -179.31 54.34 20.69
N ALA F 245 -178.13 53.71 20.76
CA ALA F 245 -178.01 52.25 20.69
C ALA F 245 -178.24 51.73 22.11
N VAL F 246 -179.52 51.53 22.45
CA VAL F 246 -179.89 51.31 23.85
C VAL F 246 -179.35 49.96 24.32
N TYR F 247 -178.69 49.96 25.48
CA TYR F 247 -178.08 48.76 26.05
C TYR F 247 -179.07 48.07 26.97
N VAL F 248 -179.37 46.81 26.68
CA VAL F 248 -180.02 45.94 27.66
C VAL F 248 -178.96 45.53 28.67
N LYS F 249 -179.34 45.47 29.94
CA LYS F 249 -178.41 45.25 31.04
C LYS F 249 -178.64 43.91 31.74
N ALA F 250 -179.76 43.78 32.45
CA ALA F 250 -180.12 42.56 33.17
C ALA F 250 -179.05 42.24 34.22
N VAL F 251 -178.87 43.18 35.16
CA VAL F 251 -177.74 43.09 36.07
C VAL F 251 -177.87 41.87 36.98
N PHE F 252 -179.09 41.53 37.39
CA PHE F 252 -179.27 40.36 38.26
C PHE F 252 -178.89 39.09 37.51
N GLY F 253 -179.49 38.86 36.34
CA GLY F 253 -179.13 37.71 35.54
C GLY F 253 -177.68 37.71 35.08
N ASP F 254 -177.05 38.89 35.02
CA ASP F 254 -175.64 38.93 34.67
C ASP F 254 -174.78 38.52 35.86
N LEU F 255 -175.25 38.81 37.07
CA LEU F 255 -174.57 38.30 38.26
C LEU F 255 -174.71 36.79 38.36
N GLU F 256 -175.87 36.24 38.00
CA GLU F 256 -176.01 34.79 38.04
C GLU F 256 -175.04 34.14 37.04
N LYS F 257 -174.98 34.68 35.83
CA LYS F 257 -174.20 34.05 34.76
C LYS F 257 -172.70 34.14 35.03
N GLN F 258 -172.22 35.31 35.46
CA GLN F 258 -170.81 35.60 35.52
C GLN F 258 -170.16 35.30 36.86
N THR F 259 -170.95 35.13 37.92
CA THR F 259 -170.40 34.95 39.27
C THR F 259 -170.99 33.74 40.00
N ALA F 260 -171.56 32.77 39.28
CA ALA F 260 -172.09 31.58 39.93
C ALA F 260 -170.98 30.77 40.58
N TYR F 261 -169.91 30.50 39.81
CA TYR F 261 -168.75 29.73 40.21
C TYR F 261 -167.51 30.61 40.04
N ASN F 262 -167.52 31.77 40.68
CA ASN F 262 -166.35 32.64 40.78
C ASN F 262 -166.25 33.22 42.17
N GLY F 263 -165.13 32.97 42.84
CA GLY F 263 -164.87 33.41 44.19
C GLY F 263 -165.50 32.47 45.21
N ILE F 264 -165.76 33.02 46.40
CA ILE F 264 -166.33 32.27 47.51
C ILE F 264 -167.55 33.00 48.02
N VAL F 265 -168.30 33.62 47.10
CA VAL F 265 -169.39 34.54 47.42
C VAL F 265 -170.66 34.02 46.77
N SER F 266 -171.75 34.05 47.53
CA SER F 266 -173.10 33.87 47.01
C SER F 266 -173.89 35.17 47.17
N PHE F 267 -175.03 35.25 46.47
CA PHE F 267 -175.87 36.43 46.46
C PHE F 267 -177.34 36.04 46.61
N GLU F 268 -178.12 36.92 47.22
CA GLU F 268 -179.55 36.70 47.39
C GLU F 268 -180.26 38.04 47.45
N GLN F 269 -181.56 38.02 47.13
CA GLN F 269 -182.41 39.21 47.15
C GLN F 269 -183.32 39.18 48.38
N LEU F 270 -183.56 40.35 48.97
CA LEU F 270 -184.50 40.43 50.08
C LEU F 270 -185.92 40.22 49.56
N LYS F 298 -186.29 44.78 45.17
CA LYS F 298 -185.17 45.70 45.27
C LYS F 298 -184.51 45.91 43.91
N THR F 299 -183.77 47.01 43.80
CA THR F 299 -182.92 47.30 42.66
C THR F 299 -181.46 47.28 43.09
N ILE F 300 -180.60 46.70 42.27
CA ILE F 300 -179.17 46.69 42.55
C ILE F 300 -178.60 48.08 42.30
N GLU F 301 -177.76 48.54 43.20
CA GLU F 301 -177.09 49.84 43.10
C GLU F 301 -175.61 49.67 43.42
N PRO F 302 -174.79 50.70 43.18
CA PRO F 302 -173.41 50.63 43.64
C PRO F 302 -173.35 50.70 45.16
N PHE F 303 -172.34 50.01 45.72
CA PHE F 303 -172.06 50.10 47.15
C PHE F 303 -170.56 49.93 47.35
N GLU F 304 -170.09 50.38 48.52
CA GLU F 304 -168.66 50.39 48.75
C GLU F 304 -168.14 48.99 49.03
N LEU F 305 -166.83 48.83 48.90
CA LEU F 305 -166.20 47.54 49.16
C LEU F 305 -166.18 47.30 50.66
N THR F 306 -167.01 46.37 51.13
CA THR F 306 -167.29 46.21 52.56
C THR F 306 -167.00 44.77 52.96
N LYS F 307 -166.46 44.59 54.17
CA LYS F 307 -166.18 43.26 54.71
C LYS F 307 -167.44 42.56 55.19
N LEU F 308 -167.41 41.24 55.14
CA LEU F 308 -168.48 40.39 55.66
C LEU F 308 -168.26 40.12 57.14
N LYS F 309 -169.36 39.77 57.82
CA LYS F 309 -169.36 39.54 59.26
C LYS F 309 -170.11 38.25 59.55
N GLY F 310 -169.93 37.75 60.77
CA GLY F 310 -170.63 36.57 61.24
C GLY F 310 -169.91 35.25 61.07
N GLY F 311 -168.66 35.26 60.61
CA GLY F 311 -167.88 34.03 60.57
C GLY F 311 -167.67 33.47 61.96
N THR F 312 -167.97 32.19 62.16
CA THR F 312 -167.92 31.59 63.50
C THR F 312 -167.38 30.16 63.39
N ASN F 313 -166.41 29.83 64.24
CA ASN F 313 -165.95 28.45 64.33
C ASN F 313 -166.98 27.57 65.01
N GLY F 314 -167.75 28.12 65.94
CA GLY F 314 -168.78 27.38 66.63
C GLY F 314 -168.24 26.70 67.88
N GLU F 315 -168.93 25.63 68.28
CA GLU F 315 -168.65 24.88 69.49
C GLU F 315 -168.65 23.40 69.19
N PRO F 316 -167.93 22.58 69.98
CA PRO F 316 -167.94 21.13 69.73
C PRO F 316 -169.28 20.53 70.12
N PRO F 317 -169.65 19.38 69.56
CA PRO F 317 -170.90 18.74 69.97
C PRO F 317 -170.76 17.98 71.29
N ALA F 318 -171.89 17.79 71.95
CA ALA F 318 -171.89 17.03 73.21
C ALA F 318 -171.46 15.58 72.96
N THR F 319 -171.92 15.00 71.84
CA THR F 319 -171.59 13.63 71.47
C THR F 319 -171.14 13.61 70.01
N TRP F 320 -170.20 12.73 69.71
CA TRP F 320 -169.73 12.53 68.35
C TRP F 320 -170.56 11.51 67.58
N ALA F 321 -171.63 10.97 68.19
CA ALA F 321 -172.36 9.89 67.54
C ALA F 321 -173.19 10.41 66.38
N ASP F 322 -173.72 11.63 66.47
CA ASP F 322 -174.36 12.25 65.33
C ASP F 322 -173.35 12.54 64.22
N LYS F 323 -172.15 12.99 64.59
CA LYS F 323 -171.14 13.29 63.58
C LYS F 323 -170.67 12.00 62.90
N LEU F 324 -170.58 10.91 63.66
CA LEU F 324 -170.19 9.63 63.08
C LEU F 324 -171.26 9.06 62.16
N ASP F 325 -172.52 9.47 62.33
CA ASP F 325 -173.58 8.95 61.47
C ASP F 325 -173.41 9.35 60.01
N LYS F 326 -172.69 10.44 59.72
CA LYS F 326 -172.44 10.81 58.33
C LYS F 326 -171.53 9.81 57.63
N PHE F 327 -170.68 9.09 58.36
CA PHE F 327 -169.87 8.02 57.79
C PHE F 327 -170.58 6.67 57.83
N ALA F 328 -171.88 6.64 58.11
CA ALA F 328 -172.57 5.35 58.22
C ALA F 328 -172.52 4.57 56.91
N HIS F 329 -172.85 5.21 55.79
CA HIS F 329 -173.04 4.54 54.51
C HIS F 329 -172.05 5.02 53.46
N GLU F 330 -170.89 5.52 53.88
CA GLU F 330 -169.90 6.08 52.96
C GLU F 330 -168.88 5.05 52.50
N GLY F 331 -169.02 3.79 52.89
CA GLY F 331 -168.10 2.76 52.48
C GLY F 331 -166.87 2.63 53.35
N GLY F 332 -166.80 3.35 54.46
CA GLY F 332 -165.61 3.30 55.30
C GLY F 332 -165.53 2.00 56.09
N TYR F 333 -164.29 1.54 56.32
CA TYR F 333 -164.04 0.39 57.16
C TYR F 333 -163.20 0.74 58.39
N TYR F 334 -162.05 1.38 58.21
CA TYR F 334 -161.21 1.82 59.32
C TYR F 334 -161.49 3.28 59.60
N ILE F 335 -161.65 3.62 60.88
CA ILE F 335 -161.93 4.98 61.32
C ILE F 335 -161.11 5.28 62.58
N VAL F 336 -160.55 6.48 62.64
CA VAL F 336 -159.72 6.88 63.78
C VAL F 336 -160.14 8.28 64.25
N PRO F 337 -160.70 8.46 65.45
CA PRO F 337 -161.00 9.81 65.92
C PRO F 337 -159.75 10.54 66.37
N LEU F 338 -159.64 11.83 65.99
CA LEU F 338 -158.53 12.67 66.46
C LEU F 338 -158.91 13.27 67.81
N SER F 339 -158.90 12.41 68.82
CA SER F 339 -159.20 12.78 70.19
C SER F 339 -158.70 11.69 71.13
N SER F 340 -158.21 12.11 72.30
CA SER F 340 -157.70 11.21 73.32
C SER F 340 -158.65 11.04 74.48
N LYS F 341 -159.90 11.50 74.36
CA LYS F 341 -160.86 11.42 75.46
C LYS F 341 -161.55 10.07 75.46
N GLN F 342 -161.78 9.53 76.66
CA GLN F 342 -162.36 8.19 76.79
C GLN F 342 -163.82 8.18 76.36
N SER F 343 -164.55 9.28 76.59
CA SER F 343 -165.96 9.29 76.19
C SER F 343 -166.10 9.23 74.68
N VAL F 344 -165.24 9.93 73.96
CA VAL F 344 -165.26 9.83 72.50
C VAL F 344 -164.91 8.42 72.07
N HIS F 345 -163.99 7.76 72.78
CA HIS F 345 -163.59 6.43 72.35
C HIS F 345 -164.74 5.44 72.54
N ALA F 346 -165.50 5.61 73.62
CA ALA F 346 -166.59 4.68 73.92
C ALA F 346 -167.72 4.89 72.92
N GLU F 347 -167.99 6.15 72.58
CA GLU F 347 -169.01 6.50 71.59
C GLU F 347 -168.71 5.87 70.24
N VAL F 348 -167.52 6.14 69.69
CA VAL F 348 -167.05 5.48 68.48
C VAL F 348 -167.23 3.97 68.59
N ALA F 349 -166.89 3.40 69.74
CA ALA F 349 -167.00 1.96 69.91
C ALA F 349 -168.45 1.51 69.79
N SER F 350 -169.36 2.22 70.45
CA SER F 350 -170.79 1.95 70.28
C SER F 350 -171.23 2.20 68.84
N PHE F 351 -170.63 3.17 68.16
CA PHE F 351 -170.98 3.46 66.77
C PHE F 351 -170.57 2.31 65.86
N VAL F 352 -169.31 1.88 65.93
CA VAL F 352 -168.84 0.82 65.04
C VAL F 352 -169.55 -0.49 65.35
N LYS F 353 -169.93 -0.70 66.62
CA LYS F 353 -170.69 -1.91 66.94
C LYS F 353 -172.04 -1.87 66.23
N GLU F 354 -172.75 -0.74 66.34
CA GLU F 354 -174.08 -0.63 65.74
C GLU F 354 -174.02 -0.76 64.22
N ARG F 355 -173.00 -0.19 63.59
CA ARG F 355 -172.90 -0.30 62.13
C ARG F 355 -172.57 -1.72 61.71
N SER F 356 -171.69 -2.40 62.45
CA SER F 356 -171.36 -3.77 62.10
C SER F 356 -172.57 -4.67 62.26
N ASP F 357 -173.35 -4.48 63.33
CA ASP F 357 -174.61 -5.19 63.51
C ASP F 357 -175.65 -4.81 62.45
N ALA F 358 -175.52 -3.64 61.81
CA ALA F 358 -176.44 -3.20 60.77
C ALA F 358 -175.96 -3.56 59.37
N GLY F 359 -174.91 -4.38 59.24
CA GLY F 359 -174.40 -4.78 57.95
C GLY F 359 -173.37 -3.84 57.36
N GLU F 360 -172.72 -3.03 58.19
CA GLU F 360 -171.61 -2.16 57.81
C GLU F 360 -170.45 -2.40 58.77
N PRO F 361 -169.66 -3.45 58.55
CA PRO F 361 -168.56 -3.73 59.49
C PRO F 361 -167.51 -2.64 59.50
N MET F 362 -166.96 -2.39 60.68
CA MET F 362 -165.94 -1.35 60.84
C MET F 362 -165.00 -1.73 61.97
N ARG F 363 -163.83 -1.09 62.00
CA ARG F 363 -162.92 -1.26 63.12
C ARG F 363 -162.30 0.10 63.43
N ALA F 364 -161.80 0.25 64.67
CA ALA F 364 -161.31 1.53 65.14
C ALA F 364 -159.97 1.36 65.84
N ILE F 365 -159.16 2.42 65.77
CA ILE F 365 -157.87 2.49 66.45
C ILE F 365 -157.82 3.83 67.16
N VAL F 366 -157.36 3.83 68.41
CA VAL F 366 -157.36 5.01 69.26
C VAL F 366 -156.03 5.11 70.00
N GLY F 367 -155.72 6.32 70.49
CA GLY F 367 -154.49 6.56 71.22
C GLY F 367 -154.70 7.47 72.41
N GLY F 368 -154.09 7.13 73.55
CA GLY F 368 -154.29 7.90 74.77
C GLY F 368 -153.27 9.00 75.00
N GLY F 369 -153.40 10.10 74.26
CA GLY F 369 -152.66 11.32 74.57
C GLY F 369 -151.16 11.13 74.50
N PHE F 370 -150.46 11.80 75.41
CA PHE F 370 -148.99 11.88 75.42
C PHE F 370 -148.41 11.09 76.59
N ASN F 371 -147.61 10.08 76.30
CA ASN F 371 -146.71 9.45 77.27
C ASN F 371 -147.46 8.89 78.49
N GLU F 372 -148.62 8.27 78.25
CA GLU F 372 -149.36 7.69 79.36
C GLU F 372 -148.66 6.44 79.88
N SER F 373 -148.82 6.19 81.17
CA SER F 373 -148.20 5.05 81.82
C SER F 373 -148.96 3.77 81.47
N LYS F 374 -148.37 2.62 81.86
CA LYS F 374 -149.00 1.33 81.58
C LYS F 374 -150.33 1.20 82.32
N GLU F 375 -150.41 1.72 83.55
CA GLU F 375 -151.66 1.59 84.30
C GLU F 375 -152.81 2.33 83.62
N GLN F 376 -152.53 3.47 82.99
CA GLN F 376 -153.57 4.17 82.26
C GLN F 376 -154.01 3.35 81.05
N LEU F 377 -153.05 2.73 80.36
CA LEU F 377 -153.37 1.91 79.20
C LEU F 377 -154.19 0.69 79.60
N PHE F 378 -153.86 0.04 80.72
CA PHE F 378 -154.69 -1.09 81.16
C PHE F 378 -156.09 -0.62 81.53
N GLY F 379 -156.20 0.55 82.18
CA GLY F 379 -157.50 1.10 82.48
C GLY F 379 -158.33 1.37 81.24
N ARG F 380 -157.71 1.94 80.20
CA ARG F 380 -158.42 2.20 78.96
C ARG F 380 -158.85 0.89 78.30
N GLN F 381 -157.98 -0.12 78.31
CA GLN F 381 -158.31 -1.39 77.68
C GLN F 381 -159.48 -2.06 78.41
N ALA F 382 -159.46 -1.99 79.75
CA ALA F 382 -160.55 -2.56 80.54
C ALA F 382 -161.87 -1.84 80.26
N SER F 383 -161.79 -0.51 80.11
CA SER F 383 -162.99 0.29 79.86
C SER F 383 -163.60 -0.03 78.51
N LEU F 384 -162.75 -0.13 77.48
CA LEU F 384 -163.23 -0.42 76.14
C LEU F 384 -163.64 -1.90 76.04
N SER F 385 -162.65 -2.80 76.03
CA SER F 385 -162.88 -4.24 75.97
C SER F 385 -163.71 -4.62 74.74
N ASN F 386 -163.46 -3.92 73.59
CA ASN F 386 -164.21 -4.13 72.36
C ASN F 386 -163.38 -4.97 71.38
N PRO F 387 -163.90 -6.04 70.77
CA PRO F 387 -163.12 -6.71 69.72
C PRO F 387 -162.77 -5.81 68.54
N ARG F 388 -163.68 -4.90 68.16
CA ARG F 388 -163.49 -4.07 66.98
C ARG F 388 -162.81 -2.74 67.29
N VAL F 389 -162.03 -2.66 68.37
CA VAL F 389 -161.27 -1.46 68.71
C VAL F 389 -159.87 -1.91 69.08
N SER F 390 -158.87 -1.09 68.70
CA SER F 390 -157.48 -1.31 69.08
C SER F 390 -156.94 -0.04 69.73
N LEU F 391 -155.91 -0.21 70.56
CA LEU F 391 -155.31 0.85 71.34
C LEU F 391 -153.82 0.94 71.01
N VAL F 392 -153.32 2.16 70.86
CA VAL F 392 -151.90 2.41 70.59
C VAL F 392 -151.28 3.04 71.83
N ALA F 393 -150.14 2.50 72.25
CA ALA F 393 -149.48 2.95 73.46
C ALA F 393 -148.41 4.02 73.18
N ASN F 394 -147.66 3.86 72.10
CA ASN F 394 -146.48 4.69 71.86
C ASN F 394 -146.84 6.01 71.19
N SER F 395 -146.04 7.04 71.49
CA SER F 395 -146.16 8.33 70.84
C SER F 395 -144.75 8.82 70.52
N GLY F 396 -144.63 9.57 69.45
CA GLY F 396 -143.33 10.00 69.00
C GLY F 396 -143.39 11.23 68.14
N THR F 397 -142.27 11.49 67.47
CA THR F 397 -142.11 12.63 66.58
C THR F 397 -142.12 12.16 65.13
N PHE F 398 -142.67 13.00 64.25
CA PHE F 398 -142.73 12.72 62.83
C PHE F 398 -142.23 13.93 62.05
N VAL F 399 -141.66 13.67 60.87
CA VAL F 399 -141.15 14.70 59.98
C VAL F 399 -142.22 14.95 58.93
N MET F 400 -142.71 16.20 58.86
CA MET F 400 -143.75 16.61 57.95
C MET F 400 -143.14 17.29 56.72
N ASP F 401 -143.93 17.38 55.65
CA ASP F 401 -143.48 18.11 54.48
C ASP F 401 -143.29 19.59 54.77
N ASP F 402 -143.91 20.12 55.81
CA ASP F 402 -143.73 21.52 56.17
C ASP F 402 -142.38 21.77 56.85
N GLY F 403 -141.62 20.72 57.18
CA GLY F 403 -140.36 20.87 57.88
C GLY F 403 -140.46 20.76 59.39
N ARG F 404 -141.66 20.64 59.93
CA ARG F 404 -141.85 20.54 61.38
C ARG F 404 -141.58 19.11 61.84
N LYS F 405 -140.77 18.97 62.89
CA LYS F 405 -140.60 17.69 63.58
C LYS F 405 -141.74 17.57 64.60
N ASN F 406 -142.94 17.35 64.06
CA ASN F 406 -144.16 17.43 64.83
C ASN F 406 -144.19 16.35 65.91
N HIS F 407 -144.28 16.78 67.17
CA HIS F 407 -144.43 15.87 68.31
C HIS F 407 -145.92 15.59 68.53
N VAL F 408 -146.35 14.39 68.14
CA VAL F 408 -147.78 14.07 68.01
C VAL F 408 -148.21 13.14 69.14
N PRO F 409 -149.50 13.06 69.47
CA PRO F 409 -149.95 12.12 70.51
C PRO F 409 -150.16 10.72 69.94
N ALA F 410 -150.55 9.80 70.83
CA ALA F 410 -150.72 8.40 70.46
C ALA F 410 -151.74 8.23 69.34
N TYR F 411 -152.80 9.04 69.31
CA TYR F 411 -153.85 8.77 68.33
C TYR F 411 -153.43 9.17 66.92
N MET F 412 -152.44 10.08 66.78
CA MET F 412 -151.88 10.31 65.46
C MET F 412 -151.08 9.11 65.00
N VAL F 413 -150.42 8.41 65.94
CA VAL F 413 -149.77 7.15 65.60
C VAL F 413 -150.82 6.11 65.19
N ALA F 414 -151.97 6.11 65.88
CA ALA F 414 -153.06 5.24 65.44
C ALA F 414 -153.51 5.59 64.03
N VAL F 415 -153.52 6.88 63.69
CA VAL F 415 -153.86 7.26 62.32
C VAL F 415 -152.82 6.70 61.36
N ALA F 416 -151.53 6.86 61.69
CA ALA F 416 -150.47 6.30 60.85
C ALA F 416 -150.65 4.79 60.67
N LEU F 417 -151.08 4.11 61.73
CA LEU F 417 -151.25 2.66 61.66
C LEU F 417 -152.45 2.31 60.80
N GLY F 418 -153.56 3.04 60.94
CA GLY F 418 -154.68 2.84 60.05
C GLY F 418 -154.32 3.07 58.60
N GLY F 419 -153.51 4.10 58.33
CA GLY F 419 -153.09 4.35 56.96
C GLY F 419 -152.19 3.26 56.41
N LEU F 420 -151.42 2.61 57.29
CA LEU F 420 -150.65 1.44 56.86
C LEU F 420 -151.57 0.25 56.59
N ALA F 421 -152.50 -0.02 57.50
CA ALA F 421 -153.46 -1.10 57.30
C ALA F 421 -154.23 -0.93 55.99
N SER F 422 -154.68 0.30 55.68
CA SER F 422 -155.40 0.51 54.44
C SER F 422 -154.50 0.24 53.24
N GLY F 423 -153.22 0.64 53.34
CA GLY F 423 -152.25 0.32 52.31
C GLY F 423 -152.05 -1.17 52.08
N LEU F 424 -152.35 -1.98 53.10
CA LEU F 424 -152.28 -3.43 52.95
C LEU F 424 -153.57 -3.96 52.32
N GLU F 425 -153.49 -5.17 51.78
CA GLU F 425 -154.62 -5.79 51.11
C GLU F 425 -155.47 -6.51 52.15
N ILE F 426 -156.39 -7.37 51.72
CA ILE F 426 -157.28 -8.07 52.65
C ILE F 426 -156.55 -9.25 53.28
N GLY F 427 -156.80 -9.44 54.56
CA GLY F 427 -156.23 -10.54 55.32
C GLY F 427 -154.75 -10.47 55.55
N GLU F 428 -154.17 -9.27 55.44
CA GLU F 428 -152.77 -9.05 55.79
C GLU F 428 -152.67 -8.45 57.18
N SER F 429 -151.53 -8.68 57.83
CA SER F 429 -151.27 -8.18 59.17
C SER F 429 -150.16 -7.13 59.15
N ILE F 430 -150.25 -6.17 60.08
CA ILE F 430 -149.27 -5.09 60.18
C ILE F 430 -148.15 -5.47 61.16
N THR F 431 -147.96 -6.77 61.39
CA THR F 431 -146.98 -7.22 62.37
C THR F 431 -145.58 -7.12 61.80
N PHE F 432 -144.64 -6.56 62.59
CA PHE F 432 -143.25 -6.39 62.17
C PHE F 432 -143.15 -5.58 60.87
N LYS F 433 -144.14 -4.65 60.61
CA LYS F 433 -143.99 -3.73 59.49
C LYS F 433 -143.30 -2.44 59.96
N PRO F 434 -142.56 -1.74 59.09
CA PRO F 434 -141.88 -0.54 59.57
C PRO F 434 -142.88 0.59 59.82
N LEU F 435 -142.49 1.49 60.73
CA LEU F 435 -143.34 2.64 61.06
C LEU F 435 -142.89 3.94 60.41
N ARG F 436 -141.62 4.03 60.01
CA ARG F 436 -141.07 5.23 59.37
C ARG F 436 -141.12 6.44 60.30
N VAL F 437 -141.03 6.22 61.61
CA VAL F 437 -141.06 7.32 62.57
C VAL F 437 -139.66 7.89 62.72
N SER F 438 -139.58 9.13 63.22
CA SER F 438 -138.29 9.74 63.50
C SER F 438 -137.76 9.32 64.87
N SER F 439 -138.61 9.41 65.90
CA SER F 439 -138.25 8.93 67.23
C SER F 439 -139.55 8.69 68.01
N LEU F 440 -139.39 8.17 69.22
CA LEU F 440 -140.51 7.80 70.10
C LEU F 440 -140.25 8.32 71.50
N ASP F 441 -141.30 8.83 72.14
CA ASP F 441 -141.15 9.35 73.50
C ASP F 441 -140.77 8.26 74.48
N GLN F 442 -141.37 7.07 74.33
CA GLN F 442 -141.14 5.94 75.21
C GLN F 442 -140.54 4.80 74.42
N ILE F 443 -139.41 4.28 74.89
CA ILE F 443 -138.75 3.12 74.31
C ILE F 443 -138.94 1.98 75.31
N TYR F 444 -139.84 1.06 75.00
CA TYR F 444 -140.20 -0.01 75.92
C TYR F 444 -139.21 -1.17 75.87
N GLU F 445 -138.93 -1.75 77.04
CA GLU F 445 -138.08 -2.94 77.09
C GLU F 445 -138.89 -4.17 76.71
N SER F 446 -138.20 -5.32 76.65
CA SER F 446 -138.84 -6.59 76.37
C SER F 446 -139.99 -6.89 77.34
N ILE F 447 -139.75 -6.71 78.64
CA ILE F 447 -140.81 -6.99 79.62
C ILE F 447 -142.00 -6.07 79.41
N ASP F 448 -141.76 -4.77 79.19
CA ASP F 448 -142.86 -3.83 79.01
C ASP F 448 -143.66 -4.16 77.76
N LEU F 449 -142.97 -4.49 76.67
CA LEU F 449 -143.66 -4.87 75.44
C LEU F 449 -144.48 -6.14 75.64
N ASP F 450 -143.91 -7.13 76.34
CA ASP F 450 -144.66 -8.35 76.62
C ASP F 450 -145.93 -8.06 77.42
N GLU F 451 -145.83 -7.20 78.43
CA GLU F 451 -147.01 -6.88 79.24
C GLU F 451 -148.05 -6.13 78.43
N LEU F 452 -147.61 -5.22 77.56
CA LEU F 452 -148.54 -4.50 76.70
C LEU F 452 -149.25 -5.43 75.74
N ASN F 453 -148.52 -6.38 75.17
CA ASN F 453 -149.11 -7.34 74.23
C ASN F 453 -150.07 -8.27 74.96
N GLU F 454 -149.68 -8.74 76.15
CA GLU F 454 -150.55 -9.63 76.93
C GLU F 454 -151.86 -8.96 77.30
N ASN F 455 -151.79 -7.71 77.74
CA ASN F 455 -152.99 -7.00 78.19
C ASN F 455 -153.88 -6.55 77.04
N GLY F 456 -153.42 -6.64 75.80
CA GLY F 456 -154.24 -6.30 74.65
C GLY F 456 -154.10 -4.87 74.19
N ILE F 457 -152.86 -4.36 74.17
CA ILE F 457 -152.55 -3.03 73.66
C ILE F 457 -151.44 -3.18 72.62
N ILE F 458 -151.58 -2.44 71.52
CA ILE F 458 -150.57 -2.44 70.47
C ILE F 458 -149.42 -1.54 70.91
N SER F 459 -148.20 -2.04 70.82
CA SER F 459 -146.98 -1.32 71.18
C SER F 459 -145.98 -1.37 70.03
N ILE F 460 -144.97 -0.50 70.11
CA ILE F 460 -144.00 -0.30 69.05
C ILE F 460 -142.61 -0.33 69.67
N GLU F 461 -141.72 -1.11 69.07
CA GLU F 461 -140.35 -1.32 69.56
C GLU F 461 -139.33 -0.69 68.65
N PHE F 462 -138.14 -0.48 69.19
CA PHE F 462 -137.00 0.08 68.47
C PHE F 462 -135.97 -1.03 68.31
N VAL F 463 -135.57 -1.31 67.07
CA VAL F 463 -134.72 -2.45 66.74
C VAL F 463 -133.28 -1.99 66.86
N ARG F 464 -132.62 -2.38 67.95
CA ARG F 464 -131.19 -2.16 68.13
C ARG F 464 -130.37 -3.41 67.83
N ASN F 465 -130.97 -4.48 67.30
CA ASN F 465 -130.17 -5.68 67.08
C ASN F 465 -129.17 -5.50 65.94
N ARG F 466 -129.54 -4.76 64.90
CA ARG F 466 -128.73 -4.58 63.71
C ARG F 466 -128.06 -3.21 63.73
N THR F 467 -127.15 -2.99 62.77
CA THR F 467 -126.53 -1.68 62.63
C THR F 467 -127.47 -0.68 61.96
N ASN F 468 -128.41 -1.18 61.15
CA ASN F 468 -129.42 -0.35 60.50
C ASN F 468 -130.69 -0.41 61.34
N THR F 469 -130.70 0.37 62.42
CA THR F 469 -131.81 0.34 63.36
C THR F 469 -133.06 0.96 62.73
N PHE F 470 -134.23 0.49 63.17
CA PHE F 470 -135.49 1.03 62.71
C PHE F 470 -136.59 0.67 63.70
N PHE F 471 -137.73 1.33 63.55
CA PHE F 471 -138.91 1.09 64.38
C PHE F 471 -139.91 0.24 63.61
N ARG F 472 -140.63 -0.60 64.35
CA ARG F 472 -141.61 -1.51 63.75
C ARG F 472 -142.67 -1.87 64.78
N ILE F 473 -143.80 -2.43 64.27
CA ILE F 473 -144.94 -2.81 65.10
C ILE F 473 -144.76 -4.24 65.56
N VAL F 474 -145.08 -4.51 66.83
CA VAL F 474 -144.85 -5.85 67.36
C VAL F 474 -146.05 -6.76 67.16
N ASP F 475 -147.26 -6.22 67.19
CA ASP F 475 -148.48 -7.00 67.05
C ASP F 475 -149.64 -6.07 66.76
N ASP F 476 -150.73 -6.67 66.28
CA ASP F 476 -151.98 -5.97 65.95
C ASP F 476 -153.16 -6.53 66.74
N VAL F 477 -152.92 -6.88 68.01
CA VAL F 477 -153.95 -7.50 68.82
C VAL F 477 -155.04 -6.48 69.12
N THR F 478 -156.27 -6.97 69.29
CA THR F 478 -157.39 -6.08 69.58
C THR F 478 -157.48 -5.83 71.08
N THR F 479 -158.45 -5.00 71.48
CA THR F 479 -158.64 -4.75 72.90
C THR F 479 -159.27 -5.95 73.61
N PHE F 480 -160.13 -6.69 72.90
CA PHE F 480 -160.65 -7.94 73.43
C PHE F 480 -159.49 -8.90 73.63
N ASN F 481 -159.13 -9.15 74.89
CA ASN F 481 -157.86 -9.79 75.19
C ASN F 481 -157.92 -11.31 75.16
N ASP F 482 -159.09 -11.92 75.00
CA ASP F 482 -159.19 -13.37 75.03
C ASP F 482 -158.54 -13.94 73.77
N LYS F 483 -157.36 -14.54 73.95
CA LYS F 483 -156.59 -15.05 72.81
C LYS F 483 -157.06 -16.43 72.34
N SER F 484 -157.70 -17.20 73.22
CA SER F 484 -158.33 -18.48 72.87
C SER F 484 -159.12 -18.43 71.56
N ASP F 485 -159.74 -17.30 71.26
CA ASP F 485 -160.51 -17.08 70.04
C ASP F 485 -159.72 -16.16 69.11
N PRO F 486 -159.01 -16.68 68.09
CA PRO F 486 -158.19 -15.77 67.27
C PRO F 486 -158.99 -14.80 66.42
N VAL F 487 -160.19 -15.19 65.95
CA VAL F 487 -161.03 -14.31 65.14
C VAL F 487 -161.12 -12.93 65.78
N LYS F 488 -161.61 -12.88 67.02
CA LYS F 488 -161.75 -11.61 67.73
C LYS F 488 -160.39 -11.01 68.05
N ALA F 489 -159.44 -11.85 68.50
CA ALA F 489 -158.17 -11.29 68.97
C ALA F 489 -157.35 -10.70 67.82
N GLU F 490 -157.32 -11.38 66.67
CA GLU F 490 -156.47 -10.98 65.56
C GLU F 490 -157.22 -10.01 64.66
N MET F 491 -156.58 -8.91 64.28
CA MET F 491 -157.22 -7.93 63.41
C MET F 491 -157.28 -8.42 61.97
N ALA F 492 -156.24 -9.11 61.51
CA ALA F 492 -156.23 -9.60 60.13
C ALA F 492 -157.30 -10.65 59.91
N VAL F 493 -157.44 -11.58 60.86
CA VAL F 493 -158.46 -12.63 60.72
C VAL F 493 -159.86 -12.02 60.71
N GLY F 494 -160.15 -11.13 61.66
CA GLY F 494 -161.46 -10.51 61.68
C GLY F 494 -161.72 -9.65 60.46
N GLU F 495 -160.65 -9.06 59.89
CA GLU F 495 -160.79 -8.31 58.66
C GLU F 495 -161.15 -9.23 57.50
N ALA F 496 -160.39 -10.31 57.32
CA ALA F 496 -160.68 -11.26 56.25
C ALA F 496 -162.07 -11.84 56.39
N ASN F 497 -162.52 -12.07 57.62
CA ASN F 497 -163.83 -12.68 57.82
C ASN F 497 -164.92 -11.70 57.43
N ASP F 498 -164.80 -10.45 57.90
CA ASP F 498 -165.82 -9.44 57.63
C ASP F 498 -165.91 -9.13 56.14
N PHE F 499 -164.76 -9.04 55.45
CA PHE F 499 -164.82 -8.72 54.02
C PHE F 499 -165.42 -9.88 53.23
N LEU F 500 -164.97 -11.11 53.52
CA LEU F 500 -165.53 -12.29 52.88
C LEU F 500 -167.05 -12.37 53.08
N VAL F 501 -167.51 -12.25 54.33
CA VAL F 501 -168.93 -12.40 54.61
C VAL F 501 -169.72 -11.33 53.88
N SER F 502 -169.33 -10.05 54.03
CA SER F 502 -170.09 -8.96 53.45
C SER F 502 -170.12 -9.06 51.93
N GLU F 503 -169.00 -9.43 51.31
CA GLU F 503 -169.01 -9.55 49.85
C GLU F 503 -169.87 -10.72 49.41
N LEU F 504 -169.77 -11.85 50.10
CA LEU F 504 -170.60 -13.00 49.76
C LEU F 504 -172.08 -12.72 49.99
N LYS F 505 -172.40 -11.89 50.99
CA LYS F 505 -173.79 -11.62 51.28
C LYS F 505 -174.39 -10.67 50.26
N VAL F 506 -173.62 -9.66 49.85
CA VAL F 506 -174.10 -8.72 48.85
C VAL F 506 -174.29 -9.43 47.52
N GLN F 507 -173.29 -10.22 47.11
CA GLN F 507 -173.33 -10.88 45.80
C GLN F 507 -174.47 -11.89 45.73
N LEU F 508 -174.68 -12.65 46.79
CA LEU F 508 -175.79 -13.60 46.82
C LEU F 508 -177.12 -12.88 46.83
N GLU F 509 -177.20 -11.75 47.55
CA GLU F 509 -178.46 -11.01 47.59
C GLU F 509 -178.78 -10.43 46.22
N ASP F 510 -177.76 -9.94 45.52
CA ASP F 510 -177.97 -9.34 44.20
C ASP F 510 -178.29 -10.41 43.16
N GLN F 511 -177.62 -11.56 43.22
CA GLN F 511 -177.71 -12.50 42.10
C GLN F 511 -178.95 -13.39 42.17
N PHE F 512 -179.14 -14.10 43.28
CA PHE F 512 -179.98 -15.30 43.28
C PHE F 512 -181.40 -15.07 43.78
N ILE F 513 -181.62 -14.12 44.69
CA ILE F 513 -182.98 -13.79 45.09
C ILE F 513 -183.77 -13.32 43.88
N GLY F 514 -184.99 -13.84 43.75
CA GLY F 514 -185.86 -13.51 42.64
C GLY F 514 -185.65 -14.36 41.41
N THR F 515 -184.65 -15.23 41.38
CA THR F 515 -184.45 -16.17 40.29
C THR F 515 -185.32 -17.41 40.53
N ARG F 516 -185.75 -18.04 39.42
CA ARG F 516 -186.65 -19.17 39.52
C ARG F 516 -185.99 -20.32 40.26
N THR F 517 -186.84 -21.18 40.82
CA THR F 517 -186.45 -22.39 41.56
C THR F 517 -186.43 -23.58 40.63
N ILE F 518 -185.71 -23.44 39.51
CA ILE F 518 -185.64 -24.51 38.52
C ILE F 518 -184.75 -25.62 39.06
N ASN F 519 -184.73 -26.78 38.39
CA ASN F 519 -183.92 -27.89 38.88
C ASN F 519 -182.43 -27.56 38.86
N THR F 520 -181.99 -26.80 37.87
CA THR F 520 -180.60 -26.38 37.74
C THR F 520 -180.21 -25.22 38.65
N SER F 521 -181.12 -24.72 39.49
CA SER F 521 -180.78 -23.59 40.36
C SER F 521 -179.70 -23.99 41.36
N ALA F 522 -179.92 -25.09 42.09
CA ALA F 522 -178.92 -25.63 43.00
C ALA F 522 -177.57 -25.83 42.32
N SER F 523 -177.57 -26.38 41.10
CA SER F 523 -176.29 -26.58 40.43
C SER F 523 -175.62 -25.25 40.09
N ILE F 524 -176.41 -24.25 39.69
CA ILE F 524 -175.86 -22.95 39.35
C ILE F 524 -175.30 -22.28 40.59
N ILE F 525 -176.02 -22.40 41.70
CA ILE F 525 -175.57 -21.81 42.96
C ILE F 525 -174.26 -22.43 43.37
N LYS F 526 -174.14 -23.76 43.25
CA LYS F 526 -172.92 -24.42 43.70
C LYS F 526 -171.76 -24.06 42.79
N ASP F 527 -172.02 -23.88 41.49
CA ASP F 527 -170.98 -23.41 40.58
C ASP F 527 -170.52 -22.01 40.95
N PHE F 528 -171.47 -21.12 41.26
CA PHE F 528 -171.13 -19.74 41.58
C PHE F 528 -170.29 -19.67 42.85
N ILE F 529 -170.72 -20.39 43.90
CA ILE F 529 -169.96 -20.46 45.14
C ILE F 529 -168.54 -20.95 44.87
N GLN F 530 -168.40 -22.07 44.15
CA GLN F 530 -167.07 -22.62 43.86
C GLN F 530 -166.22 -21.62 43.09
N SER F 531 -166.82 -20.90 42.14
CA SER F 531 -166.07 -19.89 41.39
C SER F 531 -165.68 -18.72 42.29
N TYR F 532 -166.54 -18.36 43.26
CA TYR F 532 -166.19 -17.27 44.16
C TYR F 532 -165.08 -17.68 45.13
N LEU F 533 -165.16 -18.90 45.64
CA LEU F 533 -164.13 -19.38 46.55
C LEU F 533 -162.83 -19.67 45.83
N GLY F 534 -162.89 -20.12 44.58
CA GLY F 534 -161.67 -20.35 43.83
C GLY F 534 -161.00 -19.05 43.42
N ARG F 535 -161.79 -17.99 43.23
CA ARG F 535 -161.22 -16.69 42.94
C ARG F 535 -160.57 -16.08 44.17
N LYS F 536 -161.22 -16.23 45.33
CA LYS F 536 -160.65 -15.73 46.58
C LYS F 536 -159.35 -16.46 46.92
N LYS F 537 -159.30 -17.77 46.65
CA LYS F 537 -158.08 -18.53 46.87
C LYS F 537 -156.98 -18.07 45.93
N ARG F 538 -157.34 -17.73 44.69
CA ARG F 538 -156.36 -17.18 43.75
C ARG F 538 -155.72 -15.91 44.28
N ASP F 539 -156.53 -15.00 44.85
CA ASP F 539 -155.98 -13.78 45.41
C ASP F 539 -155.29 -13.98 46.77
N ASN F 540 -155.37 -15.18 47.35
CA ASN F 540 -154.80 -15.51 48.66
C ASN F 540 -155.54 -14.81 49.80
N GLU F 541 -156.81 -14.46 49.61
CA GLU F 541 -157.60 -13.95 50.72
C GLU F 541 -158.05 -15.06 51.65
N ILE F 542 -158.04 -16.31 51.19
CA ILE F 542 -158.35 -17.48 52.00
C ILE F 542 -157.34 -18.57 51.67
N GLN F 543 -157.09 -19.43 52.66
CA GLN F 543 -156.04 -20.44 52.51
C GLN F 543 -156.47 -21.53 51.52
N ASP F 544 -157.54 -22.24 51.84
CA ASP F 544 -158.01 -23.36 51.02
C ASP F 544 -159.44 -23.67 51.42
N PHE F 545 -160.13 -24.43 50.59
CA PHE F 545 -161.48 -24.91 50.90
C PHE F 545 -161.70 -26.24 50.21
N PRO F 546 -162.47 -27.17 50.81
CA PRO F 546 -162.84 -28.40 50.07
C PRO F 546 -163.99 -28.13 49.11
N ALA F 547 -163.69 -28.17 47.82
CA ALA F 547 -164.71 -27.91 46.80
C ALA F 547 -165.77 -29.01 46.73
N GLU F 548 -165.49 -30.20 47.27
CA GLU F 548 -166.48 -31.26 47.25
C GLU F 548 -167.54 -31.08 48.33
N ASP F 549 -167.24 -30.37 49.42
CA ASP F 549 -168.16 -30.24 50.55
C ASP F 549 -169.11 -29.05 50.42
N VAL F 550 -169.33 -28.54 49.20
CA VAL F 550 -170.22 -27.40 49.00
C VAL F 550 -171.59 -27.99 48.68
N GLN F 551 -172.37 -28.24 49.74
CA GLN F 551 -173.66 -28.91 49.65
C GLN F 551 -174.77 -27.87 49.66
N VAL F 552 -175.44 -27.72 48.52
CA VAL F 552 -176.59 -26.84 48.35
C VAL F 552 -177.87 -27.67 48.41
N ILE F 553 -178.83 -27.21 49.21
CA ILE F 553 -180.17 -27.79 49.32
C ILE F 553 -181.16 -26.69 48.98
N VAL F 554 -182.17 -27.04 48.18
CA VAL F 554 -183.18 -26.11 47.70
C VAL F 554 -184.56 -26.67 48.06
N GLU F 555 -185.44 -25.79 48.56
CA GLU F 555 -186.81 -26.18 48.89
C GLU F 555 -187.65 -24.91 48.95
N GLY F 556 -188.59 -24.78 48.00
CA GLY F 556 -189.46 -23.61 47.96
C GLY F 556 -188.68 -22.33 47.85
N ASN F 557 -189.10 -21.32 48.63
CA ASN F 557 -188.43 -20.02 48.58
C ASN F 557 -187.07 -20.03 49.26
N GLU F 558 -186.79 -21.03 50.10
CA GLU F 558 -185.57 -21.06 50.89
C GLU F 558 -184.48 -21.84 50.17
N ALA F 559 -183.23 -21.38 50.34
CA ALA F 559 -182.04 -22.04 49.82
C ALA F 559 -181.08 -22.24 50.99
N ARG F 560 -180.81 -23.50 51.32
CA ARG F 560 -179.92 -23.85 52.41
C ARG F 560 -178.55 -24.23 51.84
N ILE F 561 -177.51 -23.52 52.27
CA ILE F 561 -176.16 -23.63 51.73
C ILE F 561 -175.22 -23.93 52.90
N SER F 562 -174.30 -24.86 52.68
CA SER F 562 -173.28 -25.23 53.65
C SER F 562 -171.94 -25.35 52.95
N MET F 563 -170.89 -24.84 53.60
CA MET F 563 -169.56 -24.84 53.02
C MET F 563 -168.51 -24.81 54.12
N THR F 564 -167.27 -25.12 53.73
CA THR F 564 -166.13 -25.07 54.63
C THR F 564 -165.06 -24.19 54.00
N VAL F 565 -164.36 -23.43 54.84
CA VAL F 565 -163.26 -22.58 54.39
C VAL F 565 -162.16 -22.67 55.45
N TYR F 566 -160.91 -22.78 55.00
CA TYR F 566 -159.76 -22.64 55.90
C TYR F 566 -159.25 -21.20 55.84
N PRO F 567 -159.31 -20.43 56.93
CA PRO F 567 -158.96 -19.02 56.82
C PRO F 567 -157.46 -18.79 56.68
N ILE F 568 -157.12 -17.72 55.95
CA ILE F 568 -155.73 -17.34 55.81
C ILE F 568 -155.25 -16.80 57.15
N ARG F 569 -154.12 -17.31 57.63
CA ARG F 569 -153.56 -16.92 58.92
C ARG F 569 -152.20 -16.28 58.68
N SER F 570 -151.62 -15.67 59.72
CA SER F 570 -150.29 -15.08 59.65
C SER F 570 -149.39 -15.67 60.71
N PHE F 571 -148.20 -16.13 60.30
CA PHE F 571 -147.21 -16.67 61.22
C PHE F 571 -146.85 -15.64 62.29
N LYS F 572 -146.73 -16.11 63.52
CA LYS F 572 -146.26 -15.28 64.63
C LYS F 572 -145.41 -16.06 65.62
N LYS F 573 -145.06 -17.31 65.35
CA LYS F 573 -144.10 -18.03 66.17
C LYS F 573 -143.48 -19.13 65.35
N ILE F 574 -142.16 -19.30 65.48
CA ILE F 574 -141.40 -20.30 64.75
C ILE F 574 -140.58 -21.08 65.76
N SER F 575 -140.64 -22.41 65.67
CA SER F 575 -139.84 -23.30 66.51
C SER F 575 -138.90 -24.12 65.64
N VAL F 576 -137.65 -24.23 66.08
CA VAL F 576 -136.60 -24.94 65.36
C VAL F 576 -135.97 -25.91 66.34
N SER F 577 -136.17 -27.21 66.11
CA SER F 577 -135.55 -28.25 66.93
C SER F 577 -134.26 -28.73 66.26
N LEU F 578 -133.25 -27.85 66.33
CA LEU F 578 -131.94 -28.21 65.78
C LEU F 578 -131.33 -29.35 66.59
N VAL F 579 -130.75 -30.31 65.88
CA VAL F 579 -130.07 -31.45 66.50
C VAL F 579 -128.72 -31.61 65.81
N TYR F 580 -127.68 -31.86 66.61
CA TYR F 580 -126.32 -32.06 66.10
C TYR F 580 -125.99 -33.55 66.06
N LYS F 581 -125.29 -33.96 65.01
CA LYS F 581 -124.90 -35.35 64.80
C LYS F 581 -123.44 -35.41 64.34
N GLN F 582 -122.88 -36.62 64.37
CA GLN F 582 -121.51 -36.89 63.98
C GLN F 582 -121.49 -37.72 62.70
N GLN F 583 -120.64 -37.32 61.75
CA GLN F 583 -120.49 -38.00 60.47
C GLN F 583 -119.05 -38.48 60.33
N THR F 584 -118.87 -39.78 60.07
CA THR F 584 -117.54 -40.38 59.90
C THR F 584 -117.16 -40.39 58.43
N LEU F 585 -115.97 -39.85 58.12
CA LEU F 585 -115.45 -39.81 56.76
C LEU F 585 -114.43 -40.91 56.53
N GLN F 586 -114.48 -41.51 55.34
CA GLN F 586 -113.51 -42.51 54.90
C GLN F 586 -112.74 -41.99 53.69
N ALA F 587 -111.41 -41.98 53.80
CA ALA F 587 -110.49 -41.49 52.77
C ALA F 587 -110.91 -40.13 52.19
N VAL G 3 -210.14 -34.78 9.04
CA VAL G 3 -210.04 -35.40 7.68
C VAL G 3 -211.05 -34.71 6.77
N GLU G 4 -210.71 -34.61 5.49
CA GLU G 4 -211.56 -33.97 4.49
C GLU G 4 -211.26 -34.67 3.18
N PRO G 5 -212.11 -35.61 2.74
CA PRO G 5 -211.80 -36.34 1.51
C PRO G 5 -211.83 -35.42 0.29
N PHE G 6 -211.17 -35.87 -0.77
CA PHE G 6 -211.15 -35.16 -2.05
C PHE G 6 -211.72 -36.07 -3.14
N PRO G 7 -212.87 -35.74 -3.77
CA PRO G 7 -213.85 -34.67 -3.53
C PRO G 7 -214.73 -34.96 -2.32
N ARG G 8 -215.41 -33.94 -1.79
CA ARG G 8 -216.24 -34.18 -0.61
C ARG G 8 -217.47 -35.01 -0.96
N ARG G 9 -218.05 -34.80 -2.14
CA ARG G 9 -219.23 -35.57 -2.54
C ARG G 9 -218.79 -36.95 -3.04
N PRO G 10 -219.46 -38.04 -2.64
CA PRO G 10 -219.10 -39.35 -3.17
C PRO G 10 -219.36 -39.44 -4.67
N ILE G 11 -218.61 -40.34 -5.31
CA ILE G 11 -218.82 -40.70 -6.70
C ILE G 11 -218.93 -42.22 -6.76
N THR G 12 -219.90 -42.72 -7.54
CA THR G 12 -220.21 -44.14 -7.55
C THR G 12 -219.50 -44.92 -8.66
N ARG G 13 -219.14 -44.27 -9.77
CA ARG G 13 -218.48 -44.97 -10.86
C ARG G 13 -217.10 -45.39 -10.41
N PRO G 14 -216.42 -46.29 -11.14
CA PRO G 14 -215.01 -46.56 -10.84
C PRO G 14 -214.17 -45.29 -10.90
N HIS G 15 -213.32 -45.12 -9.90
CA HIS G 15 -212.55 -43.88 -9.72
C HIS G 15 -211.45 -44.16 -8.72
N ALA G 16 -210.71 -43.11 -8.35
CA ALA G 16 -209.78 -43.15 -7.22
C ALA G 16 -210.23 -42.14 -6.16
N SER G 17 -210.18 -42.57 -4.89
CA SER G 17 -210.63 -41.79 -3.76
C SER G 17 -209.44 -41.45 -2.87
N ILE G 18 -209.32 -40.18 -2.50
CA ILE G 18 -208.23 -39.67 -1.69
C ILE G 18 -208.80 -39.20 -0.36
N GLU G 19 -208.10 -39.50 0.72
CA GLU G 19 -208.41 -38.96 2.04
C GLU G 19 -207.15 -38.32 2.61
N VAL G 20 -207.30 -37.11 3.15
CA VAL G 20 -206.19 -36.30 3.63
C VAL G 20 -206.49 -35.90 5.07
N ASP G 21 -205.49 -36.05 5.93
CA ASP G 21 -205.54 -35.66 7.34
C ASP G 21 -204.56 -34.52 7.56
N THR G 22 -205.05 -33.38 8.02
CA THR G 22 -204.25 -32.18 8.21
C THR G 22 -204.09 -31.83 9.69
N SER G 23 -204.13 -32.82 10.58
CA SER G 23 -203.93 -32.60 12.00
C SER G 23 -202.49 -32.96 12.38
N GLY G 24 -202.00 -32.27 13.40
CA GLY G 24 -200.66 -32.42 13.93
C GLY G 24 -199.63 -31.46 13.35
N ILE G 25 -199.78 -31.09 12.09
CA ILE G 25 -198.87 -30.12 11.47
C ILE G 25 -199.19 -28.70 11.96
N GLY G 26 -200.45 -28.44 12.29
CA GLY G 26 -200.83 -27.15 12.83
C GLY G 26 -201.96 -27.28 13.84
N SER G 32 -198.48 -17.92 25.12
CA SER G 32 -199.56 -17.04 25.55
C SER G 32 -199.07 -15.61 25.74
N GLU G 33 -199.95 -14.64 25.47
CA GLU G 33 -199.62 -13.23 25.62
C GLU G 33 -200.12 -12.71 26.96
N LYS G 34 -199.42 -11.68 27.46
CA LYS G 34 -199.79 -10.97 28.68
C LYS G 34 -199.98 -9.51 28.34
N VAL G 35 -201.07 -8.92 28.83
CA VAL G 35 -201.47 -7.56 28.49
C VAL G 35 -201.74 -6.77 29.77
N PHE G 36 -201.34 -5.50 29.77
CA PHE G 36 -201.51 -4.59 30.89
C PHE G 36 -202.52 -3.51 30.51
N CYS G 37 -203.50 -3.29 31.40
CA CYS G 37 -204.61 -2.39 31.16
C CYS G 37 -204.38 -1.05 31.86
N LEU G 38 -205.10 -0.03 31.41
CA LEU G 38 -205.02 1.29 32.00
C LEU G 38 -206.36 1.99 31.85
N ILE G 39 -206.76 2.74 32.88
CA ILE G 39 -207.94 3.60 32.82
C ILE G 39 -207.54 4.97 33.38
N GLY G 40 -208.07 6.03 32.78
CA GLY G 40 -207.65 7.36 33.15
C GLY G 40 -208.45 8.43 32.43
N GLN G 41 -207.87 9.63 32.40
CA GLN G 41 -208.42 10.77 31.68
C GLN G 41 -207.39 11.26 30.65
N ALA G 42 -207.90 11.88 29.60
CA ALA G 42 -207.05 12.34 28.49
C ALA G 42 -207.84 13.38 27.69
N GLU G 43 -207.15 14.01 26.74
CA GLU G 43 -207.75 15.02 25.87
C GLU G 43 -208.22 14.42 24.56
N GLY G 44 -208.68 13.18 24.56
CA GLY G 44 -209.08 12.55 23.31
C GLY G 44 -209.35 11.07 23.46
N GLY G 45 -210.11 10.51 22.54
CA GLY G 45 -210.60 9.15 22.67
C GLY G 45 -212.08 9.12 22.97
N GLU G 46 -212.75 8.05 22.53
CA GLU G 46 -214.18 7.90 22.73
C GLU G 46 -214.46 7.39 24.14
N PRO G 47 -215.67 7.59 24.66
CA PRO G 47 -215.97 7.06 25.98
C PRO G 47 -216.43 5.62 25.94
N ASN G 48 -216.14 4.89 27.01
CA ASN G 48 -216.63 3.53 27.21
C ASN G 48 -216.08 2.55 26.18
N THR G 49 -214.93 2.88 25.58
CA THR G 49 -214.37 2.13 24.46
C THR G 49 -213.02 1.54 24.85
N VAL G 50 -212.85 0.26 24.56
CA VAL G 50 -211.59 -0.44 24.82
C VAL G 50 -210.71 -0.26 23.59
N TYR G 51 -209.64 0.51 23.74
CA TYR G 51 -208.70 0.76 22.65
C TYR G 51 -207.42 -0.03 22.89
N GLU G 52 -206.99 -0.76 21.87
CA GLU G 52 -205.73 -1.50 21.92
C GLU G 52 -204.62 -0.63 21.33
N LEU G 53 -203.48 -0.61 22.03
CA LEU G 53 -202.35 0.22 21.65
C LEU G 53 -201.11 -0.65 21.43
N ARG G 54 -200.38 -0.35 20.37
CA ARG G 54 -199.10 -0.99 20.10
C ARG G 54 -197.96 0.00 19.97
N ASN G 55 -198.19 1.13 19.32
CA ASN G 55 -197.17 2.14 19.06
C ASN G 55 -197.40 3.38 19.93
N TYR G 56 -196.31 4.01 20.35
CA TYR G 56 -196.45 5.29 21.05
C TYR G 56 -197.11 6.34 20.18
N SER G 57 -196.78 6.35 18.89
CA SER G 57 -197.41 7.31 17.98
C SER G 57 -198.92 7.08 17.90
N GLN G 58 -199.34 5.83 17.95
CA GLN G 58 -200.78 5.54 17.89
C GLN G 58 -201.48 6.08 19.12
N ALA G 59 -200.87 5.90 20.29
CA ALA G 59 -201.47 6.41 21.51
C ALA G 59 -201.56 7.93 21.50
N LYS G 60 -200.50 8.60 21.05
CA LYS G 60 -200.53 10.06 21.00
C LYS G 60 -201.60 10.56 20.03
N ARG G 61 -201.69 9.95 18.86
CA ARG G 61 -202.67 10.39 17.87
C ARG G 61 -204.09 10.18 18.38
N LEU G 62 -204.35 9.03 18.99
CA LEU G 62 -205.67 8.77 19.55
C LEU G 62 -205.85 9.57 20.83
N PHE G 63 -205.10 9.23 21.87
CA PHE G 63 -205.14 9.99 23.12
C PHE G 63 -204.24 11.21 22.92
N ARG G 64 -204.85 12.39 22.74
CA ARG G 64 -204.08 13.57 22.33
C ARG G 64 -203.05 13.95 23.38
N SER G 65 -203.48 14.08 24.63
CA SER G 65 -202.62 14.48 25.73
C SER G 65 -203.30 14.08 27.02
N GLY G 66 -202.62 14.33 28.14
CA GLY G 66 -203.21 14.17 29.47
C GLY G 66 -202.44 13.16 30.30
N GLU G 67 -203.04 12.77 31.42
CA GLU G 67 -202.35 11.86 32.34
C GLU G 67 -202.25 10.46 31.78
N LEU G 68 -203.23 10.03 30.98
CA LEU G 68 -203.25 8.65 30.52
C LEU G 68 -202.13 8.39 29.52
N LEU G 69 -201.86 9.34 28.62
CA LEU G 69 -200.75 9.17 27.69
C LEU G 69 -199.42 9.11 28.44
N ASP G 70 -199.27 9.93 29.48
CA ASP G 70 -198.07 9.85 30.32
C ASP G 70 -197.98 8.50 31.01
N ALA G 71 -199.13 7.96 31.43
CA ALA G 71 -199.12 6.66 32.08
C ALA G 71 -198.64 5.57 31.14
N ILE G 72 -199.13 5.59 29.89
CA ILE G 72 -198.70 4.65 28.88
C ILE G 72 -197.20 4.78 28.65
N GLU G 73 -196.72 6.02 28.48
CA GLU G 73 -195.30 6.26 28.26
C GLU G 73 -194.46 5.71 29.41
N LEU G 74 -194.92 5.92 30.65
CA LEU G 74 -194.21 5.37 31.79
C LEU G 74 -194.24 3.85 31.78
N ALA G 75 -195.38 3.26 31.41
CA ALA G 75 -195.47 1.80 31.38
C ALA G 75 -194.51 1.19 30.36
N TRP G 76 -194.43 1.79 29.16
CA TRP G 76 -193.50 1.28 28.15
C TRP G 76 -192.06 1.68 28.43
N GLY G 77 -191.83 2.70 29.27
CA GLY G 77 -190.49 3.10 29.61
C GLY G 77 -189.91 2.44 30.85
N SER G 78 -190.71 1.63 31.54
CA SER G 78 -190.30 0.96 32.76
C SER G 78 -189.72 -0.43 32.50
N ASN G 79 -189.55 -0.83 31.23
CA ASN G 79 -188.92 -2.10 30.87
C ASN G 79 -187.96 -1.88 29.71
N PRO G 80 -186.76 -1.34 29.97
CA PRO G 80 -185.85 -1.06 28.85
C PRO G 80 -185.39 -2.31 28.14
N ASN G 81 -185.18 -3.40 28.88
CA ASN G 81 -184.72 -4.64 28.28
C ASN G 81 -185.82 -5.39 27.53
N TYR G 82 -187.04 -5.40 28.06
CA TYR G 82 -188.08 -6.28 27.57
C TYR G 82 -188.92 -5.59 26.48
N THR G 83 -189.67 -6.41 25.74
CA THR G 83 -190.44 -5.90 24.62
C THR G 83 -191.66 -5.10 25.09
N ALA G 84 -192.05 -4.15 24.26
CA ALA G 84 -193.22 -3.29 24.53
C ALA G 84 -194.47 -4.05 24.14
N GLY G 85 -195.14 -4.66 25.14
CA GLY G 85 -196.32 -5.45 24.89
C GLY G 85 -197.57 -4.59 24.69
N ARG G 86 -198.58 -5.19 24.05
CA ARG G 86 -199.84 -4.49 23.80
C ARG G 86 -200.48 -4.07 25.11
N ILE G 87 -201.03 -2.85 25.11
CA ILE G 87 -201.64 -2.24 26.28
C ILE G 87 -203.03 -1.75 25.90
N LEU G 88 -203.99 -1.89 26.82
CA LEU G 88 -205.36 -1.47 26.65
C LEU G 88 -205.62 -0.19 27.43
N ALA G 89 -206.36 0.74 26.84
CA ALA G 89 -206.63 2.03 27.44
C ALA G 89 -208.11 2.36 27.34
N MET G 90 -208.58 3.23 28.22
CA MET G 90 -209.97 3.65 28.23
C MET G 90 -210.08 5.00 28.91
N ARG G 91 -211.05 5.79 28.45
CA ARG G 91 -211.33 7.11 28.98
C ARG G 91 -212.58 7.06 29.85
N ILE G 92 -212.44 7.52 31.10
CA ILE G 92 -213.60 7.58 32.00
C ILE G 92 -214.56 8.68 31.57
N GLU G 93 -214.03 9.79 31.04
CA GLU G 93 -214.86 10.96 30.74
C GLU G 93 -215.87 10.63 29.64
N ASP G 94 -217.11 11.05 29.86
CA ASP G 94 -218.20 10.81 28.90
C ASP G 94 -218.23 11.92 27.83
N ALA G 95 -217.11 12.07 27.12
CA ALA G 95 -216.99 13.16 26.16
C ALA G 95 -217.96 12.97 24.99
N LYS G 96 -218.17 14.06 24.25
CA LYS G 96 -219.00 14.07 23.05
C LYS G 96 -218.34 14.98 22.02
N PRO G 97 -218.60 14.76 20.72
CA PRO G 97 -217.89 15.55 19.71
C PRO G 97 -218.59 16.85 19.40
N ALA G 98 -217.81 17.78 18.84
CA ALA G 98 -218.38 19.04 18.39
C ALA G 98 -219.13 18.86 17.07
N SER G 99 -220.19 19.65 16.89
CA SER G 99 -220.99 19.61 15.69
C SER G 99 -221.64 20.98 15.48
N ALA G 100 -222.03 21.25 14.24
CA ALA G 100 -222.73 22.47 13.87
C ALA G 100 -223.89 22.14 12.97
N GLU G 101 -225.09 22.63 13.33
CA GLU G 101 -226.27 22.51 12.48
C GLU G 101 -226.42 23.78 11.62
N ILE G 102 -225.38 24.04 10.85
CA ILE G 102 -225.29 25.21 9.97
C ILE G 102 -225.78 24.82 8.58
N GLY G 103 -226.55 25.71 7.96
CA GLY G 103 -227.16 25.44 6.67
C GLY G 103 -227.99 24.17 6.71
N GLY G 104 -228.05 23.50 5.56
CA GLY G 104 -228.67 22.21 5.40
C GLY G 104 -227.81 21.02 5.73
N LEU G 105 -226.58 21.24 6.20
CA LEU G 105 -225.62 20.18 6.48
C LEU G 105 -225.33 20.10 7.96
N LYS G 106 -225.36 18.87 8.50
CA LYS G 106 -225.02 18.62 9.90
C LYS G 106 -223.53 18.29 9.95
N ILE G 107 -222.72 19.34 10.15
CA ILE G 107 -221.27 19.15 10.25
C ILE G 107 -220.97 18.50 11.59
N THR G 108 -220.13 17.46 11.58
CA THR G 108 -219.78 16.72 12.78
C THR G 108 -218.29 16.45 12.75
N SER G 109 -217.68 16.40 13.94
CA SER G 109 -216.26 16.17 14.12
C SER G 109 -216.01 14.81 14.75
N LYS G 110 -214.86 14.20 14.40
CA LYS G 110 -214.53 12.89 14.94
C LYS G 110 -214.03 12.98 16.39
N ILE G 111 -213.24 14.00 16.69
CA ILE G 111 -212.59 14.09 18.00
C ILE G 111 -213.64 14.34 19.07
N TYR G 112 -213.43 13.73 20.24
CA TYR G 112 -214.32 13.86 21.40
C TYR G 112 -213.71 14.80 22.43
N GLY G 113 -214.40 15.91 22.70
CA GLY G 113 -213.98 16.87 23.71
C GLY G 113 -214.20 18.31 23.29
N ASN G 114 -213.75 19.23 24.13
CA ASN G 114 -213.89 20.67 23.91
C ASN G 114 -212.89 21.19 22.88
N VAL G 115 -211.84 20.45 22.56
CA VAL G 115 -210.88 20.90 21.56
C VAL G 115 -211.53 20.94 20.18
N ALA G 116 -212.51 20.08 19.92
CA ALA G 116 -213.14 20.04 18.61
C ALA G 116 -213.88 21.34 18.30
N ASN G 117 -214.27 22.11 19.33
CA ASN G 117 -214.99 23.36 19.09
C ASN G 117 -214.18 24.34 18.25
N ASN G 118 -212.85 24.26 18.29
CA ASN G 118 -212.01 25.17 17.51
C ASN G 118 -212.13 24.97 16.02
N ILE G 119 -212.69 23.84 15.56
CA ILE G 119 -212.81 23.55 14.14
C ILE G 119 -213.59 24.67 13.46
N GLN G 120 -213.16 25.02 12.25
CA GLN G 120 -213.83 26.00 11.39
C GLN G 120 -214.09 25.38 10.02
N VAL G 121 -215.32 25.49 9.53
CA VAL G 121 -215.75 24.87 8.28
C VAL G 121 -216.56 25.89 7.49
N GLY G 122 -216.24 26.01 6.21
CA GLY G 122 -216.90 26.94 5.30
C GLY G 122 -216.80 26.47 3.88
N LEU G 123 -217.62 27.08 3.01
CA LEU G 123 -217.72 26.67 1.61
C LEU G 123 -217.66 27.86 0.67
N GLU G 124 -217.16 27.59 -0.55
CA GLU G 124 -217.09 28.58 -1.62
C GLU G 124 -217.45 27.87 -2.91
N LYS G 125 -217.28 28.54 -4.05
CA LYS G 125 -217.67 27.95 -5.34
C LYS G 125 -216.82 28.55 -6.44
N ASN G 126 -216.46 27.72 -7.42
CA ASN G 126 -215.70 28.15 -8.60
C ASN G 126 -216.61 28.10 -9.82
N THR G 127 -216.80 29.26 -10.46
CA THR G 127 -217.71 29.37 -11.60
C THR G 127 -217.09 28.91 -12.92
N LEU G 128 -215.77 28.68 -12.96
CA LEU G 128 -215.17 28.19 -14.19
C LEU G 128 -215.64 26.77 -14.49
N SER G 129 -215.50 25.87 -13.53
CA SER G 129 -215.96 24.49 -13.65
C SER G 129 -217.35 24.28 -13.04
N ASP G 130 -217.97 25.34 -12.51
CA ASP G 130 -219.33 25.26 -11.97
C ASP G 130 -219.41 24.21 -10.85
N SER G 131 -218.49 24.33 -9.89
CA SER G 131 -218.32 23.33 -8.85
C SER G 131 -218.02 24.01 -7.53
N LEU G 132 -218.52 23.42 -6.44
CA LEU G 132 -218.40 24.01 -5.12
C LEU G 132 -216.99 23.84 -4.57
N ARG G 133 -216.75 24.49 -3.42
CA ARG G 133 -215.47 24.35 -2.71
C ARG G 133 -215.79 24.15 -1.23
N LEU G 134 -214.91 23.43 -0.55
CA LEU G 134 -215.06 23.16 0.88
C LEU G 134 -213.70 23.28 1.54
N ARG G 135 -213.69 23.81 2.76
CA ARG G 135 -212.47 24.01 3.53
C ARG G 135 -212.72 23.64 4.99
N VAL G 136 -211.68 23.15 5.63
CA VAL G 136 -211.67 22.78 7.04
C VAL G 136 -210.36 23.29 7.63
N ILE G 137 -210.44 23.88 8.82
CA ILE G 137 -209.29 24.44 9.53
C ILE G 137 -209.28 23.85 10.92
N PHE G 138 -208.31 22.97 11.19
CA PHE G 138 -208.03 22.43 12.52
C PHE G 138 -206.52 22.60 12.77
N GLN G 139 -206.10 23.84 12.98
CA GLN G 139 -204.68 24.16 13.08
C GLN G 139 -204.05 23.67 14.37
N ASP G 140 -204.84 23.20 15.34
CA ASP G 140 -204.25 22.58 16.53
C ASP G 140 -203.41 21.37 16.15
N ASP G 141 -203.88 20.60 15.17
CA ASP G 141 -203.15 19.46 14.61
C ASP G 141 -202.41 19.84 13.32
N ARG G 142 -202.16 21.12 13.10
CA ARG G 142 -201.54 21.62 11.87
C ARG G 142 -202.29 21.14 10.63
N PHE G 143 -203.61 21.07 10.73
CA PHE G 143 -204.46 20.56 9.67
C PHE G 143 -205.17 21.72 8.97
N ASN G 144 -205.02 21.78 7.65
CA ASN G 144 -205.78 22.74 6.85
C ASN G 144 -205.82 22.22 5.42
N GLU G 145 -207.02 21.89 4.93
CA GLU G 145 -207.20 21.36 3.59
C GLU G 145 -208.35 22.09 2.91
N VAL G 146 -208.27 22.18 1.58
CA VAL G 146 -209.32 22.76 0.76
C VAL G 146 -209.70 21.73 -0.29
N TYR G 147 -210.98 21.31 -0.28
CA TYR G 147 -211.49 20.42 -1.32
C TYR G 147 -212.07 21.34 -2.39
N ASP G 148 -211.27 21.58 -3.42
CA ASP G 148 -211.59 22.52 -4.49
C ASP G 148 -212.31 21.76 -5.60
N ASN G 149 -213.35 22.40 -6.12
CA ASN G 149 -214.08 21.94 -7.30
C ASN G 149 -214.81 20.64 -7.00
N ILE G 150 -215.69 20.66 -6.00
CA ILE G 150 -216.39 19.44 -5.61
C ILE G 150 -217.41 19.10 -6.69
N GLY G 151 -217.60 17.80 -6.91
CA GLY G 151 -218.55 17.38 -7.91
C GLY G 151 -217.98 17.40 -9.31
N ASN G 152 -218.88 17.39 -10.28
CA ASN G 152 -218.53 17.50 -11.70
C ASN G 152 -217.60 16.36 -12.12
N ILE G 153 -218.14 15.15 -12.08
CA ILE G 153 -217.33 13.96 -12.34
C ILE G 153 -216.97 13.85 -13.81
N PHE G 154 -217.90 14.19 -14.70
CA PHE G 154 -217.67 14.03 -16.13
C PHE G 154 -218.60 14.97 -16.88
N THR G 155 -218.31 15.12 -18.17
CA THR G 155 -219.01 16.02 -19.07
C THR G 155 -219.77 15.23 -20.12
N ILE G 156 -220.83 15.86 -20.64
CA ILE G 156 -221.56 15.38 -21.82
C ILE G 156 -221.61 16.53 -22.82
N LYS G 157 -221.35 16.21 -24.09
CA LYS G 157 -221.49 17.15 -25.19
C LYS G 157 -222.16 16.48 -26.37
N TYR G 158 -222.88 17.28 -27.16
CA TYR G 158 -223.69 16.82 -28.27
C TYR G 158 -222.99 17.06 -29.61
N LYS G 159 -223.05 16.03 -30.48
CA LYS G 159 -222.40 16.05 -31.78
C LYS G 159 -223.31 15.52 -32.88
N GLY G 160 -224.62 15.51 -32.68
CA GLY G 160 -225.55 14.87 -33.58
C GLY G 160 -226.14 15.84 -34.60
N GLU G 161 -227.23 15.38 -35.24
CA GLU G 161 -227.98 16.19 -36.19
C GLU G 161 -229.39 16.52 -35.74
N GLU G 162 -229.83 16.07 -34.56
CA GLU G 162 -231.17 16.44 -34.14
C GLU G 162 -231.24 17.93 -33.82
N ALA G 163 -232.47 18.42 -33.59
CA ALA G 163 -232.72 19.83 -33.35
C ALA G 163 -232.64 20.22 -31.88
N ASN G 164 -232.44 19.26 -30.98
CA ASN G 164 -232.34 19.55 -29.56
C ASN G 164 -231.58 18.40 -28.90
N ALA G 165 -230.99 18.71 -27.75
CA ALA G 165 -230.07 17.79 -27.09
C ALA G 165 -230.10 18.16 -25.61
N THR G 166 -230.75 17.34 -24.80
CA THR G 166 -230.88 17.58 -23.38
C THR G 166 -230.57 16.28 -22.66
N PHE G 167 -230.26 16.38 -21.37
CA PHE G 167 -230.14 15.23 -20.49
C PHE G 167 -230.86 15.52 -19.19
N SER G 168 -231.47 14.49 -18.61
CA SER G 168 -232.13 14.57 -17.32
C SER G 168 -231.56 13.52 -16.36
N VAL G 169 -231.61 13.83 -15.06
CA VAL G 169 -231.31 12.88 -14.01
C VAL G 169 -232.55 12.83 -13.14
N GLU G 170 -233.34 11.77 -13.28
CA GLU G 170 -234.64 11.72 -12.62
C GLU G 170 -234.47 11.41 -11.14
N HIS G 171 -235.23 12.12 -10.31
CA HIS G 171 -235.24 11.90 -8.87
C HIS G 171 -236.52 11.14 -8.50
N ASP G 172 -236.36 10.06 -7.76
CA ASP G 172 -237.45 9.14 -7.46
C ASP G 172 -237.94 9.38 -6.03
N GLU G 173 -239.24 9.64 -5.90
CA GLU G 173 -239.79 9.97 -4.58
C GLU G 173 -239.77 8.78 -3.64
N GLU G 174 -239.94 7.57 -4.17
CA GLU G 174 -239.96 6.38 -3.31
C GLU G 174 -238.62 6.18 -2.64
N THR G 175 -237.54 6.20 -3.42
CA THR G 175 -236.20 6.04 -2.88
C THR G 175 -235.53 7.35 -2.50
N GLN G 176 -236.08 8.49 -2.93
CA GLN G 176 -235.51 9.81 -2.64
C GLN G 176 -234.06 9.90 -3.13
N LYS G 177 -233.78 9.25 -4.27
CA LYS G 177 -232.45 9.24 -4.85
C LYS G 177 -232.56 9.34 -6.37
N ALA G 178 -231.41 9.51 -7.02
CA ALA G 178 -231.35 9.54 -8.47
C ALA G 178 -231.59 8.13 -9.00
N SER G 179 -232.67 7.96 -9.75
CA SER G 179 -233.11 6.65 -10.24
C SER G 179 -232.72 6.38 -11.69
N ARG G 180 -232.88 7.38 -12.56
CA ARG G 180 -232.57 7.26 -13.97
C ARG G 180 -231.70 8.42 -14.41
N LEU G 181 -230.89 8.17 -15.44
CA LEU G 181 -230.17 9.20 -16.17
C LEU G 181 -230.42 8.91 -17.65
N VAL G 182 -231.15 9.79 -18.32
CA VAL G 182 -231.64 9.55 -19.67
C VAL G 182 -231.35 10.77 -20.54
N LEU G 183 -230.96 10.48 -21.79
CA LEU G 183 -230.79 11.50 -22.83
C LEU G 183 -232.12 11.65 -23.54
N LYS G 184 -232.73 12.83 -23.42
CA LYS G 184 -234.06 13.10 -23.95
C LYS G 184 -234.01 14.23 -24.97
N VAL G 185 -234.73 14.04 -26.08
CA VAL G 185 -234.84 15.02 -27.14
C VAL G 185 -236.30 15.12 -27.54
N GLY G 186 -236.81 16.35 -27.64
CA GLY G 186 -238.18 16.61 -28.02
C GLY G 186 -239.13 16.06 -26.99
N ASP G 187 -239.77 14.93 -27.29
CA ASP G 187 -240.66 14.25 -26.37
C ASP G 187 -240.40 12.74 -26.40
N GLN G 188 -239.13 12.35 -26.47
CA GLN G 188 -238.75 10.95 -26.50
C GLN G 188 -237.38 10.79 -25.87
N GLU G 189 -237.07 9.56 -25.48
CA GLU G 189 -235.78 9.24 -24.87
C GLU G 189 -234.82 8.77 -25.95
N VAL G 190 -233.69 9.47 -26.09
CA VAL G 190 -232.67 9.01 -27.03
C VAL G 190 -232.13 7.65 -26.58
N LYS G 191 -231.65 7.58 -25.35
CA LYS G 191 -231.17 6.31 -24.79
C LYS G 191 -231.18 6.42 -23.27
N SER G 192 -231.77 5.42 -22.62
CA SER G 192 -231.96 5.44 -21.18
C SER G 192 -230.84 4.68 -20.47
N TYR G 193 -230.48 5.17 -19.27
CA TYR G 193 -229.51 4.51 -18.40
C TYR G 193 -230.14 4.44 -17.02
N ASP G 194 -230.75 3.30 -16.71
CA ASP G 194 -231.50 3.12 -15.47
C ASP G 194 -230.52 2.88 -14.32
N LEU G 195 -230.44 3.85 -13.40
CA LEU G 195 -229.52 3.77 -12.28
C LEU G 195 -230.01 2.82 -11.19
N THR G 196 -231.28 2.42 -11.22
CA THR G 196 -231.80 1.59 -10.15
C THR G 196 -231.25 0.17 -10.15
N GLY G 197 -230.67 -0.27 -11.27
CA GLY G 197 -230.19 -1.64 -11.35
C GLY G 197 -229.33 -1.84 -12.58
N GLY G 198 -228.64 -2.97 -12.61
CA GLY G 198 -227.73 -3.30 -13.69
C GLY G 198 -226.33 -2.79 -13.43
N ALA G 199 -225.57 -2.64 -14.53
CA ALA G 199 -224.21 -2.12 -14.43
C ALA G 199 -224.16 -0.60 -14.33
N TYR G 200 -225.30 0.08 -14.42
CA TYR G 200 -225.35 1.54 -14.29
C TYR G 200 -225.33 2.01 -12.84
N ASP G 201 -225.09 1.11 -11.88
CA ASP G 201 -224.93 1.54 -10.50
C ASP G 201 -223.73 2.48 -10.32
N TYR G 202 -222.72 2.38 -11.18
CA TYR G 202 -221.59 3.28 -11.18
C TYR G 202 -221.69 4.24 -12.36
N THR G 203 -220.96 5.35 -12.26
CA THR G 203 -221.00 6.35 -13.33
C THR G 203 -220.27 5.87 -14.59
N ASN G 204 -219.21 5.08 -14.43
CA ASN G 204 -218.37 4.75 -15.57
C ASN G 204 -219.14 3.95 -16.63
N ALA G 205 -220.11 3.14 -16.21
CA ALA G 205 -221.02 2.52 -17.18
C ALA G 205 -221.72 3.58 -18.02
N ILE G 206 -222.22 4.64 -17.37
CA ILE G 206 -222.93 5.69 -18.09
C ILE G 206 -221.98 6.38 -19.08
N ILE G 207 -220.76 6.69 -18.65
CA ILE G 207 -219.80 7.36 -19.52
C ILE G 207 -219.52 6.49 -20.75
N THR G 208 -219.32 5.18 -20.53
CA THR G 208 -219.04 4.29 -21.65
C THR G 208 -220.22 4.21 -22.61
N ASP G 209 -221.44 4.14 -22.09
CA ASP G 209 -222.60 3.91 -22.95
C ASP G 209 -222.99 5.16 -23.72
N ILE G 210 -222.73 6.35 -23.16
CA ILE G 210 -223.04 7.58 -23.88
C ILE G 210 -222.23 7.62 -25.18
N ASN G 211 -220.97 7.17 -25.13
CA ASN G 211 -220.13 7.17 -26.32
C ASN G 211 -220.69 6.30 -27.44
N GLN G 212 -221.61 5.37 -27.12
CA GLN G 212 -222.15 4.46 -28.14
C GLN G 212 -222.99 5.23 -29.15
N LEU G 213 -223.73 6.23 -28.71
CA LEU G 213 -224.56 7.03 -29.60
C LEU G 213 -223.69 7.82 -30.59
N PRO G 214 -224.06 7.89 -31.87
CA PRO G 214 -223.32 8.84 -32.73
C PRO G 214 -223.53 10.28 -32.31
N ASP G 215 -224.73 10.61 -31.81
CA ASP G 215 -225.09 11.99 -31.50
C ASP G 215 -224.53 12.51 -30.18
N PHE G 216 -224.05 11.64 -29.28
CA PHE G 216 -223.60 12.06 -27.96
C PHE G 216 -222.29 11.36 -27.61
N GLU G 217 -221.42 12.12 -26.95
CA GLU G 217 -220.15 11.58 -26.45
C GLU G 217 -219.90 12.15 -25.06
N ALA G 218 -219.09 11.45 -24.28
CA ALA G 218 -218.79 11.85 -22.91
C ALA G 218 -217.30 11.71 -22.66
N LYS G 219 -216.81 12.47 -21.68
CA LYS G 219 -215.41 12.40 -21.25
C LYS G 219 -215.32 12.71 -19.77
N LEU G 220 -214.34 12.10 -19.09
CA LEU G 220 -214.16 12.33 -17.67
C LEU G 220 -213.64 13.75 -17.42
N SER G 221 -213.89 14.23 -16.21
CA SER G 221 -213.48 15.58 -15.83
C SER G 221 -211.96 15.64 -15.73
N PRO G 222 -211.33 16.81 -15.98
CA PRO G 222 -209.88 16.89 -15.82
C PRO G 222 -209.42 16.59 -14.40
N PHE G 223 -210.27 16.82 -13.41
CA PHE G 223 -209.89 16.48 -12.05
C PHE G 223 -209.82 14.97 -11.86
N GLY G 224 -210.74 14.26 -12.51
CA GLY G 224 -210.62 12.81 -12.64
C GLY G 224 -211.23 11.99 -11.53
N ASP G 225 -210.38 11.50 -10.64
CA ASP G 225 -210.72 10.38 -9.76
C ASP G 225 -211.75 10.78 -8.71
N LYS G 226 -213.03 10.61 -9.05
CA LYS G 226 -214.14 10.66 -8.10
C LYS G 226 -214.83 9.31 -7.98
N ASN G 227 -215.32 8.77 -9.09
CA ASN G 227 -215.77 7.38 -9.18
C ASN G 227 -216.97 7.13 -8.26
N LEU G 228 -218.04 7.89 -8.49
CA LEU G 228 -219.17 7.96 -7.58
C LEU G 228 -220.27 6.98 -7.98
N GLU G 229 -221.05 6.58 -6.98
CA GLU G 229 -222.22 5.75 -7.23
C GLU G 229 -223.28 6.55 -7.97
N SER G 230 -223.81 5.99 -9.05
CA SER G 230 -224.88 6.65 -9.80
C SER G 230 -226.10 6.98 -8.95
N SER G 231 -226.35 6.26 -7.86
CA SER G 231 -227.59 6.52 -7.11
C SER G 231 -227.54 7.83 -6.32
N LYS G 232 -226.37 8.46 -6.18
CA LYS G 232 -226.21 9.67 -5.38
C LYS G 232 -226.12 10.93 -6.24
N LEU G 233 -226.48 10.85 -7.52
CA LEU G 233 -226.39 12.00 -8.40
C LEU G 233 -227.47 13.03 -8.05
N ASP G 234 -227.24 14.27 -8.48
CA ASP G 234 -228.17 15.34 -8.19
C ASP G 234 -229.33 15.34 -9.17
N LYS G 235 -230.38 16.08 -8.81
CA LYS G 235 -231.62 16.10 -9.57
C LYS G 235 -231.52 17.14 -10.68
N ILE G 236 -231.56 16.68 -11.94
CA ILE G 236 -231.51 17.55 -13.11
C ILE G 236 -232.62 17.12 -14.05
N GLU G 237 -233.26 18.08 -14.70
CA GLU G 237 -234.36 17.83 -15.64
C GLU G 237 -234.12 18.62 -16.93
N ASN G 238 -233.63 17.93 -17.96
CA ASN G 238 -233.55 18.47 -19.32
C ASN G 238 -232.68 19.73 -19.37
N ALA G 239 -231.40 19.57 -19.04
CA ALA G 239 -230.43 20.65 -19.17
C ALA G 239 -229.79 20.59 -20.54
N ASN G 240 -229.88 21.68 -21.29
CA ASN G 240 -229.43 21.68 -22.68
C ASN G 240 -227.94 21.41 -22.77
N ILE G 241 -227.57 20.54 -23.71
CA ILE G 241 -226.18 20.14 -23.94
C ILE G 241 -225.92 20.19 -25.44
N LYS G 242 -226.63 21.04 -26.17
CA LYS G 242 -226.48 21.06 -27.62
C LYS G 242 -225.11 21.55 -28.03
N ASP G 243 -224.63 22.62 -27.39
CA ASP G 243 -223.31 23.18 -27.62
C ASP G 243 -222.74 23.59 -26.28
N LYS G 244 -222.81 22.67 -25.31
CA LYS G 244 -222.30 22.92 -23.96
C LYS G 244 -221.70 21.64 -23.41
N ALA G 245 -220.52 21.76 -22.81
CA ALA G 245 -219.89 20.64 -22.10
C ALA G 245 -220.32 20.68 -20.63
N VAL G 246 -221.58 20.32 -20.40
CA VAL G 246 -222.16 20.46 -19.07
C VAL G 246 -221.64 19.30 -18.20
N TYR G 247 -221.13 19.65 -17.02
CA TYR G 247 -220.67 18.66 -16.07
C TYR G 247 -221.86 18.05 -15.35
N VAL G 248 -221.83 16.73 -15.15
CA VAL G 248 -222.78 16.08 -14.25
C VAL G 248 -222.29 16.37 -12.85
N LYS G 249 -223.08 17.11 -12.07
CA LYS G 249 -222.56 17.67 -10.83
C LYS G 249 -222.23 16.58 -9.81
N ALA G 250 -223.21 15.77 -9.42
CA ALA G 250 -222.97 14.66 -8.50
C ALA G 250 -222.40 15.17 -7.18
N VAL G 251 -223.07 16.17 -6.61
CA VAL G 251 -222.48 16.89 -5.47
C VAL G 251 -222.45 16.00 -4.24
N PHE G 252 -223.48 15.18 -4.03
CA PHE G 252 -223.54 14.38 -2.81
C PHE G 252 -222.40 13.36 -2.77
N GLY G 253 -222.19 12.63 -3.87
CA GLY G 253 -221.18 11.60 -3.87
C GLY G 253 -219.79 12.13 -3.64
N ASP G 254 -219.44 13.23 -4.31
CA ASP G 254 -218.12 13.81 -4.13
C ASP G 254 -217.97 14.53 -2.80
N LEU G 255 -219.08 14.90 -2.15
CA LEU G 255 -219.00 15.40 -0.79
C LEU G 255 -218.68 14.29 0.19
N GLU G 256 -219.23 13.09 -0.04
CA GLU G 256 -218.93 11.96 0.81
C GLU G 256 -217.50 11.47 0.62
N LYS G 257 -217.00 11.50 -0.62
CA LYS G 257 -215.65 11.00 -0.88
C LYS G 257 -214.59 11.91 -0.29
N GLN G 258 -214.76 13.22 -0.43
CA GLN G 258 -213.72 14.14 0.01
C GLN G 258 -213.70 14.34 1.52
N THR G 259 -214.69 13.81 2.26
CA THR G 259 -214.86 14.10 3.68
C THR G 259 -215.16 12.88 4.54
N ALA G 260 -215.30 11.68 3.96
CA ALA G 260 -215.66 10.53 4.77
C ALA G 260 -214.50 10.13 5.69
N TYR G 261 -213.33 9.86 5.11
CA TYR G 261 -212.12 9.54 5.87
C TYR G 261 -211.09 10.66 5.87
N ASN G 262 -211.39 11.81 5.27
CA ASN G 262 -210.41 12.90 5.15
C ASN G 262 -210.57 13.85 6.34
N GLY G 263 -209.53 13.94 7.16
CA GLY G 263 -209.51 14.93 8.21
C GLY G 263 -210.30 14.48 9.43
N ILE G 264 -210.73 15.47 10.22
CA ILE G 264 -211.48 15.22 11.44
C ILE G 264 -212.99 15.38 11.24
N VAL G 265 -213.43 16.04 10.17
CA VAL G 265 -214.82 16.48 10.06
C VAL G 265 -215.55 15.56 9.10
N SER G 266 -216.69 15.05 9.55
CA SER G 266 -217.67 14.36 8.73
C SER G 266 -218.82 15.30 8.39
N PHE G 267 -219.65 14.89 7.42
CA PHE G 267 -220.78 15.67 6.95
C PHE G 267 -222.00 14.77 6.73
N GLU G 268 -223.18 15.33 6.93
CA GLU G 268 -224.44 14.63 6.69
C GLU G 268 -225.57 15.64 6.65
N GLN G 269 -226.47 15.51 5.68
CA GLN G 269 -227.60 16.42 5.56
C GLN G 269 -228.58 16.20 6.72
N LEU G 270 -229.22 17.29 7.13
CA LEU G 270 -230.25 17.20 8.16
C LEU G 270 -231.46 16.42 7.64
N LYS G 298 -234.38 20.08 4.04
CA LYS G 298 -233.21 20.91 3.85
C LYS G 298 -232.62 20.74 2.46
N THR G 299 -231.74 21.67 2.06
CA THR G 299 -231.13 21.65 0.75
C THR G 299 -229.66 22.03 0.88
N ILE G 300 -228.84 21.47 -0.02
CA ILE G 300 -227.42 21.79 -0.02
C ILE G 300 -227.25 23.19 -0.59
N GLU G 301 -226.52 24.04 0.13
CA GLU G 301 -226.18 25.37 -0.34
C GLU G 301 -224.83 25.79 0.26
N PRO G 302 -224.06 26.64 -0.42
CA PRO G 302 -222.83 27.15 0.20
C PRO G 302 -223.11 28.13 1.33
N PHE G 303 -222.23 28.12 2.32
CA PHE G 303 -222.28 29.07 3.43
C PHE G 303 -220.87 29.33 3.92
N GLU G 304 -220.71 30.45 4.62
CA GLU G 304 -219.40 30.98 4.95
C GLU G 304 -218.75 30.19 6.09
N LEU G 305 -217.66 30.70 6.68
CA LEU G 305 -216.87 29.93 7.63
C LEU G 305 -217.47 30.13 9.01
N THR G 306 -217.63 29.03 9.76
CA THR G 306 -218.30 29.08 11.05
C THR G 306 -217.71 28.03 11.98
N LYS G 307 -217.70 28.34 13.27
CA LYS G 307 -217.16 27.45 14.28
C LYS G 307 -218.14 26.32 14.62
N LEU G 308 -217.59 25.23 15.13
CA LEU G 308 -218.39 24.13 15.66
C LEU G 308 -218.67 24.33 17.15
N LYS G 309 -219.71 23.62 17.60
CA LYS G 309 -220.26 23.77 18.95
C LYS G 309 -220.52 22.38 19.50
N GLY G 310 -220.77 22.33 20.81
CA GLY G 310 -221.13 21.09 21.47
C GLY G 310 -219.98 20.24 21.95
N GLY G 311 -218.74 20.63 21.67
CA GLY G 311 -217.58 19.89 22.13
C GLY G 311 -217.51 19.84 23.64
N THR G 312 -217.81 18.69 24.23
CA THR G 312 -217.91 18.52 25.68
C THR G 312 -216.96 17.42 26.14
N ASN G 313 -216.04 17.77 27.05
CA ASN G 313 -215.22 16.78 27.75
C ASN G 313 -216.08 15.74 28.48
N GLY G 314 -217.17 16.17 29.09
CA GLY G 314 -218.14 15.30 29.74
C GLY G 314 -217.83 15.09 31.21
N GLU G 315 -218.88 14.65 31.95
CA GLU G 315 -218.79 14.52 33.40
C GLU G 315 -217.93 13.31 33.76
N PRO G 316 -217.08 13.38 34.79
CA PRO G 316 -216.43 12.17 35.29
C PRO G 316 -217.38 11.40 36.19
N PRO G 317 -217.88 10.23 35.78
CA PRO G 317 -218.85 9.52 36.63
C PRO G 317 -218.24 9.11 37.96
N ALA G 318 -219.05 9.21 39.03
CA ALA G 318 -218.58 8.80 40.35
C ALA G 318 -218.18 7.34 40.37
N THR G 319 -219.01 6.45 39.81
CA THR G 319 -218.70 5.02 39.83
C THR G 319 -217.93 4.64 38.59
N TRP G 320 -216.76 4.01 38.79
CA TRP G 320 -215.96 3.48 37.69
C TRP G 320 -216.46 2.11 37.20
N ALA G 321 -217.50 1.55 37.82
CA ALA G 321 -218.06 0.30 37.31
C ALA G 321 -218.69 0.49 35.94
N ASP G 322 -219.15 1.70 35.63
CA ASP G 322 -219.65 1.99 34.29
C ASP G 322 -218.58 1.78 33.22
N LYS G 323 -217.30 1.92 33.58
CA LYS G 323 -216.20 1.71 32.66
C LYS G 323 -215.59 0.34 32.76
N LEU G 324 -215.54 -0.23 33.96
CA LEU G 324 -214.93 -1.53 34.15
C LEU G 324 -215.75 -2.62 33.47
N ASP G 325 -217.08 -2.51 33.55
CA ASP G 325 -217.97 -3.48 32.93
C ASP G 325 -217.85 -3.51 31.41
N LYS G 326 -217.38 -2.42 30.79
CA LYS G 326 -217.25 -2.37 29.34
C LYS G 326 -216.16 -3.30 28.83
N PHE G 327 -215.24 -3.73 29.70
CA PHE G 327 -214.22 -4.67 29.29
C PHE G 327 -214.83 -6.02 28.93
N ALA G 328 -214.05 -6.83 28.22
CA ALA G 328 -214.56 -7.97 27.49
C ALA G 328 -213.51 -9.07 27.52
N HIS G 329 -213.60 -10.03 26.58
CA HIS G 329 -212.66 -11.14 26.50
C HIS G 329 -211.41 -10.79 25.70
N GLU G 330 -210.91 -9.57 25.81
CA GLU G 330 -209.72 -9.18 25.06
C GLU G 330 -208.51 -10.00 25.49
N GLY G 331 -208.38 -10.22 26.79
CA GLY G 331 -207.32 -11.02 27.37
C GLY G 331 -206.50 -10.28 28.40
N GLY G 332 -206.94 -9.08 28.81
CA GLY G 332 -206.12 -8.29 29.71
C GLY G 332 -206.01 -8.96 31.07
N TYR G 333 -204.84 -8.83 31.69
CA TYR G 333 -204.58 -9.37 33.01
C TYR G 333 -204.39 -8.27 34.05
N TYR G 334 -203.37 -7.42 33.90
CA TYR G 334 -203.10 -6.38 34.88
C TYR G 334 -203.87 -5.12 34.54
N ILE G 335 -204.21 -4.35 35.56
CA ILE G 335 -204.94 -3.10 35.42
C ILE G 335 -204.59 -2.20 36.60
N VAL G 336 -204.30 -0.93 36.31
CA VAL G 336 -204.02 0.07 37.34
C VAL G 336 -205.03 1.20 37.18
N PRO G 337 -205.84 1.54 38.21
CA PRO G 337 -206.65 2.75 38.11
C PRO G 337 -205.81 3.99 38.38
N LEU G 338 -205.99 5.04 37.57
CA LEU G 338 -205.30 6.32 37.79
C LEU G 338 -206.13 7.22 38.70
N SER G 339 -206.21 6.83 39.97
CA SER G 339 -206.91 7.63 40.96
C SER G 339 -206.62 7.08 42.35
N SER G 340 -206.63 7.98 43.34
CA SER G 340 -206.32 7.63 44.73
C SER G 340 -207.57 7.31 45.55
N LYS G 341 -208.75 7.24 44.94
CA LYS G 341 -209.99 7.10 45.68
C LYS G 341 -210.21 5.68 46.18
N GLN G 342 -210.76 5.57 47.40
CA GLN G 342 -211.08 4.25 47.94
C GLN G 342 -212.21 3.59 47.16
N SER G 343 -213.22 4.36 46.74
CA SER G 343 -214.33 3.76 46.00
C SER G 343 -213.86 3.19 44.67
N VAL G 344 -212.91 3.85 44.02
CA VAL G 344 -212.39 3.33 42.75
C VAL G 344 -211.70 1.99 42.99
N HIS G 345 -210.81 1.94 43.99
CA HIS G 345 -210.04 0.75 44.29
C HIS G 345 -210.94 -0.41 44.69
N ALA G 346 -211.98 -0.13 45.49
CA ALA G 346 -212.93 -1.19 45.82
C ALA G 346 -213.64 -1.72 44.57
N GLU G 347 -214.08 -0.80 43.70
CA GLU G 347 -214.77 -1.22 42.48
C GLU G 347 -213.87 -2.04 41.58
N VAL G 348 -212.60 -1.62 41.44
CA VAL G 348 -211.65 -2.41 40.65
C VAL G 348 -211.49 -3.79 41.26
N ALA G 349 -211.30 -3.86 42.58
CA ALA G 349 -211.18 -5.14 43.27
C ALA G 349 -212.39 -6.03 43.02
N SER G 350 -213.59 -5.46 43.10
CA SER G 350 -214.79 -6.25 42.85
C SER G 350 -214.85 -6.68 41.39
N PHE G 351 -214.45 -5.80 40.47
CA PHE G 351 -214.45 -6.14 39.05
C PHE G 351 -213.52 -7.31 38.76
N VAL G 352 -212.26 -7.22 39.22
CA VAL G 352 -211.28 -8.25 38.87
C VAL G 352 -211.69 -9.60 39.47
N LYS G 353 -212.25 -9.57 40.68
CA LYS G 353 -212.71 -10.80 41.30
C LYS G 353 -213.86 -11.41 40.53
N GLU G 354 -214.77 -10.57 40.03
CA GLU G 354 -215.90 -11.06 39.25
C GLU G 354 -215.43 -11.69 37.95
N ARG G 355 -214.53 -11.03 37.23
CA ARG G 355 -214.06 -11.57 35.96
C ARG G 355 -213.24 -12.84 36.19
N SER G 356 -212.47 -12.89 37.27
CA SER G 356 -211.74 -14.11 37.59
C SER G 356 -212.70 -15.28 37.78
N ASP G 357 -213.71 -15.09 38.63
CA ASP G 357 -214.78 -16.09 38.78
C ASP G 357 -215.50 -16.38 37.46
N ALA G 358 -215.53 -15.42 36.54
CA ALA G 358 -216.06 -15.63 35.19
C ALA G 358 -214.97 -15.99 34.19
N GLY G 359 -213.97 -16.76 34.61
CA GLY G 359 -213.05 -17.36 33.68
C GLY G 359 -212.08 -16.41 33.01
N GLU G 360 -212.02 -15.15 33.46
CA GLU G 360 -211.12 -14.13 32.91
C GLU G 360 -210.25 -13.63 34.06
N PRO G 361 -209.17 -14.33 34.41
CA PRO G 361 -208.37 -13.90 35.57
C PRO G 361 -207.71 -12.55 35.35
N MET G 362 -207.70 -11.74 36.41
CA MET G 362 -207.12 -10.40 36.37
C MET G 362 -206.58 -10.05 37.74
N ARG G 363 -205.72 -9.04 37.78
CA ARG G 363 -205.14 -8.53 39.01
C ARG G 363 -204.92 -7.03 38.84
N ALA G 364 -204.70 -6.34 39.97
CA ALA G 364 -204.59 -4.89 39.98
C ALA G 364 -203.47 -4.43 40.92
N ILE G 365 -202.96 -3.23 40.62
CA ILE G 365 -201.98 -2.55 41.47
C ILE G 365 -202.46 -1.12 41.66
N VAL G 366 -202.49 -0.65 42.91
CA VAL G 366 -203.04 0.66 43.26
C VAL G 366 -202.03 1.45 44.10
N GLY G 367 -202.28 2.75 44.21
CA GLY G 367 -201.44 3.62 45.01
C GLY G 367 -202.22 4.82 45.50
N GLY G 368 -201.75 5.41 46.61
CA GLY G 368 -202.47 6.49 47.27
C GLY G 368 -201.86 7.88 47.30
N GLY G 369 -202.19 8.71 46.29
CA GLY G 369 -201.81 10.12 46.32
C GLY G 369 -200.32 10.36 46.39
N PHE G 370 -199.91 11.30 47.26
CA PHE G 370 -198.50 11.62 47.51
C PHE G 370 -198.20 11.32 48.98
N ASN G 371 -197.09 10.64 49.24
CA ASN G 371 -196.38 10.68 50.53
C ASN G 371 -197.29 10.37 51.72
N GLU G 372 -198.09 9.32 51.60
CA GLU G 372 -198.96 8.91 52.70
C GLU G 372 -198.15 8.20 53.77
N SER G 373 -198.49 8.46 55.04
CA SER G 373 -197.79 7.81 56.13
C SER G 373 -198.19 6.33 56.21
N LYS G 374 -197.41 5.57 56.97
CA LYS G 374 -197.63 4.13 57.07
C LYS G 374 -199.03 3.80 57.57
N GLU G 375 -199.47 4.53 58.60
CA GLU G 375 -200.77 4.26 59.22
C GLU G 375 -201.92 4.41 58.24
N GLN G 376 -201.79 5.33 57.28
CA GLN G 376 -202.79 5.42 56.21
C GLN G 376 -202.69 4.20 55.30
N LEU G 377 -201.48 3.78 54.98
CA LEU G 377 -201.29 2.64 54.11
C LEU G 377 -201.79 1.35 54.74
N PHE G 378 -201.60 1.20 56.06
CA PHE G 378 -202.19 0.06 56.78
C PHE G 378 -203.70 0.06 56.57
N GLY G 379 -204.33 1.22 56.76
CA GLY G 379 -205.76 1.36 56.53
C GLY G 379 -206.21 0.90 55.16
N ARG G 380 -205.51 1.35 54.12
CA ARG G 380 -205.89 1.00 52.75
C ARG G 380 -205.77 -0.49 52.52
N GLN G 381 -204.74 -1.12 53.06
CA GLN G 381 -204.58 -2.55 52.90
C GLN G 381 -205.65 -3.32 53.67
N ALA G 382 -206.01 -2.83 54.85
CA ALA G 382 -207.08 -3.49 55.61
C ALA G 382 -208.42 -3.30 54.91
N SER G 383 -208.65 -2.15 54.27
CA SER G 383 -209.92 -1.95 53.58
C SER G 383 -210.02 -2.86 52.37
N LEU G 384 -208.92 -3.06 51.66
CA LEU G 384 -208.91 -3.94 50.50
C LEU G 384 -208.88 -5.41 50.94
N SER G 385 -207.73 -5.87 51.42
CA SER G 385 -207.55 -7.26 51.84
C SER G 385 -207.94 -8.23 50.72
N ASN G 386 -207.50 -7.91 49.50
CA ASN G 386 -207.89 -8.67 48.32
C ASN G 386 -206.74 -9.56 47.86
N PRO G 387 -206.94 -10.81 47.41
CA PRO G 387 -205.80 -11.55 46.84
C PRO G 387 -205.31 -10.97 45.53
N ARG G 388 -206.19 -10.33 44.76
CA ARG G 388 -205.88 -9.85 43.42
C ARG G 388 -205.71 -8.33 43.38
N VAL G 389 -205.17 -7.74 44.44
CA VAL G 389 -204.84 -6.32 44.47
C VAL G 389 -203.54 -6.15 45.24
N SER G 390 -202.68 -5.26 44.75
CA SER G 390 -201.42 -4.92 45.39
C SER G 390 -201.36 -3.41 45.64
N LEU G 391 -200.81 -3.01 46.79
CA LEU G 391 -200.72 -1.61 47.19
C LEU G 391 -199.27 -1.14 47.16
N VAL G 392 -199.04 0.00 46.50
CA VAL G 392 -197.72 0.62 46.39
C VAL G 392 -197.61 1.69 47.48
N ALA G 393 -196.48 1.69 48.20
CA ALA G 393 -196.21 2.69 49.24
C ALA G 393 -195.56 3.95 48.71
N ASN G 394 -194.56 3.85 47.82
CA ASN G 394 -193.71 4.98 47.49
C ASN G 394 -194.31 5.85 46.39
N SER G 395 -193.95 7.13 46.41
CA SER G 395 -194.26 8.08 45.35
C SER G 395 -192.96 8.82 44.99
N GLY G 396 -192.89 9.31 43.76
CA GLY G 396 -191.65 9.87 43.29
C GLY G 396 -191.77 10.61 41.98
N THR G 397 -190.61 10.87 41.37
CA THR G 397 -190.49 11.66 40.14
C THR G 397 -189.90 10.82 39.03
N PHE G 398 -190.33 11.08 37.79
CA PHE G 398 -189.82 10.44 36.59
C PHE G 398 -189.54 11.48 35.51
N VAL G 399 -188.40 11.32 34.85
CA VAL G 399 -188.01 12.16 33.72
C VAL G 399 -188.52 11.53 32.44
N MET G 400 -189.27 12.31 31.65
CA MET G 400 -189.92 11.88 30.43
C MET G 400 -189.21 12.46 29.21
N ASP G 401 -189.80 12.23 28.03
CA ASP G 401 -189.12 12.55 26.78
C ASP G 401 -188.89 14.05 26.63
N ASP G 402 -189.95 14.85 26.76
CA ASP G 402 -189.87 16.29 26.52
C ASP G 402 -189.38 17.06 27.74
N GLY G 403 -188.30 16.59 28.36
CA GLY G 403 -187.69 17.26 29.50
C GLY G 403 -188.63 17.55 30.64
N ARG G 404 -189.59 16.67 30.88
CA ARG G 404 -190.62 16.86 31.90
C ARG G 404 -190.21 16.12 33.16
N LYS G 405 -189.83 16.87 34.20
CA LYS G 405 -189.57 16.31 35.53
C LYS G 405 -190.91 16.16 36.26
N ASN G 406 -191.67 15.17 35.82
CA ASN G 406 -193.05 15.01 36.28
C ASN G 406 -193.06 14.34 37.65
N HIS G 407 -193.34 15.14 38.69
CA HIS G 407 -193.50 14.63 40.04
C HIS G 407 -194.91 14.07 40.18
N VAL G 408 -195.03 12.77 40.43
CA VAL G 408 -196.25 12.04 40.12
C VAL G 408 -196.80 11.40 41.39
N PRO G 409 -198.12 11.13 41.43
CA PRO G 409 -198.68 10.41 42.59
C PRO G 409 -198.30 8.94 42.57
N ALA G 410 -198.60 8.26 43.69
CA ALA G 410 -198.15 6.89 43.89
C ALA G 410 -198.72 5.93 42.84
N TYR G 411 -199.93 6.17 42.33
CA TYR G 411 -200.47 5.19 41.39
C TYR G 411 -199.75 5.21 40.04
N MET G 412 -199.02 6.28 39.71
CA MET G 412 -198.20 6.27 38.51
C MET G 412 -197.03 5.30 38.67
N VAL G 413 -196.41 5.30 39.85
CA VAL G 413 -195.45 4.25 40.20
C VAL G 413 -196.10 2.88 40.04
N ALA G 414 -197.36 2.74 40.46
CA ALA G 414 -198.04 1.46 40.28
C ALA G 414 -198.19 1.12 38.80
N VAL G 415 -198.41 2.13 37.95
CA VAL G 415 -198.40 1.90 36.51
C VAL G 415 -197.03 1.39 36.09
N ALA G 416 -195.97 2.05 36.58
CA ALA G 416 -194.61 1.64 36.23
C ALA G 416 -194.35 0.20 36.65
N LEU G 417 -194.87 -0.21 37.81
CA LEU G 417 -194.73 -1.59 38.23
C LEU G 417 -195.51 -2.53 37.32
N GLY G 418 -196.73 -2.16 36.95
CA GLY G 418 -197.48 -3.00 36.03
C GLY G 418 -196.90 -3.05 34.63
N GLY G 419 -196.15 -2.00 34.24
CA GLY G 419 -195.42 -2.07 32.98
C GLY G 419 -194.21 -2.99 33.08
N LEU G 420 -193.57 -3.00 34.25
CA LEU G 420 -192.47 -3.95 34.46
C LEU G 420 -192.97 -5.38 34.42
N ALA G 421 -194.09 -5.63 35.11
CA ALA G 421 -194.64 -6.98 35.19
C ALA G 421 -195.02 -7.51 33.81
N SER G 422 -195.66 -6.67 33.00
CA SER G 422 -195.98 -7.06 31.63
C SER G 422 -194.71 -7.32 30.82
N GLY G 423 -193.63 -6.56 31.07
CA GLY G 423 -192.37 -6.83 30.41
C GLY G 423 -191.77 -8.17 30.82
N LEU G 424 -192.05 -8.61 32.04
CA LEU G 424 -191.53 -9.89 32.51
C LEU G 424 -192.40 -11.05 32.02
N GLU G 425 -191.76 -12.19 31.75
CA GLU G 425 -192.46 -13.33 31.18
C GLU G 425 -193.22 -14.09 32.27
N ILE G 426 -193.96 -15.11 31.86
CA ILE G 426 -194.87 -15.81 32.75
C ILE G 426 -194.09 -16.43 33.90
N GLY G 427 -194.64 -16.31 35.11
CA GLY G 427 -194.04 -16.92 36.27
C GLY G 427 -192.73 -16.30 36.73
N GLU G 428 -192.45 -15.07 36.29
CA GLU G 428 -191.40 -14.24 36.85
C GLU G 428 -191.99 -13.26 37.86
N SER G 429 -191.10 -12.62 38.63
CA SER G 429 -191.50 -11.67 39.68
C SER G 429 -190.71 -10.38 39.54
N ILE G 430 -191.24 -9.33 40.20
CA ILE G 430 -190.63 -8.01 40.18
C ILE G 430 -189.78 -7.76 41.43
N THR G 431 -189.37 -8.83 42.11
CA THR G 431 -188.56 -8.72 43.31
C THR G 431 -187.14 -8.37 42.92
N PHE G 432 -186.57 -7.35 43.58
CA PHE G 432 -185.17 -6.97 43.46
C PHE G 432 -184.81 -6.45 42.06
N LYS G 433 -185.81 -6.13 41.22
CA LYS G 433 -185.57 -5.58 39.90
C LYS G 433 -185.44 -4.06 39.98
N PRO G 434 -184.74 -3.41 39.03
CA PRO G 434 -184.67 -1.95 39.06
C PRO G 434 -185.94 -1.29 38.55
N LEU G 435 -186.15 -0.06 39.02
CA LEU G 435 -187.32 0.74 38.65
C LEU G 435 -187.01 1.86 37.69
N ARG G 436 -185.76 2.33 37.63
CA ARG G 436 -185.35 3.43 36.76
C ARG G 436 -186.05 4.74 37.14
N VAL G 437 -186.38 4.91 38.41
CA VAL G 437 -187.03 6.14 38.87
C VAL G 437 -185.96 7.19 39.10
N SER G 438 -186.31 8.46 38.89
CA SER G 438 -185.35 9.54 39.09
C SER G 438 -185.12 9.80 40.57
N SER G 439 -186.20 10.01 41.33
CA SER G 439 -186.10 10.30 42.76
C SER G 439 -187.34 9.76 43.45
N LEU G 440 -187.29 9.70 44.78
CA LEU G 440 -188.39 9.19 45.60
C LEU G 440 -188.75 10.19 46.69
N ASP G 441 -190.05 10.23 47.02
CA ASP G 441 -190.47 11.06 48.14
C ASP G 441 -190.07 10.43 49.47
N GLN G 442 -190.64 9.26 49.77
CA GLN G 442 -190.36 8.56 51.02
C GLN G 442 -189.16 7.63 50.84
N ILE G 443 -188.12 7.88 51.61
CA ILE G 443 -186.96 6.98 51.70
C ILE G 443 -187.23 6.19 52.97
N TYR G 444 -187.65 4.94 52.80
CA TYR G 444 -187.95 4.07 53.94
C TYR G 444 -186.67 3.40 54.42
N GLU G 445 -186.47 3.38 55.73
CA GLU G 445 -185.39 2.63 56.34
C GLU G 445 -185.73 1.13 56.37
N SER G 446 -184.77 0.33 56.82
CA SER G 446 -184.97 -1.12 56.85
C SER G 446 -186.14 -1.50 57.75
N ILE G 447 -186.27 -0.84 58.90
CA ILE G 447 -187.40 -1.15 59.79
C ILE G 447 -188.71 -0.81 59.10
N ASP G 448 -188.76 0.33 58.42
CA ASP G 448 -189.98 0.75 57.76
C ASP G 448 -190.38 -0.21 56.64
N LEU G 449 -189.40 -0.63 55.84
CA LEU G 449 -189.69 -1.61 54.80
C LEU G 449 -190.17 -2.92 55.40
N ASP G 450 -189.56 -3.33 56.51
CA ASP G 450 -189.98 -4.57 57.18
C ASP G 450 -191.44 -4.48 57.62
N GLU G 451 -191.82 -3.36 58.23
CA GLU G 451 -193.21 -3.17 58.62
C GLU G 451 -194.14 -3.15 57.42
N LEU G 452 -193.74 -2.47 56.34
CA LEU G 452 -194.57 -2.43 55.15
C LEU G 452 -194.73 -3.83 54.56
N ASN G 453 -193.64 -4.59 54.50
CA ASN G 453 -193.74 -5.93 53.95
C ASN G 453 -194.61 -6.82 54.83
N GLU G 454 -194.56 -6.63 56.15
CA GLU G 454 -195.37 -7.46 57.03
C GLU G 454 -196.85 -7.15 56.90
N ASN G 455 -197.20 -5.93 56.49
CA ASN G 455 -198.56 -5.56 56.17
C ASN G 455 -198.88 -5.71 54.68
N GLY G 456 -198.12 -6.51 53.95
CA GLY G 456 -198.54 -6.82 52.60
C GLY G 456 -198.60 -5.64 51.65
N ILE G 457 -197.63 -4.73 51.73
CA ILE G 457 -197.62 -3.50 50.95
C ILE G 457 -196.31 -3.45 50.18
N ILE G 458 -196.40 -3.33 48.86
CA ILE G 458 -195.18 -3.27 48.06
C ILE G 458 -194.49 -1.94 48.35
N SER G 459 -193.17 -1.98 48.46
CA SER G 459 -192.39 -0.81 48.80
C SER G 459 -191.14 -0.77 47.93
N ILE G 460 -190.64 0.44 47.69
CA ILE G 460 -189.49 0.69 46.82
C ILE G 460 -188.41 1.31 47.69
N GLU G 461 -187.15 0.92 47.45
CA GLU G 461 -186.03 1.27 48.31
C GLU G 461 -184.91 1.92 47.50
N PHE G 462 -184.22 2.87 48.12
CA PHE G 462 -183.02 3.50 47.58
C PHE G 462 -181.81 2.95 48.31
N VAL G 463 -180.94 2.26 47.58
CA VAL G 463 -179.85 1.50 48.20
C VAL G 463 -178.65 2.40 48.39
N ARG G 464 -178.05 2.35 49.58
CA ARG G 464 -176.80 3.02 49.88
C ARG G 464 -175.65 2.04 50.10
N ASN G 465 -175.88 0.73 49.97
CA ASN G 465 -174.83 -0.23 50.26
C ASN G 465 -173.77 -0.24 49.16
N ARG G 466 -174.20 -0.21 47.91
CA ARG G 466 -173.29 -0.18 46.78
C ARG G 466 -172.71 1.22 46.60
N THR G 467 -171.50 1.30 46.05
CA THR G 467 -170.89 2.60 45.81
C THR G 467 -171.70 3.40 44.80
N ASN G 468 -172.16 2.75 43.74
CA ASN G 468 -173.08 3.34 42.78
C ASN G 468 -174.50 3.04 43.27
N THR G 469 -175.21 4.09 43.71
CA THR G 469 -176.55 3.89 44.27
C THR G 469 -177.60 3.83 43.17
N PHE G 470 -178.70 3.12 43.46
CA PHE G 470 -179.76 2.93 42.48
C PHE G 470 -181.02 2.51 43.23
N PHE G 471 -182.16 2.68 42.57
CA PHE G 471 -183.46 2.30 43.10
C PHE G 471 -183.82 0.90 42.62
N ARG G 472 -184.66 0.22 43.40
CA ARG G 472 -185.12 -1.13 43.04
C ARG G 472 -186.32 -1.51 43.88
N ILE G 473 -186.98 -2.56 43.44
CA ILE G 473 -188.22 -3.04 44.07
C ILE G 473 -187.84 -4.02 45.17
N VAL G 474 -188.68 -4.08 46.22
CA VAL G 474 -188.40 -4.91 47.38
C VAL G 474 -189.04 -6.27 47.17
N ASP G 475 -190.37 -6.32 47.11
CA ASP G 475 -191.05 -7.60 47.03
C ASP G 475 -192.40 -7.38 46.35
N ASP G 476 -192.95 -8.46 45.81
CA ASP G 476 -194.24 -8.44 45.11
C ASP G 476 -195.35 -9.00 45.99
N VAL G 477 -195.43 -8.51 47.22
CA VAL G 477 -196.40 -9.03 48.18
C VAL G 477 -197.76 -8.37 47.94
N THR G 478 -198.82 -9.16 48.05
CA THR G 478 -200.17 -8.66 47.82
C THR G 478 -200.79 -8.14 49.12
N THR G 479 -201.98 -7.55 48.99
CA THR G 479 -202.68 -7.04 50.17
C THR G 479 -203.18 -8.17 51.05
N PHE G 480 -203.65 -9.26 50.44
CA PHE G 480 -204.07 -10.44 51.18
C PHE G 480 -202.92 -10.95 52.04
N ASN G 481 -203.20 -11.19 53.32
CA ASN G 481 -202.19 -11.40 54.35
C ASN G 481 -202.43 -12.71 55.09
N ASP G 482 -202.51 -13.81 54.33
CA ASP G 482 -202.41 -15.17 54.86
C ASP G 482 -201.16 -15.79 54.24
N LYS G 483 -200.06 -15.73 55.00
CA LYS G 483 -198.76 -16.08 54.43
C LYS G 483 -198.61 -17.56 54.11
N SER G 484 -199.48 -18.43 54.66
CA SER G 484 -199.40 -19.84 54.34
C SER G 484 -199.86 -20.16 52.92
N ASP G 485 -200.51 -19.21 52.24
CA ASP G 485 -201.02 -19.37 50.88
C ASP G 485 -200.12 -18.57 49.94
N PRO G 486 -199.04 -19.15 49.40
CA PRO G 486 -198.17 -18.37 48.51
C PRO G 486 -198.82 -18.02 47.17
N VAL G 487 -199.81 -18.80 46.73
CA VAL G 487 -200.53 -18.47 45.50
C VAL G 487 -201.15 -17.08 45.62
N LYS G 488 -201.90 -16.86 46.70
CA LYS G 488 -202.55 -15.57 46.88
C LYS G 488 -201.58 -14.51 47.39
N ALA G 489 -200.68 -14.89 48.28
CA ALA G 489 -199.75 -13.91 48.86
C ALA G 489 -198.82 -13.35 47.80
N GLU G 490 -198.27 -14.21 46.94
CA GLU G 490 -197.27 -13.82 45.96
C GLU G 490 -197.91 -13.64 44.59
N MET G 491 -197.65 -12.48 43.96
CA MET G 491 -198.17 -12.22 42.62
C MET G 491 -197.69 -13.24 41.61
N ALA G 492 -196.40 -13.59 41.64
CA ALA G 492 -195.87 -14.46 40.59
C ALA G 492 -196.50 -15.85 40.64
N VAL G 493 -196.64 -16.42 41.83
CA VAL G 493 -197.22 -17.76 41.93
C VAL G 493 -198.68 -17.73 41.53
N GLY G 494 -199.41 -16.69 41.95
CA GLY G 494 -200.81 -16.60 41.57
C GLY G 494 -200.98 -16.38 40.07
N GLU G 495 -200.07 -15.63 39.46
CA GLU G 495 -200.13 -15.43 38.02
C GLU G 495 -199.86 -16.74 37.29
N ALA G 496 -198.84 -17.48 37.71
CA ALA G 496 -198.48 -18.73 37.05
C ALA G 496 -199.61 -19.75 37.18
N ASN G 497 -200.21 -19.84 38.37
CA ASN G 497 -201.29 -20.80 38.59
C ASN G 497 -202.51 -20.47 37.73
N ASP G 498 -202.86 -19.18 37.64
CA ASP G 498 -204.02 -18.79 36.83
C ASP G 498 -203.78 -19.07 35.35
N PHE G 499 -202.60 -18.72 34.85
CA PHE G 499 -202.29 -18.97 33.45
C PHE G 499 -202.29 -20.45 33.14
N LEU G 500 -201.76 -21.26 34.06
CA LEU G 500 -201.73 -22.71 33.86
C LEU G 500 -203.14 -23.28 33.82
N VAL G 501 -203.95 -22.95 34.83
CA VAL G 501 -205.31 -23.47 34.90
C VAL G 501 -206.12 -22.99 33.70
N SER G 502 -205.98 -21.71 33.34
CA SER G 502 -206.80 -21.18 32.27
C SER G 502 -206.45 -21.85 30.93
N GLU G 503 -205.16 -22.00 30.64
CA GLU G 503 -204.77 -22.64 29.38
C GLU G 503 -205.18 -24.11 29.36
N LEU G 504 -204.97 -24.82 30.47
CA LEU G 504 -205.34 -26.24 30.55
C LEU G 504 -206.82 -26.42 30.28
N LYS G 505 -207.67 -25.66 30.98
CA LYS G 505 -209.11 -25.81 30.83
C LYS G 505 -209.55 -25.46 29.41
N VAL G 506 -208.99 -24.40 28.85
CA VAL G 506 -209.35 -23.98 27.50
C VAL G 506 -208.99 -25.09 26.50
N GLN G 507 -207.74 -25.55 26.55
CA GLN G 507 -207.27 -26.56 25.60
C GLN G 507 -208.05 -27.86 25.71
N LEU G 508 -208.31 -28.32 26.95
CA LEU G 508 -209.11 -29.52 27.13
C LEU G 508 -210.52 -29.34 26.61
N GLU G 509 -211.15 -28.20 26.89
CA GLU G 509 -212.50 -27.97 26.38
C GLU G 509 -212.50 -27.93 24.86
N ASP G 510 -211.48 -27.29 24.27
CA ASP G 510 -211.40 -27.20 22.83
C ASP G 510 -211.28 -28.58 22.19
N GLN G 511 -210.33 -29.37 22.68
CA GLN G 511 -209.95 -30.62 22.01
C GLN G 511 -210.92 -31.76 22.34
N PHE G 512 -210.93 -32.21 23.60
CA PHE G 512 -211.54 -33.48 23.96
C PHE G 512 -212.95 -33.33 24.53
N ILE G 513 -213.08 -32.54 25.61
CA ILE G 513 -214.31 -32.52 26.40
C ILE G 513 -215.47 -32.06 25.54
N GLY G 514 -216.60 -32.73 25.71
CA GLY G 514 -217.81 -32.39 24.98
C GLY G 514 -217.90 -32.97 23.59
N THR G 515 -216.99 -33.86 23.20
CA THR G 515 -217.03 -34.51 21.90
C THR G 515 -217.76 -35.85 22.00
N ARG G 516 -218.02 -36.44 20.83
CA ARG G 516 -218.73 -37.71 20.79
C ARG G 516 -217.92 -38.78 21.53
N THR G 517 -218.63 -39.73 22.13
CA THR G 517 -217.98 -40.75 22.95
C THR G 517 -217.38 -41.85 22.06
N ILE G 518 -216.14 -42.24 22.39
CA ILE G 518 -215.47 -43.38 21.77
C ILE G 518 -214.75 -44.16 22.86
N ASN G 519 -214.19 -45.32 22.47
CA ASN G 519 -213.65 -46.30 23.40
C ASN G 519 -212.13 -46.23 23.54
N THR G 520 -211.45 -45.31 22.85
CA THR G 520 -210.00 -45.23 22.84
C THR G 520 -209.55 -43.79 22.93
N SER G 521 -210.05 -43.06 23.94
CA SER G 521 -209.69 -41.66 24.14
C SER G 521 -208.78 -41.44 25.33
N ALA G 522 -208.68 -42.40 26.24
CA ALA G 522 -207.90 -42.19 27.46
C ALA G 522 -206.41 -42.03 27.15
N SER G 523 -205.86 -42.93 26.32
CA SER G 523 -204.44 -42.80 25.99
C SER G 523 -204.13 -41.50 25.26
N ILE G 524 -205.00 -41.11 24.31
CA ILE G 524 -204.72 -39.90 23.55
C ILE G 524 -204.83 -38.67 24.44
N ILE G 525 -205.78 -38.67 25.39
CA ILE G 525 -205.87 -37.56 26.33
C ILE G 525 -204.60 -37.51 27.16
N LYS G 526 -204.12 -38.66 27.64
CA LYS G 526 -202.94 -38.65 28.49
C LYS G 526 -201.71 -38.22 27.71
N ASP G 527 -201.63 -38.55 26.42
CA ASP G 527 -200.52 -38.07 25.60
C ASP G 527 -200.58 -36.55 25.49
N PHE G 528 -201.75 -36.01 25.13
CA PHE G 528 -201.92 -34.55 25.04
C PHE G 528 -201.57 -33.86 26.35
N ILE G 529 -202.01 -34.41 27.48
CA ILE G 529 -201.69 -33.81 28.76
C ILE G 529 -200.17 -33.79 28.99
N GLN G 530 -199.52 -34.93 28.75
CA GLN G 530 -198.09 -35.02 28.96
C GLN G 530 -197.32 -34.06 28.06
N SER G 531 -197.67 -34.03 26.77
CA SER G 531 -197.16 -32.99 25.87
C SER G 531 -197.31 -31.59 26.48
N TYR G 532 -198.51 -31.26 26.95
CA TYR G 532 -198.73 -29.93 27.50
C TYR G 532 -197.82 -29.69 28.70
N LEU G 533 -197.72 -30.68 29.58
CA LEU G 533 -196.84 -30.56 30.75
C LEU G 533 -195.38 -30.39 30.32
N GLY G 534 -194.93 -31.19 29.35
CA GLY G 534 -193.58 -31.01 28.83
C GLY G 534 -193.35 -29.62 28.26
N ARG G 535 -194.37 -29.06 27.61
CA ARG G 535 -194.21 -27.73 27.03
C ARG G 535 -194.14 -26.67 28.13
N LYS G 536 -194.94 -26.85 29.18
CA LYS G 536 -194.86 -25.94 30.33
C LYS G 536 -193.51 -26.02 31.00
N LYS G 537 -193.03 -27.24 31.26
CA LYS G 537 -191.71 -27.42 31.86
C LYS G 537 -190.61 -26.84 30.99
N ARG G 538 -190.79 -26.87 29.67
CA ARG G 538 -189.75 -26.39 28.77
C ARG G 538 -189.51 -24.91 28.94
N ASP G 539 -190.58 -24.12 29.11
CA ASP G 539 -190.47 -22.67 29.24
C ASP G 539 -190.20 -22.21 30.67
N ASN G 540 -189.83 -23.14 31.57
CA ASN G 540 -189.59 -22.84 32.99
C ASN G 540 -190.84 -22.30 33.69
N GLU G 541 -192.03 -22.62 33.17
CA GLU G 541 -193.25 -22.23 33.87
C GLU G 541 -193.56 -23.13 35.05
N ILE G 542 -193.03 -24.35 35.07
CA ILE G 542 -193.14 -25.26 36.19
C ILE G 542 -191.75 -25.86 36.47
N GLN G 543 -191.59 -26.40 37.68
CA GLN G 543 -190.33 -27.01 38.05
C GLN G 543 -190.19 -28.41 37.44
N ASP G 544 -191.12 -29.31 37.78
CA ASP G 544 -191.09 -30.67 37.26
C ASP G 544 -192.47 -31.29 37.44
N PHE G 545 -192.65 -32.50 36.88
CA PHE G 545 -193.93 -33.18 37.04
C PHE G 545 -193.70 -34.69 37.00
N PRO G 546 -194.33 -35.50 37.89
CA PRO G 546 -194.16 -36.95 37.77
C PRO G 546 -195.02 -37.52 36.65
N ALA G 547 -194.43 -37.71 35.47
CA ALA G 547 -195.22 -38.09 34.30
C ALA G 547 -195.87 -39.46 34.47
N GLU G 548 -195.26 -40.33 35.27
CA GLU G 548 -195.81 -41.66 35.52
C GLU G 548 -197.10 -41.62 36.32
N ASP G 549 -197.33 -40.55 37.07
CA ASP G 549 -198.48 -40.39 37.95
C ASP G 549 -199.68 -39.75 37.25
N VAL G 550 -199.59 -39.44 35.96
CA VAL G 550 -200.73 -38.88 35.25
C VAL G 550 -201.73 -40.00 34.99
N GLN G 551 -202.99 -39.75 35.33
CA GLN G 551 -204.06 -40.72 35.18
C GLN G 551 -205.22 -40.12 34.40
N VAL G 552 -205.84 -40.95 33.57
CA VAL G 552 -207.01 -40.57 32.77
C VAL G 552 -208.03 -41.70 32.83
N ILE G 553 -209.27 -41.36 33.16
CA ILE G 553 -210.37 -42.33 33.20
C ILE G 553 -211.54 -41.68 32.50
N VAL G 554 -212.22 -42.45 31.65
CA VAL G 554 -213.37 -42.01 30.88
C VAL G 554 -214.51 -42.98 31.16
N GLU G 555 -215.71 -42.43 31.33
CA GLU G 555 -216.92 -43.22 31.55
C GLU G 555 -218.10 -42.37 31.08
N GLY G 556 -218.75 -42.82 30.01
CA GLY G 556 -219.81 -42.05 29.38
C GLY G 556 -219.26 -40.77 28.78
N ASN G 557 -219.60 -39.62 29.37
CA ASN G 557 -219.06 -38.32 28.97
C ASN G 557 -218.32 -37.64 30.13
N GLU G 558 -217.87 -38.39 31.13
CA GLU G 558 -217.15 -37.83 32.26
C GLU G 558 -215.65 -37.94 32.00
N ALA G 559 -215.01 -36.80 31.72
CA ALA G 559 -213.56 -36.75 31.53
C ALA G 559 -212.92 -36.57 32.90
N ARG G 560 -212.46 -37.67 33.50
CA ARG G 560 -211.81 -37.64 34.81
C ARG G 560 -210.32 -37.57 34.56
N ILE G 561 -209.69 -36.52 35.09
CA ILE G 561 -208.24 -36.32 35.00
C ILE G 561 -207.72 -36.08 36.42
N SER G 562 -206.55 -36.66 36.73
CA SER G 562 -205.84 -36.37 37.97
C SER G 562 -204.34 -36.41 37.72
N MET G 563 -203.61 -35.48 38.34
CA MET G 563 -202.20 -35.30 38.04
C MET G 563 -201.50 -34.73 39.28
N THR G 564 -200.20 -34.45 39.13
CA THR G 564 -199.43 -33.74 40.14
C THR G 564 -198.44 -32.83 39.43
N VAL G 565 -198.15 -31.68 40.03
CA VAL G 565 -197.22 -30.71 39.46
C VAL G 565 -196.41 -30.12 40.60
N TYR G 566 -195.12 -29.96 40.38
CA TYR G 566 -194.25 -29.25 41.30
C TYR G 566 -194.23 -27.77 40.92
N PRO G 567 -194.73 -26.85 41.76
CA PRO G 567 -194.92 -25.47 41.30
C PRO G 567 -193.61 -24.72 41.09
N ILE G 568 -193.68 -23.68 40.26
CA ILE G 568 -192.54 -22.80 40.08
C ILE G 568 -192.44 -21.90 41.31
N ARG G 569 -191.22 -21.52 41.67
CA ARG G 569 -191.02 -20.61 42.78
C ARG G 569 -189.78 -19.76 42.49
N SER G 570 -189.65 -18.67 43.25
CA SER G 570 -188.55 -17.71 43.11
C SER G 570 -187.90 -17.48 44.46
N PHE G 571 -186.56 -17.56 44.52
CA PHE G 571 -185.84 -17.48 45.79
C PHE G 571 -186.11 -16.15 46.49
N LYS G 572 -186.28 -16.22 47.80
CA LYS G 572 -186.40 -15.02 48.62
C LYS G 572 -185.60 -15.05 49.90
N LYS G 573 -185.06 -16.19 50.31
CA LYS G 573 -184.22 -16.30 51.49
C LYS G 573 -183.05 -17.22 51.18
N ILE G 574 -181.86 -16.83 51.61
CA ILE G 574 -180.64 -17.62 51.40
C ILE G 574 -179.99 -17.82 52.76
N SER G 575 -179.76 -19.07 53.13
CA SER G 575 -179.06 -19.41 54.37
C SER G 575 -177.69 -19.98 54.02
N VAL G 576 -176.63 -19.29 54.44
CA VAL G 576 -175.25 -19.72 54.24
C VAL G 576 -174.72 -20.09 55.61
N SER G 577 -174.48 -21.37 55.84
CA SER G 577 -173.83 -21.84 57.06
C SER G 577 -172.34 -22.02 56.78
N LEU G 578 -171.56 -20.97 57.07
CA LEU G 578 -170.12 -21.00 56.88
C LEU G 578 -169.48 -21.61 58.12
N VAL G 579 -168.44 -22.41 57.91
CA VAL G 579 -167.69 -23.04 58.99
C VAL G 579 -166.21 -22.81 58.72
N TYR G 580 -165.47 -22.41 59.76
CA TYR G 580 -164.04 -22.19 59.69
C TYR G 580 -163.31 -23.37 60.33
N LYS G 581 -162.22 -23.80 59.70
CA LYS G 581 -161.41 -24.91 60.18
C LYS G 581 -159.94 -24.57 59.98
N GLN G 582 -159.07 -25.31 60.67
CA GLN G 582 -157.62 -25.14 60.57
C GLN G 582 -157.03 -26.33 59.81
N GLN G 583 -156.11 -26.03 58.89
CA GLN G 583 -155.44 -27.04 58.07
C GLN G 583 -153.95 -27.03 58.38
N THR G 584 -153.37 -28.24 58.46
CA THR G 584 -151.94 -28.41 58.66
C THR G 584 -151.28 -28.83 57.35
N LEU G 585 -150.08 -28.29 57.12
CA LEU G 585 -149.30 -28.53 55.91
C LEU G 585 -147.94 -29.10 56.27
N GLN G 586 -147.52 -30.12 55.52
CA GLN G 586 -146.25 -30.81 55.73
C GLN G 586 -145.34 -30.48 54.55
N ALA G 587 -144.36 -29.61 54.78
CA ALA G 587 -143.34 -29.26 53.80
C ALA G 587 -143.94 -28.64 52.54
N MET H 1 -17.02 -60.38 -26.65
CA MET H 1 -17.44 -61.40 -27.65
C MET H 1 -17.89 -62.67 -26.95
N ARG H 2 -18.91 -63.32 -27.50
CA ARG H 2 -19.36 -64.60 -26.99
C ARG H 2 -19.89 -65.44 -28.15
N PHE H 3 -19.67 -66.75 -28.07
CA PHE H 3 -20.13 -67.68 -29.09
C PHE H 3 -20.82 -68.86 -28.42
N LYS H 4 -21.64 -69.55 -29.20
CA LYS H 4 -22.27 -70.78 -28.76
C LYS H 4 -21.28 -71.94 -28.87
N LYS H 5 -21.37 -72.88 -27.93
CA LYS H 5 -20.56 -74.09 -27.97
C LYS H 5 -21.49 -75.29 -27.87
N HIS H 6 -21.35 -76.22 -28.81
CA HIS H 6 -22.23 -77.37 -28.94
C HIS H 6 -21.47 -78.65 -28.61
N VAL H 7 -22.06 -79.51 -27.78
CA VAL H 7 -21.51 -80.82 -27.50
C VAL H 7 -22.07 -81.79 -28.54
N VAL H 8 -21.18 -82.56 -29.15
CA VAL H 8 -21.59 -83.58 -30.10
C VAL H 8 -22.49 -84.58 -29.37
N GLN H 9 -23.65 -84.87 -29.98
CA GLN H 9 -24.62 -85.80 -29.44
C GLN H 9 -24.54 -87.11 -30.20
N HIS H 10 -25.16 -88.16 -29.64
CA HIS H 10 -25.01 -89.50 -30.18
C HIS H 10 -25.55 -89.60 -31.60
N GLU H 11 -24.70 -90.04 -32.53
CA GLU H 11 -25.09 -90.20 -33.94
C GLU H 11 -25.63 -88.91 -34.52
N GLU H 12 -25.08 -87.78 -34.07
CA GLU H 12 -25.45 -86.51 -34.65
C GLU H 12 -24.73 -86.33 -35.98
N THR H 13 -25.23 -85.40 -36.79
CA THR H 13 -24.58 -85.00 -38.04
C THR H 13 -24.39 -83.48 -38.08
N MET H 14 -23.43 -83.05 -38.91
CA MET H 14 -23.19 -81.62 -39.08
C MET H 14 -24.37 -80.93 -39.73
N GLN H 15 -25.06 -81.61 -40.64
CA GLN H 15 -26.23 -81.01 -41.28
C GLN H 15 -27.32 -80.74 -40.25
N ALA H 16 -27.53 -81.68 -39.32
CA ALA H 16 -28.54 -81.46 -38.29
C ALA H 16 -28.18 -80.28 -37.40
N ILE H 17 -26.90 -80.16 -37.02
CA ILE H 17 -26.46 -79.02 -36.22
C ILE H 17 -26.69 -77.72 -36.97
N ALA H 18 -26.32 -77.68 -38.25
CA ALA H 18 -26.50 -76.46 -39.04
C ALA H 18 -27.98 -76.08 -39.09
N GLN H 19 -28.85 -77.06 -39.31
CA GLN H 19 -30.28 -76.79 -39.35
C GLN H 19 -30.76 -76.30 -38.00
N ARG H 20 -30.21 -76.86 -36.92
CA ARG H 20 -30.67 -76.52 -35.60
C ARG H 20 -30.31 -75.08 -35.26
N TYR H 21 -29.08 -74.67 -35.57
CA TYR H 21 -28.60 -73.36 -35.15
C TYR H 21 -28.79 -72.26 -36.20
N TYR H 22 -28.19 -72.44 -37.37
CA TYR H 22 -28.32 -71.48 -38.46
C TYR H 22 -29.68 -71.51 -39.14
N GLY H 23 -30.53 -72.49 -38.84
CA GLY H 23 -31.80 -72.59 -39.52
C GLY H 23 -31.70 -72.97 -40.98
N ASP H 24 -30.59 -73.59 -41.38
CA ASP H 24 -30.41 -74.08 -42.74
C ASP H 24 -29.20 -75.00 -42.77
N VAL H 25 -29.32 -76.11 -43.50
CA VAL H 25 -28.22 -77.06 -43.54
C VAL H 25 -27.01 -76.56 -44.32
N SER H 26 -27.17 -75.48 -45.10
CA SER H 26 -26.11 -75.08 -46.01
C SER H 26 -24.84 -74.66 -45.29
N TYR H 27 -24.94 -74.30 -44.01
CA TYR H 27 -23.80 -73.79 -43.27
C TYR H 27 -22.86 -74.88 -42.76
N TRP H 28 -23.20 -76.16 -42.99
CA TRP H 28 -22.40 -77.26 -42.48
C TRP H 28 -20.96 -77.19 -43.00
N ILE H 29 -20.77 -76.74 -44.24
CA ILE H 29 -19.40 -76.60 -44.75
C ILE H 29 -18.68 -75.47 -44.03
N ASP H 30 -19.39 -74.38 -43.71
CA ASP H 30 -18.76 -73.32 -42.91
C ASP H 30 -18.41 -73.83 -41.52
N LEU H 31 -19.24 -74.71 -40.98
CA LEU H 31 -18.98 -75.25 -39.65
C LEU H 31 -17.73 -76.13 -39.67
N VAL H 32 -17.59 -76.94 -40.74
CA VAL H 32 -16.38 -77.73 -40.91
C VAL H 32 -15.17 -76.83 -41.03
N GLU H 33 -15.27 -75.80 -41.87
CA GLU H 33 -14.12 -74.93 -42.12
C GLU H 33 -13.69 -74.21 -40.85
N HIS H 34 -14.65 -73.73 -40.05
CA HIS H 34 -14.29 -73.02 -38.83
C HIS H 34 -13.68 -73.96 -37.80
N ASN H 35 -14.22 -75.18 -37.69
CA ASN H 35 -13.71 -76.14 -36.71
C ASN H 35 -12.54 -76.96 -37.22
N ASN H 36 -12.21 -76.91 -38.52
CA ASN H 36 -11.03 -77.59 -39.05
C ASN H 36 -11.15 -79.11 -38.88
N LEU H 37 -12.18 -79.66 -39.50
CA LEU H 37 -12.52 -81.08 -39.35
C LEU H 37 -12.20 -81.86 -40.62
N LYS H 38 -11.69 -83.08 -40.44
CA LYS H 38 -11.53 -84.01 -41.54
C LYS H 38 -12.84 -84.73 -41.83
N TYR H 39 -12.86 -85.45 -42.96
CA TYR H 39 -14.11 -85.95 -43.56
C TYR H 39 -14.99 -86.75 -42.61
N PRO H 40 -14.47 -87.69 -41.81
CA PRO H 40 -15.33 -88.33 -40.80
C PRO H 40 -15.49 -87.39 -39.61
N TYR H 41 -16.42 -86.44 -39.73
CA TYR H 41 -16.44 -85.30 -38.82
C TYR H 41 -16.74 -85.74 -37.40
N LEU H 42 -17.75 -86.61 -37.23
CA LEU H 42 -18.26 -87.03 -35.93
C LEU H 42 -18.11 -88.55 -35.81
N VAL H 43 -16.96 -89.00 -35.33
CA VAL H 43 -16.69 -90.42 -35.27
C VAL H 43 -17.58 -91.08 -34.23
N GLU H 44 -17.68 -92.41 -34.32
CA GLU H 44 -18.52 -93.16 -33.39
C GLU H 44 -17.96 -93.11 -31.98
N THR H 45 -16.66 -93.39 -31.80
CA THR H 45 -16.10 -93.41 -30.46
C THR H 45 -14.65 -92.94 -30.51
N ASP H 46 -14.01 -92.93 -29.33
CA ASP H 46 -12.67 -92.38 -29.21
C ASP H 46 -11.62 -93.25 -29.89
N GLU H 47 -11.91 -94.52 -30.18
CA GLU H 47 -10.93 -95.35 -30.85
C GLU H 47 -10.63 -94.83 -32.25
N GLU H 48 -11.67 -94.38 -32.96
CA GLU H 48 -11.46 -93.75 -34.25
C GLU H 48 -10.75 -92.41 -34.09
N LYS H 49 -11.08 -91.66 -33.04
CA LYS H 49 -10.46 -90.35 -32.84
C LYS H 49 -8.96 -90.47 -32.56
N MET H 50 -8.51 -91.61 -32.04
CA MET H 50 -7.08 -91.82 -31.83
C MET H 50 -6.30 -91.79 -33.15
N LYS H 51 -6.94 -92.17 -34.26
CA LYS H 51 -6.25 -92.15 -35.55
C LYS H 51 -5.83 -90.75 -35.96
N ASP H 52 -6.63 -89.74 -35.63
CA ASP H 52 -6.30 -88.36 -35.95
C ASP H 52 -7.00 -87.46 -34.93
N PRO H 53 -6.42 -87.31 -33.73
CA PRO H 53 -7.08 -86.49 -32.71
C PRO H 53 -7.24 -85.02 -33.08
N GLU H 54 -6.30 -84.48 -33.85
CA GLU H 54 -6.36 -83.06 -34.20
C GLU H 54 -7.56 -82.75 -35.08
N ARG H 55 -7.75 -83.53 -36.14
CA ARG H 55 -8.70 -83.18 -37.19
C ARG H 55 -10.06 -83.86 -37.05
N LEU H 56 -10.24 -84.76 -36.08
CA LEU H 56 -11.49 -85.47 -35.88
C LEU H 56 -12.07 -85.17 -34.49
N ALA H 57 -13.40 -85.21 -34.38
CA ALA H 57 -14.09 -85.06 -33.11
C ALA H 57 -15.02 -86.24 -32.87
N SER H 58 -15.04 -86.72 -31.63
CA SER H 58 -15.84 -87.89 -31.26
C SER H 58 -17.05 -87.44 -30.44
N THR H 59 -17.83 -88.42 -29.98
CA THR H 59 -18.99 -88.11 -29.16
C THR H 59 -18.53 -87.54 -27.82
N GLY H 60 -19.22 -86.49 -27.37
CA GLY H 60 -18.84 -85.77 -26.18
C GLY H 60 -17.82 -84.68 -26.36
N ASP H 61 -17.27 -84.51 -27.56
CA ASP H 61 -16.38 -83.39 -27.86
C ASP H 61 -17.21 -82.13 -28.13
N THR H 62 -16.65 -80.99 -27.78
CA THR H 62 -17.32 -79.70 -27.86
C THR H 62 -16.95 -79.01 -29.18
N LEU H 63 -17.96 -78.67 -29.98
CA LEU H 63 -17.75 -77.83 -31.15
C LEU H 63 -18.06 -76.37 -30.85
N ILE H 64 -17.47 -75.49 -31.66
CA ILE H 64 -17.70 -74.04 -31.58
C ILE H 64 -18.56 -73.65 -32.77
N ILE H 65 -19.58 -72.84 -32.51
CA ILE H 65 -20.46 -72.34 -33.57
C ILE H 65 -20.28 -70.82 -33.59
N PRO H 66 -19.56 -70.22 -34.57
CA PRO H 66 -19.34 -68.77 -34.50
C PRO H 66 -20.59 -67.99 -34.91
N ILE H 67 -21.56 -67.95 -34.00
CA ILE H 67 -22.72 -67.07 -34.09
C ILE H 67 -22.64 -66.13 -32.90
N GLU H 68 -22.77 -64.84 -33.14
CA GLU H 68 -22.63 -63.85 -32.07
C GLU H 68 -23.80 -64.01 -31.11
N SER H 69 -23.57 -64.67 -29.98
CA SER H 69 -24.62 -64.85 -28.99
C SER H 69 -24.56 -63.74 -27.97
N ASP H 70 -25.70 -63.47 -27.33
CA ASP H 70 -25.82 -62.42 -26.34
C ASP H 70 -26.79 -62.87 -25.27
N LEU H 71 -26.41 -62.67 -24.00
CA LEU H 71 -27.21 -63.21 -22.90
C LEU H 71 -28.55 -62.52 -22.76
N THR H 72 -28.65 -61.26 -23.17
CA THR H 72 -29.95 -60.61 -23.24
C THR H 72 -30.71 -61.12 -24.45
N ASP H 73 -32.01 -60.84 -24.48
CA ASP H 73 -32.90 -61.37 -25.53
C ASP H 73 -33.00 -62.89 -25.45
N VAL H 74 -32.82 -63.45 -24.26
CA VAL H 74 -32.94 -64.89 -24.01
C VAL H 74 -34.25 -65.11 -23.28
N SER H 75 -35.00 -66.14 -23.68
CA SER H 75 -36.27 -66.42 -23.05
C SER H 75 -36.05 -66.84 -21.60
N ALA H 76 -36.63 -66.07 -20.67
CA ALA H 76 -36.54 -66.43 -19.25
C ALA H 76 -37.07 -67.82 -18.92
N LYS H 77 -37.89 -68.41 -19.80
CA LYS H 77 -38.42 -69.73 -19.53
C LYS H 77 -37.32 -70.79 -19.51
N GLU H 78 -36.28 -70.59 -20.31
CA GLU H 78 -35.18 -71.55 -20.34
C GLU H 78 -34.35 -71.50 -19.06
N ILE H 79 -34.26 -70.32 -18.42
CA ILE H 79 -33.36 -70.14 -17.30
C ILE H 79 -33.81 -71.04 -16.15
N ASN H 80 -32.83 -71.65 -15.48
CA ASN H 80 -33.11 -72.56 -14.37
C ASN H 80 -33.47 -71.76 -13.12
N SER H 81 -34.28 -72.38 -12.25
CA SER H 81 -34.78 -71.68 -11.06
C SER H 81 -33.65 -71.19 -10.18
N ARG H 82 -32.62 -72.01 -9.98
CA ARG H 82 -31.43 -71.56 -9.26
C ARG H 82 -30.76 -70.39 -9.97
N ASP H 83 -30.72 -70.43 -11.30
CA ASP H 83 -30.12 -69.33 -12.04
C ASP H 83 -30.92 -68.06 -11.86
N LYS H 84 -32.25 -68.17 -11.82
CA LYS H 84 -33.09 -67.01 -11.56
C LYS H 84 -32.88 -66.48 -10.15
N ASP H 85 -32.75 -67.38 -9.16
CA ASP H 85 -32.46 -66.95 -7.80
C ASP H 85 -31.16 -66.17 -7.73
N VAL H 86 -30.11 -66.70 -8.35
CA VAL H 86 -28.82 -66.00 -8.34
C VAL H 86 -28.94 -64.66 -9.06
N LEU H 87 -29.69 -64.61 -10.16
CA LEU H 87 -29.83 -63.38 -10.92
C LEU H 87 -30.53 -62.30 -10.11
N VAL H 88 -31.63 -62.64 -9.44
CA VAL H 88 -32.32 -61.66 -8.63
C VAL H 88 -31.45 -61.28 -7.43
N GLU H 89 -30.68 -62.23 -6.90
CA GLU H 89 -29.76 -61.91 -5.82
C GLU H 89 -28.75 -60.86 -6.25
N LEU H 90 -28.18 -61.03 -7.45
CA LEU H 90 -27.25 -60.03 -7.98
C LEU H 90 -27.94 -58.71 -8.20
N ALA H 91 -29.18 -58.75 -8.72
CA ALA H 91 -29.91 -57.53 -9.01
C ALA H 91 -30.17 -56.72 -7.76
N LEU H 92 -30.53 -57.38 -6.67
CA LEU H 92 -30.86 -56.70 -5.42
C LEU H 92 -29.65 -56.45 -4.54
N GLY H 93 -28.48 -56.95 -4.93
CA GLY H 93 -27.24 -56.55 -4.32
C GLY H 93 -26.93 -57.31 -3.05
N ARG H 94 -25.64 -57.34 -2.71
CA ARG H 94 -25.15 -57.91 -1.45
C ARG H 94 -24.52 -56.80 -0.64
N ASP H 95 -24.75 -56.83 0.68
CA ASP H 95 -24.30 -55.75 1.55
C ASP H 95 -24.03 -56.31 2.94
N LEU H 96 -23.21 -55.60 3.70
CA LEU H 96 -22.83 -56.03 5.05
C LEU H 96 -24.00 -55.88 6.01
N ASN H 97 -24.28 -56.95 6.75
CA ASN H 97 -25.44 -56.97 7.63
C ASN H 97 -25.24 -56.00 8.78
N ILE H 98 -26.10 -54.99 8.88
CA ILE H 98 -26.08 -54.06 10.00
C ILE H 98 -27.35 -54.10 10.82
N THR H 99 -28.47 -54.53 10.24
CA THR H 99 -29.75 -54.61 10.94
C THR H 99 -29.89 -55.87 11.79
N ALA H 100 -28.78 -56.51 12.19
CA ALA H 100 -28.87 -57.59 13.14
C ALA H 100 -29.33 -57.04 14.49
N ASP H 101 -29.80 -57.92 15.36
CA ASP H 101 -30.42 -57.53 16.63
C ASP H 101 -31.58 -56.58 16.36
N GLU H 102 -32.63 -57.14 15.74
CA GLU H 102 -33.79 -56.33 15.38
C GLU H 102 -34.43 -55.69 16.60
N LYS H 103 -34.50 -56.42 17.72
CA LYS H 103 -35.19 -55.97 18.91
C LYS H 103 -34.60 -54.67 19.44
N TYR H 104 -33.27 -54.55 19.42
CA TYR H 104 -32.61 -53.42 20.06
C TYR H 104 -32.94 -52.11 19.34
N PHE H 105 -32.61 -52.01 18.06
CA PHE H 105 -32.91 -50.77 17.34
C PHE H 105 -34.39 -50.64 17.02
N ASN H 106 -35.20 -51.68 17.26
CA ASN H 106 -36.65 -51.49 17.22
C ASN H 106 -37.14 -50.85 18.51
N GLU H 107 -36.42 -51.06 19.61
CA GLU H 107 -36.75 -50.41 20.87
C GLU H 107 -36.29 -48.96 20.94
N HIS H 108 -35.36 -48.56 20.06
CA HIS H 108 -34.79 -47.23 20.04
C HIS H 108 -34.65 -46.76 18.59
N GLY H 109 -35.78 -46.64 17.88
CA GLY H 109 -35.72 -46.38 16.45
C GLY H 109 -35.20 -45.00 16.10
N THR H 110 -35.56 -43.99 16.89
CA THR H 110 -35.24 -42.61 16.56
C THR H 110 -33.81 -42.23 16.92
N SER H 111 -33.17 -42.97 17.83
CA SER H 111 -31.88 -42.57 18.38
C SER H 111 -30.75 -43.00 17.44
N ASP H 112 -29.54 -42.52 17.73
CA ASP H 112 -28.33 -42.94 17.04
C ASP H 112 -27.64 -44.03 17.85
N ASN H 113 -26.56 -44.57 17.27
CA ASN H 113 -25.81 -45.68 17.85
C ASN H 113 -26.70 -46.90 18.09
N ILE H 114 -27.53 -47.21 17.10
CA ILE H 114 -28.58 -48.21 17.27
C ILE H 114 -28.25 -49.54 16.61
N LEU H 115 -27.52 -49.54 15.51
CA LEU H 115 -27.21 -50.74 14.74
C LEU H 115 -25.69 -50.89 14.66
N ALA H 116 -25.25 -52.09 14.31
CA ALA H 116 -23.81 -52.34 14.22
C ALA H 116 -23.59 -53.55 13.32
N PHE H 117 -22.35 -53.70 12.88
CA PHE H 117 -21.93 -54.82 12.07
C PHE H 117 -22.04 -56.11 12.89
N SER H 118 -22.00 -57.25 12.20
CA SER H 118 -21.99 -58.54 12.88
C SER H 118 -21.22 -59.55 12.05
N THR H 119 -20.90 -60.68 12.68
CA THR H 119 -20.18 -61.77 12.06
C THR H 119 -21.13 -62.89 11.64
N ASN H 120 -20.76 -63.58 10.56
CA ASN H 120 -21.55 -64.67 9.99
C ASN H 120 -21.40 -65.99 10.74
N GLY H 121 -20.59 -66.04 11.80
CA GLY H 121 -20.32 -67.27 12.51
C GLY H 121 -19.17 -68.09 11.95
N ASN H 122 -18.64 -67.71 10.77
CA ASN H 122 -17.51 -68.38 10.14
C ASN H 122 -16.28 -67.49 10.13
N GLY H 123 -16.19 -66.55 11.07
CA GLY H 123 -15.11 -65.61 11.17
C GLY H 123 -15.02 -64.56 10.08
N ASP H 124 -16.04 -64.44 9.23
CA ASP H 124 -16.10 -63.41 8.20
C ASP H 124 -17.24 -62.45 8.50
N LEU H 125 -17.21 -61.27 7.88
CA LEU H 125 -18.26 -60.28 8.11
C LEU H 125 -19.60 -60.80 7.62
N ASP H 126 -20.66 -60.48 8.36
CA ASP H 126 -21.99 -60.92 8.01
C ASP H 126 -22.49 -60.14 6.79
N THR H 127 -23.34 -60.80 6.00
CA THR H 127 -23.82 -60.27 4.73
C THR H 127 -25.31 -60.60 4.62
N VAL H 128 -26.06 -59.65 4.05
CA VAL H 128 -27.47 -59.83 3.73
C VAL H 128 -27.66 -59.68 2.23
N LYS H 129 -28.44 -60.56 1.64
CA LYS H 129 -28.56 -60.70 0.20
C LYS H 129 -30.03 -60.77 -0.21
N GLY H 130 -30.32 -60.25 -1.39
CA GLY H 130 -31.65 -60.38 -1.96
C GLY H 130 -32.69 -59.69 -1.12
N ILE H 131 -33.65 -60.46 -0.61
CA ILE H 131 -34.74 -59.88 0.16
C ILE H 131 -34.22 -59.36 1.49
N ASP H 132 -33.28 -60.07 2.13
CA ASP H 132 -32.67 -59.56 3.35
C ASP H 132 -32.00 -58.22 3.09
N ASN H 133 -31.36 -58.08 1.94
CA ASN H 133 -30.71 -56.81 1.58
C ASN H 133 -31.73 -55.70 1.46
N MET H 134 -32.84 -55.98 0.77
CA MET H 134 -33.88 -54.98 0.60
C MET H 134 -34.48 -54.58 1.93
N LYS H 135 -34.72 -55.57 2.80
CA LYS H 135 -35.16 -55.28 4.17
C LYS H 135 -34.20 -54.35 4.86
N GLN H 136 -32.91 -54.68 4.82
CA GLN H 136 -31.89 -53.86 5.48
C GLN H 136 -31.90 -52.44 4.97
N GLN H 137 -31.97 -52.27 3.65
CA GLN H 137 -31.87 -50.93 3.08
C GLN H 137 -33.11 -50.12 3.38
N LEU H 138 -34.29 -50.75 3.31
CA LEU H 138 -35.52 -50.03 3.59
C LEU H 138 -35.61 -49.64 5.07
N GLN H 139 -35.26 -50.55 5.97
CA GLN H 139 -35.17 -50.23 7.38
C GLN H 139 -34.21 -49.08 7.64
N ALA H 140 -33.02 -49.14 7.03
CA ALA H 140 -32.03 -48.10 7.28
C ALA H 140 -32.49 -46.75 6.75
N ARG H 141 -33.12 -46.72 5.58
CA ARG H 141 -33.62 -45.46 5.03
C ARG H 141 -34.72 -44.88 5.91
N LEU H 142 -35.73 -45.70 6.24
CA LEU H 142 -36.78 -45.25 7.14
C LEU H 142 -36.26 -44.77 8.49
N LEU H 143 -35.25 -45.44 9.04
CA LEU H 143 -34.73 -45.06 10.35
C LEU H 143 -33.85 -43.81 10.27
N THR H 144 -33.17 -43.61 9.15
CA THR H 144 -32.27 -42.46 9.02
C THR H 144 -33.08 -41.15 8.95
N PRO H 145 -32.75 -40.15 9.77
CA PRO H 145 -33.34 -38.82 9.55
C PRO H 145 -32.84 -38.21 8.24
N ARG H 146 -33.71 -37.47 7.57
CA ARG H 146 -33.34 -36.88 6.29
C ARG H 146 -32.40 -35.71 6.51
N GLY H 147 -31.31 -35.68 5.76
CA GLY H 147 -30.31 -34.64 5.86
C GLY H 147 -29.21 -34.90 6.86
N SER H 148 -29.33 -35.94 7.69
CA SER H 148 -28.31 -36.24 8.68
C SER H 148 -27.12 -36.97 8.07
N LEU H 149 -27.34 -37.75 7.01
CA LEU H 149 -26.26 -38.49 6.37
C LEU H 149 -25.38 -37.53 5.58
N MET H 150 -24.06 -37.64 5.74
CA MET H 150 -23.15 -36.82 4.95
C MET H 150 -23.19 -37.24 3.49
N LEU H 151 -22.91 -36.27 2.61
CA LEU H 151 -22.83 -36.46 1.18
C LEU H 151 -24.16 -36.90 0.55
N HIS H 152 -25.27 -36.84 1.28
CA HIS H 152 -26.56 -37.32 0.79
C HIS H 152 -27.66 -36.56 1.53
N PRO H 153 -27.96 -35.33 1.09
CA PRO H 153 -29.00 -34.56 1.80
C PRO H 153 -30.36 -35.24 1.84
N ASN H 154 -30.79 -35.83 0.73
CA ASN H 154 -32.17 -36.31 0.59
C ASN H 154 -32.39 -37.69 1.20
N TYR H 155 -31.33 -38.46 1.45
CA TYR H 155 -31.50 -39.78 2.03
C TYR H 155 -31.96 -39.66 3.47
N GLY H 156 -33.06 -40.36 3.80
CA GLY H 156 -33.57 -40.42 5.14
C GLY H 156 -35.07 -40.24 5.16
N SER H 157 -35.59 -39.93 6.35
CA SER H 157 -37.02 -39.77 6.54
C SER H 157 -37.27 -38.69 7.58
N ASP H 158 -38.48 -38.10 7.55
CA ASP H 158 -38.84 -37.03 8.46
C ASP H 158 -39.69 -37.53 9.64
N LEU H 159 -39.69 -38.85 9.91
CA LEU H 159 -40.54 -39.40 10.95
C LEU H 159 -40.15 -38.90 12.33
N HIS H 160 -38.88 -38.52 12.52
CA HIS H 160 -38.46 -38.03 13.83
C HIS H 160 -39.20 -36.76 14.24
N ASN H 161 -39.69 -35.99 13.27
CA ASN H 161 -40.46 -34.78 13.55
C ASN H 161 -41.97 -35.01 13.57
N LEU H 162 -42.45 -36.18 13.12
CA LEU H 162 -43.89 -36.46 13.03
C LEU H 162 -44.45 -37.08 14.30
N PHE H 163 -43.85 -36.80 15.46
CA PHE H 163 -44.39 -37.26 16.74
C PHE H 163 -45.36 -36.21 17.30
N GLY H 164 -46.42 -35.99 16.52
CA GLY H 164 -47.48 -35.02 16.75
C GLY H 164 -48.66 -35.56 17.51
N LEU H 165 -49.80 -34.89 17.32
CA LEU H 165 -51.01 -35.14 18.08
C LEU H 165 -51.69 -36.43 17.58
N ASN H 166 -52.72 -36.88 18.31
CA ASN H 166 -53.43 -38.10 17.95
C ASN H 166 -54.75 -37.72 17.24
N ILE H 167 -54.61 -37.43 15.95
CA ILE H 167 -55.72 -37.11 15.06
C ILE H 167 -55.45 -37.71 13.70
N PRO H 168 -56.47 -37.84 12.84
CA PRO H 168 -56.21 -38.39 11.49
C PRO H 168 -55.25 -37.59 10.67
N GLU H 169 -55.06 -36.30 10.97
CA GLU H 169 -54.19 -35.48 10.14
C GLU H 169 -52.74 -35.94 10.26
N GLN H 170 -52.25 -36.09 11.48
CA GLN H 170 -50.90 -36.57 11.68
C GLN H 170 -50.71 -37.99 11.14
N ALA H 171 -51.71 -38.85 11.31
CA ALA H 171 -51.70 -40.15 10.63
C ALA H 171 -51.47 -40.01 9.14
N THR H 172 -52.18 -39.06 8.50
CA THR H 172 -52.02 -38.89 7.07
C THR H 172 -50.63 -38.37 6.72
N LEU H 173 -50.10 -37.48 7.56
CA LEU H 173 -48.76 -36.95 7.36
C LEU H 173 -47.72 -38.06 7.44
N ILE H 174 -47.82 -38.89 8.49
CA ILE H 174 -46.95 -40.07 8.61
C ILE H 174 -47.05 -40.93 7.35
N GLU H 175 -48.29 -41.24 6.93
CA GLU H 175 -48.47 -42.11 5.78
C GLU H 175 -47.83 -41.53 4.53
N MET H 176 -48.03 -40.23 4.30
CA MET H 176 -47.45 -39.58 3.14
C MET H 176 -45.93 -39.57 3.21
N GLU H 177 -45.37 -39.31 4.40
CA GLU H 177 -43.92 -39.32 4.56
C GLU H 177 -43.35 -40.71 4.29
N VAL H 178 -44.02 -41.75 4.80
CA VAL H 178 -43.54 -43.12 4.60
C VAL H 178 -43.61 -43.48 3.12
N LEU H 179 -44.69 -43.09 2.44
CA LEU H 179 -44.78 -43.37 1.01
C LEU H 179 -43.70 -42.63 0.23
N ARG H 180 -43.37 -41.41 0.64
CA ARG H 180 -42.27 -40.70 0.01
C ARG H 180 -40.96 -41.43 0.22
N THR H 181 -40.71 -41.87 1.46
CA THR H 181 -39.45 -42.53 1.78
C THR H 181 -39.30 -43.83 1.01
N LEU H 182 -40.39 -44.57 0.87
CA LEU H 182 -40.32 -45.84 0.14
C LEU H 182 -40.19 -45.59 -1.36
N THR H 183 -40.88 -44.58 -1.87
CA THR H 183 -40.78 -44.27 -3.29
C THR H 183 -39.37 -43.82 -3.65
N SER H 184 -38.68 -43.16 -2.73
CA SER H 184 -37.32 -42.67 -2.96
C SER H 184 -36.38 -43.78 -3.42
N ASP H 185 -36.61 -45.02 -2.97
CA ASP H 185 -35.81 -46.14 -3.42
C ASP H 185 -36.13 -46.47 -4.87
N ASN H 186 -35.10 -46.58 -5.71
CA ASN H 186 -35.31 -46.88 -7.12
C ASN H 186 -35.90 -48.27 -7.31
N ARG H 187 -35.50 -49.25 -6.49
CA ARG H 187 -35.94 -50.62 -6.68
C ARG H 187 -37.40 -50.82 -6.30
N VAL H 188 -37.99 -49.92 -5.53
CA VAL H 188 -39.36 -50.07 -5.06
C VAL H 188 -40.26 -49.57 -6.18
N LYS H 189 -40.99 -50.49 -6.81
CA LYS H 189 -41.83 -50.11 -7.93
C LYS H 189 -43.00 -49.26 -7.47
N SER H 190 -43.58 -49.57 -6.31
CA SER H 190 -44.66 -48.77 -5.76
C SER H 190 -44.90 -49.19 -4.31
N ALA H 191 -45.56 -48.32 -3.56
CA ALA H 191 -45.96 -48.62 -2.19
C ALA H 191 -47.29 -47.94 -1.93
N ASN H 192 -48.07 -48.51 -1.01
CA ASN H 192 -49.42 -48.05 -0.78
C ASN H 192 -49.88 -48.46 0.61
N LEU H 193 -50.83 -47.70 1.15
CA LEU H 193 -51.35 -47.97 2.49
C LEU H 193 -52.22 -49.22 2.47
N ILE H 194 -52.10 -50.02 3.52
CA ILE H 194 -52.96 -51.17 3.77
C ILE H 194 -54.01 -50.85 4.84
N ASP H 195 -53.56 -50.56 6.06
CA ASP H 195 -54.45 -50.28 7.19
C ASP H 195 -53.65 -49.54 8.27
N TRP H 196 -54.36 -48.70 9.02
CA TRP H 196 -53.77 -47.97 10.14
C TRP H 196 -54.82 -47.83 11.24
N LYS H 197 -54.32 -47.55 12.44
CA LYS H 197 -55.20 -47.29 13.58
C LYS H 197 -54.45 -46.46 14.60
N ILE H 198 -55.21 -45.88 15.52
CA ILE H 198 -54.68 -45.05 16.61
C ILE H 198 -55.18 -45.65 17.92
N GLN H 199 -54.27 -45.83 18.88
CA GLN H 199 -54.62 -46.34 20.20
C GLN H 199 -54.16 -45.35 21.28
N GLY H 200 -54.52 -44.08 21.13
CA GLY H 200 -54.10 -43.05 22.07
C GLY H 200 -52.67 -42.59 21.86
N ASN H 201 -51.74 -43.03 22.72
CA ASN H 201 -50.33 -42.77 22.44
C ASN H 201 -49.94 -43.40 21.12
N VAL H 202 -50.23 -44.68 20.98
CA VAL H 202 -49.51 -45.52 20.05
C VAL H 202 -50.19 -45.40 18.70
N TYR H 203 -49.38 -45.28 17.66
CA TYR H 203 -49.84 -45.35 16.29
C TYR H 203 -49.35 -46.67 15.71
N SER H 204 -50.17 -47.27 14.84
CA SER H 204 -49.83 -48.51 14.20
C SER H 204 -50.27 -48.45 12.76
N GLY H 205 -49.42 -48.94 11.87
CA GLY H 205 -49.71 -48.93 10.46
C GLY H 205 -48.94 -50.04 9.78
N GLN H 206 -49.38 -50.38 8.58
CA GLN H 206 -48.69 -51.38 7.80
C GLN H 206 -48.80 -51.04 6.31
N PHE H 207 -47.77 -51.41 5.56
CA PHE H 207 -47.63 -51.04 4.17
C PHE H 207 -47.35 -52.28 3.34
N SER H 208 -47.47 -52.12 2.03
CA SER H 208 -47.20 -53.17 1.06
C SER H 208 -46.24 -52.63 0.02
N VAL H 209 -45.14 -53.35 -0.17
CA VAL H 209 -44.04 -52.91 -1.03
C VAL H 209 -43.87 -53.96 -2.12
N GLU H 210 -43.92 -53.52 -3.38
CA GLU H 210 -43.75 -54.39 -4.54
C GLU H 210 -42.38 -54.09 -5.15
N ILE H 211 -41.41 -54.96 -4.90
CA ILE H 211 -40.09 -54.81 -5.50
C ILE H 211 -40.19 -55.16 -6.98
N LYS H 212 -39.16 -54.82 -7.76
CA LYS H 212 -39.17 -55.12 -9.18
C LYS H 212 -39.26 -56.62 -9.42
N SER H 213 -39.98 -57.00 -10.48
CA SER H 213 -40.26 -58.41 -10.68
C SER H 213 -39.02 -59.16 -11.14
N VAL H 214 -39.11 -60.49 -11.05
CA VAL H 214 -38.02 -61.37 -11.48
C VAL H 214 -37.65 -61.08 -12.93
N GLU H 215 -38.63 -60.88 -13.81
CA GLU H 215 -38.32 -60.64 -15.21
C GLU H 215 -37.49 -59.38 -15.39
N GLU H 216 -37.86 -58.30 -14.71
CA GLU H 216 -37.13 -57.05 -14.84
C GLU H 216 -35.72 -57.18 -14.30
N SER H 217 -35.56 -57.83 -13.15
CA SER H 217 -34.22 -58.03 -12.59
C SER H 217 -33.37 -58.90 -13.51
N ILE H 218 -33.97 -59.94 -14.10
CA ILE H 218 -33.22 -60.79 -15.02
C ILE H 218 -32.74 -59.97 -16.21
N ASN H 219 -33.65 -59.21 -16.81
CA ASN H 219 -33.32 -58.38 -17.96
C ASN H 219 -32.21 -57.39 -17.61
N PHE H 220 -32.28 -56.79 -16.43
CA PHE H 220 -31.27 -55.82 -16.01
C PHE H 220 -29.90 -56.48 -15.88
N VAL H 221 -29.85 -57.62 -15.18
CA VAL H 221 -28.56 -58.27 -14.93
C VAL H 221 -27.97 -58.80 -16.24
N LEU H 222 -28.77 -59.45 -17.06
CA LEU H 222 -28.29 -59.94 -18.35
C LEU H 222 -27.85 -58.81 -19.27
N GLY H 223 -28.54 -57.66 -19.23
CA GLY H 223 -28.03 -56.49 -19.91
C GLY H 223 -26.69 -56.04 -19.38
N GLN H 224 -26.48 -56.13 -18.07
CA GLN H 224 -25.22 -55.71 -17.47
C GLN H 224 -24.03 -56.54 -17.95
N ASP H 225 -24.29 -57.73 -18.50
CA ASP H 225 -23.21 -58.56 -19.02
C ASP H 225 -22.39 -57.84 -20.08
N GLU H 226 -23.03 -56.96 -20.86
CA GLU H 226 -22.31 -56.21 -21.88
C GLU H 226 -21.21 -55.35 -21.29
N GLU H 227 -21.43 -54.80 -20.09
CA GLU H 227 -20.45 -53.94 -19.42
C GLU H 227 -19.56 -54.72 -18.47
N GLY H 228 -20.08 -55.77 -17.86
CA GLY H 228 -19.33 -56.58 -16.92
C GLY H 228 -19.19 -56.00 -15.53
N ILE H 229 -19.86 -54.88 -15.23
CA ILE H 229 -19.71 -54.30 -13.89
C ILE H 229 -20.33 -55.21 -12.84
N PHE H 230 -21.57 -55.67 -13.08
CA PHE H 230 -22.32 -56.49 -12.12
C PHE H 230 -22.26 -55.87 -10.72
N ALA H 231 -22.67 -54.60 -10.64
CA ALA H 231 -22.67 -53.89 -9.37
C ALA H 231 -23.75 -52.82 -9.45
N LEU H 232 -24.05 -52.21 -8.30
CA LEU H 232 -25.18 -51.29 -8.16
C LEU H 232 -24.67 -49.95 -7.65
N PHE H 233 -24.86 -48.90 -8.45
CA PHE H 233 -24.51 -47.52 -8.11
C PHE H 233 -25.75 -46.62 -8.16
N GLU H 234 -26.89 -47.13 -7.71
CA GLU H 234 -28.14 -46.37 -7.72
C GLU H 234 -28.12 -45.26 -6.68
N MET I 1 6.54 -37.59 6.51
CA MET I 1 6.25 -38.86 5.77
C MET I 1 7.34 -39.90 6.01
N LYS I 2 6.95 -41.05 6.56
CA LYS I 2 7.91 -42.10 6.91
C LYS I 2 8.02 -43.15 5.82
N THR I 3 7.28 -43.02 4.72
CA THR I 3 7.39 -43.94 3.57
C THR I 3 6.94 -45.35 3.94
N ARG I 4 5.78 -45.44 4.57
CA ARG I 4 5.23 -46.76 4.88
C ARG I 4 4.88 -47.49 3.58
N LYS I 5 4.68 -48.80 3.69
CA LYS I 5 4.30 -49.65 2.57
C LYS I 5 2.99 -50.36 2.86
N LEU I 6 2.42 -50.92 1.79
CA LEU I 6 1.09 -51.50 1.86
C LEU I 6 1.03 -52.68 2.83
N THR I 7 2.04 -53.56 2.77
CA THR I 7 1.98 -54.79 3.56
C THR I 7 1.96 -54.50 5.05
N ASN I 8 2.80 -53.58 5.51
CA ASN I 8 2.84 -53.27 6.94
C ASN I 8 1.54 -52.63 7.41
N ILE I 9 0.96 -51.74 6.59
CA ILE I 9 -0.30 -51.11 6.98
C ILE I 9 -1.39 -52.16 7.09
N LEU I 10 -1.49 -53.05 6.10
CA LEU I 10 -2.52 -54.08 6.14
C LEU I 10 -2.30 -55.01 7.33
N SER I 11 -1.04 -55.37 7.60
CA SER I 11 -0.75 -56.23 8.74
C SER I 11 -1.14 -55.56 10.05
N LYS I 12 -0.85 -54.27 10.19
CA LYS I 12 -1.20 -53.55 11.41
C LYS I 12 -2.71 -53.51 11.59
N LEU I 13 -3.44 -53.22 10.50
CA LEU I 13 -4.91 -53.17 10.57
C LEU I 13 -5.48 -54.52 10.96
N ILE I 14 -4.97 -55.60 10.35
CA ILE I 14 -5.50 -56.93 10.65
C ILE I 14 -5.17 -57.31 12.09
N ASP I 15 -3.96 -56.97 12.56
CA ASP I 15 -3.57 -57.33 13.91
C ASP I 15 -4.45 -56.61 14.94
N LYS I 16 -4.70 -55.32 14.72
CA LYS I 16 -5.58 -54.61 15.63
C LYS I 16 -7.00 -55.17 15.57
N THR I 17 -7.47 -55.51 14.36
CA THR I 17 -8.82 -56.08 14.24
C THR I 17 -8.93 -57.38 15.01
N MET I 18 -7.93 -58.24 14.90
CA MET I 18 -7.93 -59.49 15.66
C MET I 18 -7.89 -59.21 17.15
N ALA I 19 -7.07 -58.23 17.57
CA ALA I 19 -6.94 -57.93 18.99
C ALA I 19 -8.23 -57.39 19.59
N GLY I 20 -9.02 -56.63 18.82
CA GLY I 20 -10.25 -56.09 19.35
C GLY I 20 -11.42 -57.06 19.39
N THR I 21 -11.28 -58.25 18.79
CA THR I 21 -12.36 -59.22 18.82
C THR I 21 -11.83 -60.57 18.38
N SER I 22 -12.24 -61.63 19.08
CA SER I 22 -11.88 -62.99 18.71
C SER I 22 -12.84 -63.61 17.71
N LYS I 23 -13.96 -62.94 17.40
CA LYS I 23 -14.91 -63.51 16.46
C LYS I 23 -14.36 -63.49 15.04
N ILE I 24 -13.82 -62.35 14.62
CA ILE I 24 -13.31 -62.18 13.26
C ILE I 24 -11.97 -62.92 13.19
N THR I 25 -11.95 -64.02 12.44
CA THR I 25 -10.72 -64.81 12.24
C THR I 25 -10.62 -65.36 10.83
N ASP I 26 -11.24 -64.69 9.84
CA ASP I 26 -11.20 -65.10 8.44
C ASP I 26 -10.72 -63.90 7.63
N PHE I 27 -9.41 -63.83 7.40
CA PHE I 27 -8.76 -62.79 6.59
C PHE I 27 -8.07 -63.44 5.40
N THR I 28 -8.74 -64.39 4.75
CA THR I 28 -8.18 -65.02 3.56
C THR I 28 -8.49 -64.19 2.32
N PRO I 29 -7.74 -64.42 1.22
CA PRO I 29 -8.07 -63.74 -0.04
C PRO I 29 -9.51 -63.97 -0.46
N GLY I 30 -10.15 -62.90 -0.92
CA GLY I 30 -11.55 -62.93 -1.29
C GLY I 30 -12.53 -62.64 -0.17
N SER I 31 -12.05 -62.42 1.05
CA SER I 31 -12.93 -62.08 2.17
C SER I 31 -13.26 -60.61 2.14
N ALA I 32 -14.43 -60.26 2.68
CA ALA I 32 -14.89 -58.88 2.66
C ALA I 32 -13.97 -57.98 3.49
N SER I 33 -13.69 -58.39 4.73
CA SER I 33 -12.83 -57.61 5.62
C SER I 33 -11.46 -57.36 4.99
N ARG I 34 -10.85 -58.40 4.41
CA ARG I 34 -9.53 -58.24 3.84
C ARG I 34 -9.56 -57.28 2.66
N SER I 35 -10.59 -57.38 1.81
CA SER I 35 -10.71 -56.47 0.67
C SER I 35 -10.85 -55.03 1.13
N LEU I 36 -11.72 -54.79 2.12
CA LEU I 36 -11.92 -53.42 2.60
C LEU I 36 -10.63 -52.86 3.18
N LEU I 37 -9.97 -53.62 4.05
CA LEU I 37 -8.75 -53.13 4.68
C LEU I 37 -7.65 -52.92 3.65
N GLU I 38 -7.57 -53.81 2.66
CA GLU I 38 -6.63 -53.65 1.56
C GLU I 38 -6.86 -52.35 0.79
N ALA I 39 -8.12 -52.07 0.43
CA ALA I 39 -8.42 -50.82 -0.25
C ALA I 39 -8.03 -49.61 0.59
N VAL I 40 -8.34 -49.64 1.89
CA VAL I 40 -8.03 -48.50 2.76
C VAL I 40 -6.51 -48.30 2.81
N SER I 41 -5.77 -49.38 3.01
CA SER I 41 -4.31 -49.27 3.14
C SER I 41 -3.68 -48.86 1.82
N LEU I 42 -4.26 -49.29 0.70
CA LEU I 42 -3.74 -48.87 -0.60
C LEU I 42 -3.93 -47.38 -0.80
N GLU I 43 -5.10 -46.87 -0.42
CA GLU I 43 -5.32 -45.43 -0.51
C GLU I 43 -4.38 -44.66 0.41
N ILE I 44 -4.12 -45.20 1.60
CA ILE I 44 -3.16 -44.55 2.49
C ILE I 44 -1.77 -44.55 1.85
N GLU I 45 -1.40 -45.65 1.21
CA GLU I 45 -0.09 -45.75 0.57
C GLU I 45 0.05 -44.72 -0.53
N GLN I 46 -1.01 -44.58 -1.34
CA GLN I 46 -0.99 -43.60 -2.41
C GLN I 46 -0.94 -42.17 -1.88
N PHE I 47 -1.68 -41.90 -0.79
CA PHE I 47 -1.58 -40.62 -0.12
C PHE I 47 -0.15 -40.33 0.32
N TYR I 48 0.52 -41.32 0.92
CA TYR I 48 1.88 -41.10 1.39
C TYR I 48 2.83 -40.85 0.23
N ILE I 49 2.69 -41.62 -0.85
CA ILE I 49 3.56 -41.45 -2.01
C ILE I 49 3.38 -40.05 -2.60
N LEU I 50 2.13 -39.67 -2.88
CA LEU I 50 1.89 -38.35 -3.42
C LEU I 50 2.30 -37.25 -2.45
N THR I 51 2.24 -37.50 -1.14
CA THR I 51 2.68 -36.47 -0.23
C THR I 51 4.19 -36.25 -0.35
N LYS I 52 4.95 -37.34 -0.44
CA LYS I 52 6.39 -37.27 -0.65
C LYS I 52 6.70 -36.51 -1.94
N GLU I 53 6.03 -36.86 -3.03
CA GLU I 53 6.27 -36.19 -4.30
C GLU I 53 5.94 -34.71 -4.22
N ASN I 54 4.81 -34.37 -3.58
CA ASN I 54 4.44 -32.97 -3.46
C ASN I 54 5.42 -32.20 -2.60
N ILE I 55 6.01 -32.84 -1.58
CA ILE I 55 7.00 -32.16 -0.76
C ILE I 55 8.25 -31.88 -1.57
N ASP I 56 8.67 -32.85 -2.40
CA ASP I 56 9.83 -32.60 -3.25
C ASP I 56 9.57 -31.42 -4.18
N TRP I 57 8.40 -31.42 -4.82
CA TRP I 57 8.01 -30.32 -5.69
C TRP I 57 7.96 -29.00 -4.92
N GLY I 58 7.48 -29.04 -3.68
CA GLY I 58 7.41 -27.86 -2.85
C GLY I 58 8.78 -27.30 -2.50
N ILE I 59 9.77 -28.18 -2.29
CA ILE I 59 11.11 -27.71 -1.98
C ILE I 59 11.67 -26.98 -3.18
N GLN I 60 11.53 -27.57 -4.37
CA GLN I 60 11.97 -26.89 -5.59
C GLN I 60 11.26 -25.54 -5.74
N GLU I 61 9.97 -25.50 -5.43
CA GLU I 61 9.22 -24.26 -5.61
C GLU I 61 9.66 -23.19 -4.62
N GLY I 62 9.99 -23.60 -3.39
CA GLY I 62 10.43 -22.63 -2.40
C GLY I 62 11.81 -22.12 -2.71
N ILE I 63 12.67 -22.98 -3.27
CA ILE I 63 13.97 -22.52 -3.74
C ILE I 63 13.79 -21.47 -4.83
N ILE I 64 12.90 -21.73 -5.80
CA ILE I 64 12.66 -20.73 -6.85
C ILE I 64 12.13 -19.44 -6.21
N GLU I 65 11.16 -19.56 -5.30
CA GLU I 65 10.44 -18.38 -4.83
C GLU I 65 11.29 -17.50 -3.92
N ALA I 66 12.12 -18.10 -3.07
CA ALA I 66 12.83 -17.33 -2.06
C ALA I 66 13.82 -16.36 -2.70
N PHE I 67 14.61 -16.84 -3.66
CA PHE I 67 15.63 -16.05 -4.32
C PHE I 67 15.15 -15.36 -5.58
N ASP I 68 13.87 -15.54 -5.96
CA ASP I 68 13.35 -15.02 -7.22
C ASP I 68 14.16 -15.48 -8.42
N PHE I 69 14.69 -16.70 -8.35
CA PHE I 69 15.57 -17.24 -9.38
C PHE I 69 14.66 -17.86 -10.44
N GLN I 70 14.13 -17.01 -11.32
CA GLN I 70 13.15 -17.50 -12.29
C GLN I 70 13.86 -18.36 -13.33
N LYS I 71 13.17 -19.41 -13.79
CA LYS I 71 13.71 -20.25 -14.84
C LYS I 71 13.69 -19.54 -16.19
N ARG I 72 14.81 -19.63 -16.93
CA ARG I 72 14.92 -18.96 -18.22
C ARG I 72 14.06 -19.65 -19.26
N GLN I 73 13.38 -18.85 -20.10
CA GLN I 73 12.47 -19.38 -21.09
C GLN I 73 13.20 -19.59 -22.42
N SER I 74 12.48 -20.14 -23.40
CA SER I 74 13.00 -20.35 -24.75
C SER I 74 13.54 -19.04 -25.32
N LYS I 75 14.65 -19.13 -26.06
CA LYS I 75 15.29 -17.96 -26.63
C LYS I 75 15.12 -17.97 -28.15
N ARG I 76 14.74 -16.83 -28.71
CA ARG I 76 14.56 -16.68 -30.15
C ARG I 76 15.91 -16.57 -30.84
N ALA I 77 16.04 -17.21 -31.99
CA ALA I 77 17.30 -17.19 -32.73
C ALA I 77 17.57 -15.79 -33.27
N TYR I 78 18.85 -15.43 -33.37
CA TYR I 78 19.26 -14.17 -33.95
C TYR I 78 20.62 -14.32 -34.60
N GLY I 79 20.82 -13.64 -35.71
CA GLY I 79 22.11 -13.57 -36.37
C GLY I 79 22.24 -12.31 -37.19
N ASP I 80 23.20 -12.31 -38.10
CA ASP I 80 23.48 -11.20 -38.98
C ASP I 80 23.27 -11.62 -40.42
N VAL I 81 23.08 -10.65 -41.32
CA VAL I 81 22.83 -10.93 -42.72
C VAL I 81 23.66 -9.95 -43.54
N THR I 82 24.32 -10.47 -44.59
CA THR I 82 25.13 -9.66 -45.48
C THR I 82 24.31 -9.24 -46.69
N ILE I 83 24.40 -7.97 -47.05
CA ILE I 83 23.65 -7.39 -48.16
C ILE I 83 24.65 -6.68 -49.07
N GLN I 84 24.51 -6.89 -50.38
CA GLN I 84 25.38 -6.30 -51.39
C GLN I 84 24.55 -5.46 -52.36
N PHE I 85 25.21 -4.46 -52.97
CA PHE I 85 24.56 -3.58 -53.93
C PHE I 85 25.22 -3.74 -55.31
N TYR I 86 24.55 -3.18 -56.32
CA TYR I 86 25.10 -3.17 -57.67
C TYR I 86 26.42 -2.41 -57.72
N GLN I 87 26.42 -1.17 -57.22
CA GLN I 87 27.58 -0.29 -57.23
C GLN I 87 27.62 0.43 -55.89
N PRO I 88 28.70 1.13 -55.56
CA PRO I 88 28.72 1.89 -54.30
C PRO I 88 27.63 2.95 -54.25
N LEU I 89 27.21 3.25 -53.02
CA LEU I 89 26.01 4.05 -52.80
C LEU I 89 26.33 5.54 -52.88
N ASP I 90 25.35 6.32 -53.35
CA ASP I 90 25.40 7.77 -53.25
C ASP I 90 24.45 8.34 -52.21
N MET I 91 23.27 7.74 -52.07
CA MET I 91 22.31 8.13 -51.05
C MET I 91 22.55 7.35 -49.77
N ARG I 92 22.53 8.05 -48.63
CA ARG I 92 22.62 7.37 -47.34
C ARG I 92 21.25 6.79 -47.04
N MET I 93 21.01 5.57 -47.53
CA MET I 93 19.69 4.98 -47.44
C MET I 93 19.38 4.61 -45.99
N TYR I 94 18.08 4.47 -45.69
CA TYR I 94 17.59 4.33 -44.33
C TYR I 94 16.76 3.05 -44.26
N ILE I 95 17.14 2.14 -43.37
CA ILE I 95 16.46 0.86 -43.21
C ILE I 95 15.81 0.85 -41.83
N PRO I 96 14.49 1.01 -41.70
CA PRO I 96 13.88 1.03 -40.36
C PRO I 96 13.75 -0.36 -39.75
N ALA I 97 13.54 -0.37 -38.43
CA ALA I 97 13.32 -1.62 -37.72
C ALA I 97 12.01 -2.25 -38.16
N GLY I 98 12.03 -3.58 -38.27
CA GLY I 98 10.93 -4.40 -38.70
C GLY I 98 11.03 -4.83 -40.14
N THR I 99 11.98 -4.29 -40.89
CA THR I 99 12.28 -4.76 -42.24
C THR I 99 12.42 -6.27 -42.23
N THR I 100 11.54 -6.95 -42.98
CA THR I 100 11.48 -8.40 -42.92
C THR I 100 12.48 -9.02 -43.89
N PHE I 101 13.05 -10.15 -43.47
CA PHE I 101 13.93 -10.98 -44.26
C PHE I 101 13.36 -12.39 -44.30
N THR I 102 13.30 -12.97 -45.50
CA THR I 102 12.74 -14.30 -45.71
C THR I 102 13.68 -15.12 -46.58
N SER I 103 13.33 -16.40 -46.75
CA SER I 103 14.13 -17.33 -47.54
C SER I 103 13.24 -18.10 -48.49
N THR I 104 13.69 -18.24 -49.74
CA THR I 104 12.97 -19.05 -50.72
C THR I 104 13.20 -20.55 -50.54
N ARG I 105 14.14 -20.96 -49.70
CA ARG I 105 14.34 -22.37 -49.42
C ARG I 105 13.15 -22.84 -48.59
N GLN I 106 12.30 -23.67 -49.17
CA GLN I 106 11.09 -24.07 -48.47
C GLN I 106 11.37 -24.96 -47.28
N GLU I 107 12.55 -25.58 -47.20
CA GLU I 107 12.87 -26.40 -46.04
C GLU I 107 13.00 -25.59 -44.75
N TYR I 108 13.26 -24.28 -44.86
CA TYR I 108 13.41 -23.39 -43.72
C TYR I 108 12.56 -22.15 -43.97
N PRO I 109 11.24 -22.25 -43.78
CA PRO I 109 10.34 -21.15 -44.13
C PRO I 109 10.25 -20.05 -43.08
N GLN I 110 11.10 -20.10 -42.05
CA GLN I 110 11.02 -19.12 -40.97
C GLN I 110 11.37 -17.73 -41.48
N GLN I 111 10.86 -16.73 -40.77
CA GLN I 111 11.00 -15.31 -41.08
C GLN I 111 11.90 -14.61 -40.07
N PHE I 112 12.54 -13.52 -40.52
CA PHE I 112 13.45 -12.77 -39.67
C PHE I 112 13.20 -11.28 -39.90
N GLU I 113 13.57 -10.46 -38.92
CA GLU I 113 13.39 -9.02 -39.04
C GLU I 113 14.48 -8.30 -38.25
N THR I 114 14.65 -7.01 -38.56
CA THR I 114 15.61 -6.15 -37.87
C THR I 114 14.90 -5.45 -36.72
N LEU I 115 15.51 -5.54 -35.53
CA LEU I 115 15.00 -4.85 -34.34
C LEU I 115 15.58 -3.46 -34.16
N VAL I 116 16.51 -3.03 -35.01
CA VAL I 116 17.13 -1.72 -34.89
C VAL I 116 17.29 -1.15 -36.30
N ASP I 117 17.23 0.18 -36.40
CA ASP I 117 17.47 0.84 -37.67
C ASP I 117 18.95 0.73 -38.06
N TYR I 118 19.21 0.84 -39.36
CA TYR I 118 20.57 0.87 -39.89
C TYR I 118 20.69 1.97 -40.93
N TYR I 119 21.93 2.39 -41.17
CA TYR I 119 22.28 3.34 -42.22
C TYR I 119 23.47 2.76 -42.99
N ALA I 120 23.41 2.89 -44.31
CA ALA I 120 24.48 2.54 -45.23
C ALA I 120 25.11 3.83 -45.73
N GLU I 121 26.42 4.00 -45.52
CA GLU I 121 27.07 5.25 -45.88
C GLU I 121 27.26 5.36 -47.39
N PRO I 122 27.39 6.57 -47.94
CA PRO I 122 27.72 6.69 -49.36
C PRO I 122 29.08 6.08 -49.65
N ASP I 123 29.26 5.63 -50.89
CA ASP I 123 30.49 4.95 -51.31
C ASP I 123 30.75 3.72 -50.46
N SER I 124 29.70 2.93 -50.24
CA SER I 124 29.78 1.66 -49.53
C SER I 124 29.25 0.56 -50.42
N THR I 125 29.83 -0.64 -50.26
CA THR I 125 29.54 -1.78 -51.13
C THR I 125 28.67 -2.83 -50.47
N GLU I 126 28.63 -2.88 -49.14
CA GLU I 126 27.84 -3.88 -48.44
C GLU I 126 27.63 -3.41 -47.01
N ILE I 127 26.64 -3.99 -46.36
CA ILE I 127 26.31 -3.69 -44.97
C ILE I 127 25.99 -4.99 -44.26
N VAL I 128 26.38 -5.08 -42.99
CA VAL I 128 25.99 -6.18 -42.12
C VAL I 128 24.96 -5.65 -41.14
N VAL I 129 23.85 -6.37 -41.02
CA VAL I 129 22.72 -5.98 -40.19
C VAL I 129 22.29 -7.17 -39.35
N GLU I 130 22.09 -6.94 -38.05
CA GLU I 130 21.61 -7.99 -37.16
C GLU I 130 20.11 -8.18 -37.33
N VAL I 131 19.67 -9.44 -37.34
CA VAL I 131 18.25 -9.78 -37.46
C VAL I 131 17.88 -10.75 -36.35
N TYR I 132 16.56 -10.83 -36.09
CA TYR I 132 15.99 -11.68 -35.04
C TYR I 132 14.84 -12.50 -35.61
N CYS I 133 14.89 -13.81 -35.40
CA CYS I 133 13.78 -14.69 -35.76
C CYS I 133 12.48 -14.22 -35.11
N LYS I 134 11.43 -14.20 -35.92
CA LYS I 134 10.10 -13.87 -35.42
C LYS I 134 9.58 -14.94 -34.45
N GLU I 135 9.77 -16.21 -34.78
CA GLU I 135 9.33 -17.33 -33.96
C GLU I 135 10.43 -17.73 -32.99
N THR I 136 10.04 -18.07 -31.76
CA THR I 136 11.01 -18.47 -30.75
C THR I 136 11.36 -19.95 -30.93
N GLY I 137 12.43 -20.37 -30.25
CA GLY I 137 12.82 -21.77 -30.21
C GLY I 137 13.95 -22.11 -31.17
N VAL I 138 14.08 -23.42 -31.40
CA VAL I 138 15.13 -23.98 -32.25
C VAL I 138 14.84 -23.76 -33.73
N ALA I 139 13.60 -23.41 -34.09
CA ALA I 139 13.23 -23.35 -35.49
C ALA I 139 14.03 -22.31 -36.26
N GLY I 140 14.47 -21.24 -35.61
CA GLY I 140 15.26 -20.23 -36.26
C GLY I 140 16.73 -20.53 -36.44
N ASN I 141 17.18 -21.76 -36.19
CA ASN I 141 18.59 -22.14 -36.38
C ASN I 141 18.77 -22.70 -37.80
N VAL I 142 18.64 -21.80 -38.77
CA VAL I 142 18.77 -22.18 -40.18
C VAL I 142 20.24 -22.38 -40.51
N PRO I 143 20.59 -23.11 -41.58
CA PRO I 143 22.01 -23.25 -41.95
C PRO I 143 22.50 -22.02 -42.73
N GLU I 144 23.79 -22.01 -43.02
CA GLU I 144 24.36 -20.91 -43.81
C GLU I 144 23.82 -20.96 -45.24
N GLY I 145 23.60 -19.78 -45.82
CA GLY I 145 23.09 -19.67 -47.17
C GLY I 145 21.59 -19.79 -47.27
N THR I 146 20.87 -19.81 -46.15
CA THR I 146 19.42 -19.95 -46.17
C THR I 146 18.75 -18.64 -46.57
N ILE I 147 18.93 -17.60 -45.76
CA ILE I 147 18.28 -16.32 -46.01
C ILE I 147 18.83 -15.75 -47.32
N ASN I 148 17.93 -15.52 -48.28
CA ASN I 148 18.32 -14.93 -49.55
C ASN I 148 17.30 -13.92 -50.08
N THR I 149 16.34 -13.49 -49.28
CA THR I 149 15.30 -12.55 -49.72
C THR I 149 15.12 -11.46 -48.67
N ILE I 150 14.93 -10.23 -49.15
CA ILE I 150 14.60 -9.08 -48.32
C ILE I 150 13.26 -8.53 -48.79
N ALA I 151 12.36 -8.25 -47.85
CA ALA I 151 11.01 -7.81 -48.18
C ALA I 151 10.86 -6.30 -48.22
N SER I 152 11.97 -5.55 -48.14
CA SER I 152 11.88 -4.10 -48.31
C SER I 152 11.62 -3.73 -49.76
N GLY I 153 12.03 -4.57 -50.70
CA GLY I 153 11.80 -4.33 -52.11
C GLY I 153 12.73 -3.34 -52.77
N SER I 154 13.72 -2.81 -52.04
CA SER I 154 14.62 -1.79 -52.57
C SER I 154 15.33 -2.27 -53.82
N SER I 155 15.38 -1.39 -54.84
CA SER I 155 16.00 -1.77 -56.10
C SER I 155 17.52 -1.85 -56.02
N LEU I 156 18.13 -1.17 -55.05
CA LEU I 156 19.59 -1.15 -54.95
C LEU I 156 20.17 -2.50 -54.52
N ILE I 157 19.37 -3.39 -53.97
CA ILE I 157 19.89 -4.64 -53.43
C ILE I 157 20.26 -5.56 -54.58
N ARG I 158 21.50 -6.06 -54.55
CA ARG I 158 21.98 -7.09 -55.47
C ARG I 158 21.64 -8.49 -54.97
N SER I 159 22.11 -8.85 -53.78
CA SER I 159 21.92 -10.19 -53.23
C SER I 159 21.86 -10.09 -51.71
N VAL I 160 21.31 -11.14 -51.09
CA VAL I 160 21.19 -11.24 -49.64
C VAL I 160 21.70 -12.62 -49.22
N ASN I 161 22.45 -12.68 -48.10
CA ASN I 161 23.05 -13.94 -47.70
C ASN I 161 23.49 -13.85 -46.24
N ASN I 162 23.00 -14.76 -45.40
CA ASN I 162 23.58 -15.00 -44.09
C ASN I 162 24.82 -15.90 -44.25
N GLU I 163 25.99 -15.37 -43.88
CA GLU I 163 27.22 -16.10 -44.16
C GLU I 163 27.39 -17.35 -43.31
N TYR I 164 26.76 -17.42 -42.13
CA TYR I 164 26.99 -18.51 -41.17
C TYR I 164 25.66 -19.13 -40.74
N SER I 165 25.76 -20.35 -40.22
CA SER I 165 24.59 -21.03 -39.68
C SER I 165 24.16 -20.39 -38.37
N PHE I 166 22.87 -20.13 -38.21
CA PHE I 166 22.36 -19.62 -36.95
C PHE I 166 22.27 -20.74 -35.92
N ASN I 167 22.63 -20.41 -34.68
CA ASN I 167 22.71 -21.38 -33.59
C ASN I 167 22.16 -20.85 -32.28
N THR I 168 21.76 -19.58 -32.19
CA THR I 168 21.34 -19.00 -30.93
C THR I 168 19.94 -19.44 -30.51
N GLY I 169 19.11 -19.89 -31.45
CA GLY I 169 17.80 -20.39 -31.08
C GLY I 169 17.92 -21.63 -30.21
N THR I 170 17.13 -21.66 -29.13
CA THR I 170 17.11 -22.82 -28.24
C THR I 170 15.74 -22.93 -27.58
N LYS I 171 15.45 -24.12 -27.03
CA LYS I 171 14.17 -24.34 -26.39
C LYS I 171 14.27 -23.95 -24.91
N GLU I 172 13.26 -24.32 -24.12
CA GLU I 172 13.23 -23.96 -22.71
C GLU I 172 14.43 -24.55 -21.97
N GLU I 173 14.82 -23.88 -20.88
CA GLU I 173 15.95 -24.33 -20.08
C GLU I 173 15.69 -25.70 -19.46
N SER I 174 16.74 -26.51 -19.39
CA SER I 174 16.67 -27.81 -18.76
C SER I 174 16.85 -27.70 -17.24
N GLN I 175 16.43 -28.75 -16.53
CA GLN I 175 16.51 -28.72 -15.06
C GLN I 175 17.97 -28.71 -14.62
N GLU I 176 18.84 -29.45 -15.32
CA GLU I 176 20.23 -29.55 -14.90
C GLU I 176 20.94 -28.22 -15.06
N ASP I 177 20.63 -27.46 -16.11
CA ASP I 177 21.29 -26.17 -16.30
C ASP I 177 20.78 -25.16 -15.29
N PHE I 178 19.50 -25.27 -14.92
CA PHE I 178 18.95 -24.39 -13.89
C PHE I 178 19.62 -24.66 -12.54
N LYS I 179 19.81 -25.94 -12.21
CA LYS I 179 20.47 -26.30 -10.97
C LYS I 179 21.95 -25.88 -10.99
N ARG I 180 22.61 -26.02 -12.15
CA ARG I 180 23.98 -25.57 -12.28
C ARG I 180 24.10 -24.07 -12.06
N ARG I 181 23.20 -23.28 -12.67
CA ARG I 181 23.30 -21.84 -12.50
C ARG I 181 22.94 -21.41 -11.08
N PHE I 182 22.05 -22.16 -10.42
CA PHE I 182 21.79 -21.89 -9.01
C PHE I 182 23.03 -22.17 -8.16
N HIS I 183 23.75 -23.25 -8.47
CA HIS I 183 25.02 -23.48 -7.78
C HIS I 183 25.98 -22.33 -8.02
N SER I 184 26.03 -21.82 -9.25
CA SER I 184 26.89 -20.67 -9.55
C SER I 184 26.47 -19.45 -8.73
N PHE I 185 25.15 -19.18 -8.69
CA PHE I 185 24.59 -18.12 -7.85
C PHE I 185 25.10 -18.25 -6.42
N VAL I 186 24.97 -19.44 -5.83
CA VAL I 186 25.42 -19.64 -4.45
C VAL I 186 26.91 -19.36 -4.31
N GLU I 187 27.73 -19.87 -5.25
CA GLU I 187 29.16 -19.64 -5.17
C GLU I 187 29.49 -18.16 -5.33
N SER I 188 28.74 -17.47 -6.18
CA SER I 188 29.02 -16.09 -6.54
C SER I 188 28.45 -15.08 -5.54
N ARG I 189 27.83 -15.53 -4.45
CA ARG I 189 27.43 -14.61 -3.39
C ARG I 189 28.63 -13.82 -2.87
N GLY I 190 29.78 -14.48 -2.74
CA GLY I 190 31.01 -13.74 -2.52
C GLY I 190 31.48 -13.07 -3.78
N ARG I 191 31.40 -11.74 -3.81
CA ARG I 191 31.36 -11.00 -5.08
C ARG I 191 32.69 -11.03 -5.82
N ALA I 192 33.80 -10.95 -5.09
CA ALA I 192 35.06 -10.59 -5.71
C ALA I 192 35.87 -11.76 -6.25
N THR I 193 35.35 -12.98 -6.23
CA THR I 193 36.14 -14.14 -6.61
C THR I 193 36.07 -14.43 -8.11
N ASN I 194 36.94 -15.33 -8.56
CA ASN I 194 36.97 -15.68 -9.99
C ASN I 194 35.67 -16.32 -10.43
N LYS I 195 35.12 -17.21 -9.62
CA LYS I 195 33.84 -17.81 -9.93
C LYS I 195 32.73 -16.76 -9.93
N SER I 196 32.84 -15.75 -9.07
CA SER I 196 31.82 -14.71 -9.05
C SER I 196 31.90 -13.84 -10.30
N VAL I 197 33.11 -13.57 -10.78
CA VAL I 197 33.26 -12.86 -12.05
C VAL I 197 32.65 -13.69 -13.18
N ARG I 198 32.95 -14.99 -13.19
CA ARG I 198 32.40 -15.87 -14.22
C ARG I 198 30.88 -15.91 -14.17
N TYR I 199 30.30 -15.88 -12.97
CA TYR I 199 28.85 -15.85 -12.85
C TYR I 199 28.29 -14.52 -13.33
N GLY I 200 28.94 -13.42 -12.98
CA GLY I 200 28.46 -12.12 -13.43
C GLY I 200 28.51 -12.01 -14.94
N ALA I 201 29.57 -12.54 -15.56
CA ALA I 201 29.64 -12.54 -17.01
C ALA I 201 28.56 -13.45 -17.59
N LEU I 202 28.30 -14.58 -16.92
CA LEU I 202 27.23 -15.47 -17.33
C LEU I 202 25.85 -15.01 -16.86
N GLN I 203 25.77 -13.90 -16.11
CA GLN I 203 24.46 -13.41 -15.69
C GLN I 203 23.61 -12.99 -16.89
N ILE I 204 24.23 -12.63 -18.00
CA ILE I 204 23.47 -12.25 -19.20
C ILE I 204 22.99 -13.55 -19.86
N PRO I 205 21.68 -13.72 -20.14
CA PRO I 205 21.26 -15.00 -20.74
C PRO I 205 21.87 -15.27 -22.10
N ASP I 206 22.13 -14.24 -22.91
CA ASP I 206 22.68 -14.46 -24.25
C ASP I 206 24.04 -15.14 -24.22
N VAL I 207 24.84 -14.93 -23.16
CA VAL I 207 26.22 -15.40 -23.15
C VAL I 207 26.21 -16.91 -23.02
N GLU I 208 27.07 -17.57 -23.80
CA GLU I 208 27.15 -19.03 -23.81
C GLU I 208 28.18 -19.48 -22.79
N GLY I 209 29.47 -19.27 -23.09
CA GLY I 209 30.54 -19.64 -22.19
C GLY I 209 31.44 -18.45 -21.93
N VAL I 210 32.17 -18.54 -20.82
CA VAL I 210 33.11 -17.52 -20.39
C VAL I 210 34.38 -18.20 -19.89
N TYR I 211 35.51 -17.62 -20.25
CA TYR I 211 36.84 -18.01 -19.78
C TYR I 211 37.48 -16.77 -19.19
N VAL I 212 37.74 -16.81 -17.89
CA VAL I 212 38.35 -15.71 -17.17
C VAL I 212 39.86 -15.98 -17.18
N TYR I 213 40.62 -15.12 -17.85
CA TYR I 213 42.07 -15.25 -17.96
C TYR I 213 42.70 -14.23 -17.03
N GLU I 214 43.50 -14.71 -16.08
CA GLU I 214 43.92 -13.93 -14.92
C GLU I 214 45.42 -13.63 -15.01
N GLU I 215 45.77 -12.38 -14.73
CA GLU I 215 47.14 -11.92 -14.62
C GLU I 215 47.29 -11.08 -13.35
N THR I 216 48.53 -10.74 -13.02
CA THR I 216 48.81 -9.90 -11.85
C THR I 216 48.24 -8.51 -12.14
N GLY I 217 47.22 -8.11 -11.38
CA GLY I 217 46.65 -6.78 -11.49
C GLY I 217 45.85 -6.52 -12.75
N HIS I 218 45.52 -7.56 -13.52
CA HIS I 218 44.75 -7.42 -14.75
C HIS I 218 43.87 -8.66 -14.91
N ILE I 219 42.65 -8.45 -15.36
CA ILE I 219 41.69 -9.50 -15.63
C ILE I 219 41.22 -9.33 -17.06
N THR I 220 41.19 -10.44 -17.81
CA THR I 220 40.65 -10.48 -19.17
C THR I 220 39.52 -11.51 -19.19
N VAL I 221 38.30 -11.06 -19.52
CA VAL I 221 37.14 -11.93 -19.59
C VAL I 221 36.87 -12.21 -21.06
N PHE I 222 37.17 -13.45 -21.50
CA PHE I 222 36.80 -13.90 -22.83
C PHE I 222 35.39 -14.47 -22.78
N ALA I 223 34.48 -13.88 -23.56
CA ALA I 223 33.08 -14.26 -23.57
C ALA I 223 32.59 -14.38 -25.01
N HIS I 224 31.53 -15.16 -25.21
CA HIS I 224 30.94 -15.34 -26.53
C HIS I 224 29.47 -15.73 -26.37
N ASP I 225 28.69 -15.42 -27.41
CA ASP I 225 27.33 -15.92 -27.53
C ASP I 225 27.35 -17.30 -28.18
N ARG I 226 26.17 -17.88 -28.34
CA ARG I 226 26.03 -19.23 -28.86
C ARG I 226 26.44 -19.37 -30.32
N ASN I 227 26.66 -18.26 -31.04
CA ASN I 227 27.28 -18.33 -32.37
C ASN I 227 28.80 -18.22 -32.31
N GLY I 228 29.36 -17.76 -31.19
CA GLY I 228 30.78 -17.50 -31.09
C GLY I 228 31.17 -16.05 -31.30
N ASN I 229 30.21 -15.16 -31.55
CA ASN I 229 30.42 -13.73 -31.68
C ASN I 229 30.26 -13.04 -30.33
N LEU I 230 30.70 -11.78 -30.27
CA LEU I 230 30.51 -10.93 -29.10
C LEU I 230 30.22 -9.50 -29.56
N SER I 231 28.93 -9.17 -29.67
CA SER I 231 28.54 -7.85 -30.15
C SER I 231 28.83 -6.76 -29.11
N ASP I 232 28.98 -5.53 -29.60
CA ASP I 232 29.31 -4.41 -28.72
C ASP I 232 28.23 -4.19 -27.67
N THR I 233 26.95 -4.29 -28.06
CA THR I 233 25.89 -4.18 -27.06
C THR I 233 26.01 -5.28 -26.01
N LEU I 234 26.32 -6.50 -26.43
CA LEU I 234 26.47 -7.58 -25.46
C LEU I 234 27.70 -7.37 -24.60
N LYS I 235 28.78 -6.82 -25.17
CA LYS I 235 29.96 -6.51 -24.37
C LYS I 235 29.63 -5.46 -23.32
N GLU I 236 28.90 -4.40 -23.70
CA GLU I 236 28.55 -3.37 -22.74
C GLU I 236 27.66 -3.93 -21.64
N ASP I 237 26.71 -4.80 -22.00
CA ASP I 237 25.84 -5.40 -21.00
C ASP I 237 26.63 -6.28 -20.04
N ILE I 238 27.60 -7.05 -20.55
CA ILE I 238 28.45 -7.85 -19.68
C ILE I 238 29.23 -6.95 -18.73
N ILE I 239 29.77 -5.85 -19.26
CA ILE I 239 30.53 -4.93 -18.42
C ILE I 239 29.66 -4.40 -17.30
N ASP I 240 28.44 -3.97 -17.64
CA ASP I 240 27.52 -3.41 -16.67
C ASP I 240 27.12 -4.44 -15.63
N ALA I 241 27.01 -5.71 -16.04
CA ALA I 241 26.69 -6.75 -15.07
C ALA I 241 27.89 -7.08 -14.20
N LEU I 242 29.11 -6.82 -14.70
CA LEU I 242 30.32 -7.12 -13.95
C LEU I 242 30.70 -6.00 -12.97
N GLN I 243 30.12 -4.81 -13.12
CA GLN I 243 30.39 -3.70 -12.21
C GLN I 243 30.09 -4.11 -10.77
N ASP I 244 29.00 -4.86 -10.57
CA ASP I 244 28.62 -5.28 -9.23
C ASP I 244 29.53 -6.39 -8.69
N TYR I 245 30.12 -7.20 -9.57
CA TYR I 245 30.86 -8.39 -9.17
C TYR I 245 32.37 -8.23 -9.22
N ARG I 246 32.90 -7.45 -10.16
CA ARG I 246 34.34 -7.39 -10.33
C ARG I 246 35.01 -6.79 -9.09
N PRO I 247 36.26 -7.15 -8.79
CA PRO I 247 36.93 -6.54 -7.64
C PRO I 247 37.30 -5.09 -7.90
N SER I 248 37.24 -4.29 -6.84
CA SER I 248 37.54 -2.87 -6.97
C SER I 248 39.04 -2.64 -7.08
N GLY I 249 39.43 -1.73 -7.98
CA GLY I 249 40.80 -1.31 -8.11
C GLY I 249 41.65 -2.13 -9.06
N ILE I 250 41.12 -3.22 -9.60
CA ILE I 250 41.83 -4.08 -10.54
C ILE I 250 41.28 -3.84 -11.94
N MET I 251 42.17 -3.69 -12.91
CA MET I 251 41.77 -3.50 -14.30
C MET I 251 41.04 -4.74 -14.82
N LEU I 252 40.02 -4.50 -15.64
CA LEU I 252 39.22 -5.55 -16.25
C LEU I 252 38.94 -5.19 -17.70
N ASP I 253 38.95 -6.21 -18.56
CA ASP I 253 38.71 -6.02 -19.99
C ASP I 253 37.88 -7.18 -20.52
N VAL I 254 36.97 -6.89 -21.45
CA VAL I 254 36.08 -7.87 -22.06
C VAL I 254 36.37 -7.90 -23.55
N THR I 255 36.59 -9.12 -24.08
CA THR I 255 36.94 -9.31 -25.48
C THR I 255 36.31 -10.61 -25.99
N GLY I 256 36.14 -10.70 -27.32
CA GLY I 256 35.55 -11.89 -27.90
C GLY I 256 36.56 -13.03 -28.07
N VAL I 257 36.05 -14.26 -27.91
CA VAL I 257 36.87 -15.48 -28.02
C VAL I 257 37.60 -15.54 -29.36
N GLU I 258 38.60 -16.45 -29.41
CA GLU I 258 39.37 -16.69 -30.62
C GLU I 258 38.63 -17.75 -31.44
N LYS I 259 37.66 -17.27 -32.22
CA LYS I 259 36.79 -18.16 -32.98
C LYS I 259 37.53 -18.68 -34.22
N GLU I 260 37.41 -19.99 -34.46
CA GLU I 260 37.92 -20.64 -35.67
C GLU I 260 36.74 -21.15 -36.49
N GLU I 261 36.81 -20.96 -37.81
CA GLU I 261 35.67 -21.11 -38.72
C GLU I 261 35.92 -22.25 -39.71
N VAL I 262 35.66 -23.48 -39.26
CA VAL I 262 35.98 -24.69 -40.01
C VAL I 262 34.95 -24.90 -41.12
N ASN I 263 35.39 -24.67 -42.37
CA ASN I 263 34.72 -25.16 -43.58
C ASN I 263 35.00 -26.65 -43.73
N VAL I 264 34.00 -27.41 -44.21
CA VAL I 264 34.16 -28.85 -44.46
C VAL I 264 33.59 -29.19 -45.84
N SER I 265 34.34 -30.00 -46.58
CA SER I 265 33.91 -30.64 -47.82
C SER I 265 34.21 -32.13 -47.69
N ALA I 266 33.17 -32.95 -47.70
CA ALA I 266 33.30 -34.39 -47.48
C ALA I 266 32.85 -35.14 -48.72
N THR I 267 33.69 -36.05 -49.21
CA THR I 267 33.31 -37.04 -50.20
C THR I 267 32.92 -38.33 -49.47
N VAL I 268 31.68 -38.76 -49.66
CA VAL I 268 31.14 -39.94 -49.01
C VAL I 268 30.64 -40.89 -50.10
N THR I 269 30.99 -42.16 -49.96
CA THR I 269 30.49 -43.24 -50.80
C THR I 269 29.39 -44.00 -50.08
N ILE I 270 28.41 -44.46 -50.85
CA ILE I 270 27.17 -45.08 -50.36
C ILE I 270 27.09 -46.49 -50.96
N SER I 271 26.76 -47.47 -50.11
CA SER I 271 26.65 -48.83 -50.61
C SER I 271 25.40 -49.00 -51.48
N ASN I 272 24.24 -48.60 -50.96
CA ASN I 272 22.99 -48.67 -51.71
C ASN I 272 22.90 -47.37 -52.50
N LYS I 273 23.14 -47.43 -53.81
CA LYS I 273 23.22 -46.21 -54.60
C LYS I 273 21.87 -45.64 -54.96
N SER I 274 20.78 -46.36 -54.70
CA SER I 274 19.46 -45.78 -54.95
C SER I 274 19.17 -44.67 -53.94
N ARG I 275 19.69 -44.80 -52.72
CA ARG I 275 19.44 -43.82 -51.66
C ARG I 275 20.11 -42.47 -51.90
N ILE I 276 20.88 -42.31 -52.99
CA ILE I 276 21.49 -41.02 -53.28
C ILE I 276 20.40 -40.00 -53.56
N GLY I 277 20.62 -38.77 -53.12
CA GLY I 277 19.68 -37.71 -53.41
C GLY I 277 20.01 -36.48 -52.60
N ASP I 278 19.02 -35.60 -52.46
CA ASP I 278 19.21 -34.37 -51.70
C ASP I 278 18.97 -34.58 -50.21
N THR I 279 18.05 -35.49 -49.86
CA THR I 279 17.76 -35.77 -48.46
C THR I 279 18.99 -36.27 -47.70
N LEU I 280 19.70 -37.25 -48.27
CA LEU I 280 20.84 -37.82 -47.56
C LEU I 280 21.95 -36.79 -47.41
N GLN I 281 22.20 -36.00 -48.47
CA GLN I 281 23.20 -34.94 -48.38
C GLN I 281 22.84 -33.95 -47.28
N LYS I 282 21.59 -33.52 -47.25
CA LYS I 282 21.19 -32.53 -46.25
C LYS I 282 21.23 -33.11 -44.84
N HIS I 283 20.89 -34.39 -44.68
CA HIS I 283 20.99 -35.00 -43.37
C HIS I 283 22.44 -35.07 -42.89
N ILE I 284 23.37 -35.44 -43.79
CA ILE I 284 24.76 -35.52 -43.37
C ILE I 284 25.29 -34.13 -43.03
N GLU I 285 24.97 -33.13 -43.88
CA GLU I 285 25.40 -31.76 -43.61
C GLU I 285 24.86 -31.28 -42.27
N SER I 286 23.61 -31.63 -41.96
CA SER I 286 23.00 -31.29 -40.69
C SER I 286 23.76 -31.91 -39.53
N VAL I 287 24.15 -33.18 -39.66
CA VAL I 287 24.89 -33.85 -38.60
C VAL I 287 26.22 -33.17 -38.37
N ILE I 288 26.92 -32.80 -39.45
CA ILE I 288 28.23 -32.18 -39.31
C ILE I 288 28.08 -30.81 -38.65
N ARG I 289 27.08 -30.02 -39.08
CA ARG I 289 26.83 -28.74 -38.44
C ARG I 289 26.55 -28.90 -36.95
N SER I 290 25.72 -29.89 -36.60
CA SER I 290 25.40 -30.10 -35.19
C SER I 290 26.61 -30.54 -34.39
N TYR I 291 27.51 -31.30 -35.01
CA TYR I 291 28.71 -31.73 -34.31
C TYR I 291 29.61 -30.53 -34.05
N LEU I 292 29.91 -29.75 -35.09
CA LEU I 292 30.85 -28.64 -34.91
C LEU I 292 30.28 -27.54 -34.03
N ASN I 293 29.00 -27.21 -34.20
CA ASN I 293 28.41 -26.15 -33.38
C ASN I 293 28.04 -26.60 -31.97
N ASN I 294 28.34 -27.86 -31.60
CA ASN I 294 28.27 -28.31 -30.21
C ASN I 294 29.62 -28.27 -29.49
N LEU I 295 30.72 -27.99 -30.21
CA LEU I 295 32.01 -27.86 -29.56
C LEU I 295 32.05 -26.67 -28.60
N LYS I 296 32.65 -26.89 -27.43
CA LYS I 296 32.74 -25.87 -26.39
C LYS I 296 34.09 -25.16 -26.48
N THR I 297 34.31 -24.19 -25.59
CA THR I 297 35.61 -23.52 -25.53
C THR I 297 36.71 -24.54 -25.26
N SER I 298 37.81 -24.41 -26.00
CA SER I 298 39.00 -25.25 -25.86
C SER I 298 38.79 -26.72 -26.25
N ASP I 299 37.69 -27.07 -26.92
CA ASP I 299 37.58 -28.43 -27.47
C ASP I 299 38.40 -28.53 -28.75
N ASP I 300 39.40 -29.41 -28.74
CA ASP I 300 40.11 -29.69 -29.99
C ASP I 300 39.17 -30.39 -30.96
N LEU I 301 39.39 -30.15 -32.25
CA LEU I 301 38.68 -30.88 -33.30
C LEU I 301 39.55 -32.05 -33.73
N ILE I 302 39.02 -33.26 -33.60
CA ILE I 302 39.74 -34.48 -33.96
C ILE I 302 39.05 -35.08 -35.18
N ILE I 303 39.83 -35.32 -36.24
CA ILE I 303 39.24 -35.76 -37.50
C ILE I 303 38.63 -37.16 -37.37
N THR I 304 39.21 -38.02 -36.54
CA THR I 304 38.68 -39.38 -36.42
C THR I 304 37.35 -39.40 -35.67
N ASP I 305 37.23 -38.57 -34.62
CA ASP I 305 35.94 -38.30 -33.98
C ASP I 305 34.87 -37.93 -35.01
N LEU I 306 35.17 -36.96 -35.88
CA LEU I 306 34.19 -36.58 -36.90
C LEU I 306 33.90 -37.72 -37.84
N ILE I 307 34.92 -38.53 -38.15
CA ILE I 307 34.70 -39.69 -39.02
C ILE I 307 33.70 -40.63 -38.40
N GLN I 308 33.88 -40.98 -37.12
CA GLN I 308 32.97 -41.92 -36.50
C GLN I 308 31.58 -41.32 -36.34
N ALA I 309 31.51 -40.00 -36.13
CA ALA I 309 30.21 -39.34 -36.05
C ALA I 309 29.47 -39.40 -37.38
N ILE I 310 30.18 -39.22 -38.50
CA ILE I 310 29.52 -39.34 -39.79
C ILE I 310 29.14 -40.79 -40.06
N MET I 311 30.04 -41.73 -39.76
CA MET I 311 29.82 -43.12 -40.12
C MET I 311 28.74 -43.76 -39.26
N ASN I 312 28.56 -43.27 -38.03
CA ASN I 312 27.53 -43.83 -37.17
C ASN I 312 26.12 -43.47 -37.61
N ILE I 313 25.96 -42.59 -38.61
CA ILE I 313 24.62 -42.31 -39.13
C ILE I 313 24.01 -43.59 -39.66
N ASP I 314 24.75 -44.31 -40.51
CA ASP I 314 24.33 -45.64 -40.92
C ASP I 314 25.60 -46.36 -41.34
N ASP I 315 26.05 -47.34 -40.54
CA ASP I 315 27.33 -47.95 -40.83
C ASP I 315 27.26 -48.83 -42.08
N VAL I 316 26.09 -49.39 -42.39
CA VAL I 316 25.97 -50.20 -43.60
C VAL I 316 25.82 -49.33 -44.84
N LEU I 317 24.84 -48.42 -44.82
CA LEU I 317 24.55 -47.61 -46.00
C LEU I 317 25.75 -46.78 -46.43
N ILE I 318 26.45 -46.17 -45.46
CA ILE I 318 27.64 -45.38 -45.77
C ILE I 318 28.81 -46.34 -45.90
N TYR I 319 29.58 -46.19 -46.98
CA TYR I 319 30.66 -47.10 -47.32
C TYR I 319 32.02 -46.56 -46.88
N ASP I 320 32.35 -45.35 -47.31
CA ASP I 320 33.64 -44.73 -47.01
C ASP I 320 33.46 -43.21 -47.03
N VAL I 321 34.32 -42.50 -46.28
CA VAL I 321 34.28 -41.05 -46.19
C VAL I 321 35.68 -40.50 -46.42
N SER I 322 35.77 -39.35 -47.09
CA SER I 322 37.01 -38.65 -47.37
C SER I 322 36.76 -37.14 -47.33
N PHE I 323 37.71 -36.40 -46.76
CA PHE I 323 37.60 -34.95 -46.60
C PHE I 323 38.50 -34.25 -47.61
N ASP I 324 37.93 -33.30 -48.35
CA ASP I 324 38.64 -32.59 -49.40
C ASP I 324 39.31 -31.30 -48.92
N ASN I 325 39.14 -30.92 -47.65
CA ASN I 325 39.75 -29.70 -47.11
C ASN I 325 40.38 -29.84 -45.74
N LEU I 326 40.28 -31.00 -45.09
CA LEU I 326 40.89 -31.23 -43.79
C LEU I 326 41.86 -32.42 -43.86
N ASP I 327 43.03 -32.26 -43.24
CA ASP I 327 44.03 -33.33 -43.19
C ASP I 327 44.70 -33.52 -41.84
N GLU I 328 44.48 -32.64 -40.87
CA GLU I 328 45.10 -32.81 -39.56
C GLU I 328 44.22 -32.18 -38.50
N ASN I 329 44.25 -32.78 -37.30
CA ASN I 329 43.50 -32.26 -36.16
C ASN I 329 43.83 -30.80 -35.90
N ILE I 330 42.87 -30.08 -35.30
CA ILE I 330 43.00 -28.64 -35.04
C ILE I 330 43.08 -28.45 -33.53
N ILE I 331 44.16 -27.80 -33.06
CA ILE I 331 44.29 -27.46 -31.65
C ILE I 331 43.59 -26.13 -31.39
N VAL I 332 42.83 -26.08 -30.31
CA VAL I 332 42.07 -24.90 -29.89
C VAL I 332 42.63 -24.43 -28.55
N PRO I 333 42.99 -23.15 -28.38
CA PRO I 333 43.58 -22.70 -27.10
C PRO I 333 42.52 -22.47 -26.04
N PRO I 334 42.88 -22.08 -24.80
CA PRO I 334 41.84 -22.05 -23.76
C PRO I 334 40.76 -21.03 -24.03
N GLN I 335 41.13 -19.88 -24.58
CA GLN I 335 40.20 -18.83 -24.98
C GLN I 335 39.62 -19.01 -26.40
N GLY I 336 39.81 -20.17 -27.03
CA GLY I 336 39.38 -20.40 -28.39
C GLY I 336 38.10 -21.25 -28.49
N ILE I 337 37.54 -21.31 -29.71
CA ILE I 337 36.36 -22.12 -29.99
C ILE I 337 36.31 -22.37 -31.50
N ILE I 338 35.60 -23.43 -31.90
CA ILE I 338 35.39 -23.79 -33.32
C ILE I 338 33.91 -23.64 -33.64
N ARG I 339 33.62 -23.15 -34.86
CA ARG I 339 32.25 -23.10 -35.37
C ARG I 339 32.25 -23.41 -36.87
N ALA I 340 31.15 -24.02 -37.32
CA ALA I 340 31.03 -24.46 -38.69
C ALA I 340 31.04 -23.29 -39.68
N GLY I 341 31.88 -23.42 -40.70
CA GLY I 341 31.81 -22.60 -41.89
C GLY I 341 30.85 -23.23 -42.89
N GLU I 342 31.12 -23.05 -44.18
CA GLU I 342 30.31 -23.73 -45.19
C GLU I 342 30.52 -25.23 -45.10
N ILE I 343 29.43 -25.99 -45.01
CA ILE I 343 29.48 -27.45 -44.92
C ILE I 343 28.94 -27.97 -46.24
N LYS I 344 29.73 -28.80 -46.91
CA LYS I 344 29.38 -29.36 -48.20
C LYS I 344 29.66 -30.85 -48.20
N VAL I 345 28.83 -31.59 -48.93
CA VAL I 345 28.93 -33.04 -49.02
C VAL I 345 28.69 -33.43 -50.49
N GLU I 346 29.55 -34.31 -51.00
CA GLU I 346 29.39 -34.90 -52.33
C GLU I 346 29.08 -36.39 -52.19
N LEU I 347 27.94 -36.81 -52.72
CA LEU I 347 27.52 -38.21 -52.71
C LEU I 347 28.05 -38.91 -53.95
N LYS I 348 28.64 -40.10 -53.74
CA LYS I 348 29.13 -40.94 -54.84
C LYS I 348 28.48 -42.32 -54.82
N LYS J 2 -1.77 -34.07 -9.25
CA LYS J 2 -1.08 -33.59 -8.03
C LYS J 2 -1.67 -34.23 -6.78
N THR J 3 -3.00 -34.16 -6.67
CA THR J 3 -3.72 -34.75 -5.54
C THR J 3 -4.98 -35.43 -6.05
N ARG J 4 -5.40 -36.48 -5.34
CA ARG J 4 -6.70 -37.08 -5.57
C ARG J 4 -7.78 -36.22 -4.92
N LYS J 5 -9.04 -36.54 -5.22
CA LYS J 5 -10.18 -35.86 -4.60
C LYS J 5 -11.19 -36.90 -4.09
N LEU J 6 -12.25 -36.38 -3.45
CA LEU J 6 -13.23 -37.23 -2.78
C LEU J 6 -13.87 -38.22 -3.75
N THR J 7 -14.40 -37.72 -4.87
CA THR J 7 -15.09 -38.63 -5.79
C THR J 7 -14.12 -39.66 -6.36
N ASN J 8 -12.89 -39.25 -6.67
CA ASN J 8 -11.91 -40.18 -7.23
C ASN J 8 -11.49 -41.23 -6.18
N ILE J 9 -11.28 -40.80 -4.93
CA ILE J 9 -10.91 -41.74 -3.88
C ILE J 9 -12.04 -42.75 -3.67
N LEU J 10 -13.29 -42.26 -3.59
CA LEU J 10 -14.41 -43.16 -3.40
C LEU J 10 -14.51 -44.16 -4.55
N SER J 11 -14.34 -43.68 -5.78
CA SER J 11 -14.43 -44.55 -6.94
C SER J 11 -13.34 -45.63 -6.91
N LYS J 12 -12.11 -45.24 -6.57
CA LYS J 12 -11.03 -46.20 -6.53
C LYS J 12 -11.23 -47.20 -5.40
N LEU J 13 -11.73 -46.73 -4.26
CA LEU J 13 -12.02 -47.62 -3.14
C LEU J 13 -13.04 -48.68 -3.56
N ILE J 14 -14.12 -48.24 -4.21
CA ILE J 14 -15.16 -49.17 -4.65
C ILE J 14 -14.58 -50.17 -5.64
N ASP J 15 -13.78 -49.69 -6.61
CA ASP J 15 -13.23 -50.57 -7.63
C ASP J 15 -12.29 -51.60 -7.00
N LYS J 16 -11.48 -51.17 -6.03
CA LYS J 16 -10.58 -52.11 -5.35
C LYS J 16 -11.36 -53.11 -4.53
N THR J 17 -12.44 -52.66 -3.87
CA THR J 17 -13.26 -53.58 -3.09
C THR J 17 -13.89 -54.63 -3.99
N MET J 18 -14.48 -54.20 -5.10
CA MET J 18 -15.06 -55.14 -6.05
C MET J 18 -14.03 -56.13 -6.57
N ALA J 19 -12.83 -55.65 -6.89
CA ALA J 19 -11.79 -56.54 -7.38
C ALA J 19 -11.37 -57.55 -6.31
N GLY J 20 -11.30 -57.10 -5.06
CA GLY J 20 -10.86 -57.99 -3.98
C GLY J 20 -11.81 -59.15 -3.75
N THR J 21 -13.11 -58.90 -3.88
CA THR J 21 -14.12 -59.93 -3.63
C THR J 21 -15.40 -59.57 -4.35
N SER J 22 -16.15 -60.58 -4.75
CA SER J 22 -17.49 -60.40 -5.31
C SER J 22 -18.60 -60.63 -4.28
N LYS J 23 -18.26 -60.74 -3.00
CA LYS J 23 -19.28 -60.96 -1.98
C LYS J 23 -20.12 -59.71 -1.71
N ILE J 24 -19.62 -58.53 -2.07
CA ILE J 24 -20.33 -57.27 -1.94
C ILE J 24 -20.56 -56.72 -3.33
N THR J 25 -21.80 -56.33 -3.61
CA THR J 25 -22.15 -55.70 -4.87
C THR J 25 -23.06 -54.49 -4.73
N ASP J 26 -23.77 -54.34 -3.62
CA ASP J 26 -24.54 -53.14 -3.33
C ASP J 26 -23.59 -52.01 -2.95
N PHE J 27 -23.53 -50.96 -3.79
CA PHE J 27 -22.77 -49.75 -3.49
C PHE J 27 -23.66 -48.52 -3.61
N THR J 28 -24.94 -48.67 -3.29
CA THR J 28 -25.88 -47.57 -3.41
C THR J 28 -25.75 -46.61 -2.23
N PRO J 29 -26.36 -45.42 -2.33
CA PRO J 29 -26.38 -44.51 -1.17
C PRO J 29 -27.06 -45.14 0.03
N GLY J 30 -26.55 -44.82 1.22
CA GLY J 30 -27.05 -45.37 2.46
C GLY J 30 -26.47 -46.72 2.84
N SER J 31 -25.65 -47.33 1.98
CA SER J 31 -25.04 -48.60 2.32
C SER J 31 -23.95 -48.41 3.38
N ALA J 32 -23.92 -49.33 4.35
CA ALA J 32 -22.89 -49.29 5.39
C ALA J 32 -21.49 -49.26 4.79
N SER J 33 -21.23 -50.13 3.82
CA SER J 33 -19.91 -50.23 3.20
C SER J 33 -19.57 -48.94 2.45
N ARG J 34 -20.53 -48.38 1.72
CA ARG J 34 -20.26 -47.17 0.97
C ARG J 34 -20.09 -45.99 1.93
N SER J 35 -20.84 -45.99 3.03
CA SER J 35 -20.69 -44.95 4.05
C SER J 35 -19.30 -44.99 4.64
N LEU J 36 -18.81 -46.18 4.96
CA LEU J 36 -17.48 -46.33 5.54
C LEU J 36 -16.42 -45.84 4.56
N LEU J 37 -16.52 -46.24 3.29
CA LEU J 37 -15.56 -45.78 2.30
C LEU J 37 -15.65 -44.27 2.10
N GLU J 38 -16.85 -43.71 2.14
CA GLU J 38 -17.01 -42.27 2.01
C GLU J 38 -16.36 -41.54 3.18
N ALA J 39 -16.47 -42.09 4.38
CA ALA J 39 -15.85 -41.46 5.53
C ALA J 39 -14.33 -41.50 5.42
N VAL J 40 -13.79 -42.66 5.01
CA VAL J 40 -12.34 -42.73 4.80
C VAL J 40 -11.91 -41.74 3.73
N SER J 41 -12.70 -41.63 2.66
CA SER J 41 -12.35 -40.74 1.56
C SER J 41 -12.32 -39.29 2.03
N LEU J 42 -13.29 -38.90 2.85
CA LEU J 42 -13.35 -37.56 3.42
C LEU J 42 -12.13 -37.28 4.29
N GLU J 43 -11.76 -38.24 5.14
CA GLU J 43 -10.58 -38.07 5.96
C GLU J 43 -9.32 -37.91 5.11
N ILE J 44 -9.20 -38.73 4.05
CA ILE J 44 -8.02 -38.63 3.19
C ILE J 44 -8.00 -37.29 2.48
N GLU J 45 -9.16 -36.82 1.98
CA GLU J 45 -9.22 -35.52 1.34
C GLU J 45 -8.82 -34.40 2.30
N GLN J 46 -9.22 -34.53 3.56
CA GLN J 46 -8.86 -33.53 4.55
C GLN J 46 -7.37 -33.55 4.83
N PHE J 47 -6.76 -34.75 4.82
CA PHE J 47 -5.31 -34.83 4.98
C PHE J 47 -4.58 -34.26 3.76
N TYR J 48 -5.17 -34.40 2.57
CA TYR J 48 -4.60 -33.80 1.38
C TYR J 48 -4.60 -32.29 1.51
N ILE J 49 -5.72 -31.72 1.98
CA ILE J 49 -5.75 -30.26 2.17
C ILE J 49 -4.73 -29.83 3.22
N LEU J 50 -4.59 -30.61 4.28
CA LEU J 50 -3.58 -30.30 5.29
C LEU J 50 -2.18 -30.28 4.68
N THR J 51 -1.86 -31.27 3.86
CA THR J 51 -0.56 -31.28 3.20
C THR J 51 -0.39 -30.09 2.28
N LYS J 52 -1.47 -29.71 1.57
CA LYS J 52 -1.40 -28.55 0.71
C LYS J 52 -1.10 -27.27 1.49
N GLU J 53 -1.77 -27.11 2.63
CA GLU J 53 -1.53 -25.93 3.47
C GLU J 53 -0.08 -25.92 3.96
N ASN J 54 0.41 -27.07 4.44
CA ASN J 54 1.78 -27.14 4.94
C ASN J 54 2.78 -26.82 3.84
N ILE J 55 2.56 -27.30 2.61
CA ILE J 55 3.51 -27.04 1.54
C ILE J 55 3.41 -25.59 1.09
N ASP J 56 2.21 -25.01 1.09
CA ASP J 56 2.09 -23.60 0.72
C ASP J 56 2.78 -22.71 1.74
N TRP J 57 2.78 -23.12 3.01
CA TRP J 57 3.52 -22.37 4.03
C TRP J 57 5.02 -22.55 3.83
N GLY J 58 5.44 -23.79 3.53
CA GLY J 58 6.85 -24.08 3.36
C GLY J 58 7.47 -23.38 2.17
N ILE J 59 6.70 -23.23 1.08
CA ILE J 59 7.22 -22.60 -0.13
C ILE J 59 7.67 -21.17 0.14
N GLN J 60 6.89 -20.43 0.94
CA GLN J 60 7.13 -19.01 1.13
C GLN J 60 7.80 -18.67 2.45
N GLU J 61 7.95 -19.65 3.37
CA GLU J 61 8.58 -19.40 4.66
C GLU J 61 9.64 -20.41 5.07
N GLY J 62 9.83 -21.49 4.33
CA GLY J 62 10.71 -22.54 4.82
C GLY J 62 12.16 -22.12 4.82
N ILE J 63 12.63 -21.59 3.70
CA ILE J 63 14.05 -21.29 3.53
C ILE J 63 14.46 -20.10 4.38
N ILE J 64 13.71 -19.00 4.28
CA ILE J 64 14.12 -17.75 4.90
C ILE J 64 14.09 -17.88 6.42
N GLU J 65 13.19 -18.73 6.95
CA GLU J 65 13.12 -18.94 8.38
C GLU J 65 14.43 -19.46 8.95
N ALA J 66 15.20 -20.19 8.16
CA ALA J 66 16.44 -20.76 8.67
C ALA J 66 17.47 -19.69 9.03
N PHE J 67 17.33 -18.48 8.47
CA PHE J 67 18.24 -17.38 8.70
C PHE J 67 17.74 -16.40 9.76
N ASP J 68 16.94 -16.88 10.72
CA ASP J 68 16.49 -16.06 11.86
C ASP J 68 15.65 -14.87 11.41
N PHE J 69 14.83 -15.05 10.38
CA PHE J 69 13.93 -14.02 9.87
C PHE J 69 12.49 -14.46 10.11
N GLN J 70 11.77 -13.70 10.94
CA GLN J 70 10.40 -14.00 11.31
C GLN J 70 9.44 -13.10 10.53
N LYS J 71 8.47 -13.72 9.87
CA LYS J 71 7.42 -12.96 9.20
C LYS J 71 6.39 -12.53 10.23
N ARG J 72 6.04 -11.25 10.21
CA ARG J 72 5.14 -10.68 11.22
C ARG J 72 3.71 -11.06 10.87
N GLN J 73 3.10 -11.90 11.69
CA GLN J 73 1.71 -12.30 11.52
C GLN J 73 0.79 -11.25 12.14
N SER J 74 -0.39 -11.08 11.54
CA SER J 74 -1.40 -10.22 12.16
C SER J 74 -1.91 -10.88 13.44
N LYS J 75 -1.98 -10.10 14.53
CA LYS J 75 -2.37 -10.59 15.84
C LYS J 75 -3.40 -9.67 16.48
N ARG J 76 -4.18 -10.24 17.40
CA ARG J 76 -5.08 -9.48 18.25
C ARG J 76 -4.31 -8.97 19.46
N ALA J 77 -4.48 -7.68 19.75
CA ALA J 77 -3.87 -7.08 20.93
C ALA J 77 -4.44 -7.71 22.19
N TYR J 78 -3.56 -8.17 23.08
CA TYR J 78 -3.98 -8.83 24.31
C TYR J 78 -3.07 -8.38 25.45
N GLY J 79 -3.57 -8.55 26.67
CA GLY J 79 -2.85 -8.10 27.83
C GLY J 79 -3.63 -8.41 29.09
N ASP J 80 -3.04 -8.07 30.23
CA ASP J 80 -3.64 -8.33 31.54
C ASP J 80 -4.36 -7.09 32.04
N VAL J 81 -5.44 -7.33 32.78
CA VAL J 81 -6.24 -6.29 33.41
C VAL J 81 -6.49 -6.69 34.85
N THR J 82 -6.66 -5.70 35.71
CA THR J 82 -6.88 -5.90 37.14
C THR J 82 -8.32 -5.56 37.48
N ILE J 83 -8.98 -6.44 38.22
CA ILE J 83 -10.32 -6.23 38.74
C ILE J 83 -10.22 -6.26 40.26
N GLN J 84 -10.68 -5.18 40.90
CA GLN J 84 -10.64 -5.03 42.35
C GLN J 84 -12.04 -5.11 42.94
N PHE J 85 -12.15 -5.78 44.07
CA PHE J 85 -13.42 -6.00 44.74
C PHE J 85 -13.50 -5.12 45.98
N TYR J 86 -14.72 -4.76 46.38
CA TYR J 86 -14.88 -3.93 47.56
C TYR J 86 -14.47 -4.68 48.83
N GLN J 87 -14.62 -5.99 48.84
CA GLN J 87 -14.29 -6.80 50.02
C GLN J 87 -13.86 -8.17 49.54
N PRO J 88 -13.28 -9.00 50.43
CA PRO J 88 -13.06 -10.40 50.06
C PRO J 88 -14.35 -11.10 49.69
N LEU J 89 -14.30 -11.91 48.64
CA LEU J 89 -15.50 -12.46 48.04
C LEU J 89 -16.22 -13.40 48.98
N ASP J 90 -17.54 -13.19 49.09
CA ASP J 90 -18.36 -14.01 49.96
C ASP J 90 -18.85 -15.29 49.30
N MET J 91 -18.36 -15.60 48.09
CA MET J 91 -18.65 -16.87 47.42
C MET J 91 -17.81 -16.91 46.14
N ARG J 92 -17.74 -18.09 45.54
CA ARG J 92 -16.98 -18.29 44.31
C ARG J 92 -17.65 -17.54 43.16
N MET J 93 -17.00 -16.46 42.71
CA MET J 93 -17.49 -15.70 41.56
C MET J 93 -17.07 -16.40 40.26
N TYR J 94 -17.94 -16.37 39.25
CA TYR J 94 -17.67 -16.98 37.96
C TYR J 94 -17.83 -15.97 36.82
N ILE J 95 -16.77 -15.82 36.02
CA ILE J 95 -16.73 -14.92 34.87
C ILE J 95 -16.74 -15.77 33.59
N PRO J 96 -17.83 -15.85 32.82
CA PRO J 96 -17.82 -16.75 31.65
C PRO J 96 -16.99 -16.20 30.49
N ALA J 97 -16.55 -17.12 29.62
CA ALA J 97 -15.78 -16.71 28.45
C ALA J 97 -16.61 -15.81 27.55
N GLY J 98 -15.96 -14.81 26.97
CA GLY J 98 -16.65 -13.78 26.20
C GLY J 98 -17.09 -12.57 27.00
N THR J 99 -16.77 -12.52 28.30
CA THR J 99 -17.13 -11.37 29.12
C THR J 99 -16.40 -10.15 28.59
N THR J 100 -17.15 -9.10 28.29
CA THR J 100 -16.64 -7.96 27.54
C THR J 100 -16.10 -6.90 28.48
N PHE J 101 -15.00 -6.26 28.06
CA PHE J 101 -14.42 -5.10 28.73
C PHE J 101 -14.28 -4.00 27.71
N THR J 102 -14.57 -2.77 28.14
CA THR J 102 -14.63 -1.60 27.28
C THR J 102 -14.05 -0.39 28.02
N SER J 103 -13.90 0.72 27.28
CA SER J 103 -13.39 1.97 27.81
C SER J 103 -14.40 3.09 27.62
N THR J 104 -14.43 4.01 28.60
CA THR J 104 -15.34 5.15 28.56
C THR J 104 -14.63 6.36 27.94
N ARG J 105 -14.33 6.23 26.66
CA ARG J 105 -13.73 7.32 25.89
C ARG J 105 -14.14 7.19 24.43
N GLN J 106 -14.19 8.33 23.72
CA GLN J 106 -14.30 8.31 22.27
C GLN J 106 -12.97 8.01 21.59
N GLU J 107 -11.86 8.08 22.32
CA GLU J 107 -10.56 7.83 21.68
C GLU J 107 -10.33 6.35 21.45
N TYR J 108 -10.96 5.50 22.24
CA TYR J 108 -10.73 4.05 22.24
C TYR J 108 -12.07 3.31 22.28
N PRO J 109 -12.76 3.20 21.14
CA PRO J 109 -13.97 2.37 21.10
C PRO J 109 -13.69 0.87 20.98
N GLN J 110 -12.44 0.45 21.09
CA GLN J 110 -12.10 -0.96 20.95
C GLN J 110 -12.68 -1.76 22.11
N GLN J 111 -13.21 -2.96 21.76
CA GLN J 111 -13.82 -3.84 22.74
C GLN J 111 -12.91 -5.04 22.98
N PHE J 112 -12.73 -5.40 24.24
CA PHE J 112 -11.88 -6.52 24.66
C PHE J 112 -12.73 -7.55 25.37
N GLU J 113 -12.41 -8.83 25.16
CA GLU J 113 -13.15 -9.91 25.79
C GLU J 113 -12.19 -11.01 26.22
N THR J 114 -12.58 -11.74 27.25
CA THR J 114 -11.83 -12.92 27.68
C THR J 114 -12.17 -14.09 26.77
N LEU J 115 -11.15 -14.90 26.47
CA LEU J 115 -11.31 -16.09 25.66
C LEU J 115 -11.37 -17.36 26.48
N VAL J 116 -11.35 -17.27 27.82
CA VAL J 116 -11.42 -18.46 28.66
C VAL J 116 -12.22 -18.16 29.92
N ASP J 117 -12.73 -19.21 30.55
CA ASP J 117 -13.43 -19.03 31.81
C ASP J 117 -12.44 -18.68 32.91
N TYR J 118 -12.93 -17.97 33.93
CA TYR J 118 -12.11 -17.61 35.08
C TYR J 118 -12.91 -17.77 36.36
N TYR J 119 -12.21 -18.10 37.45
CA TYR J 119 -12.80 -18.25 38.77
C TYR J 119 -11.99 -17.43 39.75
N ALA J 120 -12.71 -16.71 40.61
CA ALA J 120 -12.13 -15.97 41.73
C ALA J 120 -12.50 -16.68 43.03
N GLU J 121 -11.49 -17.07 43.79
CA GLU J 121 -11.73 -17.82 45.02
C GLU J 121 -12.40 -16.92 46.06
N PRO J 122 -13.05 -17.50 47.07
CA PRO J 122 -13.62 -16.65 48.12
C PRO J 122 -12.60 -15.78 48.82
N ASP J 123 -11.44 -16.34 49.16
CA ASP J 123 -10.43 -15.63 49.92
C ASP J 123 -9.83 -14.46 49.15
N SER J 124 -9.87 -14.51 47.82
CA SER J 124 -9.28 -13.44 47.02
C SER J 124 -10.01 -12.11 47.25
N THR J 125 -9.31 -11.03 46.91
CA THR J 125 -9.85 -9.67 46.93
C THR J 125 -9.70 -8.94 45.61
N GLU J 126 -8.72 -9.31 44.78
CA GLU J 126 -8.57 -8.79 43.44
C GLU J 126 -7.93 -9.88 42.59
N ILE J 127 -8.44 -10.07 41.38
CA ILE J 127 -7.98 -11.11 40.47
C ILE J 127 -7.66 -10.46 39.13
N VAL J 128 -6.57 -10.91 38.53
CA VAL J 128 -6.13 -10.47 37.21
C VAL J 128 -6.58 -11.49 36.18
N VAL J 129 -7.06 -11.00 35.03
CA VAL J 129 -7.44 -11.85 33.92
C VAL J 129 -6.82 -11.31 32.63
N GLU J 130 -6.86 -12.14 31.59
CA GLU J 130 -6.34 -11.81 30.27
C GLU J 130 -7.50 -11.56 29.31
N VAL J 131 -7.43 -10.46 28.56
CA VAL J 131 -8.46 -10.06 27.60
C VAL J 131 -7.81 -9.87 26.23
N TYR J 132 -8.60 -10.15 25.19
CA TYR J 132 -8.13 -10.12 23.82
C TYR J 132 -8.97 -9.11 23.03
N CYS J 133 -8.29 -8.28 22.24
CA CYS J 133 -9.00 -7.27 21.45
C CYS J 133 -9.80 -7.95 20.35
N LYS J 134 -11.06 -7.53 20.16
CA LYS J 134 -11.89 -8.21 19.18
C LYS J 134 -11.41 -8.00 17.73
N GLU J 135 -10.57 -7.01 17.48
CA GLU J 135 -10.14 -6.65 16.13
C GLU J 135 -8.65 -6.84 16.00
N THR J 136 -8.22 -7.46 14.90
CA THR J 136 -6.80 -7.55 14.60
C THR J 136 -6.29 -6.20 14.12
N GLY J 137 -5.02 -5.95 14.37
CA GLY J 137 -4.35 -4.73 13.96
C GLY J 137 -3.71 -4.04 15.14
N VAL J 138 -3.15 -2.86 14.84
CA VAL J 138 -2.59 -2.01 15.89
C VAL J 138 -3.66 -1.19 16.60
N ALA J 139 -4.91 -1.23 16.14
CA ALA J 139 -5.95 -0.46 16.79
C ALA J 139 -6.20 -0.93 18.22
N GLY J 140 -5.88 -2.17 18.54
CA GLY J 140 -6.01 -2.71 19.86
C GLY J 140 -4.90 -2.39 20.83
N ASN J 141 -3.87 -1.67 20.38
CA ASN J 141 -2.74 -1.31 21.24
C ASN J 141 -3.07 -0.06 22.06
N VAL J 142 -4.00 -0.25 22.98
CA VAL J 142 -4.51 0.87 23.79
C VAL J 142 -3.47 1.21 24.85
N PRO J 143 -3.34 2.45 25.29
CA PRO J 143 -2.33 2.80 26.28
C PRO J 143 -2.75 2.34 27.68
N GLU J 144 -1.84 2.54 28.64
CA GLU J 144 -2.13 2.23 30.04
C GLU J 144 -3.32 3.05 30.53
N GLY J 145 -4.15 2.41 31.34
CA GLY J 145 -5.28 3.09 31.95
C GLY J 145 -6.45 3.29 31.04
N THR J 146 -6.53 2.53 29.95
CA THR J 146 -7.60 2.69 28.97
C THR J 146 -8.79 1.82 29.34
N ILE J 147 -8.57 0.51 29.45
CA ILE J 147 -9.64 -0.41 29.81
C ILE J 147 -10.01 -0.11 31.25
N ASN J 148 -11.27 0.34 31.47
CA ASN J 148 -11.73 0.69 32.80
C ASN J 148 -13.21 0.42 32.98
N THR J 149 -13.76 -0.59 32.31
CA THR J 149 -15.17 -0.89 32.45
C THR J 149 -15.41 -2.34 32.07
N ILE J 150 -16.34 -2.96 32.77
CA ILE J 150 -16.85 -4.29 32.43
C ILE J 150 -18.34 -4.17 32.13
N ALA J 151 -18.76 -4.78 31.02
CA ALA J 151 -20.14 -4.67 30.57
C ALA J 151 -21.08 -5.68 31.23
N SER J 152 -20.55 -6.74 31.84
CA SER J 152 -21.36 -7.76 32.50
C SER J 152 -20.76 -8.16 33.84
N GLY J 153 -20.15 -7.21 34.55
CA GLY J 153 -19.58 -7.47 35.86
C GLY J 153 -20.55 -7.22 36.99
N SER J 154 -20.34 -7.92 38.09
CA SER J 154 -21.17 -7.75 39.29
C SER J 154 -20.80 -6.47 40.03
N SER J 155 -21.77 -5.93 40.76
CA SER J 155 -21.59 -4.68 41.49
C SER J 155 -20.45 -4.73 42.51
N LEU J 156 -19.99 -5.91 42.91
CA LEU J 156 -18.93 -6.02 43.91
C LEU J 156 -17.61 -5.44 43.44
N ILE J 157 -17.45 -5.18 42.14
CA ILE J 157 -16.20 -4.64 41.63
C ILE J 157 -16.06 -3.19 42.07
N ARG J 158 -14.91 -2.86 42.63
CA ARG J 158 -14.55 -1.48 42.94
C ARG J 158 -14.04 -0.73 41.71
N SER J 159 -13.10 -1.32 40.96
CA SER J 159 -12.51 -0.63 39.83
C SER J 159 -11.83 -1.64 38.90
N VAL J 160 -11.97 -1.39 37.59
CA VAL J 160 -11.23 -2.11 36.56
C VAL J 160 -10.14 -1.19 36.01
N ASN J 161 -8.99 -1.78 35.66
CA ASN J 161 -7.85 -1.00 35.17
C ASN J 161 -6.85 -1.95 34.50
N ASN J 162 -6.31 -1.53 33.36
CA ASN J 162 -5.22 -2.24 32.69
C ASN J 162 -3.89 -1.67 33.17
N GLU J 163 -3.04 -2.52 33.75
CA GLU J 163 -1.83 -2.05 34.42
C GLU J 163 -0.71 -1.69 33.47
N TYR J 164 -0.78 -2.08 32.20
CA TYR J 164 0.24 -1.74 31.22
C TYR J 164 -0.39 -1.55 29.84
N SER J 165 0.24 -0.70 29.04
CA SER J 165 -0.21 -0.47 27.68
C SER J 165 -0.10 -1.74 26.86
N PHE J 166 -1.03 -1.92 25.93
CA PHE J 166 -1.02 -3.08 25.06
C PHE J 166 -0.12 -2.78 23.86
N ASN J 167 0.72 -3.76 23.49
CA ASN J 167 1.64 -3.57 22.37
C ASN J 167 1.71 -4.76 21.42
N THR J 168 0.97 -5.83 21.68
CA THR J 168 1.08 -7.04 20.87
C THR J 168 0.29 -6.97 19.57
N GLY J 169 -0.58 -5.99 19.40
CA GLY J 169 -1.29 -5.86 18.13
C GLY J 169 -0.34 -5.52 17.01
N THR J 170 -0.44 -6.26 15.91
CA THR J 170 0.45 -6.10 14.76
C THR J 170 -0.35 -6.24 13.47
N LYS J 171 0.21 -5.67 12.40
CA LYS J 171 -0.32 -5.82 11.05
C LYS J 171 0.53 -6.80 10.26
N GLU J 172 -0.14 -7.54 9.37
CA GLU J 172 0.57 -8.59 8.63
C GLU J 172 1.65 -7.99 7.73
N GLU J 173 2.83 -8.60 7.76
CA GLU J 173 3.92 -8.18 6.89
C GLU J 173 3.75 -8.84 5.53
N SER J 174 3.82 -8.05 4.46
CA SER J 174 3.60 -8.59 3.13
C SER J 174 4.78 -9.44 2.70
N GLN J 175 4.52 -10.35 1.75
CA GLN J 175 5.56 -11.25 1.27
C GLN J 175 6.68 -10.48 0.58
N GLU J 176 6.35 -9.42 -0.15
CA GLU J 176 7.37 -8.68 -0.88
C GLU J 176 8.32 -7.97 0.08
N ASP J 177 7.81 -7.47 1.21
CA ASP J 177 8.67 -6.86 2.22
C ASP J 177 9.60 -7.90 2.84
N PHE J 178 9.07 -9.11 3.07
CA PHE J 178 9.90 -10.18 3.63
C PHE J 178 11.03 -10.53 2.67
N LYS J 179 10.70 -10.67 1.39
CA LYS J 179 11.73 -10.93 0.39
C LYS J 179 12.72 -9.78 0.31
N ARG J 180 12.24 -8.55 0.45
CA ARG J 180 13.13 -7.39 0.38
C ARG J 180 14.11 -7.38 1.54
N ARG J 181 13.64 -7.74 2.75
CA ARG J 181 14.56 -7.82 3.87
C ARG J 181 15.60 -8.91 3.68
N PHE J 182 15.16 -10.11 3.26
CA PHE J 182 16.09 -11.18 2.95
C PHE J 182 17.14 -10.76 1.93
N HIS J 183 16.69 -10.15 0.84
CA HIS J 183 17.59 -9.75 -0.24
C HIS J 183 18.53 -8.65 0.21
N SER J 184 18.04 -7.73 1.05
CA SER J 184 18.89 -6.71 1.65
C SER J 184 20.01 -7.36 2.47
N PHE J 185 19.64 -8.30 3.32
CA PHE J 185 20.63 -9.01 4.13
C PHE J 185 21.65 -9.71 3.26
N VAL J 186 21.18 -10.39 2.20
CA VAL J 186 22.10 -11.11 1.31
C VAL J 186 23.07 -10.13 0.64
N GLU J 187 22.55 -9.00 0.17
CA GLU J 187 23.42 -7.99 -0.45
C GLU J 187 24.45 -7.47 0.54
N SER J 188 24.04 -7.31 1.80
CA SER J 188 24.95 -6.81 2.82
C SER J 188 26.05 -7.81 3.16
N ARG J 189 25.88 -9.08 2.79
CA ARG J 189 26.96 -10.05 2.91
C ARG J 189 28.05 -9.86 1.87
N GLY J 190 27.81 -9.05 0.85
CA GLY J 190 28.81 -8.83 -0.18
C GLY J 190 29.98 -8.01 0.34
N ARG J 191 31.16 -8.25 -0.23
CA ARG J 191 32.39 -7.60 0.21
C ARG J 191 33.28 -7.30 -0.99
N ALA J 192 34.29 -6.45 -0.76
CA ALA J 192 35.36 -6.18 -1.73
C ALA J 192 34.83 -5.68 -3.07
N THR J 193 33.93 -4.69 -3.01
CA THR J 193 33.38 -4.06 -4.19
C THR J 193 33.08 -2.59 -3.88
N ASN J 194 32.97 -1.78 -4.93
CA ASN J 194 32.65 -0.38 -4.70
C ASN J 194 31.31 -0.22 -4.02
N LYS J 195 30.30 -0.98 -4.45
CA LYS J 195 29.00 -0.90 -3.81
C LYS J 195 29.08 -1.32 -2.33
N SER J 196 29.77 -2.44 -2.05
CA SER J 196 29.87 -2.94 -0.68
C SER J 196 30.69 -2.01 0.21
N VAL J 197 31.80 -1.47 -0.30
CA VAL J 197 32.54 -0.44 0.43
C VAL J 197 31.62 0.73 0.77
N ARG J 198 30.89 1.23 -0.22
CA ARG J 198 30.01 2.38 0.02
C ARG J 198 28.98 2.04 1.10
N TYR J 199 28.40 0.84 1.01
CA TYR J 199 27.42 0.41 2.01
C TYR J 199 28.05 0.37 3.41
N GLY J 200 29.23 -0.25 3.52
CA GLY J 200 29.86 -0.38 4.83
C GLY J 200 30.29 0.94 5.42
N ALA J 201 30.65 1.90 4.56
CA ALA J 201 30.90 3.25 5.04
C ALA J 201 29.61 3.90 5.54
N LEU J 202 28.52 3.75 4.79
CA LEU J 202 27.25 4.38 5.15
C LEU J 202 26.66 3.82 6.45
N GLN J 203 26.93 2.56 6.78
CA GLN J 203 26.42 2.02 8.04
C GLN J 203 27.01 2.73 9.26
N ILE J 204 28.13 3.43 9.12
CA ILE J 204 28.72 4.13 10.26
C ILE J 204 27.75 5.21 10.73
N PRO J 205 27.63 5.49 12.05
CA PRO J 205 26.55 6.39 12.50
C PRO J 205 26.67 7.80 11.96
N ASP J 206 27.84 8.43 12.05
CA ASP J 206 27.97 9.84 11.76
C ASP J 206 28.19 10.13 10.28
N VAL J 207 28.26 9.12 9.43
CA VAL J 207 28.51 9.32 8.01
C VAL J 207 27.17 9.61 7.34
N GLU J 208 27.11 10.72 6.61
CA GLU J 208 25.93 11.15 5.88
C GLU J 208 25.97 10.85 4.40
N GLY J 209 27.16 10.83 3.79
CA GLY J 209 27.26 10.75 2.35
C GLY J 209 28.63 10.29 1.93
N VAL J 210 28.70 9.30 1.04
CA VAL J 210 29.95 8.64 0.67
C VAL J 210 30.02 8.60 -0.86
N TYR J 211 31.15 9.05 -1.39
CA TYR J 211 31.51 8.86 -2.79
C TYR J 211 32.80 8.04 -2.87
N VAL J 212 32.75 6.95 -3.63
CA VAL J 212 33.91 6.08 -3.86
C VAL J 212 34.41 6.36 -5.27
N TYR J 213 35.68 6.71 -5.38
CA TYR J 213 36.36 6.92 -6.66
C TYR J 213 37.38 5.83 -6.87
N GLU J 214 37.32 5.18 -8.03
CA GLU J 214 38.14 4.00 -8.32
C GLU J 214 39.29 4.36 -9.24
N GLU J 215 40.48 3.87 -8.90
CA GLU J 215 41.64 3.92 -9.78
C GLU J 215 42.34 2.56 -9.75
N THR J 216 43.16 2.32 -10.76
CA THR J 216 43.87 1.04 -10.87
C THR J 216 44.87 0.93 -9.73
N GLY J 217 44.61 0.04 -8.78
CA GLY J 217 45.52 -0.20 -7.68
C GLY J 217 45.39 0.73 -6.50
N HIS J 218 44.36 1.58 -6.49
CA HIS J 218 44.14 2.52 -5.39
C HIS J 218 42.65 2.79 -5.30
N ILE J 219 42.16 2.96 -4.08
CA ILE J 219 40.78 3.36 -3.80
C ILE J 219 40.85 4.54 -2.85
N THR J 220 40.08 5.59 -3.13
CA THR J 220 39.94 6.75 -2.28
C THR J 220 38.47 6.95 -1.95
N VAL J 221 38.18 7.21 -0.67
CA VAL J 221 36.81 7.34 -0.18
C VAL J 221 36.60 8.77 0.32
N PHE J 222 35.62 9.46 -0.25
CA PHE J 222 35.25 10.80 0.20
C PHE J 222 34.04 10.64 1.11
N ALA J 223 34.13 11.19 2.32
CA ALA J 223 33.05 11.18 3.29
C ALA J 223 32.90 12.55 3.95
N HIS J 224 31.70 12.79 4.48
CA HIS J 224 31.42 14.04 5.17
C HIS J 224 30.32 13.77 6.20
N ASP J 225 30.26 14.64 7.22
CA ASP J 225 29.18 14.61 8.19
C ASP J 225 28.07 15.55 7.73
N ARG J 226 27.11 15.83 8.62
CA ARG J 226 26.03 16.76 8.29
C ARG J 226 26.58 18.13 7.94
N ASN J 227 27.64 18.53 8.62
CA ASN J 227 28.25 19.84 8.43
C ASN J 227 29.16 19.92 7.21
N GLY J 228 29.39 18.82 6.51
CA GLY J 228 30.35 18.79 5.42
C GLY J 228 31.78 18.56 5.85
N ASN J 229 32.04 18.33 7.14
CA ASN J 229 33.37 18.14 7.68
C ASN J 229 33.64 16.65 7.90
N LEU J 230 34.92 16.32 8.04
CA LEU J 230 35.38 14.96 8.35
C LEU J 230 36.38 15.04 9.49
N SER J 231 35.91 14.74 10.70
CA SER J 231 36.77 14.72 11.88
C SER J 231 37.82 13.62 11.74
N ASP J 232 38.99 13.86 12.36
CA ASP J 232 40.04 12.85 12.39
C ASP J 232 39.55 11.56 13.04
N THR J 233 38.77 11.68 14.12
CA THR J 233 38.25 10.50 14.79
C THR J 233 37.32 9.72 13.86
N LEU J 234 36.44 10.44 13.17
CA LEU J 234 35.53 9.76 12.24
C LEU J 234 36.30 9.14 11.09
N LYS J 235 37.37 9.80 10.64
CA LYS J 235 38.23 9.22 9.61
C LYS J 235 38.84 7.91 10.08
N GLU J 236 39.36 7.89 11.31
CA GLU J 236 39.94 6.66 11.83
C GLU J 236 38.89 5.56 11.96
N ASP J 237 37.68 5.92 12.39
CA ASP J 237 36.61 4.94 12.45
C ASP J 237 36.30 4.37 11.08
N ILE J 238 36.24 5.24 10.05
CA ILE J 238 35.94 4.76 8.71
C ILE J 238 37.02 3.81 8.23
N ILE J 239 38.29 4.17 8.44
CA ILE J 239 39.41 3.31 8.07
C ILE J 239 39.27 1.96 8.76
N ASP J 240 39.06 1.97 10.08
CA ASP J 240 38.97 0.71 10.83
C ASP J 240 37.80 -0.13 10.36
N ALA J 241 36.70 0.49 9.94
CA ALA J 241 35.55 -0.28 9.48
C ALA J 241 35.76 -0.80 8.07
N LEU J 242 36.55 -0.10 7.27
CA LEU J 242 36.85 -0.51 5.90
C LEU J 242 38.11 -1.35 5.81
N GLN J 243 38.71 -1.73 6.93
CA GLN J 243 39.76 -2.74 6.89
C GLN J 243 39.18 -4.09 6.48
N ASP J 244 37.98 -4.42 6.97
CA ASP J 244 37.31 -5.66 6.61
C ASP J 244 36.72 -5.64 5.20
N TYR J 245 36.55 -4.46 4.60
CA TYR J 245 35.84 -4.36 3.33
C TYR J 245 36.75 -4.32 2.12
N ARG J 246 37.94 -3.73 2.24
CA ARG J 246 38.74 -3.48 1.05
C ARG J 246 39.25 -4.78 0.44
N PRO J 247 39.53 -4.82 -0.86
CA PRO J 247 40.11 -6.04 -1.43
C PRO J 247 41.53 -6.27 -0.94
N SER J 248 41.97 -7.51 -1.06
CA SER J 248 43.34 -7.89 -0.70
C SER J 248 44.31 -7.40 -1.77
N GLY J 249 45.42 -6.82 -1.33
CA GLY J 249 46.42 -6.33 -2.27
C GLY J 249 46.07 -5.01 -2.93
N ILE J 250 45.08 -4.29 -2.40
CA ILE J 250 44.64 -3.00 -2.93
C ILE J 250 44.75 -1.99 -1.79
N MET J 251 45.10 -0.76 -2.14
CA MET J 251 45.30 0.32 -1.20
C MET J 251 44.01 1.12 -1.08
N LEU J 252 43.64 1.45 0.16
CA LEU J 252 42.44 2.22 0.44
C LEU J 252 42.83 3.46 1.24
N ASP J 253 42.29 4.60 0.84
CA ASP J 253 42.54 5.88 1.46
C ASP J 253 41.21 6.55 1.77
N VAL J 254 41.22 7.42 2.79
CA VAL J 254 40.02 8.14 3.21
C VAL J 254 40.37 9.63 3.26
N THR J 255 39.47 10.46 2.74
CA THR J 255 39.68 11.89 2.67
C THR J 255 38.34 12.61 2.88
N GLY J 256 38.44 13.87 3.28
CA GLY J 256 37.26 14.69 3.42
C GLY J 256 36.70 15.10 2.07
N VAL J 257 35.44 15.53 2.08
CA VAL J 257 34.80 16.01 0.87
C VAL J 257 35.30 17.42 0.61
N GLU J 258 35.48 17.76 -0.66
CA GLU J 258 35.97 19.10 -0.99
C GLU J 258 34.85 20.09 -0.75
N LYS J 259 34.70 20.49 0.51
CA LYS J 259 33.69 21.47 0.88
C LYS J 259 33.96 22.80 0.21
N GLU J 260 32.88 23.50 -0.13
CA GLU J 260 32.94 24.82 -0.74
C GLU J 260 31.91 25.69 -0.02
N GLU J 261 32.39 26.62 0.79
CA GLU J 261 31.52 27.54 1.51
C GLU J 261 31.21 28.74 0.62
N VAL J 262 29.94 28.91 0.29
CA VAL J 262 29.50 30.00 -0.59
C VAL J 262 29.02 31.14 0.29
N ASN J 263 29.68 32.29 0.17
CA ASN J 263 29.25 33.52 0.84
C ASN J 263 28.26 34.25 -0.06
N VAL J 264 27.12 34.65 0.50
CA VAL J 264 26.02 35.26 -0.26
C VAL J 264 25.63 36.55 0.43
N SER J 265 25.95 37.68 -0.19
CA SER J 265 25.42 38.99 0.18
C SER J 265 24.28 39.31 -0.77
N ALA J 266 23.08 39.50 -0.23
CA ALA J 266 21.88 39.77 -1.01
C ALA J 266 21.32 41.13 -0.61
N THR J 267 20.64 41.76 -1.57
CA THR J 267 19.92 43.01 -1.38
C THR J 267 18.47 42.71 -1.73
N VAL J 268 17.61 42.75 -0.73
CA VAL J 268 16.21 42.37 -0.86
C VAL J 268 15.38 43.65 -0.86
N THR J 269 14.67 43.89 -1.96
CA THR J 269 13.68 44.95 -2.01
C THR J 269 12.40 44.44 -1.38
N ILE J 270 11.75 45.31 -0.60
CA ILE J 270 10.57 44.96 0.16
C ILE J 270 9.51 46.03 -0.08
N SER J 271 8.24 45.63 0.06
CA SER J 271 7.13 46.54 -0.17
C SER J 271 6.72 47.26 1.11
N ASN J 272 6.38 46.50 2.15
CA ASN J 272 5.92 47.08 3.42
C ASN J 272 7.13 47.64 4.15
N LYS J 273 7.30 48.96 4.11
CA LYS J 273 8.47 49.57 4.74
C LYS J 273 8.37 49.54 6.25
N SER J 274 7.17 49.45 6.80
CA SER J 274 7.01 49.43 8.25
C SER J 274 7.42 48.08 8.84
N ARG J 275 7.32 47.00 8.08
CA ARG J 275 7.71 45.68 8.53
C ARG J 275 9.21 45.43 8.39
N ILE J 276 10.00 46.44 8.01
CA ILE J 276 11.43 46.27 7.97
C ILE J 276 11.96 46.21 9.40
N GLY J 277 12.72 45.17 9.71
CA GLY J 277 13.30 45.04 11.03
C GLY J 277 14.32 43.93 11.06
N ASP J 278 14.86 43.70 12.26
CA ASP J 278 15.88 42.67 12.42
C ASP J 278 15.31 41.26 12.23
N THR J 279 14.08 41.02 12.71
CA THR J 279 13.54 39.66 12.71
C THR J 279 13.37 39.15 11.28
N LEU J 280 12.82 39.99 10.39
CA LEU J 280 12.66 39.57 9.00
C LEU J 280 14.01 39.30 8.35
N GLN J 281 15.01 40.14 8.65
CA GLN J 281 16.36 39.91 8.14
C GLN J 281 16.88 38.55 8.58
N LYS J 282 16.78 38.24 9.88
CA LYS J 282 17.29 36.98 10.38
C LYS J 282 16.50 35.80 9.82
N HIS J 283 15.19 35.95 9.65
CA HIS J 283 14.40 34.91 9.01
C HIS J 283 14.87 34.62 7.59
N ILE J 284 15.03 35.67 6.78
CA ILE J 284 15.52 35.47 5.41
C ILE J 284 16.88 34.79 5.44
N GLU J 285 17.80 35.29 6.30
CA GLU J 285 19.13 34.70 6.35
C GLU J 285 19.08 33.23 6.77
N SER J 286 18.20 32.89 7.71
CA SER J 286 18.05 31.50 8.13
C SER J 286 17.51 30.65 7.00
N VAL J 287 16.60 31.20 6.19
CA VAL J 287 16.11 30.46 5.03
C VAL J 287 17.25 30.20 4.05
N ILE J 288 18.02 31.24 3.72
CA ILE J 288 19.15 31.06 2.81
C ILE J 288 20.14 30.03 3.35
N ARG J 289 20.48 30.13 4.64
CA ARG J 289 21.42 29.17 5.21
C ARG J 289 20.86 27.76 5.15
N SER J 290 19.56 27.59 5.43
CA SER J 290 18.97 26.26 5.37
C SER J 290 19.00 25.70 3.95
N TYR J 291 18.71 26.56 2.96
CA TYR J 291 18.77 26.14 1.57
C TYR J 291 20.18 25.71 1.20
N LEU J 292 21.18 26.52 1.55
CA LEU J 292 22.56 26.21 1.18
C LEU J 292 23.05 24.94 1.87
N ASN J 293 22.70 24.76 3.14
CA ASN J 293 23.17 23.60 3.89
C ASN J 293 22.42 22.33 3.52
N ASN J 294 21.22 22.45 2.93
CA ASN J 294 20.46 21.25 2.55
C ASN J 294 21.03 20.56 1.32
N LEU J 295 21.81 21.27 0.50
CA LEU J 295 22.42 20.67 -0.69
C LEU J 295 23.28 19.45 -0.36
N LYS J 296 23.21 18.45 -1.25
CA LYS J 296 23.96 17.21 -1.08
C LYS J 296 25.30 17.32 -1.82
N THR J 297 26.00 16.19 -1.98
CA THR J 297 27.38 16.23 -2.44
C THR J 297 27.48 16.65 -3.90
N SER J 298 26.59 16.12 -4.75
CA SER J 298 26.63 16.38 -6.18
C SER J 298 25.63 17.43 -6.65
N ASP J 299 25.04 18.20 -5.72
CA ASP J 299 23.98 19.15 -6.04
C ASP J 299 24.58 20.51 -6.40
N ASP J 300 24.27 21.02 -7.60
CA ASP J 300 24.86 22.29 -8.02
C ASP J 300 23.94 23.42 -7.58
N LEU J 301 24.56 24.52 -7.15
CA LEU J 301 23.81 25.69 -6.68
C LEU J 301 23.29 26.45 -7.90
N ILE J 302 22.01 26.23 -8.22
CA ILE J 302 21.35 26.99 -9.28
C ILE J 302 20.79 28.26 -8.65
N ILE J 303 21.24 29.40 -9.15
CA ILE J 303 20.87 30.67 -8.54
C ILE J 303 19.39 30.95 -8.74
N THR J 304 18.81 30.52 -9.87
CA THR J 304 17.41 30.82 -10.11
C THR J 304 16.51 30.10 -9.11
N ASP J 305 16.90 28.92 -8.66
CA ASP J 305 16.11 28.24 -7.64
C ASP J 305 16.21 28.93 -6.29
N LEU J 306 17.40 29.41 -5.93
CA LEU J 306 17.56 30.25 -4.74
C LEU J 306 16.68 31.48 -4.83
N ILE J 307 16.61 32.12 -6.00
CA ILE J 307 15.75 33.29 -6.15
C ILE J 307 14.29 32.89 -5.95
N GLN J 308 13.90 31.75 -6.55
CA GLN J 308 12.54 31.26 -6.39
C GLN J 308 12.21 31.07 -4.91
N ALA J 309 13.11 30.44 -4.17
CA ALA J 309 12.89 30.19 -2.75
C ALA J 309 12.75 31.50 -1.98
N ILE J 310 13.67 32.44 -2.23
CA ILE J 310 13.62 33.70 -1.49
C ILE J 310 12.32 34.44 -1.81
N MET J 311 11.89 34.41 -3.08
CA MET J 311 10.66 35.11 -3.41
C MET J 311 9.44 34.38 -2.86
N ASN J 312 9.54 33.06 -2.69
CA ASN J 312 8.46 32.26 -2.14
C ASN J 312 8.38 32.34 -0.61
N ILE J 313 9.36 32.96 0.05
CA ILE J 313 9.18 33.32 1.46
C ILE J 313 7.91 34.13 1.62
N ASP J 314 7.66 35.07 0.71
CA ASP J 314 6.44 35.85 0.71
C ASP J 314 6.23 36.41 -0.69
N ASP J 315 5.05 36.18 -1.25
CA ASP J 315 4.79 36.48 -2.65
C ASP J 315 4.53 37.96 -2.92
N VAL J 316 4.19 38.73 -1.89
CA VAL J 316 3.85 40.14 -2.04
C VAL J 316 4.80 41.03 -1.26
N LEU J 317 5.26 40.58 -0.09
CA LEU J 317 6.19 41.38 0.70
C LEU J 317 7.55 41.50 0.02
N ILE J 318 8.20 40.36 -0.21
CA ILE J 318 9.47 40.38 -0.95
C ILE J 318 9.17 40.88 -2.36
N TYR J 319 9.82 41.96 -2.74
CA TYR J 319 9.63 42.69 -3.99
C TYR J 319 10.61 42.26 -5.08
N ASP J 320 11.90 42.29 -4.77
CA ASP J 320 12.95 41.98 -5.73
C ASP J 320 14.21 41.63 -4.96
N VAL J 321 15.08 40.83 -5.59
CA VAL J 321 16.33 40.40 -4.98
C VAL J 321 17.46 40.61 -5.97
N SER J 322 18.68 40.70 -5.44
CA SER J 322 19.86 40.80 -6.27
C SER J 322 21.07 40.35 -5.44
N PHE J 323 22.07 39.79 -6.11
CA PHE J 323 23.30 39.35 -5.46
C PHE J 323 24.50 39.94 -6.19
N ASP J 324 25.54 40.30 -5.44
CA ASP J 324 26.82 40.70 -6.04
C ASP J 324 27.84 39.58 -6.03
N ASN J 325 27.81 38.70 -5.02
CA ASN J 325 28.72 37.57 -5.02
C ASN J 325 28.35 36.55 -6.07
N LEU J 326 27.05 36.25 -6.20
CA LEU J 326 26.56 35.20 -7.08
C LEU J 326 26.30 35.79 -8.46
N ASP J 327 27.21 35.58 -9.40
CA ASP J 327 27.05 36.02 -10.78
C ASP J 327 26.62 34.91 -11.72
N GLU J 328 26.98 33.66 -11.42
CA GLU J 328 26.66 32.53 -12.29
C GLU J 328 26.69 31.26 -11.46
N ASN J 329 25.94 30.25 -11.93
CA ASN J 329 25.77 28.99 -11.20
C ASN J 329 27.11 28.36 -10.85
N ILE J 330 27.22 27.83 -9.63
CA ILE J 330 28.50 27.32 -9.12
C ILE J 330 28.47 25.81 -9.28
N ILE J 331 28.96 25.32 -10.41
CA ILE J 331 29.02 23.89 -10.66
C ILE J 331 30.10 23.28 -9.78
N VAL J 332 29.83 22.10 -9.23
CA VAL J 332 30.76 21.39 -8.36
C VAL J 332 30.85 19.93 -8.83
N PRO J 333 31.92 19.22 -8.48
CA PRO J 333 32.02 17.83 -8.96
C PRO J 333 31.19 16.90 -8.08
N PRO J 334 31.22 15.59 -8.33
CA PRO J 334 30.53 14.68 -7.41
C PRO J 334 31.10 14.71 -6.00
N GLN J 335 32.42 14.88 -5.85
CA GLN J 335 33.09 14.83 -4.55
C GLN J 335 33.24 16.21 -3.91
N GLY J 336 32.44 17.18 -4.32
CA GLY J 336 32.55 18.54 -3.80
C GLY J 336 31.22 19.11 -3.37
N ILE J 337 31.00 19.18 -2.07
CA ILE J 337 29.71 19.59 -1.50
C ILE J 337 29.73 21.10 -1.33
N ILE J 338 28.55 21.70 -1.45
CA ILE J 338 28.36 23.13 -1.20
C ILE J 338 27.75 23.28 0.20
N ARG J 339 28.28 24.24 0.97
CA ARG J 339 27.82 24.56 2.31
C ARG J 339 27.63 26.05 2.46
N ALA J 340 26.99 26.44 3.57
CA ALA J 340 26.66 27.83 3.83
C ALA J 340 27.85 28.57 4.44
N GLY J 341 28.28 29.64 3.79
CA GLY J 341 29.30 30.53 4.30
C GLY J 341 28.72 31.74 4.98
N GLU J 342 29.49 32.84 4.98
CA GLU J 342 29.01 34.09 5.55
C GLU J 342 27.83 34.60 4.73
N ILE J 343 26.72 34.92 5.42
CA ILE J 343 25.48 35.34 4.78
C ILE J 343 25.13 36.72 5.32
N LYS J 344 24.80 37.64 4.41
CA LYS J 344 24.30 38.97 4.74
C LYS J 344 23.10 39.27 3.86
N VAL J 345 22.13 39.98 4.44
CA VAL J 345 20.90 40.37 3.75
C VAL J 345 20.68 41.86 4.01
N GLU J 346 20.46 42.61 2.94
CA GLU J 346 20.22 44.05 3.01
C GLU J 346 18.78 44.36 2.62
N LEU J 347 18.02 44.95 3.54
CA LEU J 347 16.63 45.30 3.26
C LEU J 347 16.56 46.69 2.62
N LYS J 348 15.85 46.79 1.51
CA LYS J 348 15.77 48.01 0.71
C LYS J 348 14.32 48.46 0.54
N ALA K 2 -8.88 -36.62 11.87
CA ALA K 2 -9.40 -37.54 12.93
C ALA K 2 -10.87 -37.22 13.21
N ASN K 3 -11.63 -36.91 12.16
CA ASN K 3 -13.06 -36.73 12.22
C ASN K 3 -13.79 -37.96 11.70
N PHE K 4 -13.17 -39.13 11.85
CA PHE K 4 -13.72 -40.35 11.27
C PHE K 4 -15.02 -40.73 11.97
N LEU K 5 -15.03 -40.67 13.30
CA LEU K 5 -16.25 -41.00 14.03
C LEU K 5 -17.32 -39.93 13.86
N LYS K 6 -16.91 -38.69 13.60
CA LYS K 6 -17.88 -37.61 13.43
C LYS K 6 -18.60 -37.72 12.09
N ASN K 7 -17.86 -37.97 11.02
CA ASN K 7 -18.42 -38.13 9.69
C ASN K 7 -18.84 -39.57 9.40
N LEU K 8 -18.82 -40.45 10.38
CA LEU K 8 -19.33 -41.79 10.17
C LEU K 8 -20.86 -41.77 10.14
N HIS K 9 -21.43 -42.81 9.53
CA HIS K 9 -22.89 -42.94 9.41
C HIS K 9 -23.53 -42.84 10.80
N PRO K 10 -24.51 -41.95 11.00
CA PRO K 10 -24.91 -41.64 12.39
C PRO K 10 -25.46 -42.82 13.17
N LEU K 11 -26.10 -43.79 12.50
CA LEU K 11 -26.73 -44.88 13.22
C LEU K 11 -25.72 -45.88 13.76
N LEU K 12 -24.52 -45.95 13.19
CA LEU K 12 -23.53 -46.88 13.69
C LEU K 12 -23.09 -46.50 15.10
N ARG K 13 -22.83 -47.52 15.91
CA ARG K 13 -22.38 -47.29 17.27
C ARG K 13 -20.97 -46.69 17.27
N ARG K 14 -20.74 -45.72 18.16
CA ARG K 14 -19.40 -45.20 18.40
C ARG K 14 -18.72 -45.81 19.63
N ASP K 15 -19.45 -46.53 20.49
CA ASP K 15 -18.92 -47.00 21.77
C ASP K 15 -19.05 -48.51 21.87
N ARG K 16 -18.01 -49.15 22.44
CA ARG K 16 -18.06 -50.58 22.71
C ARG K 16 -19.26 -50.93 23.58
N ASN K 17 -20.08 -51.85 23.09
CA ASN K 17 -21.37 -52.14 23.71
C ASN K 17 -21.19 -52.94 24.98
N LYS K 18 -21.97 -52.58 26.02
CA LYS K 18 -21.88 -53.24 27.31
C LYS K 18 -22.17 -54.73 27.20
N LYS K 19 -23.14 -55.10 26.37
CA LYS K 19 -23.60 -56.48 26.30
C LYS K 19 -22.54 -57.46 25.85
N ASP K 20 -21.47 -56.98 25.20
CA ASP K 20 -20.44 -57.88 24.67
C ASP K 20 -19.11 -57.15 24.74
N ASN K 21 -18.16 -57.69 25.52
CA ASN K 21 -16.82 -57.11 25.57
C ASN K 21 -16.06 -57.34 24.27
N GLN K 22 -16.45 -58.35 23.49
CA GLN K 22 -15.77 -58.69 22.25
C GLN K 22 -16.59 -58.23 21.05
N ASP K 23 -16.99 -56.97 21.06
CA ASP K 23 -17.85 -56.41 20.04
C ASP K 23 -17.07 -56.19 18.75
N PRO K 24 -17.31 -56.94 17.66
CA PRO K 24 -16.46 -56.74 16.47
C PRO K 24 -16.65 -55.39 15.80
N ASN K 25 -17.84 -54.78 15.93
CA ASN K 25 -18.06 -53.47 15.35
C ASN K 25 -17.13 -52.43 15.95
N PHE K 26 -17.06 -52.39 17.29
CA PHE K 26 -16.14 -51.47 17.94
C PHE K 26 -14.69 -51.77 17.57
N ALA K 27 -14.36 -53.05 17.43
CA ALA K 27 -12.99 -53.41 17.07
C ALA K 27 -12.62 -52.83 15.70
N LEU K 28 -13.46 -53.08 14.69
CA LEU K 28 -13.21 -52.53 13.35
C LEU K 28 -13.14 -51.01 13.38
N ILE K 29 -14.09 -50.37 14.07
CA ILE K 29 -14.15 -48.91 14.06
C ILE K 29 -12.91 -48.32 14.72
N ASP K 30 -12.48 -48.88 15.85
CA ASP K 30 -11.30 -48.37 16.54
C ASP K 30 -10.03 -48.66 15.74
N ALA K 31 -10.00 -49.76 14.98
CA ALA K 31 -8.86 -50.02 14.11
C ALA K 31 -8.73 -48.94 13.04
N LEU K 32 -9.83 -48.71 12.31
CA LEU K 32 -9.82 -47.67 11.28
C LEU K 32 -9.51 -46.31 11.88
N ASN K 33 -10.05 -46.04 13.07
CA ASN K 33 -9.80 -44.76 13.73
C ASN K 33 -8.33 -44.61 14.10
N GLU K 34 -7.68 -45.69 14.55
CA GLU K 34 -6.25 -45.64 14.82
C GLU K 34 -5.48 -45.26 13.57
N GLU K 35 -5.82 -45.88 12.44
CA GLU K 35 -5.07 -45.57 11.23
C GLU K 35 -5.29 -44.12 10.80
N MET K 36 -6.54 -43.65 10.91
CA MET K 36 -6.83 -42.26 10.56
C MET K 36 -6.04 -41.30 11.43
N ASN K 37 -6.00 -41.53 12.74
CA ASN K 37 -5.28 -40.61 13.62
C ASN K 37 -3.77 -40.69 13.40
N GLN K 38 -3.26 -41.87 13.07
CA GLN K 38 -1.84 -41.98 12.79
C GLN K 38 -1.47 -41.22 11.53
N VAL K 39 -2.31 -41.32 10.50
CA VAL K 39 -2.04 -40.56 9.28
C VAL K 39 -2.13 -39.07 9.54
N GLU K 40 -3.11 -38.64 10.35
CA GLU K 40 -3.20 -37.23 10.68
C GLU K 40 -1.96 -36.76 11.43
N LYS K 41 -1.47 -37.57 12.37
CA LYS K 41 -0.26 -37.25 13.10
C LYS K 41 0.92 -37.10 12.13
N ASP K 42 1.06 -38.04 11.20
CA ASP K 42 2.17 -37.97 10.26
C ASP K 42 2.05 -36.75 9.37
N ALA K 43 0.83 -36.41 8.95
CA ALA K 43 0.64 -35.24 8.11
C ALA K 43 0.94 -33.95 8.87
N ILE K 44 0.71 -33.93 10.18
CA ILE K 44 1.05 -32.73 10.96
C ILE K 44 2.56 -32.61 11.05
N GLU K 45 3.23 -33.71 11.40
CA GLU K 45 4.68 -33.78 11.51
C GLU K 45 5.37 -33.56 10.17
N SER K 46 4.66 -33.65 9.05
CA SER K 46 5.31 -33.51 7.75
C SER K 46 5.72 -32.07 7.46
N LYS K 47 5.13 -31.08 8.16
CA LYS K 47 5.51 -29.69 7.96
C LYS K 47 6.98 -29.46 8.27
N LEU K 48 7.53 -30.21 9.23
CA LEU K 48 8.93 -30.02 9.58
C LEU K 48 9.88 -30.33 8.42
N GLN K 49 9.45 -31.18 7.49
CA GLN K 49 10.31 -31.52 6.36
C GLN K 49 10.33 -30.46 5.27
N SER K 50 9.33 -29.58 5.22
CA SER K 50 9.27 -28.55 4.19
C SER K 50 10.02 -27.27 4.57
N SER K 51 10.72 -27.26 5.71
CA SER K 51 11.50 -26.11 6.16
C SER K 51 12.96 -26.49 6.33
N LEU K 52 13.85 -25.62 5.84
CA LEU K 52 15.29 -25.83 6.01
C LEU K 52 15.66 -25.86 7.48
N LYS K 53 15.01 -25.00 8.30
CA LYS K 53 15.31 -24.95 9.72
C LYS K 53 15.05 -26.30 10.40
N THR K 54 13.90 -26.92 10.11
CA THR K 54 13.46 -28.12 10.82
C THR K 54 13.56 -29.40 9.98
N SER K 55 14.25 -29.37 8.85
CA SER K 55 14.29 -30.57 8.01
C SER K 55 15.17 -31.64 8.67
N THR K 56 14.97 -32.89 8.24
CA THR K 56 15.82 -33.99 8.69
C THR K 56 16.37 -34.78 7.50
N SER K 57 16.94 -35.97 7.75
CA SER K 57 17.94 -36.64 6.91
C SER K 57 17.73 -36.53 5.39
N GLU K 58 16.73 -37.23 4.84
CA GLU K 58 16.56 -37.26 3.40
C GLU K 58 16.20 -35.89 2.83
N TYR K 59 15.21 -35.21 3.44
CA TYR K 59 14.82 -33.91 2.92
C TYR K 59 15.92 -32.88 3.14
N LEU K 60 16.68 -33.00 4.22
CA LEU K 60 17.82 -32.13 4.41
C LEU K 60 18.88 -32.39 3.35
N ASP K 61 19.05 -33.64 2.95
CA ASP K 61 19.95 -33.94 1.84
C ASP K 61 19.44 -33.31 0.55
N LYS K 62 18.12 -33.30 0.36
CA LYS K 62 17.54 -32.63 -0.81
C LYS K 62 17.88 -31.15 -0.81
N PHE K 63 17.76 -30.51 0.35
CA PHE K 63 18.10 -29.09 0.49
C PHE K 63 19.59 -28.88 0.22
N GLY K 64 20.46 -29.76 0.71
CA GLY K 64 21.88 -29.56 0.50
C GLY K 64 22.28 -29.84 -0.93
N ASP K 65 21.53 -30.70 -1.61
CA ASP K 65 21.76 -30.93 -3.03
C ASP K 65 21.28 -29.75 -3.84
N TRP K 66 20.25 -29.06 -3.36
CA TRP K 66 19.81 -27.85 -4.03
C TRP K 66 20.84 -26.74 -3.84
N PHE K 67 21.41 -26.64 -2.63
CA PHE K 67 22.39 -25.61 -2.35
C PHE K 67 23.79 -25.94 -2.84
N GLY K 68 24.05 -27.21 -3.18
CA GLY K 68 25.33 -27.66 -3.67
C GLY K 68 26.22 -28.28 -2.62
N VAL K 69 25.75 -28.43 -1.38
CA VAL K 69 26.54 -28.92 -0.26
C VAL K 69 26.11 -30.35 0.03
N TYR K 70 27.08 -31.27 0.07
CA TYR K 70 26.82 -32.69 0.19
C TYR K 70 27.23 -33.17 1.58
N ARG K 71 26.44 -34.12 2.10
CA ARG K 71 26.66 -34.63 3.44
C ARG K 71 27.97 -35.42 3.53
N LYS K 72 28.71 -35.20 4.61
CA LYS K 72 29.95 -35.91 4.83
C LYS K 72 29.67 -37.24 5.53
N THR K 73 30.73 -38.04 5.72
CA THR K 73 30.60 -39.29 6.46
C THR K 73 30.25 -38.99 7.91
N ASP K 74 29.16 -39.61 8.38
CA ASP K 74 28.74 -39.51 9.78
C ASP K 74 28.36 -38.07 10.16
N GLU K 75 27.94 -37.26 9.20
CA GLU K 75 27.59 -35.86 9.45
C GLU K 75 26.11 -35.79 9.82
N LYS K 76 25.83 -35.31 11.02
CA LYS K 76 24.47 -35.27 11.53
C LYS K 76 23.66 -34.15 10.86
N ASP K 77 22.41 -33.97 11.29
CA ASP K 77 21.57 -32.96 10.64
C ASP K 77 21.91 -31.54 11.08
N ASP K 78 22.16 -31.34 12.38
CA ASP K 78 22.34 -29.98 12.88
C ASP K 78 23.62 -29.35 12.34
N VAL K 79 24.73 -30.10 12.40
CA VAL K 79 25.99 -29.56 11.87
C VAL K 79 25.89 -29.37 10.36
N TYR K 80 25.18 -30.27 9.68
CA TYR K 80 25.04 -30.17 8.23
C TYR K 80 24.26 -28.91 7.83
N ARG K 81 23.15 -28.64 8.51
CA ARG K 81 22.41 -27.43 8.18
C ARG K 81 23.20 -26.18 8.55
N ALA K 82 23.95 -26.24 9.65
CA ALA K 82 24.80 -25.11 10.00
C ALA K 82 25.86 -24.87 8.93
N ARG K 83 26.40 -25.96 8.37
CA ARG K 83 27.42 -25.86 7.32
C ARG K 83 26.82 -25.32 6.04
N ILE K 84 25.59 -25.71 5.71
CA ILE K 84 24.93 -25.13 4.54
C ILE K 84 24.76 -23.63 4.73
N ILE K 85 24.21 -23.24 5.90
CA ILE K 85 23.93 -21.83 6.17
C ILE K 85 25.22 -21.02 6.10
N LYS K 86 26.30 -21.55 6.69
CA LYS K 86 27.58 -20.87 6.63
C LYS K 86 28.09 -20.76 5.20
N TYR K 87 27.92 -21.84 4.42
CA TYR K 87 28.40 -21.85 3.04
C TYR K 87 27.69 -20.80 2.21
N LEU K 88 26.41 -20.53 2.51
CA LEU K 88 25.71 -19.49 1.78
C LEU K 88 26.22 -18.10 2.16
N LEU K 89 26.61 -17.92 3.42
CA LEU K 89 27.04 -16.64 3.98
C LEU K 89 28.55 -16.55 4.09
N LEU K 90 29.29 -16.93 3.06
CA LEU K 90 30.75 -16.86 3.09
C LEU K 90 31.22 -15.51 2.55
N LYS K 91 31.88 -14.73 3.42
CA LYS K 91 32.60 -13.56 2.97
C LYS K 91 33.81 -13.97 2.13
N ARG K 92 34.07 -13.23 1.06
CA ARG K 92 35.14 -13.55 0.13
C ARG K 92 35.76 -12.26 -0.39
N GLY K 93 37.07 -12.31 -0.64
CA GLY K 93 37.77 -11.20 -1.24
C GLY K 93 38.55 -10.30 -0.29
N THR K 94 38.85 -10.76 0.94
CA THR K 94 39.58 -9.93 1.88
C THR K 94 40.49 -10.81 2.74
N ASN K 95 41.39 -10.15 3.48
CA ASN K 95 42.32 -10.87 4.36
C ASN K 95 41.58 -11.72 5.39
N ASN K 96 40.55 -11.16 6.03
CA ASN K 96 39.82 -11.86 7.07
C ASN K 96 39.15 -13.12 6.54
N ALA K 97 38.59 -13.06 5.33
CA ALA K 97 38.00 -14.23 4.69
C ALA K 97 39.04 -15.31 4.43
N ILE K 98 40.20 -14.93 3.90
CA ILE K 98 41.28 -15.91 3.69
C ILE K 98 41.69 -16.54 5.00
N ILE K 99 41.86 -15.71 6.04
CA ILE K 99 42.29 -16.23 7.34
C ILE K 99 41.27 -17.24 7.86
N ASP K 100 39.98 -16.91 7.74
CA ASP K 100 38.94 -17.84 8.18
C ASP K 100 38.96 -19.12 7.36
N ALA K 101 39.17 -18.99 6.04
CA ALA K 101 39.19 -20.19 5.19
C ALA K 101 40.34 -21.11 5.59
N ILE K 102 41.50 -20.52 5.89
CA ILE K 102 42.63 -21.32 6.34
C ILE K 102 42.28 -22.03 7.65
N LYS K 103 41.85 -21.26 8.64
CA LYS K 103 41.58 -21.79 9.96
C LYS K 103 40.47 -22.83 9.94
N ASP K 104 39.59 -22.78 8.94
CA ASP K 104 38.52 -23.74 8.76
C ASP K 104 38.89 -24.87 7.80
N TYR K 105 40.11 -24.87 7.25
CA TYR K 105 40.63 -26.04 6.52
C TYR K 105 41.69 -26.76 7.33
N LEU K 106 42.52 -26.03 8.07
CA LEU K 106 43.26 -26.60 9.19
C LEU K 106 42.30 -26.78 10.37
N GLY K 107 42.79 -27.39 11.45
CA GLY K 107 41.89 -27.88 12.48
C GLY K 107 41.30 -26.86 13.43
N ARG K 108 41.98 -25.72 13.65
CA ARG K 108 41.75 -24.96 14.86
C ARG K 108 42.03 -23.48 14.64
N ASP K 109 41.70 -22.69 15.67
CA ASP K 109 41.78 -21.24 15.64
C ASP K 109 43.08 -20.68 16.24
N ASP K 110 43.73 -21.38 17.16
CA ASP K 110 44.84 -20.74 17.89
C ASP K 110 46.12 -20.62 17.05
N ILE K 111 46.16 -21.12 15.82
CA ILE K 111 47.36 -21.00 14.99
C ILE K 111 47.56 -19.57 14.55
N ASP K 112 48.82 -19.18 14.38
CA ASP K 112 49.14 -17.87 13.84
C ASP K 112 48.99 -17.91 12.32
N VAL K 113 48.17 -17.01 11.78
CA VAL K 113 47.98 -16.84 10.34
C VAL K 113 47.81 -15.34 10.12
N SER K 114 48.61 -14.77 9.22
CA SER K 114 48.42 -13.40 8.78
C SER K 114 48.67 -13.29 7.28
N VAL K 115 48.23 -12.17 6.71
CA VAL K 115 48.44 -11.85 5.30
C VAL K 115 49.36 -10.62 5.24
N TYR K 116 50.46 -10.75 4.50
CA TYR K 116 51.37 -9.66 4.25
C TYR K 116 51.04 -8.98 2.93
N GLU K 117 51.06 -7.65 2.94
CA GLU K 117 50.83 -6.84 1.74
C GLU K 117 52.12 -6.08 1.43
N PRO K 118 52.93 -6.52 0.44
CA PRO K 118 54.21 -5.83 0.22
C PRO K 118 54.09 -4.43 -0.36
N PHE K 119 52.94 -4.03 -0.89
CA PHE K 119 52.87 -2.71 -1.50
C PHE K 119 52.93 -1.60 -0.44
N THR K 120 52.64 -1.93 0.81
CA THR K 120 52.79 -0.98 1.91
C THR K 120 54.23 -0.56 2.14
N ASN K 121 55.19 -1.39 1.74
CA ASN K 121 56.63 -1.10 1.87
C ASN K 121 57.25 -0.71 0.54
N ILE K 122 56.50 0.00 -0.31
CA ILE K 122 57.08 0.55 -1.52
C ILE K 122 57.88 1.79 -1.13
N PHE K 123 59.07 1.94 -1.72
CA PHE K 123 59.94 3.07 -1.41
C PHE K 123 59.40 4.29 -2.12
N TYR K 124 58.82 5.21 -1.34
CA TYR K 124 58.46 6.53 -1.83
C TYR K 124 59.60 7.49 -1.54
N THR K 125 59.71 8.53 -2.37
CA THR K 125 60.84 9.45 -2.28
C THR K 125 60.91 10.09 -0.89
N ASN K 126 59.83 10.74 -0.46
CA ASN K 126 59.88 11.52 0.78
C ASN K 126 59.77 10.62 2.02
N LYS K 127 58.59 10.01 2.22
CA LYS K 127 58.28 9.44 3.53
C LYS K 127 59.18 8.25 3.87
N SER K 128 59.48 7.39 2.90
CA SER K 128 60.21 6.16 3.18
C SER K 128 61.63 6.48 3.67
N HIS K 129 62.06 5.80 4.73
CA HIS K 129 63.41 6.00 5.21
C HIS K 129 64.41 5.35 4.25
N LEU K 130 65.57 5.99 4.11
CA LEU K 130 66.51 5.54 3.07
C LEU K 130 67.00 4.12 3.36
N ASN K 131 67.54 3.88 4.55
CA ASN K 131 67.93 2.55 4.97
C ASN K 131 66.85 1.88 5.83
N GLY K 132 65.58 2.16 5.53
CA GLY K 132 64.47 1.66 6.32
C GLY K 132 63.98 0.33 5.79
N GLU K 133 62.77 -0.03 6.22
CA GLU K 133 62.16 -1.30 5.84
C GLU K 133 61.61 -1.31 4.41
N ASP K 134 61.50 -0.16 3.76
CA ASP K 134 60.90 -0.10 2.44
C ASP K 134 61.86 -0.56 1.36
N HIS K 135 61.30 -1.08 0.26
CA HIS K 135 62.13 -1.56 -0.84
C HIS K 135 61.70 -0.84 -2.12
N LEU K 136 62.56 -0.88 -3.13
CA LEU K 136 62.24 -0.24 -4.40
C LEU K 136 61.14 -1.01 -5.11
N MET K 137 60.23 -0.26 -5.74
CA MET K 137 59.11 -0.88 -6.44
C MET K 137 59.63 -1.76 -7.58
N GLY K 138 58.98 -2.91 -7.75
CA GLY K 138 59.34 -3.84 -8.81
C GLY K 138 58.27 -4.90 -9.06
N TYR K 139 58.71 -6.16 -9.22
CA TYR K 139 57.77 -7.25 -9.48
C TYR K 139 57.13 -7.73 -8.19
N TYR K 140 57.94 -8.01 -7.17
CA TYR K 140 57.40 -8.53 -5.92
C TYR K 140 56.76 -7.44 -5.08
N TYR K 141 57.51 -6.37 -4.80
CA TYR K 141 56.96 -5.19 -4.11
C TYR K 141 56.05 -4.46 -5.08
N ARG K 142 54.80 -4.93 -5.15
CA ARG K 142 53.87 -4.50 -6.18
C ARG K 142 52.44 -4.68 -5.67
N PHE K 143 51.53 -3.83 -6.15
CA PHE K 143 50.13 -3.98 -5.79
C PHE K 143 49.55 -5.23 -6.46
N ALA K 144 48.42 -5.68 -5.92
CA ALA K 144 47.80 -6.95 -6.33
C ALA K 144 48.76 -8.11 -6.13
N VAL K 145 49.40 -8.12 -4.96
CA VAL K 145 50.28 -9.21 -4.52
C VAL K 145 50.05 -9.38 -3.02
N ILE K 146 50.08 -10.62 -2.56
CA ILE K 146 49.92 -10.93 -1.14
C ILE K 146 50.77 -12.15 -0.81
N ASN K 147 51.34 -12.15 0.40
CA ASN K 147 52.10 -13.28 0.93
C ASN K 147 51.46 -13.71 2.25
N VAL K 148 50.96 -14.95 2.27
CA VAL K 148 50.22 -15.50 3.41
C VAL K 148 51.18 -16.35 4.25
N SER K 149 51.40 -15.93 5.50
CA SER K 149 52.16 -16.74 6.45
C SER K 149 51.22 -17.67 7.21
N ILE K 150 51.62 -18.94 7.33
CA ILE K 150 50.83 -19.97 8.02
C ILE K 150 51.75 -20.63 9.04
N GLY K 151 51.31 -20.63 10.29
CA GLY K 151 52.09 -21.20 11.38
C GLY K 151 51.90 -22.68 11.67
N ASP K 152 51.66 -23.52 10.65
CA ASP K 152 51.49 -24.95 10.90
C ASP K 152 51.61 -25.71 9.58
N TYR K 153 51.76 -27.03 9.71
CA TYR K 153 51.77 -27.92 8.54
C TYR K 153 50.49 -27.72 7.72
N PHE K 154 50.60 -27.86 6.39
CA PHE K 154 49.43 -27.77 5.53
C PHE K 154 49.61 -28.61 4.28
N PRO K 155 48.52 -29.17 3.72
CA PRO K 155 48.59 -29.72 2.37
C PRO K 155 48.74 -28.61 1.33
N VAL K 156 49.35 -28.96 0.20
CA VAL K 156 49.47 -28.00 -0.90
C VAL K 156 48.10 -27.59 -1.41
N GLU K 157 47.09 -28.46 -1.25
CA GLU K 157 45.76 -28.15 -1.73
C GLU K 157 45.14 -26.94 -1.04
N ILE K 158 45.70 -26.50 0.10
CA ILE K 158 45.24 -25.29 0.76
C ILE K 158 45.40 -24.09 -0.16
N ILE K 159 46.42 -24.10 -1.03
CA ILE K 159 46.59 -23.02 -1.98
C ILE K 159 45.35 -22.92 -2.88
N ASP K 160 44.85 -24.06 -3.34
CA ASP K 160 43.63 -24.06 -4.14
C ASP K 160 42.45 -23.50 -3.35
N VAL K 161 42.42 -23.73 -2.04
CA VAL K 161 41.37 -23.14 -1.22
C VAL K 161 41.47 -21.61 -1.25
N ILE K 162 42.70 -21.09 -1.11
CA ILE K 162 42.90 -19.64 -1.18
C ILE K 162 42.49 -19.14 -2.56
N ASN K 163 42.76 -19.93 -3.60
CA ASN K 163 42.31 -19.55 -4.93
C ASN K 163 40.80 -19.43 -4.96
N GLU K 164 40.10 -20.27 -4.21
CA GLU K 164 38.65 -20.12 -4.13
C GLU K 164 38.27 -18.82 -3.44
N PHE K 165 39.07 -18.33 -2.48
CA PHE K 165 38.67 -17.15 -1.71
C PHE K 165 39.26 -15.83 -2.18
N LYS K 166 40.55 -15.79 -2.55
CA LYS K 166 41.21 -14.53 -2.90
C LYS K 166 40.50 -13.81 -4.05
N PRO K 167 40.69 -12.49 -4.19
CA PRO K 167 40.06 -11.78 -5.30
C PRO K 167 40.84 -12.01 -6.60
N ALA K 168 40.10 -11.95 -7.70
CA ALA K 168 40.66 -12.22 -9.02
C ALA K 168 41.65 -11.15 -9.39
N GLY K 169 42.79 -11.57 -9.95
CA GLY K 169 43.81 -10.66 -10.40
C GLY K 169 44.92 -10.38 -9.41
N VAL K 170 44.97 -11.10 -8.29
CA VAL K 170 45.98 -10.94 -7.26
C VAL K 170 46.86 -12.17 -7.29
N THR K 171 48.18 -11.94 -7.36
CA THR K 171 49.14 -13.03 -7.26
C THR K 171 49.25 -13.49 -5.82
N LEU K 172 49.37 -14.81 -5.63
CA LEU K 172 49.39 -15.43 -4.31
C LEU K 172 50.75 -16.05 -4.02
N TYR K 173 51.27 -15.79 -2.82
CA TYR K 173 52.43 -16.47 -2.26
C TYR K 173 52.07 -16.98 -0.87
N VAL K 174 52.67 -18.11 -0.49
CA VAL K 174 52.45 -18.72 0.81
C VAL K 174 53.82 -18.93 1.44
N THR K 175 53.91 -18.61 2.74
CA THR K 175 55.12 -18.82 3.52
C THR K 175 54.81 -19.79 4.65
N TYR K 176 55.71 -20.74 4.86
CA TYR K 176 55.60 -21.74 5.92
C TYR K 176 56.57 -21.35 7.05
N ASP K 177 56.00 -20.95 8.18
CA ASP K 177 56.78 -20.58 9.37
C ASP K 177 57.10 -21.82 10.20
N GLY K 178 58.30 -22.38 10.00
CA GLY K 178 58.70 -23.56 10.74
C GLY K 178 58.76 -23.36 12.24
N ALA K 179 59.08 -22.15 12.70
CA ALA K 179 59.20 -21.88 14.14
C ALA K 179 57.96 -22.33 14.90
N SER K 180 56.78 -21.95 14.41
CA SER K 180 55.52 -22.26 15.10
C SER K 180 55.29 -23.76 15.26
N THR K 181 55.82 -24.59 14.35
CA THR K 181 55.62 -26.03 14.43
C THR K 181 56.55 -26.73 15.41
N ILE K 182 57.62 -26.07 15.87
CA ILE K 182 58.64 -26.74 16.67
C ILE K 182 58.00 -27.34 17.93
N ARG K 183 58.42 -28.56 18.25
CA ARG K 183 57.94 -29.27 19.43
C ARG K 183 58.47 -28.61 20.69
N GLY K 184 57.56 -28.29 21.61
CA GLY K 184 57.95 -27.70 22.88
C GLY K 184 58.61 -26.34 22.67
N GLY K 185 59.36 -25.92 23.69
CA GLY K 185 60.13 -24.69 23.59
C GLY K 185 61.19 -24.78 22.51
N ALA K 186 61.24 -23.77 21.64
CA ALA K 186 62.11 -23.80 20.48
C ALA K 186 63.51 -23.25 20.74
N ILE K 187 63.79 -22.76 21.95
CA ILE K 187 65.13 -22.25 22.27
C ILE K 187 66.03 -23.43 22.59
N ILE K 188 67.23 -23.46 21.98
CA ILE K 188 68.21 -24.54 22.15
C ILE K 188 69.27 -24.09 23.14
N LYS K 189 69.75 -25.02 23.96
CA LYS K 189 70.68 -24.72 25.05
C LYS K 189 72.02 -25.42 24.81
N TRP K 190 73.11 -24.73 25.16
CA TRP K 190 74.46 -25.30 25.13
C TRP K 190 74.97 -25.49 26.55
N ASN L 4 74.29 -4.44 -22.68
CA ASN L 4 73.17 -3.47 -22.89
C ASN L 4 72.32 -3.28 -21.64
N PHE L 5 72.25 -2.05 -21.15
CA PHE L 5 71.54 -1.76 -19.90
C PHE L 5 70.07 -1.41 -20.12
N LYS L 6 69.57 -1.52 -21.36
CA LYS L 6 68.14 -1.36 -21.61
C LYS L 6 67.33 -2.59 -21.26
N GLY L 7 67.98 -3.70 -20.88
CA GLY L 7 67.26 -4.93 -20.63
C GLY L 7 66.58 -4.97 -19.26
N SER L 8 65.83 -6.05 -19.06
CA SER L 8 65.07 -6.34 -17.84
C SER L 8 65.77 -6.04 -16.50
N PRO L 9 66.99 -6.54 -16.24
CA PRO L 9 67.53 -6.38 -14.87
C PRO L 9 67.75 -4.93 -14.46
N TYR L 10 68.04 -4.03 -15.41
CA TYR L 10 68.33 -2.64 -15.11
C TYR L 10 67.33 -1.67 -15.73
N LEU L 11 66.96 -1.88 -16.99
CA LEU L 11 65.98 -1.05 -17.69
C LEU L 11 66.47 0.41 -17.76
N ASP L 12 67.72 0.59 -18.20
CA ASP L 12 68.24 1.93 -18.39
C ASP L 12 67.49 2.58 -19.56
N ARG L 13 66.83 3.70 -19.29
CA ARG L 13 66.01 4.42 -20.25
C ARG L 13 66.77 5.56 -20.95
N PHE L 14 68.08 5.65 -20.77
CA PHE L 14 68.85 6.71 -21.38
C PHE L 14 69.04 6.47 -22.87
N ASP L 15 68.92 7.54 -23.66
CA ASP L 15 69.15 7.47 -25.10
C ASP L 15 69.62 8.83 -25.59
N PRO L 16 70.77 8.95 -26.28
CA PRO L 16 71.25 10.30 -26.63
C PRO L 16 70.35 11.07 -27.59
N SER L 17 69.62 10.38 -28.47
CA SER L 17 68.85 11.08 -29.49
C SER L 17 67.68 11.88 -28.92
N LYS L 18 67.27 11.62 -27.68
CA LYS L 18 66.11 12.30 -27.11
C LYS L 18 66.40 13.69 -26.58
N ASP L 19 67.68 14.05 -26.44
CA ASP L 19 68.09 15.38 -25.99
C ASP L 19 67.56 15.73 -24.60
N ARG L 20 67.41 14.73 -23.73
CA ARG L 20 66.94 14.92 -22.37
C ARG L 20 68.14 14.91 -21.44
N THR L 21 68.31 15.99 -20.67
CA THR L 21 69.54 16.26 -19.93
C THR L 21 69.32 16.43 -18.43
N LYS L 22 68.18 16.00 -17.89
CA LYS L 22 67.94 16.15 -16.46
C LYS L 22 66.70 15.39 -16.03
N VAL L 23 66.83 14.62 -14.95
CA VAL L 23 65.72 13.88 -14.36
C VAL L 23 65.17 14.75 -13.23
N LEU L 24 63.90 15.11 -13.32
CA LEU L 24 63.26 16.03 -12.38
C LEU L 24 62.34 15.20 -11.48
N PHE L 25 62.85 14.82 -10.31
CA PHE L 25 62.09 14.04 -9.37
C PHE L 25 60.93 14.87 -8.81
N ASN L 26 59.91 14.18 -8.32
CA ASN L 26 58.71 14.78 -7.75
C ASN L 26 58.44 14.20 -6.38
N PRO L 27 57.80 14.94 -5.48
CA PRO L 27 57.57 14.45 -4.13
C PRO L 27 56.36 13.54 -4.00
N ASP L 28 56.42 12.66 -3.02
CA ASP L 28 55.40 11.64 -2.77
C ASP L 28 55.10 10.82 -4.03
N ARG L 29 56.13 10.18 -4.57
CA ARG L 29 55.99 9.29 -5.71
C ARG L 29 56.87 8.07 -5.50
N PRO L 30 56.53 6.93 -6.11
CA PRO L 30 57.40 5.75 -5.98
C PRO L 30 58.67 5.91 -6.82
N LEU L 31 59.82 5.79 -6.16
CA LEU L 31 61.09 6.00 -6.84
C LEU L 31 61.40 4.83 -7.76
N GLN L 32 61.96 5.15 -8.93
CA GLN L 32 62.26 4.17 -9.97
C GLN L 32 63.77 4.04 -10.14
N GLN L 33 64.27 2.79 -10.09
CA GLN L 33 65.70 2.54 -10.28
C GLN L 33 66.15 2.93 -11.69
N ALA L 34 65.24 2.85 -12.67
CA ALA L 34 65.56 3.31 -14.03
C ALA L 34 65.97 4.78 -14.02
N GLU L 35 65.32 5.58 -13.18
CA GLU L 35 65.61 7.00 -13.16
C GLU L 35 67.00 7.28 -12.60
N LEU L 36 67.42 6.48 -11.61
CA LEU L 36 68.76 6.59 -11.06
C LEU L 36 69.82 6.19 -12.09
N ASN L 37 69.57 5.07 -12.78
CA ASN L 37 70.47 4.64 -13.85
C ASN L 37 70.62 5.73 -14.91
N GLU L 38 69.50 6.30 -15.36
CA GLU L 38 69.57 7.37 -16.35
C GLU L 38 70.28 8.61 -15.78
N MET L 39 70.07 8.88 -14.50
CA MET L 39 70.66 10.06 -13.87
C MET L 39 72.17 10.03 -13.97
N GLN L 40 72.78 8.89 -13.66
CA GLN L 40 74.24 8.80 -13.83
C GLN L 40 74.64 8.66 -15.30
N SER L 41 73.79 8.03 -16.12
CA SER L 41 74.13 7.82 -17.52
C SER L 41 74.33 9.14 -18.27
N ILE L 42 73.41 10.08 -18.05
CA ILE L 42 73.46 11.38 -18.73
C ILE L 42 74.80 12.07 -18.46
N ASP L 43 75.15 12.23 -17.18
CA ASP L 43 76.39 12.90 -16.81
C ASP L 43 77.59 12.20 -17.41
N GLN L 44 77.61 10.86 -17.38
CA GLN L 44 78.75 10.18 -17.96
C GLN L 44 78.80 10.37 -19.47
N TYR L 45 77.64 10.47 -20.13
CA TYR L 45 77.63 10.62 -21.58
C TYR L 45 78.16 11.99 -22.00
N TYR L 46 77.75 13.04 -21.27
CA TYR L 46 78.26 14.37 -21.61
C TYR L 46 79.73 14.53 -21.22
N LEU L 47 80.17 13.85 -20.16
CA LEU L 47 81.60 13.85 -19.86
C LEU L 47 82.38 13.16 -20.97
N LYS L 48 81.85 12.06 -21.49
CA LYS L 48 82.47 11.39 -22.63
C LYS L 48 82.53 12.32 -23.84
N ASN L 49 81.45 13.06 -24.10
CA ASN L 49 81.45 14.02 -25.20
C ASN L 49 82.57 15.04 -25.03
N LEU L 50 82.63 15.66 -23.86
CA LEU L 50 83.67 16.66 -23.60
C LEU L 50 85.06 16.07 -23.74
N GLY L 51 85.28 14.85 -23.24
CA GLY L 51 86.53 14.17 -23.48
C GLY L 51 86.85 14.02 -24.96
N ASP L 52 85.87 13.57 -25.75
CA ASP L 52 86.10 13.28 -27.16
C ASP L 52 86.46 14.53 -27.94
N ALA L 53 85.81 15.66 -27.62
CA ALA L 53 86.15 16.95 -28.23
C ALA L 53 87.62 17.32 -28.16
N ILE L 54 88.40 16.75 -27.23
CA ILE L 54 89.82 17.07 -27.06
C ILE L 54 90.68 15.86 -27.37
N PHE L 55 90.45 14.74 -26.69
CA PHE L 55 91.38 13.62 -26.69
C PHE L 55 90.98 12.56 -27.72
N LYS L 56 91.91 11.65 -27.95
CA LYS L 56 91.75 10.50 -28.84
C LYS L 56 92.02 9.26 -28.00
N ASP L 57 91.41 8.14 -28.39
CA ASP L 57 91.43 6.93 -27.55
C ASP L 57 92.83 6.41 -27.27
N GLY L 58 93.83 6.82 -28.04
CA GLY L 58 95.18 6.32 -27.94
C GLY L 58 96.15 7.37 -27.44
N ASP L 59 95.64 8.41 -26.79
CA ASP L 59 96.46 9.51 -26.31
C ASP L 59 96.98 9.18 -24.92
N LYS L 60 98.31 9.18 -24.79
CA LYS L 60 98.97 8.98 -23.52
C LYS L 60 99.18 10.33 -22.84
N GLN L 61 98.85 10.41 -21.56
CA GLN L 61 99.00 11.64 -20.79
C GLN L 61 100.32 11.68 -20.03
N SER L 62 100.57 10.66 -19.20
CA SER L 62 101.84 10.58 -18.48
C SER L 62 102.16 9.12 -18.23
N GLY L 63 103.42 8.86 -17.88
CA GLY L 63 103.83 7.51 -17.53
C GLY L 63 103.79 6.57 -18.72
N LEU L 64 103.38 5.32 -18.46
CA LEU L 64 103.25 4.28 -19.49
C LEU L 64 104.57 4.04 -20.23
N GLY L 65 105.70 4.23 -19.55
CA GLY L 65 106.98 3.89 -20.14
C GLY L 65 107.11 2.39 -20.29
N PHE L 66 107.34 1.93 -21.52
CA PHE L 66 107.39 0.49 -21.79
C PHE L 66 108.80 -0.05 -21.51
N THR L 67 108.84 -1.35 -21.23
CA THR L 67 110.08 -2.09 -21.05
C THR L 67 110.02 -3.35 -21.91
N LEU L 68 111.09 -3.60 -22.68
CA LEU L 68 111.16 -4.72 -23.60
C LEU L 68 112.35 -5.60 -23.22
N SER L 69 112.10 -6.89 -22.99
CA SER L 69 113.15 -7.82 -22.66
C SER L 69 113.82 -8.36 -23.92
N GLU L 70 114.88 -9.16 -23.75
CA GLU L 70 115.57 -9.70 -24.91
C GLU L 70 114.70 -10.70 -25.66
N ASP L 71 113.74 -11.32 -24.99
CA ASP L 71 112.80 -12.25 -25.59
C ASP L 71 111.54 -11.55 -26.10
N ASN L 72 111.64 -10.26 -26.44
CA ASN L 72 110.53 -9.46 -26.99
C ASN L 72 109.29 -9.51 -26.09
N VAL L 73 109.46 -9.73 -24.79
CA VAL L 73 108.34 -9.64 -23.87
C VAL L 73 108.19 -8.17 -23.47
N LEU L 74 106.96 -7.66 -23.57
CA LEU L 74 106.67 -6.25 -23.36
C LEU L 74 105.89 -6.07 -22.06
N THR L 75 106.30 -5.10 -21.26
CA THR L 75 105.60 -4.71 -20.04
C THR L 75 105.52 -3.19 -20.01
N VAL L 76 104.35 -2.67 -19.64
CA VAL L 76 104.07 -1.25 -19.59
C VAL L 76 103.89 -0.84 -18.14
N ASN L 77 104.55 0.26 -17.77
CA ASN L 77 104.49 0.83 -16.43
C ASN L 77 103.15 1.54 -16.25
N PRO L 78 102.75 1.83 -15.00
CA PRO L 78 101.47 2.51 -14.79
C PRO L 78 101.47 3.90 -15.44
N GLY L 79 100.26 4.43 -15.61
CA GLY L 79 100.12 5.78 -16.14
C GLY L 79 98.69 6.06 -16.55
N TYR L 80 98.47 7.30 -16.98
CA TYR L 80 97.16 7.77 -17.40
C TYR L 80 96.97 7.60 -18.91
N VAL L 81 95.71 7.49 -19.32
CA VAL L 81 95.36 7.30 -20.71
C VAL L 81 93.88 7.59 -20.90
N TYR L 82 93.53 8.18 -22.03
CA TYR L 82 92.13 8.44 -22.37
C TYR L 82 91.61 7.28 -23.22
N ILE L 83 90.62 6.56 -22.69
CA ILE L 83 89.99 5.45 -23.40
C ILE L 83 88.49 5.50 -23.12
N ASN L 84 87.70 5.67 -24.18
CA ASN L 84 86.24 5.53 -24.12
C ASN L 84 85.62 6.54 -23.15
N GLY L 85 85.81 7.82 -23.47
CA GLY L 85 85.11 8.88 -22.75
C GLY L 85 85.60 9.18 -21.36
N LYS L 86 86.69 8.57 -20.91
CA LYS L 86 87.21 8.81 -19.57
C LYS L 86 88.73 8.73 -19.60
N ILE L 87 89.38 9.42 -18.67
CA ILE L 87 90.83 9.33 -18.52
C ILE L 87 91.07 8.32 -17.39
N ARG L 88 91.60 7.15 -17.76
CA ARG L 88 91.73 6.03 -16.85
C ARG L 88 93.19 5.83 -16.45
N TYR L 89 93.41 5.46 -15.19
CA TYR L 89 94.75 5.23 -14.67
C TYR L 89 95.10 3.75 -14.88
N TYR L 90 95.95 3.47 -15.87
CA TYR L 90 96.39 2.11 -16.11
C TYR L 90 97.31 1.67 -14.97
N ASP L 91 97.05 0.48 -14.41
CA ASP L 91 97.88 -0.06 -13.34
C ASP L 91 97.84 -1.59 -13.35
N ASN L 92 97.94 -2.18 -14.54
CA ASN L 92 97.96 -3.63 -14.71
C ASN L 92 99.34 -4.09 -15.16
N ASP L 93 99.76 -5.25 -14.64
CA ASP L 93 101.08 -5.80 -14.87
C ASP L 93 100.97 -6.87 -15.96
N ASP L 94 100.79 -6.42 -17.20
CA ASP L 94 100.74 -7.35 -18.31
C ASP L 94 102.15 -7.70 -18.77
N SER L 95 102.25 -8.82 -19.48
CA SER L 95 103.51 -9.36 -19.96
C SER L 95 103.33 -9.96 -21.35
N VAL L 96 102.73 -9.19 -22.26
CA VAL L 96 102.45 -9.65 -23.61
C VAL L 96 103.72 -9.47 -24.43
N LYS L 97 103.99 -10.43 -25.31
CA LYS L 97 105.16 -10.42 -26.16
C LYS L 97 104.77 -10.24 -27.62
N ILE L 98 105.74 -9.79 -28.41
CA ILE L 98 105.55 -9.48 -29.83
C ILE L 98 106.40 -10.45 -30.64
N THR L 99 106.05 -10.59 -31.92
CA THR L 99 106.79 -11.49 -32.79
C THR L 99 108.11 -10.91 -33.24
N GLY L 100 108.28 -9.59 -33.13
CA GLY L 100 109.54 -8.99 -33.50
C GLY L 100 109.81 -8.92 -34.99
N VAL L 101 108.77 -9.05 -35.82
CA VAL L 101 108.91 -8.99 -37.28
C VAL L 101 107.70 -8.28 -37.85
N GLY L 102 107.94 -7.34 -38.78
CA GLY L 102 106.86 -6.64 -39.42
C GLY L 102 106.25 -5.58 -38.52
N LYS L 103 105.22 -4.91 -39.04
CA LYS L 103 104.56 -3.86 -38.27
C LYS L 103 103.73 -4.48 -37.16
N GLU L 104 103.92 -3.97 -35.94
CA GLU L 104 103.28 -4.49 -34.73
C GLU L 104 102.82 -3.30 -33.89
N THR L 105 101.57 -3.35 -33.44
CA THR L 105 100.96 -2.25 -32.68
C THR L 105 100.50 -2.75 -31.33
N ILE L 106 100.76 -1.97 -30.29
CA ILE L 106 100.37 -2.31 -28.93
C ILE L 106 99.13 -1.48 -28.61
N GLY L 107 98.05 -2.15 -28.17
CA GLY L 107 96.84 -1.45 -27.84
C GLY L 107 96.24 -1.96 -26.53
N ILE L 108 95.34 -1.14 -25.98
CA ILE L 108 94.67 -1.40 -24.71
C ILE L 108 93.20 -1.67 -24.99
N LYS L 109 92.69 -2.78 -24.47
CA LYS L 109 91.29 -3.15 -24.63
C LYS L 109 90.55 -3.00 -23.31
N LEU L 110 89.36 -2.41 -23.36
CA LEU L 110 88.50 -2.22 -22.19
C LEU L 110 87.37 -3.24 -22.21
N THR L 111 87.28 -4.03 -21.14
CA THR L 111 86.30 -5.08 -20.99
C THR L 111 85.30 -4.72 -19.89
N GLU L 112 84.02 -4.75 -20.22
CA GLU L 112 82.96 -4.50 -19.25
C GLU L 112 82.56 -5.78 -18.55
N ARG L 113 82.41 -5.70 -17.23
CA ARG L 113 82.00 -6.84 -16.43
C ARG L 113 81.10 -6.35 -15.29
N ILE L 114 80.21 -7.23 -14.85
CA ILE L 114 79.21 -6.93 -13.82
C ILE L 114 79.68 -7.56 -12.52
N VAL L 115 79.70 -6.77 -11.46
CA VAL L 115 80.05 -7.22 -10.12
C VAL L 115 78.80 -7.10 -9.25
N THR L 116 78.43 -8.20 -8.60
CA THR L 116 77.21 -8.31 -7.81
C THR L 116 77.55 -8.57 -6.35
N PRO L 117 76.59 -8.39 -5.43
CA PRO L 117 76.84 -8.74 -4.03
C PRO L 117 77.21 -10.20 -3.83
N ASP L 118 76.67 -11.06 -4.69
CA ASP L 118 76.95 -12.49 -4.58
C ASP L 118 78.43 -12.78 -4.78
N GLU L 119 79.06 -12.13 -5.76
CA GLU L 119 80.48 -12.36 -5.99
C GLU L 119 81.33 -11.65 -4.95
N ASP L 120 81.00 -10.40 -4.65
CA ASP L 120 81.73 -9.54 -3.73
C ASP L 120 80.83 -9.21 -2.55
N ALA L 121 81.12 -9.79 -1.39
CA ALA L 121 80.24 -9.62 -0.25
C ALA L 121 80.30 -8.22 0.34
N SER L 122 81.35 -7.45 0.02
CA SER L 122 81.44 -6.08 0.54
C SER L 122 80.32 -5.19 0.03
N LEU L 123 79.70 -5.52 -1.10
CA LEU L 123 78.63 -4.70 -1.65
C LEU L 123 77.34 -4.81 -0.83
N LEU L 124 77.24 -5.81 0.05
CA LEU L 124 76.10 -5.89 0.94
C LEU L 124 76.04 -4.70 1.87
N ASP L 125 74.83 -4.25 2.18
CA ASP L 125 74.64 -3.12 3.09
C ASP L 125 75.22 -3.46 4.45
N GLN L 126 76.07 -2.57 4.96
CA GLN L 126 76.74 -2.71 6.25
C GLN L 126 76.47 -1.49 7.14
N THR L 127 75.31 -0.86 6.99
CA THR L 127 74.92 0.19 7.92
C THR L 127 74.47 -0.44 9.23
N SER L 128 75.17 -0.11 10.31
CA SER L 128 74.95 -0.84 11.56
C SER L 128 73.59 -0.52 12.17
N GLY L 129 72.88 -1.57 12.59
CA GLY L 129 71.65 -1.41 13.35
C GLY L 129 70.46 -0.86 12.59
N VAL L 130 70.30 -1.20 11.30
CA VAL L 130 69.13 -0.83 10.52
C VAL L 130 68.40 -2.09 10.04
N PRO L 131 67.19 -1.97 9.49
CA PRO L 131 66.53 -3.18 8.95
C PRO L 131 67.23 -3.76 7.73
N SER L 132 67.68 -2.90 6.81
CA SER L 132 68.37 -3.32 5.60
C SER L 132 69.81 -3.80 5.83
N TYR L 133 70.18 -4.17 7.05
CA TYR L 133 71.55 -4.63 7.32
C TYR L 133 71.79 -5.95 6.60
N PHE L 134 72.92 -6.03 5.89
CA PHE L 134 73.37 -7.19 5.12
C PHE L 134 72.45 -7.53 3.94
N SER L 135 71.51 -6.65 3.60
CA SER L 135 70.63 -6.86 2.46
C SER L 135 71.38 -6.58 1.16
N LYS L 136 70.99 -7.30 0.10
CA LYS L 136 71.56 -7.05 -1.22
C LYS L 136 71.12 -5.70 -1.75
N GLY L 137 71.91 -5.18 -2.70
CA GLY L 137 71.64 -3.89 -3.30
C GLY L 137 72.14 -3.76 -4.72
N ALA L 138 72.43 -2.53 -5.13
CA ALA L 138 72.89 -2.23 -6.48
C ALA L 138 74.16 -3.00 -6.82
N ASP L 139 74.29 -3.35 -8.11
CA ASP L 139 75.49 -3.96 -8.66
C ASP L 139 76.50 -2.89 -9.03
N ARG L 140 77.65 -3.31 -9.57
CA ARG L 140 78.71 -2.40 -9.99
C ARG L 140 79.23 -2.81 -11.36
N LEU L 141 79.54 -1.81 -12.18
CA LEU L 141 80.10 -2.04 -13.52
C LEU L 141 81.62 -1.85 -13.43
N GLU L 142 82.35 -2.95 -13.63
CA GLU L 142 83.81 -2.96 -13.53
C GLU L 142 84.40 -3.00 -14.94
N GLU L 143 85.35 -2.09 -15.20
CA GLU L 143 85.93 -1.86 -16.53
C GLU L 143 87.45 -1.90 -16.45
N LYS L 144 88.05 -3.07 -16.66
CA LYS L 144 89.49 -3.23 -16.53
C LYS L 144 90.18 -3.18 -17.88
N MET L 145 91.45 -2.75 -17.86
CA MET L 145 92.25 -2.51 -19.05
C MET L 145 93.36 -3.54 -19.15
N SER L 146 93.56 -4.10 -20.35
CA SER L 146 94.60 -5.09 -20.58
C SER L 146 95.22 -4.85 -21.95
N LEU L 147 96.49 -5.22 -22.07
CA LEU L 147 97.24 -5.00 -23.30
C LEU L 147 96.91 -6.02 -24.36
N THR L 148 96.87 -5.54 -25.61
CA THR L 148 96.61 -6.38 -26.77
C THR L 148 97.60 -6.04 -27.87
N VAL L 149 97.93 -7.02 -28.71
CA VAL L 149 98.88 -6.85 -29.79
C VAL L 149 98.17 -7.11 -31.11
N ASN L 150 98.32 -6.18 -32.06
CA ASN L 150 97.75 -6.30 -33.41
C ASN L 150 96.24 -6.51 -33.36
N ASP L 151 95.58 -5.87 -32.39
CA ASP L 151 94.14 -5.90 -32.29
C ASP L 151 93.56 -4.61 -32.85
N PRO L 152 92.79 -4.62 -33.95
CA PRO L 152 92.27 -3.34 -34.47
C PRO L 152 91.20 -2.72 -33.59
N THR L 153 90.51 -3.51 -32.76
CA THR L 153 89.48 -2.98 -31.88
C THR L 153 90.10 -2.15 -30.75
N SER L 154 91.32 -2.50 -30.32
CA SER L 154 91.93 -1.84 -29.17
C SER L 154 92.54 -0.50 -29.58
N ALA L 155 92.68 0.39 -28.61
CA ALA L 155 93.24 1.72 -28.82
C ALA L 155 94.76 1.64 -28.80
N THR L 156 95.39 1.95 -29.94
CA THR L 156 96.85 1.87 -30.03
C THR L 156 97.49 2.88 -29.09
N ILE L 157 98.58 2.46 -28.45
CA ILE L 157 99.40 3.33 -27.62
C ILE L 157 100.84 3.37 -28.14
N TYR L 158 101.28 2.28 -28.76
CA TYR L 158 102.63 2.18 -29.29
C TYR L 158 102.59 1.42 -30.61
N THR L 159 103.60 1.65 -31.43
CA THR L 159 103.78 0.97 -32.71
C THR L 159 105.24 0.58 -32.86
N PHE L 160 105.48 -0.65 -33.30
CA PHE L 160 106.82 -1.21 -33.44
C PHE L 160 107.03 -1.75 -34.85
N MET L 161 108.24 -1.53 -35.37
CA MET L 161 108.64 -2.02 -36.69
C MET L 161 109.92 -2.81 -36.51
N ASP L 162 109.83 -4.13 -36.65
CA ASP L 162 110.96 -5.05 -36.46
C ASP L 162 111.54 -4.89 -35.06
N GLY L 163 110.65 -4.85 -34.07
CA GLY L 163 111.06 -4.68 -32.68
C GLY L 163 111.76 -3.38 -32.39
N ASP L 164 111.53 -2.34 -33.19
CA ASP L 164 112.09 -1.01 -32.97
C ASP L 164 110.95 -0.01 -32.81
N LEU L 165 111.09 0.90 -31.84
CA LEU L 165 110.05 1.88 -31.60
C LEU L 165 109.93 2.82 -32.80
N TYR L 166 108.71 3.02 -33.28
CA TYR L 166 108.47 3.71 -34.54
C TYR L 166 108.32 5.22 -34.35
N ILE L 167 107.61 5.64 -33.31
CA ILE L 167 107.33 7.05 -33.05
C ILE L 167 107.48 7.29 -31.55
N GLN L 168 108.01 8.44 -31.17
CA GLN L 168 108.13 8.84 -29.78
C GLN L 168 107.11 9.93 -29.47
N SER L 169 106.85 10.09 -28.17
CA SER L 169 105.98 11.16 -27.73
C SER L 169 106.36 11.50 -26.29
N THR L 170 107.20 12.53 -26.12
CA THR L 170 107.76 12.82 -24.81
C THR L 170 106.69 13.23 -23.82
N ASN L 171 105.74 14.06 -24.25
CA ASN L 171 104.74 14.68 -23.38
C ASN L 171 103.33 14.30 -23.85
N ALA L 172 102.34 14.79 -23.12
CA ALA L 172 100.94 14.39 -23.29
C ALA L 172 100.47 14.59 -24.72
N GLU L 173 99.66 13.64 -25.20
CA GLU L 173 99.10 13.70 -26.55
C GLU L 173 97.68 14.27 -26.53
N MET L 174 97.42 15.22 -27.43
CA MET L 174 96.09 15.81 -27.59
C MET L 174 95.84 15.97 -29.09
N ASP L 175 95.00 15.08 -29.65
CA ASP L 175 94.85 15.00 -31.09
C ASP L 175 94.24 16.27 -31.68
N LYS L 176 93.13 16.75 -31.11
CA LYS L 176 92.46 17.92 -31.68
C LYS L 176 93.33 19.16 -31.53
N ILE L 177 93.94 19.33 -30.36
CA ILE L 177 94.87 20.44 -30.17
C ILE L 177 96.04 20.28 -31.13
N ASN L 178 96.52 19.05 -31.30
CA ASN L 178 97.65 18.89 -32.22
C ASN L 178 97.26 19.24 -33.65
N LYS L 179 96.01 19.00 -34.03
CA LYS L 179 95.59 19.36 -35.38
C LYS L 179 95.61 20.87 -35.56
N VAL L 180 95.08 21.62 -34.59
CA VAL L 180 95.10 23.08 -34.73
C VAL L 180 96.55 23.57 -34.75
N LEU L 181 97.39 23.04 -33.85
CA LEU L 181 98.78 23.46 -33.80
C LEU L 181 99.51 23.15 -35.10
N ALA L 182 99.23 21.98 -35.70
CA ALA L 182 99.87 21.63 -36.95
C ALA L 182 99.41 22.55 -38.08
N GLU L 183 98.12 22.90 -38.09
CA GLU L 183 97.66 23.88 -39.07
C GLU L 183 98.41 25.19 -38.94
N ARG L 184 98.49 25.73 -37.72
CA ARG L 184 99.20 26.98 -37.51
C ARG L 184 100.66 26.88 -37.90
N THR L 185 101.31 25.78 -37.52
CA THR L 185 102.74 25.65 -37.82
C THR L 185 102.99 25.60 -39.32
N TYR L 186 102.17 24.83 -40.04
CA TYR L 186 102.36 24.72 -41.48
C TYR L 186 102.03 26.03 -42.17
N ASP L 187 101.05 26.77 -41.65
CA ASP L 187 100.75 28.08 -42.23
C ASP L 187 101.93 29.03 -42.04
N GLU L 188 102.55 28.99 -40.85
CA GLU L 188 103.60 29.95 -40.54
C GLU L 188 104.91 29.63 -41.24
N SER L 189 105.33 28.35 -41.24
CA SER L 189 106.67 27.95 -41.62
C SER L 189 106.74 26.80 -42.62
N GLY L 190 105.63 26.10 -42.89
CA GLY L 190 105.72 24.98 -43.80
C GLY L 190 106.41 23.80 -43.13
N SER L 191 106.90 22.88 -43.96
CA SER L 191 107.62 21.70 -43.50
C SER L 191 109.11 22.00 -43.37
N TYR L 192 109.74 21.39 -42.37
CA TYR L 192 111.17 21.57 -42.14
C TYR L 192 111.69 20.48 -41.24
N LYS L 193 113.02 20.30 -41.26
CA LYS L 193 113.69 19.33 -40.42
C LYS L 193 114.34 20.04 -39.24
N VAL L 194 114.33 19.38 -38.09
CA VAL L 194 114.98 19.88 -36.88
C VAL L 194 116.39 19.33 -36.75
N ASN L 195 116.56 18.01 -36.74
CA ASN L 195 117.86 17.39 -36.59
C ASN L 195 117.82 15.94 -37.07
N GLY L 196 119.00 15.43 -37.43
CA GLY L 196 119.14 14.03 -37.80
C GLY L 196 118.78 13.73 -39.24
N PHE L 197 118.30 12.50 -39.46
CA PHE L 197 117.93 11.99 -40.79
C PHE L 197 119.06 12.09 -41.80
N GLU L 198 120.29 11.89 -41.36
CA GLU L 198 121.40 11.68 -42.30
C GLU L 198 121.27 10.31 -42.99
N LEU L 199 121.82 10.24 -44.20
CA LEU L 199 121.80 9.05 -45.04
C LEU L 199 123.19 8.42 -45.10
N PHE L 200 123.25 7.10 -44.89
CA PHE L 200 124.51 6.35 -44.96
C PHE L 200 124.29 5.04 -45.71
N SER L 201 125.18 4.77 -46.67
CA SER L 201 125.12 3.53 -47.44
C SER L 201 125.96 2.46 -46.76
N GLU L 202 125.34 1.30 -46.52
CA GLU L 202 125.98 0.17 -45.86
C GLU L 202 126.23 -1.01 -46.78
N GLY L 203 125.35 -1.24 -47.75
CA GLY L 203 125.51 -2.36 -48.65
C GLY L 203 125.30 -3.71 -48.01
N ASN L 204 124.39 -3.80 -47.04
CA ASN L 204 124.11 -5.08 -46.39
C ASN L 204 123.55 -6.07 -47.40
N ALA L 205 124.06 -7.30 -47.36
CA ALA L 205 123.69 -8.33 -48.34
C ALA L 205 122.40 -9.05 -47.94
N GLU L 206 121.32 -8.27 -47.86
CA GLU L 206 120.00 -8.87 -47.68
C GLU L 206 119.51 -9.50 -48.98
N ASP L 207 119.87 -8.92 -50.11
CA ASP L 207 119.52 -9.46 -51.42
C ASP L 207 120.56 -8.96 -52.42
N ASP L 208 120.84 -9.78 -53.44
CA ASP L 208 121.83 -9.40 -54.45
C ASP L 208 121.34 -8.32 -55.41
N ASP L 209 120.05 -7.96 -55.37
CA ASP L 209 119.46 -7.00 -56.29
C ASP L 209 119.00 -5.74 -55.55
N HIS L 210 119.57 -5.47 -54.38
CA HIS L 210 119.22 -4.29 -53.61
C HIS L 210 120.41 -3.85 -52.80
N VAL L 211 120.50 -2.53 -52.62
CA VAL L 211 121.58 -1.87 -51.90
C VAL L 211 120.92 -1.25 -50.68
N SER L 212 121.44 -1.55 -49.50
CA SER L 212 120.84 -1.14 -48.26
C SER L 212 121.32 0.26 -47.91
N VAL L 213 120.41 1.06 -47.38
CA VAL L 213 120.73 2.43 -46.96
C VAL L 213 120.12 2.63 -45.58
N VAL L 214 120.85 3.32 -44.72
CA VAL L 214 120.44 3.58 -43.34
C VAL L 214 120.12 5.06 -43.21
N VAL L 215 118.96 5.36 -42.64
CA VAL L 215 118.53 6.73 -42.33
C VAL L 215 118.61 6.91 -40.83
N ASP L 216 119.46 7.85 -40.40
CA ASP L 216 119.75 8.07 -39.00
C ASP L 216 118.54 8.68 -38.29
N ALA L 217 118.47 8.47 -36.98
CA ALA L 217 117.36 8.97 -36.19
C ALA L 217 117.33 10.49 -36.20
N GLY L 218 116.13 11.05 -36.31
CA GLY L 218 116.00 12.50 -36.30
C GLY L 218 114.62 12.94 -35.89
N LYS L 219 114.42 14.25 -35.93
CA LYS L 219 113.15 14.89 -35.63
C LYS L 219 112.81 15.87 -36.74
N ALA L 220 111.53 15.93 -37.10
CA ALA L 220 111.06 16.83 -38.15
C ALA L 220 109.60 17.19 -37.92
N TYR L 221 109.15 18.21 -38.64
CA TYR L 221 107.76 18.66 -38.64
C TYR L 221 107.26 18.68 -40.08
N VAL L 222 106.35 17.77 -40.40
CA VAL L 222 105.77 17.63 -41.73
C VAL L 222 104.29 17.93 -41.62
N LYS L 223 103.80 18.85 -42.46
CA LYS L 223 102.45 19.39 -42.35
C LYS L 223 102.12 19.79 -40.91
N GLY L 224 103.10 20.32 -40.18
CA GLY L 224 102.89 20.75 -38.83
C GLY L 224 102.87 19.66 -37.78
N PHE L 225 102.81 18.38 -38.17
CA PHE L 225 102.81 17.28 -37.22
C PHE L 225 104.26 16.91 -36.95
N LYS L 226 104.61 16.80 -35.67
CA LYS L 226 105.96 16.41 -35.32
C LYS L 226 106.16 14.93 -35.66
N VAL L 227 107.35 14.62 -36.18
CA VAL L 227 107.79 13.27 -36.50
C VAL L 227 109.10 13.06 -35.78
N ASP L 228 109.07 12.40 -34.62
CA ASP L 228 110.24 12.14 -33.81
C ASP L 228 110.49 10.63 -33.79
N LYS L 229 111.64 10.22 -34.33
CA LYS L 229 112.03 8.83 -34.45
C LYS L 229 113.21 8.53 -33.53
N PRO L 230 113.16 7.48 -32.66
CA PRO L 230 114.27 7.29 -31.72
C PRO L 230 115.50 6.62 -32.31
N VAL L 231 115.30 5.75 -33.31
CA VAL L 231 116.37 4.93 -33.87
C VAL L 231 116.34 5.01 -35.38
N SER L 232 117.44 4.57 -36.00
CA SER L 232 117.56 4.63 -37.44
C SER L 232 116.61 3.62 -38.10
N THR L 233 116.37 3.83 -39.40
CA THR L 233 115.53 2.97 -40.21
C THR L 233 116.34 2.51 -41.41
N ARG L 234 116.26 1.20 -41.71
CA ARG L 234 116.93 0.64 -42.87
C ARG L 234 115.98 0.64 -44.06
N ILE L 235 116.46 1.14 -45.20
CA ILE L 235 115.73 1.08 -46.46
C ILE L 235 116.66 0.48 -47.51
N SER L 236 116.05 0.05 -48.62
CA SER L 236 116.76 -0.64 -49.68
C SER L 236 116.27 -0.13 -51.03
N VAL L 237 117.21 0.09 -51.95
CA VAL L 237 116.90 0.60 -53.29
C VAL L 237 117.21 -0.50 -54.30
N PRO L 238 116.35 -0.76 -55.31
CA PRO L 238 116.70 -1.78 -56.30
C PRO L 238 117.86 -1.32 -57.19
N LYS L 239 118.69 -2.30 -57.57
CA LYS L 239 119.83 -2.04 -58.42
C LYS L 239 119.38 -1.66 -59.82
N SER L 240 120.17 -0.81 -60.48
CA SER L 240 119.83 -0.34 -61.82
C SER L 240 120.33 -1.34 -62.86
N TYR L 241 119.40 -1.91 -63.65
CA TYR L 241 119.72 -2.84 -64.72
C TYR L 241 119.22 -2.39 -66.09
N ASP L 242 118.53 -1.26 -66.19
CA ASP L 242 118.03 -0.80 -67.47
C ASP L 242 119.18 -0.48 -68.43
N LEU L 243 118.99 -0.80 -69.71
CA LEU L 243 120.05 -0.80 -70.70
C LEU L 243 119.83 0.30 -71.75
N GLY L 244 120.89 1.07 -72.01
CA GLY L 244 120.92 1.95 -73.16
C GLY L 244 121.58 1.30 -74.36
N THR L 245 121.06 1.60 -75.55
CA THR L 245 121.52 1.01 -76.80
C THR L 245 122.33 2.03 -77.58
N ALA L 246 123.56 1.68 -77.92
CA ALA L 246 124.42 2.45 -78.81
C ALA L 246 124.53 1.70 -80.13
N GLU L 247 124.08 2.33 -81.22
CA GLU L 247 124.10 1.75 -82.56
C GLU L 247 124.90 2.61 -83.52
N ASN L 248 125.59 1.96 -84.46
CA ASN L 248 126.34 2.63 -85.53
C ASN L 248 127.47 3.48 -84.95
N GLU L 249 128.06 3.04 -83.84
CA GLU L 249 129.18 3.78 -83.27
C GLU L 249 130.38 3.59 -84.18
N SER L 250 130.81 4.68 -84.81
CA SER L 250 131.74 4.60 -85.93
C SER L 250 133.14 5.05 -85.51
N THR L 251 134.14 4.31 -86.00
CA THR L 251 135.54 4.59 -85.76
C THR L 251 136.33 4.13 -86.98
N ILE L 252 137.28 4.95 -87.42
CA ILE L 252 138.12 4.57 -88.55
C ILE L 252 139.13 3.53 -88.07
N PHE L 253 139.24 2.43 -88.80
CA PHE L 253 140.24 1.41 -88.49
C PHE L 253 141.57 1.81 -89.09
N ASN L 254 142.65 1.68 -88.30
CA ASN L 254 144.01 1.93 -88.74
C ASN L 254 144.78 0.62 -88.76
N LYS L 255 145.56 0.41 -89.83
CA LYS L 255 146.39 -0.79 -89.90
C LYS L 255 147.55 -0.71 -88.92
N SER L 256 147.94 0.49 -88.50
CA SER L 256 148.99 0.65 -87.50
C SER L 256 148.52 0.24 -86.11
N ASN L 257 147.25 0.48 -85.80
CA ASN L 257 146.71 0.31 -84.45
C ASN L 257 145.38 -0.43 -84.57
N ASN L 258 145.36 -1.70 -84.16
CA ASN L 258 144.15 -2.51 -84.36
C ASN L 258 143.08 -2.19 -83.33
N SER L 259 143.46 -1.87 -82.09
CA SER L 259 142.46 -1.63 -81.06
C SER L 259 141.58 -0.43 -81.40
N ILE L 260 140.32 -0.52 -81.01
CA ILE L 260 139.36 0.58 -81.09
C ILE L 260 138.50 0.58 -79.83
N SER L 261 138.22 1.77 -79.31
CA SER L 261 137.57 1.93 -78.01
C SER L 261 136.07 2.16 -78.16
N LEU L 262 135.32 1.76 -77.13
CA LEU L 262 133.88 1.99 -77.05
C LEU L 262 133.61 3.15 -76.10
N ALA L 263 132.70 4.03 -76.51
CA ALA L 263 132.51 5.27 -75.76
C ALA L 263 131.86 5.01 -74.40
N ASN L 264 130.74 4.29 -74.37
CA ASN L 264 130.05 4.02 -73.12
C ASN L 264 130.81 2.97 -72.31
N SER L 265 131.00 3.25 -71.01
CA SER L 265 131.92 2.41 -70.23
C SER L 265 131.28 1.09 -69.82
N PRO L 266 130.19 1.06 -69.04
CA PRO L 266 129.66 -0.24 -68.60
C PRO L 266 129.01 -1.03 -69.73
N VAL L 267 129.83 -1.68 -70.55
CA VAL L 267 129.31 -2.44 -71.70
C VAL L 267 128.84 -3.80 -71.20
N LYS L 268 127.64 -4.20 -71.65
CA LYS L 268 127.14 -5.54 -71.37
C LYS L 268 127.52 -6.55 -72.45
N GLU L 269 127.05 -6.33 -73.68
CA GLU L 269 127.28 -7.24 -74.79
C GLU L 269 127.38 -6.46 -76.08
N ILE L 270 128.26 -6.91 -76.98
CA ILE L 270 128.40 -6.31 -78.30
C ILE L 270 127.47 -7.07 -79.25
N ARG L 271 126.49 -6.37 -79.81
CA ARG L 271 125.51 -7.01 -80.67
C ARG L 271 126.11 -7.38 -82.02
N ARG L 272 126.89 -6.49 -82.62
CA ARG L 272 127.41 -6.72 -83.96
C ARG L 272 128.62 -5.83 -84.21
N VAL L 273 129.64 -6.41 -84.83
CA VAL L 273 130.80 -5.69 -85.33
C VAL L 273 130.90 -6.01 -86.82
N THR L 274 130.90 -4.96 -87.65
CA THR L 274 130.94 -5.09 -89.10
C THR L 274 132.06 -4.22 -89.64
N GLY L 275 132.76 -4.75 -90.65
CA GLY L 275 133.82 -4.01 -91.31
C GLY L 275 134.06 -4.53 -92.71
N GLN L 276 134.58 -3.63 -93.57
CA GLN L 276 134.81 -3.99 -94.97
C GLN L 276 136.00 -4.93 -95.07
N VAL L 277 135.83 -6.05 -95.77
CA VAL L 277 136.86 -7.08 -95.87
C VAL L 277 137.12 -7.38 -97.34
N LEU L 278 138.40 -7.65 -97.68
CA LEU L 278 138.77 -8.01 -99.05
C LEU L 278 139.06 -9.51 -99.10
N ILE L 279 138.25 -10.24 -99.87
CA ILE L 279 138.56 -11.62 -100.25
C ILE L 279 139.43 -11.60 -101.49
N GLU L 280 140.48 -12.43 -101.49
CA GLU L 280 141.38 -12.56 -102.63
C GLU L 280 141.37 -14.00 -103.13
N LYS L 281 141.15 -14.17 -104.43
CA LYS L 281 141.27 -15.47 -105.09
C LYS L 281 140.22 -16.46 -104.53
N GLU L 282 138.96 -16.11 -104.79
CA GLU L 282 137.85 -16.98 -104.44
C GLU L 282 137.52 -17.81 -105.68
N ARG L 283 137.49 -19.13 -105.52
CA ARG L 283 137.19 -20.03 -106.62
C ARG L 283 135.68 -20.02 -106.87
N VAL L 284 135.30 -19.83 -108.14
CA VAL L 284 133.90 -19.80 -108.54
C VAL L 284 133.73 -20.69 -109.76
N THR L 285 132.66 -21.47 -109.78
CA THR L 285 132.34 -22.38 -110.87
C THR L 285 131.38 -21.68 -111.82
N ARG L 286 131.63 -21.81 -113.13
CA ARG L 286 130.74 -21.23 -114.13
C ARG L 286 129.47 -22.07 -114.24
N GLY L 287 128.31 -21.39 -114.25
CA GLY L 287 127.03 -22.06 -114.36
C GLY L 287 126.65 -22.38 -115.79
N ALA L 288 125.93 -23.50 -115.94
CA ALA L 288 125.64 -24.09 -117.26
C ALA L 288 124.98 -23.09 -118.21
N GLN L 289 124.07 -22.26 -117.69
CA GLN L 289 123.39 -21.28 -118.51
C GLN L 289 124.37 -20.23 -119.01
N GLY L 290 124.34 -19.96 -120.32
CA GLY L 290 125.19 -18.91 -120.88
C GLY L 290 124.60 -17.52 -120.64
N ASP L 291 125.48 -16.56 -120.34
CA ASP L 291 125.08 -15.20 -119.97
C ASP L 291 124.28 -15.22 -118.67
N GLY L 292 124.63 -16.13 -117.77
CA GLY L 292 123.89 -16.35 -116.55
C GLY L 292 124.52 -15.66 -115.36
N GLN L 293 124.15 -16.13 -114.17
CA GLN L 293 124.57 -15.53 -112.90
C GLN L 293 125.19 -16.61 -112.00
N ASP L 294 126.32 -16.27 -111.37
CA ASP L 294 127.02 -17.18 -110.47
C ASP L 294 127.12 -16.53 -109.09
N PHE L 295 126.65 -17.24 -108.07
CA PHE L 295 126.43 -16.64 -106.75
C PHE L 295 127.73 -16.66 -105.94
N LEU L 296 128.11 -15.49 -105.42
CA LEU L 296 129.28 -15.41 -104.56
C LEU L 296 129.00 -16.07 -103.21
N SER L 297 130.08 -16.44 -102.52
CA SER L 297 129.95 -17.04 -101.20
C SER L 297 129.33 -16.09 -100.19
N ASN L 298 129.53 -14.79 -100.36
CA ASN L 298 128.99 -13.77 -99.45
C ASN L 298 128.04 -12.88 -100.23
N ASN L 299 126.86 -12.62 -99.65
CA ASN L 299 125.80 -11.90 -100.34
C ASN L 299 125.83 -10.39 -100.07
N THR L 300 126.85 -9.88 -99.38
CA THR L 300 126.97 -8.47 -99.05
C THR L 300 128.04 -7.76 -99.89
N ALA L 301 128.51 -8.39 -100.97
CA ALA L 301 129.56 -7.80 -101.79
C ALA L 301 129.07 -6.53 -102.48
N PHE L 302 130.02 -5.59 -102.68
CA PHE L 302 129.70 -4.32 -103.33
C PHE L 302 130.71 -3.85 -104.37
N GLU L 303 131.80 -4.57 -104.59
CA GLU L 303 132.78 -4.16 -105.57
C GLU L 303 133.60 -5.37 -105.97
N ILE L 304 133.85 -5.50 -107.26
CA ILE L 304 134.64 -6.58 -107.82
C ILE L 304 135.99 -6.01 -108.20
N VAL L 305 137.05 -6.63 -107.69
CA VAL L 305 138.40 -6.16 -107.94
C VAL L 305 138.98 -6.80 -109.19
N LYS L 306 138.93 -8.13 -109.29
CA LYS L 306 139.64 -8.84 -110.35
C LYS L 306 138.96 -10.18 -110.58
N VAL L 307 138.78 -10.51 -111.86
CA VAL L 307 138.22 -11.80 -112.27
C VAL L 307 139.16 -12.36 -113.33
N TRP L 308 139.69 -13.56 -113.07
CA TRP L 308 140.74 -14.10 -113.92
C TRP L 308 140.82 -15.61 -113.71
N THR L 309 141.48 -16.27 -114.66
CA THR L 309 141.66 -17.71 -114.65
C THR L 309 143.15 -18.03 -114.64
N GLU L 310 143.50 -19.21 -114.13
CA GLU L 310 144.88 -19.64 -114.05
C GLU L 310 144.97 -21.14 -114.30
N THR L 311 145.94 -21.55 -115.12
CA THR L 311 146.28 -22.96 -115.29
C THR L 311 147.43 -23.41 -114.38
N SER L 312 148.28 -22.49 -113.93
CA SER L 312 149.30 -22.76 -112.93
C SER L 312 149.31 -21.60 -111.93
N PRO L 313 149.83 -21.82 -110.72
CA PRO L 313 149.87 -20.72 -109.74
C PRO L 313 150.64 -19.51 -110.25
N GLY L 314 150.02 -18.34 -110.18
CA GLY L 314 150.68 -17.09 -110.51
C GLY L 314 150.70 -16.72 -111.98
N VAL L 315 150.14 -17.56 -112.86
CA VAL L 315 150.12 -17.31 -114.30
C VAL L 315 148.68 -17.00 -114.68
N THR L 316 148.44 -15.79 -115.17
CA THR L 316 147.10 -15.35 -115.49
C THR L 316 146.83 -15.70 -116.96
N THR L 317 145.99 -16.71 -117.17
CA THR L 317 145.61 -17.08 -118.53
C THR L 317 144.82 -15.97 -119.18
N LYS L 318 143.83 -15.42 -118.48
CA LYS L 318 143.08 -14.32 -119.07
C LYS L 318 142.50 -13.51 -117.91
N GLU L 319 142.42 -12.18 -118.09
CA GLU L 319 141.73 -11.31 -117.15
C GLU L 319 140.51 -10.72 -117.86
N TYR L 320 139.33 -10.94 -117.30
CA TYR L 320 138.10 -10.40 -117.85
C TYR L 320 137.95 -8.93 -117.48
N LYS L 321 137.39 -8.14 -118.40
CA LYS L 321 137.23 -6.71 -118.17
C LYS L 321 135.84 -6.43 -117.63
N GLN L 322 135.76 -5.61 -116.58
CA GLN L 322 134.47 -5.32 -115.97
C GLN L 322 133.75 -4.25 -116.78
N GLY L 323 132.43 -4.40 -116.87
CA GLY L 323 131.59 -3.46 -117.58
C GLY L 323 131.32 -3.81 -119.03
N GLU L 324 132.03 -4.79 -119.58
CA GLU L 324 131.73 -5.30 -120.92
C GLU L 324 131.71 -6.83 -120.95
N ASP L 325 132.49 -7.48 -120.09
CA ASP L 325 132.45 -8.93 -119.92
C ASP L 325 131.54 -9.36 -118.79
N PHE L 326 131.53 -8.61 -117.68
CA PHE L 326 130.70 -8.94 -116.54
C PHE L 326 130.39 -7.67 -115.77
N ARG L 327 129.39 -7.78 -114.89
CA ARG L 327 129.06 -6.70 -113.97
C ARG L 327 128.60 -7.28 -112.65
N LEU L 328 128.58 -6.44 -111.62
CA LEU L 328 128.03 -6.80 -110.32
C LEU L 328 126.54 -6.49 -110.32
N THR L 329 125.73 -7.48 -109.93
CA THR L 329 124.27 -7.39 -109.91
C THR L 329 123.78 -7.71 -108.50
N ASP L 330 123.06 -6.77 -107.88
CA ASP L 330 122.43 -7.00 -106.59
C ASP L 330 123.44 -7.29 -105.48
N GLY L 331 124.73 -7.02 -105.71
CA GLY L 331 125.75 -7.34 -104.72
C GLY L 331 125.79 -8.79 -104.31
N GLN L 332 125.43 -9.70 -105.21
CA GLN L 332 125.38 -11.14 -104.95
C GLN L 332 126.05 -11.97 -106.02
N THR L 333 125.92 -11.59 -107.29
CA THR L 333 126.24 -12.46 -108.41
C THR L 333 127.16 -11.75 -109.39
N ILE L 334 128.01 -12.55 -110.05
CA ILE L 334 128.78 -12.10 -111.20
C ILE L 334 127.91 -12.35 -112.43
N ASP L 335 127.31 -11.29 -112.96
CA ASP L 335 126.40 -11.43 -114.09
C ASP L 335 127.19 -11.30 -115.39
N TRP L 336 127.05 -12.30 -116.26
CA TRP L 336 127.71 -12.33 -117.55
C TRP L 336 126.78 -11.90 -118.69
N SER L 337 125.71 -11.17 -118.37
CA SER L 337 124.86 -10.64 -119.42
C SER L 337 125.53 -9.64 -120.37
N PRO L 338 126.58 -8.90 -120.00
CA PRO L 338 127.28 -8.07 -121.00
C PRO L 338 127.76 -8.87 -122.20
N GLN L 339 127.91 -8.15 -123.32
CA GLN L 339 128.24 -8.76 -124.60
C GLN L 339 129.59 -9.48 -124.58
N GLY L 340 130.51 -9.05 -123.73
CA GLY L 340 131.89 -9.48 -123.84
C GLY L 340 132.10 -10.94 -123.48
N GLN L 341 133.38 -11.32 -123.39
CA GLN L 341 133.76 -12.72 -123.24
C GLN L 341 133.33 -13.25 -121.89
N GLU L 342 133.23 -14.58 -121.80
CA GLU L 342 132.90 -15.25 -120.53
C GLU L 342 133.48 -16.66 -120.54
N PRO L 343 133.78 -17.23 -119.36
CA PRO L 343 134.30 -18.61 -119.34
C PRO L 343 133.27 -19.60 -119.85
N SER L 344 133.78 -20.73 -120.34
CA SER L 344 132.92 -21.82 -120.84
C SER L 344 132.12 -22.41 -119.69
N GLY L 345 130.98 -23.02 -120.03
CA GLY L 345 130.10 -23.52 -119.00
C GLY L 345 130.69 -24.75 -118.32
N GLY L 346 130.72 -24.74 -116.99
CA GLY L 346 131.31 -25.80 -116.21
C GLY L 346 132.72 -25.52 -115.73
N THR L 347 133.39 -24.49 -116.25
CA THR L 347 134.77 -24.19 -115.91
C THR L 347 134.83 -23.31 -114.68
N SER L 348 135.91 -23.47 -113.91
CA SER L 348 136.13 -22.69 -112.70
C SER L 348 137.02 -21.48 -112.98
N TYR L 349 136.75 -20.38 -112.28
CA TYR L 349 137.53 -19.16 -112.37
C TYR L 349 137.61 -18.51 -111.01
N TYR L 350 138.50 -17.51 -110.89
CA TYR L 350 138.76 -16.82 -109.63
C TYR L 350 138.05 -15.47 -109.61
N VAL L 351 137.73 -15.01 -108.41
CA VAL L 351 137.05 -13.74 -108.20
C VAL L 351 137.62 -13.10 -106.93
N SER L 352 137.78 -11.79 -106.97
CA SER L 352 138.23 -10.97 -105.85
C SER L 352 137.25 -9.81 -105.68
N TYR L 353 136.79 -9.61 -104.44
CA TYR L 353 135.71 -8.66 -104.21
C TYR L 353 135.71 -8.23 -102.75
N LYS L 354 135.11 -7.06 -102.51
CA LYS L 354 134.99 -6.46 -101.19
C LYS L 354 133.56 -6.58 -100.68
N TYR L 355 133.42 -6.91 -99.40
CA TYR L 355 132.12 -7.08 -98.78
C TYR L 355 132.21 -6.70 -97.31
N ASN L 356 131.06 -6.38 -96.71
CA ASN L 356 130.98 -6.12 -95.28
C ASN L 356 130.77 -7.45 -94.56
N LYS L 357 131.76 -7.84 -93.75
CA LYS L 357 131.70 -9.07 -92.97
C LYS L 357 131.26 -8.77 -91.55
N ARG L 358 130.34 -9.59 -91.04
CA ARG L 358 129.94 -9.52 -89.64
C ARG L 358 130.96 -10.30 -88.81
N MET L 359 131.78 -9.57 -88.06
CA MET L 359 132.90 -10.17 -87.33
C MET L 359 132.39 -11.02 -86.18
N GLU L 360 133.06 -12.15 -85.94
CA GLU L 360 132.65 -13.08 -84.89
C GLU L 360 133.57 -12.92 -83.68
N ALA L 361 132.97 -12.83 -82.50
CA ALA L 361 133.74 -12.70 -81.26
C ALA L 361 134.58 -13.95 -81.02
N GLY L 362 135.82 -13.73 -80.59
CA GLY L 362 136.76 -14.81 -80.36
C GLY L 362 137.25 -15.52 -81.60
N LYS L 363 136.86 -15.08 -82.79
CA LYS L 363 137.42 -15.57 -84.05
C LYS L 363 138.08 -14.43 -84.82
N ASP L 364 137.32 -13.38 -85.14
CA ASP L 364 137.82 -12.20 -85.81
C ASP L 364 138.37 -11.15 -84.85
N TYR L 365 137.88 -11.11 -83.61
CA TYR L 365 138.33 -10.14 -82.64
C TYR L 365 138.17 -10.73 -81.24
N GLU L 366 138.86 -10.11 -80.29
CA GLU L 366 138.75 -10.43 -78.87
C GLU L 366 138.54 -9.13 -78.09
N VAL L 367 137.73 -9.22 -77.03
CA VAL L 367 137.34 -8.07 -76.23
C VAL L 367 138.12 -8.13 -74.91
N THR L 368 138.67 -6.99 -74.50
CA THR L 368 139.47 -6.87 -73.28
C THR L 368 139.06 -5.60 -72.54
N THR L 369 139.78 -5.30 -71.46
CA THR L 369 139.50 -4.11 -70.67
C THR L 369 140.75 -3.76 -69.87
N GLN L 370 140.90 -2.46 -69.60
CA GLN L 370 142.09 -1.92 -68.94
C GLN L 370 141.79 -1.41 -67.54
N GLY L 371 140.91 -0.44 -67.40
CA GLY L 371 140.72 0.25 -66.14
C GLY L 371 139.80 -0.49 -65.19
N GLU L 372 139.31 0.24 -64.19
CA GLU L 372 138.35 -0.29 -63.23
C GLU L 372 137.34 0.79 -62.86
N GLY L 373 136.17 0.35 -62.41
CA GLY L 373 135.13 1.30 -62.03
C GLY L 373 134.57 2.07 -63.21
N LEU L 374 134.26 3.34 -62.95
CA LEU L 374 133.71 4.24 -63.97
C LEU L 374 134.73 4.52 -65.07
N SER L 375 136.02 4.52 -64.74
CA SER L 375 137.06 4.74 -65.74
C SER L 375 137.34 3.50 -66.57
N LYS L 376 136.69 2.38 -66.28
CA LYS L 376 136.90 1.16 -67.05
C LYS L 376 136.46 1.36 -68.49
N LYS L 377 137.19 0.75 -69.43
CA LYS L 377 136.93 0.87 -70.86
C LYS L 377 136.95 -0.51 -71.51
N TRP L 378 136.25 -0.61 -72.64
CA TRP L 378 136.17 -1.82 -73.44
C TRP L 378 136.75 -1.52 -74.81
N TYR L 379 137.50 -2.49 -75.35
CA TYR L 379 138.24 -2.36 -76.59
C TYR L 379 137.98 -3.56 -77.47
N ILE L 380 137.99 -3.31 -78.79
CA ILE L 380 137.90 -4.38 -79.80
C ILE L 380 139.26 -4.45 -80.47
N ASN L 381 139.98 -5.55 -80.25
CA ASN L 381 141.40 -5.59 -80.56
C ASN L 381 141.71 -6.08 -81.97
N PHE L 382 140.90 -6.98 -82.53
CA PHE L 382 141.24 -7.68 -83.78
C PHE L 382 142.63 -8.32 -83.66
N THR L 383 142.80 -9.11 -82.60
CA THR L 383 144.09 -9.72 -82.33
C THR L 383 144.38 -10.96 -83.18
N PRO L 384 143.44 -11.90 -83.37
CA PRO L 384 143.80 -13.17 -84.01
C PRO L 384 144.36 -13.00 -85.41
N SER L 385 145.35 -13.83 -85.75
CA SER L 385 146.05 -13.68 -87.02
C SER L 385 145.16 -14.12 -88.18
N ASN L 386 144.57 -15.31 -88.08
CA ASN L 386 143.67 -15.80 -89.13
C ASN L 386 142.37 -15.01 -89.20
N GLY L 387 142.01 -14.27 -88.17
CA GLY L 387 140.75 -13.55 -88.20
C GLY L 387 140.73 -12.47 -89.27
N ALA L 388 139.54 -12.26 -89.85
CA ALA L 388 139.42 -11.28 -90.92
C ALA L 388 139.51 -9.89 -90.33
N LYS L 389 140.38 -9.04 -90.90
CA LYS L 389 140.60 -7.70 -90.39
C LYS L 389 139.96 -6.65 -91.32
N PRO L 390 139.53 -5.49 -90.81
CA PRO L 390 138.96 -4.47 -91.71
C PRO L 390 140.01 -3.91 -92.67
N ILE L 391 139.53 -3.49 -93.85
CA ILE L 391 140.40 -2.80 -94.80
C ILE L 391 140.89 -1.52 -94.13
N ASP L 392 142.08 -1.07 -94.54
CA ASP L 392 142.71 0.05 -93.88
C ASP L 392 142.03 1.36 -94.27
N GLN L 393 141.90 2.27 -93.29
CA GLN L 393 141.25 3.57 -93.50
C GLN L 393 139.80 3.40 -93.93
N THR L 394 139.12 2.42 -93.35
CA THR L 394 137.69 2.20 -93.50
C THR L 394 136.99 2.25 -92.16
N VAL L 395 135.69 2.50 -92.22
CA VAL L 395 134.86 2.68 -91.04
C VAL L 395 134.45 1.31 -90.51
N VAL L 396 134.50 1.16 -89.18
CA VAL L 396 134.04 -0.04 -88.49
C VAL L 396 132.88 0.40 -87.59
N LEU L 397 131.74 -0.26 -87.75
CA LEU L 397 130.53 0.05 -86.99
C LEU L 397 130.29 -1.01 -85.93
N VAL L 398 130.04 -0.58 -84.70
CA VAL L 398 129.84 -1.47 -83.56
C VAL L 398 128.51 -1.13 -82.91
N ASP L 399 127.63 -2.13 -82.79
CA ASP L 399 126.41 -2.04 -82.00
C ASP L 399 126.59 -2.80 -80.69
N TYR L 400 126.21 -2.17 -79.58
CA TYR L 400 126.38 -2.78 -78.27
C TYR L 400 125.45 -2.07 -77.29
N THR L 401 125.14 -2.76 -76.18
CA THR L 401 124.32 -2.21 -75.12
C THR L 401 125.19 -1.89 -73.91
N TYR L 402 124.64 -1.07 -73.01
CA TYR L 402 125.34 -0.71 -71.78
C TYR L 402 124.32 -0.39 -70.69
N TYR L 403 124.75 -0.54 -69.44
CA TYR L 403 123.86 -0.30 -68.31
C TYR L 403 123.63 1.20 -68.11
N LEU L 404 122.53 1.52 -67.42
CA LEU L 404 122.14 2.89 -67.13
C LEU L 404 122.05 3.12 -65.62
N ALA L 405 122.54 4.29 -65.19
CA ALA L 405 122.47 4.70 -63.80
C ALA L 405 121.07 5.21 -63.46
N ARG L 406 120.74 5.18 -62.16
CA ARG L 406 119.48 5.70 -61.66
C ARG L 406 119.74 6.52 -60.39
N LYS L 407 118.97 7.59 -60.23
CA LYS L 407 119.07 8.48 -59.07
C LYS L 407 117.69 8.60 -58.43
N ASP L 408 117.60 8.27 -57.15
CA ASP L 408 116.34 8.27 -56.42
C ASP L 408 116.34 9.31 -55.31
N SER L 409 115.12 9.64 -54.86
CA SER L 409 114.85 10.65 -53.85
C SER L 409 114.21 9.98 -52.65
N VAL L 410 114.64 10.39 -51.44
CA VAL L 410 114.11 9.81 -50.20
C VAL L 410 113.16 10.84 -49.61
N PHE L 411 112.01 10.37 -49.12
CA PHE L 411 110.97 11.22 -48.55
C PHE L 411 110.49 10.64 -47.23
N ILE L 412 109.86 11.49 -46.43
CA ILE L 412 109.22 11.10 -45.17
C ILE L 412 107.92 11.88 -45.06
N ASN L 413 106.84 11.20 -44.70
CA ASN L 413 105.53 11.80 -44.56
C ASN L 413 105.23 12.04 -43.08
N LYS L 414 104.07 12.68 -42.84
CA LYS L 414 103.71 13.04 -41.47
C LYS L 414 103.48 11.82 -40.59
N TYR L 415 103.18 10.66 -41.17
CA TYR L 415 103.01 9.43 -40.40
C TYR L 415 104.33 8.78 -40.03
N GLY L 416 105.47 9.30 -40.49
CA GLY L 416 106.74 8.70 -40.15
C GLY L 416 107.13 7.55 -41.04
N ASP L 417 106.55 7.45 -42.24
CA ASP L 417 106.85 6.38 -43.19
C ASP L 417 107.90 6.91 -44.17
N ILE L 418 109.09 6.37 -44.10
CA ILE L 418 110.15 6.72 -45.04
C ILE L 418 109.91 5.94 -46.33
N ALA L 419 109.99 6.62 -47.46
CA ALA L 419 109.74 6.00 -48.76
C ALA L 419 110.66 6.62 -49.80
N ILE L 420 110.75 5.93 -50.94
CA ILE L 420 111.66 6.28 -52.03
C ILE L 420 110.86 6.32 -53.32
N LEU L 421 111.11 7.35 -54.14
CA LEU L 421 110.52 7.47 -55.46
C LEU L 421 111.59 7.17 -56.51
N PRO L 422 111.42 6.20 -57.42
CA PRO L 422 112.50 5.91 -58.37
C PRO L 422 112.54 6.93 -59.50
N GLY L 423 113.76 7.37 -59.85
CA GLY L 423 113.94 8.31 -60.93
C GLY L 423 114.17 7.65 -62.28
N GLU L 424 114.13 8.46 -63.33
CA GLU L 424 114.23 7.93 -64.68
C GLU L 424 115.65 7.40 -64.92
N PRO L 425 115.82 6.16 -65.40
CA PRO L 425 117.17 5.69 -65.68
C PRO L 425 117.82 6.49 -66.80
N ASN L 426 119.12 6.77 -66.64
CA ASN L 426 119.86 7.55 -67.61
C ASN L 426 121.35 7.43 -67.30
N ILE L 427 122.18 7.84 -68.27
CA ILE L 427 123.63 7.76 -68.08
C ILE L 427 124.05 8.64 -66.91
N MET L 428 125.19 8.30 -66.30
CA MET L 428 125.61 8.97 -65.08
C MET L 428 125.83 10.47 -65.29
N ARG L 429 126.18 10.88 -66.51
CA ARG L 429 126.39 12.29 -66.76
C ARG L 429 125.06 13.06 -66.78
N LEU L 430 123.97 12.41 -67.16
CA LEU L 430 122.67 13.05 -67.34
C LEU L 430 121.63 12.63 -66.31
N VAL L 431 121.92 11.66 -65.44
CA VAL L 431 120.93 11.22 -64.47
C VAL L 431 120.61 12.35 -63.50
N THR L 432 119.32 12.57 -63.25
CA THR L 432 118.82 13.51 -62.27
C THR L 432 117.75 12.85 -61.40
N PRO L 433 117.53 13.35 -60.17
CA PRO L 433 116.50 12.74 -59.32
C PRO L 433 115.10 13.02 -59.85
N PRO L 434 114.08 12.31 -59.39
CA PRO L 434 112.72 12.65 -59.80
C PRO L 434 112.28 13.98 -59.22
N LEU L 435 111.40 14.67 -59.95
CA LEU L 435 110.85 15.95 -59.54
C LEU L 435 109.52 15.72 -58.83
N ASN L 436 109.37 16.33 -57.63
CA ASN L 436 108.16 16.18 -56.83
C ASN L 436 107.77 17.52 -56.23
N THR L 437 106.45 17.72 -56.09
CA THR L 437 105.89 18.92 -55.50
C THR L 437 104.74 18.59 -54.55
N ASP L 438 104.79 17.45 -53.90
CA ASP L 438 103.74 17.05 -52.96
C ASP L 438 103.99 17.76 -51.63
N PRO L 439 103.06 18.61 -51.14
CA PRO L 439 103.32 19.27 -49.84
C PRO L 439 103.34 18.32 -48.67
N GLU L 440 102.81 17.10 -48.80
CA GLU L 440 102.68 16.20 -47.67
C GLU L 440 103.99 15.51 -47.30
N ASN L 441 105.00 15.56 -48.17
CA ASN L 441 106.26 14.83 -47.99
C ASN L 441 107.40 15.79 -47.78
N LEU L 442 108.31 15.43 -46.87
CA LEU L 442 109.55 16.17 -46.64
C LEU L 442 110.69 15.37 -47.26
N GLN L 443 111.35 15.97 -48.27
CA GLN L 443 112.49 15.32 -48.90
C GLN L 443 113.68 15.31 -47.95
N LEU L 444 114.21 14.12 -47.67
CA LEU L 444 115.40 13.99 -46.83
C LEU L 444 116.70 14.01 -47.62
N GLY L 445 116.68 13.61 -48.89
CA GLY L 445 117.90 13.59 -49.66
C GLY L 445 117.71 12.85 -50.96
N THR L 446 118.83 12.31 -51.48
CA THR L 446 118.82 11.57 -52.74
C THR L 446 119.87 10.47 -52.67
N VAL L 447 119.56 9.33 -53.31
CA VAL L 447 120.45 8.18 -53.38
C VAL L 447 120.69 7.89 -54.85
N THR L 448 121.95 7.89 -55.25
CA THR L 448 122.38 7.57 -56.61
C THR L 448 123.07 6.21 -56.61
N VAL L 449 122.60 5.31 -57.48
CA VAL L 449 123.15 3.96 -57.62
C VAL L 449 123.89 3.89 -58.95
N LEU L 450 125.16 3.49 -58.89
CA LEU L 450 125.98 3.36 -60.08
C LEU L 450 125.49 2.20 -60.95
N PRO L 451 125.71 2.26 -62.28
CA PRO L 451 125.13 1.22 -63.15
C PRO L 451 125.68 -0.17 -62.89
N ASP L 452 124.83 -1.07 -62.36
CA ASP L 452 125.20 -2.46 -62.13
C ASP L 452 126.41 -2.56 -61.19
N SER L 453 126.16 -2.16 -59.94
CA SER L 453 127.24 -2.11 -58.95
C SER L 453 126.65 -1.91 -57.57
N ASP L 454 127.33 -2.47 -56.57
CA ASP L 454 126.83 -2.36 -55.19
C ASP L 454 127.03 -0.97 -54.61
N GLU L 455 127.91 -0.16 -55.19
CA GLU L 455 128.20 1.16 -54.64
C GLU L 455 127.05 2.12 -54.91
N ALA L 456 126.85 3.04 -53.96
CA ALA L 456 125.80 4.04 -54.07
C ALA L 456 126.21 5.32 -53.37
N VAL L 457 125.85 6.45 -53.95
CA VAL L 457 126.20 7.77 -53.42
C VAL L 457 124.95 8.35 -52.76
N CYS L 458 125.09 8.70 -51.48
CA CYS L 458 124.03 9.28 -50.66
C CYS L 458 124.36 10.71 -50.27
N ILE L 459 123.41 11.61 -50.50
CA ILE L 459 123.54 13.03 -50.15
C ILE L 459 122.23 13.47 -49.51
N SER L 460 122.33 14.42 -48.58
CA SER L 460 121.20 14.89 -47.78
C SER L 460 120.89 16.33 -48.14
N PHE L 461 119.67 16.57 -48.63
CA PHE L 461 119.20 17.90 -49.03
C PHE L 461 117.98 18.31 -48.20
N ALA L 462 117.91 17.84 -46.96
CA ALA L 462 116.75 18.10 -46.13
C ALA L 462 116.61 19.59 -45.83
N ILE L 463 115.39 20.11 -45.94
CA ILE L 463 115.12 21.48 -45.50
C ILE L 463 115.21 21.52 -43.98
N THR L 464 116.01 22.46 -43.47
CA THR L 464 116.27 22.56 -42.04
C THR L 464 115.94 23.96 -41.54
N ARG L 465 115.49 24.03 -40.29
CA ARG L 465 115.05 25.30 -39.71
C ARG L 465 116.22 26.29 -39.63
N LEU L 466 115.86 27.53 -39.31
CA LEU L 466 116.82 28.57 -38.93
C LEU L 466 116.31 29.26 -37.69
N SER L 467 116.96 29.00 -36.56
CA SER L 467 116.59 29.62 -35.30
C SER L 467 116.79 31.14 -35.39
N MET L 468 116.28 31.84 -34.36
CA MET L 468 116.45 33.28 -34.32
C MET L 468 117.92 33.65 -34.17
N GLU L 469 118.70 32.80 -33.49
CA GLU L 469 120.14 33.03 -33.45
C GLU L 469 120.75 32.87 -34.84
N ASP L 470 120.33 31.86 -35.61
CA ASP L 470 120.83 31.73 -36.97
C ASP L 470 120.43 32.93 -37.81
N LEU L 471 119.20 33.41 -37.64
CA LEU L 471 118.74 34.53 -38.44
C LEU L 471 119.39 35.84 -38.02
N GLN L 472 119.74 35.98 -36.73
CA GLN L 472 120.56 37.11 -36.31
C GLN L 472 121.95 37.01 -36.93
N LYS L 473 122.51 35.81 -37.03
CA LYS L 473 123.80 35.65 -37.70
C LYS L 473 123.71 36.01 -39.18
N VAL L 474 122.63 35.61 -39.85
CA VAL L 474 122.40 36.00 -41.24
C VAL L 474 122.31 37.52 -41.35
N LYS L 475 121.55 38.16 -40.45
CA LYS L 475 121.41 39.61 -40.51
C LYS L 475 122.76 40.29 -40.30
N THR L 476 123.58 39.74 -39.39
CA THR L 476 124.92 40.27 -39.18
C THR L 476 125.77 40.15 -40.44
N ARG L 477 125.60 39.05 -41.19
CA ARG L 477 126.40 38.89 -42.39
C ARG L 477 125.92 39.81 -43.50
N VAL L 478 124.61 40.11 -43.54
CA VAL L 478 124.13 41.15 -44.45
C VAL L 478 124.75 42.51 -44.11
N ASP L 479 124.83 42.82 -42.81
CA ASP L 479 125.52 44.04 -42.39
C ASP L 479 126.97 44.06 -42.89
N ASN L 480 127.69 42.96 -42.70
CA ASN L 480 129.09 42.92 -43.09
C ASN L 480 129.26 43.07 -44.60
N LEU L 481 128.36 42.46 -45.38
CA LEU L 481 128.41 42.63 -46.82
C LEU L 481 128.23 44.09 -47.22
N GLU L 482 127.24 44.77 -46.63
CA GLU L 482 127.04 46.16 -47.06
C GLU L 482 127.98 47.15 -46.38
N TYR L 483 128.79 46.69 -45.41
CA TYR L 483 129.93 47.50 -44.98
C TYR L 483 131.07 47.38 -45.97
N ASN L 484 131.41 46.14 -46.34
CA ASN L 484 132.41 45.90 -47.36
C ASN L 484 132.07 46.61 -48.66
N GLN L 485 130.78 46.68 -48.99
CA GLN L 485 130.37 47.41 -50.18
C GLN L 485 130.77 48.87 -50.09
N ALA L 486 130.50 49.52 -48.96
CA ALA L 486 130.83 50.93 -48.82
C ALA L 486 132.34 51.14 -48.84
N VAL L 487 133.10 50.19 -48.28
CA VAL L 487 134.57 50.31 -48.34
C VAL L 487 135.04 50.22 -49.79
N ASN L 488 134.48 49.31 -50.59
CA ASN L 488 134.87 49.23 -52.00
C ASN L 488 134.49 50.49 -52.75
N ALA L 489 133.28 51.01 -52.53
CA ALA L 489 132.86 52.25 -53.18
C ALA L 489 133.76 53.42 -52.79
N LEU L 490 134.38 53.37 -51.60
CA LEU L 490 135.30 54.43 -51.18
C LEU L 490 136.44 54.62 -52.17
N ASP L 491 136.87 53.54 -52.83
CA ASP L 491 138.01 53.57 -53.73
C ASP L 491 137.63 53.83 -55.18
N ASP L 492 136.33 53.93 -55.51
CA ASP L 492 135.93 54.13 -56.89
C ASP L 492 136.37 55.50 -57.40
N GLY L 493 135.83 56.56 -56.79
CA GLY L 493 136.18 57.91 -57.14
C GLY L 493 135.83 58.30 -58.57
N ALA L 494 134.68 57.83 -59.05
CA ALA L 494 134.17 58.21 -60.37
C ALA L 494 132.66 58.34 -60.28
N MET L 495 132.10 59.31 -61.00
CA MET L 495 130.66 59.53 -61.02
C MET L 495 130.29 60.26 -62.30
N GLU L 496 129.19 59.83 -62.93
CA GLU L 496 128.75 60.40 -64.20
C GLU L 496 127.98 61.70 -63.99
N GLY L 497 128.07 62.59 -64.98
CA GLY L 497 127.41 63.88 -64.84
C GLY L 497 125.89 63.79 -64.96
N GLN L 498 125.41 63.21 -66.06
CA GLN L 498 124.01 63.19 -66.46
C GLN L 498 123.42 61.83 -66.11
N ASN L 499 122.51 61.80 -65.13
CA ASN L 499 121.81 60.59 -64.70
C ASN L 499 122.80 59.52 -64.28
N PRO L 500 123.59 59.74 -63.23
CA PRO L 500 124.56 58.72 -62.82
C PRO L 500 123.90 57.54 -62.11
N LEU L 501 124.34 56.33 -62.46
CA LEU L 501 123.99 55.16 -61.67
C LEU L 501 124.71 55.24 -60.32
N THR L 502 123.93 55.26 -59.25
CA THR L 502 124.42 55.39 -57.90
C THR L 502 124.07 54.14 -57.10
N LEU L 503 124.93 53.78 -56.15
CA LEU L 503 124.63 52.63 -55.30
C LEU L 503 123.48 52.98 -54.35
N ARG L 504 122.54 52.06 -54.22
CA ARG L 504 121.38 52.27 -53.36
C ARG L 504 121.78 52.06 -51.89
N SER L 505 121.39 53.03 -51.05
CA SER L 505 121.67 53.01 -49.61
C SER L 505 123.17 53.00 -49.30
N VAL L 506 124.02 53.49 -50.21
CA VAL L 506 125.45 53.60 -49.98
C VAL L 506 125.92 54.95 -50.50
N PHE L 507 126.84 55.57 -49.75
CA PHE L 507 127.55 56.75 -50.20
C PHE L 507 128.89 56.80 -49.47
N SER L 508 129.97 57.02 -50.21
CA SER L 508 131.29 57.10 -49.61
C SER L 508 132.15 58.07 -50.42
N GLU L 509 133.12 58.69 -49.74
CA GLU L 509 133.98 59.70 -50.33
C GLU L 509 135.44 59.40 -49.96
N GLY L 510 136.22 58.98 -50.94
CA GLY L 510 137.64 58.76 -50.73
C GLY L 510 138.50 60.00 -50.81
N PHE L 511 137.91 61.17 -51.11
CA PHE L 511 138.64 62.42 -51.28
C PHE L 511 139.80 62.28 -52.27
N ILE L 512 139.52 61.64 -53.40
CA ILE L 512 140.49 61.45 -54.48
C ILE L 512 140.07 62.09 -55.79
N SER L 513 138.83 62.58 -55.91
CA SER L 513 138.35 63.17 -57.15
C SER L 513 137.20 64.11 -56.83
N LEU L 514 136.98 65.09 -57.72
CA LEU L 514 135.91 66.06 -57.54
C LEU L 514 134.56 65.53 -57.99
N ASP L 515 134.47 64.29 -58.48
CA ASP L 515 133.21 63.81 -59.03
C ASP L 515 132.13 63.68 -57.97
N LYS L 516 132.49 63.19 -56.77
CA LYS L 516 131.52 62.97 -55.71
C LYS L 516 131.13 64.23 -54.95
N ALA L 517 131.81 65.35 -55.20
CA ALA L 517 131.62 66.56 -54.41
C ALA L 517 130.76 67.56 -55.17
N ASP L 518 129.90 68.25 -54.43
CA ASP L 518 129.17 69.41 -54.96
C ASP L 518 130.03 70.65 -54.72
N ILE L 519 130.99 70.86 -55.63
CA ILE L 519 131.90 72.00 -55.47
C ILE L 519 131.18 73.32 -55.71
N THR L 520 130.08 73.32 -56.46
CA THR L 520 129.36 74.55 -56.74
C THR L 520 128.48 75.00 -55.58
N HIS L 521 128.37 74.22 -54.50
CA HIS L 521 127.49 74.57 -53.41
C HIS L 521 127.98 75.86 -52.74
N PRO L 522 127.07 76.70 -52.22
CA PRO L 522 127.54 77.96 -51.60
C PRO L 522 128.42 77.75 -50.39
N ASP L 523 128.17 76.70 -49.61
CA ASP L 523 128.94 76.44 -48.39
C ASP L 523 130.18 75.61 -48.63
N PHE L 524 130.47 75.23 -49.88
CA PHE L 524 131.64 74.39 -50.17
C PHE L 524 132.87 75.28 -50.08
N GLY L 525 133.73 75.00 -49.09
CA GLY L 525 134.95 75.76 -48.91
C GLY L 525 136.09 74.91 -48.41
N ILE L 526 136.07 73.62 -48.75
CA ILE L 526 137.10 72.67 -48.35
C ILE L 526 138.04 72.47 -49.53
N VAL L 527 139.26 72.05 -49.26
CA VAL L 527 140.27 71.76 -50.27
C VAL L 527 140.80 70.35 -50.07
N PHE L 528 140.98 69.63 -51.17
CA PHE L 528 141.42 68.24 -51.12
C PHE L 528 142.94 68.18 -51.13
N SER L 529 143.47 67.08 -50.58
CA SER L 529 144.90 66.75 -50.65
C SER L 529 144.96 65.30 -51.15
N PHE L 530 145.16 65.14 -52.46
CA PHE L 530 145.03 63.81 -53.05
C PHE L 530 146.18 62.89 -52.70
N GLU L 531 147.35 63.41 -52.34
CA GLU L 531 148.45 62.54 -51.96
C GLU L 531 148.13 61.76 -50.68
N ASP L 532 147.55 62.44 -49.69
CA ASP L 532 147.09 61.82 -48.45
C ASP L 532 145.65 61.32 -48.49
N ALA L 533 144.88 61.61 -49.54
CA ALA L 533 143.46 61.27 -49.56
C ALA L 533 142.73 61.92 -48.39
N GLU L 534 143.05 63.19 -48.14
CA GLU L 534 142.52 63.95 -47.01
C GLU L 534 141.97 65.28 -47.50
N ALA L 535 141.14 65.91 -46.65
CA ALA L 535 140.53 67.19 -46.96
C ALA L 535 140.72 68.10 -45.75
N THR L 536 140.94 69.39 -46.02
CA THR L 536 141.24 70.35 -44.95
C THR L 536 140.78 71.74 -45.41
N LEU L 537 141.11 72.76 -44.62
CA LEU L 537 140.68 74.13 -44.90
C LEU L 537 141.90 74.91 -45.35
N ALA L 538 141.74 75.66 -46.45
CA ALA L 538 142.79 76.57 -46.90
C ALA L 538 142.61 77.92 -46.23
N TYR L 539 143.73 78.65 -46.08
CA TYR L 539 143.73 79.93 -45.41
C TYR L 539 142.92 80.94 -46.21
N THR L 540 142.17 81.77 -45.50
CA THR L 540 141.46 82.90 -46.08
C THR L 540 141.62 84.08 -45.14
N GLU L 541 142.00 85.24 -45.70
CA GLU L 541 142.28 86.40 -44.86
C GLU L 541 141.02 86.92 -44.19
N ALA L 542 139.89 86.92 -44.89
CA ALA L 542 138.65 87.45 -44.33
C ALA L 542 138.11 86.50 -43.26
N HIS L 556 146.24 97.25 -35.88
CA HIS L 556 146.81 95.91 -35.94
C HIS L 556 148.29 95.93 -35.56
N ILE L 557 148.83 94.77 -35.17
CA ILE L 557 150.22 94.64 -34.77
C ILE L 557 150.83 93.42 -35.46
N TRP L 558 152.16 93.40 -35.53
CA TRP L 558 152.92 92.32 -36.14
C TRP L 558 153.41 91.33 -35.08
N GLY L 559 153.77 90.12 -35.53
CA GLY L 559 154.23 89.06 -34.64
C GLY L 559 155.27 88.13 -35.22
N ARG L 560 156.29 87.79 -34.43
CA ARG L 560 157.46 87.03 -34.86
C ARG L 560 157.34 85.60 -34.33
N LEU L 561 157.35 84.63 -35.24
CA LEU L 561 157.31 83.20 -34.87
C LEU L 561 158.67 82.82 -34.30
N ILE L 562 158.77 82.80 -32.97
CA ILE L 562 160.05 82.54 -32.31
C ILE L 562 160.35 81.05 -32.47
N SER L 563 159.76 80.21 -31.63
CA SER L 563 160.00 78.77 -31.70
C SER L 563 159.28 78.24 -32.94
N ALA L 564 160.04 77.77 -33.93
CA ALA L 564 159.42 77.33 -35.17
C ALA L 564 158.71 75.99 -34.95
N PRO L 565 157.64 75.72 -35.71
CA PRO L 565 156.94 74.43 -35.57
C PRO L 565 157.57 73.27 -36.33
N PHE L 566 158.68 73.47 -37.01
CA PHE L 566 159.43 72.40 -37.66
C PHE L 566 160.76 72.96 -38.14
N THR L 567 161.75 72.08 -38.28
CA THR L 567 163.06 72.42 -38.79
C THR L 567 163.26 71.73 -40.14
N GLU L 568 163.70 72.49 -41.13
CA GLU L 568 163.87 72.00 -42.49
C GLU L 568 165.28 71.49 -42.72
N GLU L 569 165.41 70.58 -43.68
CA GLU L 569 166.70 70.02 -44.08
C GLU L 569 166.67 69.77 -45.58
N ARG L 570 167.76 70.15 -46.25
CA ARG L 570 167.88 70.02 -47.70
C ARG L 570 168.40 68.62 -48.00
N THR L 571 167.49 67.72 -48.40
CA THR L 571 167.86 66.34 -48.69
C THR L 571 168.35 66.17 -50.14
N ILE L 572 167.64 66.74 -51.11
CA ILE L 572 168.02 66.65 -52.52
C ILE L 572 168.55 68.02 -52.94
N TYR L 573 169.60 68.02 -53.75
CA TYR L 573 170.19 69.27 -54.24
C TYR L 573 171.02 68.95 -55.48
N GLN L 574 170.55 69.41 -56.63
CA GLN L 574 171.30 69.35 -57.89
C GLN L 574 171.83 70.76 -58.13
N GLY L 575 173.13 70.96 -57.89
CA GLY L 575 173.72 72.28 -57.91
C GLY L 575 174.41 72.68 -59.20
N GLN L 576 174.70 71.69 -60.05
CA GLN L 576 175.40 71.97 -61.30
C GLN L 576 174.46 72.61 -62.31
N ALA L 577 174.90 73.70 -62.93
CA ALA L 577 174.15 74.38 -63.97
C ALA L 577 175.10 74.79 -65.09
N SER L 578 174.59 74.79 -66.32
CA SER L 578 175.41 75.08 -67.50
C SER L 578 174.73 76.04 -68.47
N GLU L 579 173.40 75.99 -68.58
CA GLU L 579 172.68 76.69 -69.64
C GLU L 579 171.38 77.25 -69.09
N THR L 580 170.71 78.07 -69.92
CA THR L 580 169.40 78.61 -69.63
C THR L 580 168.37 78.06 -70.59
N LEU L 581 167.23 77.63 -70.06
CA LEU L 581 166.10 77.13 -70.84
C LEU L 581 164.87 77.96 -70.54
N ASN L 582 164.22 78.45 -71.60
CA ASN L 582 162.97 79.17 -71.45
C ASN L 582 161.92 78.24 -70.86
N VAL L 583 161.13 78.77 -69.91
CA VAL L 583 160.07 77.98 -69.30
C VAL L 583 159.05 77.53 -70.34
N ASN L 584 158.85 78.31 -71.40
CA ASN L 584 157.92 77.99 -72.48
C ASN L 584 158.70 78.09 -73.79
N PRO L 585 159.54 77.10 -74.11
CA PRO L 585 160.34 77.20 -75.35
C PRO L 585 159.49 77.22 -76.61
N TYR L 586 158.42 76.44 -76.66
CA TYR L 586 157.72 76.13 -77.90
C TYR L 586 156.67 77.18 -78.27
N ASN L 587 156.65 78.32 -77.58
CA ASN L 587 155.69 79.38 -77.87
C ASN L 587 156.31 80.77 -77.83
N ILE L 588 157.64 80.88 -77.75
CA ILE L 588 158.26 82.22 -77.72
C ILE L 588 158.02 82.90 -79.07
N PRO L 589 157.62 84.18 -79.13
CA PRO L 589 157.37 84.78 -80.45
C PRO L 589 158.67 85.01 -81.21
N ASN L 590 158.67 84.61 -82.48
CA ASN L 590 159.82 84.78 -83.38
C ASN L 590 161.11 84.13 -82.88
N PRO L 793 155.80 75.29 -70.51
CA PRO L 793 156.10 74.78 -69.16
C PRO L 793 157.25 73.77 -69.14
N LEU L 794 157.88 73.61 -67.98
CA LEU L 794 158.92 72.63 -67.75
C LEU L 794 158.59 71.80 -66.52
N ALA L 795 159.31 70.70 -66.33
CA ALA L 795 159.11 69.86 -65.17
C ALA L 795 160.37 69.05 -64.91
N GLN L 796 160.48 68.59 -63.66
CA GLN L 796 161.64 67.82 -63.21
C GLN L 796 161.14 66.73 -62.27
N SER L 797 161.47 65.48 -62.55
CA SER L 797 161.03 64.37 -61.70
C SER L 797 162.01 64.15 -60.56
N PHE L 798 161.47 63.59 -59.47
CA PHE L 798 162.27 63.23 -58.31
C PHE L 798 161.55 62.11 -57.57
N GLN L 799 162.27 61.48 -56.64
CA GLN L 799 161.69 60.45 -55.78
C GLN L 799 162.51 60.34 -54.50
N TYR L 800 161.88 59.74 -53.49
CA TYR L 800 162.51 59.43 -52.22
C TYR L 800 162.41 57.93 -51.92
N ASP L 801 163.35 57.44 -51.14
CA ASP L 801 163.38 56.06 -50.71
C ASP L 801 162.59 55.82 -49.42
N GLU L 802 162.03 56.87 -48.82
CA GLU L 802 161.27 56.75 -47.59
C GLU L 802 160.12 57.76 -47.61
N ASN L 803 159.26 57.69 -46.59
CA ASN L 803 158.16 58.63 -46.42
C ASN L 803 158.70 59.93 -45.84
N ARG L 804 158.67 61.01 -46.62
CA ARG L 804 159.19 62.30 -46.20
C ARG L 804 158.12 63.39 -46.32
N THR L 805 158.15 64.35 -45.40
CA THR L 805 157.23 65.47 -45.40
C THR L 805 157.92 66.64 -46.10
N ILE L 806 157.60 66.86 -47.36
CA ILE L 806 158.17 67.97 -48.10
C ILE L 806 157.53 69.26 -47.61
N SER L 807 158.36 70.25 -47.30
CA SER L 807 157.88 71.52 -46.75
C SER L 807 158.08 72.69 -47.72
N SER L 808 159.19 72.75 -48.44
CA SER L 808 159.41 73.82 -49.39
C SER L 808 160.32 73.33 -50.52
N LEU L 809 160.38 74.14 -51.58
CA LEU L 809 161.17 73.87 -52.76
C LEU L 809 162.20 74.97 -52.98
N GLY L 810 163.32 74.62 -53.60
CA GLY L 810 164.28 75.64 -54.03
C GLY L 810 164.50 75.63 -55.53
N LEU L 811 164.29 76.78 -56.17
CA LEU L 811 164.48 76.96 -57.60
C LEU L 811 165.46 78.08 -57.86
N TYR L 812 166.00 78.10 -59.08
CA TYR L 812 166.91 79.14 -59.53
C TYR L 812 166.42 79.69 -60.87
N PHE L 813 166.21 81.00 -60.92
CA PHE L 813 165.72 81.69 -62.10
C PHE L 813 166.82 82.59 -62.68
N ALA L 814 167.03 82.52 -63.99
CA ALA L 814 168.04 83.34 -64.65
C ALA L 814 167.50 84.73 -64.97
N SER L 815 166.20 84.85 -65.26
CA SER L 815 165.56 86.12 -65.57
C SER L 815 164.06 86.00 -65.35
N LYS L 816 163.41 87.14 -65.15
CA LYS L 816 161.98 87.19 -64.89
C LYS L 816 161.33 88.30 -65.71
N GLY L 817 160.00 88.31 -65.68
CA GLY L 817 159.21 89.31 -66.40
C GLY L 817 159.07 90.60 -65.63
N ASP L 818 157.99 91.33 -65.93
CA ASP L 818 157.74 92.62 -65.30
C ASP L 818 157.15 92.43 -63.90
N LYS L 819 156.72 93.54 -63.28
CA LYS L 819 156.21 93.48 -61.92
C LYS L 819 154.92 92.67 -61.85
N GLN L 820 154.05 92.80 -62.85
CA GLN L 820 152.74 92.19 -62.80
C GLN L 820 152.77 90.69 -63.11
N SER L 821 153.84 90.19 -63.72
CA SER L 821 153.89 88.78 -64.11
C SER L 821 154.03 87.89 -62.88
N ASN L 822 153.57 86.64 -63.01
CA ASN L 822 153.66 85.66 -61.95
C ASN L 822 153.86 84.28 -62.57
N VAL L 823 154.41 83.36 -61.77
CA VAL L 823 154.66 81.98 -62.19
C VAL L 823 153.88 81.06 -61.26
N VAL L 824 153.26 80.05 -61.84
CA VAL L 824 152.54 79.02 -61.09
C VAL L 824 153.47 77.83 -60.89
N ILE L 825 153.67 77.44 -59.63
CA ILE L 825 154.47 76.29 -59.27
C ILE L 825 153.54 75.19 -58.79
N GLN L 826 153.78 73.96 -59.25
CA GLN L 826 152.92 72.83 -58.98
C GLN L 826 153.76 71.59 -58.75
N ILE L 827 153.24 70.67 -57.91
CA ILE L 827 153.78 69.31 -57.79
C ILE L 827 152.69 68.39 -58.32
N ARG L 828 153.06 67.59 -59.32
CA ARG L 828 152.18 66.61 -59.94
C ARG L 828 152.78 65.22 -59.77
N GLY L 829 151.91 64.21 -59.81
CA GLY L 829 152.38 62.84 -59.68
C GLY L 829 152.92 62.28 -60.99
N MET L 830 153.54 61.11 -60.88
CA MET L 830 154.26 60.46 -61.97
C MET L 830 153.57 59.14 -62.30
N GLY L 831 153.16 58.98 -63.56
CA GLY L 831 152.44 57.79 -63.94
C GLY L 831 153.32 56.59 -64.16
N ASP L 832 152.66 55.43 -64.30
CA ASP L 832 153.35 54.14 -64.34
C ASP L 832 154.40 54.07 -65.45
N GLN L 833 154.21 54.82 -66.53
CA GLN L 833 155.13 54.84 -67.66
C GLN L 833 156.14 55.98 -67.58
N GLY L 834 156.38 56.52 -66.39
CA GLY L 834 157.42 57.52 -66.18
C GLY L 834 157.18 58.83 -66.91
N TYR L 835 156.00 59.43 -66.72
CA TYR L 835 155.67 60.72 -67.30
C TYR L 835 154.80 61.46 -66.29
N PRO L 836 154.72 62.80 -66.36
CA PRO L 836 153.82 63.49 -65.44
C PRO L 836 152.36 63.27 -65.81
N ASN L 837 151.50 63.21 -64.79
CA ASN L 837 150.07 62.99 -64.93
C ASN L 837 149.31 64.29 -64.63
N LYS L 838 147.99 64.27 -64.86
CA LYS L 838 147.20 65.48 -64.68
C LYS L 838 146.86 65.77 -63.23
N THR L 839 146.93 64.77 -62.35
CA THR L 839 146.75 65.01 -60.92
C THR L 839 147.73 66.05 -60.43
N ILE L 840 147.25 66.95 -59.58
CA ILE L 840 148.04 68.01 -58.95
C ILE L 840 147.91 67.81 -57.45
N TYR L 841 149.04 67.68 -56.76
CA TYR L 841 149.03 67.56 -55.30
C TYR L 841 149.16 68.92 -54.60
N ALA L 842 149.94 69.83 -55.17
CA ALA L 842 150.15 71.14 -54.56
C ALA L 842 150.24 72.20 -55.65
N GLU L 843 149.90 73.44 -55.27
CA GLU L 843 149.88 74.54 -56.21
C GLU L 843 150.04 75.84 -55.42
N THR L 844 150.71 76.81 -56.04
CA THR L 844 150.90 78.12 -55.46
C THR L 844 151.22 79.09 -56.58
N VAL L 845 151.08 80.39 -56.28
CA VAL L 845 151.36 81.46 -57.24
C VAL L 845 152.49 82.31 -56.69
N MET L 846 153.52 82.54 -57.50
CA MET L 846 154.71 83.28 -57.09
C MET L 846 154.81 84.57 -57.89
N ASN L 847 154.75 85.71 -57.21
CA ASN L 847 154.81 87.00 -57.89
C ASN L 847 156.24 87.30 -58.36
N ALA L 848 156.36 88.35 -59.16
CA ALA L 848 157.65 88.75 -59.71
C ALA L 848 158.61 89.13 -58.60
N ASP L 849 158.11 89.81 -57.56
CA ASP L 849 158.99 90.27 -56.49
C ASP L 849 159.53 89.10 -55.68
N ASP L 850 158.73 88.06 -55.50
CA ASP L 850 159.19 86.87 -54.81
C ASP L 850 160.26 86.11 -55.60
N ILE L 851 160.28 86.24 -56.92
CA ILE L 851 161.23 85.50 -57.75
C ILE L 851 162.52 86.31 -57.75
N LYS L 852 163.55 85.79 -57.08
CA LYS L 852 164.90 86.35 -57.17
C LYS L 852 165.59 85.82 -58.43
N VAL L 853 166.58 86.57 -58.91
CA VAL L 853 167.19 86.30 -60.21
C VAL L 853 168.68 86.56 -60.04
N SER L 854 169.48 86.01 -60.94
CA SER L 854 170.93 86.21 -60.85
C SER L 854 171.58 85.72 -62.15
N ASN L 855 172.75 86.30 -62.45
CA ASN L 855 173.49 85.95 -63.65
C ASN L 855 174.52 84.84 -63.42
N ASN L 856 174.55 84.24 -62.23
CA ASN L 856 175.47 83.14 -61.94
C ASN L 856 174.79 82.03 -61.16
N ALA L 857 173.45 81.93 -61.27
CA ALA L 857 172.69 80.87 -60.61
C ALA L 857 172.92 80.85 -59.11
N SER L 858 173.11 82.03 -58.52
CA SER L 858 173.37 82.14 -57.09
C SER L 858 172.11 82.41 -56.27
N ALA L 859 171.21 83.23 -56.80
CA ALA L 859 169.96 83.55 -56.12
C ALA L 859 169.04 82.33 -56.09
N GLU L 860 168.55 81.99 -54.90
CA GLU L 860 167.64 80.88 -54.70
C GLU L 860 166.30 81.43 -54.22
N THR L 861 165.28 81.36 -55.07
CA THR L 861 163.93 81.70 -54.65
C THR L 861 163.29 80.50 -53.94
N ARG L 862 162.65 80.76 -52.80
CA ARG L 862 162.05 79.72 -51.97
C ARG L 862 160.53 79.71 -52.19
N VAL L 863 160.00 78.54 -52.49
CA VAL L 863 158.58 78.31 -52.76
C VAL L 863 157.98 77.58 -51.57
N TYR L 864 156.89 78.14 -51.02
CA TYR L 864 156.16 77.55 -49.90
C TYR L 864 154.73 77.27 -50.31
N PHE L 865 154.19 76.16 -49.83
CA PHE L 865 152.80 75.77 -50.09
C PHE L 865 151.99 75.83 -48.80
N ASP L 866 150.69 76.08 -48.96
CA ASP L 866 149.82 76.21 -47.80
C ASP L 866 149.65 74.88 -47.07
N ASP L 867 149.61 73.76 -47.82
CA ASP L 867 149.57 72.42 -47.24
C ASP L 867 150.86 71.66 -47.53
N PRO L 868 151.39 70.88 -46.59
CA PRO L 868 152.63 70.14 -46.88
C PRO L 868 152.37 68.95 -47.79
N MET L 869 153.36 68.67 -48.64
CA MET L 869 153.33 67.59 -49.61
C MET L 869 153.94 66.34 -48.98
N MET L 870 153.12 65.31 -48.79
CA MET L 870 153.53 64.06 -48.16
C MET L 870 153.96 63.09 -49.27
N ALA L 871 155.25 62.88 -49.40
CA ALA L 871 155.83 62.08 -50.47
C ALA L 871 156.00 60.64 -50.01
N GLU L 872 155.34 59.71 -50.70
CA GLU L 872 155.40 58.32 -50.28
C GLU L 872 156.65 57.65 -50.82
N GLY L 873 157.26 56.81 -49.98
CA GLY L 873 158.51 56.14 -50.32
C GLY L 873 158.38 55.23 -51.52
N GLY L 874 159.30 55.39 -52.48
CA GLY L 874 159.29 54.59 -53.69
C GLY L 874 158.39 55.10 -54.80
N LYS L 875 157.75 56.27 -54.61
CA LYS L 875 156.89 56.88 -55.62
C LYS L 875 157.58 58.11 -56.20
N GLU L 876 157.45 58.27 -57.51
CA GLU L 876 158.03 59.39 -58.23
C GLU L 876 157.09 60.59 -58.19
N TYR L 877 157.66 61.80 -58.13
CA TYR L 877 156.87 63.01 -58.21
C TYR L 877 157.61 64.03 -59.04
N ALA L 878 156.84 64.87 -59.72
CA ALA L 878 157.37 65.87 -60.63
C ALA L 878 157.00 67.26 -60.14
N ILE L 879 157.98 68.16 -60.12
CA ILE L 879 157.73 69.58 -59.99
C ILE L 879 157.32 70.09 -61.36
N VAL L 880 156.35 71.01 -61.40
CA VAL L 880 155.85 71.55 -62.66
C VAL L 880 155.79 73.06 -62.52
N ILE L 881 156.28 73.76 -63.55
CA ILE L 881 156.40 75.21 -63.55
C ILE L 881 155.66 75.70 -64.79
N ILE L 882 154.66 76.55 -64.58
CA ILE L 882 153.80 77.05 -65.65
C ILE L 882 153.70 78.55 -65.48
N THR L 883 153.72 79.26 -66.61
CA THR L 883 153.52 80.70 -66.64
C THR L 883 153.16 81.10 -68.07
N GLU L 884 152.23 82.05 -68.18
CA GLU L 884 151.80 82.50 -69.50
C GLU L 884 152.79 83.48 -70.12
N ASN L 885 153.67 84.10 -69.32
CA ASN L 885 154.57 85.13 -69.81
C ASN L 885 155.79 84.52 -70.49
N SER L 886 156.09 85.01 -71.70
CA SER L 886 157.23 84.51 -72.48
C SER L 886 158.55 85.17 -72.12
N ASP L 887 158.69 85.78 -70.93
CA ASP L 887 159.97 86.31 -70.51
C ASP L 887 160.37 85.76 -69.13
N TYR L 888 160.47 84.44 -69.04
CA TYR L 888 160.91 83.73 -67.84
C TYR L 888 161.90 82.66 -68.26
N THR L 889 163.07 82.62 -67.62
CA THR L 889 164.09 81.61 -67.90
C THR L 889 164.61 81.01 -66.61
N MET L 890 165.18 79.81 -66.73
CA MET L 890 165.69 79.06 -65.60
C MET L 890 166.99 78.38 -65.94
N TRP L 891 167.90 78.33 -64.96
CA TRP L 891 169.15 77.62 -65.13
C TRP L 891 168.90 76.13 -65.23
N VAL L 892 169.63 75.47 -66.13
CA VAL L 892 169.56 74.02 -66.28
C VAL L 892 170.99 73.47 -66.37
N GLY L 893 171.21 72.31 -65.77
CA GLY L 893 172.47 71.61 -65.86
C GLY L 893 172.38 70.51 -66.89
N THR L 894 173.34 70.51 -67.83
CA THR L 894 173.40 69.56 -68.94
C THR L 894 174.75 68.88 -68.95
N ARG L 895 174.73 67.57 -69.21
CA ARG L 895 175.96 66.78 -69.21
C ARG L 895 176.88 67.23 -70.35
N THR L 896 178.19 67.20 -70.10
CA THR L 896 179.23 67.57 -71.06
C THR L 896 179.27 69.06 -71.37
N LYS L 897 178.50 69.91 -70.63
CA LYS L 897 178.55 71.35 -70.87
C LYS L 897 179.41 72.04 -69.81
N PRO L 898 180.05 73.17 -70.08
CA PRO L 898 180.85 73.79 -69.03
C PRO L 898 179.94 74.39 -67.97
N LYS L 899 180.42 74.37 -66.73
CA LYS L 899 179.73 75.08 -65.66
C LYS L 899 179.79 76.59 -65.90
N ILE L 900 178.75 77.28 -65.44
CA ILE L 900 178.67 78.73 -65.60
C ILE L 900 179.80 79.41 -64.84
N ASP L 901 179.90 79.12 -63.54
CA ASP L 901 180.89 79.78 -62.71
C ASP L 901 182.29 79.19 -62.86
N LYS L 902 182.40 77.96 -63.38
CA LYS L 902 183.67 77.25 -63.53
C LYS L 902 183.78 76.68 -64.94
N PRO L 903 184.04 77.50 -65.96
CA PRO L 903 184.11 76.94 -67.33
C PRO L 903 185.23 75.93 -67.51
N ASN L 904 186.29 75.97 -66.69
CA ASN L 904 187.33 74.95 -66.78
C ASN L 904 186.74 73.55 -66.54
N GLU L 905 185.77 73.44 -65.65
CA GLU L 905 185.14 72.18 -65.34
C GLU L 905 183.90 71.99 -66.22
N VAL L 906 183.57 70.72 -66.46
CA VAL L 906 182.41 70.31 -67.23
C VAL L 906 181.63 69.31 -66.39
N ILE L 907 180.35 69.17 -66.71
CA ILE L 907 179.47 68.23 -66.00
C ILE L 907 179.71 66.85 -66.61
N SER L 908 180.42 66.01 -65.87
CA SER L 908 180.90 64.74 -66.44
C SER L 908 179.77 63.72 -66.52
N GLY L 909 179.27 63.27 -65.37
CA GLY L 909 178.13 62.38 -65.30
C GLY L 909 176.81 63.12 -65.40
N ASN L 910 175.72 62.36 -65.22
CA ASN L 910 174.39 62.97 -65.25
C ASN L 910 174.24 63.92 -64.07
N PRO L 911 173.54 65.08 -64.23
CA PRO L 911 173.39 65.99 -63.09
C PRO L 911 172.66 65.35 -61.92
N TYR L 912 171.43 64.91 -62.14
CA TYR L 912 170.64 64.16 -61.18
C TYR L 912 170.23 62.87 -61.85
N LEU L 913 170.66 61.74 -61.30
CA LEU L 913 170.52 60.47 -62.01
C LEU L 913 169.09 59.94 -61.96
N GLN L 914 168.38 60.15 -60.86
CA GLN L 914 167.03 59.62 -60.69
C GLN L 914 165.94 60.54 -61.21
N GLY L 915 166.30 61.62 -61.91
CA GLY L 915 165.33 62.55 -62.43
C GLY L 915 165.59 62.85 -63.89
N VAL L 916 164.56 63.40 -64.54
CA VAL L 916 164.64 63.82 -65.94
C VAL L 916 163.99 65.19 -66.10
N LEU L 917 164.60 66.04 -66.93
CA LEU L 917 164.01 67.32 -67.33
C LEU L 917 163.00 67.09 -68.44
N PHE L 918 161.86 67.80 -68.33
CA PHE L 918 160.78 67.71 -69.31
C PHE L 918 160.42 69.10 -69.81
N SER L 919 159.80 69.12 -70.99
CA SER L 919 159.29 70.34 -71.61
C SER L 919 158.01 70.01 -72.38
N SER L 920 157.12 71.00 -72.45
CA SER L 920 155.83 70.80 -73.09
C SER L 920 155.31 72.13 -73.62
N SER L 921 154.47 72.05 -74.66
CA SER L 921 153.82 73.21 -75.24
C SER L 921 152.37 73.37 -74.77
N ASN L 922 151.87 72.42 -73.96
CA ASN L 922 150.52 72.53 -73.41
C ASN L 922 150.40 71.92 -72.01
N ALA L 923 151.50 71.53 -71.36
CA ALA L 923 151.47 70.91 -70.04
C ALA L 923 150.66 69.61 -70.06
N SER L 924 150.85 68.82 -71.12
CA SER L 924 150.16 67.55 -71.26
C SER L 924 151.05 66.52 -71.93
N THR L 925 151.62 66.88 -73.09
CA THR L 925 152.57 66.05 -73.80
C THR L 925 153.97 66.56 -73.48
N TRP L 926 154.75 65.74 -72.78
CA TRP L 926 156.05 66.14 -72.27
C TRP L 926 157.15 65.44 -73.08
N THR L 927 158.15 66.23 -73.49
CA THR L 927 159.31 65.75 -74.23
C THR L 927 160.43 65.61 -73.20
N PRO L 928 160.96 64.42 -72.91
CA PRO L 928 162.04 64.35 -71.91
C PRO L 928 163.37 64.80 -72.48
N HIS L 929 164.22 65.33 -71.60
CA HIS L 929 165.61 65.64 -71.91
C HIS L 929 166.44 64.79 -70.94
N GLN L 930 166.95 63.66 -71.43
CA GLN L 930 167.63 62.73 -70.54
C GLN L 930 168.91 63.33 -69.96
N ASN L 931 169.72 63.95 -70.83
CA ASN L 931 171.01 64.50 -70.42
C ASN L 931 170.92 65.77 -69.58
N SER L 932 169.73 66.31 -69.32
CA SER L 932 169.59 67.59 -68.64
C SER L 932 168.66 67.49 -67.43
N ASP L 933 168.94 68.32 -66.42
CA ASP L 933 168.10 68.39 -65.22
C ASP L 933 168.09 69.83 -64.71
N LEU L 934 167.04 70.17 -63.95
CA LEU L 934 167.06 71.53 -63.41
C LEU L 934 168.03 71.64 -62.24
N LYS L 935 168.41 72.88 -61.93
CA LYS L 935 169.14 73.19 -60.71
C LYS L 935 168.07 73.51 -59.66
N PHE L 936 167.91 72.62 -58.69
CA PHE L 936 166.83 72.75 -57.72
C PHE L 936 167.24 72.14 -56.38
N GLY L 937 166.38 72.33 -55.39
CA GLY L 937 166.62 71.83 -54.04
C GLY L 937 165.34 71.63 -53.27
N ILE L 938 165.10 70.42 -52.76
CA ILE L 938 163.88 70.08 -52.03
C ILE L 938 164.21 69.98 -50.56
N TYR L 939 163.38 70.62 -49.73
CA TYR L 939 163.55 70.64 -48.28
C TYR L 939 162.46 69.79 -47.66
N THR L 940 162.86 68.95 -46.71
CA THR L 940 161.98 68.14 -45.90
C THR L 940 162.04 68.59 -44.45
N SER L 941 160.94 68.38 -43.72
CA SER L 941 160.74 68.98 -42.41
C SER L 941 160.44 67.90 -41.36
N LYS L 942 160.83 68.19 -40.12
CA LYS L 942 160.57 67.31 -38.98
C LYS L 942 159.98 68.17 -37.87
N PHE L 943 158.69 67.97 -37.58
CA PHE L 943 158.00 68.80 -36.61
C PHE L 943 158.50 68.53 -35.20
N ASN L 944 158.32 69.52 -34.33
CA ASN L 944 158.75 69.49 -32.94
C ASN L 944 157.54 69.58 -32.02
N GLU L 945 157.79 69.61 -30.71
CA GLU L 945 156.75 69.40 -29.72
C GLU L 945 155.81 70.60 -29.61
N THR L 946 156.34 71.82 -29.55
CA THR L 946 155.53 73.02 -29.42
C THR L 946 156.06 74.12 -30.33
N ALA L 947 155.23 75.16 -30.51
CA ALA L 947 155.57 76.33 -31.31
C ALA L 947 155.09 77.58 -30.58
N THR L 948 155.86 78.67 -30.67
CA THR L 948 155.59 79.89 -29.93
C THR L 948 155.63 81.11 -30.85
N ILE L 949 154.68 82.02 -30.64
CA ILE L 949 154.64 83.30 -31.35
C ILE L 949 154.80 84.42 -30.32
N GLU L 950 155.51 85.49 -30.70
CA GLU L 950 155.60 86.69 -29.89
C GLU L 950 155.20 87.91 -30.72
N PHE L 951 154.41 88.80 -30.11
CA PHE L 951 153.91 90.00 -30.76
C PHE L 951 154.62 91.25 -30.22
N GLU L 952 154.78 92.23 -31.12
CA GLU L 952 155.42 93.49 -30.76
C GLU L 952 154.66 94.15 -29.60
N PRO L 953 155.33 94.99 -28.80
CA PRO L 953 154.65 95.54 -27.62
C PRO L 953 153.50 96.46 -27.98
N ILE L 954 152.52 96.51 -27.08
CA ILE L 954 151.38 97.41 -27.21
C ILE L 954 151.81 98.77 -26.66
N LYS L 981 140.36 100.25 -23.18
CA LYS L 981 141.28 101.04 -23.99
C LYS L 981 142.26 101.82 -23.11
N LEU L 982 142.00 101.90 -21.80
CA LEU L 982 142.98 102.36 -20.83
C LEU L 982 143.57 101.13 -20.17
N ILE L 983 144.87 101.19 -19.84
CA ILE L 983 145.66 99.97 -19.70
C ILE L 983 145.17 99.11 -18.53
N LEU L 984 144.60 99.73 -17.49
CA LEU L 984 144.15 98.95 -16.36
C LEU L 984 142.87 98.20 -16.70
N ASP L 985 141.88 98.89 -17.26
CA ASP L 985 140.74 98.18 -17.85
C ASP L 985 141.19 97.24 -18.96
N ASP L 986 142.10 97.70 -19.83
CA ASP L 986 142.43 96.96 -21.04
C ASP L 986 143.02 95.59 -20.72
N MET L 987 143.99 95.53 -19.80
CA MET L 987 144.65 94.26 -19.55
C MET L 987 143.69 93.24 -18.95
N ALA L 988 142.79 93.71 -18.07
CA ALA L 988 141.77 92.81 -17.55
C ALA L 988 140.81 92.39 -18.65
N SER L 989 140.39 93.34 -19.49
CA SER L 989 139.50 93.02 -20.60
C SER L 989 140.16 92.06 -21.57
N SER L 990 141.46 92.27 -21.84
CA SER L 990 142.15 91.45 -22.83
C SER L 990 142.37 90.03 -22.31
N THR L 991 142.95 89.89 -21.13
CA THR L 991 143.20 88.58 -20.53
C THR L 991 141.93 87.83 -20.14
N THR L 992 140.77 88.48 -20.17
CA THR L 992 139.51 87.75 -20.06
C THR L 992 139.23 86.96 -21.34
N PHE L 993 139.63 87.50 -22.50
CA PHE L 993 139.33 86.88 -23.78
C PHE L 993 140.46 85.97 -24.23
N ASP L 994 141.71 86.42 -24.07
CA ASP L 994 142.88 85.63 -24.44
C ASP L 994 143.03 84.43 -23.51
N GLN L 995 142.38 83.32 -23.84
CA GLN L 995 142.48 82.11 -23.03
C GLN L 995 142.42 80.88 -23.93
N LEU L 996 142.78 79.74 -23.33
CA LEU L 996 143.01 78.48 -24.05
C LEU L 996 141.79 77.99 -24.82
N LYS L 997 140.58 78.53 -24.50
CA LYS L 997 139.32 77.97 -25.00
C LYS L 997 138.58 78.88 -25.96
N TRP L 998 138.79 80.19 -25.89
CA TRP L 998 138.26 81.11 -26.89
C TRP L 998 139.07 80.98 -28.18
N GLU L 999 138.69 81.72 -29.23
CA GLU L 999 139.45 81.62 -30.48
C GLU L 999 140.93 81.98 -30.35
N PRO L 1000 141.40 82.75 -29.32
CA PRO L 1000 142.87 82.72 -29.06
C PRO L 1000 143.35 81.45 -28.34
N ILE L 1001 143.57 80.41 -29.13
CA ILE L 1001 143.90 79.08 -28.63
C ILE L 1001 145.37 79.03 -28.24
N GLY L 1002 145.69 78.21 -27.26
CA GLY L 1002 147.04 77.98 -26.80
C GLY L 1002 147.36 78.74 -25.54
N ASN L 1003 148.53 78.44 -24.97
CA ASN L 1003 148.93 79.02 -23.67
C ASN L 1003 149.34 80.47 -23.89
N TYR L 1004 148.40 81.38 -23.68
CA TYR L 1004 148.73 82.80 -23.78
C TYR L 1004 149.48 83.26 -22.54
N GLN L 1005 150.46 84.14 -22.76
CA GLN L 1005 151.20 84.77 -21.68
C GLN L 1005 151.41 86.24 -22.00
N ASP L 1006 151.91 86.98 -21.01
CA ASP L 1006 152.43 88.33 -21.28
C ASP L 1006 153.37 88.74 -20.16
N LEU L 1007 154.13 89.79 -20.43
CA LEU L 1007 154.78 90.60 -19.41
C LEU L 1007 154.41 92.05 -19.68
N ASP L 1008 154.43 92.87 -18.63
CA ASP L 1008 153.99 94.25 -18.72
C ASP L 1008 154.84 95.11 -17.80
N VAL L 1009 154.66 96.43 -17.92
CA VAL L 1009 155.49 97.43 -17.26
C VAL L 1009 154.61 98.36 -16.43
N LEU L 1010 155.14 98.82 -15.30
CA LEU L 1010 154.36 99.54 -14.30
C LEU L 1010 154.43 101.05 -14.56
N GLY L 1011 153.68 101.81 -13.74
CA GLY L 1011 153.65 103.25 -13.95
C GLY L 1011 152.67 103.66 -15.03
N LEU L 1012 151.65 102.85 -15.28
CA LEU L 1012 150.69 103.05 -16.38
C LEU L 1012 151.41 103.16 -17.72
N ALA L 1013 152.46 102.37 -17.90
CA ALA L 1013 153.12 102.30 -19.20
C ALA L 1013 152.27 101.51 -20.19
N ARG L 1014 152.39 101.86 -21.47
CA ARG L 1014 151.49 101.33 -22.49
C ARG L 1014 151.95 100.00 -23.07
N GLN L 1015 153.17 99.57 -22.76
CA GLN L 1015 153.82 98.50 -23.53
C GLN L 1015 153.67 97.17 -22.79
N VAL L 1016 152.50 96.55 -22.96
CA VAL L 1016 152.35 95.12 -22.75
C VAL L 1016 152.95 94.38 -23.95
N LYS L 1017 153.53 93.21 -23.70
CA LYS L 1017 154.07 92.35 -24.75
C LYS L 1017 153.43 90.96 -24.61
N LEU L 1018 152.81 90.49 -25.68
CA LEU L 1018 152.08 89.22 -25.68
C LEU L 1018 152.94 88.08 -26.21
N ARG L 1019 152.67 86.88 -25.66
CA ARG L 1019 153.19 85.62 -26.18
C ARG L 1019 152.07 84.58 -26.26
N ALA L 1020 152.18 83.70 -27.26
CA ALA L 1020 151.28 82.57 -27.46
C ALA L 1020 152.10 81.32 -27.77
N THR L 1021 151.81 80.23 -27.05
CA THR L 1021 152.46 78.92 -27.23
C THR L 1021 151.40 77.88 -27.54
N PHE L 1022 151.68 76.99 -28.49
CA PHE L 1022 150.74 75.95 -28.86
C PHE L 1022 151.45 74.67 -29.29
N GLU L 1023 150.72 73.56 -29.19
CA GLU L 1023 151.22 72.25 -29.57
C GLU L 1023 151.35 72.14 -31.08
N SER L 1024 152.54 71.74 -31.55
CA SER L 1024 152.82 71.60 -32.97
C SER L 1024 152.49 70.20 -33.48
N ASN L 1025 152.36 70.06 -34.80
CA ASN L 1025 152.10 68.76 -35.42
C ASN L 1025 152.63 68.77 -36.85
N ARG L 1026 152.49 67.61 -37.52
CA ARG L 1026 153.04 67.44 -38.87
C ARG L 1026 152.27 68.21 -39.93
N TYR L 1027 151.03 68.64 -39.66
CA TYR L 1027 150.19 69.30 -40.66
C TYR L 1027 150.20 70.81 -40.52
N ILE L 1028 151.22 71.38 -39.88
CA ILE L 1028 151.32 72.83 -39.82
C ILE L 1028 151.66 73.35 -41.22
N SER L 1029 151.06 74.48 -41.58
CA SER L 1029 151.25 75.01 -42.92
C SER L 1029 152.64 75.64 -43.03
N PRO L 1030 153.50 75.19 -43.97
CA PRO L 1030 154.79 75.90 -44.16
C PRO L 1030 154.61 77.36 -44.53
N LEU L 1031 153.61 77.68 -45.36
CA LEU L 1031 153.43 79.06 -45.80
C LEU L 1031 153.08 79.99 -44.64
N MET L 1032 152.42 79.48 -43.60
CA MET L 1032 152.14 80.34 -42.45
C MET L 1032 153.40 80.50 -41.60
N SER L 1033 154.21 79.45 -41.51
CA SER L 1033 155.45 79.52 -40.75
C SER L 1033 156.43 80.51 -41.35
N SER L 1034 156.58 80.48 -42.68
CA SER L 1034 157.54 81.36 -43.35
C SER L 1034 157.05 82.81 -43.38
N SER L 1035 155.75 83.02 -43.57
CA SER L 1035 155.24 84.37 -43.70
C SER L 1035 155.32 85.13 -42.37
N ASP L 1036 155.49 86.45 -42.48
CA ASP L 1036 155.48 87.33 -41.32
C ASP L 1036 154.04 87.51 -40.82
N LEU L 1037 153.82 87.23 -39.55
CA LEU L 1037 152.47 87.17 -38.99
C LEU L 1037 151.98 88.54 -38.52
N THR L 1038 150.67 88.65 -38.36
CA THR L 1038 150.02 89.72 -37.62
C THR L 1038 149.00 89.15 -36.66
N PHE L 1039 148.57 90.00 -35.72
CA PHE L 1039 147.60 89.59 -34.71
C PHE L 1039 146.23 89.29 -35.32
N THR L 1040 145.97 89.72 -36.56
CA THR L 1040 144.72 89.40 -37.24
C THR L 1040 144.85 88.26 -38.25
N THR L 1041 145.96 88.17 -38.99
CA THR L 1041 146.18 86.99 -39.81
C THR L 1041 146.28 85.74 -38.95
N PHE L 1042 147.10 85.80 -37.89
CA PHE L 1042 146.96 84.86 -36.79
C PHE L 1042 145.65 85.16 -36.07
N LEU L 1043 145.08 84.14 -35.42
CA LEU L 1043 143.81 84.24 -34.70
C LEU L 1043 142.63 84.49 -35.65
N THR L 1044 142.80 84.19 -36.93
CA THR L 1044 141.68 84.10 -37.86
C THR L 1044 140.96 82.77 -37.63
N GLU L 1045 139.64 82.80 -37.57
CA GLU L 1045 138.83 81.60 -37.38
C GLU L 1045 138.36 81.13 -38.76
N LEU L 1046 139.03 80.11 -39.29
CA LEU L 1046 138.71 79.59 -40.61
C LEU L 1046 137.48 78.68 -40.53
N THR L 1047 136.66 78.76 -41.58
CA THR L 1047 135.45 77.95 -41.70
C THR L 1047 135.32 77.39 -43.11
N GLY L 1048 134.66 76.24 -43.21
CA GLY L 1048 134.45 75.60 -44.50
C GLY L 1048 133.82 74.24 -44.32
N SER L 1049 133.15 73.78 -45.39
CA SER L 1049 132.28 72.61 -45.34
C SER L 1049 132.44 71.75 -46.58
N TYR L 1050 132.36 70.43 -46.40
CA TYR L 1050 132.25 69.51 -47.52
C TYR L 1050 130.77 69.18 -47.75
N VAL L 1051 130.34 69.21 -49.01
CA VAL L 1051 128.97 68.92 -49.40
C VAL L 1051 129.03 67.95 -50.56
N GLY L 1052 128.42 66.76 -50.39
CA GLY L 1052 128.39 65.77 -51.44
C GLY L 1052 127.13 65.86 -52.29
N ARG L 1053 127.22 65.35 -53.52
CA ARG L 1053 126.12 65.45 -54.47
C ARG L 1053 124.87 64.77 -53.93
N ALA L 1054 123.70 65.32 -54.26
CA ALA L 1054 122.47 64.75 -53.73
C ALA L 1054 122.26 63.36 -54.31
N ILE L 1055 121.87 62.41 -53.45
CA ILE L 1055 121.66 61.02 -53.84
C ILE L 1055 120.15 60.76 -53.84
N ASP L 1056 119.68 60.16 -54.92
CA ASP L 1056 118.27 59.84 -55.11
C ASP L 1056 118.04 58.42 -54.59
N MET L 1057 117.43 58.32 -53.40
CA MET L 1057 117.11 57.04 -52.78
C MET L 1057 115.63 56.69 -52.94
N THR L 1058 115.00 57.09 -54.05
CA THR L 1058 113.62 56.70 -54.31
C THR L 1058 113.45 55.19 -54.26
N GLU L 1059 114.24 54.48 -55.06
CA GLU L 1059 114.05 53.03 -55.17
C GLU L 1059 114.47 52.28 -53.91
N ALA L 1060 115.26 52.89 -53.03
CA ALA L 1060 115.67 52.30 -51.75
C ALA L 1060 115.32 53.25 -50.62
N PRO L 1061 114.06 53.26 -50.16
CA PRO L 1061 113.73 54.09 -49.01
C PRO L 1061 114.43 53.61 -47.74
N TYR L 1062 114.72 54.56 -46.85
CA TYR L 1062 115.41 54.28 -45.59
C TYR L 1062 114.79 55.09 -44.47
N ASN L 1063 115.02 54.61 -43.24
CA ASN L 1063 114.74 55.38 -42.03
C ASN L 1063 115.85 55.33 -41.00
N THR L 1064 116.96 54.62 -41.26
CA THR L 1064 118.11 54.58 -40.38
C THR L 1064 119.36 54.92 -41.18
N VAL L 1065 120.31 55.58 -40.52
CA VAL L 1065 121.54 56.07 -41.14
C VAL L 1065 122.68 55.70 -40.21
N ARG L 1066 123.75 55.15 -40.78
CA ARG L 1066 125.02 54.94 -40.09
C ARG L 1066 126.05 55.86 -40.73
N PHE L 1067 126.58 56.79 -39.93
CA PHE L 1067 127.50 57.83 -40.39
C PHE L 1067 128.86 57.59 -39.75
N SER L 1068 129.86 57.30 -40.59
CA SER L 1068 131.22 56.98 -40.18
C SER L 1068 132.21 57.90 -40.88
N TYR L 1069 133.18 58.42 -40.12
CA TYR L 1069 134.21 59.30 -40.67
C TYR L 1069 135.37 59.39 -39.69
N GLU L 1070 136.56 59.57 -40.25
CA GLU L 1070 137.78 59.76 -39.48
C GLU L 1070 138.15 61.24 -39.55
N ALA L 1071 138.49 61.80 -38.40
CA ALA L 1071 138.73 63.22 -38.20
C ALA L 1071 139.84 63.46 -37.20
N PHE L 1072 140.81 64.28 -37.59
CA PHE L 1072 141.89 64.74 -36.74
C PHE L 1072 141.49 66.11 -36.19
N LEU L 1073 141.36 66.23 -34.86
CA LEU L 1073 140.87 67.45 -34.23
C LEU L 1073 141.92 68.04 -33.30
N PRO L 1074 142.72 68.99 -33.76
CA PRO L 1074 143.54 69.78 -32.82
C PRO L 1074 142.67 70.60 -31.89
N LYS L 1075 143.29 71.12 -30.83
CA LYS L 1075 142.58 71.95 -29.86
C LYS L 1075 141.96 73.16 -30.55
N GLY L 1076 140.67 73.37 -30.31
CA GLY L 1076 139.97 74.49 -30.89
C GLY L 1076 139.37 74.24 -32.25
N THR L 1077 139.01 73.00 -32.58
CA THR L 1077 138.46 72.65 -33.88
C THR L 1077 137.23 71.78 -33.69
N LYS L 1078 136.40 71.70 -34.74
CA LYS L 1078 135.15 70.95 -34.65
C LYS L 1078 134.80 70.37 -36.01
N VAL L 1079 134.11 69.24 -35.97
CA VAL L 1079 133.63 68.57 -37.18
C VAL L 1079 132.21 68.08 -36.89
N VAL L 1080 131.22 68.85 -37.34
CA VAL L 1080 129.82 68.57 -37.07
C VAL L 1080 129.25 67.83 -38.28
N PRO L 1081 128.95 66.53 -38.18
CA PRO L 1081 128.24 65.87 -39.28
C PRO L 1081 126.83 66.38 -39.42
N LYS L 1082 126.32 66.32 -40.66
CA LYS L 1082 124.97 66.75 -40.96
C LYS L 1082 124.46 65.98 -42.17
N TYR L 1083 123.13 65.85 -42.26
CA TYR L 1083 122.49 65.21 -43.39
C TYR L 1083 121.19 65.94 -43.73
N SER L 1084 120.72 65.73 -44.96
CA SER L 1084 119.47 66.29 -45.45
C SER L 1084 118.71 65.24 -46.24
N ALA L 1085 117.37 65.25 -46.11
CA ALA L 1085 116.50 64.36 -46.87
C ALA L 1085 115.56 65.15 -47.77
N ASP L 1086 116.00 66.34 -48.21
CA ASP L 1086 115.17 67.22 -49.03
C ASP L 1086 116.04 68.10 -49.92
N ASP L 1087 117.14 67.54 -50.44
CA ASP L 1087 118.01 68.24 -51.38
C ASP L 1087 118.60 69.51 -50.76
N GLY L 1088 119.06 69.42 -49.52
CA GLY L 1088 119.68 70.55 -48.88
C GLY L 1088 118.78 71.73 -48.60
N LYS L 1089 117.45 71.55 -48.59
CA LYS L 1089 116.59 72.62 -48.11
C LYS L 1089 116.80 72.83 -46.62
N THR L 1090 116.76 71.76 -45.84
CA THR L 1090 116.96 71.76 -44.40
C THR L 1090 118.07 70.77 -44.04
N TRP L 1091 118.91 71.15 -43.08
CA TRP L 1091 119.99 70.28 -42.60
C TRP L 1091 119.71 69.85 -41.17
N LYS L 1092 119.67 68.54 -40.94
CA LYS L 1092 119.45 67.99 -39.60
C LYS L 1092 120.78 67.62 -38.95
N THR L 1093 120.71 67.32 -37.65
CA THR L 1093 121.86 66.93 -36.84
C THR L 1093 121.52 65.68 -36.04
N PHE L 1094 122.52 64.82 -35.85
CA PHE L 1094 122.31 63.61 -35.08
C PHE L 1094 122.24 63.95 -33.60
N THR L 1095 121.39 63.22 -32.87
CA THR L 1095 121.25 63.44 -31.44
C THR L 1095 122.27 62.61 -30.67
N LYS L 1096 122.49 61.37 -31.10
CA LYS L 1096 123.45 60.49 -30.45
C LYS L 1096 124.87 61.08 -30.45
N SER L 1097 125.66 60.68 -29.46
CA SER L 1097 127.08 61.01 -29.42
C SER L 1097 127.89 59.92 -30.15
N PRO L 1098 128.88 60.24 -30.98
CA PRO L 1098 129.57 59.17 -31.72
C PRO L 1098 130.42 58.29 -30.81
N THR L 1099 130.50 57.01 -31.16
CA THR L 1099 131.44 56.11 -30.52
C THR L 1099 132.79 56.24 -31.20
N THR L 1100 133.85 56.33 -30.41
CA THR L 1100 135.18 56.68 -30.89
C THR L 1100 136.07 55.44 -30.91
N THR L 1101 136.81 55.27 -32.00
CA THR L 1101 137.86 54.27 -32.11
C THR L 1101 139.09 54.92 -32.70
N ARG L 1102 140.22 54.79 -32.02
CA ARG L 1102 141.46 55.43 -32.45
C ARG L 1102 142.02 54.73 -33.70
N ALA L 1103 142.16 55.50 -34.78
CA ALA L 1103 142.83 55.02 -35.99
C ALA L 1103 144.35 55.02 -35.82
N ASN L 1104 144.95 56.20 -35.74
CA ASN L 1104 146.41 56.35 -35.63
C ASN L 1104 146.70 57.45 -34.61
N ASN L 1105 147.97 57.89 -34.56
CA ASN L 1105 148.37 58.89 -33.58
C ASN L 1105 147.57 60.18 -33.73
N GLU L 1106 147.24 60.56 -34.96
CA GLU L 1106 146.46 61.77 -35.23
C GLU L 1106 144.98 61.45 -35.30
N PHE L 1107 144.57 60.72 -36.34
CA PHE L 1107 143.16 60.58 -36.65
C PHE L 1107 142.45 59.68 -35.64
N THR L 1108 141.12 59.83 -35.59
CA THR L 1108 140.27 59.03 -34.74
C THR L 1108 138.96 58.80 -35.48
N ARG L 1109 138.44 57.59 -35.38
CA ARG L 1109 137.25 57.19 -36.12
C ARG L 1109 136.01 57.52 -35.30
N TYR L 1110 135.11 58.30 -35.89
CA TYR L 1110 133.83 58.64 -35.28
C TYR L 1110 132.72 57.96 -36.05
N VAL L 1111 131.85 57.26 -35.34
CA VAL L 1111 130.77 56.46 -35.93
C VAL L 1111 129.49 56.83 -35.21
N ILE L 1112 128.45 57.12 -35.99
CA ILE L 1112 127.11 57.38 -35.46
C ILE L 1112 126.18 56.39 -36.15
N ASP L 1113 125.36 55.72 -35.35
CA ASP L 1113 124.31 54.82 -35.83
C ASP L 1113 123.04 55.25 -35.11
N GLU L 1114 122.11 55.89 -35.85
CA GLU L 1114 120.91 56.47 -35.28
C GLU L 1114 119.73 56.26 -36.21
N LYS L 1115 118.57 55.94 -35.63
CA LYS L 1115 117.32 55.86 -36.37
C LYS L 1115 116.83 57.29 -36.60
N VAL L 1116 117.10 57.84 -37.78
CA VAL L 1116 116.83 59.25 -38.01
C VAL L 1116 115.32 59.52 -38.04
N LYS L 1117 114.52 58.59 -38.56
CA LYS L 1117 113.08 58.77 -38.68
C LYS L 1117 112.37 57.72 -37.83
N SER L 1118 111.48 58.17 -36.94
CA SER L 1118 110.81 57.21 -36.06
C SER L 1118 109.76 56.39 -36.81
N SER L 1119 109.08 56.98 -37.80
CA SER L 1119 108.05 56.29 -38.56
C SER L 1119 108.04 56.88 -39.96
N GLY L 1120 107.87 56.01 -40.95
CA GLY L 1120 108.01 56.38 -42.35
C GLY L 1120 109.43 56.11 -42.80
N THR L 1121 109.69 56.47 -44.06
CA THR L 1121 110.99 56.27 -44.69
C THR L 1121 111.32 57.47 -45.56
N ASN L 1122 112.58 57.91 -45.50
CA ASN L 1122 113.04 58.98 -46.36
C ASN L 1122 113.30 58.43 -47.75
N THR L 1123 113.46 59.33 -48.74
CA THR L 1123 113.78 58.92 -50.11
C THR L 1123 114.90 59.74 -50.73
N LYS L 1124 115.61 60.55 -49.96
CA LYS L 1124 116.70 61.38 -50.46
C LYS L 1124 117.80 61.41 -49.42
N LEU L 1125 119.04 61.55 -49.89
CA LEU L 1125 120.19 61.63 -49.01
C LEU L 1125 121.19 62.63 -49.56
N GLN L 1126 121.77 63.43 -48.66
CA GLN L 1126 122.85 64.34 -49.00
C GLN L 1126 123.72 64.50 -47.76
N VAL L 1127 125.00 64.18 -47.89
CA VAL L 1127 125.94 64.16 -46.76
C VAL L 1127 126.67 65.49 -46.71
N ARG L 1128 126.91 65.97 -45.50
CA ARG L 1128 127.62 67.21 -45.23
C ARG L 1128 128.55 67.03 -44.03
N LEU L 1129 129.66 67.76 -44.04
CA LEU L 1129 130.56 67.88 -42.91
C LEU L 1129 130.95 69.34 -42.73
N ASP L 1130 130.85 69.85 -41.50
CA ASP L 1130 131.15 71.25 -41.21
C ASP L 1130 132.45 71.37 -40.43
N LEU L 1131 133.44 72.02 -41.04
CA LEU L 1131 134.75 72.25 -40.44
C LEU L 1131 134.90 73.71 -40.04
N SER L 1132 135.53 73.94 -38.90
CA SER L 1132 135.77 75.30 -38.41
C SER L 1132 136.99 75.29 -37.51
N THR L 1133 137.72 76.42 -37.51
CA THR L 1133 138.93 76.58 -36.70
C THR L 1133 138.82 77.81 -35.82
N GLU L 1134 139.60 77.78 -34.73
CA GLU L 1134 139.77 78.95 -33.87
C GLU L 1134 140.89 79.87 -34.39
N ASN L 1135 142.01 79.32 -34.85
CA ASN L 1135 143.12 80.12 -35.38
C ASN L 1135 143.57 79.56 -36.73
N SER L 1136 144.54 80.24 -37.34
CA SER L 1136 144.99 79.85 -38.68
C SER L 1136 145.85 78.60 -38.65
N PHE L 1137 146.73 78.46 -37.65
CA PHE L 1137 147.73 77.39 -37.72
C PHE L 1137 147.11 76.02 -37.51
N LEU L 1138 146.17 75.90 -36.58
CA LEU L 1138 145.60 74.62 -36.20
C LEU L 1138 144.30 74.39 -36.96
N ARG L 1139 144.25 73.33 -37.76
CA ARG L 1139 143.10 73.06 -38.63
C ARG L 1139 142.71 71.59 -38.52
N PRO L 1140 141.44 71.25 -38.74
CA PRO L 1140 141.03 69.84 -38.75
C PRO L 1140 141.25 69.20 -40.12
N ARG L 1141 141.22 67.85 -40.11
CA ARG L 1141 141.45 67.10 -41.33
C ARG L 1141 140.58 65.84 -41.27
N VAL L 1142 139.90 65.54 -42.38
CA VAL L 1142 138.98 64.41 -42.45
C VAL L 1142 139.39 63.49 -43.58
N ARG L 1143 139.06 62.20 -43.44
CA ARG L 1143 139.37 61.21 -44.45
C ARG L 1143 138.48 59.99 -44.27
N ARG L 1144 138.33 59.24 -45.37
CA ARG L 1144 137.63 57.95 -45.39
C ARG L 1144 136.21 58.09 -44.85
N LEU L 1145 135.44 58.97 -45.52
CA LEU L 1145 134.05 59.20 -45.17
C LEU L 1145 133.17 58.11 -45.79
N MET L 1146 132.41 57.42 -44.96
CA MET L 1146 131.51 56.35 -45.39
C MET L 1146 130.17 56.51 -44.70
N VAL L 1147 129.11 56.54 -45.50
CA VAL L 1147 127.74 56.69 -45.01
C VAL L 1147 126.91 55.59 -45.65
N THR L 1148 126.19 54.84 -44.81
CA THR L 1148 125.29 53.78 -45.25
C THR L 1148 123.97 53.90 -44.53
N THR L 1149 122.88 53.64 -45.26
CA THR L 1149 121.54 53.72 -44.73
C THR L 1149 120.92 52.32 -44.65
N ARG L 1150 119.88 52.20 -43.83
CA ARG L 1150 119.14 50.96 -43.69
C ARG L 1150 117.66 51.29 -43.52
N ASP L 1151 116.84 50.26 -43.67
CA ASP L 1151 115.41 50.32 -43.41
C ASP L 1151 115.10 49.32 -42.29
N GLU L 1152 114.89 49.85 -41.08
CA GLU L 1152 114.60 49.03 -39.90
C GLU L 1152 113.36 49.51 -39.15
N ASN M 4 63.45 27.69 -13.82
CA ASN M 4 63.10 27.94 -12.39
C ASN M 4 62.94 26.61 -11.67
N PHE M 5 64.05 25.98 -11.29
CA PHE M 5 64.00 24.74 -10.52
C PHE M 5 63.98 24.95 -9.02
N LYS M 6 64.02 26.20 -8.55
CA LYS M 6 63.77 26.52 -7.17
C LYS M 6 62.28 26.56 -6.84
N GLY M 7 61.41 26.40 -7.84
CA GLY M 7 59.98 26.52 -7.63
C GLY M 7 59.41 25.42 -6.76
N SER M 8 58.10 25.50 -6.57
CA SER M 8 57.41 24.59 -5.66
C SER M 8 57.54 23.10 -6.02
N PRO M 9 57.39 22.66 -7.27
CA PRO M 9 57.39 21.20 -7.51
C PRO M 9 58.70 20.51 -7.17
N TYR M 10 59.84 21.16 -7.39
CA TYR M 10 61.15 20.54 -7.25
C TYR M 10 61.94 21.07 -6.07
N LEU M 11 61.98 22.40 -5.88
CA LEU M 11 62.66 23.01 -4.72
C LEU M 11 64.15 22.70 -4.72
N ASP M 12 64.77 22.74 -5.89
CA ASP M 12 66.21 22.51 -5.98
C ASP M 12 66.94 23.63 -5.24
N ARG M 13 67.81 23.25 -4.30
CA ARG M 13 68.50 24.21 -3.42
C ARG M 13 69.86 24.62 -3.95
N PHE M 14 70.15 24.36 -5.22
CA PHE M 14 71.47 24.64 -5.74
C PHE M 14 71.64 26.14 -5.98
N ASP M 15 72.80 26.66 -5.59
CA ASP M 15 73.13 28.06 -5.84
C ASP M 15 74.65 28.18 -5.84
N PRO M 16 75.29 28.72 -6.89
CA PRO M 16 76.77 28.65 -6.91
C PRO M 16 77.46 29.42 -5.81
N SER M 17 76.81 30.46 -5.25
CA SER M 17 77.49 31.30 -4.26
C SER M 17 77.83 30.51 -3.00
N LYS M 18 76.95 29.57 -2.62
CA LYS M 18 77.10 28.80 -1.39
C LYS M 18 78.38 27.97 -1.36
N ASP M 19 78.94 27.64 -2.53
CA ASP M 19 80.17 26.84 -2.62
C ASP M 19 80.01 25.46 -1.97
N ARG M 20 78.88 24.82 -2.24
CA ARG M 20 78.57 23.48 -1.72
C ARG M 20 78.67 22.49 -2.86
N THR M 21 79.55 21.50 -2.71
CA THR M 21 79.95 20.64 -3.83
C THR M 21 79.45 19.21 -3.73
N LYS M 22 78.89 18.79 -2.59
CA LYS M 22 78.50 17.39 -2.42
C LYS M 22 77.29 17.30 -1.51
N VAL M 23 76.41 16.33 -1.82
CA VAL M 23 75.29 15.98 -0.96
C VAL M 23 75.67 14.72 -0.20
N LEU M 24 75.76 14.81 1.13
CA LEU M 24 76.20 13.70 1.96
C LEU M 24 74.96 13.08 2.61
N PHE M 25 74.45 12.01 2.01
CA PHE M 25 73.27 11.36 2.53
C PHE M 25 73.59 10.65 3.85
N ASN M 26 72.57 10.48 4.68
CA ASN M 26 72.69 9.81 5.97
C ASN M 26 71.67 8.70 6.10
N PRO M 27 71.94 7.67 6.89
CA PRO M 27 71.00 6.55 6.99
C PRO M 27 69.80 6.89 7.86
N ASP M 28 68.69 6.22 7.55
CA ASP M 28 67.44 6.34 8.31
C ASP M 28 66.93 7.78 8.32
N ARG M 29 66.77 8.35 7.13
CA ARG M 29 66.27 9.70 6.99
C ARG M 29 65.44 9.79 5.70
N PRO M 30 64.62 10.82 5.55
CA PRO M 30 63.92 10.99 4.26
C PRO M 30 64.88 11.35 3.13
N LEU M 31 64.69 10.70 1.98
CA LEU M 31 65.38 11.05 0.75
C LEU M 31 64.58 12.13 0.02
N GLN M 32 64.90 13.39 0.33
CA GLN M 32 64.29 14.52 -0.37
C GLN M 32 64.60 14.47 -1.87
N GLN M 33 63.57 14.73 -2.69
CA GLN M 33 63.78 14.87 -4.12
C GLN M 33 64.62 16.09 -4.45
N ALA M 34 64.51 17.14 -3.64
CA ALA M 34 65.35 18.32 -3.83
C ALA M 34 66.84 17.97 -3.76
N GLU M 35 67.20 17.04 -2.87
CA GLU M 35 68.59 16.61 -2.75
C GLU M 35 69.05 15.90 -4.01
N LEU M 36 68.20 15.07 -4.62
CA LEU M 36 68.56 14.40 -5.86
C LEU M 36 68.76 15.43 -6.98
N ASN M 37 67.84 16.39 -7.06
CA ASN M 37 67.95 17.42 -8.08
C ASN M 37 69.26 18.19 -7.93
N GLU M 38 69.57 18.62 -6.70
CA GLU M 38 70.83 19.31 -6.44
C GLU M 38 72.03 18.41 -6.71
N MET M 39 71.89 17.11 -6.46
CA MET M 39 72.98 16.16 -6.67
C MET M 39 73.44 16.22 -8.12
N GLN M 40 72.48 16.21 -9.05
CA GLN M 40 72.90 16.30 -10.45
C GLN M 40 73.23 17.73 -10.87
N SER M 41 72.54 18.73 -10.27
CA SER M 41 72.75 20.12 -10.66
C SER M 41 74.19 20.55 -10.39
N ILE M 42 74.75 20.11 -9.26
CA ILE M 42 76.14 20.48 -8.94
C ILE M 42 77.08 19.98 -10.03
N ASP M 43 76.96 18.70 -10.38
CA ASP M 43 77.82 18.11 -11.39
C ASP M 43 77.69 18.82 -12.73
N GLN M 44 76.45 19.15 -13.12
CA GLN M 44 76.22 19.81 -14.40
C GLN M 44 76.78 21.23 -14.38
N TYR M 45 76.68 21.91 -13.23
CA TYR M 45 77.26 23.26 -13.13
C TYR M 45 78.77 23.21 -13.28
N TYR M 46 79.42 22.26 -12.60
CA TYR M 46 80.88 22.22 -12.69
C TYR M 46 81.34 21.74 -14.06
N LEU M 47 80.58 20.85 -14.71
CA LEU M 47 80.89 20.51 -16.10
C LEU M 47 80.75 21.72 -17.00
N LYS M 48 79.74 22.55 -16.76
CA LYS M 48 79.58 23.80 -17.49
C LYS M 48 80.79 24.71 -17.29
N ASN M 49 81.24 24.85 -16.04
CA ASN M 49 82.43 25.65 -15.77
C ASN M 49 83.65 25.10 -16.51
N LEU M 50 83.81 23.78 -16.53
CA LEU M 50 84.95 23.19 -17.21
C LEU M 50 84.87 23.42 -18.72
N GLY M 51 83.65 23.38 -19.28
CA GLY M 51 83.53 23.65 -20.70
C GLY M 51 83.67 25.12 -21.08
N ASP M 52 83.37 26.02 -20.14
CA ASP M 52 83.51 27.45 -20.41
C ASP M 52 84.95 27.92 -20.29
N ALA M 53 85.78 27.17 -19.58
CA ALA M 53 87.19 27.49 -19.42
C ALA M 53 87.99 27.19 -20.68
N ILE M 54 87.40 26.46 -21.64
CA ILE M 54 88.08 26.09 -22.88
C ILE M 54 87.35 26.64 -24.09
N PHE M 55 86.04 26.45 -24.14
CA PHE M 55 85.20 26.73 -25.30
C PHE M 55 84.34 27.98 -25.08
N LYS M 56 83.83 28.48 -26.19
CA LYS M 56 82.84 29.55 -26.25
C LYS M 56 81.55 29.00 -26.84
N ASP M 57 80.44 29.69 -26.55
CA ASP M 57 79.17 29.31 -27.12
C ASP M 57 79.20 29.48 -28.64
N GLY M 58 78.75 28.45 -29.35
CA GLY M 58 78.78 28.41 -30.79
C GLY M 58 80.07 27.94 -31.41
N ASP M 59 81.00 27.38 -30.64
CA ASP M 59 82.24 26.86 -31.17
C ASP M 59 81.99 25.53 -31.85
N LYS M 60 82.18 25.48 -33.17
CA LYS M 60 81.95 24.25 -33.91
C LYS M 60 83.13 23.31 -33.72
N GLN M 61 82.82 22.01 -33.66
CA GLN M 61 83.82 20.97 -33.45
C GLN M 61 83.94 20.02 -34.63
N SER M 62 82.83 19.60 -35.23
CA SER M 62 82.89 18.72 -36.39
C SER M 62 81.57 18.78 -37.14
N GLY M 63 81.66 18.51 -38.45
CA GLY M 63 80.48 18.51 -39.29
C GLY M 63 79.93 19.93 -39.45
N LEU M 64 78.61 20.05 -39.34
CA LEU M 64 77.91 21.34 -39.45
C LEU M 64 78.23 22.06 -40.76
N GLY M 65 78.44 21.31 -41.84
CA GLY M 65 78.66 21.93 -43.13
C GLY M 65 77.37 22.51 -43.67
N PHE M 66 77.37 23.80 -43.97
CA PHE M 66 76.16 24.49 -44.39
C PHE M 66 75.94 24.30 -45.88
N THR M 67 74.66 24.38 -46.27
CA THR M 67 74.25 24.36 -47.66
C THR M 67 73.28 25.52 -47.87
N LEU M 68 73.45 26.25 -48.96
CA LEU M 68 72.64 27.42 -49.31
C LEU M 68 72.06 27.23 -50.71
N SER M 69 70.74 27.40 -50.83
CA SER M 69 70.05 27.24 -52.11
C SER M 69 70.00 28.57 -52.86
N GLU M 70 69.60 28.50 -54.14
CA GLU M 70 69.39 29.70 -54.94
C GLU M 70 68.24 30.54 -54.43
N ASP M 71 67.36 29.96 -53.62
CA ASP M 71 66.31 30.70 -52.94
C ASP M 71 66.73 31.14 -51.53
N ASN M 72 68.04 31.24 -51.30
CA ASN M 72 68.59 31.73 -50.03
C ASN M 72 68.19 30.87 -48.83
N VAL M 73 67.70 29.66 -49.08
CA VAL M 73 67.32 28.75 -47.99
C VAL M 73 68.60 28.11 -47.47
N LEU M 74 68.82 28.23 -46.16
CA LEU M 74 70.05 27.76 -45.51
C LEU M 74 69.73 26.55 -44.64
N THR M 75 70.48 25.45 -44.88
CA THR M 75 70.37 24.23 -44.10
C THR M 75 71.75 23.91 -43.53
N VAL M 76 71.77 23.23 -42.37
CA VAL M 76 73.02 22.90 -41.69
C VAL M 76 73.06 21.38 -41.51
N ASN M 77 74.21 20.77 -41.81
CA ASN M 77 74.38 19.33 -41.64
C ASN M 77 74.50 18.97 -40.15
N PRO M 78 74.45 17.68 -39.82
CA PRO M 78 74.66 17.29 -38.41
C PRO M 78 76.09 17.52 -37.96
N GLY M 79 76.25 17.59 -36.63
CA GLY M 79 77.57 17.57 -36.05
C GLY M 79 77.55 18.14 -34.64
N TYR M 80 78.74 18.31 -34.07
CA TYR M 80 78.91 18.70 -32.67
C TYR M 80 79.17 20.19 -32.55
N VAL M 81 78.78 20.75 -31.40
CA VAL M 81 78.94 22.17 -31.13
C VAL M 81 78.78 22.40 -29.63
N TYR M 82 79.51 23.37 -29.10
CA TYR M 82 79.40 23.81 -27.71
C TYR M 82 78.47 25.02 -27.67
N ILE M 83 77.37 24.88 -26.92
CA ILE M 83 76.33 25.91 -26.87
C ILE M 83 76.22 26.40 -25.43
N ASN M 84 75.72 25.56 -24.52
CA ASN M 84 75.44 25.98 -23.14
C ASN M 84 75.98 24.92 -22.18
N GLY M 85 77.21 25.12 -21.71
CA GLY M 85 77.77 24.29 -20.65
C GLY M 85 77.93 22.83 -20.99
N LYS M 86 77.83 22.48 -22.27
CA LYS M 86 77.76 21.10 -22.73
C LYS M 86 78.06 21.07 -24.22
N ILE M 87 78.65 19.97 -24.69
CA ILE M 87 78.85 19.75 -26.11
C ILE M 87 77.70 18.86 -26.56
N ARG M 88 76.88 19.38 -27.45
CA ARG M 88 75.64 18.75 -27.89
C ARG M 88 75.77 18.30 -29.33
N TYR M 89 75.15 17.16 -29.65
CA TYR M 89 75.11 16.66 -31.02
C TYR M 89 73.87 17.21 -31.69
N TYR M 90 74.07 18.00 -32.75
CA TYR M 90 72.97 18.63 -33.47
C TYR M 90 72.54 17.75 -34.64
N ASP M 91 71.26 17.40 -34.66
CA ASP M 91 70.67 16.67 -35.78
C ASP M 91 69.23 17.10 -36.03
N ASN M 92 68.91 18.35 -35.71
CA ASN M 92 67.53 18.84 -35.81
C ASN M 92 67.02 18.88 -37.24
N ASP M 93 67.91 19.04 -38.22
CA ASP M 93 67.52 19.16 -39.62
C ASP M 93 66.65 20.40 -39.82
N ASP M 94 67.07 21.51 -39.22
CA ASP M 94 66.35 22.76 -39.29
C ASP M 94 66.85 23.61 -40.46
N SER M 95 66.00 24.51 -40.93
CA SER M 95 66.30 25.31 -42.11
C SER M 95 65.68 26.70 -41.94
N VAL M 96 66.46 27.73 -42.28
CA VAL M 96 66.01 29.11 -42.26
C VAL M 96 66.43 29.76 -43.57
N LYS M 97 65.65 30.75 -43.99
CA LYS M 97 65.92 31.50 -45.23
C LYS M 97 66.51 32.85 -44.86
N ILE M 98 67.69 33.15 -45.41
CA ILE M 98 68.36 34.42 -45.14
C ILE M 98 67.85 35.46 -46.11
N THR M 99 67.90 36.73 -45.67
CA THR M 99 67.43 37.82 -46.51
C THR M 99 68.33 38.02 -47.72
N GLY M 100 69.64 37.81 -47.55
CA GLY M 100 70.60 37.94 -48.62
C GLY M 100 71.30 39.28 -48.69
N VAL M 101 71.03 40.18 -47.74
CA VAL M 101 71.53 41.55 -47.76
C VAL M 101 72.07 41.90 -46.39
N GLY M 102 73.22 42.59 -46.36
CA GLY M 102 73.80 42.98 -45.10
C GLY M 102 74.38 41.80 -44.31
N LYS M 103 74.75 42.12 -43.07
CA LYS M 103 75.31 41.12 -42.18
C LYS M 103 74.22 40.19 -41.64
N GLU M 104 74.49 38.88 -41.69
CA GLU M 104 73.56 37.88 -41.19
C GLU M 104 74.34 36.80 -40.45
N THR M 105 73.97 36.57 -39.20
CA THR M 105 74.70 35.72 -38.26
C THR M 105 73.89 34.49 -37.92
N ILE M 106 74.12 33.37 -38.60
CA ILE M 106 73.35 32.17 -38.28
C ILE M 106 73.74 31.71 -36.88
N GLY M 107 72.75 31.30 -36.10
CA GLY M 107 73.00 30.81 -34.76
C GLY M 107 71.99 29.77 -34.35
N ILE M 108 72.34 29.04 -33.28
CA ILE M 108 71.51 27.97 -32.73
C ILE M 108 70.93 28.48 -31.41
N LYS M 109 69.63 28.31 -31.25
CA LYS M 109 68.92 28.62 -30.02
C LYS M 109 68.58 27.33 -29.30
N LEU M 110 68.59 27.38 -27.96
CA LEU M 110 68.37 26.22 -27.11
C LEU M 110 67.16 26.50 -26.24
N THR M 111 66.14 25.65 -26.38
CA THR M 111 64.83 25.86 -25.78
C THR M 111 64.56 24.76 -24.79
N GLU M 112 64.37 25.14 -23.53
CA GLU M 112 64.05 24.19 -22.47
C GLU M 112 62.55 23.92 -22.46
N ARG M 113 62.20 22.69 -22.15
CA ARG M 113 60.82 22.25 -22.09
C ARG M 113 60.71 21.09 -21.13
N ILE M 114 59.62 21.04 -20.37
CA ILE M 114 59.39 19.99 -19.38
C ILE M 114 58.56 18.91 -20.05
N VAL M 115 59.06 17.68 -20.02
CA VAL M 115 58.35 16.50 -20.50
C VAL M 115 57.87 15.72 -19.29
N THR M 116 56.59 15.33 -19.30
CA THR M 116 55.95 14.62 -18.18
C THR M 116 55.42 13.26 -18.61
N PRO M 117 55.09 12.36 -17.68
CA PRO M 117 54.50 11.08 -18.09
C PRO M 117 53.19 11.21 -18.87
N ASP M 118 52.42 12.29 -18.65
CA ASP M 118 51.20 12.50 -19.41
C ASP M 118 51.51 12.63 -20.90
N GLU M 119 52.58 13.35 -21.26
CA GLU M 119 52.92 13.49 -22.67
C GLU M 119 53.57 12.23 -23.22
N ASP M 120 54.67 11.81 -22.59
CA ASP M 120 55.46 10.65 -23.03
C ASP M 120 55.09 9.48 -22.11
N ALA M 121 54.30 8.54 -22.64
CA ALA M 121 53.83 7.42 -21.83
C ALA M 121 54.98 6.52 -21.37
N SER M 122 56.11 6.54 -22.06
CA SER M 122 57.20 5.63 -21.75
C SER M 122 57.92 5.99 -20.46
N LEU M 123 57.72 7.21 -19.94
CA LEU M 123 58.27 7.59 -18.64
C LEU M 123 57.54 6.94 -17.47
N LEU M 124 56.52 6.13 -17.71
CA LEU M 124 55.84 5.42 -16.65
C LEU M 124 56.65 4.20 -16.24
N ASP M 125 56.29 3.64 -15.08
CA ASP M 125 56.99 2.49 -14.52
C ASP M 125 57.04 1.32 -15.51
N GLN M 126 58.27 0.96 -15.92
CA GLN M 126 58.45 -0.08 -16.92
C GLN M 126 58.17 -1.48 -16.36
N THR M 127 58.38 -1.68 -15.05
CA THR M 127 58.12 -2.98 -14.46
C THR M 127 56.64 -3.36 -14.58
N SER M 128 55.75 -2.41 -14.24
CA SER M 128 54.32 -2.64 -14.34
C SER M 128 53.84 -2.52 -15.78
N GLY M 129 54.38 -1.55 -16.51
CA GLY M 129 54.02 -1.28 -17.88
C GLY M 129 52.58 -0.94 -18.20
N VAL M 130 51.78 -0.58 -17.19
CA VAL M 130 50.42 -0.10 -17.42
C VAL M 130 50.23 1.20 -16.65
N PRO M 131 49.24 2.03 -17.03
CA PRO M 131 48.90 3.17 -16.17
C PRO M 131 48.34 2.70 -14.84
N SER M 132 48.63 3.45 -13.78
CA SER M 132 48.21 3.06 -12.44
C SER M 132 48.50 4.21 -11.49
N TYR M 133 48.07 4.04 -10.23
CA TYR M 133 48.36 5.04 -9.20
C TYR M 133 49.85 5.15 -8.93
N PHE M 134 50.59 4.04 -9.05
CA PHE M 134 52.02 4.01 -8.77
C PHE M 134 52.86 4.14 -10.05
N SER M 135 52.23 4.42 -11.19
CA SER M 135 52.98 4.40 -12.45
C SER M 135 53.78 5.68 -12.67
N LYS M 136 53.23 6.82 -12.27
CA LYS M 136 53.91 8.09 -12.52
C LYS M 136 55.15 8.22 -11.65
N GLY M 137 56.13 8.96 -12.16
CA GLY M 137 57.27 9.36 -11.36
C GLY M 137 57.95 10.63 -11.80
N ALA M 138 59.27 10.60 -11.92
CA ALA M 138 60.04 11.81 -12.22
C ALA M 138 59.76 12.32 -13.63
N ASP M 139 59.89 13.63 -13.81
CA ASP M 139 59.77 14.25 -15.12
C ASP M 139 61.14 14.35 -15.79
N ARG M 140 61.15 14.87 -17.03
CA ARG M 140 62.36 14.99 -17.84
C ARG M 140 62.47 16.40 -18.41
N LEU M 141 63.69 16.94 -18.41
CA LEU M 141 64.00 18.24 -18.98
C LEU M 141 64.54 18.00 -20.38
N GLU M 142 63.77 18.42 -21.39
CA GLU M 142 64.13 18.29 -22.79
C GLU M 142 64.67 19.63 -23.30
N GLU M 143 65.77 19.58 -24.04
CA GLU M 143 66.44 20.77 -24.57
C GLU M 143 66.66 20.59 -26.07
N LYS M 144 65.65 20.97 -26.87
CA LYS M 144 65.75 20.91 -28.33
C LYS M 144 66.42 22.15 -28.90
N MET M 145 67.43 21.94 -29.74
CA MET M 145 68.06 23.00 -30.50
C MET M 145 67.25 23.37 -31.73
N SER M 146 67.26 24.66 -32.07
CA SER M 146 66.66 25.20 -33.29
C SER M 146 67.63 26.16 -33.95
N LEU M 147 67.36 26.49 -35.21
CA LEU M 147 68.20 27.39 -36.00
C LEU M 147 67.50 28.74 -36.16
N THR M 148 68.27 29.81 -36.04
CA THR M 148 67.80 31.19 -36.10
C THR M 148 68.46 31.90 -37.28
N VAL M 149 68.13 33.19 -37.43
CA VAL M 149 68.71 34.04 -38.47
C VAL M 149 69.55 35.17 -37.87
N ASN M 150 68.92 36.08 -37.11
CA ASN M 150 69.62 37.23 -36.53
C ASN M 150 69.34 37.40 -35.04
N ASP M 151 68.92 36.36 -34.34
CA ASP M 151 68.66 36.47 -32.91
C ASP M 151 69.98 36.72 -32.17
N PRO M 152 70.15 37.85 -31.45
CA PRO M 152 71.43 38.04 -30.75
C PRO M 152 71.62 37.09 -29.58
N THR M 153 70.55 36.60 -28.97
CA THR M 153 70.68 35.74 -27.81
C THR M 153 71.19 34.35 -28.17
N SER M 154 70.97 33.91 -29.41
CA SER M 154 71.43 32.60 -29.84
C SER M 154 72.95 32.58 -30.05
N ALA M 155 73.52 31.38 -29.96
CA ALA M 155 74.95 31.18 -30.17
C ALA M 155 75.28 31.18 -31.66
N THR M 156 76.07 32.16 -32.11
CA THR M 156 76.37 32.29 -33.52
C THR M 156 77.31 31.17 -33.95
N ILE M 157 77.01 30.57 -35.11
CA ILE M 157 77.85 29.50 -35.68
C ILE M 157 78.44 29.92 -37.03
N TYR M 158 77.72 30.78 -37.77
CA TYR M 158 78.18 31.26 -39.05
C TYR M 158 77.79 32.72 -39.19
N THR M 159 78.50 33.41 -40.08
CA THR M 159 78.25 34.80 -40.42
C THR M 159 78.33 34.99 -41.92
N PHE M 160 77.42 35.80 -42.47
CA PHE M 160 77.29 36.00 -43.91
C PHE M 160 77.20 37.49 -44.23
N MET M 161 77.77 37.85 -45.39
CA MET M 161 77.76 39.22 -45.90
C MET M 161 77.27 39.18 -47.34
N ASP M 162 76.03 39.65 -47.55
CA ASP M 162 75.38 39.63 -48.86
C ASP M 162 75.30 38.20 -49.41
N GLY M 163 74.96 37.26 -48.55
CA GLY M 163 74.83 35.88 -48.97
C GLY M 163 76.12 35.16 -49.24
N ASP M 164 77.25 35.71 -48.78
CA ASP M 164 78.57 35.11 -48.95
C ASP M 164 79.16 34.80 -47.59
N LEU M 165 79.91 33.70 -47.50
CA LEU M 165 80.47 33.30 -46.22
C LEU M 165 81.58 34.26 -45.82
N TYR M 166 81.63 34.59 -44.53
CA TYR M 166 82.50 35.66 -44.02
C TYR M 166 83.85 35.12 -43.55
N ILE M 167 83.84 34.16 -42.61
CA ILE M 167 85.04 33.55 -42.05
C ILE M 167 84.83 32.05 -42.00
N GLN M 168 85.88 31.30 -42.31
CA GLN M 168 85.88 29.84 -42.29
C GLN M 168 86.62 29.33 -41.05
N SER M 169 86.55 28.02 -40.85
CA SER M 169 87.26 27.35 -39.76
C SER M 169 87.34 25.87 -40.10
N THR M 170 88.51 25.44 -40.59
CA THR M 170 88.63 24.10 -41.15
C THR M 170 88.54 23.01 -40.08
N ASN M 171 88.88 23.32 -38.83
CA ASN M 171 88.96 22.33 -37.77
C ASN M 171 88.30 22.92 -36.53
N ALA M 172 88.43 22.21 -35.39
CA ALA M 172 87.72 22.60 -34.18
C ALA M 172 88.06 24.02 -33.73
N GLU M 173 87.05 24.72 -33.24
CA GLU M 173 87.17 26.09 -32.73
C GLU M 173 87.28 26.06 -31.22
N MET M 174 88.26 26.80 -30.67
CA MET M 174 88.47 26.87 -29.23
C MET M 174 88.88 28.30 -28.89
N ASP M 175 87.97 29.05 -28.28
CA ASP M 175 88.19 30.47 -28.10
C ASP M 175 89.34 30.75 -27.12
N LYS M 176 89.32 30.10 -25.96
CA LYS M 176 90.35 30.34 -24.96
C LYS M 176 91.71 29.86 -25.44
N ILE M 177 91.74 28.69 -26.09
CA ILE M 177 93.00 28.15 -26.62
C ILE M 177 93.58 29.12 -27.63
N ASN M 178 92.82 29.42 -28.69
CA ASN M 178 93.21 30.40 -29.71
C ASN M 178 93.65 31.72 -29.10
N LYS M 179 93.01 32.18 -28.02
CA LYS M 179 93.47 33.39 -27.36
C LYS M 179 94.87 33.23 -26.81
N VAL M 180 95.14 32.07 -26.17
CA VAL M 180 96.50 31.81 -25.70
C VAL M 180 97.47 31.79 -26.87
N LEU M 181 97.10 31.08 -27.94
CA LEU M 181 97.99 30.91 -29.09
C LEU M 181 98.28 32.22 -29.79
N ALA M 182 97.33 33.15 -29.78
CA ALA M 182 97.50 34.40 -30.50
C ALA M 182 98.61 35.24 -29.88
N GLU M 183 98.75 35.19 -28.55
CA GLU M 183 99.84 35.93 -27.90
C GLU M 183 101.19 35.42 -28.36
N ARG M 184 101.41 34.11 -28.27
CA ARG M 184 102.64 33.50 -28.75
C ARG M 184 102.91 33.85 -30.21
N THR M 185 101.88 33.76 -31.06
CA THR M 185 102.08 34.01 -32.48
C THR M 185 102.50 35.46 -32.70
N TYR M 186 101.79 36.40 -32.08
CA TYR M 186 102.11 37.81 -32.26
C TYR M 186 103.50 38.13 -31.70
N ASP M 187 103.83 37.55 -30.54
CA ASP M 187 105.12 37.84 -29.93
C ASP M 187 106.27 37.21 -30.69
N GLU M 188 106.01 36.15 -31.47
CA GLU M 188 107.06 35.50 -32.25
C GLU M 188 107.25 36.15 -33.61
N SER M 189 106.14 36.32 -34.34
CA SER M 189 106.17 36.74 -35.74
C SER M 189 105.31 37.96 -36.05
N GLY M 190 104.50 38.44 -35.11
CA GLY M 190 103.65 39.58 -35.40
C GLY M 190 102.59 39.24 -36.44
N SER M 191 102.02 40.28 -37.03
CA SER M 191 101.00 40.12 -38.07
C SER M 191 101.67 39.88 -39.42
N TYR M 192 101.06 39.03 -40.23
CA TYR M 192 101.59 38.72 -41.55
C TYR M 192 100.51 38.07 -42.39
N LYS M 193 100.68 38.17 -43.72
CA LYS M 193 99.77 37.56 -44.67
C LYS M 193 100.33 36.21 -45.11
N VAL M 194 99.44 35.25 -45.31
CA VAL M 194 99.82 33.94 -45.83
C VAL M 194 99.68 33.90 -47.34
N ASN M 195 98.49 34.21 -47.86
CA ASN M 195 98.27 34.15 -49.30
C ASN M 195 97.02 34.93 -49.64
N GLY M 196 96.96 35.41 -50.89
CA GLY M 196 95.76 36.05 -51.40
C GLY M 196 95.67 37.54 -51.12
N PHE M 197 94.45 38.07 -51.02
CA PHE M 197 94.19 39.47 -50.74
C PHE M 197 94.82 40.40 -51.78
N GLU M 198 94.63 40.07 -53.05
CA GLU M 198 95.04 40.92 -54.15
C GLU M 198 93.95 41.95 -54.44
N LEU M 199 94.36 43.16 -54.80
CA LEU M 199 93.41 44.24 -55.09
C LEU M 199 93.21 44.38 -56.59
N PHE M 200 91.94 44.49 -56.99
CA PHE M 200 91.54 44.63 -58.38
C PHE M 200 90.48 45.72 -58.47
N SER M 201 90.60 46.56 -59.49
CA SER M 201 89.65 47.63 -59.79
C SER M 201 88.67 47.16 -60.85
N GLU M 202 87.38 47.32 -60.57
CA GLU M 202 86.31 46.91 -61.47
C GLU M 202 85.46 48.06 -61.97
N GLY M 203 85.23 49.10 -61.16
CA GLY M 203 84.44 50.23 -61.62
C GLY M 203 82.96 49.96 -61.74
N ASN M 204 82.41 49.03 -60.94
CA ASN M 204 81.00 48.70 -61.03
C ASN M 204 80.15 49.93 -60.70
N ALA M 205 79.14 50.19 -61.53
CA ALA M 205 78.27 51.34 -61.34
C ALA M 205 77.17 51.00 -60.34
N GLU M 206 77.57 50.98 -59.06
CA GLU M 206 76.59 50.98 -57.97
C GLU M 206 76.24 52.40 -57.56
N ASP M 207 77.17 53.34 -57.73
CA ASP M 207 76.93 54.74 -57.44
C ASP M 207 77.95 55.56 -58.19
N ASP M 208 77.51 56.65 -58.82
CA ASP M 208 78.41 57.49 -59.61
C ASP M 208 79.48 58.15 -58.75
N ASP M 209 79.27 58.28 -57.44
CA ASP M 209 80.21 58.92 -56.54
C ASP M 209 81.08 57.91 -55.80
N HIS M 210 81.26 56.71 -56.34
CA HIS M 210 82.10 55.71 -55.71
C HIS M 210 82.77 54.87 -56.79
N VAL M 211 83.94 54.35 -56.47
CA VAL M 211 84.66 53.43 -57.34
C VAL M 211 84.77 52.10 -56.60
N SER M 212 84.24 51.05 -57.22
CA SER M 212 84.28 49.70 -56.69
C SER M 212 85.69 49.14 -56.73
N VAL M 213 86.05 48.39 -55.69
CA VAL M 213 87.33 47.68 -55.62
C VAL M 213 87.05 46.29 -55.06
N VAL M 214 87.72 45.29 -55.63
CA VAL M 214 87.58 43.90 -55.23
C VAL M 214 88.85 43.48 -54.51
N VAL M 215 88.69 42.77 -53.40
CA VAL M 215 89.80 42.20 -52.63
C VAL M 215 89.68 40.69 -52.74
N ASP M 216 90.73 40.04 -53.22
CA ASP M 216 90.65 38.61 -53.53
C ASP M 216 90.71 37.78 -52.25
N ALA M 217 90.14 36.58 -52.32
CA ALA M 217 90.14 35.66 -51.19
C ALA M 217 91.58 35.32 -50.79
N GLY M 218 91.77 35.02 -49.52
CA GLY M 218 93.10 34.93 -48.96
C GLY M 218 93.04 34.66 -47.48
N LYS M 219 94.21 34.35 -46.92
CA LYS M 219 94.37 33.96 -45.53
C LYS M 219 95.47 34.77 -44.88
N ALA M 220 95.26 35.14 -43.61
CA ALA M 220 96.25 35.92 -42.89
C ALA M 220 96.09 35.68 -41.40
N TYR M 221 97.13 36.07 -40.65
CA TYR M 221 97.15 36.00 -39.18
C TYR M 221 97.32 37.42 -38.66
N VAL M 222 96.26 37.98 -38.08
CA VAL M 222 96.24 39.35 -37.58
C VAL M 222 96.15 39.30 -36.06
N LYS M 223 97.12 39.92 -35.38
CA LYS M 223 97.21 39.89 -33.93
C LYS M 223 97.25 38.46 -33.39
N GLY M 224 97.79 37.54 -34.18
CA GLY M 224 97.85 36.14 -33.79
C GLY M 224 96.57 35.36 -33.98
N PHE M 225 95.53 35.95 -34.54
CA PHE M 225 94.27 35.27 -34.82
C PHE M 225 94.17 35.03 -36.33
N LYS M 226 93.89 33.79 -36.71
CA LYS M 226 93.79 33.47 -38.12
C LYS M 226 92.58 34.17 -38.73
N VAL M 227 92.72 34.61 -39.98
CA VAL M 227 91.64 35.29 -40.70
C VAL M 227 91.61 34.64 -42.08
N ASP M 228 90.76 33.62 -42.24
CA ASP M 228 90.59 32.90 -43.50
C ASP M 228 89.31 33.39 -44.18
N LYS M 229 89.44 33.93 -45.39
CA LYS M 229 88.30 34.39 -46.16
C LYS M 229 88.16 33.51 -47.40
N PRO M 230 87.07 32.76 -47.59
CA PRO M 230 87.03 31.86 -48.76
C PRO M 230 86.81 32.60 -50.07
N VAL M 231 86.02 33.68 -50.06
CA VAL M 231 85.62 34.38 -51.26
C VAL M 231 86.04 35.84 -51.18
N SER M 232 86.21 36.45 -52.35
CA SER M 232 86.59 37.85 -52.43
C SER M 232 85.54 38.75 -51.76
N THR M 233 85.99 39.92 -51.31
CA THR M 233 85.15 40.93 -50.68
C THR M 233 85.18 42.19 -51.52
N ARG M 234 84.02 42.79 -51.75
CA ARG M 234 83.88 44.01 -52.53
C ARG M 234 83.86 45.22 -51.61
N ILE M 235 84.58 46.28 -52.00
CA ILE M 235 84.59 47.52 -51.23
C ILE M 235 84.55 48.67 -52.21
N SER M 236 84.11 49.84 -51.73
CA SER M 236 83.95 51.01 -52.57
C SER M 236 84.59 52.22 -51.92
N VAL M 237 85.31 53.00 -52.71
CA VAL M 237 86.01 54.21 -52.25
C VAL M 237 85.26 55.44 -52.76
N PRO M 238 85.12 56.51 -51.98
CA PRO M 238 84.46 57.70 -52.55
C PRO M 238 85.38 58.46 -53.47
N LYS M 239 84.80 59.00 -54.53
CA LYS M 239 85.56 59.76 -55.51
C LYS M 239 86.13 61.04 -54.88
N SER M 240 87.25 61.50 -55.44
CA SER M 240 87.92 62.70 -54.92
C SER M 240 87.37 63.92 -55.65
N TYR M 241 86.78 64.84 -54.87
CA TYR M 241 86.24 66.10 -55.39
C TYR M 241 86.80 67.31 -54.67
N ASP M 242 87.81 67.15 -53.81
CA ASP M 242 88.40 68.29 -53.14
C ASP M 242 89.23 69.12 -54.11
N LEU M 243 89.11 70.43 -54.00
CA LEU M 243 89.66 71.37 -54.98
C LEU M 243 90.90 72.08 -54.44
N GLY M 244 91.87 72.28 -55.32
CA GLY M 244 93.03 73.12 -55.05
C GLY M 244 92.93 74.42 -55.84
N THR M 245 93.25 75.53 -55.18
CA THR M 245 93.10 76.86 -55.76
C THR M 245 94.47 77.34 -56.22
N ALA M 246 94.54 77.77 -57.48
CA ALA M 246 95.70 78.42 -58.07
C ALA M 246 95.34 79.87 -58.35
N GLU M 247 96.10 80.80 -57.76
CA GLU M 247 95.90 82.23 -57.90
C GLU M 247 97.18 82.92 -58.36
N ASN M 248 96.97 83.99 -59.14
CA ASN M 248 98.03 84.84 -59.69
C ASN M 248 98.98 84.03 -60.56
N GLU M 249 98.43 83.03 -61.28
CA GLU M 249 99.25 82.26 -62.21
C GLU M 249 99.61 83.14 -63.38
N SER M 250 100.87 83.52 -63.46
CA SER M 250 101.31 84.55 -64.37
C SER M 250 101.90 83.96 -65.66
N THR M 251 101.68 84.67 -66.77
CA THR M 251 102.24 84.31 -68.06
C THR M 251 102.32 85.59 -68.89
N ILE M 252 103.49 85.84 -69.49
CA ILE M 252 103.62 86.97 -70.40
C ILE M 252 102.84 86.67 -71.68
N PHE M 253 101.92 87.57 -72.02
CA PHE M 253 101.21 87.48 -73.29
C PHE M 253 102.12 87.90 -74.43
N ASN M 254 102.01 87.19 -75.56
CA ASN M 254 102.75 87.55 -76.78
C ASN M 254 101.74 87.76 -77.92
N LYS M 255 101.97 88.82 -78.69
CA LYS M 255 101.07 89.11 -79.81
C LYS M 255 101.11 88.00 -80.84
N SER M 256 102.29 87.44 -81.06
CA SER M 256 102.47 86.39 -82.06
C SER M 256 101.65 85.15 -81.74
N ASN M 257 101.62 84.75 -80.46
CA ASN M 257 100.95 83.54 -79.99
C ASN M 257 99.96 83.93 -78.89
N ASN M 258 98.67 83.79 -79.18
CA ASN M 258 97.63 84.25 -78.25
C ASN M 258 97.31 83.22 -77.18
N SER M 259 97.56 81.94 -77.44
CA SER M 259 97.27 80.89 -76.48
C SER M 259 98.25 80.88 -75.32
N ILE M 260 97.71 80.77 -74.10
CA ILE M 260 98.49 80.62 -72.88
C ILE M 260 98.00 79.39 -72.12
N SER M 261 98.95 78.57 -71.62
CA SER M 261 98.59 77.33 -70.98
C SER M 261 98.39 77.48 -69.48
N LEU M 262 97.65 76.53 -68.90
CA LEU M 262 97.39 76.46 -67.46
C LEU M 262 98.18 75.29 -66.89
N ALA M 263 98.89 75.54 -65.79
CA ALA M 263 99.82 74.55 -65.25
C ALA M 263 99.10 73.29 -64.78
N ASN M 264 98.15 73.47 -63.87
CA ASN M 264 97.40 72.33 -63.35
C ASN M 264 96.48 71.76 -64.41
N SER M 265 96.49 70.44 -64.56
CA SER M 265 95.74 69.80 -65.64
C SER M 265 94.24 69.72 -65.36
N PRO M 266 93.75 68.98 -64.36
CA PRO M 266 92.29 68.85 -64.22
C PRO M 266 91.65 70.15 -63.78
N VAL M 267 91.52 71.12 -64.70
CA VAL M 267 90.90 72.39 -64.37
C VAL M 267 89.39 72.19 -64.27
N LYS M 268 88.77 72.85 -63.29
CA LYS M 268 87.32 72.85 -63.10
C LYS M 268 86.68 74.10 -63.68
N GLU M 269 87.07 75.27 -63.20
CA GLU M 269 86.53 76.54 -63.66
C GLU M 269 87.59 77.61 -63.48
N ILE M 270 87.49 78.66 -64.30
CA ILE M 270 88.42 79.78 -64.25
C ILE M 270 87.72 80.89 -63.48
N ARG M 271 88.30 81.29 -62.34
CA ARG M 271 87.61 82.26 -61.49
C ARG M 271 87.68 83.65 -62.09
N ARG M 272 88.84 84.00 -62.65
CA ARG M 272 89.04 85.35 -63.18
C ARG M 272 90.23 85.32 -64.14
N VAL M 273 90.13 86.13 -65.18
CA VAL M 273 91.25 86.42 -66.09
C VAL M 273 91.29 87.93 -66.21
N THR M 274 92.48 88.50 -66.00
CA THR M 274 92.71 89.94 -65.96
C THR M 274 93.99 90.25 -66.72
N GLY M 275 94.02 91.44 -67.30
CA GLY M 275 95.07 91.77 -68.22
C GLY M 275 94.97 93.21 -68.68
N GLN M 276 96.13 93.84 -68.86
CA GLN M 276 96.15 95.26 -69.20
C GLN M 276 95.61 95.47 -70.61
N VAL M 277 94.68 96.42 -70.75
CA VAL M 277 94.02 96.71 -72.02
C VAL M 277 94.13 98.21 -72.28
N LEU M 278 94.31 98.59 -73.55
CA LEU M 278 94.39 99.99 -73.93
C LEU M 278 93.10 100.41 -74.62
N ILE M 279 92.45 101.44 -74.09
CA ILE M 279 91.29 102.06 -74.72
C ILE M 279 91.78 103.26 -75.51
N GLU M 280 91.31 103.37 -76.76
CA GLU M 280 91.65 104.46 -77.66
C GLU M 280 90.39 105.24 -78.01
N LYS M 281 90.46 106.56 -77.82
CA LYS M 281 89.42 107.50 -78.24
C LYS M 281 88.09 107.26 -77.52
N GLU M 282 88.13 107.41 -76.19
CA GLU M 282 86.93 107.30 -75.37
C GLU M 282 86.35 108.70 -75.19
N ARG M 283 85.05 108.83 -75.47
CA ARG M 283 84.40 110.15 -75.46
C ARG M 283 83.98 110.46 -74.04
N VAL M 284 84.42 111.61 -73.53
CA VAL M 284 84.17 112.02 -72.16
C VAL M 284 83.53 113.41 -72.20
N THR M 285 82.59 113.65 -71.29
CA THR M 285 81.89 114.92 -71.19
C THR M 285 82.52 115.73 -70.05
N ARG M 286 82.82 116.99 -70.33
CA ARG M 286 83.36 117.87 -69.30
C ARG M 286 82.27 118.23 -68.30
N GLY M 287 82.55 118.03 -67.02
CA GLY M 287 81.62 118.39 -65.98
C GLY M 287 81.34 119.89 -65.95
N ALA M 288 80.28 120.25 -65.22
CA ALA M 288 79.94 121.65 -65.05
C ALA M 288 80.93 122.37 -64.16
N GLN M 289 81.36 121.73 -63.07
CA GLN M 289 82.26 122.38 -62.13
C GLN M 289 83.62 122.59 -62.78
N GLY M 290 84.19 123.78 -62.57
CA GLY M 290 85.52 124.06 -63.08
C GLY M 290 86.59 123.45 -62.18
N ASP M 291 87.63 122.93 -62.81
CA ASP M 291 88.76 122.29 -62.12
C ASP M 291 88.30 121.08 -61.31
N GLY M 292 87.28 120.39 -61.82
CA GLY M 292 86.64 119.28 -61.14
C GLY M 292 87.23 117.95 -61.54
N GLN M 293 86.40 116.90 -61.45
CA GLN M 293 86.79 115.54 -61.80
C GLN M 293 85.72 114.91 -62.68
N ASP M 294 86.14 114.32 -63.79
CA ASP M 294 85.26 113.60 -64.71
C ASP M 294 85.58 112.12 -64.65
N PHE M 295 84.55 111.30 -64.43
CA PHE M 295 84.75 109.87 -64.18
C PHE M 295 84.97 109.10 -65.48
N LEU M 296 85.94 108.20 -65.48
CA LEU M 296 86.17 107.35 -66.64
C LEU M 296 85.20 106.18 -66.63
N SER M 297 84.99 105.61 -67.83
CA SER M 297 84.09 104.46 -67.95
C SER M 297 84.55 103.29 -67.08
N ASN M 298 85.86 103.07 -67.00
CA ASN M 298 86.44 102.01 -66.20
C ASN M 298 87.12 102.60 -64.98
N ASN M 299 86.96 101.96 -63.81
CA ASN M 299 87.56 102.47 -62.59
C ASN M 299 88.89 101.83 -62.23
N THR M 300 89.49 101.03 -63.12
CA THR M 300 90.77 100.38 -62.85
C THR M 300 91.92 101.00 -63.64
N ALA M 301 91.72 102.18 -64.23
CA ALA M 301 92.77 102.83 -65.01
C ALA M 301 94.01 103.10 -64.15
N PHE M 302 95.16 103.21 -64.84
CA PHE M 302 96.41 103.57 -64.17
C PHE M 302 97.32 104.49 -64.96
N GLU M 303 97.15 104.63 -66.26
CA GLU M 303 97.96 105.53 -67.06
C GLU M 303 97.11 106.21 -68.10
N ILE M 304 97.31 107.52 -68.27
CA ILE M 304 96.66 108.28 -69.32
C ILE M 304 97.65 108.50 -70.46
N VAL M 305 97.22 108.15 -71.66
CA VAL M 305 98.05 108.21 -72.86
C VAL M 305 97.90 109.54 -73.57
N LYS M 306 96.66 109.92 -73.88
CA LYS M 306 96.40 111.08 -74.73
C LYS M 306 95.04 111.66 -74.38
N VAL M 307 95.00 112.98 -74.24
CA VAL M 307 93.76 113.72 -74.04
C VAL M 307 93.71 114.82 -75.11
N TRP M 308 92.64 114.85 -75.90
CA TRP M 308 92.61 115.75 -77.05
C TRP M 308 91.18 115.89 -77.57
N THR M 309 90.90 117.03 -78.19
CA THR M 309 89.61 117.32 -78.80
C THR M 309 89.72 117.30 -80.33
N GLU M 310 88.61 116.97 -81.00
CA GLU M 310 88.55 116.98 -82.46
C GLU M 310 87.24 117.58 -82.95
N THR M 311 87.33 118.42 -83.98
CA THR M 311 86.14 118.92 -84.68
C THR M 311 85.76 118.06 -85.88
N SER M 312 86.70 117.33 -86.45
CA SER M 312 86.50 116.43 -87.58
C SER M 312 87.38 115.22 -87.37
N PRO M 313 87.10 114.11 -88.06
CA PRO M 313 87.85 112.88 -87.77
C PRO M 313 89.32 113.01 -88.18
N GLY M 314 90.21 112.80 -87.22
CA GLY M 314 91.64 112.83 -87.45
C GLY M 314 92.31 114.16 -87.28
N VAL M 315 91.57 115.24 -87.07
CA VAL M 315 92.12 116.59 -86.92
C VAL M 315 92.12 116.91 -85.44
N THR M 316 93.32 117.07 -84.86
CA THR M 316 93.45 117.36 -83.44
C THR M 316 93.37 118.87 -83.27
N THR M 317 92.26 119.35 -82.70
CA THR M 317 92.15 120.77 -82.41
C THR M 317 93.15 121.19 -81.33
N LYS M 318 93.20 120.46 -80.21
CA LYS M 318 94.13 120.79 -79.14
C LYS M 318 94.44 119.52 -78.34
N GLU M 319 95.72 119.35 -78.02
CA GLU M 319 96.19 118.27 -77.16
C GLU M 319 96.60 118.86 -75.81
N TYR M 320 96.02 118.33 -74.73
CA TYR M 320 96.33 118.80 -73.38
C TYR M 320 97.53 118.05 -72.82
N LYS M 321 98.49 118.80 -72.30
CA LYS M 321 99.69 118.23 -71.69
C LYS M 321 99.39 117.72 -70.28
N GLN M 322 99.77 116.47 -70.01
CA GLN M 322 99.58 115.90 -68.69
C GLN M 322 100.58 116.50 -67.70
N GLY M 323 100.16 116.61 -66.44
CA GLY M 323 100.99 117.09 -65.36
C GLY M 323 100.83 118.57 -65.07
N GLU M 324 100.45 119.37 -66.06
CA GLU M 324 100.14 120.78 -65.84
C GLU M 324 98.72 121.14 -66.24
N ASP M 325 98.12 120.44 -67.19
CA ASP M 325 96.71 120.62 -67.54
C ASP M 325 95.80 119.72 -66.72
N PHE M 326 96.19 118.46 -66.54
CA PHE M 326 95.37 117.46 -65.87
C PHE M 326 96.29 116.42 -65.23
N ARG M 327 95.68 115.55 -64.42
CA ARG M 327 96.41 114.44 -63.84
C ARG M 327 95.44 113.31 -63.52
N LEU M 328 95.98 112.09 -63.45
CA LEU M 328 95.21 110.94 -63.02
C LEU M 328 95.08 110.96 -61.50
N THR M 329 93.84 110.84 -61.01
CA THR M 329 93.52 110.85 -59.58
C THR M 329 92.76 109.57 -59.26
N ASP M 330 93.29 108.77 -58.33
CA ASP M 330 92.66 107.57 -57.79
C ASP M 330 92.41 106.50 -58.86
N GLY M 331 93.05 106.62 -60.02
CA GLY M 331 92.82 105.68 -61.09
C GLY M 331 91.38 105.60 -61.54
N GLN M 332 90.63 106.71 -61.42
CA GLN M 332 89.22 106.76 -61.81
C GLN M 332 88.85 108.02 -62.58
N THR M 333 89.49 109.15 -62.35
CA THR M 333 89.04 110.44 -62.87
C THR M 333 90.17 111.19 -63.54
N ILE M 334 89.80 112.00 -64.54
CA ILE M 334 90.70 113.01 -65.11
C ILE M 334 90.47 114.28 -64.29
N ASP M 335 91.44 114.60 -63.44
CA ASP M 335 91.33 115.74 -62.54
C ASP M 335 91.96 116.95 -63.21
N TRP M 336 91.18 118.03 -63.34
CA TRP M 336 91.64 119.28 -63.94
C TRP M 336 92.00 120.31 -62.88
N SER M 337 92.39 119.86 -61.68
CA SER M 337 92.85 120.82 -60.68
C SER M 337 94.18 121.51 -61.01
N PRO M 338 95.09 120.95 -61.82
CA PRO M 338 96.26 121.73 -62.21
C PRO M 338 95.90 123.05 -62.89
N GLN M 339 96.88 123.95 -62.89
CA GLN M 339 96.69 125.31 -63.37
C GLN M 339 96.40 125.36 -64.87
N GLY M 340 96.92 124.42 -65.63
CA GLY M 340 96.91 124.51 -67.07
C GLY M 340 95.51 124.42 -67.66
N GLN M 341 95.46 124.43 -68.99
CA GLN M 341 94.21 124.59 -69.71
C GLN M 341 93.27 123.42 -69.46
N GLU M 342 91.99 123.64 -69.77
CA GLU M 342 90.97 122.60 -69.63
C GLU M 342 89.83 122.93 -70.59
N PRO M 343 89.05 121.94 -71.04
CA PRO M 343 87.90 122.26 -71.90
C PRO M 343 86.87 123.10 -71.16
N SER M 344 86.02 123.77 -71.93
CA SER M 344 84.92 124.53 -71.36
C SER M 344 83.89 123.56 -70.78
N GLY M 345 83.13 124.06 -69.80
CA GLY M 345 82.12 123.23 -69.17
C GLY M 345 81.04 122.82 -70.16
N GLY M 346 80.67 121.54 -70.10
CA GLY M 346 79.63 120.97 -70.94
C GLY M 346 80.08 120.54 -72.32
N THR M 347 81.37 120.65 -72.64
CA THR M 347 81.93 120.18 -73.89
C THR M 347 82.51 118.79 -73.71
N SER M 348 82.77 118.14 -74.85
CA SER M 348 83.13 116.73 -74.88
C SER M 348 84.56 116.62 -75.39
N TYR M 349 85.31 115.68 -74.85
CA TYR M 349 86.71 115.52 -75.24
C TYR M 349 87.09 114.05 -75.15
N TYR M 350 88.09 113.68 -75.94
CA TYR M 350 88.56 112.30 -75.99
C TYR M 350 89.68 112.05 -74.99
N VAL M 351 89.70 110.81 -74.46
CA VAL M 351 90.70 110.34 -73.52
C VAL M 351 91.16 108.96 -73.98
N SER M 352 92.47 108.70 -73.82
CA SER M 352 93.07 107.40 -74.06
C SER M 352 93.84 106.97 -72.83
N TYR M 353 93.61 105.74 -72.38
CA TYR M 353 94.17 105.29 -71.11
C TYR M 353 94.28 103.77 -71.09
N LYS M 354 95.05 103.27 -70.12
CA LYS M 354 95.29 101.84 -69.92
C LYS M 354 94.67 101.40 -68.61
N TYR M 355 94.04 100.22 -68.60
CA TYR M 355 93.41 99.69 -67.40
C TYR M 355 93.39 98.17 -67.44
N ASN M 356 93.21 97.56 -66.27
CA ASN M 356 93.16 96.10 -66.15
C ASN M 356 91.72 95.63 -66.30
N LYS M 357 91.42 95.03 -67.45
CA LYS M 357 90.08 94.56 -67.75
C LYS M 357 89.91 93.12 -67.27
N ARG M 358 88.77 92.84 -66.63
CA ARG M 358 88.41 91.48 -66.24
C ARG M 358 87.80 90.78 -67.45
N MET M 359 88.56 89.89 -68.08
CA MET M 359 88.12 89.28 -69.32
C MET M 359 86.95 88.32 -69.10
N GLU M 360 86.01 88.34 -70.04
CA GLU M 360 84.78 87.55 -69.98
C GLU M 360 84.87 86.37 -70.92
N ALA M 361 84.60 85.18 -70.38
CA ALA M 361 84.57 83.96 -71.19
C ALA M 361 83.58 84.08 -72.34
N GLY M 362 84.00 83.64 -73.51
CA GLY M 362 83.14 83.62 -74.68
C GLY M 362 82.94 84.97 -75.34
N LYS M 363 83.59 86.03 -74.85
CA LYS M 363 83.50 87.35 -75.46
C LYS M 363 84.92 87.86 -75.70
N ASP M 364 85.74 87.83 -74.65
CA ASP M 364 87.15 88.22 -74.74
C ASP M 364 88.07 87.05 -75.03
N TYR M 365 87.75 85.85 -74.55
CA TYR M 365 88.56 84.68 -74.81
C TYR M 365 87.65 83.45 -74.90
N GLU M 366 88.21 82.35 -75.43
CA GLU M 366 87.57 81.04 -75.36
C GLU M 366 88.53 80.05 -74.73
N VAL M 367 87.97 79.14 -73.97
CA VAL M 367 88.71 78.03 -73.37
C VAL M 367 88.60 76.82 -74.30
N THR M 368 89.72 76.10 -74.48
CA THR M 368 89.76 74.88 -75.28
C THR M 368 90.60 73.84 -74.54
N THR M 369 90.79 72.68 -75.18
CA THR M 369 91.66 71.64 -74.64
C THR M 369 92.22 70.80 -75.78
N GLN M 370 93.36 70.17 -75.54
CA GLN M 370 94.06 69.34 -76.52
C GLN M 370 94.09 67.87 -76.15
N GLY M 371 94.71 67.52 -75.01
CA GLY M 371 94.99 66.13 -74.67
C GLY M 371 93.80 65.45 -74.02
N GLU M 372 94.08 64.29 -73.43
CA GLU M 372 93.08 63.53 -72.69
C GLU M 372 93.73 62.94 -71.44
N GLY M 373 92.91 62.62 -70.44
CA GLY M 373 93.47 61.99 -69.26
C GLY M 373 94.35 62.93 -68.46
N LEU M 374 95.40 62.37 -67.85
CA LEU M 374 96.29 63.17 -67.04
C LEU M 374 97.14 64.16 -67.84
N SER M 375 97.27 63.93 -69.14
CA SER M 375 98.01 64.83 -70.03
C SER M 375 97.11 65.87 -70.67
N LYS M 376 95.87 66.00 -70.21
CA LYS M 376 94.97 66.99 -70.79
C LYS M 376 95.32 68.37 -70.27
N LYS M 377 95.22 69.37 -71.14
CA LYS M 377 95.67 70.73 -70.85
C LYS M 377 94.57 71.71 -71.21
N TRP M 378 94.49 72.80 -70.45
CA TRP M 378 93.53 73.88 -70.68
C TRP M 378 94.27 75.13 -71.13
N TYR M 379 93.68 75.82 -72.12
CA TYR M 379 94.31 76.98 -72.74
C TYR M 379 93.33 78.13 -72.87
N ILE M 380 93.83 79.34 -72.63
CA ILE M 380 93.11 80.59 -72.87
C ILE M 380 93.62 81.15 -74.19
N ASN M 381 92.73 81.21 -75.20
CA ASN M 381 93.14 81.48 -76.57
C ASN M 381 93.07 82.94 -76.98
N PHE M 382 92.16 83.74 -76.41
CA PHE M 382 91.92 85.11 -76.87
C PHE M 382 91.60 85.13 -78.37
N THR M 383 90.73 84.19 -78.78
CA THR M 383 90.43 84.03 -80.21
C THR M 383 89.52 85.13 -80.76
N PRO M 384 88.42 85.52 -80.11
CA PRO M 384 87.44 86.38 -80.78
C PRO M 384 88.02 87.73 -81.22
N SER M 385 87.64 88.16 -82.43
CA SER M 385 88.24 89.35 -83.01
C SER M 385 87.84 90.60 -82.24
N ASN M 386 86.54 90.80 -82.03
CA ASN M 386 86.06 91.97 -81.31
C ASN M 386 86.46 91.96 -79.84
N GLY M 387 86.83 90.80 -79.29
CA GLY M 387 87.16 90.73 -77.88
C GLY M 387 88.45 91.48 -77.57
N ALA M 388 88.42 92.23 -76.47
CA ALA M 388 89.62 92.90 -75.99
C ALA M 388 90.74 91.90 -75.72
N LYS M 389 91.96 92.24 -76.16
CA LYS M 389 93.16 91.44 -76.00
C LYS M 389 94.18 92.14 -75.10
N PRO M 390 95.04 91.42 -74.37
CA PRO M 390 96.00 92.11 -73.49
C PRO M 390 97.01 92.90 -74.31
N ILE M 391 97.61 93.90 -73.67
CA ILE M 391 98.65 94.68 -74.33
C ILE M 391 99.86 93.76 -74.54
N ASP M 392 100.57 93.95 -75.65
CA ASP M 392 101.69 93.07 -75.97
C ASP M 392 102.80 93.20 -74.94
N GLN M 393 103.37 92.05 -74.56
CA GLN M 393 104.48 91.97 -73.62
C GLN M 393 104.06 92.46 -72.23
N THR M 394 102.85 92.08 -71.81
CA THR M 394 102.35 92.35 -70.46
C THR M 394 101.99 91.03 -69.80
N VAL M 395 101.80 91.10 -68.48
CA VAL M 395 101.49 89.93 -67.67
C VAL M 395 99.98 89.71 -67.65
N VAL M 396 99.59 88.45 -67.78
CA VAL M 396 98.19 88.02 -67.69
C VAL M 396 98.09 87.09 -66.49
N LEU M 397 97.18 87.43 -65.57
CA LEU M 397 96.96 86.65 -64.34
C LEU M 397 95.66 85.88 -64.46
N VAL M 398 95.71 84.60 -64.08
CA VAL M 398 94.57 83.69 -64.17
C VAL M 398 94.37 83.06 -62.80
N ASP M 399 93.13 83.07 -62.32
CA ASP M 399 92.73 82.39 -61.10
C ASP M 399 91.74 81.30 -61.45
N TYR M 400 92.00 80.09 -60.97
CA TYR M 400 91.17 78.95 -61.33
C TYR M 400 91.33 77.86 -60.28
N THR M 401 90.38 76.93 -60.27
CA THR M 401 90.37 75.79 -59.37
C THR M 401 90.49 74.49 -60.16
N TYR M 402 91.03 73.47 -59.50
CA TYR M 402 91.36 72.19 -60.10
C TYR M 402 91.17 71.07 -59.08
N TYR M 403 90.79 69.90 -59.58
CA TYR M 403 90.55 68.75 -58.72
C TYR M 403 91.87 68.21 -58.17
N LEU M 404 91.82 67.67 -56.95
CA LEU M 404 92.95 67.04 -56.30
C LEU M 404 92.74 65.54 -56.20
N ALA M 405 93.85 64.81 -56.24
CA ALA M 405 93.87 63.37 -56.12
C ALA M 405 93.94 62.97 -54.66
N ARG M 406 93.58 61.73 -54.37
CA ARG M 406 93.63 61.19 -53.02
C ARG M 406 94.12 59.74 -53.07
N LYS M 407 94.92 59.36 -52.08
CA LYS M 407 95.55 58.04 -52.01
C LYS M 407 95.19 57.41 -50.66
N ASP M 408 94.47 56.29 -50.71
CA ASP M 408 93.96 55.61 -49.53
C ASP M 408 94.63 54.25 -49.33
N SER M 409 94.64 53.82 -48.08
CA SER M 409 95.23 52.57 -47.63
C SER M 409 94.12 51.59 -47.28
N VAL M 410 94.35 50.31 -47.55
CA VAL M 410 93.41 49.24 -47.24
C VAL M 410 93.94 48.44 -46.07
N PHE M 411 93.04 48.06 -45.15
CA PHE M 411 93.41 47.36 -43.92
C PHE M 411 92.42 46.24 -43.65
N ILE M 412 92.84 45.31 -42.80
CA ILE M 412 92.02 44.20 -42.33
C ILE M 412 92.36 43.95 -40.88
N ASN M 413 91.33 43.77 -40.04
CA ASN M 413 91.49 43.58 -38.61
C ASN M 413 91.29 42.11 -38.25
N LYS M 414 91.53 41.78 -36.98
CA LYS M 414 91.45 40.39 -36.52
C LYS M 414 90.03 39.84 -36.67
N TYR M 415 89.01 40.69 -36.70
CA TYR M 415 87.64 40.27 -36.96
C TYR M 415 87.30 40.16 -38.44
N GLY M 416 88.30 40.16 -39.32
CA GLY M 416 88.05 40.00 -40.74
C GLY M 416 87.23 41.10 -41.36
N ASP M 417 87.24 42.30 -40.79
CA ASP M 417 86.53 43.45 -41.35
C ASP M 417 87.51 44.25 -42.21
N ILE M 418 87.21 44.34 -43.50
CA ILE M 418 88.03 45.08 -44.44
C ILE M 418 87.55 46.53 -44.47
N ALA M 419 88.44 47.48 -44.19
CA ALA M 419 88.06 48.89 -44.24
C ALA M 419 89.22 49.74 -44.74
N ILE M 420 88.88 50.97 -45.10
CA ILE M 420 89.81 51.93 -45.70
C ILE M 420 89.87 53.16 -44.82
N LEU M 421 91.09 53.71 -44.68
CA LEU M 421 91.29 55.02 -44.06
C LEU M 421 91.55 56.04 -45.16
N PRO M 422 90.79 57.14 -45.28
CA PRO M 422 91.08 58.10 -46.36
C PRO M 422 92.33 58.89 -46.07
N GLY M 423 93.09 59.17 -47.14
CA GLY M 423 94.29 59.98 -47.04
C GLY M 423 94.00 61.45 -47.23
N GLU M 424 95.06 62.25 -47.13
CA GLU M 424 94.93 63.69 -47.32
C GLU M 424 94.89 64.00 -48.83
N PRO M 425 93.89 64.74 -49.34
CA PRO M 425 93.90 65.03 -50.78
C PRO M 425 95.08 65.92 -51.16
N ASN M 426 95.66 65.64 -52.32
CA ASN M 426 96.80 66.41 -52.82
C ASN M 426 96.97 66.13 -54.30
N ILE M 427 97.76 66.98 -54.96
CA ILE M 427 98.03 66.81 -56.38
C ILE M 427 98.74 65.45 -56.59
N MET M 428 98.58 64.89 -57.79
CA MET M 428 99.04 63.53 -58.07
C MET M 428 100.55 63.39 -57.89
N ARG M 429 101.31 64.47 -58.06
CA ARG M 429 102.75 64.38 -57.87
C ARG M 429 103.10 64.26 -56.40
N LEU M 430 102.28 64.83 -55.52
CA LEU M 430 102.55 64.94 -54.09
C LEU M 430 101.63 64.11 -53.22
N VAL M 431 100.66 63.40 -53.78
CA VAL M 431 99.77 62.61 -52.94
C VAL M 431 100.57 61.47 -52.33
N THR M 432 100.24 61.13 -51.09
CA THR M 432 100.81 59.99 -50.38
C THR M 432 99.72 59.27 -49.59
N PRO M 433 99.91 58.01 -49.27
CA PRO M 433 98.88 57.30 -48.47
C PRO M 433 98.90 57.76 -47.03
N PRO M 434 97.82 57.53 -46.27
CA PRO M 434 97.83 57.94 -44.86
C PRO M 434 98.83 57.13 -44.07
N LEU M 435 99.34 57.74 -43.00
CA LEU M 435 100.32 57.10 -42.14
C LEU M 435 99.59 56.56 -40.91
N ASN M 436 99.75 55.27 -40.65
CA ASN M 436 99.06 54.58 -39.57
C ASN M 436 100.04 53.69 -38.84
N THR M 437 99.88 53.58 -37.51
CA THR M 437 100.73 52.72 -36.70
C THR M 437 99.91 51.84 -35.75
N ASP M 438 98.66 51.54 -36.10
CA ASP M 438 97.83 50.73 -35.21
C ASP M 438 98.28 49.28 -35.28
N PRO M 439 98.69 48.66 -34.17
CA PRO M 439 99.02 47.21 -34.24
C PRO M 439 97.86 46.33 -34.68
N GLU M 440 96.62 46.73 -34.41
CA GLU M 440 95.47 45.86 -34.60
C GLU M 440 95.10 45.63 -36.06
N ASN M 441 95.64 46.43 -36.97
CA ASN M 441 95.33 46.38 -38.39
C ASN M 441 96.55 45.87 -39.16
N LEU M 442 96.28 45.05 -40.17
CA LEU M 442 97.30 44.61 -41.13
C LEU M 442 97.01 45.26 -42.48
N GLN M 443 97.98 46.02 -42.99
CA GLN M 443 97.80 46.72 -44.26
C GLN M 443 97.90 45.75 -45.42
N LEU M 444 96.90 45.78 -46.31
CA LEU M 444 96.93 44.93 -47.51
C LEU M 444 97.48 45.67 -48.73
N GLY M 445 97.24 46.97 -48.83
CA GLY M 445 97.70 47.70 -49.99
C GLY M 445 97.19 49.12 -49.95
N THR M 446 97.24 49.78 -51.10
CA THR M 446 96.79 51.15 -51.24
C THR M 446 96.03 51.29 -52.55
N VAL M 447 95.05 52.20 -52.55
CA VAL M 447 94.22 52.49 -53.72
C VAL M 447 94.35 53.98 -53.96
N THR M 448 94.92 54.34 -55.11
CA THR M 448 94.97 55.73 -55.56
C THR M 448 93.82 55.99 -56.53
N VAL M 449 93.08 57.08 -56.28
CA VAL M 449 92.01 57.53 -57.17
C VAL M 449 92.47 58.78 -57.93
N LEU M 450 92.27 58.80 -59.25
CA LEU M 450 92.68 59.95 -60.03
C LEU M 450 91.67 61.09 -59.81
N PRO M 451 92.08 62.37 -60.02
CA PRO M 451 91.17 63.48 -59.71
C PRO M 451 89.94 63.53 -60.62
N ASP M 452 88.76 63.31 -60.05
CA ASP M 452 87.50 63.31 -60.80
C ASP M 452 87.57 62.35 -61.99
N SER M 453 87.61 61.07 -61.66
CA SER M 453 87.63 60.05 -62.70
C SER M 453 87.22 58.70 -62.11
N ASP M 454 86.66 57.84 -62.97
CA ASP M 454 86.35 56.49 -62.52
C ASP M 454 87.60 55.64 -62.32
N GLU M 455 88.69 55.96 -63.01
CA GLU M 455 89.89 55.15 -62.96
C GLU M 455 90.52 55.17 -61.58
N ALA M 456 91.15 54.06 -61.21
CA ALA M 456 91.85 53.95 -59.93
C ALA M 456 92.99 52.95 -60.07
N VAL M 457 94.11 53.26 -59.39
CA VAL M 457 95.29 52.42 -59.38
C VAL M 457 95.34 51.68 -58.04
N CYS M 458 95.49 50.35 -58.09
CA CYS M 458 95.47 49.50 -56.91
C CYS M 458 96.78 48.73 -56.86
N ILE M 459 97.47 48.80 -55.72
CA ILE M 459 98.74 48.10 -55.52
C ILE M 459 98.69 47.40 -54.17
N SER M 460 99.24 46.18 -54.12
CA SER M 460 99.28 45.38 -52.91
C SER M 460 100.65 45.47 -52.27
N PHE M 461 100.70 45.88 -50.99
CA PHE M 461 101.92 45.98 -50.19
C PHE M 461 101.84 45.13 -48.92
N ALA M 462 101.10 44.01 -48.98
CA ALA M 462 100.84 43.22 -47.79
C ALA M 462 102.11 42.53 -47.31
N ILE M 463 102.40 42.61 -46.01
CA ILE M 463 103.51 41.85 -45.46
C ILE M 463 103.17 40.37 -45.57
N THR M 464 104.09 39.59 -46.15
CA THR M 464 103.91 38.17 -46.35
C THR M 464 105.00 37.38 -45.63
N ARG M 465 104.67 36.15 -45.25
CA ARG M 465 105.57 35.33 -44.46
C ARG M 465 106.78 34.91 -45.30
N LEU M 466 107.75 34.31 -44.61
CA LEU M 466 108.93 33.70 -45.23
C LEU M 466 109.16 32.35 -44.57
N SER M 467 108.82 31.28 -45.29
CA SER M 467 108.99 29.92 -44.79
C SER M 467 110.48 29.60 -44.64
N MET M 468 110.75 28.43 -44.04
CA MET M 468 112.15 28.04 -43.84
C MET M 468 112.86 27.82 -45.16
N GLU M 469 112.13 27.35 -46.18
CA GLU M 469 112.76 27.21 -47.49
C GLU M 469 113.17 28.57 -48.05
N ASP M 470 112.31 29.58 -47.88
CA ASP M 470 112.65 30.92 -48.36
C ASP M 470 113.84 31.51 -47.61
N LEU M 471 113.90 31.31 -46.29
CA LEU M 471 115.04 31.81 -45.53
C LEU M 471 116.31 31.06 -45.88
N GLN M 472 116.22 29.76 -46.17
CA GLN M 472 117.40 29.05 -46.66
C GLN M 472 117.85 29.59 -48.01
N LYS M 473 116.90 29.93 -48.88
CA LYS M 473 117.28 30.55 -50.15
C LYS M 473 117.96 31.90 -49.93
N VAL M 474 117.45 32.69 -48.98
CA VAL M 474 118.13 33.94 -48.59
C VAL M 474 119.53 33.67 -48.08
N LYS M 475 119.70 32.62 -47.26
CA LYS M 475 121.03 32.28 -46.77
C LYS M 475 121.96 31.94 -47.94
N THR M 476 121.43 31.22 -48.93
CA THR M 476 122.25 30.87 -50.10
C THR M 476 122.59 32.11 -50.92
N ARG M 477 121.63 33.02 -51.07
CA ARG M 477 121.90 34.26 -51.79
C ARG M 477 122.96 35.08 -51.08
N VAL M 478 122.94 35.09 -49.76
CA VAL M 478 123.99 35.77 -49.00
C VAL M 478 125.33 35.10 -49.25
N ASP M 479 125.36 33.77 -49.26
CA ASP M 479 126.62 33.07 -49.56
C ASP M 479 127.13 33.42 -50.96
N ASN M 480 126.25 33.46 -51.95
CA ASN M 480 126.68 33.85 -53.28
C ASN M 480 127.19 35.29 -53.32
N LEU M 481 126.52 36.19 -52.58
CA LEU M 481 126.99 37.57 -52.50
C LEU M 481 128.38 37.65 -51.90
N GLU M 482 128.60 36.90 -50.82
CA GLU M 482 129.91 36.86 -50.17
C GLU M 482 130.97 36.31 -51.11
N TYR M 483 130.64 35.24 -51.85
CA TYR M 483 131.58 34.66 -52.78
C TYR M 483 131.93 35.62 -53.92
N ASN M 484 130.92 36.31 -54.47
CA ASN M 484 131.17 37.31 -55.49
C ASN M 484 132.03 38.44 -54.95
N GLN M 485 131.84 38.80 -53.68
CA GLN M 485 132.66 39.84 -53.06
C GLN M 485 134.12 39.40 -52.98
N ALA M 486 134.36 38.15 -52.55
CA ALA M 486 135.72 37.63 -52.54
C ALA M 486 136.32 37.60 -53.95
N VAL M 487 135.50 37.26 -54.95
CA VAL M 487 136.02 37.25 -56.32
C VAL M 487 136.41 38.66 -56.75
N ASN M 488 135.59 39.66 -56.43
CA ASN M 488 135.93 41.03 -56.81
C ASN M 488 137.18 41.49 -56.09
N ALA M 489 137.29 41.18 -54.80
CA ALA M 489 138.49 41.50 -54.03
C ALA M 489 139.72 40.79 -54.56
N LEU M 490 139.55 39.69 -55.30
CA LEU M 490 140.70 38.99 -55.87
C LEU M 490 141.42 39.88 -56.88
N ASP M 491 140.68 40.69 -57.64
CA ASP M 491 141.26 41.52 -58.69
C ASP M 491 141.76 42.88 -58.19
N ASP M 492 141.56 43.18 -56.90
CA ASP M 492 141.88 44.51 -56.39
C ASP M 492 143.38 44.75 -56.38
N GLY M 493 144.13 43.91 -55.67
CA GLY M 493 145.58 43.93 -55.69
C GLY M 493 146.22 45.21 -55.18
N ALA M 494 145.61 45.82 -54.16
CA ALA M 494 146.09 47.06 -53.59
C ALA M 494 145.78 47.06 -52.10
N MET M 495 146.68 47.61 -51.29
CA MET M 495 146.48 47.64 -49.85
C MET M 495 147.38 48.70 -49.24
N GLU M 496 146.81 49.52 -48.37
CA GLU M 496 147.52 50.66 -47.78
C GLU M 496 148.59 50.18 -46.80
N GLY M 497 149.63 50.98 -46.65
CA GLY M 497 150.79 50.58 -45.85
C GLY M 497 150.66 50.74 -44.35
N GLN M 498 149.75 51.58 -43.87
CA GLN M 498 149.60 51.86 -42.44
C GLN M 498 148.12 51.97 -42.09
N ASN M 499 147.68 51.17 -41.12
CA ASN M 499 146.30 51.17 -40.65
C ASN M 499 145.29 51.09 -41.81
N PRO M 500 145.35 50.04 -42.62
CA PRO M 500 144.52 49.98 -43.83
C PRO M 500 143.07 49.68 -43.51
N LEU M 501 142.16 50.28 -44.29
CA LEU M 501 140.78 49.79 -44.29
C LEU M 501 140.75 48.46 -45.01
N THR M 502 140.18 47.46 -44.35
CA THR M 502 140.35 46.06 -44.72
C THR M 502 139.00 45.37 -44.72
N LEU M 503 138.77 44.52 -45.72
CA LEU M 503 137.45 43.94 -45.90
C LEU M 503 137.09 43.00 -44.76
N ARG M 504 135.87 43.16 -44.29
CA ARG M 504 135.30 42.34 -43.23
C ARG M 504 135.09 40.91 -43.76
N SER M 505 135.58 39.92 -43.01
CA SER M 505 135.34 38.49 -43.22
C SER M 505 135.87 37.95 -44.56
N VAL M 506 136.77 38.63 -45.25
CA VAL M 506 137.34 38.16 -46.51
C VAL M 506 138.85 38.40 -46.51
N PHE M 507 139.59 37.44 -47.08
CA PHE M 507 140.97 37.63 -47.52
C PHE M 507 141.10 36.92 -48.85
N SER M 508 141.85 37.52 -49.79
CA SER M 508 142.08 36.87 -51.07
C SER M 508 143.34 37.41 -51.70
N GLU M 509 143.97 36.59 -52.55
CA GLU M 509 145.28 36.88 -53.13
C GLU M 509 145.23 36.58 -54.62
N GLY M 510 145.16 37.63 -55.44
CA GLY M 510 145.19 37.47 -56.89
C GLY M 510 146.56 37.26 -57.51
N PHE M 511 147.63 37.37 -56.74
CA PHE M 511 149.02 37.28 -57.22
C PHE M 511 149.35 38.25 -58.35
N ILE M 512 148.62 39.37 -58.51
CA ILE M 512 149.03 40.43 -59.43
C ILE M 512 149.90 41.50 -58.77
N SER M 513 150.10 41.43 -57.46
CA SER M 513 150.64 42.56 -56.70
C SER M 513 151.26 42.04 -55.40
N LEU M 514 152.29 42.73 -54.92
CA LEU M 514 152.96 42.35 -53.67
C LEU M 514 152.38 43.01 -52.42
N ASP M 515 151.41 43.92 -52.55
CA ASP M 515 150.90 44.62 -51.38
C ASP M 515 150.29 43.65 -50.37
N LYS M 516 149.56 42.65 -50.85
CA LYS M 516 148.86 41.72 -49.96
C LYS M 516 149.83 40.84 -49.17
N ALA M 517 151.02 40.57 -49.70
CA ALA M 517 151.86 39.52 -49.16
C ALA M 517 152.67 40.01 -47.96
N ASP M 518 152.92 39.10 -47.01
CA ASP M 518 153.73 39.38 -45.81
C ASP M 518 155.19 39.02 -46.10
N ILE M 519 155.77 39.75 -47.05
CA ILE M 519 156.97 39.29 -47.74
C ILE M 519 158.20 39.14 -46.83
N THR M 520 158.19 39.65 -45.60
CA THR M 520 159.34 39.51 -44.70
C THR M 520 159.17 38.40 -43.67
N HIS M 521 158.09 37.62 -43.71
CA HIS M 521 157.95 36.54 -42.74
C HIS M 521 159.04 35.49 -43.00
N PRO M 522 159.65 34.92 -41.94
CA PRO M 522 160.82 34.04 -42.19
C PRO M 522 160.56 32.84 -43.11
N ASP M 523 159.32 32.34 -43.17
CA ASP M 523 158.99 31.22 -44.03
C ASP M 523 158.63 31.62 -45.47
N PHE M 524 158.63 32.92 -45.79
CA PHE M 524 158.15 33.34 -47.09
C PHE M 524 159.18 32.98 -48.16
N GLY M 525 158.74 32.30 -49.22
CA GLY M 525 159.64 31.82 -50.24
C GLY M 525 159.08 31.69 -51.65
N ILE M 526 157.96 32.38 -51.95
CA ILE M 526 157.35 32.32 -53.27
C ILE M 526 158.15 33.20 -54.25
N VAL M 527 158.03 32.89 -55.55
CA VAL M 527 158.25 33.86 -56.61
C VAL M 527 156.95 33.96 -57.40
N PHE M 528 156.70 35.15 -57.96
CA PHE M 528 155.47 35.46 -58.68
C PHE M 528 155.72 35.47 -60.18
N SER M 529 154.75 34.97 -60.94
CA SER M 529 154.68 35.15 -62.39
C SER M 529 153.46 36.03 -62.68
N PHE M 530 153.68 37.35 -62.65
CA PHE M 530 152.57 38.29 -62.76
C PHE M 530 151.83 38.17 -64.08
N GLU M 531 152.47 37.65 -65.14
CA GLU M 531 151.74 37.46 -66.38
C GLU M 531 150.60 36.45 -66.23
N ASP M 532 150.74 35.49 -65.32
CA ASP M 532 149.80 34.39 -65.17
C ASP M 532 148.85 34.53 -63.98
N ALA M 533 149.10 35.47 -63.08
CA ALA M 533 148.47 35.46 -61.75
C ALA M 533 148.74 34.12 -61.05
N GLU M 534 150.00 33.65 -61.17
CA GLU M 534 150.43 32.38 -60.59
C GLU M 534 151.64 32.57 -59.69
N ALA M 535 151.81 31.63 -58.76
CA ALA M 535 152.92 31.60 -57.81
C ALA M 535 153.65 30.26 -57.91
N THR M 536 154.95 30.25 -57.59
CA THR M 536 155.77 29.04 -57.72
C THR M 536 157.02 29.16 -56.84
N LEU M 537 157.76 28.05 -56.77
CA LEU M 537 159.08 27.97 -56.13
C LEU M 537 160.21 28.21 -57.13
N ALA M 538 161.30 28.80 -56.64
CA ALA M 538 162.50 29.09 -57.42
C ALA M 538 163.70 28.34 -56.83
N TYR M 539 164.70 28.10 -57.67
CA TYR M 539 165.85 27.27 -57.33
C TYR M 539 166.75 27.94 -56.30
N THR M 540 167.28 27.12 -55.40
CA THR M 540 168.24 27.53 -54.38
C THR M 540 169.07 26.29 -54.01
N GLU M 541 170.37 26.48 -53.84
CA GLU M 541 171.30 25.36 -54.02
C GLU M 541 171.44 24.46 -52.79
N ALA M 542 171.29 24.98 -51.58
CA ALA M 542 171.59 24.20 -50.37
C ALA M 542 170.67 22.98 -50.22
N HIS M 556 178.48 13.48 -55.89
CA HIS M 556 178.97 14.58 -56.72
C HIS M 556 178.93 14.20 -58.22
N ILE M 557 178.33 13.06 -58.55
CA ILE M 557 178.45 12.52 -59.90
C ILE M 557 177.77 13.45 -60.92
N TRP M 558 178.31 13.47 -62.14
CA TRP M 558 177.87 14.36 -63.21
C TRP M 558 176.71 13.73 -63.99
N GLY M 559 175.94 14.57 -64.68
CA GLY M 559 174.80 14.08 -65.44
C GLY M 559 174.39 14.99 -66.59
N ARG M 560 173.79 14.37 -67.60
CA ARG M 560 173.48 14.99 -68.89
C ARG M 560 172.06 14.68 -69.32
N LEU M 561 171.34 15.70 -69.80
CA LEU M 561 170.01 15.53 -70.38
C LEU M 561 170.11 14.91 -71.77
N ILE M 562 169.17 14.02 -72.11
CA ILE M 562 169.10 13.44 -73.44
C ILE M 562 167.76 13.85 -74.06
N SER M 563 166.66 13.14 -73.73
CA SER M 563 165.37 13.50 -74.34
C SER M 563 164.91 14.83 -73.76
N ALA M 564 165.08 15.92 -74.51
CA ALA M 564 164.83 17.24 -73.94
C ALA M 564 163.35 17.40 -73.60
N PRO M 565 163.00 18.11 -72.51
CA PRO M 565 161.59 18.20 -72.12
C PRO M 565 160.75 19.06 -73.04
N PHE M 566 161.36 20.02 -73.73
CA PHE M 566 160.70 20.79 -74.76
C PHE M 566 161.66 20.99 -75.93
N THR M 567 161.11 21.32 -77.09
CA THR M 567 161.90 21.64 -78.28
C THR M 567 161.74 23.11 -78.61
N GLU M 568 162.86 23.80 -78.81
CA GLU M 568 162.84 25.23 -79.05
C GLU M 568 162.59 25.53 -80.51
N GLU M 569 162.23 26.78 -80.78
CA GLU M 569 162.07 27.30 -82.13
C GLU M 569 162.18 28.82 -82.08
N ARG M 570 162.73 29.41 -83.13
CA ARG M 570 163.04 30.85 -83.17
C ARG M 570 161.98 31.52 -84.02
N THR M 571 161.16 32.37 -83.39
CA THR M 571 159.91 32.82 -83.98
C THR M 571 159.75 34.33 -84.12
N ILE M 572 160.60 35.15 -83.51
CA ILE M 572 160.75 36.55 -83.89
C ILE M 572 162.25 36.79 -83.97
N TYR M 573 162.71 37.38 -85.07
CA TYR M 573 164.13 37.56 -85.26
C TYR M 573 164.38 38.81 -86.10
N GLN M 574 165.37 39.59 -85.68
CA GLN M 574 165.80 40.80 -86.37
C GLN M 574 167.32 40.72 -86.47
N GLY M 575 167.83 40.50 -87.68
CA GLY M 575 169.23 40.18 -87.87
C GLY M 575 170.06 41.27 -88.51
N GLN M 576 169.43 42.31 -89.05
CA GLN M 576 170.17 43.42 -89.64
C GLN M 576 170.70 44.31 -88.52
N ALA M 577 172.02 44.51 -88.50
CA ALA M 577 172.68 45.43 -87.59
C ALA M 577 173.58 46.38 -88.40
N SER M 578 173.73 47.60 -87.87
CA SER M 578 174.54 48.64 -88.52
C SER M 578 175.42 49.44 -87.58
N GLU M 579 175.07 49.60 -86.31
CA GLU M 579 175.75 50.48 -85.38
C GLU M 579 175.82 49.83 -84.00
N THR M 580 176.62 50.44 -83.12
CA THR M 580 176.72 50.09 -81.71
C THR M 580 176.14 51.21 -80.87
N LEU M 581 175.33 50.85 -79.87
CA LEU M 581 174.74 51.80 -78.94
C LEU M 581 175.07 51.37 -77.52
N ASN M 582 175.62 52.31 -76.74
CA ASN M 582 175.93 52.05 -75.34
C ASN M 582 174.66 51.75 -74.57
N VAL M 583 174.71 50.70 -73.74
CA VAL M 583 173.58 50.34 -72.90
C VAL M 583 173.15 51.43 -71.92
N ASN M 584 173.97 52.47 -71.69
CA ASN M 584 173.62 53.54 -70.78
C ASN M 584 174.16 54.85 -71.37
N PRO M 585 173.57 55.31 -72.49
CA PRO M 585 174.16 56.46 -73.21
C PRO M 585 174.23 57.73 -72.37
N TYR M 586 173.23 57.97 -71.53
CA TYR M 586 173.09 59.22 -70.80
C TYR M 586 173.84 59.25 -69.47
N ASN M 587 174.83 58.38 -69.28
CA ASN M 587 175.66 58.43 -68.07
C ASN M 587 177.07 57.92 -68.33
N ILE M 588 177.55 57.99 -69.57
CA ILE M 588 178.94 57.63 -69.84
C ILE M 588 179.83 58.80 -69.43
N PRO M 589 180.94 58.59 -68.69
CA PRO M 589 181.70 59.77 -68.24
C PRO M 589 182.43 60.41 -69.40
N ASN M 590 182.24 61.72 -69.58
CA ASN M 590 182.90 62.47 -70.64
C ASN M 590 182.59 61.96 -72.05
N PRO M 793 170.26 52.11 -69.38
CA PRO M 793 169.40 51.00 -69.84
C PRO M 793 168.69 51.21 -71.18
N LEU M 794 168.55 50.12 -71.95
CA LEU M 794 167.90 50.11 -73.24
C LEU M 794 166.78 49.08 -73.22
N ALA M 795 165.80 49.24 -74.11
CA ALA M 795 164.73 48.24 -74.23
C ALA M 795 164.28 48.12 -75.68
N GLN M 796 163.60 47.00 -75.97
CA GLN M 796 163.05 46.70 -77.29
C GLN M 796 161.68 46.05 -77.12
N SER M 797 160.64 46.73 -77.57
CA SER M 797 159.29 46.16 -77.57
C SER M 797 159.14 45.06 -78.62
N PHE M 798 158.24 44.12 -78.35
CA PHE M 798 157.83 43.10 -79.30
C PHE M 798 156.41 42.64 -78.93
N GLN M 799 155.79 41.88 -79.82
CA GLN M 799 154.49 41.30 -79.56
C GLN M 799 154.30 40.06 -80.41
N TYR M 800 153.31 39.24 -80.00
CA TYR M 800 152.89 38.04 -80.72
C TYR M 800 151.40 38.13 -80.99
N ASP M 801 150.99 37.53 -82.11
CA ASP M 801 149.59 37.41 -82.51
C ASP M 801 148.88 36.24 -81.88
N GLU M 802 149.59 35.38 -81.13
CA GLU M 802 149.03 34.17 -80.55
C GLU M 802 149.71 33.93 -79.22
N ASN M 803 149.07 33.11 -78.38
CA ASN M 803 149.64 32.79 -77.07
C ASN M 803 150.83 31.85 -77.24
N ARG M 804 152.03 32.37 -76.98
CA ARG M 804 153.27 31.61 -77.10
C ARG M 804 153.98 31.53 -75.75
N THR M 805 154.78 30.48 -75.58
CA THR M 805 155.65 30.30 -74.42
C THR M 805 157.06 30.72 -74.81
N ILE M 806 157.63 31.68 -74.08
CA ILE M 806 158.98 32.17 -74.36
C ILE M 806 159.96 31.38 -73.50
N SER M 807 160.94 30.74 -74.14
CA SER M 807 161.91 29.91 -73.43
C SER M 807 163.27 30.57 -73.21
N SER M 808 163.77 31.33 -74.18
CA SER M 808 165.09 31.94 -74.04
C SER M 808 165.21 33.10 -75.02
N LEU M 809 166.15 34.01 -74.70
CA LEU M 809 166.43 35.19 -75.50
C LEU M 809 167.82 35.13 -76.08
N GLY M 810 167.95 35.52 -77.35
CA GLY M 810 169.23 35.67 -78.03
C GLY M 810 169.55 37.14 -78.23
N LEU M 811 170.76 37.53 -77.81
CA LEU M 811 171.22 38.92 -77.90
C LEU M 811 172.62 38.98 -78.48
N TYR M 812 173.00 40.19 -78.91
CA TYR M 812 174.26 40.45 -79.62
C TYR M 812 174.98 41.62 -78.95
N PHE M 813 176.06 41.31 -78.24
CA PHE M 813 176.88 42.27 -77.52
C PHE M 813 178.16 42.54 -78.30
N ALA M 814 178.51 43.83 -78.46
CA ALA M 814 179.71 44.22 -79.17
C ALA M 814 180.95 44.27 -78.27
N SER M 815 180.77 44.59 -76.98
CA SER M 815 181.89 44.66 -76.07
C SER M 815 181.38 44.64 -74.63
N LYS M 816 182.26 44.27 -73.70
CA LYS M 816 181.88 44.03 -72.30
C LYS M 816 182.95 44.55 -71.34
N GLY M 817 182.57 44.61 -70.06
CA GLY M 817 183.48 44.99 -69.00
C GLY M 817 184.20 43.81 -68.37
N ASP M 818 184.98 44.10 -67.33
CA ASP M 818 185.90 43.12 -66.79
C ASP M 818 185.14 41.99 -66.09
N LYS M 819 185.91 40.99 -65.62
CA LYS M 819 185.38 39.78 -64.97
C LYS M 819 184.23 40.05 -64.00
N GLN M 820 184.39 41.01 -63.09
CA GLN M 820 183.49 41.15 -61.96
C GLN M 820 182.27 42.02 -62.24
N SER M 821 182.09 42.50 -63.47
CA SER M 821 180.89 43.23 -63.84
C SER M 821 179.79 42.25 -64.26
N ASN M 822 178.53 42.72 -64.23
CA ASN M 822 177.42 41.85 -64.59
C ASN M 822 176.27 42.65 -65.21
N VAL M 823 175.55 42.00 -66.13
CA VAL M 823 174.39 42.56 -66.82
C VAL M 823 173.13 41.89 -66.25
N VAL M 824 172.05 42.66 -66.14
CA VAL M 824 170.74 42.16 -65.74
C VAL M 824 169.82 42.22 -66.96
N ILE M 825 169.09 41.13 -67.20
CA ILE M 825 168.14 41.02 -68.30
C ILE M 825 166.75 40.85 -67.70
N GLN M 826 165.81 41.69 -68.12
CA GLN M 826 164.44 41.65 -67.66
C GLN M 826 163.49 41.64 -68.85
N ILE M 827 162.25 41.23 -68.60
CA ILE M 827 161.13 41.41 -69.52
C ILE M 827 160.08 42.19 -68.74
N ARG M 828 159.62 43.30 -69.33
CA ARG M 828 158.64 44.19 -68.72
C ARG M 828 157.44 44.33 -69.63
N GLY M 829 156.29 44.64 -69.03
CA GLY M 829 155.08 44.85 -69.80
C GLY M 829 155.00 46.26 -70.38
N MET M 830 154.18 46.38 -71.42
CA MET M 830 153.99 47.63 -72.14
C MET M 830 152.64 48.23 -71.74
N GLY M 831 152.64 49.52 -71.43
CA GLY M 831 151.44 50.17 -70.98
C GLY M 831 150.54 50.58 -72.13
N ASP M 832 149.36 51.09 -71.77
CA ASP M 832 148.34 51.40 -72.77
C ASP M 832 148.81 52.44 -73.78
N GLN M 833 149.76 53.29 -73.40
CA GLN M 833 150.26 54.37 -74.24
C GLN M 833 151.55 54.00 -74.98
N GLY M 834 151.84 52.71 -75.11
CA GLY M 834 153.01 52.28 -75.85
C GLY M 834 154.36 52.66 -75.25
N TYR M 835 154.57 52.30 -73.99
CA TYR M 835 155.85 52.51 -73.32
C TYR M 835 156.01 51.45 -72.25
N PRO M 836 157.25 51.10 -71.87
CA PRO M 836 157.42 50.05 -70.85
C PRO M 836 156.94 50.55 -69.50
N ASN M 837 156.33 49.65 -68.74
CA ASN M 837 155.82 49.96 -67.41
C ASN M 837 156.79 49.43 -66.36
N LYS M 838 156.44 49.61 -65.09
CA LYS M 838 157.29 49.15 -64.00
C LYS M 838 157.11 47.68 -63.66
N THR M 839 156.05 47.03 -64.15
CA THR M 839 155.87 45.60 -63.92
C THR M 839 157.01 44.83 -64.57
N ILE M 840 157.53 43.83 -63.85
CA ILE M 840 158.60 42.95 -64.32
C ILE M 840 158.05 41.53 -64.30
N TYR M 841 158.06 40.86 -65.45
CA TYR M 841 157.55 39.50 -65.54
C TYR M 841 158.61 38.45 -65.27
N ALA M 842 159.85 38.66 -65.72
CA ALA M 842 160.92 37.68 -65.55
C ALA M 842 162.25 38.42 -65.53
N GLU M 843 163.26 37.79 -64.91
CA GLU M 843 164.55 38.43 -64.66
C GLU M 843 165.65 37.39 -64.55
N THR M 844 166.88 37.77 -64.92
CA THR M 844 168.06 36.96 -64.63
C THR M 844 169.31 37.82 -64.72
N VAL M 845 170.43 37.28 -64.22
CA VAL M 845 171.72 37.97 -64.16
C VAL M 845 172.71 37.19 -65.03
N MET M 846 173.53 37.91 -65.80
CA MET M 846 174.60 37.35 -66.61
C MET M 846 175.94 37.95 -66.19
N ASN M 847 176.94 37.08 -65.96
CA ASN M 847 178.27 37.53 -65.59
C ASN M 847 179.05 37.95 -66.83
N ALA M 848 180.06 38.79 -66.61
CA ALA M 848 180.99 39.14 -67.68
C ALA M 848 181.63 37.90 -68.30
N ASP M 849 181.93 36.89 -67.49
CA ASP M 849 182.51 35.65 -68.02
C ASP M 849 181.52 34.89 -68.91
N ASP M 850 180.22 35.07 -68.70
CA ASP M 850 179.22 34.36 -69.52
C ASP M 850 178.84 35.10 -70.79
N ILE M 851 179.05 36.41 -70.83
CA ILE M 851 178.63 37.21 -71.97
C ILE M 851 179.66 37.03 -73.08
N LYS M 852 179.19 36.78 -74.30
CA LYS M 852 180.03 36.48 -75.45
C LYS M 852 179.92 37.60 -76.47
N VAL M 853 181.07 38.18 -76.86
CA VAL M 853 181.11 39.38 -77.67
C VAL M 853 181.84 39.08 -78.98
N SER M 854 181.59 39.91 -80.00
CA SER M 854 182.18 39.72 -81.32
C SER M 854 182.18 41.04 -82.06
N ASN M 855 183.14 41.21 -82.98
CA ASN M 855 183.29 42.45 -83.74
C ASN M 855 182.52 42.46 -85.06
N ASN M 856 181.67 41.47 -85.33
CA ASN M 856 180.79 41.45 -86.49
C ASN M 856 179.41 40.91 -86.13
N ALA M 857 178.94 41.15 -84.91
CA ALA M 857 177.59 40.80 -84.48
C ALA M 857 177.28 39.32 -84.70
N SER M 858 178.31 38.48 -84.62
CA SER M 858 178.16 37.05 -84.91
C SER M 858 177.84 36.24 -83.65
N ALA M 859 178.52 36.54 -82.54
CA ALA M 859 178.30 35.77 -81.32
C ALA M 859 176.94 36.12 -80.71
N GLU M 860 176.06 35.13 -80.60
CA GLU M 860 174.78 35.28 -79.92
C GLU M 860 174.89 34.68 -78.52
N THR M 861 174.58 35.48 -77.50
CA THR M 861 174.45 34.98 -76.13
C THR M 861 173.00 34.54 -75.88
N ARG M 862 172.85 33.31 -75.37
CA ARG M 862 171.54 32.74 -75.09
C ARG M 862 171.26 32.91 -73.59
N VAL M 863 170.16 33.60 -73.27
CA VAL M 863 169.78 33.90 -71.89
C VAL M 863 168.56 33.07 -71.52
N TYR M 864 168.60 32.52 -70.29
CA TYR M 864 167.58 31.61 -69.78
C TYR M 864 167.04 32.11 -68.44
N PHE M 865 165.76 31.82 -68.21
CA PHE M 865 165.04 32.22 -67.01
C PHE M 865 164.56 30.98 -66.25
N ASP M 866 164.43 31.12 -64.94
CA ASP M 866 163.92 30.10 -64.04
C ASP M 866 162.37 30.04 -64.02
N ASP M 867 161.71 30.59 -65.05
CA ASP M 867 160.27 30.47 -65.22
C ASP M 867 159.92 30.85 -66.66
N PRO M 868 159.28 29.99 -67.45
CA PRO M 868 159.05 30.36 -68.86
C PRO M 868 158.02 31.46 -68.99
N MET M 869 158.41 32.57 -69.61
CA MET M 869 157.54 33.73 -69.75
C MET M 869 156.37 33.40 -70.67
N MET M 870 155.14 33.56 -70.16
CA MET M 870 153.94 33.30 -70.94
C MET M 870 153.49 34.59 -71.60
N ALA M 871 153.51 34.64 -72.93
CA ALA M 871 153.24 35.86 -73.68
C ALA M 871 151.86 35.75 -74.31
N GLU M 872 150.92 36.54 -73.80
CA GLU M 872 149.54 36.49 -74.29
C GLU M 872 149.45 37.12 -75.67
N GLY M 873 148.61 36.56 -76.53
CA GLY M 873 148.49 37.06 -77.88
C GLY M 873 147.89 38.45 -77.92
N GLY M 874 148.47 39.31 -78.76
CA GLY M 874 147.99 40.66 -78.95
C GLY M 874 148.49 41.69 -77.96
N LYS M 875 149.27 41.27 -76.96
CA LYS M 875 149.78 42.15 -75.91
C LYS M 875 151.26 42.42 -76.16
N GLU M 876 151.66 43.69 -76.02
CA GLU M 876 153.04 44.06 -76.24
C GLU M 876 153.88 43.84 -74.98
N TYR M 877 155.11 43.35 -75.18
CA TYR M 877 156.08 43.14 -74.12
C TYR M 877 157.43 43.68 -74.58
N ALA M 878 158.22 44.15 -73.62
CA ALA M 878 159.51 44.79 -73.88
C ALA M 878 160.64 44.08 -73.15
N ILE M 879 161.68 43.73 -73.89
CA ILE M 879 162.94 43.31 -73.27
C ILE M 879 163.57 44.54 -72.64
N VAL M 880 164.17 44.37 -71.46
CA VAL M 880 164.87 45.43 -70.76
C VAL M 880 166.24 44.91 -70.34
N ILE M 881 167.26 45.76 -70.52
CA ILE M 881 168.66 45.40 -70.28
C ILE M 881 169.22 46.50 -69.38
N ILE M 882 169.66 46.11 -68.18
CA ILE M 882 170.14 47.03 -67.17
C ILE M 882 171.51 46.58 -66.71
N THR M 883 172.42 47.54 -66.52
CA THR M 883 173.73 47.27 -65.95
C THR M 883 174.34 48.57 -65.48
N GLU M 884 174.98 48.55 -64.30
CA GLU M 884 175.58 49.78 -63.78
C GLU M 884 176.91 50.12 -64.47
N ASN M 885 177.58 49.14 -65.05
CA ASN M 885 178.88 49.34 -65.69
C ASN M 885 178.72 50.20 -66.94
N SER M 886 179.69 51.09 -67.17
CA SER M 886 179.67 51.99 -68.32
C SER M 886 180.49 51.46 -69.49
N ASP M 887 180.83 50.17 -69.51
CA ASP M 887 181.62 49.56 -70.58
C ASP M 887 180.88 48.35 -71.12
N TYR M 888 179.62 48.54 -71.50
CA TYR M 888 178.83 47.55 -72.21
C TYR M 888 178.17 48.20 -73.41
N THR M 889 178.20 47.51 -74.55
CA THR M 889 177.68 47.99 -75.82
C THR M 889 176.92 46.86 -76.50
N MET M 890 175.98 47.24 -77.37
CA MET M 890 175.16 46.28 -78.10
C MET M 890 174.99 46.72 -79.54
N TRP M 891 174.92 45.74 -80.45
CA TRP M 891 174.66 46.03 -81.85
C TRP M 891 173.21 46.45 -82.05
N VAL M 892 173.01 47.48 -82.87
CA VAL M 892 171.68 48.00 -83.20
C VAL M 892 171.58 48.24 -84.70
N GLY M 893 170.50 47.75 -85.29
CA GLY M 893 170.20 48.03 -86.69
C GLY M 893 169.41 49.32 -86.80
N THR M 894 169.87 50.21 -87.69
CA THR M 894 169.22 51.49 -87.95
C THR M 894 168.93 51.61 -89.44
N ARG M 895 167.80 52.24 -89.75
CA ARG M 895 167.37 52.36 -91.14
C ARG M 895 168.29 53.33 -91.88
N THR M 896 168.61 53.00 -93.12
CA THR M 896 169.38 53.76 -94.09
C THR M 896 170.90 53.56 -93.90
N LYS M 897 171.35 53.04 -92.74
CA LYS M 897 172.77 52.84 -92.48
C LYS M 897 173.29 51.57 -93.17
N PRO M 898 174.58 51.51 -93.52
CA PRO M 898 175.09 50.26 -94.10
C PRO M 898 175.09 49.13 -93.09
N LYS M 899 174.99 47.90 -93.60
CA LYS M 899 175.15 46.73 -92.76
C LYS M 899 176.62 46.54 -92.40
N ILE M 900 176.86 45.91 -91.25
CA ILE M 900 178.24 45.77 -90.77
C ILE M 900 179.00 44.79 -91.65
N ASP M 901 178.43 43.61 -91.89
CA ASP M 901 179.14 42.59 -92.65
C ASP M 901 179.03 42.78 -94.16
N LYS M 902 178.03 43.54 -94.63
CA LYS M 902 177.81 43.81 -96.06
C LYS M 902 177.63 45.31 -96.24
N PRO M 903 178.72 46.08 -96.30
CA PRO M 903 178.55 47.54 -96.43
C PRO M 903 177.91 47.96 -97.75
N ASN M 904 178.07 47.16 -98.81
CA ASN M 904 177.39 47.44 -100.08
C ASN M 904 175.88 47.62 -99.90
N GLU M 905 175.29 46.85 -98.99
CA GLU M 905 173.86 46.89 -98.77
C GLU M 905 173.54 47.83 -97.61
N VAL M 906 172.36 48.44 -97.68
CA VAL M 906 171.87 49.34 -96.64
C VAL M 906 170.50 48.84 -96.18
N ILE M 907 170.23 48.98 -94.89
CA ILE M 907 168.92 48.65 -94.33
C ILE M 907 167.92 49.62 -94.94
N SER M 908 167.09 49.12 -95.88
CA SER M 908 166.17 50.00 -96.59
C SER M 908 164.99 50.40 -95.72
N GLY M 909 164.25 49.41 -95.20
CA GLY M 909 163.06 49.66 -94.42
C GLY M 909 163.35 49.62 -92.92
N ASN M 910 162.29 49.61 -92.14
CA ASN M 910 162.46 49.49 -90.70
C ASN M 910 163.02 48.10 -90.37
N PRO M 911 163.95 47.98 -89.40
CA PRO M 911 164.49 46.64 -89.12
C PRO M 911 163.45 45.67 -88.56
N TYR M 912 162.70 46.09 -87.54
CA TYR M 912 161.56 45.35 -87.01
C TYR M 912 160.38 46.31 -86.91
N LEU M 913 159.37 46.10 -87.74
CA LEU M 913 158.30 47.09 -87.88
C LEU M 913 157.49 47.21 -86.60
N GLN M 914 157.15 46.08 -85.98
CA GLN M 914 156.29 46.05 -84.82
C GLN M 914 157.03 46.25 -83.50
N GLY M 915 158.26 46.79 -83.54
CA GLY M 915 159.00 47.08 -82.32
C GLY M 915 159.80 48.36 -82.46
N VAL M 916 160.10 48.96 -81.31
CA VAL M 916 160.81 50.23 -81.23
C VAL M 916 161.92 50.11 -80.21
N LEU M 917 163.08 50.67 -80.53
CA LEU M 917 164.18 50.76 -79.59
C LEU M 917 163.96 51.92 -78.62
N PHE M 918 164.34 51.70 -77.36
CA PHE M 918 164.16 52.69 -76.30
C PHE M 918 165.50 52.94 -75.61
N SER M 919 165.60 54.09 -74.94
CA SER M 919 166.73 54.36 -74.07
C SER M 919 166.27 55.22 -72.91
N SER M 920 167.04 55.20 -71.83
CA SER M 920 166.59 55.82 -70.59
C SER M 920 167.78 56.03 -69.69
N SER M 921 167.74 57.11 -68.91
CA SER M 921 168.80 57.39 -67.94
C SER M 921 168.49 56.86 -66.55
N ASN M 922 167.26 56.39 -66.30
CA ASN M 922 166.89 55.85 -64.99
C ASN M 922 165.99 54.62 -65.08
N ALA M 923 165.81 54.04 -66.28
CA ALA M 923 164.93 52.89 -66.47
C ALA M 923 163.49 53.22 -66.10
N SER M 924 163.09 54.49 -66.18
CA SER M 924 161.72 54.92 -65.97
C SER M 924 161.17 55.70 -67.15
N THR M 925 161.86 56.74 -67.57
CA THR M 925 161.49 57.59 -68.69
C THR M 925 162.25 57.10 -69.92
N TRP M 926 161.50 56.59 -70.90
CA TRP M 926 162.09 55.97 -72.09
C TRP M 926 161.97 56.90 -73.30
N THR M 927 163.12 57.16 -73.93
CA THR M 927 163.16 57.90 -75.18
C THR M 927 163.11 56.90 -76.34
N PRO M 928 162.08 56.91 -77.18
CA PRO M 928 162.06 55.94 -78.29
C PRO M 928 162.98 56.34 -79.43
N HIS M 929 163.40 55.33 -80.18
CA HIS M 929 164.15 55.50 -81.43
C HIS M 929 163.38 54.74 -82.51
N GLN M 930 162.56 55.48 -83.27
CA GLN M 930 161.64 54.84 -84.20
C GLN M 930 162.39 54.12 -85.32
N ASN M 931 163.47 54.73 -85.81
CA ASN M 931 164.23 54.18 -86.92
C ASN M 931 165.21 53.08 -86.52
N SER M 932 165.27 52.69 -85.25
CA SER M 932 166.29 51.77 -84.75
C SER M 932 165.66 50.64 -83.95
N ASP M 933 166.22 49.44 -84.08
CA ASP M 933 165.81 48.28 -83.32
C ASP M 933 167.02 47.41 -83.01
N LEU M 934 166.97 46.73 -81.88
CA LEU M 934 168.07 45.85 -81.49
C LEU M 934 168.18 44.69 -82.46
N LYS M 935 169.37 44.07 -82.47
CA LYS M 935 169.55 42.79 -83.12
C LYS M 935 169.24 41.73 -82.06
N PHE M 936 168.16 40.98 -82.28
CA PHE M 936 167.67 40.09 -81.24
C PHE M 936 166.90 38.94 -81.86
N GLY M 937 166.79 37.86 -81.08
CA GLY M 937 166.03 36.69 -81.45
C GLY M 937 165.30 36.10 -80.26
N ILE M 938 164.02 35.79 -80.41
CA ILE M 938 163.19 35.23 -79.35
C ILE M 938 162.94 33.77 -79.69
N TYR M 939 163.09 32.90 -78.69
CA TYR M 939 162.87 31.47 -78.82
C TYR M 939 161.64 31.09 -78.02
N THR M 940 160.73 30.34 -78.65
CA THR M 940 159.46 29.96 -78.05
C THR M 940 159.29 28.45 -78.13
N SER M 941 159.46 27.78 -76.99
CA SER M 941 159.46 26.32 -76.93
C SER M 941 158.04 25.75 -76.89
N LYS M 942 157.98 24.42 -77.02
CA LYS M 942 156.73 23.65 -76.95
C LYS M 942 157.04 22.26 -76.39
N PHE M 943 156.35 21.85 -75.31
CA PHE M 943 156.76 20.69 -74.53
C PHE M 943 156.27 19.39 -75.16
N ASN M 944 156.91 18.29 -74.76
CA ASN M 944 156.62 16.92 -75.22
C ASN M 944 156.47 16.00 -74.00
N GLU M 945 156.26 14.69 -74.26
CA GLU M 945 155.70 13.81 -73.23
C GLU M 945 156.61 13.70 -72.01
N THR M 946 157.82 13.17 -72.20
CA THR M 946 158.73 12.80 -71.12
C THR M 946 160.13 13.27 -71.45
N ALA M 947 160.96 13.36 -70.40
CA ALA M 947 162.38 13.65 -70.49
C ALA M 947 163.18 12.56 -69.78
N THR M 948 164.43 12.39 -70.21
CA THR M 948 165.36 11.42 -69.66
C THR M 948 166.71 12.07 -69.40
N ILE M 949 167.32 11.76 -68.25
CA ILE M 949 168.64 12.24 -67.88
C ILE M 949 169.51 11.02 -67.60
N GLU M 950 170.76 11.07 -68.07
CA GLU M 950 171.74 10.01 -67.84
C GLU M 950 172.91 10.55 -67.04
N PHE M 951 173.22 9.90 -65.92
CA PHE M 951 174.35 10.29 -65.09
C PHE M 951 175.59 9.50 -65.52
N GLU M 952 176.76 10.06 -65.23
CA GLU M 952 178.01 9.45 -65.66
C GLU M 952 178.14 8.03 -65.09
N PRO M 953 178.91 7.14 -65.73
CA PRO M 953 179.01 5.77 -65.21
C PRO M 953 179.73 5.75 -63.87
N ILE M 954 179.04 5.28 -62.83
CA ILE M 954 179.55 5.32 -61.46
C ILE M 954 180.77 4.41 -61.33
N LYS M 981 176.32 1.81 -50.65
CA LYS M 981 177.49 2.68 -50.46
C LYS M 981 178.77 2.01 -50.94
N LEU M 982 178.84 0.69 -50.81
CA LEU M 982 179.89 -0.14 -51.40
C LEU M 982 179.24 -0.99 -52.47
N ILE M 983 179.85 -0.98 -53.67
CA ILE M 983 179.21 -1.33 -54.95
C ILE M 983 178.32 -2.57 -54.84
N LEU M 984 178.82 -3.66 -54.23
CA LEU M 984 178.02 -4.89 -54.20
C LEU M 984 176.72 -4.69 -53.41
N ASP M 985 176.82 -4.12 -52.20
CA ASP M 985 175.61 -3.85 -51.44
C ASP M 985 174.92 -2.58 -51.91
N ASP M 986 175.67 -1.66 -52.52
CA ASP M 986 175.12 -0.40 -53.01
C ASP M 986 173.92 -0.60 -53.92
N MET M 987 173.93 -1.65 -54.76
CA MET M 987 172.77 -1.93 -55.61
C MET M 987 171.52 -2.12 -54.76
N ALA M 988 171.61 -2.91 -53.68
CA ALA M 988 170.46 -3.10 -52.82
C ALA M 988 170.09 -1.80 -52.10
N SER M 989 171.09 -1.10 -51.57
CA SER M 989 170.83 0.16 -50.87
C SER M 989 170.24 1.21 -51.81
N SER M 990 170.87 1.38 -52.98
CA SER M 990 170.41 2.37 -53.95
C SER M 990 168.98 2.11 -54.39
N THR M 991 168.67 0.87 -54.78
CA THR M 991 167.32 0.53 -55.20
C THR M 991 166.32 0.47 -54.04
N THR M 992 166.73 0.76 -52.80
CA THR M 992 165.76 1.05 -51.75
C THR M 992 165.14 2.42 -51.97
N PHE M 993 165.96 3.42 -52.27
CA PHE M 993 165.53 4.81 -52.27
C PHE M 993 165.10 5.30 -53.65
N ASP M 994 165.84 4.96 -54.71
CA ASP M 994 165.60 5.55 -56.03
C ASP M 994 164.38 4.89 -56.69
N GLN M 995 163.22 5.31 -56.21
CA GLN M 995 161.93 4.72 -56.58
C GLN M 995 160.91 5.83 -56.68
N LEU M 996 160.00 5.71 -57.66
CA LEU M 996 159.12 6.80 -58.08
C LEU M 996 158.37 7.44 -56.92
N LYS M 997 157.89 6.63 -55.98
CA LYS M 997 157.05 7.10 -54.90
C LYS M 997 157.82 7.43 -53.62
N TRP M 998 159.14 7.30 -53.64
CA TRP M 998 160.01 7.88 -52.63
C TRP M 998 160.37 9.28 -53.12
N GLU M 999 161.32 9.95 -52.48
CA GLU M 999 161.72 11.28 -52.93
C GLU M 999 162.23 11.31 -54.37
N PRO M 1000 163.04 10.34 -54.86
CA PRO M 1000 163.40 10.37 -56.29
C PRO M 1000 162.21 10.07 -57.19
N ILE M 1001 161.78 11.07 -57.97
CA ILE M 1001 160.56 10.95 -58.77
C ILE M 1001 160.80 10.34 -60.15
N GLY M 1002 162.02 10.42 -60.69
CA GLY M 1002 162.30 9.78 -61.97
C GLY M 1002 162.03 8.28 -61.92
N ASN M 1003 161.47 7.76 -63.00
CA ASN M 1003 161.36 6.31 -63.16
C ASN M 1003 162.74 5.76 -63.53
N TYR M 1004 163.36 4.99 -62.61
CA TYR M 1004 164.79 4.74 -62.68
C TYR M 1004 165.10 3.53 -63.54
N GLN M 1005 165.50 3.80 -64.79
CA GLN M 1005 166.13 2.79 -65.61
C GLN M 1005 167.56 2.57 -65.13
N ASP M 1006 168.01 1.31 -65.16
CA ASP M 1006 169.30 0.91 -64.58
C ASP M 1006 170.07 0.07 -65.59
N LEU M 1007 171.38 0.32 -65.71
CA LEU M 1007 172.23 -0.31 -66.72
C LEU M 1007 173.54 -0.75 -66.06
N ASP M 1008 174.00 -1.97 -66.36
CA ASP M 1008 175.01 -2.62 -65.53
C ASP M 1008 175.89 -3.55 -66.38
N VAL M 1009 177.09 -3.87 -65.86
CA VAL M 1009 178.01 -4.84 -66.47
C VAL M 1009 178.23 -5.98 -65.47
N LEU M 1010 179.00 -5.74 -64.40
CA LEU M 1010 179.04 -6.68 -63.27
C LEU M 1010 179.38 -5.94 -61.98
N GLY M 1011 178.73 -4.80 -61.77
CA GLY M 1011 178.83 -4.04 -60.53
C GLY M 1011 180.20 -3.42 -60.33
N LEU M 1012 181.13 -4.16 -59.72
CA LEU M 1012 182.46 -3.61 -59.50
C LEU M 1012 183.16 -3.27 -60.81
N ALA M 1013 182.72 -3.83 -61.93
CA ALA M 1013 183.06 -3.33 -63.26
C ALA M 1013 182.21 -2.08 -63.44
N ARG M 1014 182.72 -0.95 -62.98
CA ARG M 1014 181.93 0.26 -62.75
C ARG M 1014 181.58 0.99 -64.06
N GLN M 1015 180.85 0.31 -64.95
CA GLN M 1015 179.95 0.96 -65.90
C GLN M 1015 178.51 0.99 -65.38
N VAL M 1016 178.33 0.98 -64.06
CA VAL M 1016 177.04 1.20 -63.44
C VAL M 1016 176.55 2.57 -63.87
N LYS M 1017 175.39 2.62 -64.55
CA LYS M 1017 174.87 3.87 -65.09
C LYS M 1017 173.38 4.03 -64.78
N LEU M 1018 173.00 5.25 -64.40
CA LEU M 1018 171.65 5.58 -63.96
C LEU M 1018 170.98 6.53 -64.95
N ARG M 1019 169.73 6.22 -65.29
CA ARG M 1019 169.02 6.81 -66.43
C ARG M 1019 167.61 7.21 -65.99
N ALA M 1020 167.53 8.24 -65.14
CA ALA M 1020 166.26 8.72 -64.61
C ALA M 1020 165.38 9.31 -65.71
N THR M 1021 164.07 9.02 -65.65
CA THR M 1021 163.08 9.44 -66.63
C THR M 1021 161.83 9.95 -65.92
N PHE M 1022 161.28 11.08 -66.39
CA PHE M 1022 160.07 11.65 -65.79
C PHE M 1022 159.18 12.33 -66.83
N GLU M 1023 157.93 12.61 -66.41
CA GLU M 1023 156.93 13.25 -67.25
C GLU M 1023 157.11 14.77 -67.27
N SER M 1024 156.77 15.38 -68.41
CA SER M 1024 157.11 16.76 -68.74
C SER M 1024 155.84 17.56 -69.04
N ASN M 1025 155.92 18.89 -68.85
CA ASN M 1025 154.76 19.77 -68.92
C ASN M 1025 155.20 21.18 -69.34
N ARG M 1026 154.21 22.06 -69.56
CA ARG M 1026 154.49 23.39 -70.13
C ARG M 1026 155.28 24.28 -69.19
N TYR M 1027 155.35 23.99 -67.89
CA TYR M 1027 155.97 24.88 -66.92
C TYR M 1027 157.40 24.47 -66.54
N ILE M 1028 158.04 23.57 -67.28
CA ILE M 1028 159.41 23.17 -66.95
C ILE M 1028 160.34 24.37 -67.12
N SER M 1029 161.30 24.50 -66.19
CA SER M 1029 162.18 25.66 -66.14
C SER M 1029 163.19 25.64 -67.30
N PRO M 1030 163.29 26.71 -68.11
CA PRO M 1030 164.36 26.73 -69.13
C PRO M 1030 165.76 26.74 -68.54
N LEU M 1031 165.97 27.45 -67.43
CA LEU M 1031 167.31 27.58 -66.85
C LEU M 1031 167.88 26.21 -66.50
N MET M 1032 167.06 25.34 -65.90
CA MET M 1032 167.53 23.98 -65.63
C MET M 1032 167.73 23.20 -66.92
N SER M 1033 167.01 23.56 -67.99
CA SER M 1033 167.00 22.74 -69.20
C SER M 1033 168.27 22.88 -70.03
N SER M 1034 168.88 24.06 -70.04
CA SER M 1034 170.08 24.30 -70.84
C SER M 1034 171.38 23.94 -70.12
N SER M 1035 171.38 23.90 -68.78
CA SER M 1035 172.58 23.65 -68.02
C SER M 1035 172.93 22.16 -68.04
N ASP M 1036 174.14 21.83 -67.58
CA ASP M 1036 174.57 20.46 -67.31
C ASP M 1036 174.57 20.22 -65.80
N LEU M 1037 174.11 19.03 -65.39
CA LEU M 1037 173.67 18.79 -64.03
C LEU M 1037 174.61 17.88 -63.26
N THR M 1038 174.38 17.84 -61.95
CA THR M 1038 174.96 16.88 -61.02
C THR M 1038 173.84 16.14 -60.31
N PHE M 1039 174.13 14.93 -59.83
CA PHE M 1039 173.17 14.21 -58.99
C PHE M 1039 172.82 15.00 -57.73
N THR M 1040 173.70 15.91 -57.29
CA THR M 1040 173.46 16.73 -56.11
C THR M 1040 172.83 18.09 -56.42
N THR M 1041 172.48 18.35 -57.68
CA THR M 1041 171.69 19.53 -58.05
C THR M 1041 170.35 19.14 -58.65
N PHE M 1042 170.33 18.13 -59.53
CA PHE M 1042 169.11 17.38 -59.79
C PHE M 1042 168.79 16.59 -58.53
N LEU M 1043 167.52 16.22 -58.38
CA LEU M 1043 167.08 15.39 -57.26
C LEU M 1043 167.40 16.05 -55.91
N THR M 1044 166.93 17.29 -55.75
CA THR M 1044 167.20 18.11 -54.56
C THR M 1044 165.91 18.76 -54.11
N GLU M 1045 165.76 18.91 -52.79
CA GLU M 1045 164.55 19.51 -52.23
C GLU M 1045 164.45 21.01 -52.49
N LEU M 1046 163.22 21.46 -52.74
CA LEU M 1046 162.86 22.87 -52.67
C LEU M 1046 161.62 22.98 -51.80
N THR M 1047 161.63 23.95 -50.89
CA THR M 1047 160.50 24.20 -50.01
C THR M 1047 160.28 25.70 -49.86
N GLY M 1048 159.09 26.06 -49.40
CA GLY M 1048 158.77 27.44 -49.10
C GLY M 1048 157.29 27.57 -48.81
N SER M 1049 156.91 28.78 -48.40
CA SER M 1049 155.52 29.11 -48.13
C SER M 1049 155.13 30.44 -48.76
N TYR M 1050 153.83 30.59 -48.96
CA TYR M 1050 153.18 31.88 -49.10
C TYR M 1050 152.61 32.25 -47.75
N VAL M 1051 152.67 33.52 -47.39
CA VAL M 1051 152.05 34.03 -46.17
C VAL M 1051 151.50 35.43 -46.45
N GLY M 1052 150.22 35.63 -46.16
CA GLY M 1052 149.58 36.91 -46.32
C GLY M 1052 149.61 37.75 -45.06
N ARG M 1053 149.40 39.05 -45.22
CA ARG M 1053 149.39 39.96 -44.08
C ARG M 1053 148.23 39.62 -43.15
N ALA M 1054 148.53 39.54 -41.85
CA ALA M 1054 147.54 39.15 -40.87
C ALA M 1054 146.40 40.16 -40.83
N ILE M 1055 145.17 39.67 -40.74
CA ILE M 1055 143.97 40.49 -40.86
C ILE M 1055 143.31 40.61 -39.49
N ASP M 1056 142.94 41.83 -39.12
CA ASP M 1056 142.15 42.09 -37.93
C ASP M 1056 140.68 41.83 -38.23
N MET M 1057 140.10 40.88 -37.50
CA MET M 1057 138.68 40.52 -37.59
C MET M 1057 138.01 40.77 -36.25
N THR M 1058 138.40 41.85 -35.56
CA THR M 1058 137.78 42.16 -34.27
C THR M 1058 136.32 42.56 -34.45
N GLU M 1059 136.05 43.42 -35.43
CA GLU M 1059 134.71 43.96 -35.62
C GLU M 1059 133.79 43.04 -36.42
N ALA M 1060 134.18 41.76 -36.58
CA ALA M 1060 133.31 40.73 -37.10
C ALA M 1060 133.89 39.37 -36.74
N PRO M 1061 133.68 38.89 -35.50
CA PRO M 1061 134.22 37.56 -35.14
C PRO M 1061 133.68 36.46 -36.04
N TYR M 1062 134.44 35.37 -36.12
CA TYR M 1062 134.10 34.24 -36.98
C TYR M 1062 134.45 32.93 -36.29
N ASN M 1063 133.67 31.88 -36.59
CA ASN M 1063 133.99 30.53 -36.16
C ASN M 1063 133.95 29.48 -37.28
N THR M 1064 133.71 29.87 -38.52
CA THR M 1064 133.71 28.96 -39.67
C THR M 1064 134.53 29.58 -40.78
N VAL M 1065 135.24 28.74 -41.54
CA VAL M 1065 136.14 29.19 -42.61
C VAL M 1065 135.83 28.36 -43.86
N ARG M 1066 135.92 29.02 -45.02
CA ARG M 1066 135.86 28.38 -46.33
C ARG M 1066 137.13 28.78 -47.08
N PHE M 1067 137.99 27.80 -47.37
CA PHE M 1067 139.35 28.01 -47.88
C PHE M 1067 139.45 27.35 -49.25
N SER M 1068 139.83 28.13 -50.28
CA SER M 1068 139.76 27.70 -51.67
C SER M 1068 140.97 28.21 -52.46
N TYR M 1069 141.50 27.37 -53.35
CA TYR M 1069 142.58 27.72 -54.26
C TYR M 1069 142.67 26.71 -55.38
N GLU M 1070 143.26 27.12 -56.50
CA GLU M 1070 143.66 26.22 -57.58
C GLU M 1070 145.14 25.87 -57.46
N ALA M 1071 145.46 24.59 -57.66
CA ALA M 1071 146.84 24.12 -57.63
C ALA M 1071 147.12 23.16 -58.78
N PHE M 1072 148.37 23.16 -59.24
CA PHE M 1072 148.90 22.18 -60.19
C PHE M 1072 149.99 21.39 -59.49
N LEU M 1073 149.81 20.07 -59.42
CA LEU M 1073 150.69 19.17 -58.68
C LEU M 1073 151.31 18.13 -59.60
N PRO M 1074 152.54 18.34 -60.10
CA PRO M 1074 153.28 17.25 -60.74
C PRO M 1074 153.48 16.08 -59.77
N LYS M 1075 153.97 14.98 -60.33
CA LYS M 1075 154.33 13.82 -59.52
C LYS M 1075 155.38 14.20 -58.51
N GLY M 1076 155.16 13.81 -57.25
CA GLY M 1076 156.09 14.16 -56.19
C GLY M 1076 156.16 15.64 -55.85
N THR M 1077 155.01 16.32 -55.80
CA THR M 1077 154.93 17.69 -55.34
C THR M 1077 153.76 17.80 -54.36
N LYS M 1078 153.95 18.59 -53.31
CA LYS M 1078 153.00 18.66 -52.20
C LYS M 1078 152.67 20.10 -51.84
N VAL M 1079 151.40 20.36 -51.57
CA VAL M 1079 150.89 21.66 -51.12
C VAL M 1079 149.96 21.42 -49.94
N VAL M 1080 150.06 22.28 -48.92
CA VAL M 1080 149.24 22.20 -47.70
C VAL M 1080 148.61 23.55 -47.41
N PRO M 1081 147.30 23.65 -47.13
CA PRO M 1081 146.73 24.92 -46.65
C PRO M 1081 146.72 25.04 -45.14
N LYS M 1082 146.97 26.26 -44.65
CA LYS M 1082 147.12 26.54 -43.23
C LYS M 1082 146.60 27.93 -42.90
N TYR M 1083 146.23 28.11 -41.62
CA TYR M 1083 145.82 29.40 -41.10
C TYR M 1083 146.30 29.56 -39.66
N SER M 1084 146.34 30.81 -39.21
CA SER M 1084 146.61 31.18 -37.83
C SER M 1084 145.49 32.08 -37.31
N ALA M 1085 145.08 31.84 -36.06
CA ALA M 1085 144.08 32.65 -35.38
C ALA M 1085 144.68 33.60 -34.34
N ASP M 1086 145.97 33.92 -34.44
CA ASP M 1086 146.62 34.75 -33.42
C ASP M 1086 147.93 35.31 -33.96
N ASP M 1087 147.85 36.08 -35.04
CA ASP M 1087 148.99 36.83 -35.59
C ASP M 1087 150.21 35.94 -35.86
N GLY M 1088 149.95 34.69 -36.23
CA GLY M 1088 151.03 33.77 -36.55
C GLY M 1088 151.74 33.17 -35.36
N LYS M 1089 151.21 33.33 -34.15
CA LYS M 1089 151.88 32.78 -32.97
C LYS M 1089 151.74 31.26 -32.91
N THR M 1090 150.59 30.73 -33.30
CA THR M 1090 150.40 29.30 -33.56
C THR M 1090 149.77 29.11 -34.94
N TRP M 1091 150.06 27.96 -35.57
CA TRP M 1091 149.59 27.63 -36.90
C TRP M 1091 148.72 26.37 -36.86
N LYS M 1092 147.51 26.47 -37.40
CA LYS M 1092 146.57 25.36 -37.49
C LYS M 1092 146.61 24.66 -38.85
N THR M 1093 146.01 23.44 -38.90
CA THR M 1093 145.70 22.78 -40.16
C THR M 1093 144.25 22.30 -40.18
N PHE M 1094 143.67 22.27 -41.38
CA PHE M 1094 142.30 21.81 -41.51
C PHE M 1094 142.25 20.29 -41.33
N THR M 1095 141.09 19.78 -40.90
CA THR M 1095 140.91 18.35 -40.67
C THR M 1095 140.27 17.62 -41.84
N LYS M 1096 139.39 18.27 -42.59
CA LYS M 1096 138.62 17.63 -43.64
C LYS M 1096 139.48 17.36 -44.87
N SER M 1097 139.00 16.41 -45.71
CA SER M 1097 139.50 16.31 -47.08
C SER M 1097 138.85 17.40 -47.94
N PRO M 1098 139.55 17.98 -48.89
CA PRO M 1098 138.92 18.96 -49.79
C PRO M 1098 138.00 18.29 -50.80
N THR M 1099 137.08 19.09 -51.34
CA THR M 1099 136.32 18.73 -52.53
C THR M 1099 136.96 19.40 -53.75
N THR M 1100 136.92 18.71 -54.89
CA THR M 1100 137.78 19.03 -56.02
C THR M 1100 137.01 19.19 -57.32
N THR M 1101 137.49 20.10 -58.17
CA THR M 1101 137.00 20.33 -59.52
C THR M 1101 138.19 20.57 -60.45
N ARG M 1102 138.12 20.03 -61.66
CA ARG M 1102 139.16 20.30 -62.67
C ARG M 1102 138.88 21.63 -63.37
N ALA M 1103 139.90 22.48 -63.44
CA ALA M 1103 139.80 23.80 -64.08
C ALA M 1103 140.31 23.78 -65.52
N ASN M 1104 141.50 23.23 -65.76
CA ASN M 1104 141.99 23.09 -67.13
C ASN M 1104 142.92 21.88 -67.14
N ASN M 1105 143.84 21.83 -68.11
CA ASN M 1105 144.70 20.66 -68.26
C ASN M 1105 145.56 20.44 -67.02
N GLU M 1106 146.12 21.51 -66.46
CA GLU M 1106 147.00 21.41 -65.30
C GLU M 1106 146.30 21.65 -63.96
N PHE M 1107 145.47 22.68 -63.85
CA PHE M 1107 145.03 23.17 -62.54
C PHE M 1107 143.75 22.48 -62.07
N THR M 1108 143.75 22.10 -60.79
CA THR M 1108 142.58 21.56 -60.10
C THR M 1108 142.20 22.50 -58.95
N ARG M 1109 140.91 22.79 -58.83
CA ARG M 1109 140.42 23.64 -57.75
C ARG M 1109 140.21 22.78 -56.52
N TYR M 1110 140.75 23.20 -55.38
CA TYR M 1110 140.57 22.55 -54.09
C TYR M 1110 139.78 23.47 -53.19
N VAL M 1111 138.75 22.93 -52.53
CA VAL M 1111 137.90 23.71 -51.62
C VAL M 1111 137.78 22.98 -50.30
N ILE M 1112 137.81 23.74 -49.20
CA ILE M 1112 137.57 23.24 -47.86
C ILE M 1112 136.52 24.14 -47.22
N ASP M 1113 135.60 23.52 -46.45
CA ASP M 1113 134.59 24.25 -45.68
C ASP M 1113 134.48 23.56 -44.33
N GLU M 1114 135.09 24.15 -43.31
CA GLU M 1114 135.22 23.55 -41.99
C GLU M 1114 134.83 24.55 -40.91
N LYS M 1115 134.15 24.06 -39.87
CA LYS M 1115 133.83 24.84 -38.67
C LYS M 1115 135.05 24.81 -37.76
N VAL M 1116 135.98 25.75 -37.99
CA VAL M 1116 137.29 25.73 -37.34
C VAL M 1116 137.23 25.81 -35.82
N LYS M 1117 136.13 26.33 -35.26
CA LYS M 1117 135.97 26.47 -33.81
C LYS M 1117 134.59 25.96 -33.41
N SER M 1118 134.56 25.04 -32.45
CA SER M 1118 133.29 24.44 -32.05
C SER M 1118 132.44 25.43 -31.25
N SER M 1119 133.05 26.17 -30.33
CA SER M 1119 132.34 27.15 -29.51
C SER M 1119 133.19 28.42 -29.39
N GLY M 1120 132.52 29.57 -29.35
CA GLY M 1120 133.20 30.85 -29.37
C GLY M 1120 133.45 31.31 -30.79
N THR M 1121 134.24 32.38 -30.93
CA THR M 1121 134.55 32.97 -32.22
C THR M 1121 135.96 33.54 -32.22
N ASN M 1122 136.69 33.31 -33.32
CA ASN M 1122 138.00 33.93 -33.51
C ASN M 1122 137.83 35.39 -33.89
N THR M 1123 138.86 36.20 -33.58
CA THR M 1123 138.88 37.62 -33.90
C THR M 1123 140.06 38.05 -34.75
N LYS M 1124 140.91 37.13 -35.20
CA LYS M 1124 142.00 37.43 -36.11
C LYS M 1124 142.21 36.28 -37.09
N LEU M 1125 142.73 36.61 -38.27
CA LEU M 1125 142.95 35.66 -39.36
C LEU M 1125 144.27 35.97 -40.07
N GLN M 1126 145.06 34.93 -40.31
CA GLN M 1126 146.20 35.00 -41.23
C GLN M 1126 146.23 33.72 -42.06
N VAL M 1127 146.49 33.87 -43.36
CA VAL M 1127 146.36 32.81 -44.34
C VAL M 1127 147.75 32.41 -44.85
N ARG M 1128 147.90 31.12 -45.20
CA ARG M 1128 149.20 30.57 -45.53
C ARG M 1128 149.05 29.33 -46.44
N LEU M 1129 150.05 29.12 -47.30
CA LEU M 1129 150.22 27.89 -48.08
C LEU M 1129 151.66 27.39 -47.96
N ASP M 1130 151.84 26.10 -47.72
CA ASP M 1130 153.16 25.46 -47.71
C ASP M 1130 153.38 24.71 -49.02
N LEU M 1131 154.50 24.97 -49.69
CA LEU M 1131 154.82 24.33 -50.97
C LEU M 1131 156.14 23.59 -50.84
N SER M 1132 156.21 22.39 -51.43
CA SER M 1132 157.46 21.65 -51.44
C SER M 1132 157.55 20.75 -52.67
N THR M 1133 158.78 20.30 -52.96
CA THR M 1133 159.02 19.37 -54.06
C THR M 1133 159.80 18.16 -53.55
N GLU M 1134 159.72 17.06 -54.32
CA GLU M 1134 160.57 15.89 -54.10
C GLU M 1134 161.79 15.84 -55.03
N ASN M 1135 161.86 16.70 -56.03
CA ASN M 1135 163.08 16.88 -56.83
C ASN M 1135 163.15 18.35 -57.25
N SER M 1136 164.07 18.66 -58.16
CA SER M 1136 164.30 20.05 -58.57
C SER M 1136 163.59 20.43 -59.86
N PHE M 1137 163.32 19.48 -60.76
CA PHE M 1137 162.71 19.81 -62.04
C PHE M 1137 161.20 20.01 -61.93
N LEU M 1138 160.53 19.29 -61.04
CA LEU M 1138 159.07 19.30 -60.93
C LEU M 1138 158.66 20.14 -59.72
N ARG M 1139 157.85 21.18 -59.97
CA ARG M 1139 157.50 22.17 -58.96
C ARG M 1139 155.99 22.41 -58.90
N PRO M 1140 155.41 22.64 -57.73
CA PRO M 1140 153.98 22.98 -57.66
C PRO M 1140 153.71 24.44 -57.95
N ARG M 1141 152.50 24.72 -58.44
CA ARG M 1141 152.08 26.08 -58.77
C ARG M 1141 150.66 26.28 -58.26
N VAL M 1142 150.38 27.51 -57.79
CA VAL M 1142 149.07 27.85 -57.22
C VAL M 1142 148.59 29.18 -57.78
N ARG M 1143 147.26 29.34 -57.83
CA ARG M 1143 146.66 30.59 -58.26
C ARG M 1143 145.24 30.71 -57.72
N ARG M 1144 144.69 31.93 -57.88
CA ARG M 1144 143.32 32.30 -57.50
C ARG M 1144 142.97 31.76 -56.12
N LEU M 1145 143.62 32.33 -55.11
CA LEU M 1145 143.48 31.94 -53.71
C LEU M 1145 142.43 32.82 -53.03
N MET M 1146 141.47 32.19 -52.35
CA MET M 1146 140.38 32.91 -51.69
C MET M 1146 140.06 32.28 -50.34
N VAL M 1147 139.88 33.13 -49.33
CA VAL M 1147 139.42 32.72 -48.00
C VAL M 1147 138.32 33.68 -47.56
N THR M 1148 137.18 33.13 -47.15
CA THR M 1148 136.12 33.89 -46.49
C THR M 1148 135.73 33.15 -45.22
N THR M 1149 135.27 33.92 -44.24
CA THR M 1149 134.91 33.39 -42.93
C THR M 1149 133.46 33.75 -42.61
N ARG M 1150 132.86 32.94 -41.75
CA ARG M 1150 131.45 33.01 -41.39
C ARG M 1150 131.30 32.84 -39.89
N ASP M 1151 130.13 33.20 -39.38
CA ASP M 1151 129.74 32.99 -37.99
C ASP M 1151 128.53 32.07 -37.99
N GLU M 1152 128.70 30.86 -37.47
CA GLU M 1152 127.63 29.86 -37.53
C GLU M 1152 127.49 29.02 -36.26
N ASN N 4 87.73 12.06 4.69
CA ASN N 4 87.43 10.60 4.59
C ASN N 4 85.93 10.38 4.83
N PHE N 5 85.25 9.85 3.83
CA PHE N 5 83.84 9.52 3.93
C PHE N 5 83.60 8.01 3.99
N LYS N 6 84.66 7.21 4.15
CA LYS N 6 84.52 5.77 4.25
C LYS N 6 84.02 5.32 5.62
N GLY N 7 83.93 6.21 6.60
CA GLY N 7 83.60 5.82 7.95
C GLY N 7 82.13 5.50 8.15
N SER N 8 81.79 5.24 9.42
CA SER N 8 80.45 4.79 9.77
C SER N 8 79.34 5.75 9.34
N PRO N 9 79.39 7.06 9.62
CA PRO N 9 78.20 7.90 9.36
C PRO N 9 77.87 8.08 7.89
N TYR N 10 78.77 7.76 6.97
CA TYR N 10 78.52 7.87 5.53
C TYR N 10 78.80 6.59 4.77
N LEU N 11 79.91 5.91 5.07
CA LEU N 11 80.24 4.63 4.44
C LEU N 11 80.40 4.78 2.93
N ASP N 12 81.06 5.86 2.49
CA ASP N 12 81.24 6.12 1.07
C ASP N 12 82.16 5.05 0.50
N ARG N 13 81.64 4.18 -0.36
CA ARG N 13 82.35 2.98 -0.77
C ARG N 13 83.08 3.16 -2.11
N PHE N 14 83.37 4.40 -2.48
CA PHE N 14 84.17 4.67 -3.67
C PHE N 14 85.64 4.38 -3.40
N ASP N 15 86.31 3.83 -4.41
CA ASP N 15 87.76 3.63 -4.36
C ASP N 15 88.30 3.59 -5.79
N PRO N 16 89.26 4.45 -6.17
CA PRO N 16 89.69 4.44 -7.58
C PRO N 16 90.37 3.15 -8.01
N SER N 17 91.11 2.49 -7.11
CA SER N 17 91.80 1.24 -7.44
C SER N 17 90.87 0.11 -7.87
N LYS N 18 89.56 0.21 -7.63
CA LYS N 18 88.65 -0.86 -8.01
C LYS N 18 88.16 -0.75 -9.45
N ASP N 19 88.32 0.40 -10.08
CA ASP N 19 87.92 0.62 -11.47
C ASP N 19 86.43 0.35 -11.70
N ARG N 20 85.62 0.72 -10.70
CA ARG N 20 84.17 0.58 -10.77
C ARG N 20 83.56 1.93 -11.12
N THR N 21 82.79 1.99 -12.21
CA THR N 21 82.41 3.24 -12.86
C THR N 21 80.91 3.46 -12.93
N LYS N 22 80.09 2.60 -12.34
CA LYS N 22 78.64 2.75 -12.46
C LYS N 22 77.98 1.96 -11.35
N VAL N 23 76.99 2.56 -10.69
CA VAL N 23 76.20 1.89 -9.66
C VAL N 23 74.88 1.52 -10.31
N LEU N 24 74.71 0.23 -10.57
CA LEU N 24 73.55 -0.29 -11.29
C LEU N 24 72.51 -0.78 -10.29
N PHE N 25 71.45 0.00 -10.11
CA PHE N 25 70.42 -0.38 -9.15
C PHE N 25 69.53 -1.48 -9.73
N ASN N 26 68.96 -2.31 -8.85
CA ASN N 26 68.07 -3.40 -9.23
C ASN N 26 66.70 -3.19 -8.57
N PRO N 27 65.63 -3.73 -9.14
CA PRO N 27 64.32 -3.57 -8.50
C PRO N 27 64.15 -4.56 -7.36
N ASP N 28 63.22 -4.21 -6.46
CA ASP N 28 62.87 -5.04 -5.30
C ASP N 28 64.02 -5.16 -4.31
N ARG N 29 64.77 -4.09 -4.13
CA ARG N 29 65.91 -4.05 -3.23
C ARG N 29 65.78 -2.82 -2.33
N PRO N 30 66.47 -2.79 -1.19
CA PRO N 30 66.54 -1.55 -0.42
C PRO N 30 67.60 -0.61 -0.99
N LEU N 31 67.40 0.69 -0.72
CA LEU N 31 68.25 1.74 -1.27
C LEU N 31 69.26 2.18 -0.21
N GLN N 32 70.54 2.09 -0.54
CA GLN N 32 71.63 2.40 0.38
C GLN N 32 72.15 3.81 0.13
N GLN N 33 72.37 4.55 1.22
CA GLN N 33 72.94 5.87 1.09
C GLN N 33 74.37 5.81 0.54
N ALA N 34 75.08 4.72 0.84
CA ALA N 34 76.45 4.57 0.34
C ALA N 34 76.46 4.50 -1.19
N GLU N 35 75.46 3.87 -1.78
CA GLU N 35 75.37 3.82 -3.24
C GLU N 35 75.19 5.21 -3.82
N LEU N 36 74.37 6.04 -3.19
CA LEU N 36 74.16 7.40 -3.68
C LEU N 36 75.44 8.22 -3.57
N ASN N 37 76.12 8.11 -2.43
CA ASN N 37 77.39 8.80 -2.24
C ASN N 37 78.41 8.38 -3.30
N GLU N 38 78.53 7.08 -3.52
CA GLU N 38 79.45 6.57 -4.54
C GLU N 38 79.04 7.02 -5.92
N MET N 39 77.72 7.14 -6.16
CA MET N 39 77.21 7.57 -7.46
C MET N 39 77.78 8.94 -7.83
N GLN N 40 77.71 9.89 -6.89
CA GLN N 40 78.32 11.19 -7.22
C GLN N 40 79.84 11.19 -7.10
N SER N 41 80.40 10.34 -6.22
CA SER N 41 81.85 10.32 -6.04
C SER N 41 82.57 9.90 -7.31
N ILE N 42 82.05 8.89 -8.00
CA ILE N 42 82.66 8.46 -9.26
C ILE N 42 82.73 9.62 -10.25
N ASP N 43 81.60 10.29 -10.48
CA ASP N 43 81.57 11.37 -11.44
C ASP N 43 82.53 12.49 -11.04
N GLN N 44 82.57 12.82 -9.75
CA GLN N 44 83.46 13.88 -9.32
C GLN N 44 84.92 13.49 -9.51
N TYR N 45 85.25 12.20 -9.31
CA TYR N 45 86.64 11.79 -9.42
C TYR N 45 87.07 11.81 -10.88
N TYR N 46 86.19 11.37 -11.79
CA TYR N 46 86.55 11.40 -13.20
C TYR N 46 86.58 12.83 -13.74
N LEU N 47 85.74 13.72 -13.19
CA LEU N 47 85.84 15.12 -13.55
C LEU N 47 87.17 15.71 -13.08
N LYS N 48 87.61 15.32 -11.88
CA LYS N 48 88.92 15.72 -11.40
C LYS N 48 90.03 15.21 -12.31
N ASN N 49 89.92 13.95 -12.75
CA ASN N 49 90.93 13.41 -13.65
C ASN N 49 90.96 14.17 -14.96
N LEU N 50 89.79 14.52 -15.49
CA LEU N 50 89.75 15.27 -16.75
C LEU N 50 90.38 16.64 -16.58
N GLY N 51 90.03 17.34 -15.50
CA GLY N 51 90.62 18.64 -15.25
C GLY N 51 92.12 18.60 -15.01
N ASP N 52 92.60 17.57 -14.31
CA ASP N 52 94.04 17.47 -14.04
C ASP N 52 94.82 17.18 -15.30
N ALA N 53 94.25 16.44 -16.24
CA ALA N 53 94.94 16.17 -17.50
C ALA N 53 95.22 17.44 -18.28
N ILE N 54 94.44 18.51 -18.04
CA ILE N 54 94.59 19.77 -18.75
C ILE N 54 95.24 20.83 -17.86
N PHE N 55 94.58 21.23 -16.77
CA PHE N 55 94.98 22.35 -15.94
C PHE N 55 95.91 21.87 -14.83
N LYS N 56 96.46 22.84 -14.08
CA LYS N 56 97.19 22.58 -12.86
C LYS N 56 96.56 23.41 -11.74
N ASP N 57 96.67 22.89 -10.51
CA ASP N 57 96.19 23.61 -9.34
C ASP N 57 96.79 25.01 -9.31
N GLY N 58 95.94 26.00 -9.07
CA GLY N 58 96.38 27.38 -9.01
C GLY N 58 96.46 28.09 -10.33
N ASP N 59 95.94 27.49 -11.40
CA ASP N 59 96.04 28.07 -12.75
C ASP N 59 94.93 29.09 -12.96
N LYS N 60 95.30 30.37 -13.01
CA LYS N 60 94.33 31.44 -13.18
C LYS N 60 93.69 31.35 -14.55
N GLN N 61 92.37 31.58 -14.60
CA GLN N 61 91.62 31.62 -15.85
C GLN N 61 91.12 33.00 -16.22
N SER N 62 90.54 33.74 -15.28
CA SER N 62 90.04 35.08 -15.57
C SER N 62 89.89 35.84 -14.26
N GLY N 63 90.07 37.16 -14.35
CA GLY N 63 89.94 38.03 -13.21
C GLY N 63 91.14 37.91 -12.28
N LEU N 64 90.88 37.87 -10.98
CA LEU N 64 91.91 37.72 -9.95
C LEU N 64 92.97 38.82 -10.04
N GLY N 65 92.58 40.01 -10.51
CA GLY N 65 93.50 41.12 -10.56
C GLY N 65 93.76 41.70 -9.18
N PHE N 66 94.96 41.48 -8.64
CA PHE N 66 95.26 41.92 -7.29
C PHE N 66 95.38 43.45 -7.21
N THR N 67 95.17 43.96 -6.00
CA THR N 67 95.32 45.37 -5.67
C THR N 67 96.07 45.49 -4.36
N LEU N 68 97.31 45.97 -4.40
CA LEU N 68 98.19 46.03 -3.24
C LEU N 68 98.25 47.45 -2.70
N SER N 69 97.84 47.64 -1.45
CA SER N 69 97.89 48.99 -0.87
C SER N 69 99.32 49.31 -0.43
N GLU N 70 99.52 50.55 0.02
CA GLU N 70 100.82 50.96 0.53
C GLU N 70 101.16 50.30 1.86
N ASP N 71 100.17 49.83 2.61
CA ASP N 71 100.39 49.10 3.85
C ASP N 71 100.66 47.61 3.61
N ASN N 72 101.08 47.22 2.41
CA ASN N 72 101.38 45.83 2.07
C ASN N 72 100.17 44.91 2.26
N VAL N 73 98.96 45.46 2.23
CA VAL N 73 97.74 44.66 2.34
C VAL N 73 97.35 44.25 0.93
N LEU N 74 97.25 42.95 0.70
CA LEU N 74 96.92 42.40 -0.60
C LEU N 74 95.45 42.02 -0.63
N THR N 75 94.77 42.39 -1.73
CA THR N 75 93.38 41.99 -1.99
C THR N 75 93.29 41.46 -3.41
N VAL N 76 92.55 40.36 -3.58
CA VAL N 76 92.38 39.69 -4.87
C VAL N 76 90.94 39.93 -5.33
N ASN N 77 90.78 40.42 -6.57
CA ASN N 77 89.45 40.62 -7.13
C ASN N 77 88.81 39.27 -7.48
N PRO N 78 87.49 39.24 -7.68
CA PRO N 78 86.84 37.97 -8.05
C PRO N 78 87.37 37.41 -9.35
N GLY N 79 87.29 36.10 -9.49
CA GLY N 79 87.77 35.46 -10.71
C GLY N 79 87.80 33.95 -10.55
N TYR N 80 88.06 33.27 -11.66
CA TYR N 80 87.99 31.82 -11.74
C TYR N 80 89.38 31.23 -11.53
N VAL N 81 89.43 30.04 -10.94
CA VAL N 81 90.70 29.36 -10.70
C VAL N 81 90.44 27.87 -10.59
N TYR N 82 91.47 27.08 -10.93
CA TYR N 82 91.40 25.62 -10.90
C TYR N 82 92.08 25.19 -9.61
N ILE N 83 91.31 24.60 -8.70
CA ILE N 83 91.83 24.12 -7.42
C ILE N 83 91.14 22.81 -7.11
N ASN N 84 91.91 21.74 -6.92
CA ASN N 84 91.42 20.46 -6.44
C ASN N 84 90.32 19.91 -7.36
N GLY N 85 90.71 19.65 -8.60
CA GLY N 85 89.84 18.96 -9.53
C GLY N 85 88.62 19.69 -10.02
N LYS N 86 88.48 20.98 -9.70
CA LYS N 86 87.34 21.78 -10.13
C LYS N 86 87.79 23.21 -10.39
N ILE N 87 87.11 23.86 -11.34
CA ILE N 87 87.31 25.28 -11.59
C ILE N 87 86.33 26.02 -10.69
N ARG N 88 86.82 26.45 -9.53
CA ARG N 88 85.98 27.11 -8.55
C ARG N 88 85.98 28.61 -8.80
N TYR N 89 84.89 29.26 -8.40
CA TYR N 89 84.74 30.71 -8.54
C TYR N 89 85.08 31.36 -7.20
N TYR N 90 86.06 32.26 -7.21
CA TYR N 90 86.54 32.91 -6.00
C TYR N 90 85.86 34.26 -5.86
N ASP N 91 85.13 34.43 -4.77
CA ASP N 91 84.48 35.68 -4.42
C ASP N 91 84.51 35.84 -2.90
N ASN N 92 85.68 35.60 -2.31
CA ASN N 92 85.79 35.59 -0.85
C ASN N 92 85.97 36.99 -0.29
N ASP N 93 86.58 37.90 -1.05
CA ASP N 93 86.86 39.26 -0.59
C ASP N 93 87.76 39.26 0.65
N ASP N 94 88.74 38.37 0.68
CA ASP N 94 89.67 38.25 1.79
C ASP N 94 90.92 39.08 1.50
N SER N 95 91.54 39.56 2.57
CA SER N 95 92.73 40.40 2.48
C SER N 95 93.75 39.92 3.51
N VAL N 96 94.99 39.73 3.05
CA VAL N 96 96.10 39.33 3.92
C VAL N 96 97.29 40.22 3.62
N LYS N 97 98.03 40.59 4.66
CA LYS N 97 99.20 41.45 4.53
C LYS N 97 100.45 40.61 4.36
N ILE N 98 101.40 41.17 3.60
CA ILE N 98 102.67 40.53 3.29
C ILE N 98 103.79 41.26 4.02
N THR N 99 104.85 40.51 4.36
CA THR N 99 105.98 41.11 5.06
C THR N 99 106.69 42.14 4.19
N GLY N 100 106.74 41.91 2.88
CA GLY N 100 107.36 42.87 1.97
C GLY N 100 108.87 42.72 1.85
N VAL N 101 109.40 41.54 2.12
CA VAL N 101 110.84 41.27 2.04
C VAL N 101 111.03 39.81 1.63
N GLY N 102 111.95 39.58 0.71
CA GLY N 102 112.21 38.23 0.25
C GLY N 102 111.10 37.71 -0.64
N LYS N 103 111.25 36.45 -1.04
CA LYS N 103 110.27 35.81 -1.90
C LYS N 103 109.02 35.48 -1.08
N GLU N 104 107.85 35.81 -1.63
CA GLU N 104 106.57 35.65 -0.95
C GLU N 104 105.55 35.10 -1.93
N THR N 105 105.03 33.90 -1.65
CA THR N 105 104.11 33.19 -2.53
C THR N 105 102.70 33.31 -1.98
N ILE N 106 101.78 33.76 -2.83
CA ILE N 106 100.37 33.89 -2.49
C ILE N 106 99.63 32.70 -3.06
N GLY N 107 98.91 31.99 -2.22
CA GLY N 107 98.16 30.82 -2.64
C GLY N 107 96.83 30.75 -1.93
N ILE N 108 95.87 30.10 -2.59
CA ILE N 108 94.53 29.90 -2.07
C ILE N 108 94.48 28.56 -1.34
N LYS N 109 93.85 28.53 -0.16
CA LYS N 109 93.68 27.33 0.64
C LYS N 109 92.21 26.94 0.67
N LEU N 110 91.94 25.65 0.45
CA LEU N 110 90.60 25.09 0.43
C LEU N 110 90.40 24.25 1.70
N THR N 111 89.33 24.57 2.44
CA THR N 111 89.00 23.89 3.69
C THR N 111 87.63 23.22 3.59
N GLU N 112 87.61 21.92 3.84
CA GLU N 112 86.38 21.12 3.82
C GLU N 112 85.62 21.28 5.13
N ARG N 113 84.32 21.56 5.04
CA ARG N 113 83.53 21.81 6.24
C ARG N 113 82.17 21.16 5.99
N ILE N 114 81.67 20.44 7.00
CA ILE N 114 80.43 19.68 6.90
C ILE N 114 79.33 20.58 7.45
N VAL N 115 78.30 20.80 6.64
CA VAL N 115 77.15 21.62 7.02
C VAL N 115 75.98 20.68 7.27
N THR N 116 75.43 20.72 8.47
CA THR N 116 74.34 19.87 8.92
C THR N 116 73.03 20.64 8.95
N PRO N 117 71.89 19.96 9.03
CA PRO N 117 70.62 20.68 9.21
C PRO N 117 70.52 21.44 10.53
N ASP N 118 71.21 20.99 11.58
CA ASP N 118 71.19 21.70 12.86
C ASP N 118 71.70 23.12 12.69
N GLU N 119 72.82 23.29 11.98
CA GLU N 119 73.38 24.61 11.75
C GLU N 119 72.58 25.37 10.69
N ASP N 120 72.25 24.70 9.59
CA ASP N 120 71.60 25.30 8.44
C ASP N 120 70.17 24.79 8.43
N ALA N 121 69.24 25.62 8.91
CA ALA N 121 67.84 25.21 8.99
C ALA N 121 67.21 25.04 7.61
N SER N 122 67.75 25.69 6.58
CA SER N 122 67.16 25.58 5.24
C SER N 122 67.32 24.19 4.63
N LEU N 123 68.21 23.34 5.17
CA LEU N 123 68.34 21.99 4.64
C LEU N 123 67.16 21.11 4.99
N LEU N 124 66.38 21.47 6.00
CA LEU N 124 65.19 20.69 6.34
C LEU N 124 64.22 20.69 5.16
N ASP N 125 63.52 19.58 4.99
CA ASP N 125 62.54 19.48 3.91
C ASP N 125 61.46 20.53 4.12
N GLN N 126 61.26 21.34 3.06
CA GLN N 126 60.29 22.44 3.06
C GLN N 126 59.24 22.25 1.98
N THR N 127 58.92 20.99 1.65
CA THR N 127 57.85 20.68 0.72
C THR N 127 56.54 20.62 1.50
N SER N 128 55.61 21.50 1.15
CA SER N 128 54.36 21.60 1.90
C SER N 128 53.54 20.32 1.78
N GLY N 129 52.96 19.88 2.90
CA GLY N 129 52.04 18.78 2.90
C GLY N 129 52.62 17.44 2.49
N VAL N 130 53.74 17.04 3.09
CA VAL N 130 54.31 15.72 2.90
C VAL N 130 54.57 15.10 4.27
N PRO N 131 54.67 13.78 4.39
CA PRO N 131 55.03 13.20 5.70
C PRO N 131 56.39 13.63 6.22
N SER N 132 57.36 13.83 5.32
CA SER N 132 58.73 14.19 5.72
C SER N 132 58.93 15.69 5.84
N TYR N 133 57.87 16.46 6.10
CA TYR N 133 57.99 17.91 6.21
C TYR N 133 58.84 18.25 7.42
N PHE N 134 59.81 19.17 7.23
CA PHE N 134 60.69 19.64 8.30
C PHE N 134 61.60 18.53 8.87
N SER N 135 61.66 17.36 8.22
CA SER N 135 62.53 16.31 8.71
C SER N 135 63.96 16.50 8.18
N LYS N 136 64.92 16.13 9.03
CA LYS N 136 66.34 16.18 8.70
C LYS N 136 66.63 15.32 7.47
N GLY N 137 67.77 15.58 6.84
CA GLY N 137 68.14 14.85 5.64
C GLY N 137 69.64 14.83 5.38
N ALA N 138 70.03 14.99 4.12
CA ALA N 138 71.43 14.87 3.74
C ALA N 138 72.19 16.14 4.12
N ASP N 139 73.40 15.96 4.63
CA ASP N 139 74.26 17.10 4.91
C ASP N 139 74.81 17.64 3.60
N ARG N 140 75.67 18.65 3.71
CA ARG N 140 76.33 19.25 2.57
C ARG N 140 77.81 19.37 2.89
N LEU N 141 78.61 19.45 1.84
CA LEU N 141 80.07 19.55 1.92
C LEU N 141 80.46 20.93 1.43
N GLU N 142 80.78 21.82 2.37
CA GLU N 142 81.08 23.21 2.07
C GLU N 142 82.60 23.38 1.98
N GLU N 143 83.08 23.89 0.85
CA GLU N 143 84.50 24.02 0.57
C GLU N 143 84.82 25.49 0.30
N LYS N 144 85.20 26.21 1.36
CA LYS N 144 85.37 27.66 1.30
C LYS N 144 86.82 28.03 1.02
N MET N 145 87.06 28.78 -0.06
CA MET N 145 88.41 29.18 -0.42
C MET N 145 88.84 30.41 0.37
N SER N 146 90.08 30.36 0.85
CA SER N 146 90.66 31.47 1.61
C SER N 146 92.05 31.77 1.08
N LEU N 147 92.50 33.00 1.34
CA LEU N 147 93.82 33.45 0.94
C LEU N 147 94.85 33.11 2.01
N THR N 148 96.07 32.81 1.55
CA THR N 148 97.18 32.44 2.41
C THR N 148 98.47 33.02 1.84
N VAL N 149 99.50 33.09 2.68
CA VAL N 149 100.81 33.62 2.30
C VAL N 149 101.88 32.64 2.77
N ASN N 150 102.76 32.26 1.84
CA ASN N 150 103.86 31.31 2.09
C ASN N 150 103.38 30.01 2.72
N ASP N 151 102.17 29.59 2.36
CA ASP N 151 101.64 28.29 2.73
C ASP N 151 102.01 27.28 1.65
N PRO N 152 102.84 26.26 1.92
CA PRO N 152 103.19 25.34 0.82
C PRO N 152 102.03 24.49 0.36
N THR N 153 101.11 24.14 1.26
CA THR N 153 99.99 23.28 0.91
C THR N 153 99.03 23.97 -0.07
N SER N 154 98.92 25.29 0.01
CA SER N 154 97.97 26.01 -0.84
C SER N 154 98.40 25.96 -2.30
N ALA N 155 97.45 26.28 -3.18
CA ALA N 155 97.71 26.40 -4.61
C ALA N 155 98.16 27.83 -4.89
N THR N 156 99.44 28.01 -5.20
CA THR N 156 99.97 29.35 -5.44
C THR N 156 99.24 29.99 -6.61
N ILE N 157 99.02 31.30 -6.51
CA ILE N 157 98.40 32.08 -7.57
C ILE N 157 99.29 33.24 -7.99
N TYR N 158 100.08 33.76 -7.06
CA TYR N 158 101.01 34.85 -7.33
C TYR N 158 102.33 34.60 -6.62
N THR N 159 103.36 35.31 -7.07
CA THR N 159 104.66 35.30 -6.41
C THR N 159 105.23 36.70 -6.43
N PHE N 160 105.82 37.12 -5.30
CA PHE N 160 106.35 38.46 -5.14
C PHE N 160 107.80 38.40 -4.68
N MET N 161 108.56 39.43 -5.06
CA MET N 161 109.95 39.60 -4.65
C MET N 161 110.13 41.03 -4.15
N ASP N 162 110.30 41.19 -2.83
CA ASP N 162 110.47 42.50 -2.20
C ASP N 162 109.29 43.40 -2.52
N GLY N 163 108.08 42.83 -2.49
CA GLY N 163 106.88 43.60 -2.77
C GLY N 163 106.57 43.82 -4.23
N ASP N 164 107.37 43.27 -5.14
CA ASP N 164 107.23 43.50 -6.58
C ASP N 164 106.78 42.23 -7.27
N LEU N 165 105.81 42.35 -8.18
CA LEU N 165 105.26 41.17 -8.84
C LEU N 165 106.35 40.48 -9.66
N TYR N 166 106.43 39.16 -9.51
CA TYR N 166 107.50 38.37 -10.12
C TYR N 166 107.18 37.94 -11.55
N ILE N 167 105.97 37.47 -11.81
CA ILE N 167 105.59 36.95 -13.13
C ILE N 167 104.16 37.37 -13.42
N GLN N 168 103.92 37.75 -14.67
CA GLN N 168 102.59 38.10 -15.15
C GLN N 168 102.04 37.01 -16.05
N SER N 169 100.71 36.97 -16.14
CA SER N 169 100.02 36.12 -17.10
C SER N 169 98.81 36.91 -17.60
N THR N 170 98.80 37.25 -18.88
CA THR N 170 97.73 38.09 -19.41
C THR N 170 96.44 37.31 -19.64
N ASN N 171 96.53 36.01 -19.96
CA ASN N 171 95.36 35.19 -20.27
C ASN N 171 95.42 33.89 -19.47
N ALA N 172 94.52 32.96 -19.76
CA ALA N 172 94.42 31.74 -18.96
C ALA N 172 95.72 30.94 -19.00
N GLU N 173 96.03 30.27 -17.90
CA GLU N 173 97.20 29.40 -17.79
C GLU N 173 96.77 27.94 -17.94
N MET N 174 97.60 27.17 -18.63
CA MET N 174 97.29 25.78 -18.94
C MET N 174 98.64 25.05 -19.00
N ASP N 175 98.99 24.40 -17.89
CA ASP N 175 100.34 23.87 -17.72
C ASP N 175 100.66 22.80 -18.77
N LYS N 176 99.78 21.81 -18.93
CA LYS N 176 100.02 20.75 -19.92
C LYS N 176 100.09 21.31 -21.34
N ILE N 177 99.14 22.17 -21.69
CA ILE N 177 99.18 22.84 -22.99
C ILE N 177 100.47 23.65 -23.11
N ASN N 178 100.86 24.33 -22.03
CA ASN N 178 102.06 25.14 -22.08
C ASN N 178 103.31 24.30 -22.32
N LYS N 179 103.35 23.08 -21.77
CA LYS N 179 104.51 22.23 -22.03
C LYS N 179 104.60 21.87 -23.50
N VAL N 180 103.47 21.46 -24.10
CA VAL N 180 103.51 21.12 -25.53
C VAL N 180 103.90 22.35 -26.36
N LEU N 181 103.31 23.49 -26.05
CA LEU N 181 103.63 24.71 -26.78
C LEU N 181 105.10 25.10 -26.62
N ALA N 182 105.65 24.92 -25.42
CA ALA N 182 107.05 25.25 -25.22
C ALA N 182 107.94 24.32 -26.03
N GLU N 183 107.57 23.04 -26.11
CA GLU N 183 108.34 22.09 -26.92
C GLU N 183 108.34 22.52 -28.38
N ARG N 184 107.15 22.81 -28.92
CA ARG N 184 107.04 23.23 -30.31
C ARG N 184 107.84 24.50 -30.57
N THR N 185 107.71 25.49 -29.68
CA THR N 185 108.38 26.77 -29.88
C THR N 185 109.89 26.58 -29.84
N TYR N 186 110.39 25.82 -28.85
CA TYR N 186 111.83 25.64 -28.72
C TYR N 186 112.41 24.86 -29.89
N ASP N 187 111.65 23.88 -30.41
CA ASP N 187 112.12 23.18 -31.61
C ASP N 187 112.15 24.11 -32.80
N GLU N 188 111.14 24.96 -32.95
CA GLU N 188 111.03 25.80 -34.13
C GLU N 188 112.08 26.91 -34.11
N SER N 189 112.14 27.65 -33.00
CA SER N 189 112.90 28.90 -32.92
C SER N 189 113.92 28.97 -31.80
N GLY N 190 113.92 28.04 -30.84
CA GLY N 190 114.86 28.15 -29.76
C GLY N 190 114.51 29.32 -28.82
N SER N 191 115.46 29.61 -27.94
CA SER N 191 115.29 30.69 -26.96
C SER N 191 115.62 32.04 -27.58
N TYR N 192 114.81 33.05 -27.24
CA TYR N 192 115.01 34.38 -27.80
C TYR N 192 114.31 35.39 -26.90
N LYS N 193 114.69 36.66 -27.04
CA LYS N 193 114.10 37.77 -26.30
C LYS N 193 113.10 38.51 -27.16
N VAL N 194 112.00 38.96 -26.54
CA VAL N 194 110.99 39.75 -27.22
C VAL N 194 111.32 41.23 -27.05
N ASN N 195 111.36 41.72 -25.81
CA ASN N 195 111.67 43.13 -25.57
C ASN N 195 112.23 43.30 -24.16
N GLY N 196 112.85 44.45 -23.93
CA GLY N 196 113.27 44.83 -22.60
C GLY N 196 114.58 44.18 -22.17
N PHE N 197 114.70 44.03 -20.85
CA PHE N 197 115.89 43.43 -20.24
C PHE N 197 117.16 44.21 -20.60
N GLU N 198 117.07 45.53 -20.55
CA GLU N 198 118.26 46.39 -20.59
C GLU N 198 118.95 46.44 -19.22
N LEU N 199 120.28 46.58 -19.27
CA LEU N 199 121.10 46.64 -18.07
C LEU N 199 121.50 48.09 -17.80
N PHE N 200 121.33 48.53 -16.56
CA PHE N 200 121.76 49.84 -16.12
C PHE N 200 122.46 49.73 -14.77
N SER N 201 123.47 50.57 -14.57
CA SER N 201 124.31 50.57 -13.38
C SER N 201 123.93 51.75 -12.52
N GLU N 202 123.57 51.48 -11.26
CA GLU N 202 123.12 52.48 -10.32
C GLU N 202 124.12 52.75 -9.20
N GLY N 203 124.81 51.74 -8.72
CA GLY N 203 125.77 51.95 -7.65
C GLY N 203 125.16 52.14 -6.28
N ASN N 204 123.97 51.56 -6.05
CA ASN N 204 123.28 51.71 -4.78
C ASN N 204 124.13 51.15 -3.65
N ALA N 205 124.33 51.97 -2.62
CA ALA N 205 125.12 51.57 -1.46
C ALA N 205 124.30 50.68 -0.52
N GLU N 206 124.06 49.45 -0.98
CA GLU N 206 123.54 48.41 -0.09
C GLU N 206 124.68 47.71 0.63
N ASP N 207 125.81 47.53 -0.04
CA ASP N 207 126.99 46.93 0.57
C ASP N 207 128.23 47.45 -0.14
N ASP N 208 129.23 47.86 0.65
CA ASP N 208 130.45 48.43 0.07
C ASP N 208 131.17 47.44 -0.84
N ASP N 209 131.04 46.13 -0.59
CA ASP N 209 131.73 45.15 -1.41
C ASP N 209 130.98 44.77 -2.68
N HIS N 210 129.81 45.37 -2.94
CA HIS N 210 128.99 45.02 -4.08
C HIS N 210 128.65 46.25 -4.91
N VAL N 211 128.45 46.03 -6.21
CA VAL N 211 127.95 47.04 -7.13
C VAL N 211 126.57 46.60 -7.59
N SER N 212 125.60 47.50 -7.44
CA SER N 212 124.22 47.22 -7.83
C SER N 212 124.05 47.38 -9.34
N VAL N 213 123.23 46.52 -9.92
CA VAL N 213 122.85 46.61 -11.33
C VAL N 213 121.34 46.40 -11.42
N VAL N 214 120.70 47.17 -12.30
CA VAL N 214 119.25 47.12 -12.52
C VAL N 214 119.01 46.47 -13.88
N VAL N 215 118.13 45.48 -13.92
CA VAL N 215 117.71 44.86 -15.17
C VAL N 215 116.28 45.33 -15.45
N ASP N 216 116.10 46.00 -16.58
CA ASP N 216 114.80 46.57 -16.92
C ASP N 216 113.78 45.48 -17.22
N ALA N 217 112.52 45.80 -16.98
CA ALA N 217 111.42 44.90 -17.29
C ALA N 217 111.42 44.55 -18.77
N GLY N 218 111.06 43.31 -19.07
CA GLY N 218 111.09 42.80 -20.42
C GLY N 218 110.31 41.51 -20.53
N LYS N 219 110.23 41.00 -21.75
CA LYS N 219 109.53 39.76 -22.06
C LYS N 219 110.44 38.86 -22.89
N ALA N 220 110.39 37.56 -22.62
CA ALA N 220 111.23 36.62 -23.35
C ALA N 220 110.62 35.23 -23.26
N TYR N 221 111.03 34.37 -24.20
CA TYR N 221 110.63 32.98 -24.27
C TYR N 221 111.89 32.14 -24.12
N VAL N 222 112.07 31.54 -22.94
CA VAL N 222 113.24 30.74 -22.62
C VAL N 222 112.81 29.28 -22.57
N LYS N 223 113.45 28.44 -23.37
CA LYS N 223 113.05 27.03 -23.51
C LYS N 223 111.58 26.90 -23.91
N GLY N 224 111.06 27.87 -24.65
CA GLY N 224 109.67 27.83 -25.08
C GLY N 224 108.66 28.37 -24.09
N PHE N 225 109.05 28.61 -22.83
CA PHE N 225 108.13 29.11 -21.82
C PHE N 225 108.26 30.63 -21.74
N LYS N 226 107.14 31.32 -21.83
CA LYS N 226 107.14 32.78 -21.79
C LYS N 226 107.64 33.25 -20.43
N VAL N 227 108.40 34.34 -20.43
CA VAL N 227 108.92 34.97 -19.22
C VAL N 227 108.68 36.47 -19.31
N ASP N 228 107.55 36.90 -18.76
CA ASP N 228 107.15 38.31 -18.72
C ASP N 228 107.34 38.87 -17.33
N LYS N 229 108.15 39.92 -17.22
CA LYS N 229 108.42 40.60 -15.96
C LYS N 229 107.82 42.00 -16.01
N PRO N 230 106.98 42.43 -15.03
CA PRO N 230 106.35 43.76 -15.16
C PRO N 230 107.28 44.90 -14.78
N VAL N 231 108.17 44.69 -13.80
CA VAL N 231 109.01 45.74 -13.26
C VAL N 231 110.45 45.26 -13.27
N SER N 232 111.37 46.22 -13.10
CA SER N 232 112.79 45.92 -13.14
C SER N 232 113.20 45.10 -11.92
N THR N 233 114.33 44.41 -12.07
CA THR N 233 114.90 43.57 -11.02
C THR N 233 116.27 44.11 -10.65
N ARG N 234 116.55 44.17 -9.35
CA ARG N 234 117.84 44.63 -8.84
C ARG N 234 118.74 43.44 -8.56
N ILE N 235 119.96 43.48 -9.09
CA ILE N 235 120.97 42.47 -8.85
C ILE N 235 122.26 43.18 -8.46
N SER N 236 123.16 42.42 -7.83
CA SER N 236 124.39 42.96 -7.28
C SER N 236 125.52 41.99 -7.54
N VAL N 237 126.64 42.50 -8.04
CA VAL N 237 127.82 41.71 -8.38
C VAL N 237 128.89 41.98 -7.33
N PRO N 238 129.65 40.98 -6.87
CA PRO N 238 130.71 41.29 -5.90
C PRO N 238 131.87 42.02 -6.55
N LYS N 239 132.48 42.92 -5.79
CA LYS N 239 133.62 43.67 -6.28
C LYS N 239 134.82 42.75 -6.44
N SER N 240 135.66 43.08 -7.43
CA SER N 240 136.81 42.27 -7.78
C SER N 240 138.00 42.70 -6.93
N TYR N 241 138.53 41.75 -6.14
CA TYR N 241 139.67 42.00 -5.26
C TYR N 241 140.85 41.08 -5.50
N ASP N 242 140.73 40.06 -6.36
CA ASP N 242 141.87 39.23 -6.71
C ASP N 242 143.02 40.06 -7.26
N LEU N 243 144.24 39.62 -6.95
CA LEU N 243 145.45 40.38 -7.24
C LEU N 243 146.31 39.62 -8.24
N GLY N 244 146.91 40.38 -9.16
CA GLY N 244 147.92 39.87 -10.08
C GLY N 244 149.29 40.35 -9.64
N THR N 245 150.26 39.44 -9.69
CA THR N 245 151.60 39.69 -9.20
C THR N 245 152.51 39.98 -10.39
N ALA N 246 153.27 41.07 -10.32
CA ALA N 246 154.33 41.40 -11.25
C ALA N 246 155.65 41.32 -10.51
N GLU N 247 156.59 40.53 -11.05
CA GLU N 247 157.88 40.29 -10.42
C GLU N 247 159.01 40.54 -11.41
N ASN N 248 160.13 41.06 -10.91
CA ASN N 248 161.33 41.32 -11.71
C ASN N 248 161.03 42.30 -12.84
N GLU N 249 160.19 43.30 -12.58
CA GLU N 249 159.96 44.34 -13.57
C GLU N 249 161.21 45.20 -13.69
N SER N 250 161.81 45.21 -14.87
CA SER N 250 163.13 45.79 -15.07
C SER N 250 163.01 47.17 -15.72
N THR N 251 163.81 48.12 -15.23
CA THR N 251 163.88 49.45 -15.79
C THR N 251 165.26 50.00 -15.47
N ILE N 252 165.97 50.53 -16.48
CA ILE N 252 167.27 51.10 -16.23
C ILE N 252 167.10 52.46 -15.53
N PHE N 253 167.77 52.63 -14.40
CA PHE N 253 167.74 53.88 -13.66
C PHE N 253 168.67 54.89 -14.32
N ASN N 254 168.24 56.15 -14.38
CA ASN N 254 169.03 57.23 -14.94
C ASN N 254 169.27 58.30 -13.89
N LYS N 255 170.54 58.73 -13.78
CA LYS N 255 170.87 59.80 -12.83
C LYS N 255 170.19 61.10 -13.23
N SER N 256 169.94 61.31 -14.53
CA SER N 256 169.28 62.53 -14.96
C SER N 256 167.81 62.54 -14.58
N ASN N 257 167.15 61.38 -14.58
CA ASN N 257 165.73 61.25 -14.24
C ASN N 257 165.57 60.15 -13.19
N ASN N 258 165.21 60.55 -11.97
CA ASN N 258 165.10 59.58 -10.87
C ASN N 258 163.81 58.78 -10.95
N SER N 259 162.71 59.39 -11.41
CA SER N 259 161.43 58.70 -11.44
C SER N 259 161.45 57.53 -12.42
N ILE N 260 160.75 56.45 -12.03
CA ILE N 260 160.55 55.28 -12.87
C ILE N 260 159.10 54.85 -12.71
N SER N 261 158.50 54.35 -13.79
CA SER N 261 157.07 54.10 -13.86
C SER N 261 156.78 52.61 -13.77
N LEU N 262 155.58 52.29 -13.27
CA LEU N 262 155.11 50.93 -13.09
C LEU N 262 154.07 50.58 -14.14
N ALA N 263 154.23 49.43 -14.79
CA ALA N 263 153.44 49.17 -15.99
C ALA N 263 151.96 48.98 -15.66
N ASN N 264 151.65 48.28 -14.56
CA ASN N 264 150.27 47.98 -14.22
C ASN N 264 149.69 49.16 -13.42
N SER N 265 148.56 49.69 -13.87
CA SER N 265 148.01 50.90 -13.26
C SER N 265 147.55 50.69 -11.82
N PRO N 266 146.54 49.86 -11.53
CA PRO N 266 146.02 49.82 -10.17
C PRO N 266 146.98 49.13 -9.19
N VAL N 267 148.01 49.84 -8.73
CA VAL N 267 148.99 49.22 -7.85
C VAL N 267 148.43 49.20 -6.43
N LYS N 268 148.58 48.06 -5.76
CA LYS N 268 148.18 47.95 -4.35
C LYS N 268 149.34 48.23 -3.41
N GLU N 269 150.41 47.45 -3.52
CA GLU N 269 151.57 47.63 -2.66
C GLU N 269 152.81 47.15 -3.42
N ILE N 270 153.94 47.74 -3.07
CA ILE N 270 155.24 47.39 -3.65
C ILE N 270 155.92 46.41 -2.69
N ARG N 271 156.16 45.18 -3.17
CA ARG N 271 156.71 44.17 -2.27
C ARG N 271 158.18 44.43 -1.96
N ARG N 272 158.97 44.75 -2.99
CA ARG N 272 160.41 44.90 -2.83
C ARG N 272 160.93 45.79 -3.94
N VAL N 273 161.85 46.68 -3.60
CA VAL N 273 162.61 47.46 -4.57
C VAL N 273 164.09 47.24 -4.26
N THR N 274 164.86 46.88 -5.28
CA THR N 274 166.27 46.58 -5.16
C THR N 274 167.05 47.26 -6.28
N GLY N 275 168.17 47.88 -5.94
CA GLY N 275 169.02 48.49 -6.94
C GLY N 275 170.49 48.48 -6.57
N MET N 359 165.70 48.55 -0.92
CA MET N 359 165.22 49.91 -0.68
C MET N 359 164.03 49.95 0.26
N GLU N 360 163.92 51.01 1.06
CA GLU N 360 162.86 51.14 2.06
C GLU N 360 161.96 52.30 1.67
N ALA N 361 160.66 52.03 1.57
CA ALA N 361 159.67 53.06 1.25
C ALA N 361 159.72 54.18 2.28
N GLY N 362 159.63 55.42 1.81
CA GLY N 362 159.69 56.59 2.67
C GLY N 362 161.00 56.84 3.37
N LYS N 363 162.06 56.12 3.03
CA LYS N 363 163.41 56.39 3.52
C LYS N 363 164.38 56.47 2.35
N ASP N 364 164.33 55.47 1.45
CA ASP N 364 165.11 55.49 0.22
C ASP N 364 164.35 56.03 -0.98
N TYR N 365 163.02 55.94 -0.97
CA TYR N 365 162.19 56.39 -2.07
C TYR N 365 160.82 56.73 -1.54
N GLU N 366 160.09 57.56 -2.29
CA GLU N 366 158.70 57.87 -2.02
C GLU N 366 157.86 57.54 -3.24
N VAL N 367 156.62 57.13 -2.99
CA VAL N 367 155.67 56.73 -4.04
C VAL N 367 154.65 57.85 -4.21
N THR N 368 154.40 58.22 -5.46
CA THR N 368 153.44 59.26 -5.80
C THR N 368 152.61 58.80 -7.00
N THR N 369 151.63 59.62 -7.37
CA THR N 369 150.77 59.33 -8.51
C THR N 369 150.36 60.63 -9.17
N GLN N 370 150.06 60.55 -10.48
CA GLN N 370 149.71 61.71 -11.29
C GLN N 370 148.26 61.71 -11.72
N GLY N 371 147.80 60.69 -12.45
CA GLY N 371 146.50 60.69 -13.09
C GLY N 371 145.41 60.20 -12.16
N GLU N 372 144.35 59.64 -12.76
CA GLU N 372 143.17 59.21 -12.01
C GLU N 372 142.45 58.15 -12.83
N GLY N 373 141.74 57.26 -12.14
CA GLY N 373 141.04 56.22 -12.87
C GLY N 373 142.00 55.23 -13.52
N LEU N 374 141.58 54.72 -14.68
CA LEU N 374 142.37 53.70 -15.36
C LEU N 374 143.70 54.24 -15.85
N SER N 375 143.76 55.54 -16.17
CA SER N 375 145.00 56.15 -16.61
C SER N 375 145.98 56.44 -15.48
N LYS N 376 145.57 56.23 -14.22
CA LYS N 376 146.41 56.57 -13.08
C LYS N 376 147.67 55.72 -13.09
N LYS N 377 148.78 56.31 -12.63
CA LYS N 377 150.08 55.66 -12.66
C LYS N 377 150.81 55.87 -11.34
N TRP N 378 151.62 54.88 -10.99
CA TRP N 378 152.45 54.88 -9.80
C TRP N 378 153.91 55.04 -10.21
N TYR N 379 154.66 55.88 -9.50
CA TYR N 379 156.07 56.11 -9.78
C TYR N 379 156.90 55.84 -8.54
N ILE N 380 158.16 55.47 -8.75
CA ILE N 380 159.16 55.41 -7.69
C ILE N 380 160.17 56.51 -7.97
N ASN N 381 160.22 57.50 -7.06
CA ASN N 381 160.90 58.76 -7.32
C ASN N 381 162.34 58.81 -6.85
N PHE N 382 162.69 58.12 -5.77
CA PHE N 382 164.02 58.22 -5.15
C PHE N 382 164.31 59.67 -4.75
N THR N 383 163.31 60.33 -4.18
CA THR N 383 163.41 61.76 -3.86
C THR N 383 164.31 62.11 -2.67
N PRO N 384 164.27 61.40 -1.53
CA PRO N 384 165.01 61.87 -0.35
C PRO N 384 166.51 61.97 -0.60
N SER N 385 167.10 63.08 -0.13
CA SER N 385 168.53 63.31 -0.33
C SER N 385 169.37 62.24 0.36
N ASN N 386 169.11 61.97 1.64
CA ASN N 386 169.89 61.00 2.38
C ASN N 386 169.60 59.55 1.97
N GLY N 387 168.52 59.32 1.23
CA GLY N 387 168.13 57.95 0.89
C GLY N 387 169.05 57.37 -0.18
N ALA N 388 169.39 56.10 -0.01
CA ALA N 388 170.28 55.43 -0.95
C ALA N 388 169.64 55.35 -2.32
N LYS N 389 170.41 55.76 -3.36
CA LYS N 389 169.95 55.76 -4.75
C LYS N 389 170.71 54.72 -5.56
N PRO N 390 170.11 54.17 -6.65
CA PRO N 390 170.89 53.23 -7.46
C PRO N 390 172.13 53.86 -8.09
N VAL N 395 170.15 48.62 -13.34
CA VAL N 395 168.79 48.10 -13.46
C VAL N 395 168.16 48.08 -12.08
N VAL N 396 166.90 48.50 -11.99
CA VAL N 396 166.12 48.46 -10.76
C VAL N 396 164.96 47.49 -10.97
N LEU N 397 164.82 46.55 -10.04
CA LEU N 397 163.77 45.53 -10.08
C LEU N 397 162.72 45.86 -9.02
N VAL N 398 161.46 45.90 -9.44
CA VAL N 398 160.33 46.23 -8.58
C VAL N 398 159.36 45.06 -8.61
N ASP N 399 159.05 44.51 -7.43
CA ASP N 399 158.01 43.52 -7.25
C ASP N 399 156.81 44.20 -6.59
N TYR N 400 155.63 44.07 -7.20
CA TYR N 400 154.43 44.70 -6.67
C TYR N 400 153.21 43.94 -7.17
N THR N 401 152.12 44.03 -6.39
CA THR N 401 150.84 43.44 -6.75
C THR N 401 149.86 44.50 -7.24
N TYR N 402 148.88 44.09 -8.03
CA TYR N 402 147.85 44.97 -8.56
C TYR N 402 146.52 44.25 -8.67
N TYR N 403 145.42 45.01 -8.57
CA TYR N 403 144.10 44.43 -8.64
C TYR N 403 143.79 43.97 -10.06
N LEU N 404 142.91 42.97 -10.17
CA LEU N 404 142.49 42.41 -11.44
C LEU N 404 141.01 42.68 -11.69
N ALA N 405 140.69 42.98 -12.94
CA ALA N 405 139.30 43.18 -13.35
C ALA N 405 138.59 41.82 -13.46
N ARG N 406 137.26 41.89 -13.50
CA ARG N 406 136.42 40.70 -13.73
C ARG N 406 135.23 41.08 -14.59
N LYS N 407 134.86 40.19 -15.50
CA LYS N 407 133.74 40.35 -16.41
C LYS N 407 132.75 39.20 -16.19
N ASP N 408 131.49 39.54 -15.92
CA ASP N 408 130.45 38.58 -15.60
C ASP N 408 129.34 38.64 -16.64
N SER N 409 128.63 37.52 -16.76
CA SER N 409 127.53 37.36 -17.70
C SER N 409 126.22 37.22 -16.96
N VAL N 410 125.17 37.86 -17.49
CA VAL N 410 123.84 37.82 -16.87
C VAL N 410 122.99 36.84 -17.66
N PHE N 411 122.19 36.04 -16.93
CA PHE N 411 121.39 34.99 -17.51
C PHE N 411 120.02 34.98 -16.86
N ILE N 412 119.02 34.49 -17.61
CA ILE N 412 117.67 34.30 -17.12
C ILE N 412 117.25 32.89 -17.51
N ASN N 413 116.57 32.20 -16.59
CA ASN N 413 116.06 30.87 -16.84
C ASN N 413 114.55 30.93 -17.08
N LYS N 414 113.99 29.78 -17.47
CA LYS N 414 112.56 29.71 -17.77
C LYS N 414 111.68 30.07 -16.57
N TYR N 415 112.20 29.99 -15.36
CA TYR N 415 111.45 30.36 -14.16
C TYR N 415 111.53 31.84 -13.82
N GLY N 416 112.15 32.65 -14.66
CA GLY N 416 112.25 34.07 -14.41
C GLY N 416 113.34 34.49 -13.45
N ASP N 417 114.21 33.58 -13.04
CA ASP N 417 115.25 33.88 -12.06
C ASP N 417 116.46 34.44 -12.81
N ILE N 418 116.75 35.72 -12.57
CA ILE N 418 117.95 36.35 -13.11
C ILE N 418 119.13 35.93 -12.25
N ALA N 419 120.20 35.46 -12.88
CA ALA N 419 121.40 35.01 -12.18
C ALA N 419 122.64 35.53 -12.89
N ILE N 420 123.79 35.37 -12.23
CA ILE N 420 125.08 35.86 -12.72
C ILE N 420 126.13 34.76 -12.51
N LEU N 421 126.89 34.46 -13.57
CA LEU N 421 128.02 33.54 -13.51
C LEU N 421 129.32 34.31 -13.42
N PRO N 422 130.21 34.10 -12.45
CA PRO N 422 131.38 34.97 -12.35
C PRO N 422 132.45 34.48 -13.32
N GLY N 423 133.04 35.41 -14.08
CA GLY N 423 134.10 35.08 -15.00
C GLY N 423 135.47 35.04 -14.34
N GLU N 424 136.46 34.58 -15.09
CA GLU N 424 137.81 34.48 -14.56
C GLU N 424 138.39 35.89 -14.37
N PRO N 425 138.93 36.23 -13.19
CA PRO N 425 139.59 37.53 -13.05
C PRO N 425 140.83 37.62 -13.95
N ASN N 426 141.02 38.79 -14.55
CA ASN N 426 142.14 39.02 -15.45
C ASN N 426 142.19 40.51 -15.75
N ILE N 427 143.37 40.97 -16.20
CA ILE N 427 143.58 42.41 -16.48
C ILE N 427 142.53 42.90 -17.48
N MET N 428 142.27 44.21 -17.44
CA MET N 428 141.21 44.78 -18.27
C MET N 428 141.47 44.60 -19.76
N ARG N 429 142.72 44.43 -20.18
CA ARG N 429 142.99 44.21 -21.60
C ARG N 429 142.60 42.80 -22.02
N LEU N 430 142.67 41.83 -21.11
CA LEU N 430 142.50 40.41 -21.41
C LEU N 430 141.24 39.80 -20.84
N VAL N 431 140.51 40.52 -19.97
CA VAL N 431 139.33 39.95 -19.34
C VAL N 431 138.28 39.64 -20.42
N THR N 432 137.54 38.55 -20.21
CA THR N 432 136.50 38.10 -21.13
C THR N 432 135.38 37.50 -20.30
N PRO N 433 134.15 37.42 -20.82
CA PRO N 433 133.06 36.89 -20.00
C PRO N 433 133.15 35.38 -19.94
N PRO N 434 132.54 34.74 -18.95
CA PRO N 434 132.60 33.27 -18.90
C PRO N 434 131.86 32.65 -20.07
N LEU N 435 132.36 31.50 -20.53
CA LEU N 435 131.75 30.77 -21.63
C LEU N 435 130.72 29.81 -21.06
N ASN N 436 129.53 29.79 -21.66
CA ASN N 436 128.41 28.96 -21.22
C ASN N 436 127.67 28.42 -22.44
N THR N 437 127.20 27.16 -22.33
CA THR N 437 126.40 26.55 -23.39
C THR N 437 125.18 25.81 -22.85
N ASP N 438 124.70 26.16 -21.66
CA ASP N 438 123.45 25.62 -21.14
C ASP N 438 122.28 26.08 -22.02
N PRO N 439 121.52 25.18 -22.67
CA PRO N 439 120.33 25.65 -23.40
C PRO N 439 119.22 26.18 -22.52
N GLU N 440 119.24 25.92 -21.21
CA GLU N 440 118.14 26.30 -20.34
C GLU N 440 118.12 27.78 -19.99
N ASN N 441 119.22 28.49 -20.25
CA ASN N 441 119.39 29.88 -19.87
C ASN N 441 119.45 30.76 -21.11
N LEU N 442 118.91 31.97 -21.00
CA LEU N 442 119.07 32.99 -22.03
C LEU N 442 120.02 34.07 -21.49
N GLN N 443 121.09 34.33 -22.24
CA GLN N 443 122.05 35.36 -21.85
C GLN N 443 121.44 36.72 -22.15
N LEU N 444 121.34 37.58 -21.13
CA LEU N 444 120.85 38.94 -21.32
C LEU N 444 121.96 39.93 -21.64
N GLY N 445 123.18 39.66 -21.17
CA GLY N 445 124.26 40.60 -21.40
C GLY N 445 125.42 40.32 -20.47
N THR N 446 126.37 41.25 -20.43
CA THR N 446 127.57 41.12 -19.62
C THR N 446 127.79 42.41 -18.84
N VAL N 447 128.32 42.25 -17.63
CA VAL N 447 128.66 43.35 -16.73
C VAL N 447 130.14 43.24 -16.45
N THR N 448 130.87 44.32 -16.69
CA THR N 448 132.29 44.40 -16.42
C THR N 448 132.53 45.36 -15.25
N VAL N 449 133.26 44.89 -14.24
CA VAL N 449 133.58 45.69 -13.06
C VAL N 449 135.05 46.08 -13.13
N LEU N 450 135.32 47.37 -12.96
CA LEU N 450 136.68 47.88 -12.99
C LEU N 450 137.41 47.46 -11.71
N PRO N 451 138.73 47.16 -11.82
CA PRO N 451 139.48 46.70 -10.62
C PRO N 451 139.45 47.64 -9.42
N ASP N 452 138.72 47.21 -8.39
CA ASP N 452 138.58 47.96 -7.15
C ASP N 452 137.99 49.35 -7.42
N SER N 453 136.73 49.34 -7.86
CA SER N 453 136.03 50.59 -8.15
C SER N 453 134.52 50.33 -8.13
N ASP N 454 133.76 51.37 -7.80
CA ASP N 454 132.30 51.28 -7.84
C ASP N 454 131.74 51.31 -9.25
N GLU N 455 132.52 51.77 -10.22
CA GLU N 455 132.06 51.88 -11.60
C GLU N 455 131.95 50.50 -12.23
N ALA N 456 130.96 50.33 -13.10
CA ALA N 456 130.81 49.08 -13.83
C ALA N 456 130.24 49.38 -15.21
N VAL N 457 130.72 48.64 -16.21
CA VAL N 457 130.28 48.79 -17.59
C VAL N 457 129.29 47.67 -17.88
N CYS N 458 128.06 48.04 -18.25
CA CYS N 458 127.00 47.10 -18.57
C CYS N 458 126.67 47.18 -20.06
N ILE N 459 126.68 46.03 -20.73
CA ILE N 459 126.29 45.92 -22.14
C ILE N 459 125.29 44.78 -22.27
N SER N 460 124.33 44.93 -23.17
CA SER N 460 123.32 43.93 -23.45
C SER N 460 123.62 43.23 -24.78
N PHE N 461 123.71 41.90 -24.73
CA PHE N 461 123.88 41.06 -25.92
C PHE N 461 122.76 40.03 -26.04
N ALA N 462 121.55 40.40 -25.61
CA ALA N 462 120.47 39.42 -25.64
C ALA N 462 120.07 39.12 -27.07
N ILE N 463 119.97 37.82 -27.40
CA ILE N 463 119.38 37.41 -28.67
C ILE N 463 117.95 37.93 -28.70
N THR N 464 117.58 38.57 -29.80
CA THR N 464 116.23 39.10 -30.00
C THR N 464 115.64 38.52 -31.28
N ARG N 465 114.30 38.47 -31.32
CA ARG N 465 113.59 37.86 -32.42
C ARG N 465 113.79 38.67 -33.70
N LEU N 466 113.17 38.18 -34.78
CA LEU N 466 113.06 38.91 -36.04
C LEU N 466 111.69 38.61 -36.61
N SER N 467 110.79 39.60 -36.55
CA SER N 467 109.45 39.44 -37.08
C SER N 467 109.51 39.31 -38.60
N MET N 468 108.36 38.95 -39.18
CA MET N 468 108.30 38.75 -40.63
C MET N 468 108.57 40.05 -41.39
N GLU N 469 108.21 41.19 -40.79
CA GLU N 469 108.53 42.47 -41.41
C GLU N 469 110.04 42.68 -41.45
N ASP N 470 110.72 42.43 -40.32
CA ASP N 470 112.18 42.52 -40.28
C ASP N 470 112.82 41.63 -41.34
N LEU N 471 112.34 40.40 -41.45
CA LEU N 471 112.94 39.45 -42.39
C LEU N 471 112.74 39.89 -43.82
N GLN N 472 111.56 40.43 -44.14
CA GLN N 472 111.32 41.00 -45.46
C GLN N 472 112.27 42.17 -45.72
N LYS N 473 112.44 43.06 -44.74
CA LYS N 473 113.41 44.15 -44.87
C LYS N 473 114.81 43.62 -45.10
N VAL N 474 115.20 42.55 -44.41
CA VAL N 474 116.51 41.95 -44.68
C VAL N 474 116.58 41.47 -46.12
N LYS N 475 115.50 40.85 -46.61
CA LYS N 475 115.47 40.35 -47.98
C LYS N 475 115.58 41.51 -48.98
N THR N 476 114.94 42.64 -48.66
CA THR N 476 115.05 43.81 -49.52
C THR N 476 116.49 44.33 -49.56
N ARG N 477 117.18 44.26 -48.42
CA ARG N 477 118.56 44.71 -48.35
C ARG N 477 119.48 43.78 -49.13
N VAL N 478 119.19 42.47 -49.10
CA VAL N 478 119.87 41.53 -49.99
C VAL N 478 119.61 41.92 -51.44
N ASP N 479 118.36 42.28 -51.77
CA ASP N 479 118.06 42.71 -53.13
C ASP N 479 118.85 43.96 -53.52
N ASN N 480 118.99 44.91 -52.58
CA ASN N 480 119.76 46.11 -52.89
C ASN N 480 121.25 45.81 -52.99
N LEU N 481 121.74 44.83 -52.23
CA LEU N 481 123.13 44.44 -52.36
C LEU N 481 123.43 43.91 -53.75
N GLU N 482 122.64 42.94 -54.21
CA GLU N 482 122.93 42.30 -55.49
C GLU N 482 122.72 43.27 -56.64
N TYR N 483 121.80 44.23 -56.48
CA TYR N 483 121.67 45.30 -57.47
C TYR N 483 122.95 46.12 -57.54
N ASN N 484 123.46 46.53 -56.38
CA ASN N 484 124.70 47.29 -56.33
C ASN N 484 125.87 46.48 -56.90
N GLN N 485 125.89 45.18 -56.62
CA GLN N 485 126.93 44.33 -57.19
C GLN N 485 126.84 44.28 -58.70
N ALA N 486 125.62 44.17 -59.25
CA ALA N 486 125.46 44.23 -60.69
C ALA N 486 125.89 45.57 -61.25
N VAL N 487 125.67 46.66 -60.51
CA VAL N 487 126.13 47.96 -60.94
C VAL N 487 127.66 48.01 -60.97
N ASN N 488 128.30 47.60 -59.86
CA ASN N 488 129.76 47.55 -59.82
C ASN N 488 130.32 46.66 -60.93
N ALA N 489 129.65 45.54 -61.22
CA ALA N 489 130.15 44.69 -62.29
C ALA N 489 130.01 45.36 -63.66
N LEU N 490 129.08 46.31 -63.79
CA LEU N 490 128.89 47.01 -65.06
C LEU N 490 130.14 47.77 -65.48
N ASP N 491 130.93 48.24 -64.52
CA ASP N 491 132.11 49.04 -64.79
C ASP N 491 133.40 48.23 -64.89
N ASP N 492 133.34 46.89 -64.75
CA ASP N 492 134.57 46.10 -64.77
C ASP N 492 135.14 46.02 -66.17
N GLY N 493 134.38 45.46 -67.10
CA GLY N 493 134.72 45.41 -68.51
C GLY N 493 135.99 44.62 -68.77
N ALA N 494 136.20 43.54 -68.02
CA ALA N 494 137.32 42.62 -68.22
C ALA N 494 136.84 41.21 -67.94
N MET N 495 137.36 40.24 -68.71
CA MET N 495 136.98 38.85 -68.53
C MET N 495 138.09 37.97 -69.08
N GLU N 496 138.50 36.96 -68.30
CA GLU N 496 139.59 36.08 -68.68
C GLU N 496 139.16 35.14 -69.80
N GLY N 497 140.15 34.73 -70.61
CA GLY N 497 139.85 33.93 -71.79
C GLY N 497 139.52 32.48 -71.47
N GLN N 498 140.41 31.78 -70.78
CA GLN N 498 140.29 30.35 -70.51
C GLN N 498 139.81 30.13 -69.08
N ASN N 499 138.63 29.49 -68.93
CA ASN N 499 137.98 29.22 -67.65
C ASN N 499 137.95 30.48 -66.78
N PRO N 500 137.15 31.47 -67.13
CA PRO N 500 137.10 32.70 -66.33
C PRO N 500 136.29 32.52 -65.06
N LEU N 501 136.71 33.24 -64.01
CA LEU N 501 135.87 33.35 -62.82
C LEU N 501 134.79 34.37 -63.10
N THR N 502 133.54 33.99 -62.87
CA THR N 502 132.39 34.82 -63.21
C THR N 502 131.51 34.97 -61.98
N LEU N 503 130.91 36.15 -61.82
CA LEU N 503 129.99 36.37 -60.72
C LEU N 503 128.75 35.47 -60.80
N ARG N 504 128.44 34.80 -59.70
CA ARG N 504 127.29 33.90 -59.67
C ARG N 504 125.98 34.69 -59.65
N SER N 505 125.08 34.35 -60.58
CA SER N 505 123.76 34.98 -60.73
C SER N 505 123.83 36.44 -61.16
N VAL N 506 124.93 36.89 -61.77
CA VAL N 506 125.04 38.25 -62.29
C VAL N 506 125.65 38.19 -63.69
N PHE N 507 125.10 39.00 -64.59
CA PHE N 507 125.75 39.35 -65.85
C PHE N 507 125.42 40.80 -66.16
N SER N 508 126.44 41.60 -66.45
CA SER N 508 126.25 43.00 -66.78
C SER N 508 127.24 43.42 -67.87
N GLU N 509 126.78 44.24 -68.81
CA GLU N 509 127.59 44.71 -69.92
C GLU N 509 127.67 46.23 -69.87
N GLY N 510 128.87 46.76 -69.65
CA GLY N 510 129.06 48.19 -69.68
C GLY N 510 129.33 48.77 -71.06
N PHE N 511 129.40 47.92 -72.08
CA PHE N 511 129.66 48.33 -73.46
C PHE N 511 130.93 49.16 -73.56
N ILE N 512 131.95 48.76 -72.81
CA ILE N 512 133.26 49.41 -72.83
C ILE N 512 134.39 48.50 -73.28
N SER N 513 134.13 47.20 -73.46
CA SER N 513 135.16 46.25 -73.82
C SER N 513 134.53 45.05 -74.52
N LEU N 514 135.29 44.43 -75.42
CA LEU N 514 134.82 43.28 -76.18
C LEU N 514 135.00 41.96 -75.42
N ASP N 515 135.46 41.99 -74.17
CA ASP N 515 135.67 40.73 -73.45
C ASP N 515 134.35 40.06 -73.12
N LYS N 516 133.36 40.84 -72.66
CA LYS N 516 132.07 40.27 -72.31
C LYS N 516 131.29 39.79 -73.53
N ALA N 517 131.54 40.37 -74.69
CA ALA N 517 130.73 40.09 -75.86
C ALA N 517 131.17 38.81 -76.56
N ASP N 518 130.19 38.13 -77.17
CA ASP N 518 130.45 36.94 -77.97
C ASP N 518 130.45 37.36 -79.45
N ILE N 519 131.56 37.99 -79.85
CA ILE N 519 131.63 38.59 -81.18
C ILE N 519 131.52 37.52 -82.27
N THR N 520 132.09 36.35 -82.04
CA THR N 520 132.06 35.28 -83.03
C THR N 520 130.68 34.63 -83.17
N HIS N 521 129.62 35.06 -82.47
CA HIS N 521 128.34 34.41 -82.66
C HIS N 521 127.74 34.84 -84.00
N PRO N 522 126.98 33.95 -84.68
CA PRO N 522 126.53 34.34 -86.04
C PRO N 522 125.66 35.58 -86.05
N ASP N 523 124.69 35.68 -85.14
CA ASP N 523 123.79 36.83 -85.10
C ASP N 523 124.46 38.11 -84.57
N PHE N 524 125.71 38.07 -84.10
CA PHE N 524 126.34 39.28 -83.56
C PHE N 524 126.52 40.29 -84.69
N GLY N 525 125.89 41.46 -84.55
CA GLY N 525 125.89 42.46 -85.60
C GLY N 525 125.90 43.91 -85.17
N ILE N 526 126.07 44.17 -83.86
CA ILE N 526 126.07 45.55 -83.36
C ILE N 526 127.48 46.11 -83.43
N VAL N 527 127.60 47.42 -83.19
CA VAL N 527 128.88 48.10 -83.09
C VAL N 527 128.90 48.90 -81.80
N PHE N 528 130.10 49.11 -81.26
CA PHE N 528 130.27 49.77 -79.97
C PHE N 528 130.68 51.22 -80.18
N SER N 529 130.26 52.06 -79.24
CA SER N 529 130.64 53.46 -79.13
C SER N 529 131.19 53.65 -77.72
N PHE N 530 132.49 53.39 -77.56
CA PHE N 530 133.08 53.35 -76.21
C PHE N 530 133.02 54.70 -75.50
N GLU N 531 132.96 55.82 -76.23
CA GLU N 531 132.94 57.11 -75.55
C GLU N 531 131.62 57.35 -74.85
N ASP N 532 130.52 56.88 -75.45
CA ASP N 532 129.18 56.97 -74.88
C ASP N 532 128.76 55.72 -74.13
N ALA N 533 129.57 54.66 -74.17
CA ALA N 533 129.21 53.38 -73.55
C ALA N 533 127.88 52.85 -74.09
N GLU N 534 127.72 52.96 -75.42
CA GLU N 534 126.46 52.66 -76.10
C GLU N 534 126.74 51.71 -77.26
N ALA N 535 125.72 50.94 -77.65
CA ALA N 535 125.82 50.04 -78.79
C ALA N 535 124.65 50.30 -79.74
N THR N 536 124.87 50.06 -81.03
CA THR N 536 123.88 50.40 -82.05
C THR N 536 124.17 49.60 -83.32
N LEU N 537 123.47 49.95 -84.41
CA LEU N 537 123.65 49.27 -85.69
C LEU N 537 124.36 50.18 -86.69
N ALA N 538 125.32 49.61 -87.42
CA ALA N 538 126.04 50.27 -88.48
C ALA N 538 125.37 49.98 -89.83
N TYR N 539 125.67 50.81 -90.83
CA TYR N 539 125.00 50.69 -92.11
C TYR N 539 125.61 49.55 -92.92
N THR N 540 124.76 48.82 -93.64
CA THR N 540 125.18 47.73 -94.51
C THR N 540 124.31 47.74 -95.77
N GLU N 541 124.93 47.38 -96.90
CA GLU N 541 124.25 47.34 -98.19
C GLU N 541 123.45 46.04 -98.38
N ALA N 542 122.66 46.00 -99.46
CA ALA N 542 121.71 44.92 -99.71
C ALA N 542 120.78 44.75 -98.51
N HIS N 556 117.07 52.80 -110.64
CA HIS N 556 116.75 53.17 -109.25
C HIS N 556 116.80 54.68 -109.04
N ILE N 557 115.74 55.22 -108.42
CA ILE N 557 115.60 56.66 -108.26
C ILE N 557 116.49 57.15 -107.12
N TRP N 558 117.25 58.22 -107.38
CA TRP N 558 118.07 58.89 -106.38
C TRP N 558 117.21 59.83 -105.54
N GLY N 559 117.76 60.32 -104.43
CA GLY N 559 117.09 61.35 -103.66
C GLY N 559 118.03 62.34 -103.02
N ARG N 560 117.45 63.47 -102.62
CA ARG N 560 118.17 64.63 -102.11
C ARG N 560 117.64 64.96 -100.72
N LEU N 561 118.56 65.12 -99.76
CA LEU N 561 118.21 65.45 -98.38
C LEU N 561 118.00 66.97 -98.32
N ILE N 562 116.79 67.39 -98.70
CA ILE N 562 116.57 68.81 -98.96
C ILE N 562 116.63 69.63 -97.68
N SER N 563 116.24 69.04 -96.55
CA SER N 563 116.37 69.66 -95.24
C SER N 563 117.35 68.82 -94.43
N ALA N 564 118.47 69.43 -94.04
CA ALA N 564 119.50 68.63 -93.38
C ALA N 564 119.08 68.34 -91.93
N PRO N 565 119.38 67.14 -91.40
CA PRO N 565 118.94 66.86 -90.03
C PRO N 565 119.75 67.56 -88.97
N PHE N 566 120.94 68.05 -89.31
CA PHE N 566 121.72 68.88 -88.41
C PHE N 566 122.37 70.01 -89.21
N THR N 567 123.06 70.89 -88.49
CA THR N 567 123.78 72.02 -89.06
C THR N 567 125.16 72.09 -88.44
N GLU N 568 126.18 72.32 -89.27
CA GLU N 568 127.57 72.21 -88.83
C GLU N 568 128.19 73.59 -88.66
N GLU N 569 129.06 73.69 -87.65
CA GLU N 569 129.94 74.83 -87.43
C GLU N 569 131.36 74.32 -87.29
N ARG N 570 132.31 75.01 -87.91
CA ARG N 570 133.72 74.70 -87.73
C ARG N 570 134.22 75.44 -86.50
N THR N 571 134.46 74.70 -85.43
CA THR N 571 134.82 75.31 -84.15
C THR N 571 136.32 75.38 -83.92
N ILE N 572 137.08 74.42 -84.43
CA ILE N 572 138.54 74.42 -84.37
C ILE N 572 139.05 74.46 -85.79
N TYR N 573 140.10 75.25 -86.01
CA TYR N 573 140.67 75.38 -87.35
C TYR N 573 142.12 75.87 -87.20
N GLN N 574 143.07 75.02 -87.58
CA GLN N 574 144.47 75.40 -87.70
C GLN N 574 144.77 75.52 -89.19
N GLY N 575 144.98 76.76 -89.64
CA GLY N 575 145.08 77.04 -91.06
C GLY N 575 146.49 77.24 -91.56
N GLN N 576 147.42 77.58 -90.67
CA GLN N 576 148.79 77.83 -91.07
C GLN N 576 149.50 76.52 -91.39
N ALA N 577 150.09 76.47 -92.58
CA ALA N 577 150.86 75.32 -93.05
C ALA N 577 152.21 75.82 -93.56
N SER N 578 153.25 74.98 -93.40
CA SER N 578 154.60 75.36 -93.84
C SER N 578 155.37 74.26 -94.57
N GLU N 579 155.13 72.98 -94.28
CA GLU N 579 155.92 71.89 -94.79
C GLU N 579 155.01 70.72 -95.13
N THR N 580 155.61 69.64 -95.63
CA THR N 580 154.93 68.38 -95.90
C THR N 580 155.63 67.27 -95.11
N LEU N 581 154.85 66.50 -94.36
CA LEU N 581 155.37 65.38 -93.59
C LEU N 581 154.71 64.09 -94.07
N ASN N 582 155.53 63.10 -94.40
CA ASN N 582 155.01 61.81 -94.84
C ASN N 582 154.23 61.14 -93.72
N VAL N 583 153.10 60.52 -94.09
CA VAL N 583 152.24 59.87 -93.10
C VAL N 583 152.93 58.68 -92.43
N ASN N 584 153.94 58.10 -93.08
CA ASN N 584 154.74 57.01 -92.51
C ASN N 584 156.22 57.36 -92.68
N PRO N 585 156.75 58.29 -91.87
CA PRO N 585 158.15 58.70 -92.09
C PRO N 585 159.14 57.58 -91.86
N TYR N 586 158.89 56.70 -90.90
CA TYR N 586 159.85 55.69 -90.45
C TYR N 586 159.70 54.37 -91.18
N ASN N 587 159.18 54.37 -92.40
CA ASN N 587 159.16 53.14 -93.20
C ASN N 587 159.25 53.41 -94.70
N ILE N 588 159.51 54.63 -95.14
CA ILE N 588 159.64 54.91 -96.57
C ILE N 588 160.86 54.17 -97.12
N PRO N 589 160.77 53.43 -98.24
CA PRO N 589 161.96 52.73 -98.73
C PRO N 589 162.99 53.71 -99.24
N ASN N 590 164.24 53.54 -98.80
CA ASN N 590 165.39 54.32 -99.24
C ASN N 590 165.16 55.81 -98.99
N PRO N 793 152.47 56.31 -89.28
CA PRO N 793 151.20 56.97 -88.96
C PRO N 793 151.39 58.28 -88.20
N LEU N 794 150.48 59.24 -88.42
CA LEU N 794 150.56 60.55 -87.77
C LEU N 794 149.30 60.77 -86.95
N ALA N 795 149.38 61.66 -85.96
CA ALA N 795 148.22 61.97 -85.14
C ALA N 795 148.34 63.40 -84.61
N GLN N 796 147.17 63.99 -84.31
CA GLN N 796 147.07 65.35 -83.78
C GLN N 796 146.07 65.35 -82.64
N SER N 797 146.49 65.83 -81.47
CA SER N 797 145.60 65.90 -80.31
C SER N 797 144.75 67.17 -80.35
N PHE N 798 143.57 67.09 -79.75
CA PHE N 798 142.71 68.25 -79.58
C PHE N 798 141.84 68.05 -78.34
N GLN N 799 141.11 69.11 -77.98
CA GLN N 799 140.14 69.03 -76.88
C GLN N 799 139.11 70.13 -77.04
N TYR N 800 138.02 70.01 -76.26
CA TYR N 800 136.95 70.99 -76.16
C TYR N 800 136.69 71.35 -74.71
N ASP N 801 136.24 72.59 -74.49
CA ASP N 801 135.88 73.05 -73.15
C ASP N 801 134.45 72.70 -72.76
N GLU N 802 133.68 72.07 -73.66
CA GLU N 802 132.30 71.70 -73.39
C GLU N 802 132.02 70.37 -74.09
N ASN N 803 130.79 69.88 -73.97
CA ASN N 803 130.42 68.64 -74.63
C ASN N 803 129.81 68.96 -76.01
N ARG N 804 130.48 68.48 -77.06
CA ARG N 804 130.23 68.86 -78.43
C ARG N 804 130.09 67.60 -79.28
N THR N 805 129.14 67.63 -80.21
CA THR N 805 128.88 66.49 -81.10
C THR N 805 129.72 66.68 -82.36
N ILE N 806 130.87 66.01 -82.42
CA ILE N 806 131.70 66.06 -83.62
C ILE N 806 131.01 65.29 -84.72
N SER N 807 130.73 65.97 -85.85
CA SER N 807 130.09 65.30 -86.98
C SER N 807 131.07 64.90 -88.07
N SER N 808 132.08 65.71 -88.36
CA SER N 808 133.00 65.48 -89.46
C SER N 808 134.30 66.24 -89.24
N LEU N 809 135.35 65.79 -89.93
CA LEU N 809 136.69 66.34 -89.83
C LEU N 809 137.06 67.06 -91.12
N GLY N 810 138.13 67.86 -91.05
CA GLY N 810 138.74 68.42 -92.24
C GLY N 810 140.25 68.27 -92.27
N LEU N 811 140.75 67.69 -93.36
CA LEU N 811 142.16 67.41 -93.54
C LEU N 811 142.64 67.92 -94.89
N TYR N 812 143.96 68.10 -95.00
CA TYR N 812 144.59 68.66 -96.19
C TYR N 812 145.72 67.73 -96.60
N PHE N 813 145.61 67.12 -97.77
CA PHE N 813 146.64 66.23 -98.30
C PHE N 813 147.44 66.92 -99.39
N ALA N 814 148.76 66.77 -99.34
CA ALA N 814 149.66 67.31 -100.34
C ALA N 814 149.76 66.39 -101.54
N SER N 815 149.78 65.08 -101.32
CA SER N 815 149.80 64.11 -102.41
C SER N 815 149.06 62.85 -101.96
N LYS N 816 148.88 61.92 -102.90
CA LYS N 816 148.24 60.64 -102.60
C LYS N 816 148.85 59.56 -103.49
N GLY N 817 148.46 58.30 -103.21
CA GLY N 817 148.87 57.18 -104.02
C GLY N 817 147.88 56.89 -105.13
N ASP N 818 148.06 55.72 -105.73
CA ASP N 818 147.29 55.31 -106.91
C ASP N 818 145.80 55.17 -106.58
N LYS N 819 145.04 54.79 -107.62
CA LYS N 819 143.59 54.64 -107.46
C LYS N 819 143.24 53.64 -106.36
N GLN N 820 143.92 52.50 -106.33
CA GLN N 820 143.56 51.42 -105.43
C GLN N 820 143.96 51.68 -103.98
N SER N 821 144.83 52.66 -103.72
CA SER N 821 145.27 52.92 -102.37
C SER N 821 144.17 53.59 -101.54
N ASN N 822 144.29 53.48 -100.22
CA ASN N 822 143.28 54.01 -99.31
C ASN N 822 143.96 54.37 -97.99
N VAL N 823 143.31 55.25 -97.23
CA VAL N 823 143.82 55.75 -95.94
C VAL N 823 142.74 55.53 -94.90
N VAL N 824 143.12 54.99 -93.75
CA VAL N 824 142.20 54.75 -92.65
C VAL N 824 142.33 55.93 -91.69
N ILE N 825 141.19 56.57 -91.41
CA ILE N 825 141.10 57.70 -90.49
C ILE N 825 140.45 57.20 -89.22
N GLN N 826 141.06 57.49 -88.08
CA GLN N 826 140.57 57.08 -86.78
C GLN N 826 140.60 58.25 -85.82
N ILE N 827 139.75 58.17 -84.79
CA ILE N 827 139.80 59.05 -83.63
C ILE N 827 140.04 58.14 -82.43
N ARG N 828 141.13 58.40 -81.72
CA ARG N 828 141.53 57.66 -80.54
C ARG N 828 141.46 58.54 -79.30
N GLY N 829 141.45 57.91 -78.12
CA GLY N 829 141.50 58.70 -76.91
C GLY N 829 142.93 59.04 -76.49
N MET N 830 143.02 59.94 -75.53
CA MET N 830 144.30 60.40 -74.97
C MET N 830 144.41 59.92 -73.53
N GLY N 831 145.54 59.29 -73.19
CA GLY N 831 145.73 58.75 -71.87
C GLY N 831 146.21 59.79 -70.87
N ASP N 832 146.24 59.38 -69.60
CA ASP N 832 146.51 60.30 -68.49
C ASP N 832 147.88 60.97 -68.56
N GLN N 833 148.80 60.45 -69.37
CA GLN N 833 150.13 61.02 -69.53
C GLN N 833 150.27 61.72 -70.88
N GLY N 834 149.17 62.28 -71.38
CA GLY N 834 149.14 62.99 -72.65
C GLY N 834 149.79 62.28 -73.82
N TYR N 835 149.29 61.09 -74.15
CA TYR N 835 149.68 60.36 -75.34
C TYR N 835 148.45 59.61 -75.86
N PRO N 836 148.37 59.32 -77.16
CA PRO N 836 147.27 58.49 -77.65
C PRO N 836 147.27 57.13 -76.96
N ASN N 837 146.09 56.52 -76.88
CA ASN N 837 145.90 55.18 -76.32
C ASN N 837 145.37 54.24 -77.40
N LYS N 838 145.26 52.95 -77.04
CA LYS N 838 144.79 51.96 -78.00
C LYS N 838 143.28 51.98 -78.22
N THR N 839 142.53 52.68 -77.36
CA THR N 839 141.08 52.73 -77.55
C THR N 839 140.76 53.53 -78.80
N ILE N 840 139.81 53.03 -79.58
CA ILE N 840 139.37 53.67 -80.83
C ILE N 840 137.89 54.01 -80.67
N TYR N 841 137.57 55.29 -80.85
CA TYR N 841 136.18 55.74 -80.78
C TYR N 841 135.50 55.85 -82.13
N ALA N 842 136.25 56.06 -83.21
CA ALA N 842 135.68 56.16 -84.54
C ALA N 842 136.68 55.64 -85.55
N GLU N 843 136.17 55.19 -86.70
CA GLU N 843 137.01 54.65 -87.75
C GLU N 843 136.27 54.71 -89.08
N THR N 844 137.00 55.10 -90.13
CA THR N 844 136.48 55.10 -91.49
C THR N 844 137.61 54.94 -92.49
N VAL N 845 137.29 54.36 -93.64
CA VAL N 845 138.24 54.13 -94.72
C VAL N 845 137.98 55.17 -95.80
N MET N 846 139.03 55.89 -96.21
CA MET N 846 138.97 56.90 -97.27
C MET N 846 139.71 56.39 -98.51
N ASN N 847 138.97 56.08 -99.57
CA ASN N 847 139.59 55.68 -100.83
C ASN N 847 140.35 56.86 -101.45
N ALA N 848 141.18 56.52 -102.45
CA ALA N 848 142.04 57.50 -103.10
C ALA N 848 141.22 58.60 -103.78
N ASP N 849 140.10 58.24 -104.42
CA ASP N 849 139.30 59.24 -105.12
C ASP N 849 138.73 60.27 -104.15
N ASP N 850 138.34 59.83 -102.94
CA ASP N 850 137.80 60.78 -101.97
C ASP N 850 138.86 61.74 -101.46
N ILE N 851 140.14 61.36 -101.51
CA ILE N 851 141.21 62.17 -100.97
C ILE N 851 141.55 63.23 -102.01
N LYS N 852 141.13 64.48 -101.77
CA LYS N 852 141.55 65.57 -102.63
C LYS N 852 142.94 66.05 -102.22
N VAL N 853 143.69 66.55 -103.21
CA VAL N 853 145.06 67.01 -103.03
C VAL N 853 145.24 68.37 -103.70
N SER N 854 146.30 69.08 -103.33
CA SER N 854 146.58 70.39 -103.89
C SER N 854 147.95 70.87 -103.46
N ASN N 855 148.64 71.58 -104.36
CA ASN N 855 150.02 71.99 -104.11
C ASN N 855 150.13 73.26 -103.26
N ASN N 856 149.01 73.80 -102.76
CA ASN N 856 149.03 74.99 -101.91
C ASN N 856 148.13 74.82 -100.70
N ALA N 857 147.92 73.57 -100.27
CA ALA N 857 147.09 73.23 -99.10
C ALA N 857 145.69 73.85 -99.20
N SER N 858 145.18 74.01 -100.43
CA SER N 858 143.87 74.62 -100.64
C SER N 858 142.73 73.59 -100.66
N ALA N 859 142.99 72.38 -101.14
CA ALA N 859 141.96 71.35 -101.22
C ALA N 859 141.71 70.76 -99.85
N GLU N 860 140.43 70.66 -99.48
CA GLU N 860 140.01 70.14 -98.17
C GLU N 860 139.16 68.91 -98.41
N THR N 861 139.69 67.74 -98.05
CA THR N 861 138.90 66.52 -98.04
C THR N 861 138.14 66.40 -96.72
N ARG N 862 136.84 66.15 -96.82
CA ARG N 862 135.98 66.01 -95.65
C ARG N 862 135.85 64.54 -95.29
N VAL N 863 136.05 64.22 -94.02
CA VAL N 863 135.98 62.87 -93.49
C VAL N 863 134.71 62.75 -92.66
N TYR N 864 133.92 61.70 -92.92
CA TYR N 864 132.64 61.48 -92.27
C TYR N 864 132.61 60.08 -91.67
N PHE N 865 132.18 59.98 -90.42
CA PHE N 865 131.98 58.71 -89.74
C PHE N 865 130.49 58.38 -89.70
N ASP N 866 130.20 57.10 -89.47
CA ASP N 866 128.82 56.65 -89.48
C ASP N 866 128.11 56.95 -88.16
N ASP N 867 128.79 56.75 -87.01
CA ASP N 867 128.26 57.15 -85.71
C ASP N 867 128.90 58.48 -85.29
N PRO N 868 128.15 59.51 -84.86
CA PRO N 868 128.82 60.75 -84.46
C PRO N 868 129.67 60.58 -83.21
N MET N 869 130.80 61.29 -83.18
CA MET N 869 131.75 61.23 -82.06
C MET N 869 131.33 62.24 -81.01
N MET N 870 130.93 61.76 -79.84
CA MET N 870 130.56 62.63 -78.72
C MET N 870 131.80 62.95 -77.91
N ALA N 871 132.17 64.23 -77.85
CA ALA N 871 133.43 64.64 -77.23
C ALA N 871 133.13 65.29 -75.89
N GLU N 872 133.51 64.63 -74.80
CA GLU N 872 133.23 65.15 -73.48
C GLU N 872 134.12 66.34 -73.18
N GLY N 873 133.54 67.34 -72.50
CA GLY N 873 134.27 68.57 -72.22
C GLY N 873 135.41 68.32 -71.24
N GLY N 874 136.58 68.85 -71.57
CA GLY N 874 137.76 68.69 -70.74
C GLY N 874 138.57 67.44 -71.01
N LYS N 875 138.19 66.61 -71.98
CA LYS N 875 138.88 65.38 -72.30
C LYS N 875 139.60 65.51 -73.64
N GLU N 876 140.87 65.13 -73.68
CA GLU N 876 141.63 65.25 -74.91
C GLU N 876 141.36 64.06 -75.81
N TYR N 877 141.33 64.30 -77.13
CA TYR N 877 141.16 63.24 -78.10
C TYR N 877 142.16 63.47 -79.22
N ALA N 878 142.49 62.40 -79.94
CA ALA N 878 143.53 62.44 -80.96
C ALA N 878 142.99 61.86 -82.26
N ILE N 879 143.01 62.67 -83.32
CA ILE N 879 142.83 62.16 -84.67
C ILE N 879 144.04 61.29 -85.01
N VAL N 880 143.79 60.16 -85.66
CA VAL N 880 144.83 59.23 -86.09
C VAL N 880 144.60 58.89 -87.55
N ILE N 881 145.69 58.88 -88.30
CA ILE N 881 145.74 58.65 -89.74
C ILE N 881 146.73 57.52 -90.00
N ILE N 882 146.25 56.46 -90.63
CA ILE N 882 147.02 55.24 -90.88
C ILE N 882 146.84 54.87 -92.35
N THR N 883 147.92 54.41 -92.97
CA THR N 883 147.86 53.85 -94.31
C THR N 883 149.13 53.04 -94.57
N GLU N 884 148.98 51.88 -95.20
CA GLU N 884 150.15 51.07 -95.52
C GLU N 884 150.95 51.61 -96.70
N ASN N 885 150.34 52.44 -97.54
CA ASN N 885 151.05 52.97 -98.70
C ASN N 885 152.11 53.98 -98.25
N SER N 886 153.23 54.00 -98.95
CA SER N 886 154.34 54.91 -98.63
C SER N 886 154.28 56.21 -99.43
N ASP N 887 153.22 56.44 -100.19
CA ASP N 887 153.15 57.59 -101.09
C ASP N 887 152.02 58.53 -100.68
N TYR N 888 151.93 58.84 -99.39
CA TYR N 888 150.92 59.75 -98.87
C TYR N 888 151.59 60.82 -98.02
N THR N 889 151.30 62.08 -98.30
CA THR N 889 151.89 63.20 -97.59
C THR N 889 150.81 64.20 -97.21
N MET N 890 151.07 64.93 -96.13
CA MET N 890 150.11 65.87 -95.57
C MET N 890 150.81 67.18 -95.27
N TRP N 891 150.05 68.27 -95.39
CA TRP N 891 150.55 69.57 -94.99
C TRP N 891 150.50 69.62 -93.48
N VAL N 892 151.54 70.15 -92.86
CA VAL N 892 151.58 70.33 -91.43
C VAL N 892 151.58 71.85 -91.26
N GLY N 893 152.30 72.36 -90.26
CA GLY N 893 152.51 73.80 -90.08
C GLY N 893 153.45 73.86 -88.90
N THR N 894 154.64 74.42 -89.10
CA THR N 894 155.69 74.39 -88.10
C THR N 894 156.06 75.82 -87.70
N ARG N 895 156.37 76.00 -86.42
CA ARG N 895 156.72 77.33 -85.94
C ARG N 895 158.04 77.78 -86.56
N THR N 896 158.15 79.08 -86.81
CA THR N 896 159.34 79.79 -87.32
C THR N 896 159.52 79.57 -88.82
N LYS N 897 158.67 78.71 -89.50
CA LYS N 897 158.89 78.39 -90.90
C LYS N 897 158.02 79.29 -91.80
N PRO N 898 158.44 79.61 -93.03
CA PRO N 898 157.59 80.45 -93.88
C PRO N 898 156.32 79.75 -94.31
N LYS N 899 155.26 80.53 -94.48
CA LYS N 899 154.01 79.97 -94.99
C LYS N 899 154.17 79.61 -96.47
N ILE N 900 153.43 78.59 -96.89
CA ILE N 900 153.53 78.10 -98.27
C ILE N 900 153.09 79.19 -99.24
N ASP N 901 151.90 79.76 -99.02
CA ASP N 901 151.38 80.77 -99.93
C ASP N 901 151.86 82.17 -99.63
N LYS N 902 152.50 82.39 -98.48
CA LYS N 902 153.03 83.70 -98.10
C LYS N 902 154.42 83.52 -97.52
N PRO N 903 155.43 83.27 -98.36
CA PRO N 903 156.79 83.10 -97.83
C PRO N 903 157.32 84.31 -97.07
N ASN N 904 156.88 85.52 -97.44
CA ASN N 904 157.23 86.71 -96.66
C ASN N 904 156.86 86.59 -95.20
N GLU N 905 155.75 85.91 -94.88
CA GLU N 905 155.33 85.75 -93.50
C GLU N 905 155.80 84.42 -92.95
N VAL N 906 156.04 84.38 -91.63
CA VAL N 906 156.46 83.18 -90.93
C VAL N 906 155.51 82.91 -89.78
N ILE N 907 155.32 81.64 -89.46
CA ILE N 907 154.48 81.24 -88.33
C ILE N 907 155.19 81.63 -87.05
N SER N 908 154.77 82.74 -86.41
CA SER N 908 155.47 83.23 -85.23
C SER N 908 155.24 82.29 -84.04
N GLY N 909 154.02 82.29 -83.49
CA GLY N 909 153.72 81.45 -82.35
C GLY N 909 153.52 79.98 -82.74
N ASN N 910 153.07 79.21 -81.75
CA ASN N 910 152.67 77.83 -82.00
C ASN N 910 151.46 77.81 -82.94
N PRO N 911 151.35 76.84 -83.89
CA PRO N 911 150.18 76.83 -84.77
C PRO N 911 148.88 76.56 -84.02
N TYR N 912 148.82 75.48 -83.22
CA TYR N 912 147.68 75.19 -82.36
C TYR N 912 148.21 74.86 -80.98
N LEU N 913 147.97 75.76 -80.02
CA LEU N 913 148.62 75.68 -78.72
C LEU N 913 148.16 74.47 -77.93
N GLN N 914 146.90 74.07 -78.07
CA GLN N 914 146.33 72.99 -77.27
C GLN N 914 146.43 71.62 -77.93
N GLY N 915 147.24 71.47 -78.99
CA GLY N 915 147.45 70.18 -79.61
C GLY N 915 148.91 69.99 -79.96
N VAL N 916 149.26 68.73 -80.22
CA VAL N 916 150.63 68.36 -80.56
C VAL N 916 150.59 67.37 -81.72
N LEU N 917 151.51 67.54 -82.67
CA LEU N 917 151.68 66.59 -83.75
C LEU N 917 152.50 65.40 -83.27
N PHE N 918 152.08 64.20 -83.67
CA PHE N 918 152.70 62.96 -83.28
C PHE N 918 153.13 62.20 -84.53
N SER N 919 154.12 61.32 -84.34
CA SER N 919 154.54 60.42 -85.41
C SER N 919 154.94 59.10 -84.78
N SER N 920 154.78 58.02 -85.54
CA SER N 920 154.98 56.69 -85.00
C SER N 920 155.34 55.77 -86.15
N SER N 921 156.15 54.74 -85.85
CA SER N 921 156.45 53.72 -86.84
C SER N 921 155.51 52.51 -86.76
N ASN N 922 154.85 52.28 -85.61
CA ASN N 922 153.96 51.12 -85.45
C ASN N 922 152.57 51.48 -84.93
N ALA N 923 152.21 52.76 -84.87
CA ALA N 923 150.93 53.19 -84.31
C ALA N 923 150.74 52.70 -82.88
N SER N 924 151.83 52.63 -82.11
CA SER N 924 151.75 52.36 -80.69
C SER N 924 152.59 53.35 -79.89
N THR N 925 153.83 53.54 -80.31
CA THR N 925 154.78 54.46 -79.68
C THR N 925 154.83 55.73 -80.52
N TRP N 926 154.50 56.85 -79.89
CA TRP N 926 154.34 58.13 -80.59
C TRP N 926 155.43 59.10 -80.16
N THR N 927 156.10 59.69 -81.15
CA THR N 927 157.14 60.70 -80.91
C THR N 927 156.50 62.08 -81.09
N PRO N 928 156.34 62.88 -80.04
CA PRO N 928 155.67 64.18 -80.22
C PRO N 928 156.54 65.18 -80.97
N HIS N 929 155.85 66.10 -81.67
CA HIS N 929 156.49 67.27 -82.30
C HIS N 929 155.86 68.52 -81.70
N GLN N 930 156.55 69.11 -80.72
CA GLN N 930 155.95 70.22 -79.99
C GLN N 930 155.72 71.42 -80.88
N ASN N 931 156.68 71.74 -81.75
CA ASN N 931 156.65 72.92 -82.60
C ASN N 931 155.86 72.73 -83.90
N SER N 932 155.07 71.67 -84.02
CA SER N 932 154.39 71.37 -85.28
C SER N 932 152.99 70.84 -85.00
N ASP N 933 152.04 71.26 -85.84
CA ASP N 933 150.67 70.79 -85.76
C ASP N 933 150.14 70.65 -87.18
N LEU N 934 149.22 69.70 -87.36
CA LEU N 934 148.61 69.50 -88.67
C LEU N 934 147.69 70.67 -89.01
N LYS N 935 147.49 70.87 -90.31
CA LYS N 935 146.47 71.78 -90.83
C LYS N 935 145.17 71.00 -90.88
N PHE N 936 144.23 71.32 -89.99
CA PHE N 936 143.00 70.55 -89.88
C PHE N 936 141.86 71.45 -89.42
N GLY N 937 140.64 70.96 -89.62
CA GLY N 937 139.45 71.60 -89.12
C GLY N 937 138.45 70.57 -88.62
N ILE N 938 137.87 70.83 -87.44
CA ILE N 938 136.88 69.94 -86.83
C ILE N 938 135.53 70.63 -86.90
N TYR N 939 134.51 69.89 -87.31
CA TYR N 939 133.14 70.39 -87.42
C TYR N 939 132.26 69.72 -86.37
N THR N 940 131.54 70.53 -85.61
CA THR N 940 130.58 70.06 -84.61
C THR N 940 129.17 70.45 -85.05
N SER N 941 128.19 69.58 -84.77
CA SER N 941 126.85 69.75 -85.31
C SER N 941 125.81 69.98 -84.21
N LYS N 942 124.67 70.55 -84.62
CA LYS N 942 123.52 70.78 -83.74
C LYS N 942 122.28 70.29 -84.47
N PHE N 943 121.57 69.31 -83.91
CA PHE N 943 120.43 68.73 -84.57
C PHE N 943 119.21 69.63 -84.43
N ASN N 944 118.35 69.61 -85.45
CA ASN N 944 117.16 70.45 -85.55
C ASN N 944 115.91 69.57 -85.57
N GLU N 945 114.75 70.20 -85.74
CA GLU N 945 113.47 69.53 -85.47
C GLU N 945 113.25 68.33 -86.37
N THR N 946 113.09 68.55 -87.68
CA THR N 946 112.74 67.47 -88.60
C THR N 946 113.62 67.55 -89.84
N ALA N 947 113.72 66.42 -90.53
CA ALA N 947 114.46 66.31 -91.78
C ALA N 947 113.55 65.78 -92.89
N THR N 948 113.97 66.00 -94.13
CA THR N 948 113.19 65.64 -95.31
C THR N 948 114.12 65.18 -96.43
N ILE N 949 113.70 64.12 -97.12
CA ILE N 949 114.30 63.68 -98.38
C ILE N 949 113.25 63.82 -99.47
N GLU N 950 113.68 64.29 -100.64
CA GLU N 950 112.87 64.30 -101.85
C GLU N 950 113.56 63.44 -102.90
N PHE N 951 112.80 62.53 -103.49
CA PHE N 951 113.29 61.61 -104.52
C PHE N 951 112.95 62.14 -105.91
N GLU N 952 113.86 61.91 -106.86
CA GLU N 952 113.69 62.43 -108.20
C GLU N 952 112.42 61.84 -108.81
N PRO N 953 111.75 62.53 -109.74
CA PRO N 953 110.46 62.04 -110.22
C PRO N 953 110.64 60.73 -110.97
N ILE N 954 109.77 59.76 -110.69
CA ILE N 954 109.98 58.38 -111.13
C ILE N 954 109.89 58.35 -112.66
N LYS N 981 103.30 47.49 -112.28
CA LYS N 981 104.22 48.44 -112.90
C LYS N 981 103.53 49.43 -113.85
N LEU N 982 102.21 49.58 -113.69
CA LEU N 982 101.43 50.62 -114.34
C LEU N 982 100.90 51.57 -113.28
N ILE N 983 100.98 52.88 -113.58
CA ILE N 983 101.05 53.90 -112.53
C ILE N 983 99.82 53.88 -111.62
N LEU N 984 98.61 53.81 -112.17
CA LEU N 984 97.45 54.07 -111.32
C LEU N 984 97.23 52.94 -110.33
N ASP N 985 97.12 51.71 -110.82
CA ASP N 985 97.09 50.56 -109.93
C ASP N 985 98.37 50.44 -109.10
N ASP N 986 99.49 50.96 -109.61
CA ASP N 986 100.70 51.02 -108.80
C ASP N 986 100.50 51.91 -107.58
N MET N 987 100.17 53.19 -107.82
CA MET N 987 100.14 54.15 -106.72
C MET N 987 99.07 53.80 -105.69
N ALA N 988 98.02 53.06 -106.08
CA ALA N 988 97.13 52.51 -105.06
C ALA N 988 97.89 51.58 -104.11
N SER N 989 98.83 50.79 -104.65
CA SER N 989 99.64 49.92 -103.82
C SER N 989 100.80 50.66 -103.17
N SER N 990 101.28 51.73 -103.81
CA SER N 990 102.31 52.57 -103.21
C SER N 990 101.83 53.16 -101.90
N THR N 991 100.65 53.80 -101.93
CA THR N 991 100.07 54.38 -100.73
C THR N 991 99.71 53.33 -99.68
N THR N 992 99.63 52.05 -100.07
CA THR N 992 99.43 51.01 -99.07
C THR N 992 100.71 50.74 -98.28
N PHE N 993 101.87 50.78 -98.94
CA PHE N 993 103.12 50.41 -98.30
C PHE N 993 103.84 51.60 -97.69
N ASP N 994 103.79 52.77 -98.35
CA ASP N 994 104.39 53.99 -97.83
C ASP N 994 103.54 54.54 -96.69
N GLN N 995 103.71 53.97 -95.50
CA GLN N 995 103.03 54.50 -94.31
C GLN N 995 103.94 54.36 -93.10
N LEU N 996 103.62 55.16 -92.07
CA LEU N 996 104.45 55.22 -90.87
C LEU N 996 104.63 53.83 -90.28
N LYS N 997 103.52 53.14 -90.03
CA LYS N 997 103.53 51.89 -89.30
C LYS N 997 103.64 50.66 -90.22
N TRP N 998 103.87 50.86 -91.51
CA TRP N 998 104.49 49.87 -92.37
C TRP N 998 106.00 50.06 -92.21
N GLU N 999 106.80 49.41 -93.04
CA GLU N 999 108.26 49.55 -93.03
C GLU N 999 108.74 51.00 -93.14
N PRO N 1000 108.44 51.75 -94.24
CA PRO N 1000 109.03 53.10 -94.35
C PRO N 1000 108.52 54.08 -93.30
N ILE N 1001 109.42 54.54 -92.44
CA ILE N 1001 109.00 55.30 -91.25
C ILE N 1001 108.63 56.75 -91.56
N GLY N 1002 109.16 57.33 -92.65
CA GLY N 1002 108.94 58.73 -92.92
C GLY N 1002 107.50 59.04 -93.28
N ASN N 1003 107.04 60.23 -92.89
CA ASN N 1003 105.73 60.72 -93.31
C ASN N 1003 105.80 61.18 -94.76
N TYR N 1004 104.85 60.73 -95.58
CA TYR N 1004 104.97 60.87 -97.02
C TYR N 1004 104.02 61.92 -97.58
N GLN N 1005 104.50 62.63 -98.60
CA GLN N 1005 103.70 63.51 -99.43
C GLN N 1005 103.95 63.13 -100.88
N ASP N 1006 102.90 63.18 -101.71
CA ASP N 1006 102.90 62.50 -102.99
C ASP N 1006 102.33 63.42 -104.06
N LEU N 1007 103.17 63.79 -105.03
CA LEU N 1007 102.82 64.74 -106.09
C LEU N 1007 102.85 64.04 -107.44
N ASP N 1008 101.72 64.07 -108.15
CA ASP N 1008 101.61 63.60 -109.53
C ASP N 1008 101.74 64.79 -110.47
N VAL N 1009 102.29 64.56 -111.67
CA VAL N 1009 102.20 65.60 -112.69
C VAL N 1009 100.84 65.54 -113.35
N LEU N 1010 100.30 64.34 -113.54
CA LEU N 1010 98.94 64.11 -114.00
C LEU N 1010 98.66 62.61 -113.88
N GLY N 1011 97.37 62.26 -113.94
CA GLY N 1011 96.98 60.88 -113.71
C GLY N 1011 97.56 59.94 -114.76
N LEU N 1012 98.02 58.78 -114.29
CA LEU N 1012 98.63 57.72 -115.08
C LEU N 1012 99.96 58.13 -115.73
N ALA N 1013 100.54 59.27 -115.36
CA ALA N 1013 101.82 59.69 -115.91
C ALA N 1013 102.94 59.13 -115.06
N ARG N 1014 104.09 58.87 -115.70
CA ARG N 1014 105.20 58.27 -114.98
C ARG N 1014 105.81 59.21 -113.96
N GLN N 1015 105.59 60.52 -114.08
CA GLN N 1015 106.35 61.48 -113.27
C GLN N 1015 105.82 61.63 -111.84
N VAL N 1016 105.67 60.51 -111.13
CA VAL N 1016 105.41 60.55 -109.71
C VAL N 1016 106.65 61.10 -109.01
N LYS N 1017 106.44 61.94 -107.99
CA LYS N 1017 107.53 62.51 -107.22
C LYS N 1017 107.15 62.49 -105.74
N LEU N 1018 108.05 61.96 -104.91
CA LEU N 1018 107.75 61.64 -103.52
C LEU N 1018 108.64 62.44 -102.57
N ARG N 1019 108.06 62.78 -101.41
CA ARG N 1019 108.72 63.57 -100.37
C ARG N 1019 108.53 62.84 -99.03
N ALA N 1020 109.61 62.32 -98.47
CA ALA N 1020 109.60 61.67 -97.17
C ALA N 1020 110.15 62.63 -96.11
N THR N 1021 109.42 62.75 -95.00
CA THR N 1021 109.82 63.57 -93.86
C THR N 1021 109.94 62.69 -92.62
N PHE N 1022 110.99 62.88 -91.82
CA PHE N 1022 111.15 62.15 -90.57
C PHE N 1022 111.67 63.06 -89.47
N GLU N 1023 111.31 62.74 -88.22
CA GLU N 1023 111.77 63.51 -87.08
C GLU N 1023 113.23 63.21 -86.79
N SER N 1024 114.00 64.27 -86.48
CA SER N 1024 115.44 64.17 -86.36
C SER N 1024 115.87 64.12 -84.89
N ASN N 1025 117.12 63.70 -84.66
CA ASN N 1025 117.67 63.55 -83.33
C ASN N 1025 119.19 63.66 -83.40
N ARG N 1026 119.83 63.63 -82.23
CA ARG N 1026 121.27 63.88 -82.09
C ARG N 1026 122.15 62.71 -82.51
N TYR N 1027 121.58 61.55 -82.86
CA TYR N 1027 122.35 60.38 -83.24
C TYR N 1027 122.26 60.09 -84.73
N ILE N 1028 121.77 61.03 -85.53
CA ILE N 1028 121.65 60.80 -86.97
C ILE N 1028 123.03 60.61 -87.57
N SER N 1029 123.14 59.67 -88.49
CA SER N 1029 124.45 59.33 -89.06
C SER N 1029 124.98 60.47 -89.92
N PRO N 1030 126.25 60.94 -89.69
CA PRO N 1030 126.79 61.95 -90.61
C PRO N 1030 127.03 61.41 -92.01
N LEU N 1031 127.62 60.21 -92.10
CA LEU N 1031 127.94 59.63 -93.41
C LEU N 1031 126.70 59.40 -94.27
N MET N 1032 125.59 58.96 -93.65
CA MET N 1032 124.37 58.85 -94.45
C MET N 1032 123.88 60.21 -94.90
N SER N 1033 124.02 61.23 -94.03
CA SER N 1033 123.47 62.55 -94.34
C SER N 1033 124.19 63.20 -95.50
N SER N 1034 125.52 63.07 -95.54
CA SER N 1034 126.34 63.72 -96.55
C SER N 1034 126.48 62.90 -97.84
N SER N 1035 126.47 61.58 -97.74
CA SER N 1035 126.64 60.76 -98.93
C SER N 1035 125.36 60.79 -99.78
N ASP N 1036 125.48 60.25 -101.00
CA ASP N 1036 124.38 60.25 -101.96
C ASP N 1036 123.41 59.13 -101.64
N LEU N 1037 122.12 59.37 -101.92
CA LEU N 1037 121.03 58.53 -101.43
C LEU N 1037 120.17 58.02 -102.58
N THR N 1038 119.57 56.85 -102.35
CA THR N 1038 118.61 56.24 -103.26
C THR N 1038 117.40 55.76 -102.46
N PHE N 1039 116.33 55.41 -103.18
CA PHE N 1039 115.15 54.85 -102.54
C PHE N 1039 115.38 53.44 -101.99
N THR N 1040 116.49 52.77 -102.36
CA THR N 1040 116.81 51.47 -101.81
C THR N 1040 117.83 51.51 -100.68
N THR N 1041 118.71 52.51 -100.68
CA THR N 1041 119.69 52.75 -99.64
C THR N 1041 119.04 53.44 -98.45
N PHE N 1042 118.19 54.42 -98.74
CA PHE N 1042 117.10 54.77 -97.84
C PHE N 1042 116.10 53.61 -97.85
N LEU N 1043 115.32 53.49 -96.77
CA LEU N 1043 114.33 52.44 -96.63
C LEU N 1043 115.01 51.06 -96.67
N THR N 1044 116.00 50.89 -95.79
CA THR N 1044 116.70 49.63 -95.59
C THR N 1044 116.37 49.10 -94.20
N GLU N 1045 116.20 47.78 -94.10
CA GLU N 1045 115.94 47.12 -92.82
C GLU N 1045 117.28 46.68 -92.24
N LEU N 1046 117.82 47.48 -91.33
CA LEU N 1046 119.03 47.11 -90.60
C LEU N 1046 118.67 46.19 -89.43
N THR N 1047 119.48 45.15 -89.23
CA THR N 1047 119.23 44.19 -88.15
C THR N 1047 120.56 43.66 -87.63
N GLY N 1048 120.52 43.21 -86.39
CA GLY N 1048 121.67 42.59 -85.76
C GLY N 1048 121.40 42.45 -84.27
N SER N 1049 122.26 41.70 -83.60
CA SER N 1049 122.07 41.39 -82.19
C SER N 1049 123.32 41.71 -81.38
N TYR N 1050 123.11 41.88 -80.06
CA TYR N 1050 124.16 41.74 -79.07
C TYR N 1050 124.02 40.35 -78.45
N VAL N 1051 125.15 39.71 -78.14
CA VAL N 1051 125.15 38.41 -77.46
C VAL N 1051 126.28 38.43 -76.44
N GLY N 1052 125.97 38.00 -75.20
CA GLY N 1052 126.98 37.83 -74.19
C GLY N 1052 127.52 36.41 -74.13
N ARG N 1053 128.75 36.26 -73.63
CA ARG N 1053 129.37 34.95 -73.51
C ARG N 1053 128.51 34.05 -72.62
N ALA N 1054 128.50 32.76 -72.96
CA ALA N 1054 127.69 31.80 -72.23
C ALA N 1054 128.29 31.56 -70.85
N ILE N 1055 127.48 31.74 -69.80
CA ILE N 1055 127.96 31.68 -68.42
C ILE N 1055 127.55 30.35 -67.80
N ASP N 1056 128.47 29.81 -66.98
CA ASP N 1056 128.22 28.68 -66.10
C ASP N 1056 127.51 29.14 -64.83
N MET N 1057 126.29 28.64 -64.59
CA MET N 1057 125.54 28.92 -63.36
C MET N 1057 125.28 27.62 -62.61
N THR N 1058 126.25 26.70 -62.64
CA THR N 1058 126.05 25.40 -62.01
C THR N 1058 126.00 25.53 -60.49
N GLU N 1059 126.95 26.24 -59.90
CA GLU N 1059 126.98 26.38 -58.46
C GLU N 1059 125.87 27.26 -57.91
N ALA N 1060 125.22 28.07 -58.77
CA ALA N 1060 124.15 28.95 -58.36
C ALA N 1060 122.94 28.72 -59.26
N PRO N 1061 122.18 27.64 -59.03
CA PRO N 1061 120.95 27.44 -59.81
C PRO N 1061 119.96 28.56 -59.52
N TYR N 1062 119.17 28.90 -60.54
CA TYR N 1062 118.17 29.95 -60.43
C TYR N 1062 116.89 29.50 -61.12
N ASN N 1063 115.80 30.19 -60.78
CA ASN N 1063 114.52 30.03 -61.48
C ASN N 1063 113.81 31.36 -61.74
N THR N 1064 114.33 32.48 -61.27
CA THR N 1064 113.79 33.81 -61.51
C THR N 1064 114.88 34.69 -62.12
N VAL N 1065 114.49 35.49 -63.12
CA VAL N 1065 115.40 36.38 -63.82
C VAL N 1065 114.87 37.80 -63.68
N ARG N 1066 115.79 38.74 -63.41
CA ARG N 1066 115.52 40.17 -63.45
C ARG N 1066 116.35 40.75 -64.59
N PHE N 1067 115.67 41.25 -65.62
CA PHE N 1067 116.32 41.71 -66.85
C PHE N 1067 116.08 43.22 -66.95
N SER N 1068 117.17 43.98 -66.97
CA SER N 1068 117.11 45.44 -66.91
C SER N 1068 118.10 46.02 -67.91
N TYR N 1069 117.63 46.98 -68.70
CA TYR N 1069 118.44 47.70 -69.66
C TYR N 1069 117.79 49.05 -69.95
N GLU N 1070 118.57 49.94 -70.58
CA GLU N 1070 118.10 51.23 -71.07
C GLU N 1070 118.22 51.26 -72.58
N ALA N 1071 117.16 51.70 -73.25
CA ALA N 1071 117.11 51.70 -74.71
C ALA N 1071 116.53 53.01 -75.22
N PHE N 1072 117.09 53.52 -76.32
CA PHE N 1072 116.55 54.64 -77.07
C PHE N 1072 115.90 54.08 -78.33
N LEU N 1073 114.59 54.32 -78.47
CA LEU N 1073 113.78 53.71 -79.51
C LEU N 1073 113.16 54.79 -80.39
N PRO N 1074 113.77 55.13 -81.52
CA PRO N 1074 113.09 56.02 -82.47
C PRO N 1074 111.89 55.31 -83.08
N LYS N 1075 111.13 56.03 -83.88
CA LYS N 1075 109.97 55.40 -84.52
C LYS N 1075 110.45 54.35 -85.52
N GLY N 1076 109.79 53.20 -85.50
CA GLY N 1076 110.10 52.09 -86.37
C GLY N 1076 111.10 51.10 -85.80
N THR N 1077 111.74 51.40 -84.68
CA THR N 1077 112.79 50.58 -84.12
C THR N 1077 112.23 49.67 -83.03
N LYS N 1078 112.87 48.52 -82.84
CA LYS N 1078 112.52 47.61 -81.76
C LYS N 1078 113.77 46.99 -81.15
N VAL N 1079 113.75 46.83 -79.82
CA VAL N 1079 114.72 46.02 -79.08
C VAL N 1079 113.93 44.91 -78.41
N VAL N 1080 114.34 43.66 -78.65
CA VAL N 1080 113.67 42.50 -78.06
C VAL N 1080 114.65 41.79 -77.14
N PRO N 1081 114.41 41.70 -75.82
CA PRO N 1081 115.33 40.96 -74.95
C PRO N 1081 115.06 39.46 -75.02
N LYS N 1082 116.14 38.69 -74.93
CA LYS N 1082 116.07 37.23 -74.92
C LYS N 1082 117.10 36.65 -73.97
N TYR N 1083 116.90 35.38 -73.62
CA TYR N 1083 117.91 34.63 -72.88
C TYR N 1083 117.85 33.17 -73.32
N SER N 1084 118.91 32.42 -72.97
CA SER N 1084 118.97 30.99 -73.17
C SER N 1084 119.41 30.31 -71.88
N ALA N 1085 118.86 29.11 -71.64
CA ALA N 1085 119.28 28.25 -70.53
C ALA N 1085 119.91 26.95 -71.02
N ASP N 1086 120.41 26.94 -72.27
CA ASP N 1086 121.00 25.74 -72.86
C ASP N 1086 122.11 26.10 -73.85
N ASP N 1087 122.93 27.11 -73.53
CA ASP N 1087 124.03 27.54 -74.39
C ASP N 1087 123.55 27.92 -75.79
N GLY N 1088 122.39 28.58 -75.87
CA GLY N 1088 121.93 29.14 -77.14
C GLY N 1088 121.29 28.15 -78.08
N LYS N 1089 121.01 26.92 -77.65
CA LYS N 1089 120.29 26.00 -78.52
C LYS N 1089 118.86 26.49 -78.76
N THR N 1090 118.21 26.99 -77.72
CA THR N 1090 116.89 27.59 -77.81
C THR N 1090 116.91 28.93 -77.07
N TRP N 1091 116.27 29.93 -77.67
CA TRP N 1091 116.15 31.27 -77.12
C TRP N 1091 114.70 31.51 -76.72
N LYS N 1092 114.49 31.97 -75.49
CA LYS N 1092 113.16 32.21 -74.94
C LYS N 1092 112.87 33.71 -74.89
N THR N 1093 111.58 34.02 -74.71
CA THR N 1093 111.08 35.39 -74.63
C THR N 1093 110.22 35.55 -73.39
N PHE N 1094 110.37 36.71 -72.75
CA PHE N 1094 109.65 37.04 -71.53
C PHE N 1094 108.19 37.33 -71.84
N THR N 1095 107.30 36.82 -70.98
CA THR N 1095 105.86 37.02 -71.20
C THR N 1095 105.37 38.31 -70.57
N LYS N 1096 106.04 38.79 -69.52
CA LYS N 1096 105.64 40.02 -68.86
C LYS N 1096 106.02 41.24 -69.70
N SER N 1097 105.21 42.31 -69.59
CA SER N 1097 105.55 43.58 -70.22
C SER N 1097 106.51 44.35 -69.30
N PRO N 1098 107.49 45.08 -69.83
CA PRO N 1098 108.43 45.76 -68.93
C PRO N 1098 107.83 47.02 -68.33
N THR N 1099 108.15 47.26 -67.06
CA THR N 1099 107.84 48.54 -66.42
C THR N 1099 108.88 49.56 -66.87
N THR N 1100 108.40 50.76 -67.22
CA THR N 1100 109.22 51.78 -67.85
C THR N 1100 109.51 52.92 -66.87
N THR N 1101 110.77 53.37 -66.86
CA THR N 1101 111.17 54.58 -66.15
C THR N 1101 112.06 55.39 -67.08
N ARG N 1102 111.76 56.69 -67.18
CA ARG N 1102 112.51 57.56 -68.08
C ARG N 1102 113.87 57.88 -67.47
N ALA N 1103 114.90 57.88 -68.31
CA ALA N 1103 116.27 58.14 -67.90
C ALA N 1103 116.74 59.53 -68.31
N ASN N 1104 116.50 59.91 -69.56
CA ASN N 1104 116.76 61.27 -70.04
C ASN N 1104 115.80 61.53 -71.20
N ASN N 1105 116.07 62.58 -71.98
CA ASN N 1105 115.19 62.92 -73.09
C ASN N 1105 115.12 61.79 -74.10
N GLU N 1106 116.24 61.11 -74.33
CA GLU N 1106 116.29 60.01 -75.32
C GLU N 1106 115.97 58.67 -74.65
N PHE N 1107 116.84 58.22 -73.75
CA PHE N 1107 116.81 56.85 -73.27
C PHE N 1107 115.65 56.64 -72.29
N THR N 1108 115.14 55.41 -72.27
CA THR N 1108 114.15 54.98 -71.28
C THR N 1108 114.59 53.65 -70.70
N ARG N 1109 114.41 53.50 -69.39
CA ARG N 1109 114.83 52.28 -68.70
C ARG N 1109 113.70 51.25 -68.72
N TYR N 1110 114.02 50.05 -69.21
CA TYR N 1110 113.11 48.91 -69.28
C TYR N 1110 113.59 47.85 -68.30
N VAL N 1111 112.68 47.38 -67.45
CA VAL N 1111 112.99 46.39 -66.41
C VAL N 1111 111.95 45.30 -66.47
N ILE N 1112 112.39 44.04 -66.47
CA ILE N 1112 111.51 42.88 -66.42
C ILE N 1112 111.92 42.07 -65.21
N ASP N 1113 110.93 41.59 -64.47
CA ASP N 1113 111.14 40.71 -63.32
C ASP N 1113 110.13 39.56 -63.40
N GLU N 1114 110.57 38.42 -63.92
CA GLU N 1114 109.69 37.30 -64.21
C GLU N 1114 110.29 36.02 -63.64
N LYS N 1115 109.40 35.14 -63.17
CA LYS N 1115 109.79 33.81 -62.71
C LYS N 1115 109.82 32.92 -63.94
N VAL N 1116 111.01 32.81 -64.56
CA VAL N 1116 111.12 32.18 -65.87
C VAL N 1116 110.73 30.71 -65.80
N LYS N 1117 111.07 30.03 -64.71
CA LYS N 1117 110.82 28.60 -64.55
C LYS N 1117 109.86 28.36 -63.39
N SER N 1118 108.75 27.67 -63.67
CA SER N 1118 107.74 27.44 -62.63
C SER N 1118 108.24 26.47 -61.57
N SER N 1119 108.93 25.40 -61.98
CA SER N 1119 109.42 24.39 -61.06
C SER N 1119 110.80 23.95 -61.52
N GLY N 1120 111.64 23.57 -60.55
CA GLY N 1120 113.04 23.30 -60.80
C GLY N 1120 113.84 24.58 -60.96
N THR N 1121 115.11 24.40 -61.31
CA THR N 1121 116.07 25.49 -61.44
C THR N 1121 116.96 25.29 -62.65
N ASN N 1122 117.23 26.38 -63.36
CA ASN N 1122 118.19 26.37 -64.46
C ASN N 1122 119.61 26.41 -63.91
N THR N 1123 120.58 26.05 -64.77
CA THR N 1123 121.98 26.07 -64.36
C THR N 1123 122.91 26.69 -65.40
N LYS N 1124 122.36 27.34 -66.43
CA LYS N 1124 123.13 27.96 -67.49
C LYS N 1124 122.43 29.25 -67.89
N LEU N 1125 123.23 30.27 -68.24
CA LEU N 1125 122.67 31.56 -68.66
C LEU N 1125 123.45 32.11 -69.85
N GLN N 1126 122.72 32.58 -70.86
CA GLN N 1126 123.29 33.42 -71.91
C GLN N 1126 122.30 34.51 -72.29
N VAL N 1127 122.79 35.75 -72.34
CA VAL N 1127 121.99 36.97 -72.46
C VAL N 1127 122.07 37.45 -73.91
N ARG N 1128 120.96 37.98 -74.42
CA ARG N 1128 120.86 38.42 -75.81
C ARG N 1128 119.93 39.62 -75.95
N LEU N 1129 120.23 40.49 -76.93
CA LEU N 1129 119.35 41.55 -77.38
C LEU N 1129 119.31 41.54 -78.90
N ASP N 1130 118.09 41.57 -79.47
CA ASP N 1130 117.89 41.71 -80.92
C ASP N 1130 117.52 43.16 -81.21
N LEU N 1131 118.29 43.80 -82.10
CA LEU N 1131 118.10 45.18 -82.51
C LEU N 1131 117.66 45.21 -83.97
N SER N 1132 116.81 46.18 -84.32
CA SER N 1132 116.22 46.23 -85.66
C SER N 1132 115.85 47.67 -86.04
N THR N 1133 115.82 47.93 -87.36
CA THR N 1133 115.26 49.16 -87.90
C THR N 1133 114.40 48.83 -89.12
N GLU N 1134 113.69 49.86 -89.59
CA GLU N 1134 112.95 49.81 -90.86
C GLU N 1134 113.25 51.00 -91.75
N ASN N 1135 114.33 51.74 -91.49
CA ASN N 1135 114.93 52.61 -92.50
C ASN N 1135 116.35 52.92 -92.04
N SER N 1136 117.15 53.47 -92.97
CA SER N 1136 118.59 53.56 -92.78
C SER N 1136 119.02 54.68 -91.83
N PHE N 1137 118.14 55.65 -91.55
CA PHE N 1137 118.52 56.79 -90.72
C PHE N 1137 118.22 56.55 -89.25
N LEU N 1138 117.01 56.10 -88.92
CA LEU N 1138 116.55 55.97 -87.54
C LEU N 1138 116.91 54.59 -87.00
N ARG N 1139 117.82 54.54 -86.02
CA ARG N 1139 118.37 53.31 -85.47
C ARG N 1139 118.24 53.31 -83.95
N PRO N 1140 118.10 52.13 -83.32
CA PRO N 1140 118.03 52.10 -81.86
C PRO N 1140 119.42 52.19 -81.23
N ARG N 1141 119.41 52.42 -79.91
CA ARG N 1141 120.64 52.39 -79.11
C ARG N 1141 120.30 51.76 -77.75
N VAL N 1142 121.28 51.06 -77.18
CA VAL N 1142 121.15 50.43 -75.86
C VAL N 1142 122.39 50.75 -75.02
N ARG N 1143 122.23 50.70 -73.70
CA ARG N 1143 123.32 50.95 -72.79
C ARG N 1143 122.96 50.50 -71.38
N ARG N 1144 123.99 50.14 -70.62
CA ARG N 1144 123.85 49.83 -69.19
C ARG N 1144 122.97 48.60 -69.00
N LEU N 1145 123.33 47.54 -69.71
CA LEU N 1145 122.61 46.28 -69.64
C LEU N 1145 123.01 45.53 -68.36
N MET N 1146 122.02 45.22 -67.52
CA MET N 1146 122.24 44.51 -66.27
C MET N 1146 121.24 43.36 -66.17
N VAL N 1147 121.75 42.15 -65.95
CA VAL N 1147 120.92 40.97 -65.73
C VAL N 1147 121.37 40.31 -64.43
N THR N 1148 120.39 39.95 -63.61
CA THR N 1148 120.53 39.23 -62.36
C THR N 1148 119.44 38.17 -62.25
N THR N 1149 119.76 37.12 -61.51
CA THR N 1149 118.91 35.94 -61.35
C THR N 1149 118.85 35.60 -59.87
N ARG N 1150 117.76 34.93 -59.49
CA ARG N 1150 117.50 34.59 -58.10
C ARG N 1150 116.85 33.20 -58.05
N ASP N 1151 116.90 32.60 -56.87
CA ASP N 1151 116.25 31.33 -56.57
C ASP N 1151 115.12 31.62 -55.57
N GLU N 1152 113.90 31.71 -56.07
CA GLU N 1152 112.72 31.97 -55.25
C GLU N 1152 111.63 30.92 -55.46
#